data_9N4W
#
_entry.id   9N4W
#
_cell.length_a   1.00
_cell.length_b   1.00
_cell.length_c   1.00
_cell.angle_alpha   90.00
_cell.angle_beta   90.00
_cell.angle_gamma   90.00
#
_symmetry.space_group_name_H-M   'P 1'
#
_entity_poly.entity_id   1
_entity_poly.type   'polypeptide(L)'
_entity_poly.pdbx_seq_one_letter_code
;MSYYQQAFDVTSLPSWRALQEHRLAMQNFHMREAFLSDPGRFDEFSTSSCGLFLDYSKNLITPETRDLLVNLAREAGVEQ
AARAMFDGEPVNASERRPALHTALRRPVGDSLLIDGHNIMRDVHAALAQMTDIVGRIHNKLWRGYSDRAITDVVNIGIGG
SYLGPELVSEALLPYTQHGVRCHYLANIDGSEFHELTARLNAETTLFIISSKTFGTLETLKNAQAARTWYLASGGSEERL
YRHFIAVTSNIPAAIEFGIREKNIFPMWDWVGGRYSLWSAIGLPTALAIGMANFKDLLSGAYAMDCHFRREPFENNMPVL
LAMLGVWYGNFWGAQSHAILPYDHYLRNFVKHLQQMDMESNGKSVRQDGSPVSCETGPVIWGGVGCNGQHAYHQLLHQGT
LLIPADFIVPVVSHNPVADHHQWLYANCLSQSQALMLGKSREEAEAELRAKGLPEAEVKRLAPHKVIPGNRPSNTLVMET
LNPSRLGALIALYEHKVFVQGVIWGINSFDQWGVELGKELGKNVYGRLTSYEAPPAEDSSTQGLIDYFRGRHRG
;
_entity_poly.pdbx_strand_id   A,B,C,D,E,F,G,H,I,J
#
# COMPACT_ATOMS: atom_id res chain seq x y z
N TYR A 3 -53.20 -17.62 -47.21
CA TYR A 3 -52.19 -18.58 -47.62
C TYR A 3 -51.97 -19.64 -46.55
N TYR A 4 -52.32 -19.29 -45.31
CA TYR A 4 -52.19 -20.23 -44.19
C TYR A 4 -53.45 -21.06 -43.97
N GLN A 5 -54.53 -20.77 -44.71
CA GLN A 5 -55.76 -21.55 -44.64
C GLN A 5 -55.96 -22.45 -45.85
N GLN A 6 -55.90 -21.89 -47.05
CA GLN A 6 -56.01 -22.66 -48.28
C GLN A 6 -54.63 -22.86 -48.86
N ALA A 7 -54.20 -24.12 -48.94
CA ALA A 7 -52.88 -24.46 -49.46
C ALA A 7 -53.02 -25.08 -50.84
N PHE A 8 -52.25 -24.57 -51.79
CA PHE A 8 -52.21 -25.07 -53.15
C PHE A 8 -50.83 -25.66 -53.44
N ASP A 9 -50.70 -26.28 -54.60
CA ASP A 9 -49.43 -26.83 -55.06
C ASP A 9 -48.71 -25.76 -55.87
N VAL A 10 -47.59 -25.25 -55.34
CA VAL A 10 -46.89 -24.16 -55.99
C VAL A 10 -46.30 -24.59 -57.34
N THR A 11 -45.99 -25.87 -57.49
CA THR A 11 -45.44 -26.37 -58.74
C THR A 11 -46.46 -26.38 -59.86
N SER A 12 -47.75 -26.26 -59.55
CA SER A 12 -48.80 -26.20 -60.55
C SER A 12 -49.09 -24.80 -61.05
N LEU A 13 -48.49 -23.78 -60.44
CA LEU A 13 -48.71 -22.42 -60.89
C LEU A 13 -48.14 -22.22 -62.28
N PRO A 14 -48.80 -21.42 -63.13
CA PRO A 14 -48.23 -21.14 -64.46
C PRO A 14 -46.89 -20.45 -64.39
N SER A 15 -46.66 -19.62 -63.37
CA SER A 15 -45.36 -18.98 -63.20
C SER A 15 -44.28 -20.02 -62.91
N TRP A 16 -44.61 -21.05 -62.13
CA TRP A 16 -43.65 -22.12 -61.88
C TRP A 16 -43.26 -22.85 -63.16
N ARG A 17 -44.25 -23.16 -64.01
CA ARG A 17 -43.95 -23.84 -65.27
C ARG A 17 -43.15 -22.93 -66.20
N ALA A 18 -43.47 -21.63 -66.22
CA ALA A 18 -42.67 -20.68 -66.98
C ALA A 18 -41.24 -20.64 -66.48
N LEU A 19 -41.06 -20.76 -65.16
CA LEU A 19 -39.72 -20.81 -64.60
C LEU A 19 -38.98 -22.09 -64.98
N GLN A 20 -39.70 -23.21 -65.07
CA GLN A 20 -39.08 -24.44 -65.56
C GLN A 20 -38.60 -24.28 -67.00
N GLU A 21 -39.45 -23.71 -67.86
CA GLU A 21 -39.05 -23.49 -69.25
C GLU A 21 -37.86 -22.54 -69.33
N HIS A 22 -37.88 -21.48 -68.52
CA HIS A 22 -36.78 -20.53 -68.51
C HIS A 22 -35.50 -21.18 -68.00
N ARG A 23 -35.61 -22.09 -67.04
CA ARG A 23 -34.45 -22.83 -66.56
C ARG A 23 -33.86 -23.70 -67.66
N LEU A 24 -34.73 -24.37 -68.42
CA LEU A 24 -34.26 -25.13 -69.57
C LEU A 24 -33.54 -24.22 -70.56
N ALA A 25 -34.08 -23.02 -70.80
CA ALA A 25 -33.44 -22.09 -71.71
C ALA A 25 -32.11 -21.57 -71.18
N MET A 26 -32.04 -21.32 -69.87
CA MET A 26 -30.87 -20.73 -69.22
C MET A 26 -29.82 -21.76 -68.84
N GLN A 27 -30.08 -23.05 -69.10
CA GLN A 27 -29.09 -24.09 -68.91
C GLN A 27 -27.68 -23.68 -69.32
N ASN A 28 -27.54 -23.05 -70.48
CA ASN A 28 -26.23 -22.70 -71.02
C ASN A 28 -25.79 -21.27 -70.68
N PHE A 29 -26.54 -20.57 -69.83
CA PHE A 29 -26.23 -19.19 -69.49
C PHE A 29 -24.92 -19.11 -68.71
N HIS A 30 -24.09 -18.13 -69.07
CA HIS A 30 -22.85 -17.84 -68.35
C HIS A 30 -22.84 -16.36 -67.98
N MET A 31 -22.53 -16.07 -66.72
CA MET A 31 -22.58 -14.69 -66.23
C MET A 31 -21.51 -13.82 -66.88
N ARG A 32 -20.36 -14.41 -67.22
CA ARG A 32 -19.30 -13.63 -67.86
C ARG A 32 -19.77 -13.06 -69.19
N GLU A 33 -20.42 -13.90 -70.02
CA GLU A 33 -20.94 -13.44 -71.29
C GLU A 33 -22.01 -12.38 -71.10
N ALA A 34 -22.85 -12.54 -70.08
CA ALA A 34 -23.86 -11.55 -69.78
C ALA A 34 -23.25 -10.23 -69.34
N PHE A 35 -22.04 -10.27 -68.77
CA PHE A 35 -21.41 -9.05 -68.31
C PHE A 35 -20.63 -8.35 -69.41
N LEU A 36 -20.00 -9.09 -70.32
CA LEU A 36 -19.39 -8.43 -71.46
C LEU A 36 -20.41 -7.93 -72.48
N SER A 37 -21.62 -8.50 -72.48
CA SER A 37 -22.66 -8.11 -73.43
C SER A 37 -23.68 -7.15 -72.83
N ASP A 38 -23.42 -6.63 -71.63
CA ASP A 38 -24.35 -5.70 -70.98
C ASP A 38 -23.58 -4.85 -69.99
N PRO A 39 -23.09 -3.68 -70.41
CA PRO A 39 -22.40 -2.78 -69.46
C PRO A 39 -23.30 -2.24 -68.37
N GLY A 40 -24.61 -2.27 -68.55
CA GLY A 40 -25.54 -1.76 -67.55
C GLY A 40 -26.14 -2.85 -66.68
N ARG A 41 -25.49 -4.01 -66.64
CA ARG A 41 -26.01 -5.13 -65.86
C ARG A 41 -26.03 -4.82 -64.37
N PHE A 42 -24.99 -4.17 -63.85
CA PHE A 42 -24.96 -3.82 -62.44
C PHE A 42 -26.08 -2.85 -62.09
N ASP A 43 -26.31 -1.85 -62.94
CA ASP A 43 -27.38 -0.89 -62.68
C ASP A 43 -28.75 -1.56 -62.70
N GLU A 44 -28.95 -2.47 -63.65
CA GLU A 44 -30.24 -3.16 -63.75
C GLU A 44 -30.47 -4.08 -62.56
N PHE A 45 -29.42 -4.71 -62.05
CA PHE A 45 -29.57 -5.75 -61.04
C PHE A 45 -28.94 -5.35 -59.72
N SER A 46 -29.17 -4.12 -59.29
CA SER A 46 -28.79 -3.67 -57.96
C SER A 46 -29.90 -2.78 -57.42
N THR A 47 -29.97 -2.71 -56.09
CA THR A 47 -31.01 -1.94 -55.43
C THR A 47 -30.49 -1.45 -54.09
N SER A 48 -31.17 -0.45 -53.53
CA SER A 48 -30.78 0.15 -52.27
C SER A 48 -32.00 0.30 -51.38
N SER A 49 -31.76 0.29 -50.08
CA SER A 49 -32.82 0.47 -49.10
C SER A 49 -32.17 0.99 -47.82
N CYS A 50 -32.38 2.27 -47.52
CA CYS A 50 -31.81 2.93 -46.35
C CYS A 50 -30.29 2.80 -46.46
N GLY A 51 -29.60 2.23 -45.48
CA GLY A 51 -28.17 2.06 -45.56
C GLY A 51 -27.71 0.78 -46.21
N LEU A 52 -28.62 -0.06 -46.69
CA LEU A 52 -28.25 -1.33 -47.31
C LEU A 52 -28.21 -1.18 -48.82
N PHE A 53 -27.21 -1.80 -49.44
CA PHE A 53 -27.12 -1.87 -50.89
C PHE A 53 -26.96 -3.32 -51.30
N LEU A 54 -27.88 -3.81 -52.12
CA LEU A 54 -27.85 -5.19 -52.61
C LEU A 54 -27.43 -5.19 -54.07
N ASP A 55 -26.28 -5.79 -54.36
CA ASP A 55 -25.86 -6.09 -55.72
C ASP A 55 -26.15 -7.56 -55.99
N TYR A 56 -27.09 -7.83 -56.88
CA TYR A 56 -27.45 -9.19 -57.25
C TYR A 56 -27.28 -9.41 -58.76
N SER A 57 -26.32 -8.71 -59.37
CA SER A 57 -26.05 -8.88 -60.79
C SER A 57 -25.24 -10.14 -61.07
N LYS A 58 -24.41 -10.57 -60.12
CA LYS A 58 -23.65 -11.82 -60.28
C LYS A 58 -24.52 -13.02 -59.94
N ASN A 59 -25.64 -13.13 -60.66
CA ASN A 59 -26.60 -14.20 -60.47
C ASN A 59 -26.93 -14.80 -61.83
N LEU A 60 -27.39 -16.04 -61.81
CA LEU A 60 -27.80 -16.74 -63.03
C LEU A 60 -29.20 -16.29 -63.44
N ILE A 61 -29.31 -14.99 -63.75
CA ILE A 61 -30.57 -14.37 -64.10
C ILE A 61 -30.38 -13.45 -65.29
N THR A 62 -31.47 -13.22 -66.00
CA THR A 62 -31.62 -12.19 -67.01
C THR A 62 -32.76 -11.31 -66.55
N PRO A 63 -33.07 -10.20 -67.23
CA PRO A 63 -34.31 -9.47 -66.88
C PRO A 63 -35.55 -10.34 -66.96
N GLU A 64 -35.59 -11.27 -67.92
CA GLU A 64 -36.70 -12.21 -68.00
C GLU A 64 -36.77 -13.09 -66.76
N THR A 65 -35.62 -13.53 -66.24
CA THR A 65 -35.61 -14.34 -65.04
C THR A 65 -36.18 -13.59 -63.85
N ARG A 66 -35.78 -12.33 -63.67
CA ARG A 66 -36.31 -11.55 -62.58
C ARG A 66 -37.81 -11.31 -62.76
N ASP A 67 -38.24 -11.08 -63.99
CA ASP A 67 -39.67 -10.92 -64.26
C ASP A 67 -40.44 -12.17 -63.86
N LEU A 68 -39.93 -13.35 -64.22
CA LEU A 68 -40.63 -14.59 -63.91
C LEU A 68 -40.61 -14.90 -62.41
N LEU A 69 -39.50 -14.59 -61.74
CA LEU A 69 -39.44 -14.80 -60.30
C LEU A 69 -40.39 -13.88 -59.56
N VAL A 70 -40.48 -12.62 -59.99
CA VAL A 70 -41.45 -11.70 -59.42
C VAL A 70 -42.87 -12.17 -59.69
N ASN A 71 -43.10 -12.72 -60.89
CA ASN A 71 -44.41 -13.26 -61.21
C ASN A 71 -44.77 -14.43 -60.29
N LEU A 72 -43.81 -15.31 -60.02
CA LEU A 72 -44.07 -16.42 -59.10
C LEU A 72 -44.34 -15.92 -57.68
N ALA A 73 -43.59 -14.90 -57.24
CA ALA A 73 -43.86 -14.32 -55.94
C ALA A 73 -45.27 -13.73 -55.86
N ARG A 74 -45.70 -13.07 -56.93
CA ARG A 74 -47.06 -12.52 -56.96
C ARG A 74 -48.11 -13.62 -56.97
N GLU A 75 -47.90 -14.66 -57.79
CA GLU A 75 -48.88 -15.74 -57.90
C GLU A 75 -48.99 -16.53 -56.60
N ALA A 76 -47.88 -16.68 -55.87
CA ALA A 76 -47.95 -17.36 -54.58
C ALA A 76 -48.62 -16.51 -53.52
N GLY A 77 -48.80 -15.21 -53.77
CA GLY A 77 -49.44 -14.34 -52.80
C GLY A 77 -48.52 -13.82 -51.71
N VAL A 78 -47.30 -13.40 -52.07
CA VAL A 78 -46.36 -12.93 -51.07
C VAL A 78 -46.84 -11.62 -50.46
N GLU A 79 -47.43 -10.74 -51.28
CA GLU A 79 -47.89 -9.45 -50.78
C GLU A 79 -49.01 -9.62 -49.76
N GLN A 80 -50.02 -10.42 -50.10
CA GLN A 80 -51.13 -10.65 -49.18
C GLN A 80 -50.68 -11.40 -47.94
N ALA A 81 -49.75 -12.34 -48.10
CA ALA A 81 -49.23 -13.06 -46.95
C ALA A 81 -48.46 -12.13 -46.01
N ALA A 82 -47.68 -11.22 -46.57
CA ALA A 82 -46.98 -10.23 -45.75
C ALA A 82 -47.95 -9.31 -45.04
N ARG A 83 -49.02 -8.91 -45.73
CA ARG A 83 -50.06 -8.11 -45.09
C ARG A 83 -50.67 -8.85 -43.92
N ALA A 84 -50.98 -10.14 -44.11
CA ALA A 84 -51.57 -10.94 -43.04
C ALA A 84 -50.61 -11.09 -41.87
N MET A 85 -49.34 -11.34 -42.13
CA MET A 85 -48.37 -11.49 -41.05
C MET A 85 -48.18 -10.19 -40.29
N PHE A 86 -48.06 -9.07 -41.01
CA PHE A 86 -47.85 -7.78 -40.36
C PHE A 86 -49.09 -7.32 -39.60
N ASP A 87 -50.28 -7.76 -40.04
CA ASP A 87 -51.53 -7.28 -39.45
C ASP A 87 -51.98 -8.11 -38.26
N GLY A 88 -51.30 -9.19 -37.92
CA GLY A 88 -51.66 -9.99 -36.77
C GLY A 88 -52.50 -11.22 -37.06
N GLU A 89 -52.69 -11.58 -38.32
CA GLU A 89 -53.42 -12.78 -38.65
C GLU A 89 -52.65 -14.02 -38.19
N PRO A 90 -53.35 -15.08 -37.78
CA PRO A 90 -52.65 -16.29 -37.32
C PRO A 90 -51.95 -17.03 -38.45
N VAL A 91 -50.81 -16.49 -38.90
CA VAL A 91 -50.07 -17.11 -39.99
C VAL A 91 -49.39 -18.40 -39.55
N ASN A 92 -49.18 -18.57 -38.25
CA ASN A 92 -48.71 -19.84 -37.70
C ASN A 92 -49.93 -20.77 -37.58
N ALA A 93 -50.30 -21.35 -38.73
CA ALA A 93 -51.54 -22.13 -38.79
C ALA A 93 -51.48 -23.35 -37.89
N SER A 94 -50.34 -24.03 -37.84
CA SER A 94 -50.23 -25.25 -37.04
C SER A 94 -50.45 -24.97 -35.56
N GLU A 95 -49.84 -23.89 -35.06
CA GLU A 95 -49.98 -23.52 -33.65
C GLU A 95 -51.11 -22.52 -33.41
N ARG A 96 -51.79 -22.07 -34.47
CA ARG A 96 -52.91 -21.13 -34.37
C ARG A 96 -52.49 -19.84 -33.66
N ARG A 97 -51.33 -19.32 -34.04
CA ARG A 97 -50.77 -18.11 -33.44
C ARG A 97 -50.42 -17.10 -34.53
N PRO A 98 -50.42 -15.82 -34.19
CA PRO A 98 -49.79 -14.83 -35.08
C PRO A 98 -48.28 -14.85 -34.93
N ALA A 99 -47.61 -14.34 -35.96
CA ALA A 99 -46.17 -14.16 -35.96
C ALA A 99 -45.89 -12.67 -35.99
N LEU A 100 -45.67 -12.09 -34.82
CA LEU A 100 -45.60 -10.64 -34.69
C LEU A 100 -44.25 -10.18 -34.15
N HIS A 101 -43.16 -10.71 -34.71
CA HIS A 101 -41.85 -10.19 -34.38
C HIS A 101 -41.65 -8.78 -34.93
N THR A 102 -42.32 -8.45 -36.03
CA THR A 102 -42.25 -7.10 -36.58
C THR A 102 -42.85 -6.09 -35.60
N ALA A 103 -43.89 -6.48 -34.88
CA ALA A 103 -44.51 -5.60 -33.90
C ALA A 103 -43.52 -5.13 -32.85
N LEU A 104 -42.50 -5.94 -32.56
CA LEU A 104 -41.51 -5.56 -31.56
C LEU A 104 -40.67 -4.37 -31.99
N ARG A 105 -40.67 -4.02 -33.27
CA ARG A 105 -39.88 -2.91 -33.78
C ARG A 105 -40.73 -1.68 -34.09
N ARG A 106 -42.05 -1.78 -33.96
CA ARG A 106 -42.91 -0.65 -34.25
C ARG A 106 -42.75 0.43 -33.18
N PRO A 107 -42.94 1.69 -33.55
CA PRO A 107 -42.85 2.77 -32.57
C PRO A 107 -44.15 2.92 -31.78
N VAL A 108 -44.11 3.83 -30.80
CA VAL A 108 -45.21 3.98 -29.86
C VAL A 108 -46.49 4.47 -30.54
N GLY A 109 -46.39 5.09 -31.71
CA GLY A 109 -47.59 5.55 -32.39
C GLY A 109 -48.36 4.49 -33.13
N ASP A 110 -47.84 3.27 -33.18
CA ASP A 110 -48.49 2.17 -33.88
C ASP A 110 -49.32 1.35 -32.90
N SER A 111 -50.53 0.98 -33.34
CA SER A 111 -51.43 0.16 -32.54
C SER A 111 -51.79 -1.08 -33.32
N LEU A 112 -51.74 -2.24 -32.66
CA LEU A 112 -52.06 -3.51 -33.27
C LEU A 112 -52.99 -4.26 -32.32
N LEU A 113 -54.20 -4.56 -32.79
CA LEU A 113 -55.22 -5.19 -31.95
C LEU A 113 -55.24 -6.68 -32.21
N ILE A 114 -54.99 -7.46 -31.16
CA ILE A 114 -55.07 -8.92 -31.20
C ILE A 114 -56.12 -9.34 -30.19
N ASP A 115 -57.22 -9.91 -30.67
CA ASP A 115 -58.37 -10.26 -29.84
C ASP A 115 -58.88 -9.04 -29.07
N GLY A 116 -58.92 -7.89 -29.74
CA GLY A 116 -59.41 -6.67 -29.14
C GLY A 116 -58.47 -6.02 -28.16
N HIS A 117 -57.23 -6.48 -28.06
CA HIS A 117 -56.25 -5.93 -27.13
C HIS A 117 -55.07 -5.36 -27.91
N ASN A 118 -54.58 -4.20 -27.49
CA ASN A 118 -53.46 -3.54 -28.14
C ASN A 118 -52.16 -4.12 -27.60
N ILE A 119 -51.52 -4.99 -28.39
CA ILE A 119 -50.29 -5.63 -27.95
C ILE A 119 -49.10 -4.68 -27.99
N MET A 120 -49.23 -3.56 -28.71
CA MET A 120 -48.15 -2.58 -28.74
C MET A 120 -47.96 -1.93 -27.37
N ARG A 121 -49.02 -1.87 -26.58
CA ARG A 121 -48.88 -1.45 -25.20
C ARG A 121 -47.97 -2.39 -24.42
N ASP A 122 -48.13 -3.69 -24.62
CA ASP A 122 -47.23 -4.66 -24.00
C ASP A 122 -45.80 -4.49 -24.51
N VAL A 123 -45.65 -4.30 -25.83
CA VAL A 123 -44.33 -4.13 -26.42
C VAL A 123 -43.60 -2.95 -25.77
N HIS A 124 -44.28 -1.81 -25.67
CA HIS A 124 -43.60 -0.62 -25.17
C HIS A 124 -43.53 -0.56 -23.65
N ALA A 125 -44.42 -1.25 -22.93
CA ALA A 125 -44.23 -1.43 -21.51
C ALA A 125 -42.99 -2.26 -21.23
N ALA A 126 -42.79 -3.34 -22.00
CA ALA A 126 -41.57 -4.12 -21.87
C ALA A 126 -40.35 -3.30 -22.24
N LEU A 127 -40.46 -2.46 -23.28
CA LEU A 127 -39.34 -1.60 -23.65
C LEU A 127 -38.99 -0.61 -22.54
N ALA A 128 -40.01 -0.03 -21.90
CA ALA A 128 -39.77 0.89 -20.80
C ALA A 128 -39.15 0.17 -19.59
N GLN A 129 -39.61 -1.05 -19.31
CA GLN A 129 -39.00 -1.85 -18.26
C GLN A 129 -37.54 -2.14 -18.57
N MET A 130 -37.26 -2.48 -19.82
CA MET A 130 -35.88 -2.71 -20.26
C MET A 130 -35.05 -1.46 -20.08
N THR A 131 -35.60 -0.29 -20.45
CA THR A 131 -34.89 0.96 -20.27
C THR A 131 -34.57 1.23 -18.81
N ASP A 132 -35.55 0.98 -17.93
CA ASP A 132 -35.34 1.20 -16.51
C ASP A 132 -34.20 0.32 -15.98
N ILE A 133 -34.23 -0.97 -16.32
CA ILE A 133 -33.20 -1.88 -15.81
C ILE A 133 -31.83 -1.54 -16.40
N VAL A 134 -31.79 -1.20 -17.69
CA VAL A 134 -30.51 -0.88 -18.33
C VAL A 134 -29.93 0.39 -17.74
N GLY A 135 -30.77 1.40 -17.49
CA GLY A 135 -30.28 2.61 -16.86
C GLY A 135 -29.83 2.39 -15.43
N ARG A 136 -30.53 1.52 -14.70
CA ARG A 136 -30.10 1.18 -13.34
C ARG A 136 -28.72 0.52 -13.34
N ILE A 137 -28.53 -0.48 -14.20
CA ILE A 137 -27.27 -1.22 -14.19
C ILE A 137 -26.14 -0.37 -14.75
N HIS A 138 -26.39 0.39 -15.81
CA HIS A 138 -25.34 1.18 -16.43
C HIS A 138 -24.81 2.25 -15.49
N ASN A 139 -25.71 2.87 -14.72
CA ASN A 139 -25.34 3.93 -13.78
C ASN A 139 -24.81 3.38 -12.46
N LYS A 140 -24.47 2.09 -12.41
CA LYS A 140 -23.97 1.43 -11.20
C LYS A 140 -24.96 1.52 -10.04
N LEU A 141 -26.25 1.63 -10.36
CA LEU A 141 -27.31 1.71 -9.36
C LEU A 141 -27.88 0.35 -9.01
N TRP A 142 -27.38 -0.72 -9.62
CA TRP A 142 -27.78 -2.09 -9.31
C TRP A 142 -26.68 -2.76 -8.52
N ARG A 143 -27.03 -3.32 -7.37
CA ARG A 143 -26.06 -3.88 -6.45
C ARG A 143 -26.48 -5.28 -6.04
N GLY A 144 -25.48 -6.11 -5.73
CA GLY A 144 -25.72 -7.50 -5.35
C GLY A 144 -25.97 -7.67 -3.87
N TYR A 145 -25.75 -8.90 -3.40
CA TYR A 145 -25.98 -9.20 -1.99
C TYR A 145 -24.88 -8.64 -1.09
N SER A 146 -23.73 -8.31 -1.65
CA SER A 146 -22.70 -7.59 -0.92
C SER A 146 -22.80 -6.08 -1.09
N ASP A 147 -23.88 -5.61 -1.74
CA ASP A 147 -24.08 -4.19 -2.03
C ASP A 147 -22.91 -3.61 -2.84
N ARG A 148 -22.49 -4.35 -3.86
CA ARG A 148 -21.49 -3.89 -4.80
C ARG A 148 -22.09 -3.87 -6.21
N ALA A 149 -21.64 -2.91 -7.01
CA ALA A 149 -22.18 -2.74 -8.36
C ALA A 149 -21.87 -3.98 -9.20
N ILE A 150 -22.82 -4.32 -10.07
CA ILE A 150 -22.70 -5.47 -10.96
C ILE A 150 -22.09 -5.02 -12.27
N THR A 151 -21.19 -5.84 -12.82
CA THR A 151 -20.57 -5.56 -14.11
C THR A 151 -20.46 -6.80 -14.98
N ASP A 152 -21.19 -7.88 -14.66
CA ASP A 152 -21.18 -9.11 -15.45
C ASP A 152 -22.61 -9.61 -15.56
N VAL A 153 -23.20 -9.46 -16.74
CA VAL A 153 -24.55 -9.94 -17.01
C VAL A 153 -24.43 -11.22 -17.81
N VAL A 154 -24.98 -12.30 -17.27
CA VAL A 154 -24.90 -13.63 -17.88
C VAL A 154 -26.31 -14.04 -18.28
N ASN A 155 -26.49 -14.30 -19.57
CA ASN A 155 -27.77 -14.73 -20.12
C ASN A 155 -27.79 -16.25 -20.19
N ILE A 156 -28.62 -16.87 -19.36
CA ILE A 156 -28.82 -18.32 -19.37
C ILE A 156 -30.01 -18.58 -20.28
N GLY A 157 -29.73 -18.99 -21.52
CA GLY A 157 -30.77 -19.30 -22.47
C GLY A 157 -30.19 -19.98 -23.68
N ILE A 158 -31.06 -20.70 -24.39
CA ILE A 158 -30.66 -21.49 -25.55
C ILE A 158 -31.52 -21.10 -26.74
N GLY A 159 -31.06 -21.47 -27.92
CA GLY A 159 -31.79 -21.21 -29.15
C GLY A 159 -31.96 -19.74 -29.44
N GLY A 160 -33.21 -19.30 -29.58
CA GLY A 160 -33.49 -17.91 -29.85
C GLY A 160 -33.13 -16.98 -28.71
N SER A 161 -33.01 -17.51 -27.50
CA SER A 161 -32.56 -16.74 -26.34
C SER A 161 -31.05 -16.56 -26.30
N TYR A 162 -30.33 -17.20 -27.21
CA TYR A 162 -28.87 -17.18 -27.20
C TYR A 162 -28.27 -16.59 -28.47
N LEU A 163 -28.75 -17.02 -29.64
CA LEU A 163 -28.02 -16.75 -30.88
C LEU A 163 -28.18 -15.31 -31.34
N GLY A 164 -29.41 -14.81 -31.41
CA GLY A 164 -29.67 -13.46 -31.84
C GLY A 164 -29.08 -12.40 -30.94
N PRO A 165 -29.36 -12.49 -29.63
CA PRO A 165 -28.73 -11.55 -28.70
C PRO A 165 -27.21 -11.55 -28.74
N GLU A 166 -26.59 -12.73 -28.84
CA GLU A 166 -25.14 -12.80 -28.88
C GLU A 166 -24.60 -12.22 -30.19
N LEU A 167 -25.30 -12.47 -31.30
CA LEU A 167 -24.91 -11.87 -32.57
C LEU A 167 -24.93 -10.35 -32.48
N VAL A 168 -26.01 -9.78 -31.96
CA VAL A 168 -26.09 -8.33 -31.91
C VAL A 168 -25.08 -7.77 -30.92
N SER A 169 -24.81 -8.48 -29.82
CA SER A 169 -23.80 -8.03 -28.87
C SER A 169 -22.42 -8.00 -29.50
N GLU A 170 -22.08 -9.03 -30.28
CA GLU A 170 -20.75 -9.08 -30.87
C GLU A 170 -20.61 -8.08 -32.03
N ALA A 171 -21.64 -7.97 -32.87
CA ALA A 171 -21.56 -7.10 -34.02
C ALA A 171 -21.48 -5.63 -33.62
N LEU A 172 -22.20 -5.25 -32.56
CA LEU A 172 -22.25 -3.88 -32.10
C LEU A 172 -21.25 -3.60 -30.99
N LEU A 173 -20.11 -4.29 -31.01
CA LEU A 173 -19.06 -4.04 -30.01
C LEU A 173 -18.55 -2.61 -30.02
N PRO A 174 -18.29 -1.95 -31.15
CA PRO A 174 -17.84 -0.55 -31.09
C PRO A 174 -18.82 0.39 -30.44
N TYR A 175 -20.02 -0.08 -30.08
CA TYR A 175 -21.02 0.73 -29.41
C TYR A 175 -21.28 0.26 -27.99
N THR A 176 -20.30 -0.40 -27.37
CA THR A 176 -20.46 -0.93 -26.02
C THR A 176 -19.72 -0.08 -25.00
N VAL A 180 -20.30 -2.85 -18.60
CA VAL A 180 -20.98 -4.11 -18.30
C VAL A 180 -20.68 -5.14 -19.39
N ARG A 181 -20.14 -6.28 -18.97
CA ARG A 181 -19.76 -7.35 -19.87
C ARG A 181 -20.86 -8.40 -19.92
N CYS A 182 -21.25 -8.79 -21.13
CA CYS A 182 -22.32 -9.76 -21.34
C CYS A 182 -21.74 -11.11 -21.73
N HIS A 183 -22.15 -12.15 -21.03
CA HIS A 183 -21.78 -13.52 -21.31
C HIS A 183 -23.03 -14.34 -21.59
N TYR A 184 -22.87 -15.46 -22.28
CA TYR A 184 -23.99 -16.31 -22.63
C TYR A 184 -23.71 -17.74 -22.20
N LEU A 185 -24.72 -18.40 -21.66
CA LEU A 185 -24.62 -19.75 -21.11
C LEU A 185 -25.77 -20.56 -21.71
N ALA A 186 -25.49 -21.27 -22.80
CA ALA A 186 -26.51 -22.03 -23.52
C ALA A 186 -26.35 -23.53 -23.36
N ASN A 187 -25.15 -24.06 -23.57
CA ASN A 187 -24.96 -25.50 -23.59
C ASN A 187 -25.19 -26.12 -22.22
N ILE A 188 -25.86 -27.27 -22.20
CA ILE A 188 -25.96 -28.05 -20.97
C ILE A 188 -24.64 -28.68 -20.58
N ASP A 189 -23.66 -28.67 -21.48
CA ASP A 189 -22.31 -29.11 -21.16
C ASP A 189 -21.80 -28.36 -19.95
N GLY A 190 -21.50 -29.10 -18.88
CA GLY A 190 -21.01 -28.48 -17.65
C GLY A 190 -19.68 -27.78 -17.81
N SER A 191 -18.91 -28.15 -18.84
CA SER A 191 -17.65 -27.48 -19.08
C SER A 191 -17.86 -26.02 -19.46
N GLU A 192 -18.92 -25.72 -20.21
CA GLU A 192 -19.23 -24.33 -20.53
C GLU A 192 -19.58 -23.55 -19.27
N PHE A 193 -20.37 -24.14 -18.38
CA PHE A 193 -20.72 -23.48 -17.13
C PHE A 193 -19.48 -23.24 -16.27
N HIS A 194 -18.58 -24.23 -16.21
CA HIS A 194 -17.35 -24.07 -15.45
C HIS A 194 -16.48 -22.95 -16.03
N GLU A 195 -16.32 -22.94 -17.35
CA GLU A 195 -15.50 -21.90 -17.99
C GLU A 195 -16.11 -20.53 -17.76
N LEU A 196 -17.43 -20.43 -17.81
CA LEU A 196 -18.09 -19.14 -17.58
C LEU A 196 -17.91 -18.68 -16.14
N THR A 197 -18.22 -19.54 -15.17
CA THR A 197 -18.15 -19.15 -13.77
C THR A 197 -16.72 -19.03 -13.27
N ALA A 198 -15.73 -19.48 -14.04
CA ALA A 198 -14.34 -19.23 -13.66
C ALA A 198 -13.96 -17.76 -13.78
N ARG A 199 -14.79 -16.94 -14.41
CA ARG A 199 -14.54 -15.51 -14.56
C ARG A 199 -15.57 -14.66 -13.83
N LEU A 200 -16.43 -15.26 -13.02
CA LEU A 200 -17.56 -14.58 -12.41
C LEU A 200 -17.42 -14.54 -10.90
N ASN A 201 -17.84 -13.43 -10.31
CA ASN A 201 -17.99 -13.28 -8.87
C ASN A 201 -19.48 -13.27 -8.54
N ALA A 202 -19.88 -14.09 -7.56
CA ALA A 202 -21.30 -14.18 -7.22
C ALA A 202 -21.84 -12.88 -6.67
N GLU A 203 -20.99 -12.07 -6.02
CA GLU A 203 -21.42 -10.76 -5.54
C GLU A 203 -21.65 -9.78 -6.68
N THR A 204 -21.15 -10.09 -7.88
CA THR A 204 -21.13 -9.15 -8.99
C THR A 204 -21.94 -9.60 -10.19
N THR A 205 -22.17 -10.90 -10.36
CA THR A 205 -22.82 -11.41 -11.56
C THR A 205 -24.34 -11.35 -11.41
N LEU A 206 -25.01 -10.90 -12.47
CA LEU A 206 -26.46 -10.91 -12.56
C LEU A 206 -26.87 -11.87 -13.68
N PHE A 207 -27.80 -12.78 -13.38
CA PHE A 207 -28.21 -13.82 -14.30
C PHE A 207 -29.59 -13.51 -14.86
N ILE A 208 -29.71 -13.53 -16.18
CA ILE A 208 -30.99 -13.41 -16.87
C ILE A 208 -31.38 -14.81 -17.33
N ILE A 209 -32.43 -15.37 -16.73
CA ILE A 209 -32.95 -16.67 -17.15
C ILE A 209 -33.95 -16.42 -18.28
N SER A 210 -33.59 -16.84 -19.50
CA SER A 210 -34.42 -16.61 -20.68
C SER A 210 -35.02 -17.95 -21.10
N SER A 211 -36.24 -18.21 -20.63
CA SER A 211 -36.97 -19.42 -21.01
C SER A 211 -38.44 -19.06 -21.16
N LYS A 212 -39.02 -19.44 -22.30
CA LYS A 212 -40.42 -19.10 -22.57
C LYS A 212 -41.34 -19.65 -21.50
N THR A 213 -41.40 -20.97 -21.37
CA THR A 213 -42.26 -21.62 -20.39
C THR A 213 -41.57 -21.86 -19.06
N PHE A 214 -40.31 -21.43 -18.93
CA PHE A 214 -39.53 -21.65 -17.71
C PHE A 214 -39.45 -23.13 -17.37
N GLY A 215 -39.37 -23.97 -18.41
CA GLY A 215 -39.34 -25.40 -18.23
C GLY A 215 -38.39 -26.10 -19.17
N THR A 216 -37.67 -25.33 -19.99
CA THR A 216 -36.71 -25.90 -20.91
C THR A 216 -35.62 -26.62 -20.13
N LEU A 217 -35.28 -27.84 -20.57
CA LEU A 217 -34.39 -28.70 -19.81
C LEU A 217 -33.03 -28.04 -19.59
N GLU A 218 -32.33 -27.72 -20.67
CA GLU A 218 -30.97 -27.18 -20.56
C GLU A 218 -30.96 -25.83 -19.85
N THR A 219 -31.91 -24.96 -20.19
CA THR A 219 -31.97 -23.64 -19.55
C THR A 219 -32.25 -23.78 -18.06
N LEU A 220 -33.20 -24.63 -17.68
CA LEU A 220 -33.49 -24.82 -16.26
C LEU A 220 -32.31 -25.44 -15.52
N LYS A 221 -31.63 -26.41 -16.14
CA LYS A 221 -30.47 -27.01 -15.48
C LYS A 221 -29.37 -25.99 -15.27
N ASN A 222 -29.11 -25.15 -16.28
CA ASN A 222 -28.06 -24.15 -16.13
C ASN A 222 -28.46 -23.09 -15.11
N ALA A 223 -29.74 -22.72 -15.07
CA ALA A 223 -30.20 -21.76 -14.08
C ALA A 223 -30.12 -22.33 -12.67
N GLN A 224 -30.47 -23.60 -12.50
CA GLN A 224 -30.36 -24.26 -11.21
C GLN A 224 -28.90 -24.34 -10.77
N ALA A 225 -28.00 -24.66 -11.71
CA ALA A 225 -26.58 -24.67 -11.40
C ALA A 225 -26.08 -23.29 -11.01
N ALA A 226 -26.56 -22.25 -11.70
CA ALA A 226 -26.16 -20.88 -11.36
C ALA A 226 -26.67 -20.48 -9.99
N ARG A 227 -27.90 -20.85 -9.64
CA ARG A 227 -28.42 -20.54 -8.31
C ARG A 227 -27.65 -21.29 -7.23
N THR A 228 -27.31 -22.56 -7.49
CA THR A 228 -26.51 -23.32 -6.54
C THR A 228 -25.13 -22.69 -6.38
N TRP A 229 -24.52 -22.25 -7.48
CA TRP A 229 -23.23 -21.58 -7.42
C TRP A 229 -23.31 -20.30 -6.62
N TYR A 230 -24.37 -19.53 -6.82
CA TYR A 230 -24.55 -18.28 -6.07
C TYR A 230 -24.75 -18.54 -4.58
N LEU A 231 -25.57 -19.54 -4.25
CA LEU A 231 -25.81 -19.87 -2.85
C LEU A 231 -24.56 -20.39 -2.17
N ALA A 232 -23.81 -21.25 -2.85
CA ALA A 232 -22.60 -21.84 -2.29
C ALA A 232 -21.39 -20.91 -2.40
N SER A 233 -21.53 -19.78 -3.08
CA SER A 233 -20.46 -18.79 -3.14
C SER A 233 -20.61 -17.70 -2.09
N GLY A 234 -21.59 -17.81 -1.18
CA GLY A 234 -21.79 -16.84 -0.13
C GLY A 234 -23.10 -16.08 -0.20
N GLY A 235 -23.82 -16.16 -1.32
CA GLY A 235 -25.07 -15.43 -1.43
C GLY A 235 -26.16 -16.03 -0.56
N SER A 236 -27.11 -15.19 -0.18
CA SER A 236 -28.20 -15.56 0.72
C SER A 236 -29.51 -15.73 -0.04
N GLU A 237 -30.34 -16.66 0.43
CA GLU A 237 -31.57 -17.03 -0.28
C GLU A 237 -32.55 -15.86 -0.31
N GLU A 238 -32.72 -15.16 0.82
CA GLU A 238 -33.68 -14.08 0.88
C GLU A 238 -33.26 -12.87 0.04
N ARG A 239 -31.98 -12.78 -0.31
CA ARG A 239 -31.44 -11.66 -1.05
C ARG A 239 -31.11 -12.05 -2.49
N LEU A 240 -31.51 -13.25 -2.91
CA LEU A 240 -31.19 -13.77 -4.25
C LEU A 240 -31.74 -12.88 -5.37
N TYR A 241 -32.77 -12.08 -5.09
CA TYR A 241 -33.46 -11.33 -6.12
C TYR A 241 -32.57 -10.35 -6.87
N ARG A 242 -31.47 -9.91 -6.27
CA ARG A 242 -30.61 -8.97 -6.96
C ARG A 242 -29.64 -9.62 -7.94
N HIS A 243 -29.67 -10.95 -8.07
CA HIS A 243 -28.77 -11.62 -8.99
C HIS A 243 -29.49 -12.45 -10.04
N PHE A 244 -30.82 -12.48 -10.04
CA PHE A 244 -31.57 -13.32 -10.96
C PHE A 244 -32.80 -12.56 -11.43
N ILE A 245 -32.79 -12.12 -12.68
CA ILE A 245 -33.98 -11.66 -13.36
C ILE A 245 -34.34 -12.69 -14.41
N ALA A 246 -35.57 -12.64 -14.89
CA ALA A 246 -36.06 -13.63 -15.84
C ALA A 246 -36.82 -12.95 -16.96
N VAL A 247 -36.67 -13.47 -18.17
CA VAL A 247 -37.53 -13.16 -19.29
C VAL A 247 -38.35 -14.43 -19.55
N THR A 248 -39.63 -14.41 -19.21
CA THR A 248 -40.41 -15.64 -19.28
C THR A 248 -41.90 -15.31 -19.37
N SER A 249 -42.65 -16.28 -19.89
CA SER A 249 -44.09 -16.25 -19.83
C SER A 249 -44.64 -16.95 -18.59
N ASN A 250 -43.79 -17.59 -17.81
CA ASN A 250 -44.19 -18.28 -16.58
C ASN A 250 -43.75 -17.41 -15.41
N ILE A 251 -44.60 -16.43 -15.07
CA ILE A 251 -44.32 -15.59 -13.90
C ILE A 251 -44.27 -16.39 -12.60
N PRO A 252 -45.20 -17.32 -12.33
CA PRO A 252 -45.11 -18.06 -11.05
C PRO A 252 -43.83 -18.84 -10.89
N ALA A 253 -43.34 -19.47 -11.96
CA ALA A 253 -42.10 -20.26 -11.85
C ALA A 253 -40.92 -19.37 -11.49
N ALA A 254 -40.79 -18.22 -12.14
CA ALA A 254 -39.75 -17.28 -11.77
C ALA A 254 -39.97 -16.74 -10.36
N ILE A 255 -41.22 -16.71 -9.89
CA ILE A 255 -41.50 -16.27 -8.53
C ILE A 255 -40.95 -17.27 -7.53
N GLU A 256 -41.23 -18.57 -7.72
CA GLU A 256 -40.68 -19.55 -6.79
C GLU A 256 -39.18 -19.75 -6.97
N PHE A 257 -38.62 -19.36 -8.12
CA PHE A 257 -37.17 -19.34 -8.23
C PHE A 257 -36.55 -18.31 -7.28
N GLY A 258 -37.31 -17.27 -6.94
CA GLY A 258 -36.81 -16.22 -6.07
C GLY A 258 -36.56 -14.92 -6.80
N ILE A 259 -37.28 -14.70 -7.90
CA ILE A 259 -37.14 -13.53 -8.74
C ILE A 259 -38.32 -12.60 -8.48
N ARG A 260 -38.05 -11.32 -8.31
CA ARG A 260 -39.10 -10.33 -8.10
C ARG A 260 -39.98 -10.21 -9.34
N GLU A 261 -41.27 -9.92 -9.12
CA GLU A 261 -42.19 -9.75 -10.22
C GLU A 261 -41.81 -8.54 -11.09
N LYS A 262 -41.22 -7.52 -10.49
CA LYS A 262 -40.80 -6.35 -11.25
C LYS A 262 -39.58 -6.62 -12.11
N ASN A 263 -38.86 -7.71 -11.86
CA ASN A 263 -37.72 -8.11 -12.68
C ASN A 263 -38.05 -9.24 -13.63
N ILE A 264 -39.33 -9.56 -13.79
CA ILE A 264 -39.78 -10.59 -14.73
C ILE A 264 -40.30 -9.86 -15.97
N PHE A 265 -39.62 -10.04 -17.09
CA PHE A 265 -39.93 -9.51 -18.39
C PHE A 265 -40.84 -10.48 -19.15
N PRO A 266 -41.80 -9.96 -19.91
CA PRO A 266 -42.80 -10.83 -20.53
C PRO A 266 -42.37 -11.41 -21.86
N MET A 267 -42.70 -12.68 -22.07
CA MET A 267 -42.58 -13.35 -23.35
C MET A 267 -43.98 -13.64 -23.86
N TRP A 268 -44.21 -13.39 -25.15
CA TRP A 268 -45.52 -13.54 -25.73
C TRP A 268 -45.53 -14.68 -26.75
N ASP A 269 -46.71 -15.27 -26.94
CA ASP A 269 -46.84 -16.39 -27.85
C ASP A 269 -46.58 -15.98 -29.29
N TRP A 270 -47.02 -14.78 -29.67
CA TRP A 270 -46.87 -14.33 -31.05
C TRP A 270 -45.44 -14.01 -31.42
N VAL A 271 -44.51 -14.02 -30.48
CA VAL A 271 -43.10 -13.78 -30.76
C VAL A 271 -42.40 -15.13 -30.73
N GLY A 272 -41.92 -15.58 -31.88
CA GLY A 272 -41.14 -16.80 -31.93
C GLY A 272 -39.77 -16.62 -31.30
N GLY A 273 -39.20 -17.73 -30.84
CA GLY A 273 -37.91 -17.65 -30.17
C GLY A 273 -36.80 -17.14 -31.07
N ARG A 274 -36.74 -17.64 -32.30
CA ARG A 274 -35.71 -17.22 -33.24
C ARG A 274 -35.98 -15.85 -33.84
N TYR A 275 -37.12 -15.22 -33.50
CA TYR A 275 -37.46 -13.89 -34.00
C TYR A 275 -37.56 -12.88 -32.87
N SER A 276 -36.89 -13.13 -31.74
CA SER A 276 -37.19 -12.41 -30.50
C SER A 276 -36.04 -11.56 -29.97
N LEU A 277 -35.01 -11.29 -30.78
CA LEU A 277 -33.95 -10.41 -30.30
C LEU A 277 -34.41 -8.98 -30.14
N TRP A 278 -35.54 -8.61 -30.74
CA TRP A 278 -36.09 -7.28 -30.61
C TRP A 278 -36.88 -7.07 -29.33
N SER A 279 -37.29 -8.16 -28.67
CA SER A 279 -38.07 -8.10 -27.44
C SER A 279 -37.11 -8.13 -26.25
N ALA A 280 -37.64 -8.41 -25.06
CA ALA A 280 -36.84 -8.43 -23.84
C ALA A 280 -35.77 -9.52 -23.86
N ILE A 281 -35.87 -10.48 -24.79
CA ILE A 281 -34.81 -11.47 -24.95
C ILE A 281 -33.49 -10.78 -25.29
N GLY A 282 -33.54 -9.72 -26.08
CA GLY A 282 -32.36 -8.93 -26.37
C GLY A 282 -31.96 -8.02 -25.22
N LEU A 283 -32.43 -8.34 -24.02
CA LEU A 283 -32.06 -7.57 -22.83
C LEU A 283 -30.56 -7.53 -22.57
N PRO A 284 -29.79 -8.62 -22.68
CA PRO A 284 -28.33 -8.48 -22.53
C PRO A 284 -27.72 -7.53 -23.55
N THR A 285 -28.20 -7.55 -24.79
CA THR A 285 -27.68 -6.66 -25.82
C THR A 285 -27.88 -5.21 -25.43
N ALA A 286 -29.10 -4.87 -25.00
CA ALA A 286 -29.35 -3.51 -24.52
C ALA A 286 -28.47 -3.18 -23.31
N LEU A 287 -28.10 -4.19 -22.52
CA LEU A 287 -27.23 -3.94 -21.38
C LEU A 287 -25.80 -3.70 -21.80
N ALA A 288 -25.42 -4.07 -23.02
CA ALA A 288 -24.08 -3.86 -23.53
C ALA A 288 -23.95 -2.60 -24.37
N ILE A 289 -24.92 -2.32 -25.23
CA ILE A 289 -24.84 -1.19 -26.14
C ILE A 289 -25.64 0.02 -25.69
N GLY A 290 -26.51 -0.13 -24.69
CA GLY A 290 -27.36 0.94 -24.26
C GLY A 290 -28.72 0.90 -24.92
N MET A 291 -29.68 1.61 -24.32
CA MET A 291 -31.04 1.60 -24.85
C MET A 291 -31.17 2.45 -26.10
N ALA A 292 -30.35 3.50 -26.24
CA ALA A 292 -30.41 4.30 -27.46
C ALA A 292 -29.96 3.49 -28.67
N ASN A 293 -28.89 2.71 -28.53
CA ASN A 293 -28.44 1.87 -29.63
C ASN A 293 -29.41 0.71 -29.88
N PHE A 294 -30.01 0.17 -28.83
CA PHE A 294 -31.02 -0.87 -29.00
C PHE A 294 -32.23 -0.33 -29.77
N LYS A 295 -32.65 0.89 -29.45
CA LYS A 295 -33.72 1.53 -30.21
C LYS A 295 -33.30 1.85 -31.63
N ASP A 296 -32.03 2.17 -31.85
CA ASP A 296 -31.53 2.36 -33.21
C ASP A 296 -31.60 1.07 -34.02
N LEU A 297 -31.26 -0.05 -33.39
CA LEU A 297 -31.42 -1.36 -34.02
C LEU A 297 -32.88 -1.63 -34.35
N LEU A 298 -33.78 -1.33 -33.41
CA LEU A 298 -35.21 -1.48 -33.67
C LEU A 298 -35.68 -0.59 -34.81
N SER A 299 -35.13 0.62 -34.90
CA SER A 299 -35.51 1.55 -35.96
C SER A 299 -35.03 1.07 -37.33
N GLY A 300 -33.82 0.52 -37.38
CA GLY A 300 -33.35 -0.07 -38.63
C GLY A 300 -34.20 -1.25 -39.07
N ALA A 301 -34.57 -2.11 -38.12
CA ALA A 301 -35.44 -3.23 -38.44
C ALA A 301 -36.81 -2.74 -38.91
N TYR A 302 -37.32 -1.69 -38.28
CA TYR A 302 -38.60 -1.12 -38.68
C TYR A 302 -38.52 -0.51 -40.08
N ALA A 303 -37.41 0.14 -40.41
CA ALA A 303 -37.21 0.67 -41.75
C ALA A 303 -37.18 -0.44 -42.78
N MET A 304 -36.52 -1.56 -42.44
CA MET A 304 -36.54 -2.71 -43.33
C MET A 304 -37.96 -3.28 -43.49
N ASP A 305 -38.74 -3.32 -42.41
CA ASP A 305 -40.13 -3.75 -42.51
C ASP A 305 -40.91 -2.86 -43.46
N CYS A 306 -40.72 -1.55 -43.35
CA CYS A 306 -41.40 -0.62 -44.23
C CYS A 306 -40.98 -0.81 -45.68
N HIS A 307 -39.68 -1.03 -45.91
CA HIS A 307 -39.21 -1.30 -47.27
C HIS A 307 -39.82 -2.57 -47.83
N PHE A 308 -39.91 -3.62 -47.00
CA PHE A 308 -40.52 -4.87 -47.43
C PHE A 308 -42.00 -4.68 -47.76
N ARG A 309 -42.71 -3.91 -46.96
CA ARG A 309 -44.15 -3.74 -47.15
C ARG A 309 -44.48 -2.80 -48.32
N ARG A 310 -43.63 -1.81 -48.59
CA ARG A 310 -43.98 -0.77 -49.54
C ARG A 310 -43.39 -0.96 -50.93
N GLU A 311 -42.28 -1.67 -51.06
CA GLU A 311 -41.58 -1.64 -52.32
C GLU A 311 -42.20 -2.61 -53.33
N PRO A 312 -42.14 -2.29 -54.62
CA PRO A 312 -42.47 -3.27 -55.65
C PRO A 312 -41.49 -4.42 -55.62
N PHE A 313 -41.97 -5.60 -56.03
CA PHE A 313 -41.16 -6.81 -55.91
C PHE A 313 -39.87 -6.74 -56.72
N GLU A 314 -39.83 -5.92 -57.76
CA GLU A 314 -38.60 -5.78 -58.55
C GLU A 314 -37.52 -5.01 -57.81
N ASN A 315 -37.89 -4.21 -56.80
CA ASN A 315 -36.93 -3.50 -55.97
C ASN A 315 -37.07 -3.85 -54.50
N ASN A 316 -37.75 -4.96 -54.20
CA ASN A 316 -37.94 -5.42 -52.84
C ASN A 316 -36.78 -6.35 -52.48
N MET A 317 -35.86 -5.87 -51.64
CA MET A 317 -34.68 -6.65 -51.30
C MET A 317 -35.01 -7.99 -50.66
N PRO A 318 -35.87 -8.08 -49.63
CA PRO A 318 -36.22 -9.41 -49.10
C PRO A 318 -36.84 -10.31 -50.15
N VAL A 319 -37.72 -9.78 -50.99
CA VAL A 319 -38.37 -10.59 -52.01
C VAL A 319 -37.38 -11.04 -53.07
N LEU A 320 -36.45 -10.15 -53.46
CA LEU A 320 -35.44 -10.54 -54.42
C LEU A 320 -34.53 -11.63 -53.88
N LEU A 321 -34.09 -11.49 -52.63
CA LEU A 321 -33.24 -12.52 -52.03
C LEU A 321 -33.97 -13.85 -51.92
N ALA A 322 -35.24 -13.82 -51.48
CA ALA A 322 -36.01 -15.04 -51.35
C ALA A 322 -36.26 -15.68 -52.70
N MET A 323 -36.53 -14.88 -53.73
CA MET A 323 -36.79 -15.43 -55.04
C MET A 323 -35.53 -16.02 -55.66
N LEU A 324 -34.38 -15.38 -55.44
CA LEU A 324 -33.12 -15.97 -55.89
C LEU A 324 -32.85 -17.29 -55.18
N GLY A 325 -33.14 -17.36 -53.88
CA GLY A 325 -33.00 -18.60 -53.16
C GLY A 325 -33.91 -19.70 -53.68
N VAL A 326 -35.18 -19.36 -53.93
CA VAL A 326 -36.12 -20.31 -54.49
C VAL A 326 -35.65 -20.77 -55.87
N TRP A 327 -35.19 -19.83 -56.69
CA TRP A 327 -34.67 -20.14 -58.02
C TRP A 327 -33.55 -21.18 -57.94
N TYR A 328 -32.54 -20.92 -57.11
CA TYR A 328 -31.39 -21.80 -57.07
C TYR A 328 -31.70 -23.12 -56.37
N GLY A 329 -32.59 -23.12 -55.37
CA GLY A 329 -32.89 -24.35 -54.66
C GLY A 329 -33.91 -25.24 -55.32
N ASN A 330 -34.76 -24.69 -56.18
CA ASN A 330 -35.83 -25.46 -56.79
C ASN A 330 -35.65 -25.68 -58.28
N PHE A 331 -34.75 -24.95 -58.94
CA PHE A 331 -34.54 -25.12 -60.36
C PHE A 331 -33.10 -25.42 -60.74
N TRP A 332 -32.15 -25.21 -59.83
CA TRP A 332 -30.76 -25.55 -60.08
C TRP A 332 -30.23 -26.58 -59.10
N GLY A 333 -31.05 -27.06 -58.18
CA GLY A 333 -30.66 -28.12 -57.26
C GLY A 333 -29.58 -27.76 -56.27
N ALA A 334 -29.59 -26.53 -55.77
CA ALA A 334 -28.63 -26.11 -54.74
C ALA A 334 -29.22 -26.42 -53.38
N GLN A 335 -28.50 -27.21 -52.58
CA GLN A 335 -28.98 -27.65 -51.28
C GLN A 335 -28.38 -26.86 -50.13
N SER A 336 -27.50 -25.90 -50.40
CA SER A 336 -26.88 -25.11 -49.34
C SER A 336 -26.69 -23.69 -49.83
N HIS A 337 -26.55 -22.78 -48.87
CA HIS A 337 -26.39 -21.36 -49.16
C HIS A 337 -25.34 -20.80 -48.20
N ALA A 338 -24.24 -20.29 -48.75
CA ALA A 338 -23.15 -19.76 -47.95
C ALA A 338 -23.38 -18.30 -47.61
N ILE A 339 -23.11 -17.93 -46.37
CA ILE A 339 -23.17 -16.55 -45.91
C ILE A 339 -21.77 -16.15 -45.48
N LEU A 340 -21.21 -15.14 -46.14
CA LEU A 340 -19.82 -14.73 -45.95
C LEU A 340 -19.79 -13.26 -45.56
N PRO A 341 -19.86 -12.96 -44.25
CA PRO A 341 -19.73 -11.57 -43.81
C PRO A 341 -18.27 -11.19 -43.65
N TYR A 342 -17.83 -10.20 -44.43
CA TYR A 342 -16.44 -9.73 -44.38
C TYR A 342 -16.32 -8.63 -43.32
N ASP A 343 -16.51 -9.04 -42.07
CA ASP A 343 -16.40 -8.16 -40.93
C ASP A 343 -16.20 -9.03 -39.71
N HIS A 344 -15.14 -8.73 -38.94
CA HIS A 344 -14.82 -9.54 -37.77
C HIS A 344 -15.94 -9.51 -36.74
N TYR A 345 -16.65 -8.37 -36.62
CA TYR A 345 -17.75 -8.28 -35.68
C TYR A 345 -18.96 -9.08 -36.10
N LEU A 346 -19.10 -9.36 -37.40
CA LEU A 346 -20.24 -10.10 -37.92
C LEU A 346 -19.93 -11.59 -38.09
N ARG A 347 -18.91 -12.10 -37.40
CA ARG A 347 -18.53 -13.50 -37.58
C ARG A 347 -19.60 -14.46 -37.08
N ASN A 348 -20.39 -14.05 -36.09
CA ASN A 348 -21.45 -14.88 -35.55
C ASN A 348 -22.78 -14.69 -36.26
N PHE A 349 -22.78 -13.97 -37.39
CA PHE A 349 -24.01 -13.77 -38.14
C PHE A 349 -24.55 -15.08 -38.68
N VAL A 350 -23.64 -15.97 -39.09
CA VAL A 350 -24.05 -17.22 -39.72
C VAL A 350 -24.80 -18.12 -38.75
N LYS A 351 -24.45 -18.11 -37.47
CA LYS A 351 -25.14 -18.96 -36.51
C LYS A 351 -26.60 -18.54 -36.35
N HIS A 352 -26.83 -17.24 -36.16
CA HIS A 352 -28.21 -16.75 -36.05
C HIS A 352 -28.96 -16.97 -37.36
N LEU A 353 -28.30 -16.77 -38.50
CA LEU A 353 -28.95 -17.03 -39.78
C LEU A 353 -29.30 -18.51 -39.91
N GLN A 354 -28.42 -19.39 -39.42
CA GLN A 354 -28.70 -20.82 -39.43
C GLN A 354 -29.96 -21.13 -38.65
N GLN A 355 -30.04 -20.65 -37.42
CA GLN A 355 -31.26 -20.88 -36.65
C GLN A 355 -32.48 -20.33 -37.38
N MET A 356 -32.41 -19.05 -37.75
CA MET A 356 -33.56 -18.35 -38.32
C MET A 356 -34.07 -19.03 -39.57
N ASP A 357 -33.16 -19.41 -40.48
CA ASP A 357 -33.58 -19.98 -41.75
C ASP A 357 -33.91 -21.46 -41.61
N MET A 358 -33.04 -22.24 -40.96
CA MET A 358 -33.17 -23.69 -40.97
C MET A 358 -34.28 -24.17 -40.03
N GLU A 359 -34.46 -23.54 -38.88
CA GLU A 359 -35.55 -23.95 -38.01
C GLU A 359 -36.91 -23.53 -38.55
N SER A 360 -36.95 -22.52 -39.41
CA SER A 360 -38.19 -22.01 -39.97
C SER A 360 -38.58 -22.73 -41.26
N ASN A 361 -37.67 -22.84 -42.21
CA ASN A 361 -37.97 -23.39 -43.53
C ASN A 361 -37.59 -24.86 -43.65
N GLY A 362 -37.07 -25.47 -42.59
CA GLY A 362 -36.81 -26.90 -42.61
C GLY A 362 -38.06 -27.70 -42.37
N LYS A 363 -38.97 -27.67 -43.33
CA LYS A 363 -40.27 -28.29 -43.20
C LYS A 363 -40.54 -29.16 -44.42
N SER A 364 -41.42 -30.15 -44.25
CA SER A 364 -41.79 -31.05 -45.34
C SER A 364 -43.30 -31.23 -45.45
N VAL A 365 -44.09 -30.43 -44.75
CA VAL A 365 -45.53 -30.38 -44.94
C VAL A 365 -45.94 -28.93 -45.11
N ARG A 366 -47.04 -28.72 -45.83
CA ARG A 366 -47.54 -27.37 -46.09
C ARG A 366 -48.29 -26.86 -44.85
N GLN A 367 -48.91 -25.69 -44.98
CA GLN A 367 -49.61 -25.11 -43.83
C GLN A 367 -50.80 -25.95 -43.41
N ASP A 368 -51.42 -26.65 -44.36
CA ASP A 368 -52.57 -27.50 -44.05
C ASP A 368 -52.18 -28.93 -43.69
N GLY A 369 -50.90 -29.28 -43.81
CA GLY A 369 -50.44 -30.62 -43.50
C GLY A 369 -50.15 -31.48 -44.71
N SER A 370 -50.46 -31.02 -45.91
CA SER A 370 -50.16 -31.79 -47.10
C SER A 370 -48.65 -31.80 -47.35
N PRO A 371 -48.13 -32.89 -47.90
CA PRO A 371 -46.69 -32.94 -48.19
C PRO A 371 -46.29 -31.87 -49.20
N VAL A 372 -45.08 -31.34 -49.03
CA VAL A 372 -44.58 -30.34 -49.96
C VAL A 372 -44.28 -31.00 -51.30
N SER A 373 -44.27 -30.18 -52.35
CA SER A 373 -44.02 -30.65 -53.71
C SER A 373 -42.69 -30.17 -54.25
N CYS A 374 -41.81 -29.65 -53.40
CA CYS A 374 -40.53 -29.14 -53.85
C CYS A 374 -39.56 -29.17 -52.67
N GLU A 375 -38.31 -28.78 -52.94
CA GLU A 375 -37.32 -28.63 -51.89
C GLU A 375 -37.59 -27.34 -51.12
N THR A 376 -37.64 -27.44 -49.79
CA THR A 376 -37.96 -26.32 -48.92
C THR A 376 -36.87 -26.18 -47.87
N GLY A 377 -35.97 -25.22 -48.04
CA GLY A 377 -35.02 -24.88 -47.00
C GLY A 377 -33.67 -25.53 -47.16
N PRO A 378 -32.67 -24.75 -47.55
CA PRO A 378 -31.32 -25.30 -47.71
C PRO A 378 -30.54 -25.31 -46.40
N VAL A 379 -29.29 -25.76 -46.47
CA VAL A 379 -28.38 -25.65 -45.35
C VAL A 379 -27.74 -24.27 -45.40
N ILE A 380 -27.77 -23.57 -44.27
CA ILE A 380 -27.09 -22.28 -44.13
C ILE A 380 -25.74 -22.54 -43.49
N TRP A 381 -24.69 -22.02 -44.10
CA TRP A 381 -23.34 -22.21 -43.60
C TRP A 381 -22.50 -21.02 -44.06
N GLY A 382 -21.24 -21.00 -43.62
CA GLY A 382 -20.35 -19.93 -43.99
C GLY A 382 -19.44 -19.53 -42.84
N GLY A 383 -18.99 -18.29 -42.85
CA GLY A 383 -18.10 -17.83 -41.81
C GLY A 383 -17.54 -16.46 -42.15
N VAL A 384 -16.76 -15.94 -41.20
CA VAL A 384 -16.26 -14.58 -41.30
C VAL A 384 -15.36 -14.44 -42.54
N GLY A 385 -15.41 -13.26 -43.14
CA GLY A 385 -14.74 -13.05 -44.40
C GLY A 385 -13.24 -12.88 -44.26
N CYS A 386 -12.54 -13.25 -45.34
CA CYS A 386 -11.10 -13.26 -45.48
C CYS A 386 -10.49 -14.41 -44.69
N ASN A 387 -11.30 -15.09 -43.89
CA ASN A 387 -10.87 -16.30 -43.22
C ASN A 387 -11.28 -17.55 -43.96
N GLY A 388 -12.44 -17.51 -44.63
CA GLY A 388 -12.90 -18.62 -45.43
C GLY A 388 -12.24 -18.75 -46.77
N GLN A 389 -11.54 -17.72 -47.25
CA GLN A 389 -10.80 -17.84 -48.49
C GLN A 389 -9.70 -18.88 -48.38
N HIS A 390 -9.04 -18.92 -47.23
CA HIS A 390 -7.99 -19.89 -46.97
C HIS A 390 -8.52 -21.16 -46.31
N ALA A 391 -9.83 -21.27 -46.14
CA ALA A 391 -10.42 -22.43 -45.49
C ALA A 391 -11.29 -23.25 -46.44
N TYR A 392 -12.31 -22.65 -47.05
CA TYR A 392 -13.27 -23.43 -47.82
C TYR A 392 -13.69 -22.78 -49.13
N HIS A 393 -13.21 -21.57 -49.45
CA HIS A 393 -13.55 -20.97 -50.73
C HIS A 393 -12.98 -21.74 -51.90
N GLN A 394 -12.02 -22.63 -51.65
CA GLN A 394 -11.50 -23.50 -52.69
C GLN A 394 -12.61 -24.38 -53.26
N LEU A 395 -13.47 -24.91 -52.40
CA LEU A 395 -14.61 -25.70 -52.86
C LEU A 395 -15.59 -24.84 -53.63
N LEU A 396 -15.78 -23.59 -53.21
CA LEU A 396 -16.65 -22.69 -53.96
C LEU A 396 -16.12 -22.42 -55.36
N HIS A 397 -14.81 -22.22 -55.48
CA HIS A 397 -14.21 -21.87 -56.76
C HIS A 397 -14.10 -23.09 -57.69
N GLN A 398 -13.68 -24.24 -57.17
CA GLN A 398 -13.34 -25.37 -58.03
C GLN A 398 -14.09 -26.65 -57.70
N GLY A 399 -15.06 -26.61 -56.81
CA GLY A 399 -15.80 -27.81 -56.48
C GLY A 399 -16.82 -28.16 -57.54
N THR A 400 -17.62 -29.18 -57.23
CA THR A 400 -18.66 -29.65 -58.12
C THR A 400 -20.06 -29.28 -57.65
N LEU A 401 -20.18 -28.42 -56.65
CA LEU A 401 -21.46 -28.05 -56.07
C LEU A 401 -21.83 -26.62 -56.46
N LEU A 402 -23.13 -26.39 -56.61
CA LEU A 402 -23.66 -25.04 -56.78
C LEU A 402 -24.05 -24.51 -55.42
N ILE A 403 -23.26 -23.56 -54.91
CA ILE A 403 -23.52 -22.97 -53.60
C ILE A 403 -23.64 -21.46 -53.77
N PRO A 404 -24.86 -20.91 -53.82
CA PRO A 404 -25.00 -19.45 -53.84
C PRO A 404 -24.43 -18.84 -52.58
N ALA A 405 -23.73 -17.72 -52.75
CA ALA A 405 -23.03 -17.04 -51.67
C ALA A 405 -23.59 -15.64 -51.48
N ASP A 406 -23.70 -15.23 -50.22
CA ASP A 406 -24.13 -13.89 -49.84
C ASP A 406 -22.95 -13.21 -49.16
N PHE A 407 -22.27 -12.33 -49.89
CA PHE A 407 -21.18 -11.55 -49.33
C PHE A 407 -21.73 -10.32 -48.62
N ILE A 408 -21.22 -10.06 -47.43
CA ILE A 408 -21.62 -8.90 -46.64
C ILE A 408 -20.36 -8.16 -46.20
N VAL A 409 -20.28 -6.87 -46.52
CA VAL A 409 -19.09 -6.07 -46.21
C VAL A 409 -19.49 -4.62 -45.98
N PRO A 410 -18.87 -3.93 -45.03
CA PRO A 410 -19.04 -2.48 -44.93
C PRO A 410 -17.94 -1.72 -45.68
N VAL A 411 -18.22 -0.45 -45.93
CA VAL A 411 -17.23 0.41 -46.57
C VAL A 411 -16.28 1.04 -45.55
N VAL A 412 -16.77 1.33 -44.35
CA VAL A 412 -15.99 2.02 -43.31
C VAL A 412 -15.75 1.06 -42.16
N SER A 413 -14.52 1.06 -41.65
CA SER A 413 -14.14 0.23 -40.51
C SER A 413 -14.11 1.07 -39.24
N HIS A 414 -14.60 0.49 -38.15
CA HIS A 414 -14.59 1.19 -36.87
C HIS A 414 -13.19 1.30 -36.29
N ASN A 415 -12.33 0.32 -36.55
CA ASN A 415 -10.95 0.31 -36.06
C ASN A 415 -10.02 0.15 -37.25
N PRO A 416 -9.77 1.22 -37.99
CA PRO A 416 -8.86 1.12 -39.14
C PRO A 416 -7.43 0.90 -38.69
N VAL A 417 -6.74 -0.01 -39.37
CA VAL A 417 -5.34 -0.33 -39.10
C VAL A 417 -4.63 -0.27 -40.44
N ALA A 418 -4.00 0.87 -40.73
CA ALA A 418 -3.31 1.11 -42.00
C ALA A 418 -4.32 0.90 -43.12
N ASP A 419 -3.99 0.15 -44.17
CA ASP A 419 -4.90 -0.10 -45.29
C ASP A 419 -5.56 -1.47 -45.20
N HIS A 420 -5.83 -1.94 -43.99
CA HIS A 420 -6.36 -3.30 -43.82
C HIS A 420 -7.79 -3.41 -44.32
N HIS A 421 -8.61 -2.36 -44.11
CA HIS A 421 -9.99 -2.45 -44.56
C HIS A 421 -10.12 -2.30 -46.07
N GLN A 422 -9.22 -1.54 -46.69
CA GLN A 422 -9.19 -1.51 -48.15
C GLN A 422 -8.90 -2.90 -48.70
N TRP A 423 -7.98 -3.63 -48.06
CA TRP A 423 -7.68 -4.98 -48.48
C TRP A 423 -8.83 -5.94 -48.20
N LEU A 424 -9.53 -5.75 -47.07
CA LEU A 424 -10.69 -6.57 -46.77
C LEU A 424 -11.79 -6.38 -47.83
N TYR A 425 -12.07 -5.13 -48.17
CA TYR A 425 -13.05 -4.82 -49.20
C TYR A 425 -12.62 -5.39 -50.55
N ALA A 426 -11.34 -5.24 -50.89
CA ALA A 426 -10.83 -5.78 -52.14
C ALA A 426 -10.93 -7.30 -52.17
N ASN A 427 -10.68 -7.96 -51.04
CA ASN A 427 -10.78 -9.41 -50.97
C ASN A 427 -12.22 -9.87 -51.16
N CYS A 428 -13.18 -9.18 -50.53
CA CYS A 428 -14.59 -9.53 -50.74
C CYS A 428 -14.98 -9.35 -52.20
N LEU A 429 -14.64 -8.21 -52.78
CA LEU A 429 -15.00 -7.94 -54.17
C LEU A 429 -14.34 -8.92 -55.12
N SER A 430 -13.09 -9.27 -54.85
CA SER A 430 -12.35 -10.20 -55.69
C SER A 430 -12.89 -11.61 -55.57
N GLN A 431 -13.33 -12.01 -54.38
CA GLN A 431 -13.96 -13.32 -54.25
C GLN A 431 -15.24 -13.39 -55.06
N SER A 432 -16.07 -12.34 -54.99
CA SER A 432 -17.28 -12.33 -55.81
C SER A 432 -16.94 -12.36 -57.31
N GLN A 433 -15.94 -11.56 -57.71
CA GLN A 433 -15.60 -11.47 -59.12
C GLN A 433 -14.98 -12.77 -59.64
N ALA A 434 -14.19 -13.45 -58.81
CA ALA A 434 -13.63 -14.74 -59.19
C ALA A 434 -14.71 -15.81 -59.26
N LEU A 435 -15.70 -15.74 -58.36
CA LEU A 435 -16.82 -16.66 -58.45
C LEU A 435 -17.57 -16.48 -59.76
N MET A 436 -17.81 -15.23 -60.16
CA MET A 436 -18.58 -14.99 -61.38
C MET A 436 -17.75 -15.31 -62.63
N LEU A 437 -16.49 -14.89 -62.67
CA LEU A 437 -15.69 -14.97 -63.89
C LEU A 437 -15.09 -16.36 -64.07
N GLY A 438 -14.26 -16.80 -63.13
CA GLY A 438 -13.49 -18.00 -63.31
C GLY A 438 -12.28 -17.77 -64.19
N LYS A 439 -11.52 -18.84 -64.38
CA LYS A 439 -10.33 -18.81 -65.21
C LYS A 439 -10.38 -19.99 -66.18
N SER A 440 -10.44 -19.69 -67.47
CA SER A 440 -10.60 -20.73 -68.47
C SER A 440 -9.25 -21.42 -68.74
N ARG A 441 -9.29 -22.43 -69.60
CA ARG A 441 -8.07 -23.12 -70.01
C ARG A 441 -7.11 -22.17 -70.72
N GLU A 442 -7.65 -21.31 -71.58
CA GLU A 442 -6.82 -20.38 -72.34
C GLU A 442 -6.10 -19.40 -71.40
N GLU A 443 -6.82 -18.85 -70.42
CA GLU A 443 -6.19 -17.91 -69.50
C GLU A 443 -5.11 -18.58 -68.66
N ALA A 444 -5.38 -19.79 -68.17
CA ALA A 444 -4.39 -20.50 -67.38
C ALA A 444 -3.16 -20.83 -68.21
N GLU A 445 -3.37 -21.29 -69.45
CA GLU A 445 -2.24 -21.59 -70.33
C GLU A 445 -1.43 -20.33 -70.63
N ALA A 446 -2.12 -19.21 -70.87
CA ALA A 446 -1.41 -17.96 -71.15
C ALA A 446 -0.59 -17.50 -69.95
N GLU A 447 -1.15 -17.64 -68.74
CA GLU A 447 -0.39 -17.26 -67.55
C GLU A 447 0.82 -18.17 -67.36
N LEU A 448 0.64 -19.47 -67.59
CA LEU A 448 1.77 -20.39 -67.45
C LEU A 448 2.85 -20.09 -68.48
N ARG A 449 2.46 -19.75 -69.71
CA ARG A 449 3.43 -19.38 -70.73
C ARG A 449 4.14 -18.09 -70.36
N ALA A 450 3.41 -17.11 -69.82
CA ALA A 450 4.03 -15.87 -69.38
C ALA A 450 5.00 -16.13 -68.23
N LYS A 451 4.76 -17.18 -67.44
CA LYS A 451 5.72 -17.58 -66.42
C LYS A 451 6.91 -18.31 -67.00
N GLY A 452 6.90 -18.65 -68.28
CA GLY A 452 8.04 -19.26 -68.94
C GLY A 452 8.11 -20.77 -68.83
N LEU A 453 7.06 -21.43 -68.36
CA LEU A 453 7.10 -22.88 -68.23
C LEU A 453 7.11 -23.55 -69.61
N PRO A 454 7.78 -24.68 -69.73
CA PRO A 454 7.78 -25.43 -71.01
C PRO A 454 6.37 -25.82 -71.41
N GLU A 455 6.24 -26.22 -72.68
CA GLU A 455 4.93 -26.57 -73.22
C GLU A 455 4.34 -27.79 -72.51
N ALA A 456 5.16 -28.81 -72.24
CA ALA A 456 4.67 -29.98 -71.53
C ALA A 456 4.21 -29.62 -70.13
N GLU A 457 4.99 -28.80 -69.43
CA GLU A 457 4.59 -28.35 -68.10
C GLU A 457 3.32 -27.51 -68.17
N VAL A 458 3.21 -26.68 -69.20
CA VAL A 458 2.01 -25.84 -69.36
C VAL A 458 0.78 -26.72 -69.51
N LYS A 459 0.85 -27.72 -70.38
CA LYS A 459 -0.30 -28.59 -70.61
C LYS A 459 -0.56 -29.52 -69.43
N ARG A 460 0.46 -29.80 -68.62
CA ARG A 460 0.24 -30.60 -67.41
C ARG A 460 -0.45 -29.79 -66.33
N LEU A 461 -0.08 -28.51 -66.17
CA LEU A 461 -0.57 -27.71 -65.07
C LEU A 461 -1.86 -26.96 -65.39
N ALA A 462 -2.17 -26.73 -66.67
CA ALA A 462 -3.32 -25.90 -67.01
C ALA A 462 -4.65 -26.43 -66.49
N PRO A 463 -5.01 -27.72 -66.66
CA PRO A 463 -6.33 -28.17 -66.20
C PRO A 463 -6.55 -28.00 -64.71
N HIS A 464 -5.48 -28.05 -63.90
CA HIS A 464 -5.63 -27.93 -62.46
C HIS A 464 -5.89 -26.50 -62.02
N LYS A 465 -5.43 -25.52 -62.78
CA LYS A 465 -5.62 -24.11 -62.44
C LYS A 465 -6.95 -23.55 -62.95
N VAL A 466 -7.69 -24.32 -63.74
CA VAL A 466 -8.92 -23.80 -64.34
C VAL A 466 -10.00 -23.69 -63.27
N ILE A 467 -10.56 -22.50 -63.15
CA ILE A 467 -11.72 -22.25 -62.29
C ILE A 467 -12.94 -22.14 -63.20
N PRO A 468 -13.96 -22.98 -63.02
CA PRO A 468 -15.11 -22.93 -63.95
C PRO A 468 -15.81 -21.58 -64.00
N GLY A 469 -15.90 -20.88 -62.87
CA GLY A 469 -16.66 -19.65 -62.83
C GLY A 469 -18.15 -19.92 -62.82
N ASN A 470 -18.91 -18.85 -63.09
CA ASN A 470 -20.36 -18.89 -63.17
C ASN A 470 -21.01 -19.29 -61.84
N ARG A 471 -20.35 -18.95 -60.73
CA ARG A 471 -20.90 -19.21 -59.41
C ARG A 471 -21.70 -18.00 -58.93
N PRO A 472 -23.00 -18.12 -58.73
CA PRO A 472 -23.79 -16.96 -58.33
C PRO A 472 -23.43 -16.44 -56.95
N SER A 473 -23.57 -15.13 -56.78
CA SER A 473 -23.32 -14.51 -55.48
C SER A 473 -24.14 -13.23 -55.37
N ASN A 474 -24.44 -12.86 -54.13
CA ASN A 474 -25.05 -11.59 -53.80
C ASN A 474 -24.08 -10.82 -52.92
N THR A 475 -24.04 -9.50 -53.09
CA THR A 475 -23.22 -8.65 -52.24
C THR A 475 -24.12 -7.68 -51.50
N LEU A 476 -23.99 -7.64 -50.18
CA LEU A 476 -24.68 -6.66 -49.35
C LEU A 476 -23.63 -5.71 -48.79
N VAL A 477 -23.77 -4.43 -49.12
CA VAL A 477 -22.81 -3.43 -48.71
C VAL A 477 -23.51 -2.41 -47.82
N MET A 478 -22.77 -1.94 -46.81
CA MET A 478 -23.21 -0.85 -45.95
C MET A 478 -22.08 0.17 -45.90
N GLU A 479 -22.42 1.41 -45.55
CA GLU A 479 -21.38 2.38 -45.25
C GLU A 479 -20.63 1.99 -43.98
N THR A 480 -21.36 1.71 -42.91
CA THR A 480 -20.78 1.27 -41.65
C THR A 480 -21.76 0.30 -41.00
N LEU A 481 -21.24 -0.59 -40.15
CA LEU A 481 -22.09 -1.50 -39.40
C LEU A 481 -22.44 -0.85 -38.07
N ASN A 482 -23.50 -0.07 -38.08
CA ASN A 482 -24.07 0.55 -36.91
C ASN A 482 -25.32 -0.21 -36.46
N PRO A 483 -25.87 0.11 -35.29
CA PRO A 483 -27.09 -0.61 -34.87
C PRO A 483 -28.23 -0.55 -35.87
N SER A 484 -28.42 0.59 -36.53
CA SER A 484 -29.52 0.73 -37.47
C SER A 484 -29.37 -0.20 -38.66
N ARG A 485 -28.18 -0.23 -39.26
CA ARG A 485 -27.99 -1.06 -40.45
C ARG A 485 -27.92 -2.54 -40.10
N LEU A 486 -27.43 -2.88 -38.91
CA LEU A 486 -27.48 -4.28 -38.46
C LEU A 486 -28.92 -4.72 -38.26
N GLY A 487 -29.75 -3.87 -37.67
CA GLY A 487 -31.17 -4.20 -37.54
C GLY A 487 -31.83 -4.37 -38.89
N ALA A 488 -31.50 -3.51 -39.84
CA ALA A 488 -32.02 -3.65 -41.20
C ALA A 488 -31.59 -4.96 -41.83
N LEU A 489 -30.33 -5.36 -41.63
CA LEU A 489 -29.83 -6.61 -42.19
C LEU A 489 -30.57 -7.81 -41.60
N ILE A 490 -30.73 -7.84 -40.29
CA ILE A 490 -31.42 -8.96 -39.64
C ILE A 490 -32.86 -9.03 -40.10
N ALA A 491 -33.55 -7.88 -40.15
CA ALA A 491 -34.94 -7.88 -40.61
C ALA A 491 -35.06 -8.30 -42.07
N LEU A 492 -34.08 -7.91 -42.89
CA LEU A 492 -34.09 -8.32 -44.29
C LEU A 492 -34.00 -9.83 -44.43
N TYR A 493 -33.13 -10.46 -43.63
CA TYR A 493 -33.05 -11.91 -43.70
C TYR A 493 -34.28 -12.60 -43.12
N GLU A 494 -34.88 -12.01 -42.07
CA GLU A 494 -36.14 -12.54 -41.55
C GLU A 494 -37.22 -12.52 -42.62
N HIS A 495 -37.35 -11.40 -43.34
CA HIS A 495 -38.37 -11.29 -44.37
C HIS A 495 -38.06 -12.19 -45.55
N LYS A 496 -36.79 -12.40 -45.88
CA LYS A 496 -36.44 -13.35 -46.93
C LYS A 496 -36.87 -14.76 -46.56
N VAL A 497 -36.63 -15.15 -45.31
CA VAL A 497 -37.08 -16.47 -44.83
C VAL A 497 -38.60 -16.57 -44.92
N PHE A 498 -39.30 -15.50 -44.51
CA PHE A 498 -40.76 -15.52 -44.57
C PHE A 498 -41.26 -15.69 -46.01
N VAL A 499 -40.67 -14.95 -46.94
CA VAL A 499 -41.12 -15.02 -48.34
C VAL A 499 -40.86 -16.40 -48.91
N GLN A 500 -39.70 -16.99 -48.61
CA GLN A 500 -39.42 -18.34 -49.08
C GLN A 500 -40.42 -19.35 -48.52
N GLY A 501 -40.72 -19.24 -47.23
CA GLY A 501 -41.72 -20.12 -46.64
C GLY A 501 -43.10 -19.94 -47.24
N VAL A 502 -43.45 -18.71 -47.62
CA VAL A 502 -44.73 -18.46 -48.29
C VAL A 502 -44.73 -19.11 -49.66
N ILE A 503 -43.64 -19.00 -50.40
CA ILE A 503 -43.56 -19.61 -51.72
C ILE A 503 -43.69 -21.12 -51.62
N TRP A 504 -42.99 -21.74 -50.67
CA TRP A 504 -43.07 -23.18 -50.50
C TRP A 504 -44.37 -23.64 -49.86
N GLY A 505 -45.17 -22.71 -49.34
CA GLY A 505 -46.44 -23.08 -48.75
C GLY A 505 -46.34 -23.67 -47.36
N ILE A 506 -45.23 -23.44 -46.66
CA ILE A 506 -44.96 -24.09 -45.39
C ILE A 506 -45.17 -23.10 -44.26
N ASN A 507 -45.15 -23.61 -43.03
CA ASN A 507 -45.23 -22.79 -41.83
C ASN A 507 -43.82 -22.49 -41.36
N SER A 508 -43.44 -21.20 -41.40
CA SER A 508 -42.10 -20.77 -41.03
C SER A 508 -41.99 -20.42 -39.55
N PHE A 509 -43.03 -20.64 -38.76
CA PHE A 509 -43.05 -20.17 -37.39
C PHE A 509 -43.32 -21.28 -36.37
N ASP A 510 -43.45 -22.52 -36.79
CA ASP A 510 -43.57 -23.65 -35.89
C ASP A 510 -42.29 -24.49 -35.94
N GLN A 511 -42.01 -25.19 -34.84
CA GLN A 511 -40.89 -26.12 -34.77
C GLN A 511 -41.41 -27.40 -34.11
N TRP A 512 -41.96 -28.30 -34.93
CA TRP A 512 -42.48 -29.56 -34.43
C TRP A 512 -41.48 -30.69 -34.54
N GLY A 513 -40.35 -30.47 -35.19
CA GLY A 513 -39.31 -31.47 -35.35
C GLY A 513 -38.33 -31.56 -34.21
N VAL A 514 -38.64 -30.93 -33.07
CA VAL A 514 -37.75 -30.94 -31.91
C VAL A 514 -38.35 -31.63 -30.71
N GLU A 515 -39.56 -32.18 -30.82
CA GLU A 515 -40.21 -32.83 -29.70
C GLU A 515 -39.80 -34.29 -29.55
N LEU A 516 -39.68 -35.01 -30.67
CA LEU A 516 -39.28 -36.42 -30.61
C LEU A 516 -37.92 -36.58 -29.97
N GLY A 517 -36.98 -35.70 -30.31
CA GLY A 517 -35.67 -35.74 -29.68
C GLY A 517 -35.75 -35.54 -28.18
N LYS A 518 -36.66 -34.67 -27.73
CA LYS A 518 -36.83 -34.44 -26.30
C LYS A 518 -37.37 -35.69 -25.59
N GLU A 519 -38.40 -36.32 -26.16
CA GLU A 519 -38.95 -37.52 -25.53
C GLU A 519 -37.90 -38.63 -25.49
N LEU A 520 -37.19 -38.83 -26.61
CA LEU A 520 -36.15 -39.84 -26.64
C LEU A 520 -35.01 -39.49 -25.70
N GLY A 521 -34.77 -38.20 -25.46
CA GLY A 521 -33.76 -37.80 -24.50
C GLY A 521 -34.12 -38.20 -23.08
N LYS A 522 -35.39 -37.99 -22.71
CA LYS A 522 -35.83 -38.47 -21.40
C LYS A 522 -35.69 -39.98 -21.28
N ASN A 523 -36.08 -40.71 -22.33
CA ASN A 523 -35.96 -42.16 -22.30
C ASN A 523 -34.51 -42.60 -22.16
N VAL A 524 -33.61 -41.99 -22.93
CA VAL A 524 -32.21 -42.38 -22.92
C VAL A 524 -31.56 -42.02 -21.60
N TYR A 525 -31.93 -40.87 -21.02
CA TYR A 525 -31.39 -40.50 -19.71
C TYR A 525 -31.84 -41.49 -18.63
N GLY A 526 -33.12 -41.85 -18.64
CA GLY A 526 -33.60 -42.84 -17.69
C GLY A 526 -32.89 -44.18 -17.86
N ARG A 527 -32.57 -44.54 -19.09
CA ARG A 527 -31.81 -45.76 -19.34
C ARG A 527 -30.37 -45.64 -18.87
N LEU A 528 -29.75 -44.48 -19.03
CA LEU A 528 -28.37 -44.29 -18.63
C LEU A 528 -28.22 -44.34 -17.11
N THR A 529 -29.15 -43.74 -16.39
CA THR A 529 -28.96 -43.60 -14.94
C THR A 529 -29.46 -44.81 -14.15
N SER A 530 -30.63 -45.34 -14.48
CA SER A 530 -31.21 -46.42 -13.70
C SER A 530 -30.43 -47.72 -13.90
N TYR A 531 -30.53 -48.61 -12.90
CA TYR A 531 -29.79 -49.86 -12.93
C TYR A 531 -30.50 -50.91 -13.77
N GLU A 532 -31.70 -51.30 -13.38
CA GLU A 532 -32.47 -52.32 -14.09
C GLU A 532 -33.47 -51.61 -15.00
N ALA A 533 -33.01 -51.25 -16.19
CA ALA A 533 -33.82 -50.59 -17.20
C ALA A 533 -34.06 -51.52 -18.38
N PRO A 534 -35.20 -51.40 -19.05
CA PRO A 534 -35.47 -52.25 -20.22
C PRO A 534 -34.53 -51.91 -21.36
N PRO A 535 -34.42 -52.78 -22.36
CA PRO A 535 -33.60 -52.44 -23.53
C PRO A 535 -34.18 -51.26 -24.29
N ALA A 536 -33.31 -50.53 -24.98
CA ALA A 536 -33.75 -49.42 -25.80
C ALA A 536 -34.47 -49.94 -27.05
N GLU A 537 -35.11 -49.03 -27.77
CA GLU A 537 -35.91 -49.42 -28.93
C GLU A 537 -35.04 -50.02 -30.02
N ASP A 538 -33.85 -49.47 -30.24
CA ASP A 538 -32.93 -49.96 -31.24
C ASP A 538 -31.66 -50.46 -30.58
N SER A 539 -30.98 -51.38 -31.25
CA SER A 539 -29.75 -51.94 -30.73
C SER A 539 -28.60 -50.93 -30.76
N SER A 540 -28.66 -49.92 -31.62
CA SER A 540 -27.60 -48.92 -31.66
C SER A 540 -27.64 -48.02 -30.43
N THR A 541 -28.82 -47.52 -30.08
CA THR A 541 -28.96 -46.72 -28.87
C THR A 541 -28.65 -47.56 -27.63
N GLN A 542 -29.07 -48.82 -27.62
CA GLN A 542 -28.75 -49.70 -26.51
C GLN A 542 -27.25 -49.92 -26.39
N GLY A 543 -26.57 -50.10 -27.52
CA GLY A 543 -25.13 -50.27 -27.48
C GLY A 543 -24.40 -49.02 -27.02
N LEU A 544 -24.89 -47.85 -27.41
CA LEU A 544 -24.29 -46.61 -26.94
C LEU A 544 -24.55 -46.41 -25.45
N ILE A 545 -25.73 -46.80 -24.97
CA ILE A 545 -26.02 -46.77 -23.54
C ILE A 545 -25.08 -47.70 -22.79
N ASP A 546 -24.85 -48.90 -23.33
CA ASP A 546 -23.93 -49.84 -22.69
C ASP A 546 -22.51 -49.32 -22.70
N TYR A 547 -22.09 -48.67 -23.79
CA TYR A 547 -20.77 -48.06 -23.83
C TYR A 547 -20.62 -46.99 -22.77
N PHE A 548 -21.67 -46.19 -22.56
CA PHE A 548 -21.66 -45.23 -21.46
C PHE A 548 -21.56 -45.93 -20.12
N ARG A 549 -22.37 -46.98 -19.91
CA ARG A 549 -22.45 -47.63 -18.61
C ARG A 549 -21.19 -48.41 -18.29
N GLY A 550 -20.49 -48.90 -19.31
CA GLY A 550 -19.24 -49.59 -19.10
C GLY A 550 -18.05 -48.70 -18.85
N ARG A 551 -18.26 -47.39 -18.83
CA ARG A 551 -17.16 -46.45 -18.61
C ARG A 551 -17.48 -45.33 -17.64
N HIS A 552 -18.72 -45.11 -17.26
CA HIS A 552 -19.09 -44.00 -16.40
C HIS A 552 -18.98 -44.40 -14.94
N ARG A 553 -18.48 -43.47 -14.13
CA ARG A 553 -18.32 -43.69 -12.70
C ARG A 553 -18.80 -42.47 -11.92
N TYR B 3 -1.86 -44.24 -58.40
CA TYR B 3 -3.16 -43.61 -58.52
C TYR B 3 -3.01 -42.14 -58.90
N TYR B 4 -1.86 -41.57 -58.57
CA TYR B 4 -1.57 -40.17 -58.90
C TYR B 4 -0.91 -40.01 -60.27
N GLN B 5 -0.56 -41.12 -60.93
CA GLN B 5 0.02 -41.09 -62.27
C GLN B 5 -0.98 -41.52 -63.34
N GLN B 6 -1.58 -42.69 -63.19
CA GLN B 6 -2.59 -43.19 -64.11
C GLN B 6 -3.97 -42.97 -63.50
N ALA B 7 -4.77 -42.15 -64.15
CA ALA B 7 -6.11 -41.82 -63.67
C ALA B 7 -7.14 -42.51 -64.54
N PHE B 8 -8.07 -43.22 -63.91
CA PHE B 8 -9.17 -43.89 -64.57
C PHE B 8 -10.49 -43.23 -64.17
N ASP B 9 -11.57 -43.69 -64.79
CA ASP B 9 -12.91 -43.22 -64.48
C ASP B 9 -13.51 -44.15 -63.43
N VAL B 10 -13.73 -43.63 -62.23
CA VAL B 10 -14.20 -44.48 -61.13
C VAL B 10 -15.61 -44.97 -61.40
N THR B 11 -16.40 -44.23 -62.16
CA THR B 11 -17.76 -44.65 -62.47
C THR B 11 -17.82 -45.84 -63.40
N SER B 12 -16.71 -46.17 -64.07
CA SER B 12 -16.64 -47.33 -64.95
C SER B 12 -16.24 -48.60 -64.23
N LEU B 13 -15.86 -48.52 -62.97
CA LEU B 13 -15.48 -49.70 -62.22
C LEU B 13 -16.69 -50.62 -62.04
N PRO B 14 -16.50 -51.95 -62.09
CA PRO B 14 -17.62 -52.85 -61.84
C PRO B 14 -18.21 -52.69 -60.45
N SER B 15 -17.40 -52.34 -59.46
CA SER B 15 -17.90 -52.09 -58.12
C SER B 15 -18.82 -50.87 -58.10
N TRP B 16 -18.50 -49.85 -58.88
CA TRP B 16 -19.38 -48.68 -58.98
C TRP B 16 -20.73 -49.05 -59.56
N ARG B 17 -20.75 -49.85 -60.63
CA ARG B 17 -22.01 -50.27 -61.22
C ARG B 17 -22.80 -51.17 -60.28
N ALA B 18 -22.11 -52.05 -59.55
CA ALA B 18 -22.77 -52.84 -58.52
C ALA B 18 -23.38 -51.96 -57.45
N LEU B 19 -22.70 -50.87 -57.10
CA LEU B 19 -23.24 -49.93 -56.13
C LEU B 19 -24.46 -49.19 -56.68
N GLN B 20 -24.46 -48.88 -57.98
CA GLN B 20 -25.66 -48.29 -58.59
C GLN B 20 -26.85 -49.24 -58.50
N GLU B 21 -26.62 -50.52 -58.84
CA GLU B 21 -27.70 -51.50 -58.76
C GLU B 21 -28.18 -51.67 -57.32
N HIS B 22 -27.24 -51.69 -56.37
CA HIS B 22 -27.61 -51.80 -54.97
C HIS B 22 -28.37 -50.58 -54.48
N ARG B 23 -28.02 -49.40 -54.99
CA ARG B 23 -28.76 -48.19 -54.66
C ARG B 23 -30.20 -48.27 -55.18
N LEU B 24 -30.36 -48.77 -56.40
CA LEU B 24 -31.70 -48.98 -56.93
C LEU B 24 -32.48 -49.95 -56.04
N ALA B 25 -31.82 -51.02 -55.57
CA ALA B 25 -32.48 -51.98 -54.70
C ALA B 25 -32.82 -51.38 -53.33
N MET B 26 -31.93 -50.55 -52.80
CA MET B 26 -32.07 -49.98 -51.46
C MET B 26 -32.91 -48.71 -51.44
N GLN B 27 -33.38 -48.27 -52.60
CA GLN B 27 -34.31 -47.14 -52.68
C GLN B 27 -35.37 -47.15 -51.57
N ASN B 28 -35.96 -48.30 -51.29
CA ASN B 28 -37.05 -48.40 -50.33
C ASN B 28 -36.58 -48.80 -48.92
N PHE B 29 -35.27 -48.87 -48.70
CA PHE B 29 -34.74 -49.29 -47.42
C PHE B 29 -35.07 -48.29 -46.33
N HIS B 30 -35.48 -48.79 -45.17
CA HIS B 30 -35.72 -47.98 -43.98
C HIS B 30 -34.94 -48.55 -42.81
N MET B 31 -34.21 -47.68 -42.11
CA MET B 31 -33.35 -48.14 -41.02
C MET B 31 -34.14 -48.71 -39.85
N ARG B 32 -35.34 -48.18 -39.61
CA ARG B 32 -36.17 -48.69 -38.53
C ARG B 32 -36.51 -50.17 -38.73
N GLU B 33 -36.93 -50.52 -39.94
CA GLU B 33 -37.23 -51.91 -40.25
C GLU B 33 -35.99 -52.78 -40.12
N ALA B 34 -34.83 -52.27 -40.56
CA ALA B 34 -33.60 -53.01 -40.41
C ALA B 34 -33.22 -53.21 -38.95
N PHE B 35 -33.66 -52.32 -38.08
CA PHE B 35 -33.33 -52.45 -36.66
C PHE B 35 -34.29 -53.37 -35.91
N LEU B 36 -35.58 -53.36 -36.26
CA LEU B 36 -36.47 -54.34 -35.65
C LEU B 36 -36.26 -55.74 -36.22
N SER B 37 -35.68 -55.87 -37.40
CA SER B 37 -35.45 -57.18 -38.01
C SER B 37 -34.03 -57.68 -37.83
N ASP B 38 -33.21 -57.02 -37.00
CA ASP B 38 -31.83 -57.44 -36.77
C ASP B 38 -31.38 -56.91 -35.42
N PRO B 39 -31.54 -57.70 -34.35
CA PRO B 39 -31.05 -57.27 -33.03
C PRO B 39 -29.54 -57.12 -32.96
N GLY B 40 -28.79 -57.74 -33.87
CA GLY B 40 -27.34 -57.65 -33.86
C GLY B 40 -26.80 -56.63 -34.84
N ARG B 41 -27.64 -55.68 -35.24
CA ARG B 41 -27.21 -54.67 -36.21
C ARG B 41 -26.11 -53.77 -35.65
N PHE B 42 -26.23 -53.38 -34.38
CA PHE B 42 -25.21 -52.54 -33.76
C PHE B 42 -23.87 -53.28 -33.70
N ASP B 43 -23.89 -54.55 -33.33
CA ASP B 43 -22.65 -55.32 -33.26
C ASP B 43 -22.01 -55.46 -34.64
N GLU B 44 -22.83 -55.71 -35.65
CA GLU B 44 -22.30 -55.87 -37.00
C GLU B 44 -21.72 -54.57 -37.55
N PHE B 45 -22.33 -53.44 -37.20
CA PHE B 45 -21.97 -52.16 -37.81
C PHE B 45 -21.39 -51.20 -36.80
N SER B 46 -20.49 -51.68 -35.96
CA SER B 46 -19.72 -50.83 -35.06
C SER B 46 -18.30 -51.37 -35.00
N THR B 47 -17.37 -50.47 -34.68
CA THR B 47 -15.96 -50.83 -34.63
C THR B 47 -15.26 -49.94 -33.62
N SER B 48 -14.06 -50.37 -33.21
CA SER B 48 -13.28 -49.64 -32.22
C SER B 48 -11.84 -49.55 -32.69
N SER B 49 -11.16 -48.51 -32.22
CA SER B 49 -9.75 -48.31 -32.55
C SER B 49 -9.16 -47.44 -31.45
N CYS B 50 -8.35 -48.03 -30.58
CA CYS B 50 -7.72 -47.34 -29.46
C CYS B 50 -8.84 -46.77 -28.60
N GLY B 51 -8.89 -45.47 -28.33
CA GLY B 51 -9.95 -44.89 -27.56
C GLY B 51 -11.17 -44.45 -28.34
N LEU B 52 -11.19 -44.66 -29.65
CA LEU B 52 -12.31 -44.24 -30.48
C LEU B 52 -13.26 -45.41 -30.70
N PHE B 53 -14.56 -45.12 -30.66
CA PHE B 53 -15.58 -46.10 -30.99
C PHE B 53 -16.50 -45.51 -32.04
N LEU B 54 -16.60 -46.17 -33.19
CA LEU B 54 -17.46 -45.72 -34.28
C LEU B 54 -18.68 -46.62 -34.36
N ASP B 55 -19.86 -46.05 -34.13
CA ASP B 55 -21.13 -46.70 -34.39
C ASP B 55 -21.66 -46.16 -35.71
N TYR B 56 -21.72 -47.01 -36.73
CA TYR B 56 -22.24 -46.64 -38.03
C TYR B 56 -23.40 -47.53 -38.44
N SER B 57 -24.17 -48.02 -37.46
CA SER B 57 -25.34 -48.85 -37.74
C SER B 57 -26.52 -48.02 -38.21
N LYS B 58 -26.63 -46.77 -37.76
CA LYS B 58 -27.71 -45.88 -38.21
C LYS B 58 -27.37 -45.28 -39.56
N ASN B 59 -27.13 -46.16 -40.53
CA ASN B 59 -26.78 -45.77 -41.88
C ASN B 59 -27.65 -46.53 -42.86
N LEU B 60 -27.82 -45.98 -44.05
CA LEU B 60 -28.59 -46.62 -45.11
C LEU B 60 -27.76 -47.71 -45.79
N ILE B 61 -27.40 -48.72 -44.99
CA ILE B 61 -26.54 -49.80 -45.43
C ILE B 61 -27.09 -51.13 -44.93
N THR B 62 -26.74 -52.18 -45.64
CA THR B 62 -26.91 -53.56 -45.23
C THR B 62 -25.52 -54.17 -45.21
N PRO B 63 -25.33 -55.42 -44.77
CA PRO B 63 -24.01 -56.05 -44.95
C PRO B 63 -23.58 -56.09 -46.40
N GLU B 64 -24.51 -56.25 -47.34
CA GLU B 64 -24.18 -56.19 -48.76
C GLU B 64 -23.67 -54.81 -49.14
N THR B 65 -24.27 -53.75 -48.59
CA THR B 65 -23.81 -52.41 -48.89
C THR B 65 -22.38 -52.20 -48.43
N ARG B 66 -22.05 -52.63 -47.22
CA ARG B 66 -20.69 -52.49 -46.73
C ARG B 66 -19.73 -53.33 -47.57
N ASP B 67 -20.15 -54.52 -47.97
CA ASP B 67 -19.31 -55.35 -48.85
C ASP B 67 -19.01 -54.63 -50.16
N LEU B 68 -20.03 -54.02 -50.77
CA LEU B 68 -19.84 -53.35 -52.05
C LEU B 68 -19.01 -52.08 -51.89
N LEU B 69 -19.19 -51.34 -50.79
CA LEU B 69 -18.38 -50.15 -50.57
C LEU B 69 -16.92 -50.51 -50.35
N VAL B 70 -16.66 -51.58 -49.59
CA VAL B 70 -15.30 -52.05 -49.40
C VAL B 70 -14.71 -52.53 -50.73
N ASN B 71 -15.54 -53.16 -51.57
CA ASN B 71 -15.09 -53.58 -52.88
C ASN B 71 -14.69 -52.38 -53.74
N LEU B 72 -15.49 -51.31 -53.70
CA LEU B 72 -15.14 -50.10 -54.45
C LEU B 72 -13.86 -49.48 -53.92
N ALA B 73 -13.68 -49.46 -52.60
CA ALA B 73 -12.45 -48.94 -52.03
C ALA B 73 -11.24 -49.75 -52.50
N ARG B 74 -11.39 -51.08 -52.55
CA ARG B 74 -10.30 -51.93 -53.04
C ARG B 74 -10.03 -51.70 -54.52
N GLU B 75 -11.09 -51.61 -55.33
CA GLU B 75 -10.91 -51.44 -56.77
C GLU B 75 -10.31 -50.09 -57.11
N ALA B 76 -10.63 -49.05 -56.35
CA ALA B 76 -10.01 -47.75 -56.56
C ALA B 76 -8.56 -47.72 -56.12
N GLY B 77 -8.12 -48.70 -55.35
CA GLY B 77 -6.74 -48.75 -54.90
C GLY B 77 -6.44 -47.92 -53.68
N VAL B 78 -7.32 -47.96 -52.67
CA VAL B 78 -7.13 -47.16 -51.48
C VAL B 78 -5.92 -47.65 -50.69
N GLU B 79 -5.72 -48.97 -50.63
CA GLU B 79 -4.60 -49.52 -49.87
C GLU B 79 -3.26 -49.12 -50.48
N GLN B 80 -3.11 -49.28 -51.80
CA GLN B 80 -1.87 -48.91 -52.46
C GLN B 80 -1.66 -47.40 -52.41
N ALA B 81 -2.73 -46.62 -52.54
CA ALA B 81 -2.61 -45.17 -52.45
C ALA B 81 -2.16 -44.74 -51.05
N ALA B 82 -2.69 -45.38 -50.02
CA ALA B 82 -2.25 -45.08 -48.66
C ALA B 82 -0.80 -45.47 -48.45
N ARG B 83 -0.39 -46.60 -49.02
CA ARG B 83 1.02 -46.98 -48.94
C ARG B 83 1.90 -45.94 -49.61
N ALA B 84 1.50 -45.46 -50.78
CA ALA B 84 2.27 -44.44 -51.49
C ALA B 84 2.34 -43.14 -50.70
N MET B 85 1.22 -42.71 -50.11
CA MET B 85 1.23 -41.46 -49.35
C MET B 85 2.08 -41.61 -48.10
N PHE B 86 1.96 -42.72 -47.38
CA PHE B 86 2.73 -42.91 -46.16
C PHE B 86 4.22 -43.09 -46.45
N ASP B 87 4.56 -43.60 -47.63
CA ASP B 87 5.95 -43.92 -47.95
C ASP B 87 6.71 -42.76 -48.56
N GLY B 88 6.07 -41.63 -48.82
CA GLY B 88 6.74 -40.48 -49.37
C GLY B 88 6.65 -40.30 -50.87
N GLU B 89 5.82 -41.08 -51.55
CA GLU B 89 5.65 -40.90 -52.97
C GLU B 89 4.96 -39.56 -53.26
N PRO B 90 5.28 -38.92 -54.38
CA PRO B 90 4.66 -37.63 -54.71
C PRO B 90 3.19 -37.76 -55.06
N VAL B 91 2.34 -37.96 -54.04
CA VAL B 91 0.91 -38.12 -54.27
C VAL B 91 0.26 -36.80 -54.66
N ASN B 92 0.89 -35.68 -54.34
CA ASN B 92 0.46 -34.37 -54.83
C ASN B 92 0.98 -34.21 -56.25
N ALA B 93 0.28 -34.85 -57.19
CA ALA B 93 0.76 -34.92 -58.57
C ALA B 93 0.85 -33.54 -59.21
N SER B 94 -0.14 -32.68 -58.96
CA SER B 94 -0.15 -31.36 -59.58
C SER B 94 1.05 -30.53 -59.16
N GLU B 95 1.39 -30.55 -57.87
CA GLU B 95 2.53 -29.80 -57.35
C GLU B 95 3.81 -30.63 -57.30
N ARG B 96 3.74 -31.91 -57.67
CA ARG B 96 4.91 -32.80 -57.68
C ARG B 96 5.57 -32.87 -56.31
N ARG B 97 4.76 -33.00 -55.26
CA ARG B 97 5.24 -33.06 -53.89
C ARG B 97 4.68 -34.29 -53.19
N PRO B 98 5.37 -34.78 -52.17
CA PRO B 98 4.76 -35.76 -51.28
C PRO B 98 3.85 -35.07 -50.27
N ALA B 99 2.94 -35.86 -49.71
CA ALA B 99 2.04 -35.41 -48.65
C ALA B 99 2.40 -36.18 -47.40
N LEU B 100 3.24 -35.58 -46.55
CA LEU B 100 3.82 -36.30 -45.42
C LEU B 100 3.45 -35.67 -44.09
N HIS B 101 2.17 -35.36 -43.91
CA HIS B 101 1.70 -34.91 -42.60
C HIS B 101 1.75 -36.04 -41.59
N THR B 102 1.62 -37.29 -42.04
CA THR B 102 1.72 -38.43 -41.14
C THR B 102 3.13 -38.53 -40.57
N ALA B 103 4.13 -38.19 -41.36
CA ALA B 103 5.52 -38.21 -40.88
C ALA B 103 5.72 -37.34 -39.66
N LEU B 104 4.93 -36.27 -39.52
CA LEU B 104 5.06 -35.39 -38.37
C LEU B 104 4.68 -36.06 -37.06
N ARG B 105 3.99 -37.20 -37.10
CA ARG B 105 3.57 -37.91 -35.90
C ARG B 105 4.36 -39.17 -35.64
N ARG B 106 5.28 -39.52 -36.52
CA ARG B 106 6.09 -40.71 -36.33
C ARG B 106 7.09 -40.50 -35.19
N PRO B 107 7.46 -41.57 -34.49
CA PRO B 107 8.44 -41.44 -33.41
C PRO B 107 9.87 -41.45 -33.96
N VAL B 108 10.81 -41.23 -33.04
CA VAL B 108 12.21 -41.06 -33.41
C VAL B 108 12.81 -42.31 -34.05
N GLY B 109 12.22 -43.48 -33.82
CA GLY B 109 12.75 -44.69 -34.42
C GLY B 109 12.38 -44.91 -35.86
N ASP B 110 11.54 -44.05 -36.42
CA ASP B 110 11.11 -44.17 -37.81
C ASP B 110 11.98 -43.30 -38.71
N SER B 111 12.36 -43.86 -39.86
CA SER B 111 13.17 -43.16 -40.84
C SER B 111 12.43 -43.15 -42.17
N LEU B 112 12.38 -41.98 -42.81
CA LEU B 112 11.72 -41.82 -44.09
C LEU B 112 12.67 -41.05 -45.01
N LEU B 113 13.05 -41.67 -46.12
CA LEU B 113 14.03 -41.09 -47.03
C LEU B 113 13.32 -40.42 -48.19
N ILE B 114 13.53 -39.12 -48.34
CA ILE B 114 13.00 -38.34 -49.46
C ILE B 114 14.19 -37.77 -50.21
N ASP B 115 14.39 -38.21 -51.45
CA ASP B 115 15.57 -37.83 -52.25
C ASP B 115 16.86 -38.18 -51.51
N GLY B 116 16.87 -39.33 -50.85
CA GLY B 116 18.05 -39.79 -50.13
C GLY B 116 18.31 -39.09 -48.82
N HIS B 117 17.39 -38.27 -48.34
CA HIS B 117 17.55 -37.55 -47.08
C HIS B 117 16.47 -37.99 -46.10
N ASN B 118 16.86 -38.17 -44.84
CA ASN B 118 15.95 -38.60 -43.79
C ASN B 118 15.22 -37.39 -43.25
N ILE B 119 13.96 -37.21 -43.65
CA ILE B 119 13.18 -36.06 -43.22
C ILE B 119 12.72 -36.19 -41.78
N MET B 120 12.77 -37.41 -41.21
CA MET B 120 12.41 -37.58 -39.82
C MET B 120 13.40 -36.89 -38.89
N ARG B 121 14.65 -36.75 -39.35
CA ARG B 121 15.61 -35.94 -38.62
C ARG B 121 15.14 -34.49 -38.53
N ASP B 122 14.63 -33.95 -39.63
CA ASP B 122 14.07 -32.60 -39.59
C ASP B 122 12.85 -32.53 -38.67
N VAL B 123 11.98 -33.54 -38.75
CA VAL B 123 10.78 -33.56 -37.91
C VAL B 123 11.16 -33.49 -36.44
N HIS B 124 12.11 -34.33 -36.02
CA HIS B 124 12.43 -34.39 -34.60
C HIS B 124 13.39 -33.30 -34.15
N ALA B 125 14.18 -32.73 -35.06
CA ALA B 125 14.91 -31.51 -34.72
C ALA B 125 13.95 -30.37 -34.46
N ALA B 126 12.91 -30.23 -35.30
CA ALA B 126 11.89 -29.22 -35.05
C ALA B 126 11.15 -29.50 -33.75
N LEU B 127 10.87 -30.77 -33.46
CA LEU B 127 10.22 -31.12 -32.20
C LEU B 127 11.08 -30.76 -30.99
N ALA B 128 12.39 -31.01 -31.07
CA ALA B 128 13.29 -30.64 -29.99
C ALA B 128 13.38 -29.12 -29.82
N GLN B 129 13.41 -28.40 -30.94
CA GLN B 129 13.38 -26.93 -30.87
C GLN B 129 12.10 -26.45 -30.21
N MET B 130 10.97 -27.05 -30.58
CA MET B 130 9.69 -26.71 -29.96
C MET B 130 9.73 -26.99 -28.47
N THR B 131 10.30 -28.13 -28.07
CA THR B 131 10.41 -28.46 -26.65
C THR B 131 11.25 -27.43 -25.91
N ASP B 132 12.37 -27.02 -26.51
CA ASP B 132 13.23 -26.03 -25.89
C ASP B 132 12.49 -24.72 -25.66
N ILE B 133 11.80 -24.23 -26.69
CA ILE B 133 11.10 -22.95 -26.57
C ILE B 133 9.94 -23.06 -25.58
N VAL B 134 9.20 -24.17 -25.61
CA VAL B 134 8.07 -24.34 -24.71
C VAL B 134 8.55 -24.42 -23.27
N GLY B 135 9.64 -25.14 -23.01
CA GLY B 135 10.18 -25.19 -21.68
C GLY B 135 10.72 -23.85 -21.20
N ARG B 136 11.33 -23.08 -22.11
CA ARG B 136 11.80 -21.74 -21.76
C ARG B 136 10.64 -20.85 -21.34
N ILE B 137 9.58 -20.83 -22.15
CA ILE B 137 8.46 -19.91 -21.88
C ILE B 137 7.67 -20.38 -20.66
N HIS B 138 7.44 -21.68 -20.52
CA HIS B 138 6.64 -22.18 -19.42
C HIS B 138 7.31 -21.92 -18.08
N ASN B 139 8.63 -22.06 -18.02
CA ASN B 139 9.39 -21.84 -16.80
C ASN B 139 9.70 -20.37 -16.55
N LYS B 140 9.02 -19.46 -17.25
CA LYS B 140 9.21 -18.02 -17.11
C LYS B 140 10.65 -17.61 -17.40
N LEU B 141 11.34 -18.39 -18.23
CA LEU B 141 12.71 -18.10 -18.62
C LEU B 141 12.81 -17.29 -19.91
N TRP B 142 11.68 -16.92 -20.49
CA TRP B 142 11.63 -16.07 -21.67
C TRP B 142 11.15 -14.69 -21.25
N ARG B 143 11.91 -13.66 -21.62
CA ARG B 143 11.65 -12.30 -21.18
C ARG B 143 11.66 -11.35 -22.38
N GLY B 144 10.90 -10.28 -22.27
CA GLY B 144 10.77 -9.30 -23.33
C GLY B 144 11.83 -8.22 -23.26
N TYR B 145 11.52 -7.09 -23.89
CA TYR B 145 12.47 -5.98 -23.93
C TYR B 145 12.54 -5.24 -22.60
N SER B 146 11.54 -5.39 -21.74
CA SER B 146 11.59 -4.89 -20.38
C SER B 146 12.13 -5.92 -19.40
N ASP B 147 12.59 -7.07 -19.90
CA ASP B 147 13.08 -8.17 -19.07
C ASP B 147 12.00 -8.65 -18.10
N ARG B 148 10.78 -8.81 -18.60
CA ARG B 148 9.68 -9.38 -17.84
C ARG B 148 9.18 -10.64 -18.55
N ALA B 149 8.73 -11.60 -17.76
CA ALA B 149 8.27 -12.87 -18.30
C ALA B 149 7.07 -12.66 -19.21
N ILE B 150 7.00 -13.45 -20.27
CA ILE B 150 5.91 -13.39 -21.24
C ILE B 150 4.83 -14.37 -20.82
N THR B 151 3.57 -13.96 -20.98
CA THR B 151 2.44 -14.82 -20.69
C THR B 151 1.32 -14.70 -21.72
N ASP B 152 1.61 -14.12 -22.89
CA ASP B 152 0.63 -13.98 -23.96
C ASP B 152 1.31 -14.31 -25.28
N VAL B 153 1.00 -15.48 -25.83
CA VAL B 153 1.54 -15.91 -27.12
C VAL B 153 0.46 -15.71 -28.16
N VAL B 154 0.77 -14.90 -29.17
CA VAL B 154 -0.18 -14.56 -30.23
C VAL B 154 0.33 -15.15 -31.53
N ASN B 155 -0.48 -16.00 -32.15
CA ASN B 155 -0.15 -16.64 -33.41
C ASN B 155 -0.75 -15.82 -34.54
N ILE B 156 0.10 -15.17 -35.33
CA ILE B 156 -0.31 -14.43 -36.51
C ILE B 156 -0.22 -15.39 -37.69
N GLY B 157 -1.35 -15.93 -38.10
CA GLY B 157 -1.40 -16.84 -39.24
C GLY B 157 -2.82 -17.11 -39.64
N ILE B 158 -2.98 -17.54 -40.89
CA ILE B 158 -4.28 -17.77 -41.48
C ILE B 158 -4.33 -19.19 -42.05
N GLY B 159 -5.55 -19.66 -42.28
CA GLY B 159 -5.76 -20.98 -42.86
C GLY B 159 -5.28 -22.10 -41.97
N GLY B 160 -4.37 -22.92 -42.50
CA GLY B 160 -3.84 -24.03 -41.72
C GLY B 160 -2.99 -23.59 -40.54
N SER B 161 -2.49 -22.37 -40.57
CA SER B 161 -1.75 -21.80 -39.44
C SER B 161 -2.66 -21.30 -38.33
N TYR B 162 -3.96 -21.32 -38.54
CA TYR B 162 -4.91 -20.78 -37.59
C TYR B 162 -5.91 -21.81 -37.07
N LEU B 163 -6.51 -22.59 -37.97
CA LEU B 163 -7.69 -23.37 -37.60
C LEU B 163 -7.34 -24.60 -36.77
N GLY B 164 -6.38 -25.39 -37.22
CA GLY B 164 -5.97 -26.59 -36.51
C GLY B 164 -5.38 -26.32 -35.14
N PRO B 165 -4.38 -25.41 -35.07
CA PRO B 165 -3.84 -25.04 -33.76
C PRO B 165 -4.88 -24.50 -32.79
N GLU B 166 -5.80 -23.66 -33.28
CA GLU B 166 -6.83 -23.11 -32.39
C GLU B 166 -7.80 -24.18 -31.94
N LEU B 167 -8.15 -25.11 -32.84
CA LEU B 167 -9.00 -26.23 -32.45
C LEU B 167 -8.36 -27.04 -31.35
N VAL B 168 -7.09 -27.40 -31.51
CA VAL B 168 -6.45 -28.23 -30.49
C VAL B 168 -6.27 -27.45 -29.20
N SER B 169 -6.00 -26.15 -29.27
CA SER B 169 -5.89 -25.34 -28.07
C SER B 169 -7.20 -25.29 -27.31
N GLU B 170 -8.33 -25.14 -28.01
CA GLU B 170 -9.61 -25.04 -27.33
C GLU B 170 -10.07 -26.39 -26.81
N ALA B 171 -9.89 -27.45 -27.59
CA ALA B 171 -10.35 -28.77 -27.17
C ALA B 171 -9.58 -29.28 -25.98
N LEU B 172 -8.28 -29.00 -25.90
CA LEU B 172 -7.43 -29.48 -24.83
C LEU B 172 -7.28 -28.45 -23.71
N LEU B 173 -8.30 -27.64 -23.49
CA LEU B 173 -8.26 -26.67 -22.40
C LEU B 173 -8.07 -27.29 -21.02
N PRO B 174 -8.73 -28.39 -20.65
CA PRO B 174 -8.46 -28.99 -19.33
C PRO B 174 -7.02 -29.42 -19.12
N TYR B 175 -6.18 -29.35 -20.15
CA TYR B 175 -4.77 -29.71 -20.05
C TYR B 175 -3.86 -28.50 -20.22
N THR B 176 -4.36 -27.31 -19.92
CA THR B 176 -3.59 -26.09 -20.08
C THR B 176 -3.10 -25.55 -18.73
N VAL B 180 0.37 -19.54 -19.62
CA VAL B 180 0.54 -18.85 -20.89
C VAL B 180 -0.75 -18.93 -21.70
N ARG B 181 -1.27 -17.76 -22.08
CA ARG B 181 -2.51 -17.65 -22.83
C ARG B 181 -2.20 -17.51 -24.32
N CYS B 182 -2.87 -18.31 -25.14
CA CYS B 182 -2.67 -18.31 -26.58
C CYS B 182 -3.82 -17.60 -27.27
N HIS B 183 -3.48 -16.65 -28.13
CA HIS B 183 -4.44 -15.92 -28.95
C HIS B 183 -4.08 -16.13 -30.42
N TYR B 184 -5.06 -15.93 -31.29
CA TYR B 184 -4.88 -16.11 -32.72
C TYR B 184 -5.33 -14.87 -33.46
N LEU B 185 -4.55 -14.49 -34.47
CA LEU B 185 -4.78 -13.27 -35.26
C LEU B 185 -4.70 -13.67 -36.73
N ALA B 186 -5.86 -13.95 -37.32
CA ALA B 186 -5.94 -14.43 -38.70
C ALA B 186 -6.50 -13.39 -39.65
N ASN B 187 -7.64 -12.79 -39.31
CA ASN B 187 -8.33 -11.90 -40.24
C ASN B 187 -7.52 -10.64 -40.51
N ILE B 188 -7.50 -10.21 -41.77
CA ILE B 188 -6.94 -8.91 -42.11
C ILE B 188 -7.79 -7.76 -41.62
N ASP B 189 -9.02 -8.05 -41.20
CA ASP B 189 -9.88 -7.06 -40.56
C ASP B 189 -9.15 -6.41 -39.40
N GLY B 190 -8.94 -5.10 -39.49
CA GLY B 190 -8.24 -4.38 -38.43
C GLY B 190 -8.96 -4.39 -37.11
N SER B 191 -10.27 -4.63 -37.12
CA SER B 191 -11.01 -4.72 -35.87
C SER B 191 -10.56 -5.91 -35.04
N GLU B 192 -10.23 -7.03 -35.69
CA GLU B 192 -9.70 -8.18 -34.96
C GLU B 192 -8.37 -7.84 -34.32
N PHE B 193 -7.49 -7.16 -35.05
CA PHE B 193 -6.20 -6.76 -34.49
C PHE B 193 -6.38 -5.81 -33.32
N HIS B 194 -7.31 -4.86 -33.44
CA HIS B 194 -7.57 -3.93 -32.34
C HIS B 194 -8.10 -4.66 -31.11
N GLU B 195 -9.06 -5.57 -31.31
CA GLU B 195 -9.62 -6.32 -30.19
C GLU B 195 -8.55 -7.18 -29.52
N LEU B 196 -7.66 -7.77 -30.32
CA LEU B 196 -6.60 -8.59 -29.75
C LEU B 196 -5.61 -7.75 -28.96
N THR B 197 -5.10 -6.67 -29.55
CA THR B 197 -4.10 -5.85 -28.89
C THR B 197 -4.68 -5.01 -27.76
N ALA B 198 -6.00 -4.93 -27.63
CA ALA B 198 -6.58 -4.28 -26.46
C ALA B 198 -6.35 -5.07 -25.18
N ARG B 199 -5.91 -6.32 -25.27
CA ARG B 199 -5.62 -7.14 -24.11
C ARG B 199 -4.15 -7.49 -23.98
N LEU B 200 -3.28 -6.88 -24.78
CA LEU B 200 -1.89 -7.26 -24.87
C LEU B 200 -0.98 -6.14 -24.40
N ASN B 201 0.10 -6.51 -23.72
CA ASN B 201 1.19 -5.61 -23.36
C ASN B 201 2.38 -5.93 -24.24
N ALA B 202 2.97 -4.90 -24.86
CA ALA B 202 4.10 -5.14 -25.76
C ALA B 202 5.31 -5.69 -25.03
N GLU B 203 5.48 -5.36 -23.75
CA GLU B 203 6.56 -5.93 -22.96
C GLU B 203 6.34 -7.41 -22.67
N THR B 204 5.13 -7.92 -22.86
CA THR B 204 4.76 -9.25 -22.42
C THR B 204 4.34 -10.17 -23.56
N THR B 205 3.89 -9.65 -24.68
CA THR B 205 3.35 -10.46 -25.76
C THR B 205 4.47 -10.95 -26.67
N LEU B 206 4.40 -12.23 -27.02
CA LEU B 206 5.30 -12.84 -28.00
C LEU B 206 4.50 -13.26 -29.22
N PHE B 207 4.97 -12.87 -30.40
CA PHE B 207 4.25 -13.10 -31.65
C PHE B 207 4.93 -14.21 -32.45
N ILE B 208 4.14 -15.20 -32.86
CA ILE B 208 4.59 -16.25 -33.77
C ILE B 208 4.03 -15.92 -35.14
N ILE B 209 4.89 -15.57 -36.08
CA ILE B 209 4.47 -15.33 -37.46
C ILE B 209 4.50 -16.67 -38.19
N SER B 210 3.33 -17.17 -38.56
CA SER B 210 3.20 -18.47 -39.21
C SER B 210 2.83 -18.24 -40.67
N SER B 211 3.84 -18.21 -41.53
CA SER B 211 3.63 -18.07 -42.97
C SER B 211 4.66 -18.92 -43.69
N LYS B 212 4.19 -19.79 -44.59
CA LYS B 212 5.08 -20.68 -45.33
C LYS B 212 6.11 -19.90 -46.12
N THR B 213 5.65 -19.12 -47.09
CA THR B 213 6.53 -18.31 -47.94
C THR B 213 6.97 -17.02 -47.26
N PHE B 214 6.34 -16.66 -46.12
CA PHE B 214 6.55 -15.37 -45.47
C PHE B 214 6.18 -14.22 -46.40
N GLY B 215 5.17 -14.45 -47.24
CA GLY B 215 4.74 -13.44 -48.19
C GLY B 215 3.22 -13.38 -48.32
N THR B 216 2.53 -14.16 -47.48
CA THR B 216 1.07 -14.14 -47.48
C THR B 216 0.57 -12.75 -47.12
N LEU B 217 -0.40 -12.26 -47.88
CA LEU B 217 -0.85 -10.87 -47.75
C LEU B 217 -1.34 -10.58 -46.34
N GLU B 218 -2.39 -11.29 -45.91
CA GLU B 218 -3.00 -11.00 -44.62
C GLU B 218 -2.05 -11.26 -43.46
N THR B 219 -1.31 -12.37 -43.53
CA THR B 219 -0.35 -12.68 -42.46
C THR B 219 0.74 -11.63 -42.37
N LEU B 220 1.29 -11.22 -43.51
CA LEU B 220 2.33 -10.19 -43.50
C LEU B 220 1.79 -8.85 -43.01
N LYS B 221 0.57 -8.49 -43.43
CA LYS B 221 -0.01 -7.23 -42.96
C LYS B 221 -0.22 -7.25 -41.46
N ASN B 222 -0.74 -8.35 -40.92
CA ASN B 222 -0.94 -8.44 -39.48
C ASN B 222 0.38 -8.45 -38.72
N ALA B 223 1.39 -9.12 -39.28
CA ALA B 223 2.72 -9.13 -38.65
C ALA B 223 3.35 -7.74 -38.66
N GLN B 224 3.22 -7.03 -39.77
CA GLN B 224 3.73 -5.66 -39.85
C GLN B 224 3.00 -4.75 -38.87
N ALA B 225 1.69 -4.92 -38.76
CA ALA B 225 0.92 -4.16 -37.77
C ALA B 225 1.37 -4.47 -36.36
N ALA B 226 1.63 -5.75 -36.07
CA ALA B 226 2.11 -6.13 -34.74
C ALA B 226 3.49 -5.55 -34.46
N ARG B 227 4.37 -5.56 -35.45
CA ARG B 227 5.70 -4.96 -35.27
C ARG B 227 5.61 -3.46 -35.03
N THR B 228 4.73 -2.79 -35.79
CA THR B 228 4.53 -1.36 -35.59
C THR B 228 3.96 -1.07 -34.20
N TRP B 229 3.02 -1.91 -33.75
CA TRP B 229 2.45 -1.76 -32.42
C TRP B 229 3.50 -1.95 -31.35
N TYR B 230 4.38 -2.94 -31.52
CA TYR B 230 5.44 -3.18 -30.56
C TYR B 230 6.45 -2.04 -30.52
N LEU B 231 6.83 -1.53 -31.69
CA LEU B 231 7.78 -0.41 -31.75
C LEU B 231 7.18 0.86 -31.17
N ALA B 232 5.90 1.14 -31.46
CA ALA B 232 5.25 2.33 -30.97
C ALA B 232 4.72 2.18 -29.55
N SER B 233 4.81 1.00 -28.97
CA SER B 233 4.44 0.78 -27.58
C SER B 233 5.62 0.86 -26.63
N GLY B 234 6.81 1.21 -27.14
CA GLY B 234 8.00 1.34 -26.32
C GLY B 234 9.11 0.36 -26.64
N GLY B 235 8.84 -0.68 -27.42
CA GLY B 235 9.86 -1.65 -27.73
C GLY B 235 10.92 -1.09 -28.66
N SER B 236 12.12 -1.66 -28.58
CA SER B 236 13.28 -1.20 -29.33
C SER B 236 13.60 -2.15 -30.48
N GLU B 237 14.09 -1.57 -31.58
CA GLU B 237 14.32 -2.35 -32.79
C GLU B 237 15.40 -3.40 -32.61
N GLU B 238 16.49 -3.06 -31.93
CA GLU B 238 17.58 -4.01 -31.75
C GLU B 238 17.22 -5.15 -30.81
N ARG B 239 16.17 -4.97 -30.00
CA ARG B 239 15.77 -5.96 -29.02
C ARG B 239 14.47 -6.66 -29.43
N LEU B 240 14.00 -6.41 -30.65
CA LEU B 240 12.74 -6.97 -31.14
C LEU B 240 12.71 -8.50 -31.11
N TYR B 241 13.88 -9.14 -31.14
CA TYR B 241 13.96 -10.59 -31.30
C TYR B 241 13.26 -11.35 -30.19
N ARG B 242 13.08 -10.75 -29.01
CA ARG B 242 12.43 -11.48 -27.93
C ARG B 242 10.91 -11.44 -28.01
N HIS B 243 10.33 -10.78 -29.01
CA HIS B 243 8.88 -10.74 -29.15
C HIS B 243 8.37 -11.29 -30.46
N PHE B 244 9.24 -11.76 -31.36
CA PHE B 244 8.83 -12.24 -32.67
C PHE B 244 9.63 -13.48 -33.02
N ILE B 245 8.98 -14.63 -32.98
CA ILE B 245 9.50 -15.84 -33.59
C ILE B 245 8.67 -16.15 -34.81
N ALA B 246 9.19 -16.99 -35.69
CA ALA B 246 8.53 -17.29 -36.95
C ALA B 246 8.58 -18.79 -37.21
N VAL B 247 7.49 -19.30 -37.78
CA VAL B 247 7.45 -20.63 -38.38
C VAL B 247 7.35 -20.40 -39.89
N THR B 248 8.43 -20.66 -40.61
CA THR B 248 8.44 -20.29 -42.02
C THR B 248 9.48 -21.11 -42.77
N SER B 249 9.30 -21.19 -44.08
CA SER B 249 10.31 -21.72 -44.99
C SER B 249 11.20 -20.63 -45.56
N ASN B 250 10.90 -19.36 -45.28
CA ASN B 250 11.70 -18.23 -45.74
C ASN B 250 12.50 -17.70 -44.54
N ILE B 251 13.64 -18.34 -44.29
CA ILE B 251 14.53 -17.88 -43.24
C ILE B 251 15.03 -16.46 -43.48
N PRO B 252 15.48 -16.08 -44.69
CA PRO B 252 15.96 -14.70 -44.86
C PRO B 252 14.91 -13.65 -44.56
N ALA B 253 13.65 -13.88 -44.96
CA ALA B 253 12.61 -12.88 -44.70
C ALA B 253 12.39 -12.67 -43.21
N ALA B 254 12.32 -13.76 -42.45
CA ALA B 254 12.23 -13.64 -41.00
C ALA B 254 13.49 -13.00 -40.43
N ILE B 255 14.63 -13.16 -41.10
CA ILE B 255 15.86 -12.52 -40.64
C ILE B 255 15.77 -11.01 -40.76
N GLU B 256 15.34 -10.51 -41.94
CA GLU B 256 15.20 -9.07 -42.08
C GLU B 256 14.01 -8.53 -41.29
N PHE B 257 13.04 -9.37 -40.92
CA PHE B 257 12.02 -8.91 -39.99
C PHE B 257 12.61 -8.58 -38.62
N GLY B 258 13.73 -9.22 -38.27
CA GLY B 258 14.36 -9.01 -36.98
C GLY B 258 14.21 -10.19 -36.06
N ILE B 259 14.07 -11.38 -36.64
CA ILE B 259 13.88 -12.61 -35.88
C ILE B 259 15.18 -13.41 -35.92
N ARG B 260 15.59 -13.92 -34.76
CA ARG B 260 16.79 -14.73 -34.67
C ARG B 260 16.62 -16.03 -35.45
N GLU B 261 17.73 -16.52 -36.02
CA GLU B 261 17.70 -17.78 -36.75
C GLU B 261 17.34 -18.95 -35.84
N LYS B 262 17.72 -18.88 -34.57
CA LYS B 262 17.40 -19.95 -33.63
C LYS B 262 15.93 -19.96 -33.24
N ASN B 263 15.20 -18.87 -33.51
CA ASN B 263 13.76 -18.80 -33.26
C ASN B 263 12.94 -18.97 -34.52
N ILE B 264 13.56 -19.38 -35.62
CA ILE B 264 12.87 -19.65 -36.87
C ILE B 264 12.69 -21.16 -36.98
N PHE B 265 11.45 -21.61 -36.94
CA PHE B 265 11.02 -22.99 -37.06
C PHE B 265 10.77 -23.32 -38.53
N PRO B 266 11.10 -24.54 -38.96
CA PRO B 266 11.04 -24.85 -40.38
C PRO B 266 9.67 -25.34 -40.83
N MET B 267 9.29 -24.89 -42.03
CA MET B 267 8.13 -25.38 -42.74
C MET B 267 8.61 -26.12 -43.98
N TRP B 268 8.01 -27.27 -44.26
CA TRP B 268 8.45 -28.12 -45.35
C TRP B 268 7.38 -28.20 -46.42
N ASP B 269 7.81 -28.44 -47.67
CA ASP B 269 6.88 -28.50 -48.78
C ASP B 269 5.94 -29.69 -48.66
N TRP B 270 6.43 -30.82 -48.16
CA TRP B 270 5.62 -32.03 -48.07
C TRP B 270 4.55 -31.93 -46.99
N VAL B 271 4.54 -30.89 -46.17
CA VAL B 271 3.51 -30.70 -45.17
C VAL B 271 2.56 -29.63 -45.68
N GLY B 272 1.32 -30.03 -45.97
CA GLY B 272 0.31 -29.06 -46.36
C GLY B 272 -0.12 -28.20 -45.19
N GLY B 273 -0.62 -27.01 -45.52
CA GLY B 273 -1.01 -26.08 -44.47
C GLY B 273 -2.14 -26.61 -43.60
N ARG B 274 -3.16 -27.19 -44.21
CA ARG B 274 -4.29 -27.73 -43.47
C ARG B 274 -3.98 -29.06 -42.79
N TYR B 275 -2.78 -29.59 -42.99
CA TYR B 275 -2.36 -30.85 -42.37
C TYR B 275 -1.19 -30.65 -41.42
N SER B 276 -1.00 -29.43 -40.90
CA SER B 276 0.28 -29.06 -40.28
C SER B 276 0.18 -28.73 -38.80
N LEU B 277 -0.92 -29.08 -38.13
CA LEU B 277 -0.99 -28.83 -36.69
C LEU B 277 -0.03 -29.72 -35.91
N TRP B 278 0.47 -30.79 -36.52
CA TRP B 278 1.42 -31.68 -35.88
C TRP B 278 2.85 -31.16 -35.93
N SER B 279 3.13 -30.22 -36.83
CA SER B 279 4.46 -29.65 -37.00
C SER B 279 4.59 -28.41 -36.12
N ALA B 280 5.60 -27.58 -36.38
CA ALA B 280 5.85 -26.38 -35.58
C ALA B 280 4.72 -25.36 -35.69
N ILE B 281 3.82 -25.53 -36.67
CA ILE B 281 2.64 -24.67 -36.74
C ILE B 281 1.80 -24.81 -35.47
N GLY B 282 1.73 -26.02 -34.92
CA GLY B 282 1.06 -26.24 -33.66
C GLY B 282 1.88 -25.77 -32.46
N LEU B 283 2.85 -24.89 -32.72
CA LEU B 283 3.66 -24.34 -31.63
C LEU B 283 2.85 -23.60 -30.58
N PRO B 284 1.85 -22.77 -30.90
CA PRO B 284 1.04 -22.19 -29.81
C PRO B 284 0.34 -23.24 -28.97
N THR B 285 -0.16 -24.31 -29.60
CA THR B 285 -0.83 -25.37 -28.85
C THR B 285 0.10 -26.00 -27.84
N ALA B 286 1.32 -26.34 -28.27
CA ALA B 286 2.31 -26.87 -27.34
C ALA B 286 2.64 -25.86 -26.25
N LEU B 287 2.52 -24.56 -26.55
CA LEU B 287 2.77 -23.54 -25.54
C LEU B 287 1.63 -23.43 -24.54
N ALA B 288 0.46 -24.00 -24.84
CA ALA B 288 -0.68 -23.97 -23.95
C ALA B 288 -0.85 -25.25 -23.15
N ILE B 289 -0.63 -26.40 -23.78
CA ILE B 289 -0.86 -27.69 -23.12
C ILE B 289 0.43 -28.35 -22.66
N GLY B 290 1.58 -27.87 -23.09
CA GLY B 290 2.84 -28.49 -22.77
C GLY B 290 3.29 -29.47 -23.84
N MET B 291 4.59 -29.80 -23.80
CA MET B 291 5.14 -30.69 -24.80
C MET B 291 4.75 -32.14 -24.57
N ALA B 292 4.52 -32.53 -23.32
CA ALA B 292 4.06 -33.90 -23.05
C ALA B 292 2.68 -34.14 -23.64
N ASN B 293 1.77 -33.18 -23.48
CA ASN B 293 0.44 -33.33 -24.08
C ASN B 293 0.48 -33.21 -25.59
N PHE B 294 1.36 -32.36 -26.13
CA PHE B 294 1.52 -32.28 -27.57
C PHE B 294 2.02 -33.60 -28.14
N LYS B 295 2.97 -34.23 -27.45
CA LYS B 295 3.44 -35.55 -27.86
C LYS B 295 2.36 -36.61 -27.70
N ASP B 296 1.50 -36.47 -26.69
CA ASP B 296 0.36 -37.37 -26.56
C ASP B 296 -0.60 -37.25 -27.73
N LEU B 297 -0.84 -36.02 -28.18
CA LEU B 297 -1.64 -35.79 -29.38
C LEU B 297 -0.99 -36.42 -30.60
N LEU B 298 0.32 -36.25 -30.73
CA LEU B 298 1.06 -36.89 -31.83
C LEU B 298 0.96 -38.41 -31.76
N SER B 299 1.00 -38.97 -30.55
CA SER B 299 0.92 -40.41 -30.37
C SER B 299 -0.46 -40.95 -30.74
N GLY B 300 -1.51 -40.21 -30.37
CA GLY B 300 -2.84 -40.60 -30.79
C GLY B 300 -3.01 -40.57 -32.30
N ALA B 301 -2.49 -39.51 -32.94
CA ALA B 301 -2.54 -39.44 -34.39
C ALA B 301 -1.75 -40.57 -35.03
N TYR B 302 -0.60 -40.92 -34.44
CA TYR B 302 0.20 -42.02 -34.95
C TYR B 302 -0.52 -43.36 -34.79
N ALA B 303 -1.22 -43.55 -33.68
CA ALA B 303 -2.02 -44.75 -33.49
C ALA B 303 -3.13 -44.84 -34.52
N MET B 304 -3.76 -43.71 -34.83
CA MET B 304 -4.77 -43.70 -35.90
C MET B 304 -4.15 -44.02 -37.25
N ASP B 305 -2.95 -43.51 -37.52
CA ASP B 305 -2.25 -43.86 -38.76
C ASP B 305 -2.01 -45.36 -38.85
N CYS B 306 -1.57 -45.96 -37.74
CA CYS B 306 -1.33 -47.39 -37.72
C CYS B 306 -2.62 -48.18 -37.93
N HIS B 307 -3.72 -47.72 -37.31
CA HIS B 307 -5.01 -48.38 -37.52
C HIS B 307 -5.44 -48.29 -38.98
N PHE B 308 -5.24 -47.11 -39.59
CA PHE B 308 -5.59 -46.94 -41.00
C PHE B 308 -4.75 -47.85 -41.89
N ARG B 309 -3.47 -47.98 -41.60
CA ARG B 309 -2.59 -48.76 -42.45
C ARG B 309 -2.76 -50.27 -42.26
N ARG B 310 -3.12 -50.71 -41.06
CA ARG B 310 -3.11 -52.14 -40.76
C ARG B 310 -4.47 -52.81 -40.85
N GLU B 311 -5.56 -52.08 -40.67
CA GLU B 311 -6.83 -52.74 -40.51
C GLU B 311 -7.43 -53.15 -41.85
N PRO B 312 -8.19 -54.25 -41.88
CA PRO B 312 -9.00 -54.56 -43.06
C PRO B 312 -10.07 -53.51 -43.25
N PHE B 313 -10.47 -53.31 -44.51
CA PHE B 313 -11.37 -52.22 -44.84
C PHE B 313 -12.72 -52.35 -44.16
N GLU B 314 -13.12 -53.57 -43.77
CA GLU B 314 -14.38 -53.75 -43.07
C GLU B 314 -14.33 -53.26 -41.63
N ASN B 315 -13.13 -53.12 -41.06
CA ASN B 315 -12.97 -52.58 -39.72
C ASN B 315 -12.06 -51.35 -39.72
N ASN B 316 -11.84 -50.75 -40.88
CA ASN B 316 -11.00 -49.57 -41.02
C ASN B 316 -11.90 -48.33 -40.86
N MET B 317 -11.78 -47.65 -39.72
CA MET B 317 -12.64 -46.51 -39.44
C MET B 317 -12.52 -45.40 -40.47
N PRO B 318 -11.32 -44.93 -40.85
CA PRO B 318 -11.24 -43.91 -41.92
C PRO B 318 -11.85 -44.39 -43.22
N VAL B 319 -11.61 -45.64 -43.60
CA VAL B 319 -12.14 -46.16 -44.85
C VAL B 319 -13.65 -46.29 -44.79
N LEU B 320 -14.18 -46.73 -43.64
CA LEU B 320 -15.62 -46.84 -43.49
C LEU B 320 -16.29 -45.46 -43.57
N LEU B 321 -15.72 -44.47 -42.89
CA LEU B 321 -16.29 -43.13 -42.94
C LEU B 321 -16.23 -42.56 -44.35
N ALA B 322 -15.09 -42.73 -45.04
CA ALA B 322 -14.96 -42.22 -46.40
C ALA B 322 -15.91 -42.94 -47.35
N MET B 323 -16.09 -44.24 -47.18
CA MET B 323 -16.98 -44.98 -48.07
C MET B 323 -18.43 -44.61 -47.83
N LEU B 324 -18.82 -44.38 -46.57
CA LEU B 324 -20.16 -43.89 -46.29
C LEU B 324 -20.38 -42.52 -46.91
N GLY B 325 -19.37 -41.64 -46.82
CA GLY B 325 -19.48 -40.35 -47.46
C GLY B 325 -19.62 -40.44 -48.97
N VAL B 326 -18.81 -41.30 -49.61
CA VAL B 326 -18.91 -41.52 -51.04
C VAL B 326 -20.29 -42.07 -51.40
N TRP B 327 -20.77 -43.04 -50.61
CA TRP B 327 -22.09 -43.63 -50.82
C TRP B 327 -23.17 -42.55 -50.83
N TYR B 328 -23.21 -41.71 -49.79
CA TYR B 328 -24.28 -40.74 -49.68
C TYR B 328 -24.12 -39.59 -50.68
N GLY B 329 -22.89 -39.20 -51.01
CA GLY B 329 -22.70 -38.09 -51.93
C GLY B 329 -22.78 -38.45 -53.39
N ASN B 330 -22.56 -39.72 -53.74
CA ASN B 330 -22.53 -40.12 -55.13
C ASN B 330 -23.70 -41.00 -55.53
N PHE B 331 -24.44 -41.56 -54.58
CA PHE B 331 -25.57 -42.41 -54.91
C PHE B 331 -26.88 -41.98 -54.28
N TRP B 332 -26.84 -41.07 -53.30
CA TRP B 332 -28.06 -40.53 -52.71
C TRP B 332 -28.17 -39.03 -52.88
N GLY B 333 -27.21 -38.39 -53.54
CA GLY B 333 -27.28 -36.97 -53.85
C GLY B 333 -27.22 -36.05 -52.66
N ALA B 334 -26.42 -36.39 -51.64
CA ALA B 334 -26.24 -35.54 -50.48
C ALA B 334 -25.08 -34.59 -50.75
N GLN B 335 -25.34 -33.28 -50.67
CA GLN B 335 -24.35 -32.28 -50.99
C GLN B 335 -23.71 -31.66 -49.75
N SER B 336 -24.10 -32.07 -48.56
CA SER B 336 -23.53 -31.54 -47.34
C SER B 336 -23.44 -32.63 -46.29
N HIS B 337 -22.57 -32.40 -45.31
CA HIS B 337 -22.32 -33.36 -44.24
C HIS B 337 -22.18 -32.60 -42.93
N ALA B 338 -23.08 -32.87 -41.98
CA ALA B 338 -23.09 -32.18 -40.71
C ALA B 338 -22.16 -32.86 -39.71
N ILE B 339 -21.40 -32.07 -38.97
CA ILE B 339 -20.54 -32.55 -37.91
C ILE B 339 -21.04 -31.94 -36.61
N LEU B 340 -21.45 -32.79 -35.67
CA LEU B 340 -22.10 -32.37 -34.43
C LEU B 340 -21.31 -32.91 -33.25
N PRO B 341 -20.31 -32.16 -32.77
CA PRO B 341 -19.58 -32.59 -31.57
C PRO B 341 -20.30 -32.15 -30.31
N TYR B 342 -20.72 -33.11 -29.50
CA TYR B 342 -21.43 -32.82 -28.25
C TYR B 342 -20.42 -32.63 -27.12
N ASP B 343 -19.64 -31.57 -27.25
CA ASP B 343 -18.64 -31.21 -26.27
C ASP B 343 -18.31 -29.74 -26.47
N HIS B 344 -18.41 -28.96 -25.39
CA HIS B 344 -18.17 -27.52 -25.49
C HIS B 344 -16.74 -27.22 -25.94
N TYR B 345 -15.77 -28.05 -25.55
CA TYR B 345 -14.40 -27.84 -25.96
C TYR B 345 -14.17 -28.14 -27.43
N LEU B 346 -15.02 -28.98 -28.04
CA LEU B 346 -14.89 -29.36 -29.43
C LEU B 346 -15.76 -28.51 -30.35
N ARG B 347 -16.18 -27.33 -29.90
CA ARG B 347 -17.08 -26.51 -30.71
C ARG B 347 -16.41 -26.00 -31.97
N ASN B 348 -15.09 -25.82 -31.96
CA ASN B 348 -14.35 -25.35 -33.11
C ASN B 348 -13.86 -26.49 -34.00
N PHE B 349 -14.32 -27.71 -33.76
CA PHE B 349 -13.91 -28.84 -34.58
C PHE B 349 -14.40 -28.68 -36.01
N VAL B 350 -15.60 -28.12 -36.16
CA VAL B 350 -16.21 -28.01 -37.49
C VAL B 350 -15.43 -27.07 -38.39
N LYS B 351 -14.83 -26.01 -37.85
CA LYS B 351 -14.07 -25.09 -38.68
C LYS B 351 -12.84 -25.77 -39.28
N HIS B 352 -12.07 -26.48 -38.45
CA HIS B 352 -10.91 -27.20 -38.95
C HIS B 352 -11.33 -28.30 -39.91
N LEU B 353 -12.43 -28.99 -39.61
CA LEU B 353 -12.93 -30.01 -40.53
C LEU B 353 -13.35 -29.40 -41.85
N GLN B 354 -13.94 -28.20 -41.81
CA GLN B 354 -14.31 -27.49 -43.03
C GLN B 354 -13.08 -27.22 -43.89
N GLN B 355 -12.05 -26.64 -43.30
CA GLN B 355 -10.83 -26.41 -44.07
C GLN B 355 -10.29 -27.72 -44.62
N MET B 356 -10.08 -28.69 -43.74
CA MET B 356 -9.44 -29.95 -44.12
C MET B 356 -10.17 -30.65 -45.24
N ASP B 357 -11.49 -30.76 -45.15
CA ASP B 357 -12.26 -31.51 -46.13
C ASP B 357 -12.50 -30.68 -47.39
N MET B 358 -12.95 -29.42 -47.23
CA MET B 358 -13.42 -28.65 -48.37
C MET B 358 -12.26 -28.11 -49.21
N GLU B 359 -11.15 -27.71 -48.59
CA GLU B 359 -10.02 -27.25 -49.38
C GLU B 359 -9.31 -28.40 -50.09
N SER B 360 -9.47 -29.62 -49.58
CA SER B 360 -8.81 -30.79 -50.16
C SER B 360 -9.65 -31.46 -51.24
N ASN B 361 -10.91 -31.75 -50.95
CA ASN B 361 -11.77 -32.49 -51.85
C ASN B 361 -12.66 -31.59 -52.71
N GLY B 362 -12.55 -30.28 -52.56
CA GLY B 362 -13.28 -29.37 -53.43
C GLY B 362 -12.59 -29.21 -54.76
N LYS B 363 -12.60 -30.26 -55.57
CA LYS B 363 -11.89 -30.31 -56.82
C LYS B 363 -12.82 -30.80 -57.92
N SER B 364 -12.51 -30.43 -59.16
CA SER B 364 -13.30 -30.85 -60.31
C SER B 364 -12.44 -31.39 -61.44
N VAL B 365 -11.17 -31.65 -61.21
CA VAL B 365 -10.31 -32.36 -62.15
C VAL B 365 -9.60 -33.47 -61.40
N ARG B 366 -9.25 -34.53 -62.13
CA ARG B 366 -8.58 -35.68 -61.54
C ARG B 366 -7.09 -35.37 -61.35
N GLN B 367 -6.32 -36.36 -60.93
CA GLN B 367 -4.90 -36.13 -60.69
C GLN B 367 -4.16 -35.79 -61.97
N ASP B 368 -4.62 -36.31 -63.11
CA ASP B 368 -3.98 -36.03 -64.39
C ASP B 368 -4.55 -34.80 -65.08
N GLY B 369 -5.60 -34.20 -64.54
CA GLY B 369 -6.22 -33.04 -65.14
C GLY B 369 -7.52 -33.31 -65.87
N SER B 370 -7.91 -34.56 -66.03
CA SER B 370 -9.17 -34.87 -66.68
C SER B 370 -10.33 -34.47 -65.77
N PRO B 371 -11.46 -34.04 -66.35
CA PRO B 371 -12.62 -33.69 -65.52
C PRO B 371 -13.13 -34.88 -64.74
N VAL B 372 -13.61 -34.60 -63.52
CA VAL B 372 -14.18 -35.67 -62.71
C VAL B 372 -15.48 -36.15 -63.31
N SER B 373 -15.85 -37.37 -62.95
CA SER B 373 -17.07 -38.00 -63.45
C SER B 373 -18.13 -38.17 -62.37
N CYS B 374 -17.97 -37.50 -61.23
CA CYS B 374 -18.91 -37.64 -60.13
C CYS B 374 -18.81 -36.40 -59.25
N GLU B 375 -19.66 -36.34 -58.23
CA GLU B 375 -19.58 -35.30 -57.23
C GLU B 375 -18.42 -35.58 -56.29
N THR B 376 -17.56 -34.58 -56.07
CA THR B 376 -16.37 -34.72 -55.26
C THR B 376 -16.36 -33.62 -54.20
N GLY B 377 -16.71 -33.96 -52.96
CA GLY B 377 -16.53 -33.04 -51.86
C GLY B 377 -17.78 -32.27 -51.50
N PRO B 378 -18.40 -32.63 -50.38
CA PRO B 378 -19.60 -31.91 -49.94
C PRO B 378 -19.28 -30.67 -49.13
N VAL B 379 -20.32 -29.99 -48.67
CA VAL B 379 -20.16 -28.88 -47.74
C VAL B 379 -20.10 -29.47 -46.33
N ILE B 380 -19.08 -29.07 -45.57
CA ILE B 380 -18.96 -29.45 -44.17
C ILE B 380 -19.54 -28.32 -43.33
N TRP B 381 -20.43 -28.67 -42.42
CA TRP B 381 -21.07 -27.69 -41.57
C TRP B 381 -21.47 -28.39 -40.28
N GLY B 382 -22.02 -27.60 -39.35
CA GLY B 382 -22.45 -28.15 -38.08
C GLY B 382 -22.16 -27.20 -36.93
N GLY B 383 -22.00 -27.76 -35.74
CA GLY B 383 -21.74 -26.93 -34.58
C GLY B 383 -21.81 -27.75 -33.31
N VAL B 384 -21.51 -27.07 -32.20
CA VAL B 384 -21.40 -27.73 -30.92
C VAL B 384 -22.73 -28.37 -30.53
N GLY B 385 -22.65 -29.50 -29.85
CA GLY B 385 -23.83 -30.29 -29.56
C GLY B 385 -24.67 -29.71 -28.43
N CYS B 386 -25.97 -30.02 -28.52
CA CYS B 386 -27.02 -29.57 -27.62
C CYS B 386 -27.35 -28.10 -27.87
N ASN B 387 -26.55 -27.44 -28.70
CA ASN B 387 -26.87 -26.09 -29.14
C ASN B 387 -27.54 -26.07 -30.49
N GLY B 388 -27.19 -27.02 -31.37
CA GLY B 388 -27.82 -27.13 -32.66
C GLY B 388 -29.18 -27.78 -32.66
N GLN B 389 -29.56 -28.46 -31.56
CA GLN B 389 -30.90 -29.01 -31.47
C GLN B 389 -31.94 -27.91 -31.49
N HIS B 390 -31.66 -26.81 -30.82
CA HIS B 390 -32.55 -25.66 -30.78
C HIS B 390 -32.26 -24.66 -31.88
N ALA B 391 -31.31 -24.96 -32.77
CA ALA B 391 -30.94 -24.05 -33.84
C ALA B 391 -31.29 -24.60 -35.22
N TYR B 392 -30.78 -25.77 -35.59
CA TYR B 392 -30.94 -26.24 -36.96
C TYR B 392 -31.26 -27.73 -37.07
N HIS B 393 -31.33 -28.47 -35.96
CA HIS B 393 -31.70 -29.87 -36.04
C HIS B 393 -33.13 -30.05 -36.52
N GLN B 394 -33.94 -28.99 -36.48
CA GLN B 394 -35.29 -29.06 -37.03
C GLN B 394 -35.25 -29.39 -38.52
N LEU B 395 -34.32 -28.79 -39.26
CA LEU B 395 -34.16 -29.10 -40.67
C LEU B 395 -33.69 -30.53 -40.87
N LEU B 396 -32.82 -31.02 -39.98
CA LEU B 396 -32.38 -32.40 -40.07
C LEU B 396 -33.55 -33.36 -39.87
N HIS B 397 -34.40 -33.08 -38.90
CA HIS B 397 -35.50 -33.98 -38.57
C HIS B 397 -36.63 -33.91 -39.60
N GLN B 398 -37.02 -32.71 -40.03
CA GLN B 398 -38.23 -32.56 -40.84
C GLN B 398 -38.01 -31.88 -42.18
N GLY B 399 -36.76 -31.60 -42.56
CA GLY B 399 -36.49 -30.96 -43.83
C GLY B 399 -36.64 -31.91 -45.00
N THR B 400 -36.30 -31.41 -46.18
CA THR B 400 -36.37 -32.17 -47.41
C THR B 400 -35.00 -32.57 -47.93
N LEU B 401 -33.95 -32.39 -47.15
CA LEU B 401 -32.58 -32.67 -47.56
C LEU B 401 -32.05 -33.91 -46.86
N LEU B 402 -31.19 -34.65 -47.57
CA LEU B 402 -30.44 -35.75 -46.97
C LEU B 402 -29.11 -35.21 -46.51
N ILE B 403 -28.94 -35.08 -45.20
CA ILE B 403 -27.70 -34.58 -44.62
C ILE B 403 -27.15 -35.62 -43.64
N PRO B 404 -26.17 -36.42 -44.05
CA PRO B 404 -25.54 -37.33 -43.08
C PRO B 404 -24.88 -36.56 -41.97
N ALA B 405 -25.02 -37.07 -40.74
CA ALA B 405 -24.54 -36.40 -39.54
C ALA B 405 -23.51 -37.27 -38.84
N ASP B 406 -22.47 -36.64 -38.32
CA ASP B 406 -21.44 -37.29 -37.53
C ASP B 406 -21.52 -36.75 -36.12
N PHE B 407 -22.11 -37.53 -35.21
CA PHE B 407 -22.18 -37.16 -33.80
C PHE B 407 -20.88 -37.56 -33.10
N ILE B 408 -20.35 -36.65 -32.29
CA ILE B 408 -19.14 -36.90 -31.53
C ILE B 408 -19.42 -36.53 -30.07
N VAL B 409 -19.18 -37.47 -29.16
CA VAL B 409 -19.47 -37.25 -27.74
C VAL B 409 -18.51 -38.07 -26.90
N PRO B 410 -18.05 -37.55 -25.77
CA PRO B 410 -17.32 -38.38 -24.80
C PRO B 410 -18.25 -38.94 -23.72
N VAL B 411 -17.74 -39.95 -23.03
CA VAL B 411 -18.48 -40.54 -21.92
C VAL B 411 -18.22 -39.80 -20.61
N VAL B 412 -17.01 -39.28 -20.43
CA VAL B 412 -16.60 -38.63 -19.18
C VAL B 412 -16.38 -37.15 -19.45
N SER B 413 -16.86 -36.32 -18.53
CA SER B 413 -16.69 -34.87 -18.61
C SER B 413 -15.58 -34.42 -17.68
N HIS B 414 -14.76 -33.48 -18.16
CA HIS B 414 -13.68 -32.95 -17.35
C HIS B 414 -14.19 -32.07 -16.22
N ASN B 415 -15.30 -31.37 -16.43
CA ASN B 415 -15.90 -30.48 -15.43
C ASN B 415 -17.35 -30.90 -15.25
N PRO B 416 -17.60 -31.96 -14.48
CA PRO B 416 -18.98 -32.39 -14.25
C PRO B 416 -19.72 -31.39 -13.37
N VAL B 417 -20.96 -31.11 -13.75
CA VAL B 417 -21.82 -30.19 -13.01
C VAL B 417 -23.14 -30.93 -12.82
N ALA B 418 -23.32 -31.56 -11.66
CA ALA B 418 -24.50 -32.36 -11.34
C ALA B 418 -24.64 -33.44 -12.41
N ASP B 419 -25.81 -33.65 -12.99
CA ASP B 419 -26.03 -34.65 -14.03
C ASP B 419 -26.06 -34.05 -15.42
N HIS B 420 -25.27 -33.00 -15.66
CA HIS B 420 -25.33 -32.30 -16.94
C HIS B 420 -24.74 -33.14 -18.06
N HIS B 421 -23.67 -33.90 -17.78
CA HIS B 421 -23.07 -34.70 -18.85
C HIS B 421 -23.90 -35.92 -19.18
N GLN B 422 -24.61 -36.48 -18.19
CA GLN B 422 -25.56 -37.54 -18.50
C GLN B 422 -26.64 -37.03 -19.45
N TRP B 423 -27.11 -35.80 -19.24
CA TRP B 423 -28.10 -35.21 -20.12
C TRP B 423 -27.51 -34.89 -21.49
N LEU B 424 -26.25 -34.45 -21.54
CA LEU B 424 -25.60 -34.20 -22.82
C LEU B 424 -25.48 -35.49 -23.64
N TYR B 425 -25.04 -36.56 -22.99
CA TYR B 425 -24.94 -37.86 -23.64
C TYR B 425 -26.31 -38.35 -24.10
N ALA B 426 -27.32 -38.19 -23.25
CA ALA B 426 -28.67 -38.59 -23.61
C ALA B 426 -29.20 -37.79 -24.78
N ASN B 427 -28.89 -36.49 -24.83
CA ASN B 427 -29.33 -35.65 -25.93
C ASN B 427 -28.66 -36.07 -27.24
N CYS B 428 -27.36 -36.36 -27.21
CA CYS B 428 -26.69 -36.84 -28.42
C CYS B 428 -27.31 -38.16 -28.90
N LEU B 429 -27.48 -39.11 -27.98
CA LEU B 429 -28.04 -40.41 -28.35
C LEU B 429 -29.45 -40.28 -28.86
N SER B 430 -30.24 -39.41 -28.24
CA SER B 430 -31.63 -39.21 -28.64
C SER B 430 -31.72 -38.52 -29.99
N GLN B 431 -30.82 -37.59 -30.28
CA GLN B 431 -30.81 -36.98 -31.60
C GLN B 431 -30.51 -38.01 -32.67
N SER B 432 -29.52 -38.87 -32.43
CA SER B 432 -29.25 -39.94 -33.40
C SER B 432 -30.45 -40.88 -33.56
N GLN B 433 -31.07 -41.25 -32.43
CA GLN B 433 -32.18 -42.20 -32.47
C GLN B 433 -33.40 -41.59 -33.15
N ALA B 434 -33.65 -40.30 -32.93
CA ALA B 434 -34.76 -39.63 -33.60
C ALA B 434 -34.49 -39.47 -35.09
N LEU B 435 -33.23 -39.23 -35.46
CA LEU B 435 -32.88 -39.19 -36.87
C LEU B 435 -33.17 -40.52 -37.54
N MET B 436 -32.80 -41.63 -36.89
CA MET B 436 -32.99 -42.94 -37.49
C MET B 436 -34.46 -43.35 -37.49
N LEU B 437 -35.16 -43.14 -36.38
CA LEU B 437 -36.51 -43.68 -36.21
C LEU B 437 -37.55 -42.78 -36.88
N GLY B 438 -37.67 -41.54 -36.43
CA GLY B 438 -38.74 -40.68 -36.86
C GLY B 438 -40.03 -41.00 -36.11
N LYS B 439 -41.06 -40.23 -36.44
CA LYS B 439 -42.37 -40.40 -35.85
C LYS B 439 -43.41 -40.45 -36.97
N SER B 440 -44.09 -41.58 -37.10
CA SER B 440 -45.03 -41.77 -38.19
C SER B 440 -46.35 -41.05 -37.89
N ARG B 441 -47.27 -41.11 -38.85
CA ARG B 441 -48.59 -40.54 -38.66
C ARG B 441 -49.34 -41.25 -37.53
N GLU B 442 -49.21 -42.57 -37.46
CA GLU B 442 -49.89 -43.34 -36.43
C GLU B 442 -49.40 -42.96 -35.03
N GLU B 443 -48.08 -42.83 -34.86
CA GLU B 443 -47.55 -42.46 -33.55
C GLU B 443 -47.97 -41.07 -33.14
N ALA B 444 -47.94 -40.11 -34.07
CA ALA B 444 -48.36 -38.76 -33.76
C ALA B 444 -49.83 -38.70 -33.40
N GLU B 445 -50.67 -39.41 -34.17
CA GLU B 445 -52.09 -39.46 -33.86
C GLU B 445 -52.35 -40.09 -32.51
N ALA B 446 -51.62 -41.17 -32.19
CA ALA B 446 -51.80 -41.82 -30.89
C ALA B 446 -51.40 -40.91 -29.76
N GLU B 447 -50.30 -40.16 -29.91
CA GLU B 447 -49.89 -39.23 -28.87
C GLU B 447 -50.91 -38.10 -28.70
N LEU B 448 -51.44 -37.59 -29.81
CA LEU B 448 -52.45 -36.54 -29.73
C LEU B 448 -53.72 -37.06 -29.06
N ARG B 449 -54.11 -38.29 -29.37
CA ARG B 449 -55.27 -38.88 -28.71
C ARG B 449 -55.03 -39.07 -27.22
N ALA B 450 -53.84 -39.54 -26.86
CA ALA B 450 -53.49 -39.68 -25.45
C ALA B 450 -53.47 -38.34 -24.73
N LYS B 451 -53.21 -37.25 -25.45
CA LYS B 451 -53.32 -35.92 -24.88
C LYS B 451 -54.76 -35.45 -24.77
N GLY B 452 -55.71 -36.19 -25.32
CA GLY B 452 -57.12 -35.88 -25.19
C GLY B 452 -57.68 -34.92 -26.22
N LEU B 453 -56.93 -34.60 -27.27
CA LEU B 453 -57.42 -33.67 -28.26
C LEU B 453 -58.57 -34.28 -29.06
N PRO B 454 -59.52 -33.45 -29.49
CA PRO B 454 -60.62 -33.96 -30.34
C PRO B 454 -60.10 -34.55 -31.63
N GLU B 455 -60.98 -35.29 -32.31
CA GLU B 455 -60.60 -35.98 -33.54
C GLU B 455 -60.21 -34.98 -34.63
N ALA B 456 -60.97 -33.90 -34.78
CA ALA B 456 -60.63 -32.90 -35.79
C ALA B 456 -59.29 -32.25 -35.48
N GLU B 457 -59.04 -31.92 -34.21
CA GLU B 457 -57.75 -31.36 -33.83
C GLU B 457 -56.63 -32.38 -34.06
N VAL B 458 -56.90 -33.66 -33.77
CA VAL B 458 -55.90 -34.70 -33.97
C VAL B 458 -55.51 -34.77 -35.44
N LYS B 459 -56.50 -34.80 -36.33
CA LYS B 459 -56.21 -34.90 -37.76
C LYS B 459 -55.63 -33.60 -38.32
N ARG B 460 -55.88 -32.47 -37.67
CA ARG B 460 -55.26 -31.22 -38.10
C ARG B 460 -53.80 -31.16 -37.71
N LEU B 461 -53.47 -31.64 -36.51
CA LEU B 461 -52.12 -31.49 -35.97
C LEU B 461 -51.19 -32.64 -36.33
N ALA B 462 -51.72 -33.82 -36.68
CA ALA B 462 -50.86 -34.98 -36.90
C ALA B 462 -49.85 -34.80 -38.03
N PRO B 463 -50.21 -34.31 -39.22
CA PRO B 463 -49.20 -34.23 -40.29
C PRO B 463 -48.03 -33.32 -39.96
N HIS B 464 -48.24 -32.30 -39.11
CA HIS B 464 -47.16 -31.38 -38.78
C HIS B 464 -46.16 -31.99 -37.80
N LYS B 465 -46.59 -32.93 -36.98
CA LYS B 465 -45.71 -33.56 -36.00
C LYS B 465 -44.95 -34.75 -36.57
N VAL B 466 -45.26 -35.17 -37.79
CA VAL B 466 -44.64 -36.37 -38.36
C VAL B 466 -43.19 -36.06 -38.72
N ILE B 467 -42.28 -36.87 -38.18
CA ILE B 467 -40.87 -36.83 -38.55
C ILE B 467 -40.61 -38.02 -39.48
N PRO B 468 -40.12 -37.79 -40.70
CA PRO B 468 -39.93 -38.92 -41.64
C PRO B 468 -39.01 -40.00 -41.11
N GLY B 469 -37.95 -39.62 -40.39
CA GLY B 469 -36.95 -40.59 -39.98
C GLY B 469 -36.06 -40.99 -41.14
N ASN B 470 -35.33 -42.09 -40.91
CA ASN B 470 -34.43 -42.67 -41.90
C ASN B 470 -33.30 -41.72 -42.29
N ARG B 471 -32.88 -40.86 -41.36
CA ARG B 471 -31.76 -39.96 -41.59
C ARG B 471 -30.47 -40.61 -41.11
N PRO B 472 -29.52 -40.89 -41.99
CA PRO B 472 -28.30 -41.57 -41.56
C PRO B 472 -27.46 -40.73 -40.62
N SER B 473 -26.75 -41.41 -39.72
CA SER B 473 -25.85 -40.73 -38.79
C SER B 473 -24.74 -41.69 -38.38
N ASN B 474 -23.61 -41.12 -38.01
CA ASN B 474 -22.51 -41.84 -37.40
C ASN B 474 -22.30 -41.28 -36.01
N THR B 475 -21.92 -42.14 -35.06
CA THR B 475 -21.60 -41.71 -33.71
C THR B 475 -20.16 -42.07 -33.42
N LEU B 476 -19.38 -41.09 -32.98
CA LEU B 476 -18.02 -41.31 -32.51
C LEU B 476 -18.00 -41.07 -31.02
N VAL B 477 -17.63 -42.09 -30.25
CA VAL B 477 -17.61 -42.00 -28.80
C VAL B 477 -16.18 -42.19 -28.32
N MET B 478 -15.84 -41.47 -27.27
CA MET B 478 -14.59 -41.63 -26.54
C MET B 478 -14.92 -41.76 -25.07
N GLU B 479 -13.99 -42.34 -24.31
CA GLU B 479 -14.13 -42.28 -22.85
C GLU B 479 -13.95 -40.86 -22.35
N THR B 480 -12.89 -40.19 -22.78
CA THR B 480 -12.63 -38.81 -22.42
C THR B 480 -11.93 -38.15 -23.60
N LEU B 481 -12.06 -36.83 -23.71
CA LEU B 481 -11.36 -36.08 -24.74
C LEU B 481 -10.02 -35.62 -24.18
N ASN B 482 -9.03 -36.48 -24.30
CA ASN B 482 -7.66 -36.20 -23.93
C ASN B 482 -6.83 -35.91 -25.18
N PRO B 483 -5.58 -35.45 -25.03
CA PRO B 483 -4.78 -35.20 -26.24
C PRO B 483 -4.65 -36.38 -27.17
N SER B 484 -4.52 -37.59 -26.63
CA SER B 484 -4.34 -38.77 -27.46
C SER B 484 -5.56 -39.04 -28.32
N ARG B 485 -6.75 -39.01 -27.72
CA ARG B 485 -7.96 -39.32 -28.48
C ARG B 485 -8.33 -38.19 -29.43
N LEU B 486 -8.03 -36.95 -29.07
CA LEU B 486 -8.22 -35.85 -30.01
C LEU B 486 -7.31 -35.98 -31.22
N GLY B 487 -6.05 -36.35 -31.00
CA GLY B 487 -5.16 -36.61 -32.11
C GLY B 487 -5.65 -37.74 -32.99
N ALA B 488 -6.16 -38.81 -32.37
CA ALA B 488 -6.74 -39.91 -33.14
C ALA B 488 -7.93 -39.44 -33.96
N LEU B 489 -8.79 -38.59 -33.39
CA LEU B 489 -9.96 -38.09 -34.11
C LEU B 489 -9.55 -37.25 -35.32
N ILE B 490 -8.60 -36.34 -35.13
CA ILE B 490 -8.14 -35.50 -36.23
C ILE B 490 -7.51 -36.33 -37.33
N ALA B 491 -6.66 -37.28 -36.95
CA ALA B 491 -6.03 -38.15 -37.95
C ALA B 491 -7.05 -39.01 -38.67
N LEU B 492 -8.09 -39.46 -37.96
CA LEU B 492 -9.14 -40.25 -38.60
C LEU B 492 -9.85 -39.44 -39.67
N TYR B 493 -10.15 -38.17 -39.38
CA TYR B 493 -10.81 -37.36 -40.39
C TYR B 493 -9.87 -37.01 -41.55
N GLU B 494 -8.58 -36.81 -41.26
CA GLU B 494 -7.59 -36.62 -42.33
C GLU B 494 -7.57 -37.81 -43.27
N HIS B 495 -7.53 -39.01 -42.71
CA HIS B 495 -7.47 -40.21 -43.54
C HIS B 495 -8.79 -40.44 -44.28
N LYS B 496 -9.92 -40.07 -43.68
CA LYS B 496 -11.19 -40.16 -44.39
C LYS B 496 -11.19 -39.24 -45.61
N VAL B 497 -10.69 -38.01 -45.45
CA VAL B 497 -10.58 -37.09 -46.57
C VAL B 497 -9.67 -37.67 -47.65
N PHE B 498 -8.54 -38.25 -47.23
CA PHE B 498 -7.62 -38.83 -48.19
C PHE B 498 -8.28 -39.96 -48.98
N VAL B 499 -8.99 -40.84 -48.30
CA VAL B 499 -9.62 -41.99 -48.96
C VAL B 499 -10.69 -41.51 -49.93
N GLN B 500 -11.48 -40.51 -49.54
CA GLN B 500 -12.49 -39.97 -50.45
C GLN B 500 -11.84 -39.36 -51.69
N GLY B 501 -10.76 -38.60 -51.51
CA GLY B 501 -10.06 -38.04 -52.65
C GLY B 501 -9.46 -39.11 -53.55
N VAL B 502 -9.00 -40.22 -52.98
CA VAL B 502 -8.50 -41.33 -53.77
C VAL B 502 -9.63 -41.96 -54.58
N ILE B 503 -10.79 -42.15 -53.96
CA ILE B 503 -11.93 -42.73 -54.67
C ILE B 503 -12.34 -41.84 -55.83
N TRP B 504 -12.42 -40.53 -55.60
CA TRP B 504 -12.81 -39.60 -56.65
C TRP B 504 -11.71 -39.36 -57.67
N GLY B 505 -10.50 -39.83 -57.41
CA GLY B 505 -9.41 -39.66 -58.34
C GLY B 505 -8.80 -38.28 -58.38
N ILE B 506 -8.99 -37.48 -57.33
CA ILE B 506 -8.60 -36.08 -57.33
C ILE B 506 -7.35 -35.91 -56.46
N ASN B 507 -6.77 -34.72 -56.53
CA ASN B 507 -5.63 -34.36 -55.70
C ASN B 507 -6.15 -33.65 -54.46
N SER B 508 -5.94 -34.27 -53.29
CA SER B 508 -6.41 -33.74 -52.02
C SER B 508 -5.41 -32.83 -51.34
N PHE B 509 -4.28 -32.53 -51.99
CA PHE B 509 -3.21 -31.81 -51.34
C PHE B 509 -2.79 -30.54 -52.07
N ASP B 510 -3.46 -30.18 -53.16
CA ASP B 510 -3.23 -28.92 -53.84
C ASP B 510 -4.42 -27.99 -53.63
N GLN B 511 -4.17 -26.69 -53.71
CA GLN B 511 -5.21 -25.67 -53.64
C GLN B 511 -4.93 -24.66 -54.75
N TRP B 512 -5.43 -24.95 -55.95
CA TRP B 512 -5.24 -24.06 -57.08
C TRP B 512 -6.40 -23.10 -57.29
N GLY B 513 -7.48 -23.27 -56.53
CA GLY B 513 -8.65 -22.42 -56.64
C GLY B 513 -8.59 -21.17 -55.80
N VAL B 514 -7.42 -20.82 -55.27
CA VAL B 514 -7.27 -19.64 -54.42
C VAL B 514 -6.36 -18.60 -55.03
N GLU B 515 -5.85 -18.81 -56.24
CA GLU B 515 -4.93 -17.86 -56.85
C GLU B 515 -5.65 -16.76 -57.62
N LEU B 516 -6.73 -17.11 -58.32
CA LEU B 516 -7.48 -16.12 -59.08
C LEU B 516 -8.04 -15.04 -58.16
N GLY B 517 -8.56 -15.44 -57.00
CA GLY B 517 -9.03 -14.46 -56.04
C GLY B 517 -7.93 -13.53 -55.59
N LYS B 518 -6.71 -14.04 -55.43
CA LYS B 518 -5.59 -13.19 -55.04
C LYS B 518 -5.26 -12.16 -56.12
N GLU B 519 -5.16 -12.60 -57.38
CA GLU B 519 -4.86 -11.66 -58.46
C GLU B 519 -5.94 -10.60 -58.58
N LEU B 520 -7.21 -11.03 -58.53
CA LEU B 520 -8.30 -10.09 -58.60
C LEU B 520 -8.32 -9.17 -57.39
N GLY B 521 -7.84 -9.64 -56.24
CA GLY B 521 -7.75 -8.79 -55.07
C GLY B 521 -6.73 -7.68 -55.26
N LYS B 522 -5.58 -8.00 -55.84
CA LYS B 522 -4.61 -6.95 -56.16
C LYS B 522 -5.20 -5.94 -57.14
N ASN B 523 -5.90 -6.42 -58.17
CA ASN B 523 -6.51 -5.51 -59.13
C ASN B 523 -7.55 -4.61 -58.47
N VAL B 524 -8.42 -5.19 -57.64
CA VAL B 524 -9.49 -4.43 -57.02
C VAL B 524 -8.92 -3.43 -56.02
N TYR B 525 -7.87 -3.82 -55.29
CA TYR B 525 -7.23 -2.87 -54.37
C TYR B 525 -6.62 -1.70 -55.12
N GLY B 526 -5.94 -1.99 -56.23
CA GLY B 526 -5.37 -0.92 -57.03
C GLY B 526 -6.43 0.03 -57.56
N ARG B 527 -7.59 -0.51 -57.94
CA ARG B 527 -8.69 0.35 -58.38
C ARG B 527 -9.35 1.11 -57.23
N LEU B 528 -9.39 0.54 -56.03
CA LEU B 528 -9.96 1.21 -54.88
C LEU B 528 -9.11 2.40 -54.43
N THR B 529 -7.79 2.25 -54.46
CA THR B 529 -6.94 3.28 -53.87
C THR B 529 -6.56 4.37 -54.87
N SER B 530 -6.18 3.99 -56.09
CA SER B 530 -5.70 4.96 -57.05
C SER B 530 -6.83 5.85 -57.56
N TYR B 531 -6.46 7.04 -58.04
CA TYR B 531 -7.44 8.02 -58.48
C TYR B 531 -7.92 7.75 -59.90
N GLU B 532 -7.02 7.80 -60.87
CA GLU B 532 -7.36 7.57 -62.26
C GLU B 532 -7.01 6.12 -62.60
N ALA B 533 -7.94 5.22 -62.31
CA ALA B 533 -7.77 3.81 -62.57
C ALA B 533 -8.73 3.36 -63.68
N PRO B 534 -8.32 2.39 -64.50
CA PRO B 534 -9.20 1.88 -65.55
C PRO B 534 -10.38 1.14 -64.94
N PRO B 535 -11.48 1.04 -65.67
CA PRO B 535 -12.65 0.33 -65.14
C PRO B 535 -12.35 -1.15 -64.92
N ALA B 536 -13.08 -1.75 -63.98
CA ALA B 536 -12.94 -3.17 -63.70
C ALA B 536 -13.48 -3.99 -64.87
N GLU B 537 -13.18 -5.29 -64.84
CA GLU B 537 -13.55 -6.17 -65.94
C GLU B 537 -15.06 -6.28 -66.07
N ASP B 538 -15.78 -6.33 -64.95
CA ASP B 538 -17.23 -6.41 -64.96
C ASP B 538 -17.83 -5.16 -64.33
N SER B 539 -19.07 -4.86 -64.72
CA SER B 539 -19.75 -3.69 -64.20
C SER B 539 -20.16 -3.85 -62.75
N SER B 540 -20.29 -5.08 -62.25
CA SER B 540 -20.64 -5.29 -60.86
C SER B 540 -19.48 -4.92 -59.93
N THR B 541 -18.27 -5.40 -60.26
CA THR B 541 -17.11 -5.04 -59.47
C THR B 541 -16.83 -3.54 -59.58
N GLN B 542 -17.02 -2.98 -60.77
CA GLN B 542 -16.84 -1.53 -60.94
C GLN B 542 -17.85 -0.75 -60.10
N GLY B 543 -19.10 -1.21 -60.05
CA GLY B 543 -20.10 -0.54 -59.25
C GLY B 543 -19.80 -0.64 -57.76
N LEU B 544 -19.29 -1.79 -57.32
CA LEU B 544 -18.92 -1.93 -55.92
C LEU B 544 -17.70 -1.07 -55.58
N ILE B 545 -16.76 -0.94 -56.52
CA ILE B 545 -15.63 -0.03 -56.34
C ILE B 545 -16.11 1.41 -56.23
N ASP B 546 -17.08 1.79 -57.08
CA ASP B 546 -17.63 3.14 -57.01
C ASP B 546 -18.39 3.37 -55.72
N TYR B 547 -19.12 2.37 -55.24
CA TYR B 547 -19.80 2.49 -53.96
C TYR B 547 -18.80 2.70 -52.83
N PHE B 548 -17.67 2.00 -52.88
CA PHE B 548 -16.61 2.25 -51.91
C PHE B 548 -16.07 3.67 -52.04
N ARG B 549 -15.78 4.10 -53.27
CA ARG B 549 -15.14 5.39 -53.48
C ARG B 549 -16.07 6.55 -53.16
N GLY B 550 -17.38 6.36 -53.30
CA GLY B 550 -18.32 7.38 -52.95
C GLY B 550 -18.62 7.50 -51.48
N ARG B 551 -17.97 6.68 -50.65
CA ARG B 551 -18.21 6.71 -49.22
C ARG B 551 -16.95 6.65 -48.37
N HIS B 552 -15.79 6.34 -48.93
CA HIS B 552 -14.57 6.18 -48.15
C HIS B 552 -13.85 7.51 -48.01
N ARG B 553 -13.31 7.75 -46.82
CA ARG B 553 -12.57 8.97 -46.55
C ARG B 553 -11.29 8.66 -45.79
N TYR C 3 -10.86 -72.48 -2.58
CA TYR C 3 -9.49 -72.42 -2.11
C TYR C 3 -9.43 -71.85 -0.70
N TYR C 4 -10.45 -71.08 -0.33
CA TYR C 4 -10.54 -70.52 1.01
C TYR C 4 -11.27 -71.44 1.99
N GLN C 5 -11.82 -72.56 1.52
CA GLN C 5 -12.50 -73.51 2.38
C GLN C 5 -11.72 -74.80 2.54
N GLN C 6 -11.32 -75.43 1.45
CA GLN C 6 -10.49 -76.63 1.48
C GLN C 6 -9.06 -76.24 1.18
N ALA C 7 -8.18 -76.42 2.17
CA ALA C 7 -6.77 -76.08 2.04
C ALA C 7 -5.96 -77.35 1.88
N PHE C 8 -5.12 -77.37 0.85
CA PHE C 8 -4.21 -78.46 0.58
C PHE C 8 -2.77 -78.00 0.76
N ASP C 9 -1.85 -78.95 0.65
CA ASP C 9 -0.42 -78.67 0.73
C ASP C 9 0.10 -78.44 -0.68
N VAL C 10 0.52 -77.20 -0.97
CA VAL C 10 0.94 -76.86 -2.32
C VAL C 10 2.21 -77.59 -2.70
N THR C 11 3.05 -77.93 -1.72
CA THR C 11 4.30 -78.64 -2.01
C THR C 11 4.06 -80.08 -2.44
N SER C 12 2.86 -80.62 -2.23
CA SER C 12 2.52 -81.97 -2.64
C SER C 12 1.97 -82.04 -4.05
N LEU C 13 1.72 -80.90 -4.69
CA LEU C 13 1.21 -80.91 -6.05
C LEU C 13 2.26 -81.47 -7.00
N PRO C 14 1.84 -82.22 -8.03
CA PRO C 14 2.83 -82.70 -9.02
C PRO C 14 3.55 -81.58 -9.73
N SER C 15 2.89 -80.44 -9.94
CA SER C 15 3.54 -79.30 -10.56
C SER C 15 4.65 -78.76 -9.66
N TRP C 16 4.44 -78.77 -8.34
CA TRP C 16 5.49 -78.34 -7.42
C TRP C 16 6.71 -79.25 -7.51
N ARG C 17 6.49 -80.56 -7.55
CA ARG C 17 7.61 -81.49 -7.66
C ARG C 17 8.32 -81.36 -9.01
N ALA C 18 7.55 -81.12 -10.07
CA ALA C 18 8.16 -80.85 -11.37
C ALA C 18 9.00 -79.59 -11.32
N LEU C 19 8.54 -78.58 -10.59
CA LEU C 19 9.33 -77.36 -10.44
C LEU C 19 10.59 -77.60 -9.62
N GLN C 20 10.53 -78.48 -8.62
CA GLN C 20 11.75 -78.86 -7.89
C GLN C 20 12.75 -79.52 -8.81
N GLU C 21 12.29 -80.47 -9.63
CA GLU C 21 13.19 -81.14 -10.57
C GLU C 21 13.76 -80.15 -11.59
N HIS C 22 12.92 -79.23 -12.07
CA HIS C 22 13.40 -78.22 -13.01
C HIS C 22 14.40 -77.28 -12.37
N ARG C 23 14.21 -76.95 -11.09
CA ARG C 23 15.18 -76.14 -10.37
C ARG C 23 16.51 -76.87 -10.25
N LEU C 24 16.46 -78.17 -9.94
CA LEU C 24 17.68 -78.96 -9.93
C LEU C 24 18.38 -78.92 -11.28
N ALA C 25 17.62 -79.02 -12.36
CA ALA C 25 18.21 -79.00 -13.70
C ALA C 25 18.75 -77.61 -14.05
N MET C 26 18.06 -76.56 -13.62
CA MET C 26 18.40 -75.19 -13.98
C MET C 26 19.42 -74.57 -13.04
N GLN C 27 19.87 -75.31 -12.03
CA GLN C 27 20.95 -74.87 -11.16
C GLN C 27 22.08 -74.14 -11.89
N ASN C 28 22.52 -74.69 -13.03
CA ASN C 28 23.65 -74.14 -13.76
C ASN C 28 23.25 -73.13 -14.84
N PHE C 29 21.97 -72.79 -14.93
CA PHE C 29 21.49 -71.89 -15.97
C PHE C 29 22.08 -70.50 -15.80
N HIS C 30 22.51 -69.91 -16.92
CA HIS C 30 22.99 -68.53 -16.94
C HIS C 30 22.23 -67.76 -18.01
N MET C 31 21.73 -66.59 -17.65
CA MET C 31 20.91 -65.81 -18.57
C MET C 31 21.70 -65.30 -19.76
N ARG C 32 22.99 -65.03 -19.58
CA ARG C 32 23.81 -64.56 -20.69
C ARG C 32 23.87 -65.61 -21.81
N GLU C 33 24.12 -66.87 -21.43
CA GLU C 33 24.15 -67.93 -22.43
C GLU C 33 22.79 -68.11 -23.09
N ALA C 34 21.72 -67.97 -22.32
CA ALA C 34 20.38 -68.06 -22.88
C ALA C 34 20.10 -66.92 -23.86
N PHE C 35 20.77 -65.78 -23.68
CA PHE C 35 20.55 -64.65 -24.58
C PHE C 35 21.41 -64.72 -25.83
N LEU C 36 22.64 -65.22 -25.74
CA LEU C 36 23.41 -65.43 -26.96
C LEU C 36 22.91 -66.61 -27.76
N SER C 37 22.21 -67.54 -27.13
CA SER C 37 21.71 -68.74 -27.81
C SER C 37 20.24 -68.63 -28.20
N ASP C 38 19.64 -67.45 -28.07
CA ASP C 38 18.23 -67.27 -28.42
C ASP C 38 17.98 -65.80 -28.73
N PRO C 39 18.10 -65.40 -30.00
CA PRO C 39 17.80 -64.01 -30.36
C PRO C 39 16.35 -63.61 -30.16
N GLY C 40 15.43 -64.58 -30.07
CA GLY C 40 14.03 -64.28 -29.88
C GLY C 40 13.58 -64.40 -28.44
N ARG C 41 14.52 -64.34 -27.50
CA ARG C 41 14.20 -64.48 -26.09
C ARG C 41 13.32 -63.34 -25.59
N PHE C 42 13.61 -62.11 -26.02
CA PHE C 42 12.80 -60.97 -25.60
C PHE C 42 11.37 -61.10 -26.10
N ASP C 43 11.19 -61.51 -27.36
CA ASP C 43 9.85 -61.67 -27.91
C ASP C 43 9.09 -62.76 -27.17
N GLU C 44 9.77 -63.87 -26.85
CA GLU C 44 9.11 -64.98 -26.16
C GLU C 44 8.72 -64.59 -24.74
N PHE C 45 9.54 -63.80 -24.06
CA PHE C 45 9.34 -63.52 -22.65
C PHE C 45 9.02 -62.06 -22.39
N SER C 46 8.13 -61.48 -23.20
CA SER C 46 7.61 -60.16 -22.95
C SER C 46 6.13 -60.15 -23.29
N THR C 47 5.39 -59.24 -22.67
CA THR C 47 3.96 -59.16 -22.85
C THR C 47 3.51 -57.72 -22.66
N SER C 48 2.31 -57.42 -23.14
CA SER C 48 1.75 -56.08 -23.06
C SER C 48 0.31 -56.16 -22.59
N SER C 49 -0.14 -55.09 -21.95
CA SER C 49 -1.52 -55.00 -21.48
C SER C 49 -1.84 -53.53 -21.25
N CYS C 50 -2.76 -53.00 -22.03
CA CYS C 50 -3.17 -51.58 -21.94
C CYS C 50 -1.93 -50.75 -22.23
N GLY C 51 -1.55 -49.81 -21.38
CA GLY C 51 -0.33 -49.06 -21.58
C GLY C 51 0.89 -49.65 -20.92
N LEU C 52 0.78 -50.81 -20.28
CA LEU C 52 1.88 -51.43 -19.58
C LEU C 52 2.56 -52.46 -20.46
N PHE C 53 3.89 -52.51 -20.37
CA PHE C 53 4.68 -53.51 -21.09
C PHE C 53 5.60 -54.18 -20.08
N LEU C 54 5.50 -55.49 -19.97
CA LEU C 54 6.32 -56.27 -19.05
C LEU C 54 7.36 -57.05 -19.84
N ASP C 55 8.63 -56.75 -19.61
CA ASP C 55 9.75 -57.53 -20.10
C ASP C 55 10.25 -58.39 -18.95
N TYR C 56 10.07 -59.70 -19.06
CA TYR C 56 10.53 -60.64 -18.05
C TYR C 56 11.49 -61.67 -18.65
N SER C 57 12.23 -61.28 -19.68
CA SER C 57 13.20 -62.18 -20.30
C SER C 57 14.47 -62.30 -19.48
N LYS C 58 14.84 -61.26 -18.73
CA LYS C 58 16.01 -61.32 -17.85
C LYS C 58 15.65 -62.01 -16.54
N ASN C 59 15.17 -63.25 -16.68
CA ASN C 59 14.77 -64.06 -15.55
C ASN C 59 15.41 -65.44 -15.69
N LEU C 60 15.55 -66.13 -14.56
CA LEU C 60 16.11 -67.48 -14.54
C LEU C 60 15.01 -68.47 -14.95
N ILE C 61 14.62 -68.36 -16.21
CA ILE C 61 13.54 -69.17 -16.76
C ILE C 61 13.91 -69.60 -18.18
N THR C 62 13.36 -70.73 -18.58
CA THR C 62 13.32 -71.19 -19.96
C THR C 62 11.85 -71.27 -20.33
N PRO C 63 11.49 -71.55 -21.59
CA PRO C 63 10.07 -71.82 -21.88
C PRO C 63 9.50 -72.95 -21.04
N GLU C 64 10.31 -73.96 -20.72
CA GLU C 64 9.87 -75.02 -19.83
C GLU C 64 9.56 -74.49 -18.44
N THR C 65 10.37 -73.55 -17.95
CA THR C 65 10.11 -72.97 -16.64
C THR C 65 8.78 -72.23 -16.62
N ARG C 66 8.50 -71.44 -17.65
CA ARG C 66 7.22 -70.74 -17.71
C ARG C 66 6.07 -71.72 -17.81
N ASP C 67 6.25 -72.80 -18.59
CA ASP C 67 5.21 -73.83 -18.68
C ASP C 67 4.92 -74.43 -17.31
N LEU C 68 5.97 -74.76 -16.56
CA LEU C 68 5.79 -75.39 -15.24
C LEU C 68 5.20 -74.41 -14.23
N LEU C 69 5.60 -73.15 -14.28
CA LEU C 69 5.02 -72.16 -13.36
C LEU C 69 3.55 -71.93 -13.66
N VAL C 70 3.19 -71.86 -14.95
CA VAL C 70 1.78 -71.74 -15.32
C VAL C 70 1.01 -72.99 -14.89
N ASN C 71 1.64 -74.16 -14.99
CA ASN C 71 1.00 -75.39 -14.54
C ASN C 71 0.75 -75.35 -13.03
N LEU C 72 1.71 -74.85 -12.26
CA LEU C 72 1.51 -74.72 -10.82
C LEU C 72 0.40 -73.73 -10.50
N ALA C 73 0.35 -72.62 -11.24
CA ALA C 73 -0.73 -71.67 -11.03
C ALA C 73 -2.10 -72.30 -11.33
N ARG C 74 -2.18 -73.10 -12.39
CA ARG C 74 -3.43 -73.79 -12.70
C ARG C 74 -3.80 -74.82 -11.64
N GLU C 75 -2.81 -75.60 -11.18
CA GLU C 75 -3.08 -76.64 -10.20
C GLU C 75 -3.47 -76.07 -8.86
N ALA C 76 -2.91 -74.91 -8.48
CA ALA C 76 -3.32 -74.27 -7.23
C ALA C 76 -4.70 -73.64 -7.33
N GLY C 77 -5.24 -73.48 -8.54
CA GLY C 77 -6.55 -72.91 -8.69
C GLY C 77 -6.59 -71.40 -8.71
N VAL C 78 -5.64 -70.77 -9.40
CA VAL C 78 -5.59 -69.31 -9.43
C VAL C 78 -6.79 -68.73 -10.17
N GLU C 79 -7.20 -69.38 -11.26
CA GLU C 79 -8.32 -68.89 -12.03
C GLU C 79 -9.63 -68.94 -11.23
N GLN C 80 -9.89 -70.08 -10.60
CA GLN C 80 -11.10 -70.22 -9.79
C GLN C 80 -11.07 -69.28 -8.59
N ALA C 81 -9.90 -69.13 -7.97
CA ALA C 81 -9.77 -68.22 -6.83
C ALA C 81 -10.03 -66.77 -7.25
N ALA C 82 -9.51 -66.38 -8.41
CA ALA C 82 -9.76 -65.04 -8.92
C ALA C 82 -11.24 -64.84 -9.22
N ARG C 83 -11.89 -65.87 -9.80
CA ARG C 83 -13.33 -65.79 -10.02
C ARG C 83 -14.08 -65.59 -8.70
N ALA C 84 -13.70 -66.35 -7.68
CA ALA C 84 -14.36 -66.24 -6.38
C ALA C 84 -14.16 -64.87 -5.77
N MET C 85 -12.94 -64.33 -5.84
CA MET C 85 -12.68 -63.02 -5.24
C MET C 85 -13.39 -61.91 -6.01
N PHE C 86 -13.39 -61.98 -7.34
CA PHE C 86 -14.07 -60.97 -8.14
C PHE C 86 -15.58 -61.05 -8.00
N ASP C 87 -16.11 -62.23 -7.70
CA ASP C 87 -17.55 -62.45 -7.65
C ASP C 87 -18.17 -62.13 -6.30
N GLY C 88 -17.36 -61.85 -5.28
CA GLY C 88 -17.88 -61.52 -3.97
C GLY C 88 -17.89 -62.65 -2.96
N GLU C 89 -17.28 -63.78 -3.28
CA GLU C 89 -17.21 -64.87 -2.32
C GLU C 89 -16.32 -64.47 -1.13
N PRO C 90 -16.63 -64.97 0.07
CA PRO C 90 -15.84 -64.59 1.24
C PRO C 90 -14.44 -65.20 1.22
N VAL C 91 -13.56 -64.66 0.38
CA VAL C 91 -12.21 -65.18 0.25
C VAL C 91 -11.38 -64.89 1.50
N ASN C 92 -11.77 -63.88 2.28
CA ASN C 92 -11.16 -63.64 3.59
C ASN C 92 -11.78 -64.61 4.58
N ALA C 93 -11.27 -65.85 4.56
CA ALA C 93 -11.88 -66.93 5.34
C ALA C 93 -11.79 -66.66 6.82
N SER C 94 -10.65 -66.15 7.30
CA SER C 94 -10.47 -65.93 8.73
C SER C 94 -11.47 -64.91 9.27
N GLU C 95 -11.69 -63.82 8.54
CA GLU C 95 -12.63 -62.80 8.95
C GLU C 95 -14.02 -62.99 8.37
N ARG C 96 -14.20 -64.01 7.51
CA ARG C 96 -15.50 -64.32 6.90
C ARG C 96 -16.05 -63.14 6.11
N ARG C 97 -15.19 -62.51 5.32
CA ARG C 97 -15.56 -61.34 4.54
C ARG C 97 -15.14 -61.54 3.09
N PRO C 98 -15.82 -60.89 2.16
CA PRO C 98 -15.30 -60.79 0.79
C PRO C 98 -14.20 -59.74 0.70
N ALA C 99 -13.40 -59.88 -0.35
CA ALA C 99 -12.35 -58.91 -0.67
C ALA C 99 -12.73 -58.27 -1.99
N LEU C 100 -13.36 -57.09 -1.91
CA LEU C 100 -13.96 -56.48 -3.08
C LEU C 100 -13.37 -55.11 -3.38
N HIS C 101 -12.04 -55.01 -3.35
CA HIS C 101 -11.39 -53.78 -3.79
C HIS C 101 -11.54 -53.59 -5.29
N THR C 102 -11.66 -54.68 -6.04
CA THR C 102 -11.88 -54.58 -7.48
C THR C 102 -13.22 -53.93 -7.78
N ALA C 103 -14.23 -54.20 -6.95
CA ALA C 103 -15.54 -53.58 -7.11
C ALA C 103 -15.46 -52.07 -7.08
N LEU C 104 -14.49 -51.51 -6.36
CA LEU C 104 -14.36 -50.06 -6.29
C LEU C 104 -13.99 -49.43 -7.63
N ARG C 105 -13.52 -50.23 -8.59
CA ARG C 105 -13.11 -49.72 -9.89
C ARG C 105 -14.09 -50.06 -11.00
N ARG C 106 -15.14 -50.81 -10.69
CA ARG C 106 -16.11 -51.17 -11.70
C ARG C 106 -16.95 -49.95 -12.10
N PRO C 107 -17.43 -49.91 -13.33
CA PRO C 107 -18.29 -48.80 -13.76
C PRO C 107 -19.74 -48.99 -13.31
N VAL C 108 -20.55 -47.97 -13.59
CA VAL C 108 -21.92 -47.95 -13.11
C VAL C 108 -22.78 -49.05 -13.71
N GLY C 109 -22.39 -49.61 -14.85
CA GLY C 109 -23.16 -50.68 -15.45
C GLY C 109 -22.98 -52.04 -14.83
N ASP C 110 -22.04 -52.17 -13.90
CA ASP C 110 -21.76 -53.45 -13.25
C ASP C 110 -22.58 -53.58 -11.98
N SER C 111 -23.07 -54.78 -11.71
CA SER C 111 -23.85 -55.07 -10.52
C SER C 111 -23.23 -56.25 -9.78
N LEU C 112 -23.05 -56.10 -8.48
CA LEU C 112 -22.48 -57.14 -7.63
C LEU C 112 -23.39 -57.30 -6.42
N LEU C 113 -23.97 -58.48 -6.25
CA LEU C 113 -24.92 -58.74 -5.18
C LEU C 113 -24.21 -59.44 -4.02
N ILE C 114 -24.23 -58.81 -2.86
CA ILE C 114 -23.67 -59.37 -1.64
C ILE C 114 -24.80 -59.44 -0.62
N ASP C 115 -25.18 -60.67 -0.24
CA ASP C 115 -26.33 -60.91 0.63
C ASP C 115 -27.60 -60.28 0.06
N GLY C 116 -27.76 -60.39 -1.26
CA GLY C 116 -28.93 -59.85 -1.93
C GLY C 116 -28.94 -58.36 -2.09
N HIS C 117 -27.86 -57.66 -1.77
CA HIS C 117 -27.78 -56.22 -1.89
C HIS C 117 -26.72 -55.85 -2.92
N ASN C 118 -27.04 -54.84 -3.74
CA ASN C 118 -26.14 -54.40 -4.81
C ASN C 118 -25.16 -53.39 -4.22
N ILE C 119 -23.94 -53.85 -3.96
CA ILE C 119 -22.93 -52.98 -3.35
C ILE C 119 -22.37 -51.97 -4.35
N MET C 120 -22.58 -52.18 -5.65
CA MET C 120 -22.15 -51.20 -6.63
C MET C 120 -22.91 -49.89 -6.48
N ARG C 121 -24.14 -49.96 -5.99
CA ARG C 121 -24.87 -48.74 -5.65
C ARG C 121 -24.14 -47.96 -4.57
N ASP C 122 -23.65 -48.65 -3.54
CA ASP C 122 -22.85 -47.97 -2.51
C ASP C 122 -21.58 -47.39 -3.10
N VAL C 123 -20.90 -48.16 -3.95
CA VAL C 123 -19.66 -47.69 -4.56
C VAL C 123 -19.89 -46.38 -5.31
N HIS C 124 -20.92 -46.35 -6.15
CA HIS C 124 -21.13 -45.18 -6.98
C HIS C 124 -21.84 -44.04 -6.27
N ALA C 125 -22.60 -44.32 -5.21
CA ALA C 125 -23.08 -43.26 -4.35
C ALA C 125 -21.91 -42.57 -3.65
N ALA C 126 -20.95 -43.35 -3.15
CA ALA C 126 -19.75 -42.77 -2.57
C ALA C 126 -18.95 -41.99 -3.60
N LEU C 127 -18.89 -42.50 -4.84
CA LEU C 127 -18.18 -41.78 -5.90
C LEU C 127 -18.87 -40.45 -6.22
N ALA C 128 -20.20 -40.44 -6.25
CA ALA C 128 -20.92 -39.19 -6.50
C ALA C 128 -20.75 -38.20 -5.36
N GLN C 129 -20.75 -38.69 -4.12
CA GLN C 129 -20.47 -37.83 -2.98
C GLN C 129 -19.07 -37.25 -3.07
N MET C 130 -18.10 -38.08 -3.45
CA MET C 130 -16.73 -37.63 -3.65
C MET C 130 -16.66 -36.56 -4.72
N THR C 131 -17.38 -36.75 -5.83
CA THR C 131 -17.41 -35.77 -6.90
C THR C 131 -18.00 -34.45 -6.41
N ASP C 132 -19.08 -34.53 -5.63
CA ASP C 132 -19.71 -33.31 -5.11
C ASP C 132 -18.74 -32.52 -4.25
N ILE C 133 -18.07 -33.19 -3.30
CA ILE C 133 -17.16 -32.48 -2.41
C ILE C 133 -15.95 -31.95 -3.18
N VAL C 134 -15.42 -32.73 -4.12
CA VAL C 134 -14.26 -32.29 -4.88
C VAL C 134 -14.60 -31.07 -5.74
N GLY C 135 -15.77 -31.08 -6.37
CA GLY C 135 -16.20 -29.93 -7.14
C GLY C 135 -16.45 -28.71 -6.27
N ARG C 136 -17.00 -28.92 -5.07
CA ARG C 136 -17.21 -27.80 -4.15
C ARG C 136 -15.88 -27.17 -3.76
N ILE C 137 -14.90 -27.98 -3.36
CA ILE C 137 -13.64 -27.44 -2.88
C ILE C 137 -12.83 -26.83 -4.03
N HIS C 138 -12.82 -27.50 -5.19
CA HIS C 138 -12.00 -27.02 -6.30
C HIS C 138 -12.49 -25.68 -6.81
N ASN C 139 -13.80 -25.46 -6.83
CA ASN C 139 -14.39 -24.21 -7.29
C ASN C 139 -14.40 -23.12 -6.22
N LYS C 140 -13.63 -23.31 -5.14
CA LYS C 140 -13.57 -22.36 -4.02
C LYS C 140 -14.94 -22.13 -3.40
N LEU C 141 -15.82 -23.13 -3.48
CA LEU C 141 -17.16 -23.05 -2.93
C LEU C 141 -17.25 -23.62 -1.53
N TRP C 142 -16.13 -24.07 -0.96
CA TRP C 142 -16.07 -24.57 0.40
C TRP C 142 -15.33 -23.55 1.26
N ARG C 143 -15.95 -23.15 2.35
CA ARG C 143 -15.41 -22.08 3.19
C ARG C 143 -15.37 -22.53 4.65
N GLY C 144 -14.43 -21.98 5.39
CA GLY C 144 -14.23 -22.31 6.79
C GLY C 144 -15.09 -21.48 7.72
N TYR C 145 -14.66 -21.41 8.98
CA TYR C 145 -15.40 -20.66 9.98
C TYR C 145 -15.21 -19.15 9.82
N SER C 146 -14.17 -18.72 9.13
CA SER C 146 -14.00 -17.32 8.75
C SER C 146 -14.62 -17.01 7.39
N ASP C 147 -15.32 -17.98 6.80
CA ASP C 147 -15.91 -17.83 5.47
C ASP C 147 -14.86 -17.49 4.42
N ARG C 148 -13.72 -18.17 4.49
CA ARG C 148 -12.67 -18.07 3.49
C ARG C 148 -12.47 -19.43 2.85
N ALA C 149 -12.09 -19.42 1.57
CA ALA C 149 -11.91 -20.65 0.83
C ALA C 149 -10.77 -21.49 1.40
N ILE C 150 -10.93 -22.80 1.31
CA ILE C 150 -9.94 -23.74 1.83
C ILE C 150 -9.01 -24.16 0.69
N THR C 151 -7.71 -24.19 0.97
CA THR C 151 -6.73 -24.65 0.01
C THR C 151 -5.71 -25.61 0.62
N ASP C 152 -6.02 -26.20 1.78
CA ASP C 152 -5.13 -27.16 2.43
C ASP C 152 -5.98 -28.29 2.99
N VAL C 153 -5.91 -29.44 2.34
CA VAL C 153 -6.63 -30.64 2.77
C VAL C 153 -5.63 -31.56 3.44
N VAL C 154 -5.88 -31.89 4.71
CA VAL C 154 -4.98 -32.71 5.51
C VAL C 154 -5.70 -34.02 5.83
N ASN C 155 -5.10 -35.13 5.42
CA ASN C 155 -5.65 -36.45 5.66
C ASN C 155 -5.02 -37.02 6.92
N ILE C 156 -5.82 -37.15 7.97
CA ILE C 156 -5.38 -37.78 9.22
C ILE C 156 -5.76 -39.26 9.12
N GLY C 157 -4.77 -40.09 8.81
CA GLY C 157 -4.98 -41.51 8.72
C GLY C 157 -3.66 -42.24 8.62
N ILE C 158 -3.69 -43.52 8.96
CA ILE C 158 -2.49 -44.35 9.00
C ILE C 158 -2.73 -45.61 8.18
N GLY C 159 -1.62 -46.25 7.80
CA GLY C 159 -1.71 -47.51 7.08
C GLY C 159 -2.30 -47.30 5.69
N GLY C 160 -3.36 -48.06 5.41
CA GLY C 160 -4.02 -47.96 4.12
C GLY C 160 -4.67 -46.62 3.86
N SER C 161 -4.97 -45.86 4.91
CA SER C 161 -5.50 -44.52 4.78
C SER C 161 -4.44 -43.49 4.45
N TYR C 162 -3.17 -43.89 4.44
CA TYR C 162 -2.06 -42.97 4.25
C TYR C 162 -1.22 -43.30 3.03
N LEU C 163 -0.83 -44.56 2.85
CA LEU C 163 0.23 -44.89 1.90
C LEU C 163 -0.24 -44.84 0.46
N GLY C 164 -1.37 -45.49 0.15
CA GLY C 164 -1.90 -45.51 -1.18
C GLY C 164 -2.32 -44.14 -1.69
N PRO C 165 -3.12 -43.42 -0.92
CA PRO C 165 -3.48 -42.05 -1.32
C PRO C 165 -2.28 -41.14 -1.52
N GLU C 166 -1.28 -41.22 -0.64
CA GLU C 166 -0.09 -40.38 -0.79
C GLU C 166 0.71 -40.77 -2.01
N LEU C 167 0.82 -42.07 -2.29
CA LEU C 167 1.49 -42.53 -3.50
C LEU C 167 0.82 -41.97 -4.74
N VAL C 168 -0.50 -42.08 -4.82
CA VAL C 168 -1.18 -41.61 -6.02
C VAL C 168 -1.10 -40.08 -6.12
N SER C 169 -1.15 -39.38 -4.99
CA SER C 169 -1.02 -37.93 -5.01
C SER C 169 0.35 -37.50 -5.52
N GLU C 170 1.40 -38.19 -5.10
CA GLU C 170 2.75 -37.80 -5.52
C GLU C 170 3.02 -38.20 -6.96
N ALA C 171 2.58 -39.39 -7.36
CA ALA C 171 2.86 -39.88 -8.71
C ALA C 171 2.11 -39.06 -9.75
N LEU C 172 0.88 -38.64 -9.45
CA LEU C 172 0.07 -37.88 -10.38
C LEU C 172 0.18 -36.37 -10.17
N LEU C 173 1.34 -35.91 -9.71
CA LEU C 173 1.54 -34.47 -9.53
C LEU C 173 1.39 -33.65 -10.81
N PRO C 174 1.90 -34.07 -11.98
CA PRO C 174 1.66 -33.27 -13.20
C PRO C 174 0.20 -33.10 -13.55
N TYR C 175 -0.72 -33.78 -12.85
CA TYR C 175 -2.15 -33.67 -13.08
C TYR C 175 -2.86 -32.97 -11.93
N THR C 176 -2.13 -32.17 -11.15
CA THR C 176 -2.71 -31.49 -10.01
C THR C 176 -3.06 -30.04 -10.33
N VAL C 180 -5.45 -26.78 -4.60
CA VAL C 180 -5.60 -27.40 -3.28
C VAL C 180 -4.42 -28.31 -2.99
N ARG C 181 -3.74 -28.07 -1.88
CA ARG C 181 -2.58 -28.83 -1.47
C ARG C 181 -2.98 -29.91 -0.47
N CYS C 182 -2.53 -31.13 -0.71
CA CYS C 182 -2.86 -32.27 0.13
C CYS C 182 -1.67 -32.64 1.01
N HIS C 183 -1.92 -32.75 2.31
CA HIS C 183 -0.93 -33.16 3.29
C HIS C 183 -1.44 -34.41 4.00
N TYR C 184 -0.51 -35.15 4.58
CA TYR C 184 -0.86 -36.40 5.26
C TYR C 184 -0.27 -36.39 6.67
N LEU C 185 -1.06 -36.89 7.62
CA LEU C 185 -0.70 -36.89 9.04
C LEU C 185 -0.96 -38.30 9.57
N ALA C 186 0.07 -39.13 9.58
CA ALA C 186 -0.05 -40.52 9.99
C ALA C 186 0.59 -40.81 11.33
N ASN C 187 1.84 -40.40 11.52
CA ASN C 187 2.59 -40.78 12.72
C ASN C 187 1.98 -40.15 13.97
N ILE C 188 1.93 -40.94 15.05
CA ILE C 188 1.55 -40.40 16.35
C ILE C 188 2.63 -39.50 16.93
N ASP C 189 3.83 -39.54 16.35
CA ASP C 189 4.89 -38.61 16.71
C ASP C 189 4.38 -37.18 16.61
N GLY C 190 4.37 -36.48 17.75
CA GLY C 190 3.88 -35.11 17.77
C GLY C 190 4.72 -34.16 16.96
N SER C 191 5.95 -34.52 16.65
CA SER C 191 6.79 -33.68 15.81
C SER C 191 6.22 -33.58 14.41
N GLU C 192 5.66 -34.68 13.88
CA GLU C 192 5.02 -34.63 12.57
C GLU C 192 3.82 -33.70 12.59
N PHE C 193 3.01 -33.77 13.65
CA PHE C 193 1.86 -32.88 13.77
C PHE C 193 2.31 -31.42 13.85
N HIS C 194 3.39 -31.16 14.59
CA HIS C 194 3.90 -29.79 14.71
C HIS C 194 4.39 -29.27 13.36
N GLU C 195 5.16 -30.08 12.63
CA GLU C 195 5.65 -29.64 11.32
C GLU C 195 4.50 -29.44 10.34
N LEU C 196 3.47 -30.28 10.42
CA LEU C 196 2.32 -30.12 9.53
C LEU C 196 1.57 -28.83 9.84
N THR C 197 1.22 -28.60 11.11
CA THR C 197 0.45 -27.43 11.47
C THR C 197 1.29 -26.14 11.46
N ALA C 198 2.60 -26.24 11.31
CA ALA C 198 3.40 -25.04 11.12
C ALA C 198 3.17 -24.39 9.76
N ARG C 199 2.48 -25.06 8.85
CA ARG C 199 2.18 -24.52 7.54
C ARG C 199 0.67 -24.36 7.31
N LEU C 200 -0.14 -24.54 8.35
CA LEU C 200 -1.59 -24.58 8.20
C LEU C 200 -2.24 -23.42 8.93
N ASN C 201 -3.30 -22.89 8.33
CA ASN C 201 -4.18 -21.91 8.95
C ASN C 201 -5.49 -22.60 9.29
N ALA C 202 -5.95 -22.45 10.54
CA ALA C 202 -7.16 -23.13 10.96
C ALA C 202 -8.39 -22.64 10.20
N GLU C 203 -8.38 -21.38 9.74
CA GLU C 203 -9.47 -20.89 8.92
C GLU C 203 -9.48 -21.51 7.53
N THR C 204 -8.37 -22.13 7.11
CA THR C 204 -8.18 -22.57 5.74
C THR C 204 -8.04 -24.08 5.61
N THR C 205 -7.69 -24.79 6.68
CA THR C 205 -7.38 -26.21 6.58
C THR C 205 -8.64 -27.04 6.80
N LEU C 206 -8.83 -28.06 5.95
CA LEU C 206 -9.89 -29.04 6.10
C LEU C 206 -9.27 -30.40 6.40
N PHE C 207 -9.75 -31.05 7.46
CA PHE C 207 -9.21 -32.31 7.91
C PHE C 207 -10.12 -33.47 7.54
N ILE C 208 -9.56 -34.48 6.91
CA ILE C 208 -10.26 -35.73 6.61
C ILE C 208 -9.78 -36.77 7.60
N ILE C 209 -10.65 -37.20 8.51
CA ILE C 209 -10.32 -38.25 9.47
C ILE C 209 -10.64 -39.59 8.80
N SER C 210 -9.61 -40.37 8.49
CA SER C 210 -9.78 -41.64 7.80
C SER C 210 -9.50 -42.77 8.79
N SER C 211 -10.56 -43.28 9.40
CA SER C 211 -10.45 -44.40 10.33
C SER C 211 -11.67 -45.30 10.16
N LYS C 212 -11.43 -46.60 9.98
CA LYS C 212 -12.53 -47.54 9.77
C LYS C 212 -13.48 -47.57 10.96
N THR C 213 -12.98 -48.01 12.11
CA THR C 213 -13.77 -48.07 13.33
C THR C 213 -13.95 -46.71 13.98
N PHE C 214 -13.16 -45.72 13.57
CA PHE C 214 -13.08 -44.42 14.24
C PHE C 214 -12.60 -44.58 15.69
N GLY C 215 -11.74 -45.57 15.92
CA GLY C 215 -11.21 -45.85 17.22
C GLY C 215 -9.73 -46.18 17.20
N THR C 216 -9.12 -46.06 16.02
CA THR C 216 -7.69 -46.30 15.89
C THR C 216 -6.92 -45.32 16.75
N LEU C 217 -5.93 -45.84 17.50
CA LEU C 217 -5.26 -45.04 18.51
C LEU C 217 -4.58 -43.82 17.90
N GLU C 218 -3.65 -44.04 16.99
CA GLU C 218 -2.87 -42.92 16.44
C GLU C 218 -3.75 -41.97 15.64
N THR C 219 -4.67 -42.51 14.83
CA THR C 219 -5.56 -41.66 14.05
C THR C 219 -6.45 -40.82 14.95
N LEU C 220 -7.02 -41.41 15.99
CA LEU C 220 -7.86 -40.64 16.90
C LEU C 220 -7.05 -39.60 17.67
N LYS C 221 -5.84 -39.95 18.10
CA LYS C 221 -5.02 -38.98 18.82
C LYS C 221 -4.68 -37.79 17.94
N ASN C 222 -4.32 -38.06 16.68
CA ASN C 222 -4.02 -36.95 15.76
C ASN C 222 -5.28 -36.16 15.44
N ALA C 223 -6.44 -36.81 15.35
CA ALA C 223 -7.68 -36.10 15.09
C ALA C 223 -8.06 -35.19 16.25
N GLN C 224 -7.93 -35.68 17.49
CA GLN C 224 -8.21 -34.82 18.63
C GLN C 224 -7.18 -33.71 18.76
N ALA C 225 -5.92 -33.97 18.41
CA ALA C 225 -4.93 -32.90 18.39
C ALA C 225 -5.30 -31.83 17.37
N ALA C 226 -5.76 -32.26 16.19
CA ALA C 226 -6.19 -31.29 15.17
C ALA C 226 -7.42 -30.52 15.62
N ARG C 227 -8.36 -31.19 16.28
CA ARG C 227 -9.54 -30.50 16.78
C ARG C 227 -9.17 -29.48 17.84
N THR C 228 -8.27 -29.84 18.76
CA THR C 228 -7.81 -28.90 19.77
C THR C 228 -7.08 -27.72 19.13
N TRP C 229 -6.27 -28.00 18.11
CA TRP C 229 -5.57 -26.94 17.39
C TRP C 229 -6.55 -25.98 16.72
N TYR C 230 -7.60 -26.53 16.11
CA TYR C 230 -8.61 -25.71 15.47
C TYR C 230 -9.39 -24.87 16.48
N LEU C 231 -9.77 -25.47 17.60
CA LEU C 231 -10.52 -24.74 18.62
C LEU C 231 -9.67 -23.65 19.27
N ALA C 232 -8.40 -23.94 19.54
CA ALA C 232 -7.51 -22.98 20.16
C ALA C 232 -6.89 -22.02 19.17
N SER C 233 -7.14 -22.20 17.88
CA SER C 233 -6.68 -21.25 16.87
C SER C 233 -7.75 -20.23 16.49
N GLY C 234 -8.89 -20.24 17.17
CA GLY C 234 -9.96 -19.30 16.92
C GLY C 234 -11.24 -19.91 16.40
N GLY C 235 -11.23 -21.16 15.97
CA GLY C 235 -12.44 -21.78 15.46
C GLY C 235 -13.45 -22.07 16.55
N SER C 236 -14.72 -22.09 16.14
CA SER C 236 -15.83 -22.26 17.06
C SER C 236 -16.40 -23.67 16.98
N GLU C 237 -16.90 -24.16 18.11
CA GLU C 237 -17.36 -25.55 18.20
C GLU C 237 -18.57 -25.80 17.31
N GLU C 238 -19.52 -24.86 17.27
CA GLU C 238 -20.72 -25.05 16.47
C GLU C 238 -20.45 -24.98 14.98
N ARG C 239 -19.32 -24.39 14.58
CA ARG C 239 -18.98 -24.22 13.18
C ARG C 239 -17.86 -25.17 12.75
N LEU C 240 -17.51 -26.13 13.62
CA LEU C 240 -16.43 -27.07 13.34
C LEU C 240 -16.68 -27.90 12.09
N TYR C 241 -17.95 -28.07 11.70
CA TYR C 241 -18.29 -28.98 10.62
C TYR C 241 -17.64 -28.62 9.29
N ARG C 242 -17.25 -27.36 9.09
CA ARG C 242 -16.64 -26.99 7.82
C ARG C 242 -15.16 -27.31 7.75
N HIS C 243 -14.57 -27.87 8.80
CA HIS C 243 -13.14 -28.19 8.78
C HIS C 243 -12.85 -29.66 9.04
N PHE C 244 -13.86 -30.48 9.30
CA PHE C 244 -13.63 -31.89 9.61
C PHE C 244 -14.66 -32.73 8.88
N ILE C 245 -14.21 -33.46 7.86
CA ILE C 245 -14.99 -34.53 7.25
C ILE C 245 -14.34 -35.84 7.65
N ALA C 246 -15.08 -36.93 7.50
CA ALA C 246 -14.61 -38.23 7.92
C ALA C 246 -14.91 -39.27 6.84
N VAL C 247 -13.99 -40.22 6.68
CA VAL C 247 -14.23 -41.44 5.92
C VAL C 247 -14.22 -42.56 6.95
N THR C 248 -15.40 -43.09 7.27
CA THR C 248 -15.48 -44.02 8.38
C THR C 248 -16.71 -44.90 8.25
N SER C 249 -16.64 -46.07 8.92
CA SER C 249 -17.80 -46.92 9.12
C SER C 249 -18.54 -46.60 10.41
N ASN C 250 -17.99 -45.73 11.25
CA ASN C 250 -18.64 -45.34 12.50
C ASN C 250 -19.22 -43.94 12.32
N ILE C 251 -20.43 -43.91 11.76
CA ILE C 251 -21.14 -42.64 11.60
C ILE C 251 -21.41 -41.96 12.95
N PRO C 252 -21.89 -42.65 13.99
CA PRO C 252 -22.14 -41.94 15.26
C PRO C 252 -20.90 -41.29 15.85
N ALA C 253 -19.75 -41.96 15.77
CA ALA C 253 -18.52 -41.39 16.33
C ALA C 253 -18.14 -40.09 15.63
N ALA C 254 -18.20 -40.09 14.30
CA ALA C 254 -17.96 -38.85 13.56
C ALA C 254 -19.02 -37.81 13.86
N ILE C 255 -20.24 -38.25 14.19
CA ILE C 255 -21.30 -37.30 14.54
C ILE C 255 -20.96 -36.59 15.85
N GLU C 256 -20.58 -37.34 16.88
CA GLU C 256 -20.20 -36.70 18.14
C GLU C 256 -18.86 -35.97 18.05
N PHE C 257 -18.04 -36.29 17.05
CA PHE C 257 -16.87 -35.45 16.82
C PHE C 257 -17.26 -34.06 16.35
N GLY C 258 -18.42 -33.93 15.71
CA GLY C 258 -18.87 -32.65 15.20
C GLY C 258 -18.88 -32.58 13.68
N ILE C 259 -18.98 -33.75 13.05
CA ILE C 259 -18.95 -33.86 11.59
C ILE C 259 -20.37 -34.12 11.09
N ARG C 260 -20.76 -33.41 10.04
CA ARG C 260 -22.08 -33.58 9.46
C ARG C 260 -22.22 -34.96 8.83
N GLU C 261 -23.46 -35.48 8.82
CA GLU C 261 -23.72 -36.77 8.21
C GLU C 261 -23.44 -36.76 6.72
N LYS C 262 -23.70 -35.63 6.05
CA LYS C 262 -23.45 -35.54 4.62
C LYS C 262 -21.97 -35.47 4.28
N ASN C 263 -21.12 -35.21 5.26
CA ASN C 263 -19.67 -35.20 5.06
C ASN C 263 -19.00 -36.46 5.58
N ILE C 264 -19.77 -37.48 5.93
CA ILE C 264 -19.24 -38.76 6.36
C ILE C 264 -19.34 -39.72 5.18
N PHE C 265 -18.19 -40.16 4.68
CA PHE C 265 -18.03 -41.09 3.58
C PHE C 265 -17.98 -42.52 4.11
N PRO C 266 -18.59 -43.46 3.40
CA PRO C 266 -18.74 -44.81 3.92
C PRO C 266 -17.50 -45.65 3.72
N MET C 267 -17.21 -46.48 4.73
CA MET C 267 -16.16 -47.48 4.67
C MET C 267 -16.81 -48.84 4.82
N TRP C 268 -16.44 -49.78 3.97
CA TRP C 268 -17.09 -51.07 3.93
C TRP C 268 -16.14 -52.17 4.39
N ASP C 269 -16.73 -53.24 4.94
CA ASP C 269 -15.93 -54.34 5.45
C ASP C 269 -15.19 -55.07 4.33
N TRP C 270 -15.83 -55.21 3.17
CA TRP C 270 -15.23 -55.96 2.08
C TRP C 270 -14.06 -55.24 1.44
N VAL C 271 -13.80 -54.00 1.81
CA VAL C 271 -12.66 -53.23 1.29
C VAL C 271 -11.60 -53.20 2.38
N GLY C 272 -10.47 -53.86 2.13
CA GLY C 272 -9.36 -53.80 3.05
C GLY C 272 -8.66 -52.45 3.02
N GLY C 273 -8.02 -52.10 4.13
CA GLY C 273 -7.38 -50.81 4.22
C GLY C 273 -6.29 -50.60 3.19
N ARG C 274 -5.45 -51.61 2.97
CA ARG C 274 -4.37 -51.51 2.00
C ARG C 274 -4.84 -51.64 0.57
N TYR C 275 -6.13 -51.91 0.36
CA TYR C 275 -6.70 -52.03 -0.98
C TYR C 275 -7.74 -50.95 -1.27
N SER C 276 -7.68 -49.82 -0.56
CA SER C 276 -8.80 -48.89 -0.50
C SER C 276 -8.52 -47.52 -1.08
N LEU C 277 -7.42 -47.34 -1.82
CA LEU C 277 -7.18 -46.05 -2.46
C LEU C 277 -8.20 -45.75 -3.55
N TRP C 278 -8.92 -46.76 -4.02
CA TRP C 278 -9.95 -46.58 -5.04
C TRP C 278 -11.27 -46.07 -4.46
N SER C 279 -11.49 -46.27 -3.16
CA SER C 279 -12.70 -45.85 -2.48
C SER C 279 -12.52 -44.42 -1.97
N ALA C 280 -13.38 -43.98 -1.05
CA ALA C 280 -13.34 -42.63 -0.52
C ALA C 280 -12.07 -42.34 0.27
N ILE C 281 -11.29 -43.38 0.62
CA ILE C 281 -9.98 -43.15 1.24
C ILE C 281 -9.09 -42.31 0.33
N GLY C 282 -9.18 -42.54 -0.98
CA GLY C 282 -8.47 -41.73 -1.94
C GLY C 282 -9.10 -40.37 -2.17
N LEU C 283 -9.91 -39.93 -1.20
CA LEU C 283 -10.53 -38.61 -1.29
C LEU C 283 -9.51 -37.47 -1.38
N PRO C 284 -8.41 -37.43 -0.60
CA PRO C 284 -7.41 -36.38 -0.84
C PRO C 284 -6.85 -36.41 -2.25
N THR C 285 -6.60 -37.61 -2.78
CA THR C 285 -6.06 -37.72 -4.13
C THR C 285 -6.98 -37.08 -5.15
N ALA C 286 -8.27 -37.42 -5.09
CA ALA C 286 -9.24 -36.77 -5.95
C ALA C 286 -9.28 -35.27 -5.73
N LEU C 287 -9.00 -34.82 -4.52
CA LEU C 287 -8.98 -33.39 -4.24
C LEU C 287 -7.75 -32.71 -4.81
N ALA C 288 -6.74 -33.46 -5.21
CA ALA C 288 -5.53 -32.90 -5.81
C ALA C 288 -5.53 -33.01 -7.33
N ILE C 289 -5.97 -34.14 -7.88
CA ILE C 289 -5.92 -34.37 -9.33
C ILE C 289 -7.25 -34.15 -10.02
N GLY C 290 -8.34 -34.04 -9.27
CA GLY C 290 -9.65 -33.90 -9.86
C GLY C 290 -10.37 -35.23 -10.00
N MET C 291 -11.69 -35.16 -10.18
CA MET C 291 -12.47 -36.38 -10.27
C MET C 291 -12.30 -37.07 -11.61
N ALA C 292 -12.03 -36.30 -12.67
CA ALA C 292 -11.79 -36.92 -13.97
C ALA C 292 -10.52 -37.78 -13.95
N ASN C 293 -9.45 -37.27 -13.34
CA ASN C 293 -8.23 -38.05 -13.24
C ASN C 293 -8.38 -39.22 -12.26
N PHE C 294 -9.16 -39.02 -11.19
CA PHE C 294 -9.44 -40.13 -10.28
C PHE C 294 -10.20 -41.25 -10.98
N LYS C 295 -11.17 -40.88 -11.82
CA LYS C 295 -11.88 -41.87 -12.61
C LYS C 295 -10.99 -42.50 -13.67
N ASP C 296 -10.02 -41.75 -14.19
CA ASP C 296 -9.04 -42.33 -15.12
C ASP C 296 -8.20 -43.38 -14.41
N LEU C 297 -7.78 -43.10 -13.18
CA LEU C 297 -7.07 -44.09 -12.37
C LEU C 297 -7.93 -45.32 -12.13
N LEU C 298 -9.21 -45.11 -11.81
CA LEU C 298 -10.13 -46.24 -11.63
C LEU C 298 -10.29 -47.04 -12.92
N SER C 299 -10.31 -46.36 -14.07
CA SER C 299 -10.46 -47.04 -15.35
C SER C 299 -9.22 -47.86 -15.68
N GLY C 300 -8.04 -47.34 -15.38
CA GLY C 300 -6.82 -48.12 -15.58
C GLY C 300 -6.79 -49.35 -14.69
N ALA C 301 -7.19 -49.19 -13.42
CA ALA C 301 -7.26 -50.35 -12.53
C ALA C 301 -8.28 -51.36 -13.02
N TYR C 302 -9.42 -50.88 -13.54
CA TYR C 302 -10.43 -51.77 -14.08
C TYR C 302 -9.94 -52.51 -15.32
N ALA C 303 -9.17 -51.82 -16.16
CA ALA C 303 -8.58 -52.48 -17.33
C ALA C 303 -7.60 -53.56 -16.92
N MET C 304 -6.81 -53.30 -15.87
CA MET C 304 -5.93 -54.34 -15.34
C MET C 304 -6.73 -55.50 -14.77
N ASP C 305 -7.85 -55.22 -14.10
CA ASP C 305 -8.70 -56.31 -13.61
C ASP C 305 -9.21 -57.17 -14.75
N CYS C 306 -9.64 -56.53 -15.84
CA CYS C 306 -10.11 -57.27 -17.00
C CYS C 306 -9.00 -58.09 -17.63
N HIS C 307 -7.80 -57.53 -17.71
CA HIS C 307 -6.67 -58.28 -18.25
C HIS C 307 -6.34 -59.49 -17.37
N PHE C 308 -6.38 -59.31 -16.05
CA PHE C 308 -6.14 -60.41 -15.13
C PHE C 308 -7.18 -61.50 -15.28
N ARG C 309 -8.46 -61.10 -15.43
CA ARG C 309 -9.53 -62.09 -15.50
C ARG C 309 -9.58 -62.80 -16.85
N ARG C 310 -9.20 -62.15 -17.94
CA ARG C 310 -9.43 -62.69 -19.27
C ARG C 310 -8.22 -63.36 -19.89
N GLU C 311 -7.00 -62.99 -19.49
CA GLU C 311 -5.85 -63.45 -20.25
C GLU C 311 -5.44 -64.86 -19.85
N PRO C 312 -4.90 -65.64 -20.78
CA PRO C 312 -4.27 -66.91 -20.42
C PRO C 312 -3.05 -66.66 -19.55
N PHE C 313 -2.74 -67.64 -18.70
CA PHE C 313 -1.69 -67.45 -17.71
C PHE C 313 -0.32 -67.20 -18.34
N GLU C 314 -0.11 -67.62 -19.59
CA GLU C 314 1.16 -67.37 -20.26
C GLU C 314 1.31 -65.92 -20.69
N ASN C 315 0.22 -65.17 -20.79
CA ASN C 315 0.26 -63.74 -21.10
C ASN C 315 -0.41 -62.92 -20.01
N ASN C 316 -0.64 -63.50 -18.85
CA ASN C 316 -1.26 -62.81 -17.72
C ASN C 316 -0.17 -62.14 -16.91
N MET C 317 -0.08 -60.82 -17.01
CA MET C 317 0.99 -60.10 -16.32
C MET C 317 0.97 -60.29 -14.81
N PRO C 318 -0.16 -60.14 -14.10
CA PRO C 318 -0.14 -60.42 -12.66
C PRO C 318 0.25 -61.85 -12.33
N VAL C 319 -0.24 -62.82 -13.11
CA VAL C 319 0.08 -64.22 -12.85
C VAL C 319 1.55 -64.49 -13.14
N LEU C 320 2.09 -63.89 -14.20
CA LEU C 320 3.51 -64.08 -14.50
C LEU C 320 4.39 -63.49 -13.40
N LEU C 321 4.06 -62.28 -12.93
CA LEU C 321 4.84 -61.67 -11.85
C LEU C 321 4.76 -62.51 -10.58
N ALA C 322 3.56 -62.95 -10.23
CA ALA C 322 3.38 -63.76 -9.02
C ALA C 322 4.11 -65.09 -9.14
N MET C 323 4.09 -65.70 -10.32
CA MET C 323 4.74 -66.99 -10.47
C MET C 323 6.25 -66.85 -10.46
N LEU C 324 6.78 -65.76 -11.01
CA LEU C 324 8.21 -65.50 -10.90
C LEU C 324 8.60 -65.27 -9.44
N GLY C 325 7.76 -64.54 -8.70
CA GLY C 325 8.03 -64.36 -7.28
C GLY C 325 8.03 -65.66 -6.51
N VAL C 326 7.03 -66.51 -6.77
CA VAL C 326 6.97 -67.83 -6.13
C VAL C 326 8.19 -68.65 -6.50
N TRP C 327 8.57 -68.63 -7.78
CA TRP C 327 9.74 -69.35 -8.26
C TRP C 327 10.98 -68.95 -7.48
N TYR C 328 11.25 -67.65 -7.39
CA TYR C 328 12.48 -67.18 -6.75
C TYR C 328 12.44 -67.34 -5.24
N GLY C 329 11.27 -67.18 -4.62
CA GLY C 329 11.19 -67.28 -3.18
C GLY C 329 11.08 -68.68 -2.62
N ASN C 330 10.61 -69.64 -3.43
CA ASN C 330 10.40 -70.99 -2.96
C ASN C 330 11.36 -72.00 -3.56
N PHE C 331 12.07 -71.67 -4.63
CA PHE C 331 13.01 -72.60 -5.23
C PHE C 331 14.42 -72.07 -5.36
N TRP C 332 14.63 -70.77 -5.15
CA TRP C 332 15.97 -70.20 -5.16
C TRP C 332 16.33 -69.53 -3.85
N GLY C 333 15.43 -69.54 -2.87
CA GLY C 333 15.71 -68.99 -1.56
C GLY C 333 15.91 -67.49 -1.50
N ALA C 334 15.16 -66.74 -2.28
CA ALA C 334 15.22 -65.29 -2.25
C ALA C 334 14.21 -64.78 -1.22
N GLN C 335 14.71 -64.04 -0.23
CA GLN C 335 13.87 -63.57 0.87
C GLN C 335 13.45 -62.11 0.71
N SER C 336 13.92 -61.41 -0.32
CA SER C 336 13.56 -60.03 -0.53
C SER C 336 13.36 -59.78 -2.02
N HIS C 337 12.62 -58.72 -2.32
CA HIS C 337 12.31 -58.34 -3.70
C HIS C 337 12.44 -56.83 -3.81
N ALA C 338 13.34 -56.37 -4.66
CA ALA C 338 13.58 -54.95 -4.85
C ALA C 338 12.64 -54.37 -5.90
N ILE C 339 12.09 -53.19 -5.61
CA ILE C 339 11.26 -52.44 -6.53
C ILE C 339 11.97 -51.13 -6.82
N LEU C 340 12.30 -50.91 -8.09
CA LEU C 340 13.13 -49.77 -8.52
C LEU C 340 12.36 -48.97 -9.56
N PRO C 341 11.55 -48.00 -9.14
CA PRO C 341 10.87 -47.14 -10.11
C PRO C 341 11.77 -45.99 -10.54
N TYR C 342 12.09 -45.96 -11.84
CA TYR C 342 12.95 -44.90 -12.38
C TYR C 342 12.09 -43.71 -12.80
N ASP C 343 11.50 -43.09 -11.78
CA ASP C 343 10.66 -41.92 -11.96
C ASP C 343 10.55 -41.20 -10.62
N HIS C 344 10.89 -39.91 -10.61
CA HIS C 344 10.88 -39.16 -9.36
C HIS C 344 9.50 -39.10 -8.73
N TYR C 345 8.45 -39.09 -9.56
CA TYR C 345 7.09 -39.03 -9.02
C TYR C 345 6.69 -40.36 -8.39
N LEU C 346 7.29 -41.46 -8.83
CA LEU C 346 6.99 -42.79 -8.32
C LEU C 346 7.91 -43.20 -7.18
N ARG C 347 8.56 -42.24 -6.50
CA ARG C 347 9.52 -42.60 -5.46
C ARG C 347 8.85 -43.25 -4.26
N ASN C 348 7.59 -42.91 -3.99
CA ASN C 348 6.85 -43.48 -2.87
C ASN C 348 6.10 -44.75 -3.24
N PHE C 349 6.36 -45.31 -4.43
CA PHE C 349 5.70 -46.54 -4.84
C PHE C 349 6.08 -47.70 -3.92
N VAL C 350 7.33 -47.73 -3.48
CA VAL C 350 7.82 -48.84 -2.68
C VAL C 350 7.13 -48.91 -1.33
N LYS C 351 6.77 -47.78 -0.74
CA LYS C 351 6.10 -47.81 0.55
C LYS C 351 4.73 -48.46 0.46
N HIS C 352 3.93 -48.04 -0.53
CA HIS C 352 2.63 -48.66 -0.72
C HIS C 352 2.77 -50.13 -1.10
N LEU C 353 3.76 -50.45 -1.94
CA LEU C 353 3.99 -51.85 -2.28
C LEU C 353 4.39 -52.66 -1.05
N GLN C 354 5.17 -52.06 -0.15
CA GLN C 354 5.54 -52.72 1.08
C GLN C 354 4.32 -53.05 1.90
N GLN C 355 3.45 -52.06 2.13
CA GLN C 355 2.23 -52.36 2.87
C GLN C 355 1.43 -53.45 2.18
N MET C 356 1.14 -53.26 0.89
CA MET C 356 0.23 -54.13 0.17
C MET C 356 0.73 -55.58 0.15
N ASP C 357 2.02 -55.77 -0.13
CA ASP C 357 2.55 -57.13 -0.23
C ASP C 357 2.85 -57.72 1.14
N MET C 358 3.52 -56.96 2.02
CA MET C 358 4.05 -57.50 3.25
C MET C 358 2.95 -57.73 4.28
N GLU C 359 1.96 -56.83 4.36
CA GLU C 359 0.86 -57.05 5.31
C GLU C 359 -0.08 -58.14 4.84
N SER C 360 -0.12 -58.42 3.53
CA SER C 360 -1.02 -59.43 2.99
C SER C 360 -0.41 -60.82 2.99
N ASN C 361 0.81 -60.96 2.46
CA ASN C 361 1.44 -62.25 2.31
C ASN C 361 2.38 -62.59 3.46
N GLY C 362 2.51 -61.73 4.45
CA GLY C 362 3.29 -62.04 5.63
C GLY C 362 2.53 -62.92 6.59
N LYS C 363 2.29 -64.16 6.19
CA LYS C 363 1.47 -65.10 6.95
C LYS C 363 2.23 -66.42 7.09
N SER C 364 1.85 -67.19 8.11
CA SER C 364 2.45 -68.49 8.35
C SER C 364 1.41 -69.57 8.64
N VAL C 365 0.13 -69.29 8.41
CA VAL C 365 -0.91 -70.31 8.45
C VAL C 365 -1.73 -70.21 7.19
N ARG C 366 -2.33 -71.32 6.79
CA ARG C 366 -3.14 -71.38 5.58
C ARG C 366 -4.52 -70.78 5.86
N GLN C 367 -5.42 -70.85 4.87
CA GLN C 367 -6.76 -70.30 5.06
C GLN C 367 -7.53 -71.02 6.14
N ASP C 368 -7.25 -72.31 6.34
CA ASP C 368 -7.93 -73.10 7.36
C ASP C 368 -7.23 -73.07 8.71
N GLY C 369 -6.04 -72.48 8.79
CA GLY C 369 -5.29 -72.41 10.03
C GLY C 369 -4.12 -73.38 10.11
N SER C 370 -3.97 -74.27 9.15
CA SER C 370 -2.85 -75.19 9.16
C SER C 370 -1.55 -74.43 8.86
N PRO C 371 -0.43 -74.86 9.42
CA PRO C 371 0.84 -74.17 9.14
C PRO C 371 1.21 -74.30 7.67
N VAL C 372 1.84 -73.25 7.15
CA VAL C 372 2.27 -73.28 5.76
C VAL C 372 3.43 -74.25 5.59
N SER C 373 3.63 -74.70 4.35
CA SER C 373 4.68 -75.66 4.04
C SER C 373 5.78 -75.05 3.16
N CYS C 374 5.84 -73.73 3.09
CA CYS C 374 6.83 -73.06 2.25
C CYS C 374 7.01 -71.64 2.77
N GLU C 375 7.95 -70.93 2.16
CA GLU C 375 8.15 -69.52 2.44
C GLU C 375 7.03 -68.71 1.76
N THR C 376 6.39 -67.84 2.54
CA THR C 376 5.26 -67.04 2.06
C THR C 376 5.55 -65.57 2.35
N GLY C 377 5.93 -64.81 1.33
CA GLY C 377 5.99 -63.37 1.43
C GLY C 377 7.37 -62.85 1.75
N PRO C 378 8.04 -62.27 0.77
CA PRO C 378 9.38 -61.73 0.98
C PRO C 378 9.32 -60.33 1.57
N VAL C 379 10.49 -59.74 1.73
CA VAL C 379 10.61 -58.34 2.11
C VAL C 379 10.57 -57.51 0.84
N ILE C 380 9.71 -56.50 0.82
CA ILE C 380 9.66 -55.56 -0.29
C ILE C 380 10.51 -54.35 0.11
N TRP C 381 11.41 -53.95 -0.79
CA TRP C 381 12.27 -52.82 -0.53
C TRP C 381 12.66 -52.21 -1.88
N GLY C 382 13.40 -51.11 -1.83
CA GLY C 382 13.84 -50.46 -3.03
C GLY C 382 13.83 -48.95 -2.90
N GLY C 383 13.69 -48.25 -4.01
CA GLY C 383 13.69 -46.80 -3.98
C GLY C 383 13.73 -46.24 -5.38
N VAL C 384 13.65 -44.91 -5.44
CA VAL C 384 13.53 -44.21 -6.71
C VAL C 384 14.77 -44.49 -7.57
N GLY C 385 14.54 -44.55 -8.88
CA GLY C 385 15.60 -44.94 -9.79
C GLY C 385 16.62 -43.85 -10.02
N CYS C 386 17.84 -44.29 -10.34
CA CYS C 386 19.03 -43.49 -10.58
C CYS C 386 19.57 -42.93 -9.26
N ASN C 387 18.83 -43.10 -8.18
CA ASN C 387 19.33 -42.77 -6.85
C ASN C 387 19.87 -43.99 -6.13
N GLY C 388 19.30 -45.17 -6.39
CA GLY C 388 19.77 -46.40 -5.79
C GLY C 388 21.01 -46.98 -6.44
N GLN C 389 21.36 -46.52 -7.65
CA GLN C 389 22.59 -46.97 -8.28
C GLN C 389 23.80 -46.57 -7.46
N HIS C 390 23.78 -45.36 -6.91
CA HIS C 390 24.85 -44.85 -6.09
C HIS C 390 24.64 -45.14 -4.61
N ALA C 391 23.58 -45.87 -4.26
CA ALA C 391 23.28 -46.17 -2.87
C ALA C 391 23.40 -47.66 -2.55
N TYR C 392 22.67 -48.52 -3.25
CA TYR C 392 22.62 -49.92 -2.87
C TYR C 392 22.66 -50.89 -4.03
N HIS C 393 22.71 -50.42 -5.28
CA HIS C 393 22.83 -51.32 -6.42
C HIS C 393 24.15 -52.06 -6.41
N GLN C 394 25.13 -51.57 -5.65
CA GLN C 394 26.40 -52.29 -5.51
C GLN C 394 26.18 -53.68 -4.92
N LEU C 395 25.29 -53.78 -3.92
CA LEU C 395 24.97 -55.08 -3.35
C LEU C 395 24.23 -55.96 -4.35
N LEU C 396 23.38 -55.35 -5.18
CA LEU C 396 22.70 -56.11 -6.23
C LEU C 396 23.70 -56.69 -7.23
N HIS C 397 24.70 -55.90 -7.60
CA HIS C 397 25.65 -56.32 -8.62
C HIS C 397 26.68 -57.30 -8.09
N GLN C 398 27.23 -57.06 -6.90
CA GLN C 398 28.37 -57.83 -6.42
C GLN C 398 28.16 -58.50 -5.06
N GLY C 399 26.94 -58.46 -4.52
CA GLY C 399 26.68 -59.09 -3.25
C GLY C 399 26.55 -60.60 -3.36
N THR C 400 26.20 -61.22 -2.24
CA THR C 400 26.03 -62.66 -2.17
C THR C 400 24.56 -63.07 -2.08
N LEU C 401 23.64 -62.15 -2.26
CA LEU C 401 22.21 -62.41 -2.13
C LEU C 401 21.55 -62.44 -3.50
N LEU C 402 20.48 -63.23 -3.59
CA LEU C 402 19.62 -63.25 -4.77
C LEU C 402 18.43 -62.35 -4.50
N ILE C 403 18.40 -61.20 -5.14
CA ILE C 403 17.33 -60.22 -4.96
C ILE C 403 16.71 -59.91 -6.31
N PRO C 404 15.57 -60.53 -6.65
CA PRO C 404 14.89 -60.15 -7.89
C PRO C 404 14.46 -58.69 -7.85
N ALA C 405 14.66 -58.00 -8.97
CA ALA C 405 14.39 -56.58 -9.07
C ALA C 405 13.30 -56.32 -10.10
N ASP C 406 12.43 -55.37 -9.79
CA ASP C 406 11.37 -54.92 -10.69
C ASP C 406 11.66 -53.49 -11.07
N PHE C 407 12.19 -53.28 -12.28
CA PHE C 407 12.44 -51.93 -12.78
C PHE C 407 11.17 -51.36 -13.39
N ILE C 408 10.87 -50.11 -13.06
CA ILE C 408 9.71 -49.42 -13.60
C ILE C 408 10.17 -48.08 -14.16
N VAL C 409 9.86 -47.83 -15.42
CA VAL C 409 10.32 -46.61 -16.09
C VAL C 409 9.32 -46.20 -17.16
N PRO C 410 9.05 -44.91 -17.34
CA PRO C 410 8.29 -44.45 -18.49
C PRO C 410 9.19 -44.03 -19.65
N VAL C 411 8.59 -43.99 -20.83
CA VAL C 411 9.30 -43.55 -22.02
C VAL C 411 9.28 -42.02 -22.15
N VAL C 412 8.21 -41.37 -21.74
CA VAL C 412 8.03 -39.94 -21.89
C VAL C 412 8.03 -39.28 -20.52
N SER C 413 8.73 -38.16 -20.41
CA SER C 413 8.80 -37.39 -19.17
C SER C 413 7.86 -36.19 -19.25
N HIS C 414 7.18 -35.92 -18.13
CA HIS C 414 6.27 -34.77 -18.07
C HIS C 414 7.04 -33.45 -18.05
N ASN C 415 8.23 -33.43 -17.46
CA ASN C 415 9.06 -32.22 -17.36
C ASN C 415 10.42 -32.54 -17.95
N PRO C 416 10.55 -32.55 -19.27
CA PRO C 416 11.85 -32.81 -19.89
C PRO C 416 12.82 -31.68 -19.63
N VAL C 417 14.06 -32.04 -19.30
CA VAL C 417 15.13 -31.09 -19.04
C VAL C 417 16.32 -31.57 -19.87
N ALA C 418 16.50 -31.00 -21.06
CA ALA C 418 17.56 -31.37 -21.99
C ALA C 418 17.41 -32.87 -22.27
N ASP C 419 18.48 -33.67 -22.18
CA ASP C 419 18.41 -35.10 -22.42
C ASP C 419 18.43 -35.91 -21.13
N HIS C 420 17.82 -35.37 -20.07
CA HIS C 420 17.86 -36.03 -18.77
C HIS C 420 17.05 -37.32 -18.77
N HIS C 421 15.90 -37.34 -19.45
CA HIS C 421 15.08 -38.55 -19.44
C HIS C 421 15.66 -39.63 -20.33
N GLN C 422 16.34 -39.27 -21.40
CA GLN C 422 17.08 -40.27 -22.17
C GLN C 422 18.13 -40.94 -21.30
N TRP C 423 18.82 -40.15 -20.47
CA TRP C 423 19.81 -40.72 -19.57
C TRP C 423 19.16 -41.55 -18.46
N LEU C 424 17.99 -41.13 -17.97
CA LEU C 424 17.29 -41.93 -16.97
C LEU C 424 16.88 -43.28 -17.54
N TYR C 425 16.33 -43.28 -18.75
CA TYR C 425 15.95 -44.52 -19.42
C TYR C 425 17.16 -45.40 -19.68
N ALA C 426 18.27 -44.78 -20.12
CA ALA C 426 19.50 -45.53 -20.36
C ALA C 426 20.04 -46.13 -19.07
N ASN C 427 19.95 -45.39 -17.97
CA ASN C 427 20.42 -45.90 -16.69
C ASN C 427 19.59 -47.08 -16.22
N CYS C 428 18.26 -47.00 -16.36
CA CYS C 428 17.41 -48.14 -16.01
C CYS C 428 17.74 -49.37 -16.86
N LEU C 429 17.84 -49.17 -18.17
CA LEU C 429 18.12 -50.29 -19.08
C LEU C 429 19.49 -50.88 -18.80
N SER C 430 20.47 -50.03 -18.53
CA SER C 430 21.82 -50.50 -18.26
C SER C 430 21.91 -51.21 -16.92
N GLN C 431 21.17 -50.77 -15.91
CA GLN C 431 21.14 -51.50 -14.66
C GLN C 431 20.59 -52.90 -14.86
N SER C 432 19.48 -53.02 -15.61
CA SER C 432 18.94 -54.34 -15.90
C SER C 432 19.95 -55.20 -16.68
N GLN C 433 20.60 -54.60 -17.68
CA GLN C 433 21.53 -55.35 -18.53
C GLN C 433 22.77 -55.75 -17.76
N ALA C 434 23.25 -54.91 -16.85
CA ALA C 434 24.38 -55.26 -16.01
C ALA C 434 24.02 -56.36 -15.02
N LEU C 435 22.79 -56.31 -14.49
CA LEU C 435 22.34 -57.39 -13.62
C LEU C 435 22.32 -58.72 -14.36
N MET C 436 21.83 -58.71 -15.61
CA MET C 436 21.73 -59.97 -16.36
C MET C 436 23.09 -60.45 -16.84
N LEU C 437 23.93 -59.54 -17.35
CA LEU C 437 25.17 -59.93 -17.99
C LEU C 437 26.29 -60.17 -16.98
N GLY C 438 26.64 -59.13 -16.22
CA GLY C 438 27.81 -59.20 -15.38
C GLY C 438 29.09 -58.97 -16.17
N LYS C 439 30.20 -59.02 -15.46
CA LYS C 439 31.52 -58.86 -16.04
C LYS C 439 32.42 -59.96 -15.53
N SER C 440 32.90 -60.82 -16.44
CA SER C 440 33.70 -61.96 -16.05
C SER C 440 35.14 -61.53 -15.76
N ARG C 441 35.95 -62.50 -15.33
CA ARG C 441 37.37 -62.23 -15.09
C ARG C 441 38.07 -61.84 -16.38
N GLU C 442 37.73 -62.50 -17.49
CA GLU C 442 38.36 -62.20 -18.77
C GLU C 442 38.07 -60.78 -19.21
N GLU C 443 36.81 -60.34 -19.09
CA GLU C 443 36.47 -58.98 -19.50
C GLU C 443 37.17 -57.94 -18.63
N ALA C 444 37.21 -58.17 -17.32
CA ALA C 444 37.88 -57.23 -16.43
C ALA C 444 39.37 -57.16 -16.73
N GLU C 445 40.00 -58.32 -16.94
CA GLU C 445 41.42 -58.33 -17.28
C GLU C 445 41.68 -57.63 -18.60
N ALA C 446 40.81 -57.85 -19.59
CA ALA C 446 40.98 -57.19 -20.88
C ALA C 446 40.85 -55.68 -20.76
N GLU C 447 39.88 -55.21 -19.97
CA GLU C 447 39.72 -53.77 -19.77
C GLU C 447 40.93 -53.19 -19.04
N LEU C 448 41.45 -53.90 -18.03
CA LEU C 448 42.62 -53.41 -17.32
C LEU C 448 43.84 -53.36 -18.23
N ARG C 449 44.00 -54.37 -19.09
CA ARG C 449 45.09 -54.36 -20.06
C ARG C 449 44.95 -53.21 -21.05
N ALA C 450 43.71 -52.97 -21.52
CA ALA C 450 43.48 -51.84 -22.42
C ALA C 450 43.76 -50.51 -21.73
N LYS C 451 43.62 -50.46 -20.41
CA LYS C 451 44.02 -49.28 -19.67
C LYS C 451 45.53 -49.17 -19.49
N GLY C 452 46.27 -50.20 -19.85
CA GLY C 452 47.73 -50.17 -19.81
C GLY C 452 48.35 -50.56 -18.49
N LEU C 453 47.58 -51.11 -17.55
CA LEU C 453 48.13 -51.47 -16.26
C LEU C 453 49.08 -52.67 -16.39
N PRO C 454 50.12 -52.72 -15.56
CA PRO C 454 51.03 -53.86 -15.58
C PRO C 454 50.31 -55.16 -15.27
N GLU C 455 50.98 -56.28 -15.56
CA GLU C 455 50.38 -57.59 -15.38
C GLU C 455 50.07 -57.85 -13.91
N ALA C 456 50.99 -57.50 -13.01
CA ALA C 456 50.74 -57.69 -11.59
C ALA C 456 49.55 -56.86 -11.11
N GLU C 457 49.48 -55.60 -11.55
CA GLU C 457 48.33 -54.77 -11.21
C GLU C 457 47.05 -55.33 -11.81
N VAL C 458 47.13 -55.85 -13.03
CA VAL C 458 45.95 -56.43 -13.67
C VAL C 458 45.42 -57.61 -12.85
N LYS C 459 46.32 -58.51 -12.45
CA LYS C 459 45.88 -59.67 -11.68
C LYS C 459 45.50 -59.31 -10.25
N ARG C 460 46.00 -58.19 -9.72
CA ARG C 460 45.55 -57.74 -8.40
C ARG C 460 44.16 -57.14 -8.45
N LEU C 461 43.86 -56.38 -9.51
CA LEU C 461 42.61 -55.63 -9.57
C LEU C 461 41.47 -56.40 -10.23
N ALA C 462 41.75 -57.42 -11.03
CA ALA C 462 40.69 -58.09 -11.78
C ALA C 462 39.63 -58.74 -10.90
N PRO C 463 39.96 -59.50 -9.85
CA PRO C 463 38.90 -60.15 -9.06
C PRO C 463 37.92 -59.18 -8.41
N HIS C 464 38.38 -57.97 -8.07
CA HIS C 464 37.51 -57.00 -7.43
C HIS C 464 36.51 -56.37 -8.38
N LYS C 465 36.85 -56.30 -9.67
CA LYS C 465 35.97 -55.71 -10.66
C LYS C 465 34.97 -56.70 -11.25
N VAL C 466 35.09 -57.98 -10.92
CA VAL C 466 34.22 -59.00 -11.50
C VAL C 466 32.82 -58.87 -10.93
N ILE C 467 31.84 -58.73 -11.81
CA ILE C 467 30.43 -58.77 -11.44
C ILE C 467 29.89 -60.13 -11.85
N PRO C 468 29.35 -60.93 -10.92
CA PRO C 468 28.90 -62.28 -11.29
C PRO C 468 27.84 -62.30 -12.38
N GLY C 469 26.93 -61.34 -12.38
CA GLY C 469 25.82 -61.36 -13.31
C GLY C 469 24.78 -62.38 -12.90
N ASN C 470 23.90 -62.68 -13.85
CA ASN C 470 22.82 -63.66 -13.68
C ASN C 470 21.84 -63.25 -12.59
N ARG C 471 21.66 -61.94 -12.41
CA ARG C 471 20.70 -61.45 -11.43
C ARG C 471 19.36 -61.20 -12.13
N PRO C 472 18.30 -61.91 -11.75
CA PRO C 472 17.02 -61.73 -12.45
C PRO C 472 16.42 -60.36 -12.23
N SER C 473 15.69 -59.88 -13.24
CA SER C 473 15.01 -58.60 -13.14
C SER C 473 13.80 -58.61 -14.05
N ASN C 474 12.83 -57.77 -13.70
CA ASN C 474 11.66 -57.49 -14.53
C ASN C 474 11.68 -56.01 -14.87
N THR C 475 11.24 -55.67 -16.08
CA THR C 475 11.11 -54.28 -16.48
C THR C 475 9.66 -54.00 -16.83
N LEU C 476 9.10 -52.96 -16.20
CA LEU C 476 7.77 -52.48 -16.53
C LEU C 476 7.91 -51.12 -17.18
N VAL C 477 7.54 -51.04 -18.46
CA VAL C 477 7.63 -49.80 -19.22
C VAL C 477 6.22 -49.30 -19.52
N MET C 478 6.11 -47.98 -19.65
CA MET C 478 4.90 -47.33 -20.11
C MET C 478 5.31 -46.13 -20.95
N GLU C 479 4.39 -45.66 -21.78
CA GLU C 479 4.66 -44.45 -22.56
C GLU C 479 4.77 -43.25 -21.64
N THR C 480 3.78 -43.05 -20.77
CA THR C 480 3.79 -41.96 -19.82
C THR C 480 3.12 -42.45 -18.54
N LEU C 481 3.46 -41.83 -17.41
CA LEU C 481 2.80 -42.13 -16.15
C LEU C 481 1.62 -41.19 -15.98
N ASN C 482 0.49 -41.59 -16.53
CA ASN C 482 -0.78 -40.91 -16.39
C ASN C 482 -1.64 -41.61 -15.35
N PRO C 483 -2.78 -41.03 -14.96
CA PRO C 483 -3.64 -41.73 -13.98
C PRO C 483 -4.03 -43.14 -14.40
N SER C 484 -4.31 -43.34 -15.69
CA SER C 484 -4.77 -44.65 -16.15
C SER C 484 -3.69 -45.71 -15.98
N ARG C 485 -2.47 -45.41 -16.41
CA ARG C 485 -1.40 -46.40 -16.34
C ARG C 485 -0.92 -46.61 -14.90
N LEU C 486 -0.99 -45.56 -14.07
CA LEU C 486 -0.69 -45.75 -12.65
C LEU C 486 -1.71 -46.66 -11.99
N GLY C 487 -3.00 -46.48 -12.31
CA GLY C 487 -4.01 -47.38 -11.79
C GLY C 487 -3.80 -48.80 -12.26
N ALA C 488 -3.42 -48.97 -13.52
CA ALA C 488 -3.10 -50.30 -14.03
C ALA C 488 -1.93 -50.92 -13.27
N LEU C 489 -0.90 -50.13 -12.99
CA LEU C 489 0.27 -50.63 -12.27
C LEU C 489 -0.10 -51.08 -10.86
N ILE C 490 -0.86 -50.24 -10.14
CA ILE C 490 -1.24 -50.60 -8.78
C ILE C 490 -2.11 -51.86 -8.78
N ALA C 491 -3.07 -51.93 -9.70
CA ALA C 491 -3.93 -53.10 -9.75
C ALA C 491 -3.14 -54.36 -10.13
N LEU C 492 -2.14 -54.20 -11.00
CA LEU C 492 -1.30 -55.32 -11.38
C LEU C 492 -0.56 -55.88 -10.17
N TYR C 493 -0.02 -55.00 -9.33
CA TYR C 493 0.67 -55.49 -8.14
C TYR C 493 -0.30 -56.06 -7.11
N GLU C 494 -1.50 -55.50 -7.00
CA GLU C 494 -2.52 -56.09 -6.14
C GLU C 494 -2.84 -57.52 -6.57
N HIS C 495 -3.04 -57.72 -7.87
CA HIS C 495 -3.37 -59.05 -8.36
C HIS C 495 -2.19 -60.01 -8.23
N LYS C 496 -0.97 -59.51 -8.40
CA LYS C 496 0.20 -60.35 -8.16
C LYS C 496 0.26 -60.83 -6.71
N VAL C 497 0.00 -59.93 -5.77
CA VAL C 497 -0.04 -60.32 -4.36
C VAL C 497 -1.13 -61.35 -4.12
N PHE C 498 -2.31 -61.15 -4.72
CA PHE C 498 -3.39 -62.10 -4.56
C PHE C 498 -3.02 -63.48 -5.09
N VAL C 499 -2.39 -63.54 -6.28
CA VAL C 499 -2.04 -64.82 -6.87
C VAL C 499 -0.98 -65.53 -6.02
N GLN C 500 0.00 -64.79 -5.51
CA GLN C 500 0.99 -65.40 -4.63
C GLN C 500 0.34 -65.95 -3.36
N GLY C 501 -0.57 -65.20 -2.76
CA GLY C 501 -1.27 -65.70 -1.59
C GLY C 501 -2.11 -66.91 -1.88
N VAL C 502 -2.70 -66.99 -3.07
CA VAL C 502 -3.45 -68.18 -3.46
C VAL C 502 -2.51 -69.38 -3.60
N ILE C 503 -1.36 -69.17 -4.22
CA ILE C 503 -0.40 -70.26 -4.39
C ILE C 503 0.06 -70.79 -3.04
N TRP C 504 0.37 -69.89 -2.12
CA TRP C 504 0.81 -70.31 -0.79
C TRP C 504 -0.33 -70.79 0.09
N GLY C 505 -1.58 -70.63 -0.34
CA GLY C 505 -2.71 -71.09 0.43
C GLY C 505 -3.06 -70.25 1.63
N ILE C 506 -2.64 -69.00 1.65
CA ILE C 506 -2.79 -68.16 2.82
C ILE C 506 -3.91 -67.15 2.59
N ASN C 507 -4.28 -66.44 3.65
CA ASN C 507 -5.27 -65.36 3.58
C ASN C 507 -4.52 -64.05 3.38
N SER C 508 -4.73 -63.42 2.23
CA SER C 508 -4.06 -62.17 1.89
C SER C 508 -4.83 -60.94 2.33
N PHE C 509 -5.94 -61.11 3.05
CA PHE C 509 -6.81 -60.00 3.36
C PHE C 509 -7.07 -59.81 4.85
N ASP C 510 -6.47 -60.63 5.70
CA ASP C 510 -6.54 -60.45 7.14
C ASP C 510 -5.20 -59.96 7.67
N GLN C 511 -5.23 -59.24 8.79
CA GLN C 511 -4.02 -58.80 9.48
C GLN C 511 -4.23 -59.09 10.97
N TRP C 512 -3.88 -60.31 11.38
CA TRP C 512 -4.01 -60.71 12.77
C TRP C 512 -2.72 -60.54 13.56
N GLY C 513 -1.62 -60.20 12.89
CA GLY C 513 -0.35 -59.99 13.53
C GLY C 513 -0.11 -58.60 14.07
N VAL C 514 -1.16 -57.78 14.16
CA VAL C 514 -1.05 -56.41 14.63
C VAL C 514 -1.82 -56.18 15.92
N GLU C 515 -2.46 -57.19 16.48
CA GLU C 515 -3.26 -57.02 17.69
C GLU C 515 -2.42 -57.14 18.96
N LEU C 516 -1.49 -58.10 18.99
CA LEU C 516 -0.64 -58.29 20.16
C LEU C 516 0.16 -57.04 20.47
N GLY C 517 0.70 -56.40 19.42
CA GLY C 517 1.41 -55.16 19.63
C GLY C 517 0.54 -54.08 20.24
N LYS C 518 -0.73 -54.04 19.84
CA LYS C 518 -1.66 -53.06 20.40
C LYS C 518 -1.90 -53.30 21.89
N GLU C 519 -2.18 -54.56 22.26
CA GLU C 519 -2.41 -54.87 23.67
C GLU C 519 -1.18 -54.57 24.50
N LEU C 520 0.00 -54.99 24.01
CA LEU C 520 1.23 -54.71 24.73
C LEU C 520 1.52 -53.22 24.78
N GLY C 521 1.07 -52.45 23.78
CA GLY C 521 1.24 -51.01 23.83
C GLY C 521 0.41 -50.37 24.91
N LYS C 522 -0.83 -50.83 25.08
CA LYS C 522 -1.64 -50.35 26.20
C LYS C 522 -0.98 -50.68 27.53
N ASN C 523 -0.47 -51.90 27.68
CA ASN C 523 0.20 -52.29 28.92
C ASN C 523 1.44 -51.43 29.18
N VAL C 524 2.26 -51.22 28.15
CA VAL C 524 3.50 -50.47 28.32
C VAL C 524 3.20 -49.01 28.61
N TYR C 525 2.17 -48.44 27.97
CA TYR C 525 1.79 -47.06 28.28
C TYR C 525 1.32 -46.93 29.72
N GLY C 526 0.51 -47.90 30.18
CA GLY C 526 0.09 -47.88 31.57
C GLY C 526 1.26 -47.92 32.54
N ARG C 527 2.26 -48.74 32.23
CA ARG C 527 3.46 -48.77 33.08
C ARG C 527 4.29 -47.50 32.97
N LEU C 528 4.33 -46.88 31.79
CA LEU C 528 5.11 -45.65 31.63
C LEU C 528 4.51 -44.50 32.41
N THR C 529 3.19 -44.38 32.42
CA THR C 529 2.58 -43.19 33.00
C THR C 529 2.30 -43.33 34.49
N SER C 530 1.75 -44.47 34.92
CA SER C 530 1.36 -44.63 36.32
C SER C 530 2.58 -44.73 37.23
N TYR C 531 2.37 -44.39 38.50
CA TYR C 531 3.47 -44.38 39.47
C TYR C 531 3.77 -45.77 40.01
N GLU C 532 2.80 -46.37 40.69
CA GLU C 532 2.97 -47.70 41.28
C GLU C 532 2.36 -48.71 40.32
N ALA C 533 3.15 -49.13 39.34
CA ALA C 533 2.73 -50.09 38.33
C ALA C 533 3.47 -51.42 38.52
N PRO C 534 2.83 -52.53 38.21
CA PRO C 534 3.50 -53.83 38.32
C PRO C 534 4.61 -53.94 37.28
N PRO C 535 5.60 -54.80 37.52
CA PRO C 535 6.68 -54.98 36.54
C PRO C 535 6.14 -55.55 35.24
N ALA C 536 6.86 -55.23 34.15
CA ALA C 536 6.47 -55.73 32.84
C ALA C 536 6.72 -57.24 32.76
N GLU C 537 6.24 -57.83 31.66
CA GLU C 537 6.34 -59.28 31.48
C GLU C 537 7.79 -59.73 31.43
N ASP C 538 8.64 -58.98 30.74
CA ASP C 538 10.05 -59.32 30.59
C ASP C 538 10.91 -58.22 31.20
N SER C 539 12.14 -58.59 31.55
CA SER C 539 13.07 -57.63 32.14
C SER C 539 13.55 -56.60 31.13
N SER C 540 13.51 -56.92 29.83
CA SER C 540 13.95 -55.95 28.82
C SER C 540 12.96 -54.81 28.69
N THR C 541 11.67 -55.13 28.60
CA THR C 541 10.65 -54.10 28.55
C THR C 541 10.62 -53.31 29.86
N GLN C 542 10.80 -53.99 30.99
CA GLN C 542 10.85 -53.29 32.27
C GLN C 542 12.05 -52.34 32.34
N GLY C 543 13.21 -52.78 31.83
CA GLY C 543 14.37 -51.91 31.82
C GLY C 543 14.19 -50.71 30.91
N LEU C 544 13.53 -50.90 29.77
CA LEU C 544 13.26 -49.77 28.89
C LEU C 544 12.26 -48.81 29.51
N ILE C 545 11.27 -49.35 30.24
CA ILE C 545 10.34 -48.51 30.98
C ILE C 545 11.07 -47.71 32.04
N ASP C 546 12.00 -48.34 32.75
CA ASP C 546 12.78 -47.63 33.77
C ASP C 546 13.68 -46.57 33.15
N TYR C 547 14.27 -46.87 32.00
CA TYR C 547 15.08 -45.89 31.30
C TYR C 547 14.24 -44.68 30.91
N PHE C 548 13.00 -44.91 30.48
CA PHE C 548 12.08 -43.80 30.20
C PHE C 548 11.79 -43.03 31.48
N ARG C 549 11.46 -43.73 32.56
CA ARG C 549 11.03 -43.08 33.79
C ARG C 549 12.17 -42.33 34.47
N GLY C 550 13.40 -42.78 34.27
CA GLY C 550 14.55 -42.09 34.80
C GLY C 550 14.98 -40.88 34.03
N ARG C 551 14.28 -40.55 32.95
CA ARG C 551 14.63 -39.41 32.12
C ARG C 551 13.47 -38.54 31.71
N HIS C 552 12.22 -38.97 31.88
CA HIS C 552 11.07 -38.22 31.41
C HIS C 552 10.60 -37.25 32.48
N ARG C 553 10.23 -36.05 32.04
CA ARG C 553 9.73 -35.02 32.94
C ARG C 553 8.49 -34.35 32.35
N TYR D 3 45.06 -57.27 8.05
CA TYR D 3 43.85 -57.96 7.61
C TYR D 3 43.55 -57.64 6.16
N TYR D 4 44.05 -56.51 5.68
CA TYR D 4 43.87 -56.10 4.30
C TYR D 4 44.98 -56.58 3.38
N GLN D 5 46.00 -57.24 3.92
CA GLN D 5 47.09 -57.81 3.12
C GLN D 5 47.03 -59.32 3.09
N GLN D 6 46.96 -59.98 4.24
CA GLN D 6 46.85 -61.42 4.33
C GLN D 6 45.39 -61.77 4.62
N ALA D 7 44.75 -62.45 3.67
CA ALA D 7 43.35 -62.84 3.79
C ALA D 7 43.26 -64.33 4.09
N PHE D 8 42.51 -64.66 5.13
CA PHE D 8 42.25 -66.04 5.53
C PHE D 8 40.78 -66.36 5.33
N ASP D 9 40.44 -67.63 5.52
CA ASP D 9 39.06 -68.09 5.44
C ASP D 9 38.46 -68.05 6.84
N VAL D 10 37.51 -67.13 7.05
CA VAL D 10 36.95 -66.93 8.38
C VAL D 10 36.17 -68.17 8.84
N THR D 11 35.64 -68.95 7.91
CA THR D 11 34.90 -70.15 8.27
C THR D 11 35.80 -71.25 8.81
N SER D 12 37.11 -71.14 8.62
CA SER D 12 38.05 -72.12 9.14
C SER D 12 38.53 -71.80 10.54
N LEU D 13 38.17 -70.63 11.08
CA LEU D 13 38.59 -70.28 12.43
C LEU D 13 37.93 -71.21 13.44
N PRO D 14 38.64 -71.58 14.51
CA PRO D 14 38.01 -72.40 15.56
C PRO D 14 36.81 -71.73 16.20
N SER D 15 36.83 -70.39 16.30
CA SER D 15 35.68 -69.68 16.84
C SER D 15 34.47 -69.84 15.93
N TRP D 16 34.68 -69.84 14.61
CA TRP D 16 33.59 -70.06 13.68
C TRP D 16 32.97 -71.45 13.86
N ARG D 17 33.80 -72.48 14.02
CA ARG D 17 33.29 -73.82 14.22
C ARG D 17 32.58 -73.94 15.56
N ALA D 18 33.10 -73.29 16.59
CA ALA D 18 32.42 -73.25 17.88
C ALA D 18 31.06 -72.56 17.75
N LEU D 19 30.98 -71.52 16.91
CA LEU D 19 29.70 -70.86 16.67
C LEU D 19 28.73 -71.77 15.92
N GLN D 20 29.24 -72.58 14.99
CA GLN D 20 28.39 -73.55 14.32
C GLN D 20 27.81 -74.56 15.31
N GLU D 21 28.67 -75.08 16.20
CA GLU D 21 28.18 -76.02 17.21
C GLU D 21 27.18 -75.36 18.15
N HIS D 22 27.44 -74.12 18.54
CA HIS D 22 26.51 -73.40 19.39
C HIS D 22 25.19 -73.12 18.69
N ARG D 23 25.24 -72.86 17.39
CA ARG D 23 24.01 -72.68 16.62
C ARG D 23 23.20 -73.97 16.59
N LEU D 24 23.87 -75.11 16.40
CA LEU D 24 23.20 -76.39 16.49
C LEU D 24 22.54 -76.57 17.86
N ALA D 25 23.26 -76.18 18.93
CA ALA D 25 22.70 -76.33 20.27
C ALA D 25 21.53 -75.37 20.51
N MET D 26 21.62 -74.15 19.97
CA MET D 26 20.62 -73.10 20.19
C MET D 26 19.46 -73.16 19.22
N GLN D 27 19.47 -74.14 18.30
CA GLN D 27 18.33 -74.38 17.42
C GLN D 27 16.98 -74.25 18.12
N ASN D 28 16.85 -74.82 19.31
CA ASN D 28 15.57 -74.85 20.03
C ASN D 28 15.42 -73.69 21.03
N PHE D 29 16.36 -72.76 21.05
CA PHE D 29 16.32 -71.65 22.01
C PHE D 29 15.12 -70.75 21.73
N HIS D 30 14.42 -70.38 22.81
CA HIS D 30 13.33 -69.41 22.74
C HIS D 30 13.59 -68.29 23.72
N MET D 31 13.43 -67.05 23.27
CA MET D 31 13.76 -65.90 24.10
C MET D 31 12.80 -65.76 25.28
N ARG D 32 11.54 -66.16 25.11
CA ARG D 32 10.57 -66.06 26.20
C ARG D 32 11.02 -66.91 27.39
N GLU D 33 11.43 -68.15 27.13
CA GLU D 33 11.91 -69.02 28.19
C GLU D 33 13.17 -68.45 28.84
N ALA D 34 14.06 -67.87 28.04
CA ALA D 34 15.26 -67.24 28.58
C ALA D 34 14.91 -66.03 29.45
N PHE D 35 13.76 -65.40 29.20
CA PHE D 35 13.39 -64.24 29.99
C PHE D 35 12.65 -64.62 31.26
N LEU D 36 11.85 -65.69 31.25
CA LEU D 36 11.24 -66.13 32.50
C LEU D 36 12.25 -66.84 33.39
N SER D 37 13.33 -67.37 32.81
CA SER D 37 14.32 -68.10 33.58
C SER D 37 15.54 -67.26 33.93
N ASP D 38 15.50 -65.95 33.69
CA ASP D 38 16.62 -65.07 34.00
C ASP D 38 16.11 -63.65 34.18
N PRO D 39 15.78 -63.26 35.41
CA PRO D 39 15.33 -61.88 35.65
C PRO D 39 16.41 -60.83 35.38
N GLY D 40 17.68 -61.22 35.35
CA GLY D 40 18.76 -60.28 35.10
C GLY D 40 19.25 -60.30 33.68
N ARG D 41 18.41 -60.77 32.75
CA ARG D 41 18.80 -60.85 31.35
C ARG D 41 19.01 -59.46 30.74
N PHE D 42 18.14 -58.52 31.08
CA PHE D 42 18.30 -57.15 30.56
C PHE D 42 19.60 -56.52 31.05
N ASP D 43 19.92 -56.71 32.33
CA ASP D 43 21.16 -56.15 32.87
C ASP D 43 22.38 -56.78 32.20
N GLU D 44 22.34 -58.09 31.97
CA GLU D 44 23.48 -58.76 31.36
C GLU D 44 23.66 -58.35 29.91
N PHE D 45 22.56 -58.13 29.19
CA PHE D 45 22.63 -57.89 27.76
C PHE D 45 22.19 -56.48 27.38
N SER D 46 22.66 -55.49 28.11
CA SER D 46 22.48 -54.10 27.75
C SER D 46 23.78 -53.35 28.05
N THR D 47 23.98 -52.25 27.34
CA THR D 47 25.19 -51.45 27.49
C THR D 47 24.87 -50.00 27.18
N SER D 48 25.76 -49.12 27.61
CA SER D 48 25.59 -47.68 27.40
C SER D 48 26.89 -47.08 26.92
N SER D 49 26.77 -45.97 26.19
CA SER D 49 27.94 -45.25 25.69
C SER D 49 27.50 -43.82 25.39
N CYS D 50 27.98 -42.88 26.19
CA CYS D 50 27.64 -41.46 26.04
C CYS D 50 26.12 -41.36 26.23
N GLY D 51 25.39 -40.77 25.29
CA GLY D 51 23.95 -40.70 25.39
C GLY D 51 23.20 -41.86 24.77
N LEU D 52 23.91 -42.87 24.25
CA LEU D 52 23.27 -44.00 23.59
C LEU D 52 23.14 -45.16 24.57
N PHE D 53 22.01 -45.84 24.52
CA PHE D 53 21.78 -47.04 25.31
C PHE D 53 21.34 -48.15 24.38
N LEU D 54 22.08 -49.26 24.37
CA LEU D 54 21.77 -50.42 23.54
C LEU D 54 21.23 -51.53 24.42
N ASP D 55 19.97 -51.90 24.19
CA ASP D 55 19.39 -53.10 24.76
C ASP D 55 19.40 -54.19 23.69
N TYR D 56 20.21 -55.23 23.90
CA TYR D 56 20.29 -56.35 22.98
C TYR D 56 19.96 -57.67 23.68
N SER D 57 19.09 -57.61 24.69
CA SER D 57 18.66 -58.81 25.39
C SER D 57 17.63 -59.61 24.60
N LYS D 58 16.82 -58.94 23.78
CA LYS D 58 15.85 -59.62 22.93
C LYS D 58 16.54 -60.17 21.67
N ASN D 59 17.54 -61.00 21.90
CA ASN D 59 18.32 -61.62 20.83
C ASN D 59 18.43 -63.10 21.10
N LEU D 60 18.67 -63.87 20.03
CA LEU D 60 18.85 -65.31 20.13
C LEU D 60 20.27 -65.61 20.60
N ILE D 61 20.55 -65.18 21.83
CA ILE D 61 21.87 -65.32 22.43
C ILE D 61 21.73 -65.76 23.88
N THR D 62 22.77 -66.39 24.37
CA THR D 62 23.01 -66.68 25.78
C THR D 62 24.33 -66.00 26.14
N PRO D 63 24.75 -65.99 27.39
CA PRO D 63 26.11 -65.51 27.69
C PRO D 63 27.18 -66.27 26.93
N GLU D 64 26.97 -67.57 26.70
CA GLU D 64 27.90 -68.35 25.89
C GLU D 64 27.93 -67.85 24.45
N THR D 65 26.77 -67.47 23.92
CA THR D 65 26.73 -66.94 22.55
C THR D 65 27.53 -65.66 22.43
N ARG D 66 27.36 -64.74 23.40
CA ARG D 66 28.13 -63.50 23.35
C ARG D 66 29.62 -63.77 23.52
N ASP D 67 29.97 -64.73 24.38
CA ASP D 67 31.38 -65.11 24.53
C ASP D 67 31.96 -65.60 23.21
N LEU D 68 31.21 -66.47 22.51
CA LEU D 68 31.70 -67.02 21.25
C LEU D 68 31.76 -65.96 20.15
N LEU D 69 30.80 -65.05 20.11
CA LEU D 69 30.83 -63.99 19.11
C LEU D 69 32.00 -63.04 19.36
N VAL D 70 32.26 -62.71 20.63
CA VAL D 70 33.42 -61.89 20.96
C VAL D 70 34.70 -62.62 20.61
N ASN D 71 34.74 -63.94 20.82
CA ASN D 71 35.90 -64.73 20.43
C ASN D 71 36.12 -64.69 18.93
N LEU D 72 35.05 -64.78 18.15
CA LEU D 72 35.18 -64.69 16.70
C LEU D 72 35.68 -63.31 16.28
N ALA D 73 35.16 -62.26 16.92
CA ALA D 73 35.64 -60.92 16.61
C ALA D 73 37.13 -60.78 16.92
N ARG D 74 37.58 -61.34 18.03
CA ARG D 74 38.99 -61.31 18.38
C ARG D 74 39.84 -62.10 17.39
N GLU D 75 39.38 -63.30 17.02
CA GLU D 75 40.14 -64.16 16.11
C GLU D 75 40.22 -63.55 14.71
N ALA D 76 39.16 -62.88 14.27
CA ALA D 76 39.20 -62.20 12.97
C ALA D 76 40.11 -60.98 12.99
N GLY D 77 40.50 -60.50 14.16
CA GLY D 77 41.38 -59.34 14.26
C GLY D 77 40.66 -58.01 14.15
N VAL D 78 39.52 -57.86 14.82
CA VAL D 78 38.76 -56.62 14.72
C VAL D 78 39.51 -55.47 15.39
N GLU D 79 40.17 -55.75 16.52
CA GLU D 79 40.88 -54.70 17.24
C GLU D 79 42.05 -54.16 16.42
N GLN D 80 42.87 -55.06 15.86
CA GLN D 80 44.00 -54.63 15.05
C GLN D 80 43.54 -53.95 13.77
N ALA D 81 42.45 -54.44 13.17
CA ALA D 81 41.90 -53.81 11.98
C ALA D 81 41.40 -52.41 12.27
N ALA D 82 40.74 -52.23 13.41
CA ALA D 82 40.29 -50.90 13.81
C ALA D 82 41.47 -49.98 14.06
N ARG D 83 42.53 -50.50 14.69
CA ARG D 83 43.73 -49.69 14.87
C ARG D 83 44.31 -49.26 13.53
N ALA D 84 44.38 -50.18 12.57
CA ALA D 84 44.92 -49.86 11.25
C ALA D 84 44.07 -48.82 10.54
N MET D 85 42.75 -48.96 10.60
CA MET D 85 41.88 -48.01 9.92
C MET D 85 41.94 -46.63 10.58
N PHE D 86 41.98 -46.59 11.92
CA PHE D 86 42.05 -45.31 12.61
C PHE D 86 43.41 -44.64 12.44
N ASP D 87 44.46 -45.43 12.22
CA ASP D 87 45.81 -44.90 12.16
C ASP D 87 46.24 -44.46 10.77
N GLY D 88 45.42 -44.67 9.76
CA GLY D 88 45.74 -44.25 8.41
C GLY D 88 46.33 -45.30 7.51
N GLU D 89 46.34 -46.56 7.92
CA GLU D 89 46.82 -47.63 7.06
C GLU D 89 45.89 -47.80 5.87
N PRO D 90 46.42 -48.17 4.70
CA PRO D 90 45.57 -48.34 3.52
C PRO D 90 44.66 -49.56 3.62
N VAL D 91 43.61 -49.45 4.44
CA VAL D 91 42.69 -50.58 4.62
C VAL D 91 41.84 -50.81 3.38
N ASN D 92 41.70 -49.81 2.52
CA ASN D 92 41.07 -49.99 1.21
C ASN D 92 42.12 -50.60 0.29
N ALA D 93 42.28 -51.92 0.42
CA ALA D 93 43.37 -52.61 -0.28
C ALA D 93 43.19 -52.55 -1.79
N SER D 94 41.96 -52.70 -2.28
CA SER D 94 41.73 -52.72 -3.71
C SER D 94 42.11 -51.39 -4.36
N GLU D 95 41.74 -50.28 -3.72
CA GLU D 95 42.08 -48.96 -4.24
C GLU D 95 43.36 -48.40 -3.66
N ARG D 96 44.01 -49.12 -2.74
CA ARG D 96 45.27 -48.69 -2.13
C ARG D 96 45.14 -47.34 -1.46
N ARG D 97 44.06 -47.14 -0.72
CA ARG D 97 43.79 -45.90 -0.04
C ARG D 97 43.50 -46.16 1.44
N PRO D 98 43.75 -45.17 2.29
CA PRO D 98 43.23 -45.25 3.66
C PRO D 98 41.76 -44.88 3.71
N ALA D 99 41.10 -45.32 4.78
CA ALA D 99 39.71 -45.00 5.04
C ALA D 99 39.68 -44.14 6.31
N LEU D 100 39.67 -42.82 6.12
CA LEU D 100 39.86 -41.90 7.23
C LEU D 100 38.67 -40.98 7.42
N HIS D 101 37.46 -41.54 7.41
CA HIS D 101 36.29 -40.76 7.75
C HIS D 101 36.29 -40.40 9.23
N THR D 102 36.91 -41.21 10.07
CA THR D 102 37.01 -40.90 11.49
C THR D 102 37.84 -39.65 11.71
N ALA D 103 38.88 -39.46 10.89
CA ALA D 103 39.71 -38.26 10.99
C ALA D 103 38.91 -36.98 10.83
N LEU D 104 37.79 -37.03 10.11
CA LEU D 104 36.97 -35.85 9.92
C LEU D 104 36.32 -35.38 11.21
N ARG D 105 36.29 -36.21 12.25
CA ARG D 105 35.66 -35.87 13.51
C ARG D 105 36.67 -35.59 14.62
N ARG D 106 37.95 -35.77 14.36
CA ARG D 106 38.97 -35.52 15.37
C ARG D 106 39.08 -34.02 15.64
N PRO D 107 39.44 -33.63 16.85
CA PRO D 107 39.63 -32.22 17.18
C PRO D 107 40.99 -31.72 16.73
N VAL D 108 41.21 -30.41 16.92
CA VAL D 108 42.41 -29.77 16.38
C VAL D 108 43.69 -30.26 17.06
N GLY D 109 43.58 -30.85 18.25
CA GLY D 109 44.77 -31.34 18.91
C GLY D 109 45.28 -32.67 18.39
N ASP D 110 44.54 -33.32 17.50
CA ASP D 110 44.94 -34.59 16.93
C ASP D 110 45.73 -34.38 15.65
N SER D 111 46.77 -35.20 15.46
CA SER D 111 47.60 -35.15 14.26
C SER D 111 47.67 -36.54 13.65
N LEU D 112 47.50 -36.61 12.33
CA LEU D 112 47.54 -37.87 11.62
C LEU D 112 48.42 -37.67 10.39
N LEU D 113 49.52 -38.42 10.32
CA LEU D 113 50.50 -38.28 9.26
C LEU D 113 50.24 -39.32 8.17
N ILE D 114 49.97 -38.85 6.96
CA ILE D 114 49.78 -39.71 5.80
C ILE D 114 50.82 -39.30 4.77
N ASP D 115 51.77 -40.21 4.49
CA ASP D 115 52.91 -39.91 3.62
C ASP D 115 53.68 -38.70 4.12
N GLY D 116 53.85 -38.61 5.44
CA GLY D 116 54.59 -37.51 6.04
C GLY D 116 53.86 -36.19 6.09
N HIS D 117 52.58 -36.17 5.75
CA HIS D 117 51.78 -34.95 5.76
C HIS D 117 50.65 -35.08 6.78
N ASN D 118 50.43 -33.99 7.53
CA ASN D 118 49.39 -33.96 8.55
C ASN D 118 48.06 -33.62 7.90
N ILE D 119 47.21 -34.62 7.69
CA ILE D 119 45.92 -34.41 7.04
C ILE D 119 44.92 -33.72 7.95
N MET D 120 45.17 -33.71 9.26
CA MET D 120 44.30 -32.98 10.17
C MET D 120 44.33 -31.48 9.89
N ARG D 121 45.46 -30.98 9.38
CA ARG D 121 45.51 -29.60 8.94
C ARG D 121 44.52 -29.35 7.81
N ASP D 122 44.44 -30.28 6.84
CA ASP D 122 43.43 -30.16 5.79
C ASP D 122 42.02 -30.23 6.36
N VAL D 123 41.80 -31.17 7.28
CA VAL D 123 40.47 -31.33 7.88
C VAL D 123 40.01 -30.03 8.52
N HIS D 124 40.88 -29.42 9.33
CA HIS D 124 40.46 -28.24 10.07
C HIS D 124 40.54 -26.95 9.25
N ALA D 125 41.37 -26.91 8.21
CA ALA D 125 41.28 -25.81 7.26
C ALA D 125 39.95 -25.83 6.53
N ALA D 126 39.51 -27.04 6.12
CA ALA D 126 38.19 -27.16 5.50
C ALA D 126 37.10 -26.80 6.49
N LEU D 127 37.25 -27.18 7.76
CA LEU D 127 36.27 -26.82 8.77
C LEU D 127 36.20 -25.31 8.98
N ALA D 128 37.35 -24.63 8.98
CA ALA D 128 37.36 -23.18 9.13
C ALA D 128 36.74 -22.49 7.92
N GLN D 129 37.04 -23.00 6.72
CA GLN D 129 36.39 -22.48 5.50
C GLN D 129 34.88 -22.66 5.57
N MET D 130 34.45 -23.83 6.03
CA MET D 130 33.03 -24.13 6.19
C MET D 130 32.40 -23.17 7.19
N THR D 131 33.09 -22.90 8.30
CA THR D 131 32.60 -21.96 9.30
C THR D 131 32.47 -20.55 8.72
N ASP D 132 33.47 -20.13 7.94
CA ASP D 132 33.41 -18.80 7.33
C ASP D 132 32.22 -18.66 6.41
N ILE D 133 32.00 -19.66 5.55
CA ILE D 133 30.87 -19.59 4.61
C ILE D 133 29.54 -19.64 5.35
N VAL D 134 29.43 -20.50 6.37
CA VAL D 134 28.19 -20.62 7.10
C VAL D 134 27.88 -19.33 7.86
N GLY D 135 28.90 -18.71 8.46
CA GLY D 135 28.68 -17.43 9.12
C GLY D 135 28.32 -16.32 8.16
N ARG D 136 28.93 -16.33 6.97
CA ARG D 136 28.58 -15.33 5.96
C ARG D 136 27.11 -15.47 5.55
N ILE D 137 26.68 -16.68 5.24
CA ILE D 137 25.32 -16.87 4.74
C ILE D 137 24.29 -16.67 5.85
N HIS D 138 24.58 -17.14 7.06
CA HIS D 138 23.61 -17.03 8.15
C HIS D 138 23.35 -15.58 8.53
N ASN D 139 24.39 -14.75 8.52
CA ASN D 139 24.26 -13.34 8.87
C ASN D 139 23.77 -12.49 7.71
N LYS D 140 23.24 -13.12 6.65
CA LYS D 140 22.75 -12.42 5.47
C LYS D 140 23.82 -11.58 4.81
N LEU D 141 25.09 -12.00 4.97
CA LEU D 141 26.22 -11.31 4.38
C LEU D 141 26.60 -11.87 3.01
N TRP D 142 25.88 -12.88 2.52
CA TRP D 142 26.09 -13.45 1.21
C TRP D 142 24.95 -12.99 0.30
N ARG D 143 25.31 -12.43 -0.85
CA ARG D 143 24.34 -11.83 -1.75
C ARG D 143 24.55 -12.33 -3.16
N GLY D 144 23.47 -12.37 -3.93
CA GLY D 144 23.49 -12.87 -5.30
C GLY D 144 23.86 -11.80 -6.31
N TYR D 145 23.53 -12.07 -7.57
CA TYR D 145 23.83 -11.13 -8.64
C TYR D 145 22.94 -9.91 -8.60
N SER D 146 21.80 -9.99 -7.93
CA SER D 146 20.95 -8.82 -7.67
C SER D 146 21.28 -8.15 -6.35
N ASP D 147 22.35 -8.60 -5.69
CA ASP D 147 22.76 -8.07 -4.38
C ASP D 147 21.64 -8.21 -3.35
N ARG D 148 21.00 -9.38 -3.33
CA ARG D 148 20.01 -9.73 -2.33
C ARG D 148 20.48 -10.95 -1.56
N ALA D 149 20.14 -11.00 -0.28
CA ALA D 149 20.56 -12.09 0.58
C ALA D 149 19.99 -13.42 0.10
N ILE D 150 20.79 -14.47 0.23
CA ILE D 150 20.40 -15.81 -0.18
C ILE D 150 19.75 -16.54 1.00
N THR D 151 18.67 -17.25 0.73
CA THR D 151 18.00 -18.05 1.76
C THR D 151 17.60 -19.43 1.26
N ASP D 152 18.19 -19.89 0.15
CA ASP D 152 17.89 -21.21 -0.40
C ASP D 152 19.19 -21.83 -0.88
N VAL D 153 19.69 -22.81 -0.13
CA VAL D 153 20.91 -23.54 -0.49
C VAL D 153 20.50 -24.87 -1.07
N VAL D 154 20.89 -25.14 -2.32
CA VAL D 154 20.53 -26.36 -3.03
C VAL D 154 21.80 -27.16 -3.26
N ASN D 155 21.83 -28.38 -2.75
CA ASN D 155 22.96 -29.28 -2.89
C ASN D 155 22.72 -30.18 -4.09
N ILE D 156 23.51 -29.99 -5.15
CA ILE D 156 23.45 -30.83 -6.33
C ILE D 156 24.50 -31.93 -6.13
N GLY D 157 24.04 -33.11 -5.73
CA GLY D 157 24.93 -34.23 -5.53
C GLY D 157 24.13 -35.50 -5.34
N ILE D 158 24.79 -36.63 -5.59
CA ILE D 158 24.17 -37.94 -5.54
C ILE D 158 24.98 -38.84 -4.62
N GLY D 159 24.33 -39.92 -4.18
CA GLY D 159 24.97 -40.91 -3.33
C GLY D 159 25.39 -40.36 -1.99
N GLY D 160 26.68 -40.46 -1.67
CA GLY D 160 27.18 -39.94 -0.41
C GLY D 160 27.08 -38.44 -0.28
N SER D 161 26.97 -37.74 -1.40
CA SER D 161 26.78 -36.29 -1.40
C SER D 161 25.34 -35.89 -1.12
N TYR D 162 24.44 -36.85 -1.03
CA TYR D 162 23.01 -36.57 -0.88
C TYR D 162 22.39 -37.20 0.35
N LEU D 163 22.72 -38.45 0.67
CA LEU D 163 21.94 -39.19 1.64
C LEU D 163 22.28 -38.80 3.08
N GLY D 164 23.56 -38.81 3.42
CA GLY D 164 23.99 -38.45 4.76
C GLY D 164 23.68 -37.02 5.14
N PRO D 165 24.07 -36.06 4.28
CA PRO D 165 23.72 -34.65 4.58
C PRO D 165 22.23 -34.42 4.73
N GLU D 166 21.40 -35.03 3.89
CA GLU D 166 19.96 -34.83 4.00
C GLU D 166 19.39 -35.51 5.23
N LEU D 167 19.92 -36.69 5.59
CA LEU D 167 19.53 -37.32 6.84
C LEU D 167 19.80 -36.42 8.02
N VAL D 168 21.01 -35.87 8.10
CA VAL D 168 21.35 -35.04 9.25
C VAL D 168 20.54 -33.75 9.24
N SER D 169 20.27 -33.19 8.05
CA SER D 169 19.44 -32.00 7.96
C SER D 169 18.03 -32.25 8.47
N GLU D 170 17.45 -33.39 8.11
CA GLU D 170 16.08 -33.69 8.53
C GLU D 170 16.01 -34.05 10.01
N ALA D 171 16.97 -34.84 10.49
CA ALA D 171 16.94 -35.29 11.88
C ALA D 171 17.16 -34.12 12.85
N LEU D 172 18.03 -33.18 12.49
CA LEU D 172 18.37 -32.06 13.35
C LEU D 172 17.54 -30.83 13.03
N LEU D 173 16.31 -31.03 12.55
CA LEU D 173 15.43 -29.90 12.25
C LEU D 173 15.12 -29.02 13.45
N PRO D 174 14.84 -29.54 14.66
CA PRO D 174 14.63 -28.63 15.80
C PRO D 174 15.82 -27.73 16.11
N TYR D 175 16.96 -27.94 15.47
CA TYR D 175 18.15 -27.11 15.65
C TYR D 175 18.43 -26.26 14.43
N THR D 176 17.42 -26.00 13.61
CA THR D 176 17.59 -25.20 12.39
C THR D 176 17.07 -23.79 12.59
N VAL D 180 17.77 -20.18 6.60
CA VAL D 180 18.25 -20.74 5.34
C VAL D 180 17.68 -22.14 5.12
N ARG D 181 17.00 -22.33 4.00
CA ARG D 181 16.36 -23.60 3.66
C ARG D 181 17.27 -24.40 2.75
N CYS D 182 17.47 -25.67 3.10
CA CYS D 182 18.34 -26.56 2.35
C CYS D 182 17.51 -27.54 1.53
N HIS D 183 17.82 -27.63 0.24
CA HIS D 183 17.19 -28.56 -0.69
C HIS D 183 18.26 -29.44 -1.31
N TYR D 184 17.84 -30.59 -1.81
CA TYR D 184 18.76 -31.56 -2.40
C TYR D 184 18.28 -31.95 -3.79
N LEU D 185 19.22 -32.07 -4.72
CA LEU D 185 18.93 -32.36 -6.13
C LEU D 185 19.87 -33.48 -6.54
N ALA D 186 19.39 -34.71 -6.47
CA ALA D 186 20.19 -35.90 -6.76
C ALA D 186 19.79 -36.58 -8.07
N ASN D 187 18.51 -36.86 -8.26
CA ASN D 187 18.07 -37.64 -9.41
C ASN D 187 18.30 -36.90 -10.71
N ILE D 188 18.78 -37.63 -11.73
CA ILE D 188 18.86 -37.08 -13.08
C ILE D 188 17.48 -36.87 -13.69
N ASP D 189 16.44 -37.44 -13.08
CA ASP D 189 15.07 -37.19 -13.50
C ASP D 189 14.80 -35.70 -13.54
N GLY D 190 14.48 -35.19 -14.73
CA GLY D 190 14.22 -33.77 -14.89
C GLY D 190 13.01 -33.29 -14.12
N SER D 191 12.11 -34.21 -13.75
CA SER D 191 10.95 -33.82 -12.95
C SER D 191 11.38 -33.33 -11.57
N GLU D 192 12.39 -33.96 -10.98
CA GLU D 192 12.91 -33.49 -9.71
C GLU D 192 13.51 -32.10 -9.83
N PHE D 193 14.25 -31.84 -10.90
CA PHE D 193 14.82 -30.51 -11.13
C PHE D 193 13.72 -29.48 -11.30
N HIS D 194 12.67 -29.82 -12.05
CA HIS D 194 11.57 -28.90 -12.26
C HIS D 194 10.85 -28.60 -10.94
N GLU D 195 10.58 -29.64 -10.15
CA GLU D 195 9.90 -29.45 -8.87
C GLU D 195 10.74 -28.60 -7.94
N LEU D 196 12.06 -28.81 -7.94
CA LEU D 196 12.94 -28.02 -7.08
C LEU D 196 12.97 -26.56 -7.52
N THR D 197 13.21 -26.30 -8.80
CA THR D 197 13.33 -24.92 -9.28
C THR D 197 11.99 -24.21 -9.35
N ALA D 198 10.87 -24.92 -9.19
CA ALA D 198 9.58 -24.25 -9.07
C ALA D 198 9.45 -23.46 -7.77
N ARG D 199 10.35 -23.67 -6.81
CA ARG D 199 10.33 -22.94 -5.54
C ARG D 199 11.56 -22.06 -5.36
N LEU D 200 12.37 -21.87 -6.40
CA LEU D 200 13.64 -21.18 -6.28
C LEU D 200 13.66 -19.91 -7.11
N ASN D 201 14.32 -18.88 -6.58
CA ASN D 201 14.61 -17.65 -7.31
C ASN D 201 16.10 -17.65 -7.62
N ALA D 202 16.44 -17.37 -8.88
CA ALA D 202 17.84 -17.40 -9.29
C ALA D 202 18.66 -16.32 -8.58
N GLU D 203 18.04 -15.18 -8.25
CA GLU D 203 18.72 -14.15 -7.49
C GLU D 203 19.01 -14.59 -6.06
N THR D 204 18.33 -15.61 -5.57
CA THR D 204 18.37 -15.99 -4.16
C THR D 204 18.99 -17.35 -3.91
N THR D 205 19.00 -18.25 -4.88
CA THR D 205 19.44 -19.62 -4.67
C THR D 205 20.95 -19.74 -4.84
N LEU D 206 21.59 -20.46 -3.92
CA LEU D 206 23.01 -20.80 -4.01
C LEU D 206 23.16 -22.30 -4.17
N PHE D 207 23.93 -22.72 -5.17
CA PHE D 207 24.08 -24.13 -5.51
C PHE D 207 25.44 -24.64 -5.07
N ILE D 208 25.43 -25.76 -4.35
CA ILE D 208 26.65 -26.48 -3.98
C ILE D 208 26.75 -27.69 -4.88
N ILE D 209 27.74 -27.70 -5.78
CA ILE D 209 27.99 -28.84 -6.64
C ILE D 209 28.91 -29.79 -5.88
N SER D 210 28.40 -30.96 -5.50
CA SER D 210 29.16 -31.93 -4.72
C SER D 210 29.48 -33.12 -5.62
N SER D 211 30.68 -33.10 -6.20
CA SER D 211 31.15 -34.19 -7.04
C SER D 211 32.64 -34.36 -6.83
N LYS D 212 33.06 -35.60 -6.54
CA LYS D 212 34.47 -35.88 -6.27
C LYS D 212 35.34 -35.52 -7.47
N THR D 213 35.15 -36.21 -8.58
CA THR D 213 35.90 -35.97 -9.80
C THR D 213 35.40 -34.75 -10.55
N PHE D 214 34.21 -34.24 -10.21
CA PHE D 214 33.52 -33.21 -10.98
C PHE D 214 33.22 -33.69 -12.39
N GLY D 215 32.96 -35.00 -12.52
CA GLY D 215 32.66 -35.60 -13.80
C GLY D 215 31.54 -36.61 -13.71
N THR D 216 30.93 -36.72 -12.54
CA THR D 216 29.80 -37.61 -12.35
C THR D 216 28.66 -37.21 -13.27
N LEU D 217 28.08 -38.21 -13.97
CA LEU D 217 27.11 -37.92 -15.01
C LEU D 217 25.91 -37.14 -14.49
N GLU D 218 25.18 -37.72 -13.54
CA GLU D 218 23.96 -37.10 -13.06
C GLU D 218 24.23 -35.78 -12.36
N THR D 219 25.28 -35.73 -11.54
CA THR D 219 25.62 -34.48 -10.85
C THR D 219 26.00 -33.39 -11.84
N LEU D 220 26.81 -33.72 -12.84
CA LEU D 220 27.20 -32.72 -13.84
C LEU D 220 26.00 -32.27 -14.66
N LYS D 221 25.11 -33.19 -15.04
CA LYS D 221 23.93 -32.80 -15.80
C LYS D 221 23.04 -31.87 -14.99
N ASN D 222 22.83 -32.19 -13.71
CA ASN D 222 22.00 -31.33 -12.88
C ASN D 222 22.66 -29.98 -12.63
N ALA D 223 23.98 -29.95 -12.49
CA ALA D 223 24.69 -28.69 -12.31
C ALA D 223 24.63 -27.83 -13.57
N GLN D 224 24.79 -28.45 -14.74
CA GLN D 224 24.67 -27.70 -15.99
C GLN D 224 23.26 -27.19 -16.19
N ALA D 225 22.25 -28.00 -15.82
CA ALA D 225 20.87 -27.54 -15.88
C ALA D 225 20.65 -26.36 -14.95
N ALA D 226 21.21 -26.41 -13.74
CA ALA D 226 21.08 -25.30 -12.79
C ALA D 226 21.77 -24.05 -13.31
N ARG D 227 22.95 -24.19 -13.92
CA ARG D 227 23.64 -23.04 -14.48
C ARG D 227 22.85 -22.44 -15.65
N THR D 228 22.27 -23.29 -16.50
CA THR D 228 21.44 -22.80 -17.59
C THR D 228 20.21 -22.08 -17.05
N TRP D 229 19.60 -22.62 -15.99
CA TRP D 229 18.44 -22.00 -15.36
C TRP D 229 18.82 -20.64 -14.78
N TYR D 230 19.99 -20.55 -14.15
CA TYR D 230 20.45 -19.29 -13.59
C TYR D 230 20.72 -18.26 -14.68
N LEU D 231 21.38 -18.67 -15.77
CA LEU D 231 21.68 -17.74 -16.85
C LEU D 231 20.41 -17.29 -17.56
N ALA D 232 19.46 -18.20 -17.76
CA ALA D 232 18.22 -17.86 -18.44
C ALA D 232 17.20 -17.22 -17.52
N SER D 233 17.46 -17.14 -16.22
CA SER D 233 16.59 -16.45 -15.29
C SER D 233 17.03 -15.03 -15.03
N GLY D 234 18.06 -14.54 -15.72
CA GLY D 234 18.54 -13.18 -15.57
C GLY D 234 19.94 -13.05 -15.02
N GLY D 235 20.52 -14.13 -14.49
CA GLY D 235 21.86 -14.04 -13.94
C GLY D 235 22.91 -13.85 -15.03
N SER D 236 24.00 -13.19 -14.65
CA SER D 236 25.07 -12.86 -15.57
C SER D 236 26.26 -13.79 -15.40
N GLU D 237 26.95 -14.07 -16.51
CA GLU D 237 28.04 -15.04 -16.51
C GLU D 237 29.20 -14.59 -15.64
N GLU D 238 29.55 -13.31 -15.70
CA GLU D 238 30.68 -12.81 -14.92
C GLU D 238 30.39 -12.76 -13.43
N ARG D 239 29.12 -12.79 -13.04
CA ARG D 239 28.73 -12.70 -11.65
C ARG D 239 28.20 -14.04 -11.11
N LEU D 240 28.41 -15.12 -11.87
CA LEU D 240 27.91 -16.44 -11.49
C LEU D 240 28.49 -16.93 -10.18
N TYR D 241 29.67 -16.42 -9.78
CA TYR D 241 30.41 -16.96 -8.64
C TYR D 241 29.63 -16.89 -7.33
N ARG D 242 28.67 -15.98 -7.20
CA ARG D 242 27.93 -15.90 -5.95
C ARG D 242 26.76 -16.87 -5.86
N HIS D 243 26.55 -17.70 -6.88
CA HIS D 243 25.46 -18.67 -6.84
C HIS D 243 25.94 -20.11 -6.99
N PHE D 244 27.24 -20.34 -7.08
CA PHE D 244 27.76 -21.69 -7.32
C PHE D 244 29.06 -21.86 -6.55
N ILE D 245 29.00 -22.65 -5.47
CA ILE D 245 30.19 -23.15 -4.81
C ILE D 245 30.27 -24.64 -5.10
N ALA D 246 31.45 -25.21 -4.87
CA ALA D 246 31.69 -26.62 -5.19
C ALA D 246 32.44 -27.28 -4.04
N VAL D 247 32.11 -28.54 -3.81
CA VAL D 247 32.91 -29.43 -2.95
C VAL D 247 33.48 -30.49 -3.88
N THR D 248 34.77 -30.38 -4.19
CA THR D 248 35.33 -31.25 -5.22
C THR D 248 36.84 -31.37 -5.05
N SER D 249 37.39 -32.45 -5.59
CA SER D 249 38.81 -32.61 -5.76
C SER D 249 39.31 -32.08 -7.09
N ASN D 250 38.42 -31.68 -7.99
CA ASN D 250 38.79 -31.14 -9.28
C ASN D 250 38.60 -29.62 -9.22
N ILE D 251 39.62 -28.95 -8.68
CA ILE D 251 39.60 -27.49 -8.64
C ILE D 251 39.54 -26.87 -10.03
N PRO D 252 40.32 -27.32 -11.02
CA PRO D 252 40.21 -26.69 -12.35
C PRO D 252 38.83 -26.78 -12.96
N ALA D 253 38.14 -27.92 -12.80
CA ALA D 253 36.82 -28.06 -13.40
C ALA D 253 35.84 -27.07 -12.79
N ALA D 254 35.84 -26.93 -11.47
CA ALA D 254 35.01 -25.92 -10.84
C ALA D 254 35.45 -24.51 -11.23
N ILE D 255 36.74 -24.35 -11.58
CA ILE D 255 37.21 -23.04 -12.02
C ILE D 255 36.60 -22.67 -13.36
N GLU D 256 36.62 -23.59 -14.34
CA GLU D 256 36.00 -23.26 -15.61
C GLU D 256 34.47 -23.31 -15.55
N PHE D 257 33.90 -23.92 -14.51
CA PHE D 257 32.45 -23.76 -14.31
C PHE D 257 32.11 -22.33 -13.95
N GLY D 258 33.05 -21.59 -13.37
CA GLY D 258 32.81 -20.21 -12.97
C GLY D 258 32.73 -20.06 -11.47
N ILE D 259 33.38 -20.96 -10.74
CA ILE D 259 33.38 -20.96 -9.28
C ILE D 259 34.73 -20.44 -8.79
N ARG D 260 34.69 -19.54 -7.81
CA ARG D 260 35.92 -19.00 -7.25
C ARG D 260 36.69 -20.08 -6.50
N GLU D 261 38.02 -19.95 -6.50
CA GLU D 261 38.86 -20.90 -5.78
C GLU D 261 38.60 -20.88 -4.29
N LYS D 262 38.25 -19.71 -3.75
CA LYS D 262 37.96 -19.62 -2.32
C LYS D 262 36.63 -20.25 -1.94
N ASN D 263 35.78 -20.55 -2.91
CA ASN D 263 34.51 -21.23 -2.66
C ASN D 263 34.56 -22.71 -3.06
N ILE D 264 35.75 -23.24 -3.35
CA ILE D 264 35.92 -24.64 -3.66
C ILE D 264 36.46 -25.34 -2.42
N PHE D 265 35.67 -26.25 -1.87
CA PHE D 265 35.98 -27.06 -0.71
C PHE D 265 36.65 -28.36 -1.12
N PRO D 266 37.62 -28.83 -0.34
CA PRO D 266 38.43 -29.96 -0.77
C PRO D 266 37.78 -31.30 -0.46
N MET D 267 37.94 -32.22 -1.40
CA MET D 267 37.51 -33.60 -1.27
C MET D 267 38.75 -34.48 -1.33
N TRP D 268 38.87 -35.40 -0.39
CA TRP D 268 40.08 -36.20 -0.27
C TRP D 268 39.80 -37.66 -0.62
N ASP D 269 40.85 -38.34 -1.08
CA ASP D 269 40.73 -39.72 -1.49
C ASP D 269 40.43 -40.64 -0.31
N TRP D 270 41.01 -40.35 0.86
CA TRP D 270 40.82 -41.20 2.02
C TRP D 270 39.42 -41.10 2.62
N VAL D 271 38.60 -40.16 2.14
CA VAL D 271 37.23 -40.03 2.63
C VAL D 271 36.31 -40.62 1.56
N GLY D 272 35.66 -41.73 1.88
CA GLY D 272 34.68 -42.29 0.99
C GLY D 272 33.41 -41.47 0.94
N GLY D 273 32.69 -41.58 -0.17
CA GLY D 273 31.49 -40.78 -0.36
C GLY D 273 30.42 -41.06 0.68
N ARG D 274 30.18 -42.33 0.98
CA ARG D 274 29.17 -42.71 1.96
C ARG D 274 29.63 -42.50 3.40
N TYR D 275 30.85 -42.02 3.61
CA TYR D 275 31.39 -41.76 4.93
C TYR D 275 31.76 -40.29 5.13
N SER D 276 31.16 -39.40 4.34
CA SER D 276 31.70 -38.05 4.16
C SER D 276 30.75 -36.94 4.63
N LEU D 277 29.71 -37.28 5.39
CA LEU D 277 28.85 -36.23 5.92
C LEU D 277 29.56 -35.38 6.97
N TRP D 278 30.67 -35.86 7.51
CA TRP D 278 31.45 -35.12 8.49
C TRP D 278 32.37 -34.08 7.84
N SER D 279 32.65 -34.21 6.56
CA SER D 279 33.53 -33.31 5.83
C SER D 279 32.68 -32.20 5.19
N ALA D 280 33.25 -31.48 4.23
CA ALA D 280 32.56 -30.38 3.57
C ALA D 280 31.31 -30.81 2.82
N ILE D 281 31.14 -32.12 2.58
CA ILE D 281 29.89 -32.60 1.99
C ILE D 281 28.71 -32.22 2.86
N GLY D 282 28.90 -32.24 4.19
CA GLY D 282 27.86 -31.81 5.11
C GLY D 282 27.73 -30.32 5.18
N LEU D 283 28.24 -29.62 4.18
CA LEU D 283 28.12 -28.17 4.13
C LEU D 283 26.67 -27.67 4.12
N PRO D 284 25.73 -28.26 3.37
CA PRO D 284 24.34 -27.83 3.54
C PRO D 284 23.81 -28.03 4.95
N THR D 285 24.19 -29.13 5.60
CA THR D 285 23.72 -29.41 6.94
C THR D 285 24.15 -28.30 7.90
N ALA D 286 25.43 -27.94 7.89
CA ALA D 286 25.90 -26.84 8.71
C ALA D 286 25.23 -25.53 8.32
N LEU D 287 24.81 -25.39 7.06
CA LEU D 287 24.10 -24.20 6.64
C LEU D 287 22.69 -24.15 7.19
N ALA D 288 22.16 -25.28 7.67
CA ALA D 288 20.83 -25.33 8.26
C ALA D 288 20.85 -25.32 9.78
N ILE D 289 21.80 -26.02 10.41
CA ILE D 289 21.83 -26.15 11.86
C ILE D 289 22.88 -25.26 12.51
N GLY D 290 23.77 -24.66 11.74
CA GLY D 290 24.84 -23.86 12.30
C GLY D 290 26.11 -24.66 12.51
N MET D 291 27.23 -23.93 12.65
CA MET D 291 28.51 -24.60 12.82
C MET D 291 28.68 -25.17 14.23
N ALA D 292 28.05 -24.56 15.23
CA ALA D 292 28.12 -25.10 16.58
C ALA D 292 27.45 -26.47 16.65
N ASN D 293 26.27 -26.61 16.03
CA ASN D 293 25.59 -27.90 16.01
C ASN D 293 26.31 -28.90 15.13
N PHE D 294 26.92 -28.45 14.03
CA PHE D 294 27.71 -29.34 13.20
C PHE D 294 28.92 -29.87 13.97
N LYS D 295 29.57 -29.01 14.74
CA LYS D 295 30.67 -29.44 15.59
C LYS D 295 30.18 -30.36 16.71
N ASP D 296 28.98 -30.14 17.21
CA ASP D 296 28.40 -31.05 18.20
C ASP D 296 28.19 -32.44 17.60
N LEU D 297 27.71 -32.49 16.36
CA LEU D 297 27.58 -33.77 15.65
C LEU D 297 28.94 -34.44 15.47
N LEU D 298 29.95 -33.66 15.08
CA LEU D 298 31.31 -34.20 14.97
C LEU D 298 31.82 -34.71 16.31
N SER D 299 31.49 -34.01 17.39
CA SER D 299 31.95 -34.40 18.72
C SER D 299 31.28 -35.68 19.18
N GLY D 300 29.99 -35.85 18.88
CA GLY D 300 29.32 -37.10 19.19
C GLY D 300 29.89 -38.27 18.40
N ALA D 301 30.17 -38.04 17.11
CA ALA D 301 30.81 -39.08 16.31
C ALA D 301 32.19 -39.42 16.85
N TYR D 302 32.94 -38.42 17.29
CA TYR D 302 34.27 -38.65 17.88
C TYR D 302 34.16 -39.43 19.19
N ALA D 303 33.15 -39.13 20.00
CA ALA D 303 32.93 -39.88 21.23
C ALA D 303 32.61 -41.34 20.93
N MET D 304 31.81 -41.59 19.90
CA MET D 304 31.55 -42.96 19.48
C MET D 304 32.82 -43.64 18.98
N ASP D 305 33.66 -42.91 18.26
CA ASP D 305 34.94 -43.48 17.83
C ASP D 305 35.79 -43.88 19.01
N CYS D 306 35.85 -43.03 20.04
CA CYS D 306 36.61 -43.34 21.23
C CYS D 306 36.04 -44.56 21.95
N HIS D 307 34.72 -44.64 22.03
CA HIS D 307 34.08 -45.81 22.65
C HIS D 307 34.41 -47.08 21.88
N PHE D 308 34.38 -47.01 20.54
CA PHE D 308 34.72 -48.16 19.72
C PHE D 308 36.16 -48.58 19.93
N ARG D 309 37.08 -47.62 20.01
CA ARG D 309 38.49 -47.94 20.13
C ARG D 309 38.87 -48.43 21.52
N ARG D 310 38.19 -47.95 22.57
CA ARG D 310 38.63 -48.21 23.94
C ARG D 310 37.89 -49.34 24.63
N GLU D 311 36.68 -49.66 24.21
CA GLU D 311 35.88 -50.56 25.03
C GLU D 311 36.23 -52.02 24.75
N PRO D 312 36.11 -52.88 25.76
CA PRO D 312 36.20 -54.32 25.51
C PRO D 312 35.04 -54.78 24.65
N PHE D 313 35.27 -55.85 23.90
CA PHE D 313 34.28 -56.29 22.92
C PHE D 313 32.96 -56.70 23.55
N GLU D 314 32.96 -57.08 24.83
CA GLU D 314 31.72 -57.44 25.51
C GLU D 314 30.87 -56.22 25.81
N ASN D 315 31.45 -55.03 25.85
CA ASN D 315 30.70 -53.79 26.05
C ASN D 315 30.91 -52.82 24.88
N ASN D 316 31.42 -53.30 23.76
CA ASN D 316 31.67 -52.47 22.59
C ASN D 316 30.40 -52.50 21.73
N MET D 317 29.67 -51.37 21.72
CA MET D 317 28.40 -51.32 21.00
C MET D 317 28.53 -51.61 19.51
N PRO D 318 29.44 -50.97 18.75
CA PRO D 318 29.58 -51.35 17.34
C PRO D 318 29.95 -52.81 17.14
N VAL D 319 30.83 -53.33 17.99
CA VAL D 319 31.24 -54.73 17.87
C VAL D 319 30.08 -55.65 18.22
N LEU D 320 29.29 -55.31 19.23
CA LEU D 320 28.14 -56.14 19.56
C LEU D 320 27.11 -56.15 18.44
N LEU D 321 26.83 -54.99 17.86
CA LEU D 321 25.88 -54.95 16.75
C LEU D 321 26.39 -55.74 15.55
N ALA D 322 27.67 -55.60 15.23
CA ALA D 322 28.25 -56.35 14.11
C ALA D 322 28.24 -57.85 14.38
N MET D 323 28.53 -58.25 15.63
CA MET D 323 28.49 -59.66 15.98
C MET D 323 27.09 -60.23 15.86
N LEU D 324 26.08 -59.49 16.32
CA LEU D 324 24.71 -59.94 16.17
C LEU D 324 24.33 -60.07 14.70
N GLY D 325 24.76 -59.10 13.87
CA GLY D 325 24.49 -59.19 12.45
C GLY D 325 25.14 -60.38 11.79
N VAL D 326 26.42 -60.63 12.12
CA VAL D 326 27.13 -61.78 11.57
C VAL D 326 26.48 -63.07 12.05
N TRP D 327 26.11 -63.14 13.32
CA TRP D 327 25.42 -64.29 13.88
C TRP D 327 24.17 -64.62 13.10
N TYR D 328 23.30 -63.62 12.91
CA TYR D 328 22.01 -63.89 12.26
C TYR D 328 22.15 -64.11 10.77
N GLY D 329 23.12 -63.47 10.11
CA GLY D 329 23.26 -63.62 8.68
C GLY D 329 24.07 -64.82 8.24
N ASN D 330 24.93 -65.35 9.11
CA ASN D 330 25.80 -66.45 8.74
C ASN D 330 25.45 -67.76 9.45
N PHE D 331 24.64 -67.72 10.50
CA PHE D 331 24.27 -68.95 11.19
C PHE D 331 22.78 -69.16 11.29
N TRP D 332 21.96 -68.15 11.04
CA TRP D 332 20.51 -68.31 11.03
C TRP D 332 19.90 -67.99 9.68
N GLY D 333 20.71 -67.65 8.69
CA GLY D 333 20.22 -67.43 7.34
C GLY D 333 19.30 -66.24 7.16
N ALA D 334 19.58 -65.13 7.84
CA ALA D 334 18.81 -63.90 7.68
C ALA D 334 19.46 -63.05 6.59
N GLN D 335 18.68 -62.74 5.55
CA GLN D 335 19.19 -62.00 4.41
C GLN D 335 18.82 -60.53 4.44
N SER D 336 18.09 -60.08 5.44
CA SER D 336 17.72 -58.68 5.53
C SER D 336 17.72 -58.25 6.99
N HIS D 337 17.83 -56.94 7.19
CA HIS D 337 17.89 -56.36 8.53
C HIS D 337 17.04 -55.10 8.54
N ALA D 338 15.99 -55.08 9.35
CA ALA D 338 15.08 -53.94 9.43
C ALA D 338 15.60 -52.89 10.39
N ILE D 339 15.51 -51.63 10.00
CA ILE D 339 15.85 -50.50 10.85
C ILE D 339 14.58 -49.69 11.05
N LEU D 340 14.15 -49.55 12.31
CA LEU D 340 12.87 -48.95 12.67
C LEU D 340 13.12 -47.80 13.63
N PRO D 341 13.35 -46.59 13.11
CA PRO D 341 13.49 -45.43 14.00
C PRO D 341 12.13 -44.86 14.36
N TYR D 342 11.81 -44.86 15.65
CA TYR D 342 10.54 -44.32 16.12
C TYR D 342 10.69 -42.82 16.43
N ASP D 343 10.92 -42.07 15.35
CA ASP D 343 11.07 -40.64 15.43
C ASP D 343 10.84 -40.07 14.04
N HIS D 344 9.90 -39.12 13.93
CA HIS D 344 9.57 -38.56 12.62
C HIS D 344 10.76 -37.88 11.97
N TYR D 345 11.65 -37.29 12.77
CA TYR D 345 12.83 -36.65 12.21
C TYR D 345 13.86 -37.65 11.69
N LEU D 346 13.82 -38.88 12.19
CA LEU D 346 14.77 -39.92 11.81
C LEU D 346 14.24 -40.81 10.69
N ARG D 347 13.17 -40.39 10.01
CA ARG D 347 12.60 -41.22 8.95
C ARG D 347 13.55 -41.44 7.78
N ASN D 348 14.52 -40.54 7.59
CA ASN D 348 15.50 -40.67 6.52
C ASN D 348 16.70 -41.52 6.92
N PHE D 349 16.71 -42.06 8.14
CA PHE D 349 17.87 -42.80 8.62
C PHE D 349 18.10 -44.07 7.79
N VAL D 350 17.02 -44.73 7.37
CA VAL D 350 17.14 -45.99 6.67
C VAL D 350 17.81 -45.83 5.32
N LYS D 351 17.58 -44.70 4.63
CA LYS D 351 18.20 -44.49 3.33
C LYS D 351 19.72 -44.39 3.43
N HIS D 352 20.19 -43.56 4.37
CA HIS D 352 21.63 -43.45 4.58
C HIS D 352 22.22 -44.74 5.08
N LEU D 353 21.50 -45.46 5.95
CA LEU D 353 21.97 -46.75 6.42
C LEU D 353 22.05 -47.75 5.27
N GLN D 354 21.09 -47.68 4.34
CA GLN D 354 21.12 -48.54 3.17
C GLN D 354 22.37 -48.28 2.35
N GLN D 355 22.65 -47.03 2.03
CA GLN D 355 23.88 -46.74 1.29
C GLN D 355 25.09 -47.24 2.06
N MET D 356 25.21 -46.82 3.33
CA MET D 356 26.38 -47.14 4.14
C MET D 356 26.64 -48.63 4.20
N ASP D 357 25.64 -49.41 4.56
CA ASP D 357 25.85 -50.84 4.76
C ASP D 357 25.92 -51.59 3.43
N MET D 358 24.99 -51.32 2.52
CA MET D 358 24.86 -52.14 1.32
C MET D 358 25.97 -51.86 0.32
N GLU D 359 26.36 -50.58 0.14
CA GLU D 359 27.43 -50.29 -0.78
C GLU D 359 28.78 -50.73 -0.26
N SER D 360 28.92 -50.86 1.07
CA SER D 360 30.19 -51.26 1.68
C SER D 360 30.34 -52.77 1.79
N ASN D 361 29.34 -53.44 2.35
CA ASN D 361 29.41 -54.87 2.61
C ASN D 361 28.79 -55.72 1.52
N GLY D 362 28.28 -55.10 0.46
CA GLY D 362 27.76 -55.86 -0.67
C GLY D 362 28.88 -56.32 -1.58
N LYS D 363 29.69 -57.25 -1.08
CA LYS D 363 30.88 -57.72 -1.78
C LYS D 363 30.86 -59.24 -1.81
N SER D 364 31.59 -59.80 -2.79
CA SER D 364 31.71 -61.25 -2.92
C SER D 364 33.15 -61.70 -3.14
N VAL D 365 34.12 -60.82 -2.94
CA VAL D 365 35.53 -61.19 -2.92
C VAL D 365 36.16 -60.59 -1.68
N ARG D 366 37.23 -61.24 -1.21
CA ARG D 366 37.93 -60.80 -0.02
C ARG D 366 38.85 -59.63 -0.37
N GLN D 367 39.65 -59.18 0.59
CA GLN D 367 40.54 -58.04 0.35
C GLN D 367 41.59 -58.38 -0.69
N ASP D 368 42.01 -59.64 -0.78
CA ASP D 368 43.00 -60.06 -1.75
C ASP D 368 42.41 -60.49 -3.08
N GLY D 369 41.08 -60.57 -3.18
CA GLY D 369 40.41 -60.98 -4.40
C GLY D 369 39.89 -62.40 -4.39
N SER D 370 40.18 -63.18 -3.35
CA SER D 370 39.64 -64.52 -3.27
C SER D 370 38.14 -64.47 -3.00
N PRO D 371 37.39 -65.45 -3.51
CA PRO D 371 35.94 -65.47 -3.25
C PRO D 371 35.64 -65.64 -1.78
N VAL D 372 34.56 -64.99 -1.34
CA VAL D 372 34.15 -65.12 0.06
C VAL D 372 33.62 -66.52 0.32
N SER D 373 33.66 -66.92 1.59
CA SER D 373 33.21 -68.24 2.01
C SER D 373 31.94 -68.18 2.84
N CYS D 374 31.24 -67.05 2.84
CA CYS D 374 30.04 -66.90 3.64
C CYS D 374 29.19 -65.79 3.02
N GLU D 375 28.00 -65.59 3.59
CA GLU D 375 27.16 -64.48 3.20
C GLU D 375 27.71 -63.19 3.80
N THR D 376 27.84 -62.16 2.95
CA THR D 376 28.42 -60.88 3.33
C THR D 376 27.46 -59.76 2.95
N GLY D 377 26.72 -59.23 3.90
CA GLY D 377 25.96 -58.02 3.69
C GLY D 377 24.50 -58.27 3.34
N PRO D 378 23.62 -58.02 4.29
CA PRO D 378 22.19 -58.23 4.05
C PRO D 378 21.55 -57.02 3.36
N VAL D 379 20.25 -57.11 3.15
CA VAL D 379 19.47 -55.97 2.68
C VAL D 379 19.07 -55.14 3.89
N ILE D 380 19.34 -53.84 3.82
CA ILE D 380 18.90 -52.91 4.85
C ILE D 380 17.59 -52.30 4.38
N TRP D 381 16.60 -52.31 5.26
CA TRP D 381 15.28 -51.78 4.93
C TRP D 381 14.62 -51.35 6.23
N GLY D 382 13.43 -50.77 6.11
CA GLY D 382 12.69 -50.33 7.26
C GLY D 382 11.95 -49.03 7.00
N GLY D 383 11.73 -48.25 8.05
CA GLY D 383 11.02 -47.00 7.91
C GLY D 383 10.67 -46.43 9.26
N VAL D 384 10.09 -45.23 9.21
CA VAL D 384 9.82 -44.49 10.43
C VAL D 384 8.86 -45.26 11.34
N GLY D 385 9.05 -45.12 12.64
CA GLY D 385 8.31 -45.91 13.59
C GLY D 385 6.89 -45.44 13.78
N CYS D 386 6.03 -46.40 14.14
CA CYS D 386 4.59 -46.26 14.35
C CYS D 386 3.87 -46.14 13.01
N ASN D 387 4.64 -46.01 11.93
CA ASN D 387 4.06 -46.05 10.59
C ASN D 387 4.20 -47.43 9.96
N GLY D 388 5.28 -48.13 10.26
CA GLY D 388 5.48 -49.48 9.79
C GLY D 388 4.69 -50.54 10.54
N GLN D 389 4.15 -50.20 11.70
CA GLN D 389 3.29 -51.15 12.41
C GLN D 389 2.06 -51.49 11.59
N HIS D 390 1.48 -50.50 10.94
CA HIS D 390 0.30 -50.67 10.11
C HIS D 390 0.65 -50.93 8.66
N ALA D 391 1.95 -51.06 8.33
CA ALA D 391 2.38 -51.28 6.97
C ALA D 391 3.01 -52.65 6.77
N TYR D 392 4.07 -52.98 7.50
CA TYR D 392 4.81 -54.20 7.23
C TYR D 392 5.21 -54.98 8.48
N HIS D 393 4.91 -54.48 9.68
CA HIS D 393 5.22 -55.23 10.89
C HIS D 393 4.43 -56.53 10.97
N GLN D 394 3.37 -56.64 10.18
CA GLN D 394 2.61 -57.89 10.12
C GLN D 394 3.50 -59.04 9.65
N LEU D 395 4.35 -58.78 8.65
CA LEU D 395 5.29 -59.80 8.18
C LEU D 395 6.33 -60.11 9.24
N LEU D 396 6.76 -59.10 10.00
CA LEU D 396 7.69 -59.32 11.10
C LEU D 396 7.09 -60.23 12.16
N HIS D 397 5.82 -60.03 12.48
CA HIS D 397 5.19 -60.78 13.55
C HIS D 397 4.78 -62.18 13.11
N GLN D 398 4.19 -62.34 11.91
CA GLN D 398 3.58 -63.60 11.52
C GLN D 398 4.15 -64.18 10.24
N GLY D 399 5.18 -63.59 9.64
CA GLY D 399 5.75 -64.10 8.42
C GLY D 399 6.60 -65.33 8.66
N THR D 400 7.25 -65.78 7.59
CA THR D 400 8.11 -66.95 7.63
C THR D 400 9.59 -66.60 7.54
N LEU D 401 9.94 -65.32 7.64
CA LEU D 401 11.31 -64.86 7.50
C LEU D 401 11.89 -64.46 8.84
N LEU D 402 13.20 -64.64 8.99
CA LEU D 402 13.92 -64.13 10.14
C LEU D 402 14.52 -62.78 9.76
N ILE D 403 13.95 -61.71 10.31
CA ILE D 403 14.41 -60.36 10.03
C ILE D 403 14.78 -59.69 11.35
N PRO D 404 16.06 -59.63 11.70
CA PRO D 404 16.45 -58.87 12.89
C PRO D 404 16.11 -57.39 12.73
N ALA D 405 15.59 -56.80 13.80
CA ALA D 405 15.11 -55.43 13.79
C ALA D 405 15.91 -54.58 14.76
N ASP D 406 16.19 -53.35 14.36
CA ASP D 406 16.89 -52.37 15.19
C ASP D 406 15.91 -51.23 15.47
N PHE D 407 15.32 -51.24 16.66
CA PHE D 407 14.43 -50.15 17.07
C PHE D 407 15.25 -48.99 17.61
N ILE D 408 14.90 -47.78 17.19
CA ILE D 408 15.56 -46.56 17.64
C ILE D 408 14.49 -45.59 18.10
N VAL D 409 14.61 -45.12 19.35
CA VAL D 409 13.60 -44.22 19.91
C VAL D 409 14.25 -43.29 20.93
N PRO D 410 13.85 -42.03 21.00
CA PRO D 410 14.27 -41.17 22.11
C PRO D 410 13.25 -41.16 23.24
N VAL D 411 13.73 -40.73 24.41
CA VAL D 411 12.86 -40.61 25.56
C VAL D 411 12.13 -39.27 25.59
N VAL D 412 12.76 -38.20 25.08
CA VAL D 412 12.21 -36.86 25.13
C VAL D 412 11.91 -36.39 23.71
N SER D 413 10.75 -35.76 23.53
CA SER D 413 10.33 -35.24 22.25
C SER D 413 10.55 -33.73 22.19
N HIS D 414 11.03 -33.25 21.03
CA HIS D 414 11.24 -31.82 20.86
C HIS D 414 9.93 -31.07 20.74
N ASN D 415 8.89 -31.70 20.19
CA ASN D 415 7.59 -31.08 19.99
C ASN D 415 6.54 -31.96 20.65
N PRO D 416 6.42 -31.91 21.98
CA PRO D 416 5.40 -32.72 22.66
C PRO D 416 4.00 -32.23 22.34
N VAL D 417 3.11 -33.19 22.04
CA VAL D 417 1.72 -32.90 21.75
C VAL D 417 0.91 -33.84 22.63
N ALA D 418 0.45 -33.35 23.78
CA ALA D 418 -0.30 -34.14 24.76
C ALA D 418 0.57 -35.34 25.15
N ASP D 419 0.02 -36.55 25.17
CA ASP D 419 0.79 -37.75 25.51
C ASP D 419 1.19 -38.55 24.28
N HIS D 420 1.47 -37.86 23.17
CA HIS D 420 1.79 -38.56 21.93
C HIS D 420 3.13 -39.28 22.00
N HIS D 421 4.13 -38.67 22.65
CA HIS D 421 5.43 -39.31 22.72
C HIS D 421 5.44 -40.48 23.69
N GLN D 422 4.63 -40.41 24.74
CA GLN D 422 4.46 -41.57 25.61
C GLN D 422 3.90 -42.74 24.81
N TRP D 423 2.94 -42.47 23.94
CA TRP D 423 2.37 -43.52 23.09
C TRP D 423 3.38 -44.01 22.05
N LEU D 424 4.20 -43.12 21.51
CA LEU D 424 5.24 -43.53 20.57
C LEU D 424 6.24 -44.46 21.24
N TYR D 425 6.70 -44.09 22.44
CA TYR D 425 7.62 -44.93 23.19
C TYR D 425 6.98 -46.27 23.54
N ALA D 426 5.71 -46.24 23.96
CA ALA D 426 5.00 -47.47 24.29
C ALA D 426 4.85 -48.37 23.06
N ASN D 427 4.59 -47.77 21.90
CA ASN D 427 4.45 -48.55 20.67
C ASN D 427 5.77 -49.19 20.27
N CYS D 428 6.88 -48.46 20.39
CA CYS D 428 8.18 -49.06 20.10
C CYS D 428 8.48 -50.22 21.05
N LEU D 429 8.28 -49.99 22.35
CA LEU D 429 8.57 -51.03 23.34
C LEU D 429 7.67 -52.24 23.15
N SER D 430 6.40 -52.00 22.82
CA SER D 430 5.46 -53.09 22.61
C SER D 430 5.75 -53.86 21.34
N GLN D 431 6.20 -53.19 20.29
CA GLN D 431 6.61 -53.92 19.09
C GLN D 431 7.79 -54.83 19.38
N SER D 432 8.78 -54.34 20.12
CA SER D 432 9.90 -55.20 20.51
C SER D 432 9.43 -56.36 21.38
N GLN D 433 8.55 -56.09 22.34
CA GLN D 433 8.09 -57.12 23.26
C GLN D 433 7.22 -58.16 22.55
N ALA D 434 6.41 -57.73 21.58
CA ALA D 434 5.61 -58.66 20.80
C ALA D 434 6.49 -59.51 19.89
N LEU D 435 7.55 -58.91 19.34
CA LEU D 435 8.49 -59.69 18.54
C LEU D 435 9.14 -60.77 19.39
N MET D 436 9.54 -60.43 20.62
CA MET D 436 10.24 -61.41 21.46
C MET D 436 9.28 -62.47 22.00
N LEU D 437 8.09 -62.04 22.47
CA LEU D 437 7.19 -62.95 23.17
C LEU D 437 6.36 -63.77 22.19
N GLY D 438 5.55 -63.11 21.37
CA GLY D 438 4.57 -63.80 20.56
C GLY D 438 3.34 -64.18 21.35
N LYS D 439 2.40 -64.80 20.66
CA LYS D 439 1.16 -65.26 21.26
C LYS D 439 0.94 -66.71 20.85
N SER D 440 0.92 -67.61 21.83
CA SER D 440 0.80 -69.03 21.57
C SER D 440 -0.65 -69.39 21.26
N ARG D 441 -0.87 -70.67 20.92
CA ARG D 441 -2.22 -71.16 20.70
C ARG D 441 -3.07 -71.07 21.96
N GLU D 442 -2.46 -71.38 23.11
CA GLU D 442 -3.20 -71.34 24.37
C GLU D 442 -3.66 -69.92 24.70
N GLU D 443 -2.77 -68.93 24.51
CA GLU D 443 -3.14 -67.55 24.81
C GLU D 443 -4.25 -67.06 23.88
N ALA D 444 -4.15 -67.38 22.59
CA ALA D 444 -5.17 -66.97 21.65
C ALA D 444 -6.51 -67.61 21.96
N GLU D 445 -6.49 -68.92 22.28
CA GLU D 445 -7.72 -69.60 22.64
C GLU D 445 -8.33 -69.02 23.92
N ALA D 446 -7.48 -68.70 24.90
CA ALA D 446 -7.99 -68.12 26.14
C ALA D 446 -8.60 -66.75 25.90
N GLU D 447 -7.98 -65.92 25.05
CA GLU D 447 -8.56 -64.62 24.75
C GLU D 447 -9.87 -64.76 24.00
N LEU D 448 -9.95 -65.70 23.05
CA LEU D 448 -11.19 -65.92 22.33
C LEU D 448 -12.30 -66.41 23.26
N ARG D 449 -11.96 -67.29 24.21
CA ARG D 449 -12.93 -67.74 25.18
C ARG D 449 -13.39 -66.60 26.08
N ALA D 450 -12.45 -65.75 26.51
CA ALA D 450 -12.82 -64.59 27.32
C ALA D 450 -13.71 -63.63 26.54
N LYS D 451 -13.58 -63.61 25.21
CA LYS D 451 -14.50 -62.83 24.38
C LYS D 451 -15.85 -63.50 24.23
N GLY D 452 -16.01 -64.74 24.69
CA GLY D 452 -17.29 -65.44 24.67
C GLY D 452 -17.61 -66.18 23.39
N LEU D 453 -16.65 -66.34 22.49
CA LEU D 453 -16.92 -67.03 21.24
C LEU D 453 -17.17 -68.52 21.48
N PRO D 454 -18.04 -69.14 20.68
CA PRO D 454 -18.27 -70.58 20.81
C PRO D 454 -16.99 -71.38 20.58
N GLU D 455 -17.04 -72.65 20.99
CA GLU D 455 -15.86 -73.51 20.89
C GLU D 455 -15.43 -73.70 19.44
N ALA D 456 -16.38 -73.92 18.54
CA ALA D 456 -16.04 -74.07 17.13
C ALA D 456 -15.42 -72.81 16.57
N GLU D 457 -15.97 -71.65 16.90
CA GLU D 457 -15.38 -70.39 16.47
C GLU D 457 -14.00 -70.20 17.08
N VAL D 458 -13.83 -70.59 18.34
CA VAL D 458 -12.53 -70.46 19.01
C VAL D 458 -11.48 -71.28 18.27
N LYS D 459 -11.80 -72.55 17.98
CA LYS D 459 -10.85 -73.41 17.29
C LYS D 459 -10.64 -73.01 15.83
N ARG D 460 -11.62 -72.34 15.22
CA ARG D 460 -11.44 -71.84 13.87
C ARG D 460 -10.51 -70.63 13.83
N LEU D 461 -10.66 -69.73 14.80
CA LEU D 461 -9.94 -68.46 14.77
C LEU D 461 -8.60 -68.50 15.47
N ALA D 462 -8.35 -69.46 16.35
CA ALA D 462 -7.12 -69.47 17.13
C ALA D 462 -5.86 -69.57 16.29
N PRO D 463 -5.74 -70.48 15.31
CA PRO D 463 -4.46 -70.59 14.58
C PRO D 463 -4.08 -69.32 13.83
N HIS D 464 -5.06 -68.52 13.41
CA HIS D 464 -4.77 -67.30 12.66
C HIS D 464 -4.23 -66.19 13.54
N LYS D 465 -4.59 -66.18 14.82
CA LYS D 465 -4.12 -65.16 15.76
C LYS D 465 -2.78 -65.49 16.39
N VAL D 466 -2.25 -66.70 16.15
CA VAL D 466 -1.01 -67.11 16.81
C VAL D 466 0.15 -66.37 16.19
N ILE D 467 0.93 -65.69 17.04
CA ILE D 467 2.18 -65.06 16.65
C ILE D 467 3.32 -65.95 17.14
N PRO D 468 4.21 -66.44 16.28
CA PRO D 468 5.26 -67.36 16.75
C PRO D 468 6.15 -66.76 17.82
N GLY D 469 6.47 -65.47 17.72
CA GLY D 469 7.42 -64.87 18.63
C GLY D 469 8.84 -65.26 18.29
N ASN D 470 9.74 -65.01 19.25
CA ASN D 470 11.15 -65.35 19.13
C ASN D 470 11.83 -64.59 17.99
N ARG D 471 11.35 -63.39 17.68
CA ARG D 471 11.96 -62.57 16.65
C ARG D 471 12.98 -61.64 17.28
N PRO D 472 14.26 -61.76 16.95
CA PRO D 472 15.28 -60.92 17.61
C PRO D 472 15.13 -59.45 17.26
N SER D 473 15.50 -58.61 18.21
CA SER D 473 15.47 -57.17 18.00
C SER D 473 16.50 -56.50 18.89
N ASN D 474 16.97 -55.33 18.46
CA ASN D 474 17.82 -54.46 19.25
C ASN D 474 17.07 -53.15 19.47
N THR D 475 17.26 -52.55 20.63
CA THR D 475 16.67 -51.25 20.93
C THR D 475 17.78 -50.26 21.21
N LEU D 476 17.76 -49.13 20.52
CA LEU D 476 18.68 -48.03 20.77
C LEU D 476 17.87 -46.87 21.32
N VAL D 477 18.15 -46.49 22.56
CA VAL D 477 17.46 -45.41 23.23
C VAL D 477 18.42 -44.25 23.42
N MET D 478 17.86 -43.04 23.36
CA MET D 478 18.56 -41.83 23.72
C MET D 478 17.63 -40.99 24.58
N GLU D 479 18.20 -40.07 25.36
CA GLU D 479 17.36 -39.11 26.06
C GLU D 479 16.67 -38.17 25.07
N THR D 480 17.45 -37.59 24.16
CA THR D 480 16.92 -36.70 23.14
C THR D 480 17.77 -36.88 21.88
N LEU D 481 17.19 -36.59 20.72
CA LEU D 481 17.94 -36.64 19.47
C LEU D 481 18.51 -35.25 19.21
N ASN D 482 19.69 -35.00 19.77
CA ASN D 482 20.45 -33.79 19.55
C ASN D 482 21.58 -34.08 18.56
N PRO D 483 22.29 -33.05 18.09
CA PRO D 483 23.40 -33.31 17.15
C PRO D 483 24.43 -34.29 17.67
N SER D 484 24.76 -34.23 18.96
CA SER D 484 25.78 -35.10 19.52
C SER D 484 25.36 -36.56 19.45
N ARG D 485 24.14 -36.87 19.88
CA ARG D 485 23.69 -38.25 19.89
C ARG D 485 23.42 -38.78 18.50
N LEU D 486 22.97 -37.92 17.58
CA LEU D 486 22.84 -38.33 16.19
C LEU D 486 24.19 -38.67 15.58
N GLY D 487 25.20 -37.85 15.86
CA GLY D 487 26.54 -38.18 15.39
C GLY D 487 27.05 -39.49 15.97
N ALA D 488 26.78 -39.72 17.26
CA ALA D 488 27.16 -40.99 17.87
C ALA D 488 26.45 -42.16 17.20
N LEU D 489 25.17 -42.01 16.88
CA LEU D 489 24.41 -43.07 16.22
C LEU D 489 24.98 -43.40 14.84
N ILE D 490 25.25 -42.36 14.04
CA ILE D 490 25.78 -42.57 12.70
C ILE D 490 27.15 -43.23 12.78
N ALA D 491 28.01 -42.76 13.69
CA ALA D 491 29.33 -43.35 13.81
C ALA D 491 29.26 -44.80 14.30
N LEU D 492 28.30 -45.09 15.18
CA LEU D 492 28.12 -46.45 15.65
C LEU D 492 27.76 -47.38 14.50
N TYR D 493 26.88 -46.95 13.62
CA TYR D 493 26.53 -47.80 12.48
C TYR D 493 27.69 -47.91 11.48
N GLU D 494 28.46 -46.83 11.30
CA GLU D 494 29.65 -46.92 10.47
C GLU D 494 30.62 -47.96 11.00
N HIS D 495 30.87 -47.95 12.31
CA HIS D 495 31.80 -48.90 12.89
C HIS D 495 31.25 -50.32 12.86
N LYS D 496 29.94 -50.48 13.01
CA LYS D 496 29.34 -51.81 12.88
C LYS D 496 29.55 -52.37 11.48
N VAL D 497 29.35 -51.53 10.46
CA VAL D 497 29.61 -51.94 9.08
C VAL D 497 31.08 -52.32 8.90
N PHE D 498 31.98 -51.52 9.48
CA PHE D 498 33.40 -51.81 9.37
C PHE D 498 33.74 -53.17 9.99
N VAL D 499 33.21 -53.44 11.18
CA VAL D 499 33.52 -54.69 11.87
C VAL D 499 32.98 -55.88 11.08
N GLN D 500 31.77 -55.76 10.55
CA GLN D 500 31.22 -56.85 9.73
C GLN D 500 32.07 -57.10 8.50
N GLY D 501 32.50 -56.03 7.82
CA GLY D 501 33.36 -56.20 6.66
C GLY D 501 34.70 -56.80 7.01
N VAL D 502 35.23 -56.46 8.17
CA VAL D 502 36.49 -57.05 8.63
C VAL D 502 36.33 -58.54 8.85
N ILE D 503 35.23 -58.94 9.49
CA ILE D 503 35.03 -60.35 9.80
C ILE D 503 34.79 -61.15 8.52
N TRP D 504 34.03 -60.60 7.58
CA TRP D 504 33.85 -61.28 6.31
C TRP D 504 35.09 -61.25 5.43
N GLY D 505 36.11 -60.47 5.81
CA GLY D 505 37.32 -60.41 5.05
C GLY D 505 37.26 -59.56 3.80
N ILE D 506 36.27 -58.68 3.69
CA ILE D 506 36.00 -57.96 2.46
C ILE D 506 36.46 -56.52 2.61
N ASN D 507 36.46 -55.80 1.49
CA ASN D 507 36.78 -54.38 1.47
C ASN D 507 35.49 -53.58 1.57
N SER D 508 35.34 -52.84 2.67
CA SER D 508 34.13 -52.06 2.93
C SER D 508 34.22 -50.64 2.38
N PHE D 509 35.28 -50.31 1.64
CA PHE D 509 35.50 -48.93 1.22
C PHE D 509 35.66 -48.77 -0.28
N ASP D 510 35.56 -49.84 -1.05
CA ASP D 510 35.57 -49.77 -2.50
C ASP D 510 34.17 -50.05 -3.04
N GLN D 511 33.87 -49.50 -4.22
CA GLN D 511 32.61 -49.76 -4.91
C GLN D 511 32.96 -50.03 -6.38
N TRP D 512 33.26 -51.28 -6.68
CA TRP D 512 33.61 -51.67 -8.04
C TRP D 512 32.42 -52.21 -8.83
N GLY D 513 31.28 -52.41 -8.17
CA GLY D 513 30.09 -52.92 -8.80
C GLY D 513 29.21 -51.87 -9.44
N VAL D 514 29.71 -50.65 -9.61
CA VAL D 514 28.94 -49.56 -10.18
C VAL D 514 29.52 -49.06 -11.49
N GLU D 515 30.60 -49.69 -11.98
CA GLU D 515 31.23 -49.25 -13.22
C GLU D 515 30.60 -49.86 -14.46
N LEU D 516 30.25 -51.14 -14.40
CA LEU D 516 29.65 -51.82 -15.54
C LEU D 516 28.33 -51.16 -15.91
N GLY D 517 27.52 -50.79 -14.92
CA GLY D 517 26.29 -50.07 -15.21
C GLY D 517 26.54 -48.75 -15.90
N LYS D 518 27.62 -48.06 -15.54
CA LYS D 518 27.96 -46.80 -16.20
C LYS D 518 28.32 -47.01 -17.67
N GLU D 519 29.19 -47.98 -17.94
CA GLU D 519 29.57 -48.25 -19.33
C GLU D 519 28.36 -48.66 -20.16
N LEU D 520 27.53 -49.56 -19.61
CA LEU D 520 26.34 -49.98 -20.33
C LEU D 520 25.35 -48.84 -20.49
N GLY D 521 25.34 -47.88 -19.55
CA GLY D 521 24.49 -46.71 -19.70
C GLY D 521 24.92 -45.84 -20.85
N LYS D 522 26.22 -45.63 -21.00
CA LYS D 522 26.71 -44.89 -22.16
C LYS D 522 26.34 -45.60 -23.45
N ASN D 523 26.51 -46.92 -23.49
CA ASN D 523 26.14 -47.67 -24.69
C ASN D 523 24.65 -47.55 -25.00
N VAL D 524 23.81 -47.72 -23.98
CA VAL D 524 22.36 -47.70 -24.18
C VAL D 524 21.90 -46.31 -24.59
N TYR D 525 22.50 -45.26 -24.02
CA TYR D 525 22.17 -43.90 -24.43
C TYR D 525 22.54 -43.66 -25.89
N GLY D 526 23.72 -44.12 -26.30
CA GLY D 526 24.10 -44.00 -27.70
C GLY D 526 23.13 -44.70 -28.62
N ARG D 527 22.64 -45.88 -28.21
CA ARG D 527 21.65 -46.57 -29.03
C ARG D 527 20.30 -45.87 -29.03
N LEU D 528 19.90 -45.27 -27.91
CA LEU D 528 18.62 -44.58 -27.84
C LEU D 528 18.61 -43.34 -28.73
N THR D 529 19.71 -42.59 -28.75
CA THR D 529 19.69 -41.30 -29.44
C THR D 529 20.02 -41.42 -30.92
N SER D 530 21.06 -42.17 -31.28
CA SER D 530 21.51 -42.24 -32.66
C SER D 530 20.51 -43.00 -33.53
N TYR D 531 20.55 -42.70 -34.83
CA TYR D 531 19.61 -43.30 -35.77
C TYR D 531 20.05 -44.69 -36.21
N GLU D 532 21.20 -44.78 -36.86
CA GLU D 532 21.73 -46.07 -37.34
C GLU D 532 22.74 -46.58 -36.32
N ALA D 533 22.23 -47.24 -35.30
CA ALA D 533 23.04 -47.82 -34.24
C ALA D 533 23.05 -49.34 -34.33
N PRO D 534 24.15 -49.97 -33.94
CA PRO D 534 24.20 -51.44 -33.94
C PRO D 534 23.25 -52.02 -32.90
N PRO D 535 22.85 -53.28 -33.05
CA PRO D 535 22.00 -53.89 -32.03
C PRO D 535 22.70 -54.01 -30.69
N ALA D 536 21.91 -54.02 -29.63
CA ALA D 536 22.45 -54.15 -28.28
C ALA D 536 22.98 -55.55 -28.05
N GLU D 537 23.66 -55.74 -26.91
CA GLU D 537 24.28 -57.02 -26.61
C GLU D 537 23.23 -58.13 -26.47
N ASP D 538 22.10 -57.83 -25.83
CA ASP D 538 21.04 -58.79 -25.64
C ASP D 538 19.77 -58.31 -26.30
N SER D 539 18.89 -59.27 -26.60
CA SER D 539 17.63 -58.94 -27.24
C SER D 539 16.68 -58.21 -26.31
N SER D 540 16.83 -58.35 -25.00
CA SER D 540 15.95 -57.65 -24.06
C SER D 540 16.26 -56.16 -24.04
N THR D 541 17.54 -55.80 -23.95
CA THR D 541 17.93 -54.39 -24.00
C THR D 541 17.59 -53.79 -25.35
N GLN D 542 17.79 -54.56 -26.43
CA GLN D 542 17.42 -54.09 -27.76
C GLN D 542 15.92 -53.87 -27.87
N GLY D 543 15.11 -54.76 -27.30
CA GLY D 543 13.67 -54.58 -27.33
C GLY D 543 13.22 -53.38 -26.52
N LEU D 544 13.87 -53.14 -25.39
CA LEU D 544 13.53 -51.95 -24.60
C LEU D 544 13.95 -50.68 -25.32
N ILE D 545 15.08 -50.72 -26.02
CA ILE D 545 15.50 -49.58 -26.84
C ILE D 545 14.49 -49.33 -27.95
N ASP D 546 14.01 -50.39 -28.59
CA ASP D 546 13.00 -50.24 -29.64
C ASP D 546 11.69 -49.71 -29.09
N TYR D 547 11.29 -50.17 -27.90
CA TYR D 547 10.09 -49.66 -27.26
C TYR D 547 10.22 -48.16 -26.99
N PHE D 548 11.42 -47.72 -26.56
CA PHE D 548 11.66 -46.30 -26.40
C PHE D 548 11.56 -45.57 -27.74
N ARG D 549 12.21 -46.12 -28.77
CA ARG D 549 12.28 -45.44 -30.06
C ARG D 549 10.94 -45.41 -30.76
N GLY D 550 10.09 -46.39 -30.52
CA GLY D 550 8.76 -46.39 -31.09
C GLY D 550 7.77 -45.50 -30.41
N ARG D 551 8.19 -44.78 -29.37
CA ARG D 551 7.29 -43.91 -28.62
C ARG D 551 7.87 -42.55 -28.29
N HIS D 552 9.17 -42.33 -28.44
CA HIS D 552 9.80 -41.06 -28.06
C HIS D 552 9.75 -40.07 -29.22
N ARG D 553 9.49 -38.82 -28.89
CA ARG D 553 9.43 -37.75 -29.88
C ARG D 553 10.19 -36.52 -29.38
N TYR E 3 22.16 -32.90 61.66
CA TYR E 3 22.98 -31.70 61.71
C TYR E 3 22.13 -30.46 61.96
N TYR E 4 20.84 -30.56 61.65
CA TYR E 4 19.91 -29.47 61.85
C TYR E 4 19.19 -29.54 63.19
N GLN E 5 19.47 -30.56 64.00
CA GLN E 5 18.92 -30.69 65.35
C GLN E 5 19.97 -30.49 66.42
N GLN E 6 21.05 -31.26 66.37
CA GLN E 6 22.17 -31.13 67.31
C GLN E 6 23.26 -30.31 66.65
N ALA E 7 23.52 -29.13 67.19
CA ALA E 7 24.54 -28.23 66.64
C ALA E 7 25.77 -28.25 67.55
N PHE E 8 26.92 -28.47 66.94
CA PHE E 8 28.21 -28.46 67.63
C PHE E 8 29.04 -27.28 67.14
N ASP E 9 30.21 -27.13 67.75
CA ASP E 9 31.15 -26.08 67.38
C ASP E 9 32.16 -26.67 66.41
N VAL E 10 32.11 -26.21 65.15
CA VAL E 10 32.97 -26.78 64.12
C VAL E 10 34.44 -26.50 64.39
N THR E 11 34.73 -25.40 65.10
CA THR E 11 36.12 -25.07 65.40
C THR E 11 36.73 -26.02 66.42
N SER E 12 35.92 -26.78 67.13
CA SER E 12 36.41 -27.75 68.10
C SER E 12 36.69 -29.12 67.50
N LEU E 13 36.36 -29.33 66.23
CA LEU E 13 36.63 -30.61 65.59
C LEU E 13 38.14 -30.82 65.46
N PRO E 14 38.62 -32.05 65.63
CA PRO E 14 40.05 -32.30 65.42
C PRO E 14 40.51 -31.99 64.01
N SER E 15 39.64 -32.18 63.02
CA SER E 15 39.99 -31.82 61.65
C SER E 15 40.19 -30.32 61.51
N TRP E 16 39.38 -29.52 62.21
CA TRP E 16 39.56 -28.07 62.18
C TRP E 16 40.91 -27.67 62.77
N ARG E 17 41.29 -28.27 63.90
CA ARG E 17 42.58 -27.95 64.50
C ARG E 17 43.74 -28.41 63.62
N ALA E 18 43.59 -29.57 62.98
CA ALA E 18 44.59 -30.01 62.02
C ALA E 18 44.69 -29.04 60.86
N LEU E 19 43.58 -28.46 60.44
CA LEU E 19 43.60 -27.46 59.39
C LEU E 19 44.29 -26.18 59.84
N GLN E 20 44.12 -25.79 61.11
CA GLN E 20 44.86 -24.63 61.63
C GLN E 20 46.36 -24.90 61.61
N GLU E 21 46.76 -26.09 62.05
CA GLU E 21 48.20 -26.41 62.03
C GLU E 21 48.73 -26.45 60.61
N HIS E 22 47.96 -27.01 59.68
CA HIS E 22 48.37 -27.03 58.29
C HIS E 22 48.43 -25.64 57.69
N ARG E 23 47.53 -24.75 58.11
CA ARG E 23 47.61 -23.35 57.66
C ARG E 23 48.86 -22.68 58.16
N LEU E 24 49.22 -22.93 59.43
CA LEU E 24 50.49 -22.43 59.95
C LEU E 24 51.66 -22.95 59.12
N ALA E 25 51.62 -24.23 58.74
CA ALA E 25 52.71 -24.80 57.94
C ALA E 25 52.73 -24.23 56.53
N MET E 26 51.57 -24.00 55.94
CA MET E 26 51.43 -23.54 54.57
C MET E 26 51.53 -22.03 54.42
N GLN E 27 51.71 -21.31 55.54
CA GLN E 27 51.95 -19.87 55.50
C GLN E 27 52.87 -19.44 54.37
N ASN E 28 53.97 -20.16 54.16
CA ASN E 28 54.97 -19.78 53.17
C ASN E 28 54.82 -20.51 51.84
N PHE E 29 53.71 -21.22 51.64
CA PHE E 29 53.49 -21.95 50.41
C PHE E 29 53.31 -21.00 49.22
N HIS E 30 53.94 -21.34 48.11
CA HIS E 30 53.77 -20.60 46.86
C HIS E 30 53.40 -21.58 45.76
N MET E 31 52.38 -21.22 44.98
CA MET E 31 51.88 -22.13 43.95
C MET E 31 52.87 -22.31 42.82
N ARG E 32 53.67 -21.29 42.50
CA ARG E 32 54.66 -21.42 41.44
C ARG E 32 55.66 -22.51 41.76
N GLU E 33 56.18 -22.52 42.99
CA GLU E 33 57.12 -23.55 43.40
C GLU E 33 56.47 -24.93 43.38
N ALA E 34 55.20 -25.01 43.79
CA ALA E 34 54.48 -26.27 43.74
C ALA E 34 54.27 -26.75 42.31
N PHE E 35 54.25 -25.83 41.35
CA PHE E 35 54.05 -26.21 39.96
C PHE E 35 55.35 -26.59 39.26
N LEU E 36 56.47 -25.95 39.62
CA LEU E 36 57.75 -26.40 39.05
C LEU E 36 58.23 -27.68 39.70
N SER E 37 57.76 -27.99 40.91
CA SER E 37 58.19 -29.17 41.64
C SER E 37 57.20 -30.33 41.53
N ASP E 38 56.18 -30.20 40.67
CA ASP E 38 55.19 -31.26 40.50
C ASP E 38 54.56 -31.14 39.13
N PRO E 39 55.12 -31.84 38.13
CA PRO E 39 54.51 -31.81 36.79
C PRO E 39 53.13 -32.42 36.73
N GLY E 40 52.74 -33.25 37.70
CA GLY E 40 51.44 -33.87 37.70
C GLY E 40 50.45 -33.18 38.62
N ARG E 41 50.70 -31.91 38.93
CA ARG E 41 49.81 -31.17 39.82
C ARG E 41 48.43 -30.98 39.21
N PHE E 42 48.36 -30.68 37.91
CA PHE E 42 47.08 -30.52 37.25
C PHE E 42 46.27 -31.81 37.27
N ASP E 43 46.92 -32.93 37.01
CA ASP E 43 46.24 -34.22 37.03
C ASP E 43 45.72 -34.55 38.42
N GLU E 44 46.53 -34.26 39.45
CA GLU E 44 46.12 -34.56 40.82
C GLU E 44 44.96 -33.68 41.26
N PHE E 45 44.95 -32.42 40.82
CA PHE E 45 43.98 -31.46 41.34
C PHE E 45 43.02 -30.99 40.26
N SER E 46 42.51 -31.92 39.46
CA SER E 46 41.43 -31.64 38.53
C SER E 46 40.45 -32.79 38.55
N THR E 47 39.21 -32.50 38.18
CA THR E 47 38.15 -33.50 38.20
C THR E 47 37.14 -33.16 37.13
N SER E 48 36.31 -34.14 36.79
CA SER E 48 35.30 -33.99 35.77
C SER E 48 33.98 -34.57 36.25
N SER E 49 32.89 -34.03 35.73
CA SER E 49 31.55 -34.51 36.05
C SER E 49 30.63 -34.12 34.90
N CYS E 50 30.21 -35.11 34.11
CA CYS E 50 29.34 -34.89 32.95
C CYS E 50 30.07 -33.94 32.01
N GLY E 51 29.49 -32.81 31.63
CA GLY E 51 30.17 -31.87 30.78
C GLY E 51 31.00 -30.83 31.50
N LEU E 52 31.09 -30.89 32.82
CA LEU E 52 31.84 -29.90 33.58
C LEU E 52 33.23 -30.44 33.90
N PHE E 53 34.23 -29.56 33.81
CA PHE E 53 35.59 -29.89 34.20
C PHE E 53 36.07 -28.83 35.18
N LEU E 54 36.47 -29.26 36.37
CA LEU E 54 36.97 -28.36 37.40
C LEU E 54 38.48 -28.54 37.53
N ASP E 55 39.23 -27.49 37.22
CA ASP E 55 40.65 -27.42 37.52
C ASP E 55 40.82 -26.57 38.78
N TYR E 56 41.26 -27.20 39.85
CA TYR E 56 41.51 -26.51 41.11
C TYR E 56 42.95 -26.69 41.57
N SER E 57 43.88 -26.82 40.61
CA SER E 57 45.29 -26.94 40.93
C SER E 57 45.91 -25.60 41.29
N LYS E 58 45.41 -24.50 40.74
CA LYS E 58 45.88 -23.16 41.09
C LYS E 58 45.25 -22.71 42.40
N ASN E 59 45.47 -23.49 43.44
CA ASN E 59 44.95 -23.23 44.77
C ASN E 59 46.06 -23.39 45.78
N LEU E 60 45.89 -22.73 46.93
CA LEU E 60 46.87 -22.82 48.01
C LEU E 60 46.66 -24.12 48.79
N ILE E 61 46.87 -25.24 48.09
CA ILE E 61 46.65 -26.56 48.64
C ILE E 61 47.80 -27.48 48.24
N THR E 62 47.98 -28.52 49.04
CA THR E 62 48.82 -29.67 48.73
C THR E 62 47.90 -30.88 48.80
N PRO E 63 48.38 -32.08 48.46
CA PRO E 63 47.53 -33.26 48.71
C PRO E 63 47.14 -33.40 50.18
N GLU E 64 48.02 -33.01 51.10
CA GLU E 64 47.67 -33.00 52.52
C GLU E 64 46.54 -32.02 52.80
N THR E 65 46.55 -30.87 52.15
CA THR E 65 45.48 -29.89 52.36
C THR E 65 44.14 -30.46 51.92
N ARG E 66 44.11 -31.11 50.75
CA ARG E 66 42.85 -31.70 50.28
C ARG E 66 42.41 -32.83 51.21
N ASP E 67 43.36 -33.62 51.71
CA ASP E 67 43.03 -34.67 52.66
C ASP E 67 42.39 -34.08 53.91
N LEU E 68 42.96 -33.01 54.44
CA LEU E 68 42.43 -32.41 55.66
C LEU E 68 41.09 -31.74 55.43
N LEU E 69 40.90 -31.10 54.27
CA LEU E 69 39.61 -30.48 53.97
C LEU E 69 38.53 -31.53 53.80
N VAL E 70 38.84 -32.65 53.14
CA VAL E 70 37.89 -33.75 53.02
C VAL E 70 37.59 -34.33 54.40
N ASN E 71 38.60 -34.41 55.26
CA ASN E 71 38.39 -34.88 56.63
C ASN E 71 37.44 -33.96 57.39
N LEU E 72 37.60 -32.64 57.24
CA LEU E 72 36.70 -31.71 57.90
C LEU E 72 35.28 -31.84 57.36
N ALA E 73 35.15 -32.02 56.04
CA ALA E 73 33.83 -32.23 55.46
C ALA E 73 33.17 -33.49 56.02
N ARG E 74 33.95 -34.56 56.16
CA ARG E 74 33.41 -35.80 56.74
C ARG E 74 33.03 -35.62 58.20
N GLU E 75 33.89 -34.95 58.98
CA GLU E 75 33.63 -34.78 60.41
C GLU E 75 32.42 -33.89 60.66
N ALA E 76 32.22 -32.88 59.80
CA ALA E 76 31.04 -32.03 59.92
C ALA E 76 29.76 -32.76 59.52
N GLY E 77 29.87 -33.89 58.82
CA GLY E 77 28.70 -34.64 58.41
C GLY E 77 28.07 -34.16 57.14
N VAL E 78 28.88 -33.83 56.12
CA VAL E 78 28.33 -33.33 54.86
C VAL E 78 27.54 -34.42 54.15
N GLU E 79 28.01 -35.66 54.20
CA GLU E 79 27.33 -36.75 53.51
C GLU E 79 25.95 -37.02 54.12
N GLN E 80 25.89 -37.13 55.45
CA GLN E 80 24.61 -37.37 56.11
C GLN E 80 23.68 -36.18 55.93
N ALA E 81 24.22 -34.96 55.98
CA ALA E 81 23.40 -33.77 55.78
C ALA E 81 22.82 -33.73 54.38
N ALA E 82 23.64 -34.09 53.37
CA ALA E 82 23.14 -34.15 52.00
C ALA E 82 22.07 -35.21 51.85
N ARG E 83 22.26 -36.36 52.50
CA ARG E 83 21.22 -37.40 52.48
C ARG E 83 19.92 -36.87 53.08
N ALA E 84 20.02 -36.18 54.22
CA ALA E 84 18.83 -35.63 54.86
C ALA E 84 18.13 -34.61 53.98
N MET E 85 18.90 -33.72 53.34
CA MET E 85 18.28 -32.68 52.52
C MET E 85 17.67 -33.27 51.25
N PHE E 86 18.34 -34.25 50.64
CA PHE E 86 17.80 -34.89 49.45
C PHE E 86 16.58 -35.74 49.77
N ASP E 87 16.51 -36.28 50.98
CA ASP E 87 15.45 -37.22 51.36
C ASP E 87 14.19 -36.54 51.88
N GLY E 88 14.20 -35.23 52.06
CA GLY E 88 13.03 -34.51 52.52
C GLY E 88 12.98 -34.21 54.00
N GLU E 89 14.08 -34.43 54.73
CA GLU E 89 14.10 -34.07 56.14
C GLU E 89 14.04 -32.56 56.30
N PRO E 90 13.42 -32.07 57.38
CA PRO E 90 13.32 -30.62 57.57
C PRO E 90 14.65 -29.98 57.91
N VAL E 91 15.51 -29.81 56.90
CA VAL E 91 16.83 -29.23 57.11
C VAL E 91 16.74 -27.74 57.38
N ASN E 92 15.64 -27.09 56.99
CA ASN E 92 15.37 -25.71 57.36
C ASN E 92 14.79 -25.73 58.78
N ALA E 93 15.70 -25.87 59.75
CA ALA E 93 15.28 -26.06 61.14
C ALA E 93 14.51 -24.86 61.67
N SER E 94 14.96 -23.64 61.33
CA SER E 94 14.32 -22.44 61.86
C SER E 94 12.87 -22.34 61.39
N GLU E 95 12.62 -22.63 60.11
CA GLU E 95 11.27 -22.58 59.57
C GLU E 95 10.57 -23.93 59.60
N ARG E 96 11.25 -24.98 60.05
CA ARG E 96 10.66 -26.32 60.17
C ARG E 96 10.14 -26.82 58.82
N ARG E 97 10.96 -26.63 57.79
CA ARG E 97 10.59 -27.01 56.42
C ARG E 97 11.69 -27.85 55.81
N PRO E 98 11.35 -28.70 54.84
CA PRO E 98 12.38 -29.31 54.01
C PRO E 98 12.86 -28.36 52.93
N ALA E 99 14.05 -28.64 52.42
CA ALA E 99 14.63 -27.88 51.31
C ALA E 99 14.72 -28.84 50.12
N LEU E 100 13.72 -28.79 49.25
CA LEU E 100 13.58 -29.79 48.20
C LEU E 100 13.63 -29.16 46.81
N HIS E 101 14.60 -28.27 46.57
CA HIS E 101 14.82 -27.77 45.23
C HIS E 101 15.35 -28.86 44.31
N THR E 102 16.08 -29.84 44.87
CA THR E 102 16.57 -30.95 44.07
C THR E 102 15.41 -31.78 43.52
N ALA E 103 14.33 -31.90 44.31
CA ALA E 103 13.16 -32.66 43.86
C ALA E 103 12.58 -32.09 42.58
N LEU E 104 12.75 -30.78 42.33
CA LEU E 104 12.23 -30.19 41.11
C LEU E 104 12.91 -30.71 39.85
N ARG E 105 14.08 -31.32 39.99
CA ARG E 105 14.84 -31.82 38.84
C ARG E 105 14.75 -33.32 38.69
N ARG E 106 14.10 -34.02 39.62
CA ARG E 106 13.97 -35.46 39.53
C ARG E 106 13.02 -35.83 38.40
N PRO E 107 13.23 -36.99 37.79
CA PRO E 107 12.35 -37.46 36.72
C PRO E 107 11.09 -38.11 37.30
N VAL E 108 10.17 -38.48 36.39
CA VAL E 108 8.86 -38.98 36.80
C VAL E 108 8.95 -40.30 37.54
N GLY E 109 10.04 -41.05 37.38
CA GLY E 109 10.17 -42.31 38.08
C GLY E 109 10.56 -42.20 39.54
N ASP E 110 10.88 -41.01 40.01
CA ASP E 110 11.28 -40.80 41.39
C ASP E 110 10.07 -40.42 42.24
N SER E 111 10.01 -40.98 43.44
CA SER E 111 8.93 -40.69 44.37
C SER E 111 9.53 -40.21 45.68
N LEU E 112 8.97 -39.13 46.22
CA LEU E 112 9.43 -38.54 47.48
C LEU E 112 8.21 -38.29 48.35
N LEU E 113 8.16 -38.92 49.51
CA LEU E 113 7.00 -38.84 50.39
C LEU E 113 7.28 -37.83 51.49
N ILE E 114 6.46 -36.79 51.56
CA ILE E 114 6.53 -35.77 52.60
C ILE E 114 5.19 -35.80 53.32
N ASP E 115 5.21 -36.18 54.60
CA ASP E 115 3.99 -36.37 55.38
C ASP E 115 3.04 -37.36 54.70
N GLY E 116 3.60 -38.41 54.13
CA GLY E 116 2.81 -39.43 53.47
C GLY E 116 2.28 -39.08 52.10
N HIS E 117 2.68 -37.93 51.55
CA HIS E 117 2.22 -37.48 50.25
C HIS E 117 3.40 -37.42 49.28
N ASN E 118 3.17 -37.87 48.05
CA ASN E 118 4.20 -37.89 47.01
C ASN E 118 4.25 -36.51 46.36
N ILE E 119 5.25 -35.71 46.72
CA ILE E 119 5.37 -34.36 46.18
C ILE E 119 5.87 -34.37 44.75
N MET E 120 6.42 -35.49 44.28
CA MET E 120 6.85 -35.57 42.89
C MET E 120 5.66 -35.53 41.95
N ARG E 121 4.50 -35.98 42.41
CA ARG E 121 3.27 -35.80 41.64
C ARG E 121 2.98 -34.33 41.42
N ASP E 122 3.13 -33.50 42.48
CA ASP E 122 2.97 -32.06 42.32
C ASP E 122 4.01 -31.49 41.37
N VAL E 123 5.26 -31.92 41.52
CA VAL E 123 6.34 -31.42 40.66
C VAL E 123 5.99 -31.66 39.19
N HIS E 124 5.59 -32.88 38.86
CA HIS E 124 5.38 -33.21 37.46
C HIS E 124 4.02 -32.77 36.94
N ALA E 125 3.02 -32.59 37.81
CA ALA E 125 1.80 -31.92 37.40
C ALA E 125 2.08 -30.47 37.02
N ALA E 126 2.90 -29.79 37.83
CA ALA E 126 3.30 -28.43 37.48
C ALA E 126 4.10 -28.41 36.19
N LEU E 127 4.98 -29.41 36.00
CA LEU E 127 5.74 -29.48 34.75
C LEU E 127 4.84 -29.68 33.54
N ALA E 128 3.82 -30.54 33.67
CA ALA E 128 2.89 -30.75 32.57
C ALA E 128 2.06 -29.49 32.29
N GLN E 129 1.65 -28.79 33.35
CA GLN E 129 0.96 -27.51 33.17
C GLN E 129 1.84 -26.51 32.44
N MET E 130 3.12 -26.44 32.83
CA MET E 130 4.07 -25.58 32.15
C MET E 130 4.21 -25.96 30.68
N THR E 131 4.28 -27.26 30.40
CA THR E 131 4.37 -27.72 29.02
C THR E 131 3.15 -27.30 28.22
N ASP E 132 1.97 -27.44 28.80
CA ASP E 132 0.74 -27.06 28.11
C ASP E 132 0.75 -25.57 27.77
N ILE E 133 1.08 -24.72 28.75
CA ILE E 133 1.06 -23.28 28.50
C ILE E 133 2.15 -22.88 27.51
N VAL E 134 3.34 -23.47 27.61
CA VAL E 134 4.42 -23.13 26.71
C VAL E 134 4.08 -23.55 25.28
N GLY E 135 3.49 -24.74 25.11
CA GLY E 135 3.07 -25.16 23.79
C GLY E 135 1.96 -24.29 23.23
N ARG E 136 1.03 -23.85 24.07
CA ARG E 136 -0.02 -22.96 23.62
C ARG E 136 0.55 -21.63 23.13
N ILE E 137 1.44 -21.03 23.91
CA ILE E 137 1.97 -19.72 23.56
C ILE E 137 2.91 -19.81 22.36
N HIS E 138 3.76 -20.84 22.32
CA HIS E 138 4.74 -20.96 21.24
C HIS E 138 4.06 -21.15 19.89
N ASN E 139 2.99 -21.94 19.87
CA ASN E 139 2.25 -22.21 18.64
C ASN E 139 1.29 -21.08 18.26
N LYS E 140 1.41 -19.92 18.90
CA LYS E 140 0.53 -18.77 18.65
C LYS E 140 -0.93 -19.11 18.92
N LEU E 141 -1.17 -20.05 19.83
CA LEU E 141 -2.51 -20.46 20.21
C LEU E 141 -3.03 -19.72 21.42
N TRP E 142 -2.26 -18.77 21.96
CA TRP E 142 -2.68 -17.96 23.09
C TRP E 142 -2.93 -16.54 22.58
N ARG E 143 -4.11 -16.01 22.89
CA ARG E 143 -4.53 -14.72 22.37
C ARG E 143 -5.07 -13.86 23.50
N GLY E 144 -4.94 -12.54 23.33
CA GLY E 144 -5.41 -11.57 24.29
C GLY E 144 -6.86 -11.19 24.06
N TYR E 145 -7.23 -10.02 24.60
CA TYR E 145 -8.59 -9.52 24.42
C TYR E 145 -8.87 -9.04 23.00
N SER E 146 -7.84 -8.73 22.22
CA SER E 146 -8.00 -8.38 20.82
C SER E 146 -7.93 -9.58 19.91
N ASP E 147 -7.86 -10.78 20.48
CA ASP E 147 -7.73 -12.03 19.72
C ASP E 147 -6.51 -12.00 18.81
N ARG E 148 -5.40 -11.51 19.34
CA ARG E 148 -4.12 -11.53 18.65
C ARG E 148 -3.10 -12.31 19.48
N ALA E 149 -2.20 -12.99 18.80
CA ALA E 149 -1.20 -13.81 19.47
C ALA E 149 -0.29 -12.94 20.32
N ILE E 150 0.15 -13.51 21.45
CA ILE E 150 1.04 -12.82 22.37
C ILE E 150 2.47 -13.19 22.03
N THR E 151 3.36 -12.18 22.02
CA THR E 151 4.77 -12.42 21.79
C THR E 151 5.65 -11.69 22.81
N ASP E 152 5.08 -11.24 23.92
CA ASP E 152 5.84 -10.56 24.98
C ASP E 152 5.36 -11.08 26.32
N VAL E 153 6.20 -11.87 26.99
CA VAL E 153 5.92 -12.41 28.31
C VAL E 153 6.73 -11.63 29.32
N VAL E 154 6.05 -11.00 30.27
CA VAL E 154 6.68 -10.16 31.28
C VAL E 154 6.51 -10.81 32.64
N ASN E 155 7.62 -11.12 33.28
CA ASN E 155 7.62 -11.74 34.61
C ASN E 155 7.72 -10.63 35.65
N ILE E 156 6.63 -10.43 36.41
CA ILE E 156 6.61 -9.48 37.52
C ILE E 156 6.97 -10.27 38.77
N GLY E 157 8.22 -10.14 39.20
CA GLY E 157 8.68 -10.82 40.40
C GLY E 157 10.04 -10.32 40.79
N ILE E 158 10.37 -10.53 42.06
CA ILE E 158 11.61 -10.03 42.65
C ILE E 158 12.34 -11.20 43.31
N GLY E 159 13.64 -10.99 43.54
CA GLY E 159 14.46 -11.97 44.21
C GLY E 159 14.58 -13.27 43.44
N GLY E 160 14.19 -14.37 44.06
CA GLY E 160 14.26 -15.66 43.41
C GLY E 160 13.35 -15.80 42.21
N SER E 161 12.30 -14.97 42.15
CA SER E 161 11.41 -14.94 40.99
C SER E 161 11.99 -14.16 39.83
N TYR E 162 13.14 -13.51 40.01
CA TYR E 162 13.72 -12.65 38.99
C TYR E 162 15.09 -13.09 38.54
N LEU E 163 15.98 -13.41 39.48
CA LEU E 163 17.40 -13.53 39.13
C LEU E 163 17.71 -14.83 38.41
N GLY E 164 17.25 -15.96 38.94
CA GLY E 164 17.49 -17.25 38.33
C GLY E 164 16.88 -17.41 36.96
N PRO E 165 15.57 -17.11 36.84
CA PRO E 165 14.95 -17.16 35.51
C PRO E 165 15.61 -16.25 34.49
N GLU E 166 15.99 -15.03 34.89
CA GLU E 166 16.63 -14.12 33.95
C GLU E 166 18.02 -14.62 33.56
N LEU E 167 18.76 -15.18 34.52
CA LEU E 167 20.04 -15.79 34.21
C LEU E 167 19.90 -16.89 33.17
N VAL E 168 18.97 -17.80 33.39
CA VAL E 168 18.84 -18.93 32.47
C VAL E 168 18.34 -18.45 31.11
N SER E 169 17.47 -17.44 31.10
CA SER E 169 17.00 -16.89 29.83
C SER E 169 18.15 -16.26 29.04
N GLU E 170 19.02 -15.51 29.71
CA GLU E 170 20.11 -14.85 29.00
C GLU E 170 21.20 -15.84 28.57
N ALA E 171 21.53 -16.79 29.45
CA ALA E 171 22.60 -17.73 29.14
C ALA E 171 22.20 -18.66 28.00
N LEU E 172 20.94 -19.07 27.96
CA LEU E 172 20.44 -19.99 26.94
C LEU E 172 19.83 -19.27 25.76
N LEU E 173 20.31 -18.07 25.45
CA LEU E 173 19.78 -17.32 24.31
C LEU E 173 19.96 -18.05 22.97
N PRO E 174 21.10 -18.68 22.66
CA PRO E 174 21.20 -19.42 21.39
C PRO E 174 20.17 -20.52 21.24
N TYR E 175 19.39 -20.82 22.28
CA TYR E 175 18.36 -21.85 22.23
C TYR E 175 16.96 -21.25 22.31
N THR E 176 16.82 -19.98 21.95
CA THR E 176 15.53 -19.30 22.03
C THR E 176 14.86 -19.20 20.67
N VAL E 180 8.88 -15.62 21.12
CA VAL E 180 8.36 -14.98 22.32
C VAL E 180 9.50 -14.35 23.11
N ARG E 181 9.39 -13.06 23.38
CA ARG E 181 10.40 -12.30 24.10
C ARG E 181 10.03 -12.19 25.57
N CYS E 182 10.98 -12.50 26.44
CA CYS E 182 10.77 -12.48 27.88
C CYS E 182 11.42 -11.25 28.49
N HIS E 183 10.63 -10.51 29.29
CA HIS E 183 11.09 -9.36 30.02
C HIS E 183 10.86 -9.60 31.51
N TYR E 184 11.60 -8.86 32.34
CA TYR E 184 11.49 -9.01 33.78
C TYR E 184 11.26 -7.65 34.42
N LEU E 185 10.37 -7.61 35.41
CA LEU E 185 9.96 -6.39 36.09
C LEU E 185 10.06 -6.66 37.59
N ALA E 186 11.19 -6.28 38.18
CA ALA E 186 11.46 -6.54 39.59
C ALA E 186 11.43 -5.29 40.45
N ASN E 187 12.13 -4.23 40.04
CA ASN E 187 12.28 -3.05 40.87
C ASN E 187 10.94 -2.33 41.06
N ILE E 188 10.69 -1.87 42.29
CA ILE E 188 9.55 -0.99 42.54
C ILE E 188 9.74 0.39 41.93
N ASP E 189 10.96 0.72 41.51
CA ASP E 189 11.22 1.94 40.77
C ASP E 189 10.29 2.03 39.56
N GLY E 190 9.45 3.08 39.55
CA GLY E 190 8.52 3.26 38.46
C GLY E 190 9.19 3.51 37.12
N SER E 191 10.45 3.94 37.13
CA SER E 191 11.17 4.13 35.89
C SER E 191 11.38 2.81 35.16
N GLU E 192 11.63 1.73 35.90
CA GLU E 192 11.74 0.42 35.27
C GLU E 192 10.42 -0.01 34.64
N PHE E 193 9.31 0.23 35.34
CA PHE E 193 8.00 -0.09 34.77
C PHE E 193 7.73 0.72 33.51
N HIS E 194 8.07 2.01 33.54
CA HIS E 194 7.87 2.86 32.36
C HIS E 194 8.71 2.38 31.19
N GLU E 195 9.99 2.07 31.44
CA GLU E 195 10.86 1.59 30.37
C GLU E 195 10.37 0.28 29.80
N LEU E 196 9.85 -0.60 30.66
CA LEU E 196 9.34 -1.88 30.20
C LEU E 196 8.09 -1.70 29.34
N THR E 197 7.11 -0.96 29.83
CA THR E 197 5.86 -0.79 29.09
C THR E 197 6.00 0.15 27.91
N ALA E 198 7.12 0.84 27.77
CA ALA E 198 7.37 1.61 26.54
C ALA E 198 7.58 0.70 25.33
N ARG E 199 7.77 -0.59 25.54
CA ARG E 199 7.95 -1.55 24.44
C ARG E 199 6.84 -2.59 24.40
N LEU E 200 5.76 -2.41 25.15
CA LEU E 200 4.72 -3.42 25.29
C LEU E 200 3.39 -2.91 24.76
N ASN E 201 2.64 -3.82 24.14
CA ASN E 201 1.26 -3.59 23.74
C ASN E 201 0.36 -4.39 24.67
N ALA E 202 -0.68 -3.74 25.20
CA ALA E 202 -1.57 -4.44 26.12
C ALA E 202 -2.34 -5.56 25.42
N GLU E 203 -2.53 -5.45 24.11
CA GLU E 203 -3.17 -6.53 23.35
C GLU E 203 -2.27 -7.75 23.19
N THR E 204 -0.98 -7.62 23.49
CA THR E 204 0.01 -8.62 23.13
C THR E 204 0.84 -9.12 24.31
N THR E 205 0.79 -8.44 25.45
CA THR E 205 1.65 -8.75 26.58
C THR E 205 0.93 -9.65 27.56
N LEU E 206 1.62 -10.71 28.00
CA LEU E 206 1.12 -11.59 29.05
C LEU E 206 2.00 -11.44 30.28
N PHE E 207 1.37 -11.22 31.43
CA PHE E 207 2.09 -10.97 32.68
C PHE E 207 2.03 -12.19 33.58
N ILE E 208 3.20 -12.63 34.05
CA ILE E 208 3.31 -13.69 35.03
C ILE E 208 3.61 -13.03 36.37
N ILE E 209 2.66 -13.07 37.29
CA ILE E 209 2.87 -12.55 38.65
C ILE E 209 3.48 -13.66 39.48
N SER E 210 4.75 -13.48 39.87
CA SER E 210 5.47 -14.51 40.62
C SER E 210 5.66 -14.01 42.05
N SER E 211 4.75 -14.38 42.93
CA SER E 211 4.83 -14.03 44.34
C SER E 211 4.38 -15.23 45.15
N LYS E 212 5.16 -15.56 46.19
CA LYS E 212 4.85 -16.74 47.01
C LYS E 212 3.49 -16.60 47.68
N THR E 213 3.36 -15.62 48.57
CA THR E 213 2.10 -15.40 49.28
C THR E 213 1.19 -14.42 48.56
N PHE E 214 1.58 -13.95 47.38
CA PHE E 214 0.81 -12.95 46.63
C PHE E 214 0.59 -11.69 47.46
N GLY E 215 1.60 -11.35 48.28
CA GLY E 215 1.50 -10.21 49.16
C GLY E 215 2.79 -9.41 49.25
N THR E 216 3.78 -9.79 48.46
CA THR E 216 5.04 -9.06 48.45
C THR E 216 4.82 -7.64 47.97
N LEU E 217 5.41 -6.67 48.67
CA LEU E 217 5.11 -5.27 48.42
C LEU E 217 5.43 -4.87 46.99
N GLU E 218 6.69 -4.99 46.59
CA GLU E 218 7.11 -4.54 45.27
C GLU E 218 6.44 -5.33 44.17
N THR E 219 6.35 -6.66 44.33
CA THR E 219 5.71 -7.48 43.32
C THR E 219 4.24 -7.12 43.16
N LEU E 220 3.52 -6.95 44.27
CA LEU E 220 2.12 -6.57 44.19
C LEU E 220 1.95 -5.19 43.58
N LYS E 221 2.80 -4.23 43.96
CA LYS E 221 2.69 -2.89 43.40
C LYS E 221 2.90 -2.92 41.89
N ASN E 222 3.91 -3.65 41.43
CA ASN E 222 4.14 -3.76 40.00
C ASN E 222 3.01 -4.50 39.29
N ALA E 223 2.42 -5.50 39.95
CA ALA E 223 1.30 -6.22 39.37
C ALA E 223 0.08 -5.32 39.22
N GLN E 224 -0.24 -4.54 40.25
CA GLN E 224 -1.36 -3.61 40.15
C GLN E 224 -1.08 -2.50 39.14
N ALA E 225 0.16 -2.05 39.04
CA ALA E 225 0.51 -1.09 37.99
C ALA E 225 0.29 -1.68 36.61
N ALA E 226 0.69 -2.94 36.41
CA ALA E 226 0.48 -3.60 35.13
C ALA E 226 -1.01 -3.80 34.84
N ARG E 227 -1.79 -4.16 35.85
CA ARG E 227 -3.23 -4.31 35.66
C ARG E 227 -3.89 -2.98 35.31
N THR E 228 -3.48 -1.90 35.99
CA THR E 228 -4.00 -0.58 35.65
C THR E 228 -3.61 -0.17 34.24
N TRP E 229 -2.37 -0.48 33.85
CA TRP E 229 -1.91 -0.19 32.50
C TRP E 229 -2.73 -0.97 31.46
N TYR E 230 -3.04 -2.23 31.75
CA TYR E 230 -3.85 -3.04 30.84
C TYR E 230 -5.27 -2.49 30.74
N LEU E 231 -5.87 -2.14 31.88
CA LEU E 231 -7.24 -1.63 31.87
C LEU E 231 -7.33 -0.28 31.18
N ALA E 232 -6.36 0.61 31.41
CA ALA E 232 -6.35 1.93 30.82
C ALA E 232 -5.78 1.94 29.41
N SER E 233 -5.27 0.81 28.93
CA SER E 233 -4.85 0.69 27.55
C SER E 233 -5.93 0.10 26.65
N GLY E 234 -7.13 -0.10 27.17
CA GLY E 234 -8.23 -0.65 26.42
C GLY E 234 -8.71 -2.02 26.89
N GLY E 235 -7.98 -2.68 27.78
CA GLY E 235 -8.36 -4.01 28.20
C GLY E 235 -9.63 -4.01 29.04
N SER E 236 -10.33 -5.14 28.98
CA SER E 236 -11.60 -5.30 29.68
C SER E 236 -11.44 -6.20 30.90
N GLU E 237 -12.18 -5.85 31.96
CA GLU E 237 -12.03 -6.55 33.24
C GLU E 237 -12.44 -8.01 33.14
N GLU E 238 -13.55 -8.29 32.45
CA GLU E 238 -14.05 -9.66 32.36
C GLU E 238 -13.13 -10.55 31.52
N ARG E 239 -12.29 -9.96 30.68
CA ARG E 239 -11.43 -10.70 29.77
C ARG E 239 -9.96 -10.63 30.19
N LEU E 240 -9.70 -10.08 31.38
CA LEU E 240 -8.33 -9.87 31.84
C LEU E 240 -7.54 -11.18 31.94
N TYR E 241 -8.25 -12.31 32.06
CA TYR E 241 -7.60 -13.58 32.34
C TYR E 241 -6.58 -13.99 31.29
N ARG E 242 -6.69 -13.49 30.06
CA ARG E 242 -5.74 -13.90 29.03
C ARG E 242 -4.43 -13.13 29.08
N HIS E 243 -4.29 -12.17 29.99
CA HIS E 243 -3.06 -11.39 30.08
C HIS E 243 -2.36 -11.52 31.43
N PHE E 244 -2.89 -12.30 32.35
CA PHE E 244 -2.34 -12.40 33.70
C PHE E 244 -2.43 -13.84 34.17
N ILE E 245 -1.28 -14.51 34.22
CA ILE E 245 -1.17 -15.79 34.93
C ILE E 245 -0.31 -15.53 36.17
N ALA E 246 -0.38 -16.46 37.10
CA ALA E 246 0.31 -16.31 38.37
C ALA E 246 1.03 -17.60 38.75
N VAL E 247 2.19 -17.46 39.38
CA VAL E 247 2.87 -18.55 40.06
C VAL E 247 2.84 -18.20 41.54
N THR E 248 1.99 -18.89 42.31
CA THR E 248 1.78 -18.46 43.69
C THR E 248 1.28 -19.62 44.53
N SER E 249 1.51 -19.50 45.84
CA SER E 249 0.94 -20.40 46.83
C SER E 249 -0.41 -19.92 47.35
N ASN E 250 -0.87 -18.75 46.92
CA ASN E 250 -2.14 -18.19 47.37
C ASN E 250 -3.07 -18.12 46.16
N ILE E 251 -3.79 -19.22 45.94
CA ILE E 251 -4.75 -19.27 44.82
C ILE E 251 -5.84 -18.22 44.97
N PRO E 252 -6.47 -18.00 46.14
CA PRO E 252 -7.57 -17.02 46.20
C PRO E 252 -7.17 -15.62 45.78
N ALA E 253 -5.98 -15.15 46.16
CA ALA E 253 -5.58 -13.80 45.79
C ALA E 253 -5.46 -13.65 44.28
N ALA E 254 -4.84 -14.63 43.63
CA ALA E 254 -4.79 -14.61 42.17
C ALA E 254 -6.18 -14.73 41.57
N ILE E 255 -7.10 -15.38 42.29
CA ILE E 255 -8.47 -15.48 41.80
C ILE E 255 -9.15 -14.12 41.79
N GLU E 256 -9.04 -13.37 42.90
CA GLU E 256 -9.65 -12.04 42.90
C GLU E 256 -8.88 -11.04 42.05
N PHE E 257 -7.61 -11.32 41.72
CA PHE E 257 -6.93 -10.48 40.75
C PHE E 257 -7.56 -10.60 39.37
N GLY E 258 -8.20 -11.73 39.08
CA GLY E 258 -8.80 -11.95 37.79
C GLY E 258 -8.09 -13.00 36.97
N ILE E 259 -7.39 -13.90 37.66
CA ILE E 259 -6.60 -14.96 37.02
C ILE E 259 -7.35 -16.28 37.16
N ARG E 260 -7.44 -17.03 36.07
CA ARG E 260 -8.10 -18.32 36.09
C ARG E 260 -7.33 -19.31 36.96
N GLU E 261 -8.08 -20.25 37.57
CA GLU E 261 -7.44 -21.26 38.40
C GLU E 261 -6.52 -22.16 37.58
N LYS E 262 -6.85 -22.39 36.31
CA LYS E 262 -6.01 -23.22 35.46
C LYS E 262 -4.73 -22.53 35.03
N ASN E 263 -4.63 -21.21 35.21
CA ASN E 263 -3.42 -20.46 34.92
C ASN E 263 -2.64 -20.10 36.18
N ILE E 264 -3.00 -20.67 37.33
CA ILE E 264 -2.29 -20.46 38.57
C ILE E 264 -1.41 -21.67 38.81
N PHE E 265 -0.09 -21.45 38.79
CA PHE E 265 0.94 -22.44 39.00
C PHE E 265 1.29 -22.53 40.48
N PRO E 266 1.54 -23.73 40.98
CA PRO E 266 1.71 -23.91 42.42
C PRO E 266 3.11 -23.56 42.88
N MET E 267 3.19 -23.00 44.08
CA MET E 267 4.44 -22.69 44.76
C MET E 267 4.42 -23.43 46.09
N TRP E 268 5.52 -24.09 46.43
CA TRP E 268 5.55 -24.95 47.59
C TRP E 268 6.50 -24.41 48.64
N ASP E 269 6.22 -24.76 49.91
CA ASP E 269 7.04 -24.26 51.01
C ASP E 269 8.44 -24.85 50.96
N TRP E 270 8.57 -26.11 50.54
CA TRP E 270 9.87 -26.76 50.52
C TRP E 270 10.79 -26.22 49.43
N VAL E 271 10.29 -25.36 48.55
CA VAL E 271 11.11 -24.72 47.53
C VAL E 271 11.39 -23.30 47.96
N GLY E 272 12.66 -23.00 48.26
CA GLY E 272 13.05 -21.64 48.54
C GLY E 272 13.06 -20.79 47.28
N GLY E 273 12.87 -19.48 47.48
CA GLY E 273 12.80 -18.58 46.33
C GLY E 273 14.06 -18.59 45.48
N ARG E 274 15.23 -18.56 46.13
CA ARG E 274 16.49 -18.53 45.42
C ARG E 274 16.89 -19.90 44.87
N TYR E 275 16.08 -20.94 45.10
CA TYR E 275 16.35 -22.27 44.61
C TYR E 275 15.26 -22.77 43.66
N SER E 276 14.49 -21.87 43.05
CA SER E 276 13.22 -22.24 42.44
C SER E 276 13.16 -21.98 40.94
N LEU E 277 14.30 -21.78 40.29
CA LEU E 277 14.27 -21.63 38.83
C LEU E 277 13.91 -22.94 38.14
N TRP E 278 14.00 -24.06 38.85
CA TRP E 278 13.63 -25.36 38.29
C TRP E 278 12.12 -25.61 38.33
N SER E 279 11.39 -24.87 39.16
CA SER E 279 9.95 -25.00 39.30
C SER E 279 9.26 -24.05 38.33
N ALA E 280 7.97 -23.79 38.54
CA ALA E 280 7.20 -22.93 37.65
C ALA E 280 7.68 -21.48 37.66
N ILE E 281 8.53 -21.10 38.61
CA ILE E 281 9.15 -19.78 38.56
C ILE E 281 9.95 -19.61 37.27
N GLY E 282 10.58 -20.69 36.81
CA GLY E 282 11.29 -20.66 35.54
C GLY E 282 10.36 -20.74 34.35
N LEU E 283 9.08 -20.44 34.57
CA LEU E 283 8.11 -20.42 33.48
C LEU E 283 8.48 -19.46 32.36
N PRO E 284 8.92 -18.22 32.61
CA PRO E 284 9.39 -17.41 31.47
C PRO E 284 10.53 -18.04 30.71
N THR E 285 11.48 -18.66 31.41
CA THR E 285 12.59 -19.32 30.74
C THR E 285 12.09 -20.43 29.82
N ALA E 286 11.20 -21.28 30.33
CA ALA E 286 10.58 -22.30 29.50
C ALA E 286 9.85 -21.68 28.32
N LEU E 287 9.32 -20.47 28.48
CA LEU E 287 8.64 -19.79 27.40
C LEU E 287 9.59 -19.22 26.36
N ALA E 288 10.88 -19.10 26.68
CA ALA E 288 11.88 -18.58 25.75
C ALA E 288 12.66 -19.68 25.05
N ILE E 289 13.05 -20.72 25.77
CA ILE E 289 13.89 -21.78 25.22
C ILE E 289 13.11 -23.03 24.83
N GLY E 290 11.84 -23.13 25.23
CA GLY E 290 11.06 -24.32 24.98
C GLY E 290 11.13 -25.30 26.14
N MET E 291 10.16 -26.22 26.15
CA MET E 291 10.10 -27.19 27.24
C MET E 291 11.16 -28.27 27.11
N ALA E 292 11.59 -28.59 25.89
CA ALA E 292 12.66 -29.56 25.73
C ALA E 292 13.96 -29.05 26.31
N ASN E 293 14.29 -27.78 26.06
CA ASN E 293 15.50 -27.20 26.62
C ASN E 293 15.39 -27.00 28.13
N PHE E 294 14.19 -26.66 28.61
CA PHE E 294 13.98 -26.55 30.05
C PHE E 294 14.18 -27.90 30.72
N LYS E 295 13.68 -28.97 30.11
CA LYS E 295 13.90 -30.31 30.64
C LYS E 295 15.36 -30.72 30.54
N ASP E 296 16.07 -30.25 29.51
CA ASP E 296 17.51 -30.49 29.42
C ASP E 296 18.25 -29.82 30.57
N LEU E 297 17.85 -28.58 30.91
CA LEU E 297 18.41 -27.90 32.07
C LEU E 297 18.13 -28.67 33.36
N LEU E 298 16.89 -29.15 33.51
CA LEU E 298 16.54 -29.97 34.67
C LEU E 298 17.37 -31.25 34.71
N SER E 299 17.62 -31.86 33.55
CA SER E 299 18.38 -33.10 33.48
C SER E 299 19.84 -32.88 33.85
N GLY E 300 20.42 -31.77 33.41
CA GLY E 300 21.78 -31.44 33.81
C GLY E 300 21.89 -31.17 35.31
N ALA E 301 20.91 -30.46 35.87
CA ALA E 301 20.89 -30.25 37.31
C ALA E 301 20.75 -31.57 38.06
N TYR E 302 19.92 -32.48 37.54
CA TYR E 302 19.75 -33.79 38.15
C TYR E 302 21.04 -34.60 38.07
N ALA E 303 21.76 -34.51 36.96
CA ALA E 303 23.04 -35.19 36.83
C ALA E 303 24.04 -34.66 37.85
N MET E 304 24.06 -33.34 38.05
CA MET E 304 24.93 -32.77 39.08
C MET E 304 24.51 -33.22 40.48
N ASP E 305 23.20 -33.34 40.72
CA ASP E 305 22.74 -33.87 42.01
C ASP E 305 23.26 -35.29 42.23
N CYS E 306 23.18 -36.12 41.19
CA CYS E 306 23.67 -37.49 41.29
C CYS E 306 25.18 -37.51 41.53
N HIS E 307 25.92 -36.64 40.85
CA HIS E 307 27.36 -36.56 41.09
C HIS E 307 27.67 -36.15 42.51
N PHE E 308 26.91 -35.18 43.04
CA PHE E 308 27.10 -34.74 44.42
C PHE E 308 26.80 -35.86 45.40
N ARG E 309 25.75 -36.63 45.15
CA ARG E 309 25.35 -37.67 46.09
C ARG E 309 26.25 -38.90 46.02
N ARG E 310 26.81 -39.21 44.86
CA ARG E 310 27.51 -40.48 44.67
C ARG E 310 29.02 -40.38 44.77
N GLU E 311 29.61 -39.22 44.52
CA GLU E 311 31.04 -39.20 44.38
C GLU E 311 31.74 -39.14 45.74
N PRO E 312 32.94 -39.71 45.84
CA PRO E 312 33.76 -39.49 47.04
C PRO E 312 34.18 -38.04 47.12
N PHE E 313 34.40 -37.58 48.36
CA PHE E 313 34.66 -36.16 48.58
C PHE E 313 35.92 -35.68 47.88
N GLU E 314 36.86 -36.57 47.58
CA GLU E 314 38.06 -36.17 46.87
C GLU E 314 37.80 -35.88 45.39
N ASN E 315 36.70 -36.38 44.84
CA ASN E 315 36.31 -36.11 43.46
C ASN E 315 34.93 -35.49 43.37
N ASN E 316 34.42 -34.97 44.49
CA ASN E 316 33.10 -34.34 44.55
C ASN E 316 33.27 -32.86 44.27
N MET E 317 32.86 -32.41 43.08
CA MET E 317 33.05 -31.02 42.70
C MET E 317 32.36 -30.03 43.64
N PRO E 318 31.09 -30.20 44.00
CA PRO E 318 30.51 -29.26 44.99
C PRO E 318 31.24 -29.27 46.32
N VAL E 319 31.63 -30.45 46.80
CA VAL E 319 32.33 -30.54 48.08
C VAL E 319 33.71 -29.91 47.98
N LEU E 320 34.41 -30.13 46.87
CA LEU E 320 35.73 -29.52 46.70
C LEU E 320 35.63 -28.00 46.65
N LEU E 321 34.66 -27.47 45.91
CA LEU E 321 34.50 -26.02 45.84
C LEU E 321 34.13 -25.44 47.21
N ALA E 322 33.21 -26.08 47.91
CA ALA E 322 32.82 -25.60 49.23
C ALA E 322 33.96 -25.68 50.21
N MET E 323 34.78 -26.73 50.14
CA MET E 323 35.87 -26.89 51.07
C MET E 323 36.98 -25.89 50.79
N LEU E 324 37.24 -25.60 49.52
CA LEU E 324 38.18 -24.53 49.18
C LEU E 324 37.68 -23.18 49.68
N GLY E 325 36.38 -22.93 49.54
CA GLY E 325 35.82 -21.70 50.08
C GLY E 325 35.96 -21.59 51.58
N VAL E 326 35.66 -22.69 52.29
CA VAL E 326 35.84 -22.70 53.75
C VAL E 326 37.30 -22.49 54.11
N TRP E 327 38.20 -23.15 53.39
CA TRP E 327 39.63 -22.99 53.60
C TRP E 327 40.05 -21.53 53.52
N TYR E 328 39.68 -20.87 52.42
CA TYR E 328 40.14 -19.50 52.21
C TYR E 328 39.42 -18.50 53.11
N GLY E 329 38.16 -18.75 53.44
CA GLY E 329 37.43 -17.79 54.26
C GLY E 329 37.64 -17.95 55.75
N ASN E 330 38.05 -19.13 56.21
CA ASN E 330 38.20 -19.40 57.63
C ASN E 330 39.63 -19.56 58.07
N PHE E 331 40.57 -19.75 57.15
CA PHE E 331 41.97 -19.90 57.53
C PHE E 331 42.91 -18.93 56.84
N TRP E 332 42.45 -18.23 55.81
CA TRP E 332 43.26 -17.21 55.16
C TRP E 332 42.62 -15.83 55.21
N GLY E 333 41.45 -15.70 55.82
CA GLY E 333 40.80 -14.41 56.00
C GLY E 333 40.33 -13.74 54.72
N ALA E 334 39.79 -14.51 53.79
CA ALA E 334 39.24 -13.96 52.56
C ALA E 334 37.76 -13.68 52.77
N GLN E 335 37.37 -12.42 52.59
CA GLN E 335 35.99 -12.00 52.84
C GLN E 335 35.16 -11.88 51.57
N SER E 336 35.74 -12.12 50.41
CA SER E 336 35.01 -12.04 49.15
C SER E 336 35.50 -13.13 48.21
N HIS E 337 34.65 -13.45 47.23
CA HIS E 337 34.93 -14.48 46.25
C HIS E 337 34.46 -13.99 44.89
N ALA E 338 35.40 -13.86 43.95
CA ALA E 338 35.09 -13.35 42.62
C ALA E 338 34.64 -14.48 41.71
N ILE E 339 33.60 -14.23 40.93
CA ILE E 339 33.11 -15.15 39.92
C ILE E 339 33.27 -14.48 38.57
N LEU E 340 34.05 -15.09 37.69
CA LEU E 340 34.45 -14.50 36.41
C LEU E 340 34.05 -15.44 35.29
N PRO E 341 32.82 -15.34 34.77
CA PRO E 341 32.41 -16.15 33.62
C PRO E 341 32.87 -15.50 32.32
N TYR E 342 33.71 -16.21 31.57
CA TYR E 342 34.20 -15.71 30.29
C TYR E 342 33.26 -16.14 29.18
N ASP E 343 32.06 -15.58 29.24
CA ASP E 343 31.03 -15.83 28.25
C ASP E 343 30.01 -14.70 28.34
N HIS E 344 29.74 -14.05 27.20
CA HIS E 344 28.82 -12.92 27.20
C HIS E 344 27.42 -13.33 27.65
N TYR E 345 27.00 -14.57 27.36
CA TYR E 345 25.69 -15.02 27.77
C TYR E 345 25.62 -15.28 29.27
N LEU E 346 26.74 -15.58 29.91
CA LEU E 346 26.80 -15.85 31.34
C LEU E 346 27.11 -14.61 32.17
N ARG E 347 26.90 -13.41 31.61
CA ARG E 347 27.27 -12.19 32.33
C ARG E 347 26.42 -11.98 33.58
N ASN E 348 25.19 -12.46 33.58
CA ASN E 348 24.30 -12.33 34.71
C ASN E 348 24.42 -13.48 35.71
N PHE E 349 25.44 -14.31 35.56
CA PHE E 349 25.63 -15.43 36.48
C PHE E 349 25.95 -14.93 37.88
N VAL E 350 26.71 -13.85 37.98
CA VAL E 350 27.15 -13.36 39.27
C VAL E 350 25.98 -12.87 40.10
N LYS E 351 24.95 -12.29 39.49
CA LYS E 351 23.80 -11.81 40.25
C LYS E 351 23.06 -12.96 40.92
N HIS E 352 22.78 -14.02 40.16
CA HIS E 352 22.12 -15.18 40.74
C HIS E 352 22.99 -15.85 41.79
N LEU E 353 24.30 -15.94 41.54
CA LEU E 353 25.20 -16.49 42.54
C LEU E 353 25.22 -15.63 43.80
N GLN E 354 25.13 -14.31 43.64
CA GLN E 354 25.07 -13.41 44.78
C GLN E 354 23.86 -13.71 45.64
N GLN E 355 22.68 -13.76 45.03
CA GLN E 355 21.49 -14.12 45.80
C GLN E 355 21.66 -15.48 46.45
N MET E 356 21.98 -16.50 45.65
CA MET E 356 22.07 -17.87 46.11
C MET E 356 23.01 -18.01 47.30
N ASP E 357 24.18 -17.40 47.21
CA ASP E 357 25.20 -17.60 48.23
C ASP E 357 25.00 -16.69 49.43
N MET E 358 24.82 -15.38 49.21
CA MET E 358 24.77 -14.49 50.36
C MET E 358 23.44 -14.50 51.09
N GLU E 359 22.31 -14.72 50.39
CA GLU E 359 21.06 -14.82 51.13
C GLU E 359 21.00 -16.11 51.94
N SER E 360 21.77 -17.13 51.56
CA SER E 360 21.76 -18.42 52.24
C SER E 360 22.79 -18.50 53.36
N ASN E 361 24.04 -18.17 53.06
CA ASN E 361 25.13 -18.31 54.01
C ASN E 361 25.45 -17.02 54.75
N GLY E 362 24.70 -15.95 54.51
CA GLY E 362 24.85 -14.72 55.27
C GLY E 362 24.16 -14.81 56.61
N LYS E 363 24.66 -15.68 57.48
CA LYS E 363 24.05 -15.96 58.77
C LYS E 363 25.09 -15.84 59.87
N SER E 364 24.61 -15.59 61.09
CA SER E 364 25.50 -15.49 62.25
C SER E 364 24.99 -16.29 63.44
N VAL E 365 24.01 -17.16 63.25
CA VAL E 365 23.60 -18.12 64.27
C VAL E 365 23.54 -19.49 63.63
N ARG E 366 23.73 -20.52 64.45
CA ARG E 366 23.71 -21.89 63.98
C ARG E 366 22.27 -22.35 63.78
N GLN E 367 22.09 -23.63 63.45
CA GLN E 367 20.74 -24.15 63.23
C GLN E 367 19.91 -24.11 64.50
N ASP E 368 20.54 -24.25 65.67
CA ASP E 368 19.84 -24.22 66.93
C ASP E 368 19.71 -22.81 67.52
N GLY E 369 20.35 -21.82 66.91
CA GLY E 369 20.31 -20.46 67.39
C GLY E 369 21.56 -19.99 68.12
N SER E 370 22.51 -20.89 68.37
CA SER E 370 23.74 -20.48 69.01
C SER E 370 24.59 -19.63 68.05
N PRO E 371 25.34 -18.67 68.57
CA PRO E 371 26.19 -17.86 67.69
C PRO E 371 27.25 -18.71 66.99
N VAL E 372 27.56 -18.32 65.75
CA VAL E 372 28.59 -19.04 65.01
C VAL E 372 29.96 -18.76 65.62
N SER E 373 30.89 -19.67 65.36
CA SER E 373 32.25 -19.57 65.90
C SER E 373 33.27 -19.28 64.81
N CYS E 374 32.83 -18.87 63.63
CA CYS E 374 33.74 -18.61 62.52
C CYS E 374 33.05 -17.64 61.55
N GLU E 375 33.78 -17.27 60.52
CA GLU E 375 33.23 -16.48 59.43
C GLU E 375 32.38 -17.37 58.54
N THR E 376 31.16 -16.95 58.24
CA THR E 376 30.21 -17.73 57.45
C THR E 376 29.67 -16.85 56.33
N GLY E 377 30.18 -17.07 55.12
CA GLY E 377 29.59 -16.47 53.94
C GLY E 377 30.28 -15.19 53.49
N PRO E 378 31.03 -15.28 52.40
CA PRO E 378 31.73 -14.10 51.89
C PRO E 378 30.83 -13.26 51.00
N VAL E 379 31.41 -12.21 50.44
CA VAL E 379 30.75 -11.41 49.43
C VAL E 379 31.01 -12.04 48.07
N ILE E 380 29.96 -12.27 47.31
CA ILE E 380 30.07 -12.77 45.94
C ILE E 380 30.04 -11.58 45.00
N TRP E 381 31.03 -11.49 44.13
CA TRP E 381 31.12 -10.40 43.18
C TRP E 381 31.83 -10.91 41.94
N GLY E 382 31.93 -10.04 40.94
CA GLY E 382 32.59 -10.41 39.70
C GLY E 382 31.91 -9.80 38.49
N GLY E 383 32.04 -10.46 37.35
CA GLY E 383 31.45 -9.94 36.13
C GLY E 383 31.94 -10.71 34.94
N VAL E 384 31.37 -10.36 33.79
CA VAL E 384 31.63 -11.10 32.56
C VAL E 384 33.11 -11.03 32.20
N GLY E 385 33.62 -12.11 31.62
CA GLY E 385 35.03 -12.23 31.35
C GLY E 385 35.48 -11.40 30.16
N CYS E 386 36.76 -11.03 30.21
CA CYS E 386 37.46 -10.18 29.25
C CYS E 386 37.02 -8.73 29.38
N ASN E 387 36.00 -8.48 30.19
CA ASN E 387 35.61 -7.12 30.55
C ASN E 387 36.15 -6.69 31.88
N GLY E 388 36.30 -7.61 32.83
CA GLY E 388 36.87 -7.29 34.13
C GLY E 388 38.37 -7.18 34.13
N GLN E 389 39.05 -7.68 33.08
CA GLN E 389 40.50 -7.52 32.99
C GLN E 389 40.88 -6.05 32.92
N HIS E 390 40.10 -5.27 32.19
CA HIS E 390 40.32 -3.84 32.04
C HIS E 390 39.56 -3.02 33.07
N ALA E 391 38.86 -3.66 34.00
CA ALA E 391 38.08 -2.97 35.00
C ALA E 391 38.63 -3.16 36.41
N TYR E 392 38.73 -4.40 36.88
CA TYR E 392 39.07 -4.64 38.28
C TYR E 392 40.08 -5.76 38.50
N HIS E 393 40.52 -6.44 37.45
CA HIS E 393 41.54 -7.47 37.62
C HIS E 393 42.86 -6.90 38.08
N GLN E 394 43.05 -5.58 37.94
CA GLN E 394 44.24 -4.94 38.47
C GLN E 394 44.34 -5.12 39.98
N LEU E 395 43.21 -5.00 40.69
CA LEU E 395 43.20 -5.24 42.12
C LEU E 395 43.48 -6.71 42.44
N LEU E 396 42.99 -7.63 41.59
CA LEU E 396 43.27 -9.05 41.78
C LEU E 396 44.76 -9.32 41.64
N HIS E 397 45.41 -8.68 40.67
CA HIS E 397 46.82 -8.96 40.39
C HIS E 397 47.75 -8.27 41.37
N GLN E 398 47.50 -7.00 41.70
CA GLN E 398 48.46 -6.21 42.47
C GLN E 398 47.90 -5.62 43.76
N GLY E 399 46.67 -5.97 44.14
CA GLY E 399 46.09 -5.46 45.35
C GLY E 399 46.66 -6.12 46.59
N THR E 400 46.09 -5.76 47.74
CA THR E 400 46.50 -6.30 49.02
C THR E 400 45.49 -7.28 49.60
N LEU E 401 44.49 -7.68 48.82
CA LEU E 401 43.44 -8.56 49.29
C LEU E 401 43.61 -9.97 48.71
N LEU E 402 43.18 -10.96 49.48
CA LEU E 402 43.09 -12.33 49.00
C LEU E 402 41.66 -12.58 48.52
N ILE E 403 41.49 -12.66 47.20
CA ILE E 403 40.18 -12.88 46.60
C ILE E 403 40.24 -14.12 45.74
N PRO E 404 39.78 -15.27 46.22
CA PRO E 404 39.70 -16.45 45.34
C PRO E 404 38.76 -16.20 44.18
N ALA E 405 39.16 -16.66 42.99
CA ALA E 405 38.44 -16.41 41.76
C ALA E 405 37.99 -17.73 41.14
N ASP E 406 36.78 -17.72 40.59
CA ASP E 406 36.22 -18.86 39.89
C ASP E 406 36.05 -18.46 38.43
N PHE E 407 36.98 -18.91 37.58
CA PHE E 407 36.88 -18.66 36.16
C PHE E 407 35.97 -19.69 35.51
N ILE E 408 35.08 -19.22 34.64
CA ILE E 408 34.15 -20.11 33.93
C ILE E 408 34.25 -19.76 32.45
N VAL E 409 34.52 -20.77 31.62
CA VAL E 409 34.70 -20.54 30.19
C VAL E 409 34.30 -21.79 29.41
N PRO E 410 33.65 -21.65 28.26
CA PRO E 410 33.43 -22.79 27.37
C PRO E 410 34.52 -22.91 26.31
N VAL E 411 34.62 -24.10 25.74
CA VAL E 411 35.57 -24.35 24.67
C VAL E 411 35.00 -23.94 23.30
N VAL E 412 33.70 -24.12 23.10
CA VAL E 412 33.05 -23.85 21.82
C VAL E 412 32.13 -22.66 21.96
N SER E 413 32.15 -21.78 20.98
CA SER E 413 31.30 -20.60 20.95
C SER E 413 30.11 -20.82 20.01
N HIS E 414 28.93 -20.37 20.43
CA HIS E 414 27.75 -20.48 19.59
C HIS E 414 27.81 -19.52 18.40
N ASN E 415 28.49 -18.38 18.56
CA ASN E 415 28.59 -17.37 17.52
C ASN E 415 30.06 -17.07 17.29
N PRO E 416 30.76 -17.95 16.56
CA PRO E 416 32.18 -17.70 16.28
C PRO E 416 32.36 -16.52 15.34
N VAL E 417 33.27 -15.62 15.69
CA VAL E 417 33.60 -14.46 14.88
C VAL E 417 35.11 -14.46 14.73
N ALA E 418 35.60 -14.97 13.61
CA ALA E 418 37.04 -15.09 13.33
C ALA E 418 37.66 -15.89 14.48
N ASP E 419 38.77 -15.45 15.06
CA ASP E 419 39.42 -16.14 16.17
C ASP E 419 39.11 -15.50 17.52
N HIS E 420 37.91 -14.94 17.67
CA HIS E 420 37.57 -14.21 18.89
C HIS E 420 37.45 -15.15 20.09
N HIS E 421 36.89 -16.34 19.90
CA HIS E 421 36.75 -17.25 21.03
C HIS E 421 38.07 -17.87 21.44
N GLN E 422 38.98 -18.09 20.48
CA GLN E 422 40.32 -18.51 20.84
C GLN E 422 40.98 -17.47 21.74
N TRP E 423 40.80 -16.19 21.42
CA TRP E 423 41.34 -15.12 22.24
C TRP E 423 40.64 -15.03 23.59
N LEU E 424 39.34 -15.27 23.63
CA LEU E 424 38.62 -15.28 24.91
C LEU E 424 39.14 -16.39 25.82
N TYR E 425 39.30 -17.59 25.26
CA TYR E 425 39.84 -18.71 26.03
C TYR E 425 41.27 -18.42 26.48
N ALA E 426 42.08 -17.84 25.60
CA ALA E 426 43.44 -17.50 25.97
C ALA E 426 43.48 -16.44 27.07
N ASN E 427 42.57 -15.47 27.01
CA ASN E 427 42.51 -14.44 28.05
C ASN E 427 42.12 -15.03 29.39
N CYS E 428 41.13 -15.93 29.41
CA CYS E 428 40.76 -16.59 30.66
C CYS E 428 41.93 -17.39 31.24
N LEU E 429 42.57 -18.20 30.39
CA LEU E 429 43.69 -19.03 30.84
C LEU E 429 44.85 -18.18 31.31
N SER E 430 45.13 -17.08 30.61
CA SER E 430 46.22 -16.21 30.98
C SER E 430 45.94 -15.45 32.26
N GLN E 431 44.68 -15.06 32.49
CA GLN E 431 44.34 -14.42 33.76
C GLN E 431 44.57 -15.38 34.91
N SER E 432 44.14 -16.64 34.77
CA SER E 432 44.41 -17.63 35.82
C SER E 432 45.90 -17.84 36.02
N GLN E 433 46.65 -17.94 34.92
CA GLN E 433 48.08 -18.21 35.01
C GLN E 433 48.84 -17.04 35.60
N ALA E 434 48.42 -15.81 35.28
CA ALA E 434 49.03 -14.62 35.88
C ALA E 434 48.70 -14.52 37.35
N LEU E 435 47.48 -14.91 37.74
CA LEU E 435 47.14 -14.93 39.16
C LEU E 435 48.03 -15.92 39.91
N MET E 436 48.26 -17.10 39.34
CA MET E 436 49.06 -18.11 40.03
C MET E 436 50.54 -17.76 40.02
N LEU E 437 51.06 -17.30 38.88
CA LEU E 437 52.50 -17.11 38.75
C LEU E 437 52.96 -15.78 39.33
N GLY E 438 52.45 -14.68 38.78
CA GLY E 438 52.95 -13.37 39.12
C GLY E 438 54.23 -13.06 38.38
N LYS E 439 54.77 -11.88 38.65
CA LYS E 439 56.01 -11.41 38.05
C LYS E 439 56.90 -10.86 39.14
N SER E 440 58.06 -11.48 39.34
CA SER E 440 58.95 -11.10 40.42
C SER E 440 59.74 -9.85 40.03
N ARG E 441 60.56 -9.37 40.98
CA ARG E 441 61.43 -8.23 40.70
C ARG E 441 62.44 -8.57 39.61
N GLU E 442 62.99 -9.78 39.65
CA GLU E 442 63.98 -10.19 38.66
C GLU E 442 63.40 -10.20 37.26
N GLU E 443 62.19 -10.75 37.11
CA GLU E 443 61.58 -10.81 35.79
C GLU E 443 61.27 -9.42 35.25
N ALA E 444 60.74 -8.54 36.11
CA ALA E 444 60.45 -7.18 35.68
C ALA E 444 61.72 -6.44 35.29
N GLU E 445 62.78 -6.58 36.09
CA GLU E 445 64.05 -5.94 35.76
C GLU E 445 64.61 -6.48 34.46
N ALA E 446 64.51 -7.79 34.24
CA ALA E 446 65.01 -8.38 33.00
C ALA E 446 64.23 -7.86 31.80
N GLU E 447 62.92 -7.75 31.91
CA GLU E 447 62.12 -7.22 30.82
C GLU E 447 62.46 -5.76 30.54
N LEU E 448 62.65 -4.97 31.60
CA LEU E 448 63.01 -3.57 31.40
C LEU E 448 64.38 -3.43 30.75
N ARG E 449 65.33 -4.29 31.14
CA ARG E 449 66.64 -4.28 30.51
C ARG E 449 66.56 -4.70 29.05
N ALA E 450 65.74 -5.70 28.74
CA ALA E 450 65.53 -6.11 27.36
C ALA E 450 64.90 -5.00 26.54
N LYS E 451 64.09 -4.15 27.18
CA LYS E 451 63.56 -2.98 26.51
C LYS E 451 64.60 -1.88 26.33
N GLY E 452 65.77 -2.02 26.95
CA GLY E 452 66.86 -1.07 26.77
C GLY E 452 66.86 0.12 27.68
N LEU E 453 66.02 0.12 28.73
CA LEU E 453 65.96 1.26 29.62
C LEU E 453 67.24 1.36 30.45
N PRO E 454 67.66 2.58 30.77
CA PRO E 454 68.84 2.76 31.64
C PRO E 454 68.65 2.08 32.99
N GLU E 455 69.77 1.92 33.70
CA GLU E 455 69.74 1.24 34.99
C GLU E 455 68.89 1.98 36.00
N ALA E 456 69.01 3.32 36.06
CA ALA E 456 68.21 4.10 36.99
C ALA E 456 66.73 3.98 36.68
N GLU E 457 66.37 4.05 35.38
CA GLU E 457 64.98 3.86 34.99
C GLU E 457 64.52 2.44 35.31
N VAL E 458 65.39 1.45 35.13
CA VAL E 458 65.02 0.07 35.43
C VAL E 458 64.67 -0.08 36.91
N LYS E 459 65.53 0.45 37.79
CA LYS E 459 65.27 0.32 39.22
C LYS E 459 64.14 1.23 39.68
N ARG E 460 63.83 2.28 38.94
CA ARG E 460 62.68 3.10 39.28
C ARG E 460 61.36 2.41 38.90
N LEU E 461 61.34 1.72 37.76
CA LEU E 461 60.10 1.15 37.23
C LEU E 461 59.85 -0.28 37.69
N ALA E 462 60.88 -1.01 38.12
CA ALA E 462 60.69 -2.42 38.45
C ALA E 462 59.70 -2.67 39.58
N PRO E 463 59.76 -1.97 40.73
CA PRO E 463 58.81 -2.30 41.81
C PRO E 463 57.36 -2.13 41.44
N HIS E 464 57.05 -1.21 40.52
CA HIS E 464 55.67 -0.96 40.14
C HIS E 464 55.11 -2.06 39.24
N LYS E 465 55.97 -2.74 38.48
CA LYS E 465 55.54 -3.80 37.58
C LYS E 465 55.46 -5.16 38.24
N VAL E 466 55.91 -5.28 39.50
CA VAL E 466 55.94 -6.57 40.16
C VAL E 466 54.53 -6.99 40.53
N ILE E 467 54.14 -8.18 40.08
CA ILE E 467 52.88 -8.81 40.48
C ILE E 467 53.22 -9.89 41.50
N PRO E 468 52.67 -9.83 42.72
CA PRO E 468 53.05 -10.83 43.73
C PRO E 468 52.77 -12.27 43.32
N GLY E 469 51.69 -12.51 42.60
CA GLY E 469 51.29 -13.86 42.27
C GLY E 469 50.70 -14.57 43.47
N ASN E 470 50.61 -15.90 43.34
CA ASN E 470 50.09 -16.78 44.39
C ASN E 470 48.63 -16.49 44.72
N ARG E 471 47.87 -16.02 43.74
CA ARG E 471 46.45 -15.77 43.94
C ARG E 471 45.65 -17.00 43.54
N PRO E 472 44.94 -17.64 44.46
CA PRO E 472 44.21 -18.87 44.11
C PRO E 472 43.09 -18.62 43.11
N SER E 473 42.83 -19.63 42.29
CA SER E 473 41.74 -19.55 41.33
C SER E 473 41.25 -20.96 41.02
N ASN E 474 39.98 -21.04 40.63
CA ASN E 474 39.39 -22.26 40.11
C ASN E 474 38.96 -21.99 38.67
N THR E 475 39.08 -23.00 37.81
CA THR E 475 38.63 -22.89 36.44
C THR E 475 37.56 -23.95 36.19
N LEU E 476 36.40 -23.51 35.71
CA LEU E 476 35.34 -24.41 35.29
C LEU E 476 35.23 -24.32 33.79
N VAL E 477 35.47 -25.43 33.11
CA VAL E 477 35.43 -25.49 31.66
C VAL E 477 34.29 -26.40 31.24
N MET E 478 33.71 -26.09 30.09
CA MET E 478 32.73 -26.94 29.43
C MET E 478 33.00 -26.90 27.94
N GLU E 479 32.51 -27.92 27.24
CA GLU E 479 32.62 -27.90 25.78
C GLU E 479 31.78 -26.79 25.19
N THR E 480 30.50 -26.73 25.58
CA THR E 480 29.61 -25.68 25.13
C THR E 480 28.66 -25.35 26.28
N LEU E 481 28.10 -24.14 26.27
CA LEU E 481 27.10 -23.76 27.26
C LEU E 481 25.73 -24.06 26.70
N ASN E 482 25.29 -25.29 26.91
CA ASN E 482 23.96 -25.75 26.54
C ASN E 482 23.09 -25.82 27.78
N PRO E 483 21.77 -26.05 27.64
CA PRO E 483 20.92 -26.12 28.83
C PRO E 483 21.37 -27.14 29.86
N SER E 484 21.86 -28.30 29.41
CA SER E 484 22.27 -29.35 30.34
C SER E 484 23.45 -28.91 31.19
N ARG E 485 24.48 -28.34 30.57
CA ARG E 485 25.66 -27.95 31.32
C ARG E 485 25.41 -26.71 32.16
N LEU E 486 24.54 -25.81 31.72
CA LEU E 486 24.15 -24.69 32.56
C LEU E 486 23.41 -25.16 33.80
N GLY E 487 22.50 -26.12 33.63
CA GLY E 487 21.83 -26.69 34.78
C GLY E 487 22.80 -27.36 35.73
N ALA E 488 23.78 -28.08 35.20
CA ALA E 488 24.81 -28.68 36.03
C ALA E 488 25.60 -27.63 36.79
N LEU E 489 25.93 -26.51 36.14
CA LEU E 489 26.68 -25.44 36.78
C LEU E 489 25.90 -24.82 37.93
N ILE E 490 24.62 -24.50 37.69
CA ILE E 490 23.79 -23.91 38.73
C ILE E 490 23.63 -24.87 39.90
N ALA E 491 23.37 -26.15 39.62
CA ALA E 491 23.21 -27.12 40.70
C ALA E 491 24.51 -27.31 41.48
N LEU E 492 25.65 -27.26 40.77
CA LEU E 492 26.94 -27.36 41.44
C LEU E 492 27.13 -26.23 42.43
N TYR E 493 26.78 -25.01 42.04
CA TYR E 493 26.93 -23.89 42.97
C TYR E 493 25.91 -23.96 44.12
N GLU E 494 24.70 -24.45 43.84
CA GLU E 494 23.74 -24.68 44.91
C GLU E 494 24.28 -25.66 45.95
N HIS E 495 24.85 -26.77 45.48
CA HIS E 495 25.37 -27.77 46.40
C HIS E 495 26.60 -27.27 47.13
N LYS E 496 27.43 -26.44 46.48
CA LYS E 496 28.56 -25.84 47.17
C LYS E 496 28.09 -24.95 48.31
N VAL E 497 27.06 -24.14 48.06
CA VAL E 497 26.50 -23.30 49.11
C VAL E 497 25.96 -24.15 50.24
N PHE E 498 25.27 -25.24 49.91
CA PHE E 498 24.73 -26.13 50.94
C PHE E 498 25.84 -26.73 51.79
N VAL E 499 26.92 -27.20 51.16
CA VAL E 499 28.02 -27.82 51.90
C VAL E 499 28.69 -26.81 52.81
N GLN E 500 28.90 -25.58 52.33
CA GLN E 500 29.48 -24.55 53.17
C GLN E 500 28.59 -24.25 54.37
N GLY E 501 27.28 -24.13 54.15
CA GLY E 501 26.37 -23.91 55.26
C GLY E 501 26.36 -25.05 56.25
N VAL E 502 26.52 -26.28 55.77
CA VAL E 502 26.61 -27.43 56.67
C VAL E 502 27.88 -27.37 57.50
N ILE E 503 29.00 -27.01 56.87
CA ILE E 503 30.26 -26.90 57.60
C ILE E 503 30.16 -25.83 58.68
N TRP E 504 29.58 -24.67 58.35
CA TRP E 504 29.45 -23.60 59.32
C TRP E 504 28.36 -23.85 60.34
N GLY E 505 27.53 -24.88 60.14
CA GLY E 505 26.48 -25.19 61.09
C GLY E 505 25.27 -24.29 61.02
N ILE E 506 25.08 -23.59 59.90
CA ILE E 506 24.04 -22.57 59.79
C ILE E 506 22.89 -23.10 58.95
N ASN E 507 21.81 -22.34 58.92
CA ASN E 507 20.63 -22.65 58.11
C ASN E 507 20.76 -21.87 56.80
N SER E 508 20.92 -22.61 55.70
CA SER E 508 21.10 -22.02 54.38
C SER E 508 19.79 -21.78 53.66
N PHE E 509 18.65 -22.00 54.30
CA PHE E 509 17.37 -21.96 53.61
C PHE E 509 16.37 -21.01 54.24
N ASP E 510 16.75 -20.29 55.30
CA ASP E 510 15.90 -19.26 55.89
C ASP E 510 16.49 -17.89 55.58
N GLN E 511 15.62 -16.88 55.55
CA GLN E 511 16.04 -15.49 55.38
C GLN E 511 15.27 -14.64 56.41
N TRP E 512 15.82 -14.55 57.61
CA TRP E 512 15.20 -13.78 58.68
C TRP E 512 15.73 -12.37 58.77
N GLY E 513 16.77 -12.03 58.01
CA GLY E 513 17.37 -10.72 58.01
C GLY E 513 16.73 -9.73 57.08
N VAL E 514 15.55 -10.03 56.55
CA VAL E 514 14.85 -9.17 55.60
C VAL E 514 13.53 -8.67 56.16
N GLU E 515 13.19 -9.02 57.40
CA GLU E 515 11.91 -8.60 57.98
C GLU E 515 11.97 -7.23 58.63
N LEU E 516 13.07 -6.95 59.34
CA LEU E 516 13.22 -5.66 59.99
C LEU E 516 13.19 -4.52 58.98
N GLY E 517 13.86 -4.71 57.84
CA GLY E 517 13.82 -3.71 56.80
C GLY E 517 12.40 -3.46 56.30
N LYS E 518 11.59 -4.53 56.23
CA LYS E 518 10.20 -4.38 55.78
C LYS E 518 9.39 -3.57 56.78
N GLU E 519 9.50 -3.90 58.07
CA GLU E 519 8.76 -3.15 59.08
C GLU E 519 9.18 -1.68 59.10
N LEU E 520 10.50 -1.44 59.05
CA LEU E 520 10.97 -0.06 59.03
C LEU E 520 10.57 0.65 57.74
N GLY E 521 10.41 -0.10 56.64
CA GLY E 521 9.93 0.52 55.42
C GLY E 521 8.50 0.99 55.52
N LYS E 522 7.64 0.17 56.15
CA LYS E 522 6.28 0.62 56.41
C LYS E 522 6.27 1.87 57.29
N ASN E 523 7.09 1.87 58.34
CA ASN E 523 7.15 3.04 59.23
C ASN E 523 7.63 4.28 58.48
N VAL E 524 8.68 4.13 57.68
CA VAL E 524 9.25 5.29 56.97
C VAL E 524 8.28 5.79 55.91
N TYR E 525 7.57 4.89 55.23
CA TYR E 525 6.58 5.32 54.26
C TYR E 525 5.45 6.10 54.92
N GLY E 526 4.96 5.60 56.06
CA GLY E 526 3.95 6.34 56.80
C GLY E 526 4.44 7.71 57.23
N ARG E 527 5.72 7.81 57.60
CA ARG E 527 6.28 9.11 57.97
C ARG E 527 6.40 10.03 56.76
N LEU E 528 6.76 9.47 55.59
CA LEU E 528 6.93 10.28 54.39
C LEU E 528 5.61 10.84 53.90
N THR E 529 4.54 10.04 53.94
CA THR E 529 3.30 10.47 53.30
C THR E 529 2.42 11.30 54.22
N SER E 530 2.27 10.90 55.48
CA SER E 530 1.35 11.57 56.39
C SER E 530 1.89 12.95 56.77
N TYR E 531 0.96 13.83 57.15
CA TYR E 531 1.32 15.21 57.49
C TYR E 531 1.84 15.32 58.92
N GLU E 532 1.01 14.99 59.90
CA GLU E 532 1.39 15.08 61.31
C GLU E 532 1.80 13.69 61.77
N ALA E 533 3.07 13.36 61.55
CA ALA E 533 3.63 12.08 61.93
C ALA E 533 4.64 12.26 63.07
N PRO E 534 4.78 11.28 63.95
CA PRO E 534 5.77 11.38 65.02
C PRO E 534 7.18 11.35 64.46
N PRO E 535 8.17 11.80 65.23
CA PRO E 535 9.56 11.71 64.77
C PRO E 535 10.00 10.26 64.62
N ALA E 536 10.95 10.03 63.73
CA ALA E 536 11.50 8.70 63.53
C ALA E 536 12.36 8.30 64.73
N GLU E 537 12.74 7.03 64.77
CA GLU E 537 13.49 6.50 65.91
C GLU E 537 14.85 7.16 66.03
N ASP E 538 15.52 7.39 64.91
CA ASP E 538 16.82 8.03 64.90
C ASP E 538 16.73 9.37 64.15
N SER E 539 17.66 10.27 64.49
CA SER E 539 17.69 11.58 63.86
C SER E 539 18.15 11.51 62.41
N SER E 540 18.88 10.47 62.02
CA SER E 540 19.31 10.34 60.63
C SER E 540 18.14 10.02 59.70
N THR E 541 17.32 9.04 60.10
CA THR E 541 16.13 8.72 59.31
C THR E 541 15.15 9.89 59.31
N GLN E 542 15.02 10.57 60.45
CA GLN E 542 14.16 11.74 60.50
C GLN E 542 14.66 12.85 59.58
N GLY E 543 15.98 13.06 59.55
CA GLY E 543 16.54 14.07 58.66
C GLY E 543 16.36 13.73 57.20
N LEU E 544 16.49 12.44 56.86
CA LEU E 544 16.25 12.02 55.49
C LEU E 544 14.79 12.16 55.10
N ILE E 545 13.88 11.88 56.04
CA ILE E 545 12.46 12.09 55.82
C ILE E 545 12.17 13.58 55.60
N ASP E 546 12.81 14.44 56.38
CA ASP E 546 12.62 15.88 56.21
C ASP E 546 13.19 16.36 54.88
N TYR E 547 14.33 15.82 54.47
CA TYR E 547 14.90 16.15 53.16
C TYR E 547 13.95 15.75 52.05
N PHE E 548 13.30 14.59 52.18
CA PHE E 548 12.29 14.20 51.21
C PHE E 548 11.11 15.17 51.24
N ARG E 549 10.62 15.50 52.44
CA ARG E 549 9.42 16.31 52.56
C ARG E 549 9.67 17.75 52.12
N GLY E 550 10.88 18.25 52.29
CA GLY E 550 11.24 19.57 51.83
C GLY E 550 11.47 19.70 50.36
N ARG E 551 11.31 18.61 49.60
CA ARG E 551 11.54 18.64 48.17
C ARG E 551 10.48 17.91 47.36
N HIS E 552 9.61 17.12 47.96
CA HIS E 552 8.65 16.32 47.22
C HIS E 552 7.37 17.11 47.00
N ARG E 553 6.80 16.96 45.81
CA ARG E 553 5.56 17.63 45.45
C ARG E 553 4.61 16.67 44.74
N TYR F 3 54.02 14.59 47.34
CA TYR F 3 53.59 13.29 47.85
C TYR F 3 53.93 12.18 46.86
N TYR F 4 54.10 12.55 45.59
CA TYR F 4 54.47 11.61 44.56
C TYR F 4 55.98 11.47 44.38
N GLN F 5 56.78 12.28 45.08
CA GLN F 5 58.23 12.19 45.04
C GLN F 5 58.82 11.64 46.31
N GLN F 6 58.46 12.20 47.46
CA GLN F 6 58.90 11.71 48.76
C GLN F 6 57.78 10.89 49.37
N ALA F 7 58.01 9.59 49.55
CA ALA F 7 57.01 8.69 50.11
C ALA F 7 57.43 8.31 51.52
N PHE F 8 56.51 8.46 52.46
CA PHE F 8 56.69 8.09 53.85
C PHE F 8 55.78 6.92 54.21
N ASP F 9 55.90 6.46 55.45
CA ASP F 9 55.06 5.39 55.96
C ASP F 9 53.88 6.03 56.70
N VAL F 10 52.68 5.87 56.16
CA VAL F 10 51.51 6.51 56.74
C VAL F 10 51.20 5.96 58.12
N THR F 11 51.56 4.70 58.39
CA THR F 11 51.30 4.11 59.69
C THR F 11 52.19 4.69 60.79
N SER F 12 53.25 5.40 60.43
CA SER F 12 54.12 6.05 61.40
C SER F 12 53.68 7.46 61.76
N LEU F 13 52.66 7.99 61.10
CA LEU F 13 52.17 9.32 61.42
C LEU F 13 51.54 9.31 62.82
N PRO F 14 51.70 10.40 63.58
CA PRO F 14 51.04 10.47 64.90
C PRO F 14 49.53 10.40 64.81
N SER F 15 48.95 10.92 63.72
CA SER F 15 47.51 10.81 63.53
C SER F 15 47.08 9.36 63.35
N TRP F 16 47.91 8.57 62.65
CA TRP F 16 47.59 7.15 62.50
C TRP F 16 47.58 6.44 63.85
N ARG F 17 48.58 6.70 64.69
CA ARG F 17 48.63 6.07 66.00
C ARG F 17 47.48 6.54 66.88
N ALA F 18 47.11 7.82 66.79
CA ALA F 18 45.94 8.31 67.50
C ALA F 18 44.68 7.60 67.02
N LEU F 19 44.61 7.30 65.72
CA LEU F 19 43.46 6.56 65.19
C LEU F 19 43.45 5.13 65.69
N GLN F 20 44.63 4.50 65.85
CA GLN F 20 44.67 3.17 66.45
C GLN F 20 44.16 3.20 67.88
N GLU F 21 44.59 4.18 68.66
CA GLU F 21 44.12 4.28 70.04
C GLU F 21 42.61 4.55 70.09
N HIS F 22 42.12 5.39 69.19
CA HIS F 22 40.69 5.67 69.13
C HIS F 22 39.91 4.44 68.69
N ARG F 23 40.46 3.63 67.80
CA ARG F 23 39.81 2.39 67.42
C ARG F 23 39.73 1.43 68.59
N LEU F 24 40.81 1.34 69.37
CA LEU F 24 40.77 0.54 70.60
C LEU F 24 39.67 1.04 71.53
N ALA F 25 39.53 2.36 71.67
CA ALA F 25 38.50 2.92 72.55
C ALA F 25 37.11 2.68 72.00
N MET F 26 36.94 2.76 70.68
CA MET F 26 35.65 2.66 70.01
C MET F 26 35.24 1.23 69.72
N GLN F 27 36.09 0.25 70.07
CA GLN F 27 35.74 -1.16 69.96
C GLN F 27 34.30 -1.47 70.37
N ASN F 28 33.84 -0.90 71.49
CA ASN F 28 32.52 -1.19 72.02
C ASN F 28 31.45 -0.20 71.56
N PHE F 29 31.77 0.71 70.66
CA PHE F 29 30.83 1.73 70.22
C PHE F 29 29.66 1.09 69.47
N HIS F 30 28.45 1.55 69.77
CA HIS F 30 27.25 1.14 69.05
C HIS F 30 26.52 2.38 68.57
N MET F 31 26.13 2.39 67.29
CA MET F 31 25.50 3.57 66.71
C MET F 31 24.13 3.84 67.30
N ARG F 32 23.42 2.80 67.72
CA ARG F 32 22.09 3.01 68.32
C ARG F 32 22.19 3.84 69.59
N GLU F 33 23.15 3.49 70.46
CA GLU F 33 23.35 4.25 71.69
C GLU F 33 23.77 5.68 71.39
N ALA F 34 24.61 5.87 70.36
CA ALA F 34 25.01 7.21 69.97
C ALA F 34 23.84 8.02 69.42
N PHE F 35 22.82 7.34 68.89
CA PHE F 35 21.67 8.05 68.35
C PHE F 35 20.62 8.36 69.42
N LEU F 36 20.45 7.48 70.42
CA LEU F 36 19.54 7.84 71.51
C LEU F 36 20.18 8.86 72.45
N SER F 37 21.50 8.96 72.48
CA SER F 37 22.20 9.88 73.37
C SER F 37 22.62 11.17 72.67
N ASP F 38 22.17 11.40 71.43
CA ASP F 38 22.52 12.62 70.70
C ASP F 38 21.47 12.89 69.65
N PRO F 39 20.46 13.69 69.99
CA PRO F 39 19.43 14.05 68.99
C PRO F 39 19.97 14.88 67.84
N GLY F 40 21.13 15.51 67.99
CA GLY F 40 21.70 16.32 66.93
C GLY F 40 22.80 15.60 66.15
N ARG F 41 22.79 14.26 66.20
CA ARG F 41 23.82 13.49 65.51
C ARG F 41 23.71 13.66 63.99
N PHE F 42 22.49 13.67 63.46
CA PHE F 42 22.32 13.85 62.02
C PHE F 42 22.82 15.22 61.57
N ASP F 43 22.52 16.26 62.33
CA ASP F 43 22.97 17.61 61.98
C ASP F 43 24.49 17.70 62.02
N GLU F 44 25.10 17.08 63.03
CA GLU F 44 26.55 17.14 63.16
C GLU F 44 27.24 16.37 62.04
N PHE F 45 26.65 15.25 61.61
CA PHE F 45 27.32 14.36 60.67
C PHE F 45 26.60 14.29 59.34
N SER F 46 26.20 15.44 58.81
CA SER F 46 25.67 15.54 57.46
C SER F 46 26.20 16.80 56.82
N THR F 47 26.26 16.80 55.50
CA THR F 47 26.81 17.92 54.75
C THR F 47 26.13 17.99 53.40
N SER F 48 26.26 19.14 52.74
CA SER F 48 25.64 19.36 51.45
C SER F 48 26.65 20.02 50.52
N SER F 49 26.47 19.78 49.22
CA SER F 49 27.33 20.38 48.21
C SER F 49 26.61 20.29 46.88
N CYS F 50 26.29 21.45 46.30
CA CYS F 50 25.56 21.54 45.03
C CYS F 50 24.20 20.88 45.26
N GLY F 51 23.78 19.94 44.43
CA GLY F 51 22.55 19.21 44.66
C GLY F 51 22.72 17.93 45.44
N LEU F 52 23.92 17.64 45.94
CA LEU F 52 24.20 16.41 46.66
C LEU F 52 24.12 16.65 48.15
N PHE F 53 23.54 15.69 48.87
CA PHE F 53 23.47 15.72 50.32
C PHE F 53 24.05 14.41 50.85
N LEU F 54 25.08 14.50 51.68
CA LEU F 54 25.71 13.33 52.28
C LEU F 54 25.31 13.25 53.75
N ASP F 55 24.61 12.17 54.09
CA ASP F 55 24.36 11.81 55.49
C ASP F 55 25.33 10.69 55.85
N TYR F 56 26.27 11.00 56.75
CA TYR F 56 27.23 10.01 57.23
C TYR F 56 27.16 9.86 58.74
N SER F 57 25.97 10.06 59.31
CA SER F 57 25.78 9.89 60.75
C SER F 57 25.70 8.42 61.15
N LYS F 58 25.20 7.56 60.26
CA LYS F 58 25.15 6.12 60.53
C LYS F 58 26.51 5.47 60.26
N ASN F 59 27.52 6.00 60.96
CA ASN F 59 28.88 5.52 60.84
C ASN F 59 29.45 5.28 62.22
N LEU F 60 30.46 4.43 62.30
CA LEU F 60 31.13 4.12 63.56
C LEU F 60 32.12 5.24 63.88
N ILE F 61 31.56 6.43 64.11
CA ILE F 61 32.35 7.62 64.38
C ILE F 61 31.71 8.41 65.51
N THR F 62 32.53 9.22 66.15
CA THR F 62 32.13 10.25 67.09
C THR F 62 32.70 11.55 66.53
N PRO F 63 32.41 12.72 67.13
CA PRO F 63 33.14 13.92 66.70
C PRO F 63 34.64 13.78 66.82
N GLU F 64 35.12 13.06 67.84
CA GLU F 64 36.55 12.80 67.97
C GLU F 64 37.07 11.98 66.80
N THR F 65 36.28 10.99 66.35
CA THR F 65 36.70 10.18 65.21
C THR F 65 36.85 11.02 63.95
N ARG F 66 35.89 11.91 63.69
CA ARG F 66 35.99 12.78 62.53
C ARG F 66 37.18 13.73 62.66
N ASP F 67 37.41 14.23 63.87
CA ASP F 67 38.58 15.09 64.09
C ASP F 67 39.87 14.35 63.77
N LEU F 68 40.00 13.11 64.24
CA LEU F 68 41.22 12.34 64.00
C LEU F 68 41.38 11.95 62.54
N LEU F 69 40.28 11.61 61.87
CA LEU F 69 40.36 11.29 60.44
C LEU F 69 40.75 12.51 59.62
N VAL F 70 40.20 13.67 59.95
CA VAL F 70 40.60 14.91 59.27
C VAL F 70 42.06 15.22 59.56
N ASN F 71 42.52 14.95 60.79
CA ASN F 71 43.92 15.13 61.13
C ASN F 71 44.82 14.24 60.30
N LEU F 72 44.43 12.97 60.11
CA LEU F 72 45.22 12.07 59.27
C LEU F 72 45.23 12.54 57.83
N ALA F 73 44.09 13.02 57.33
CA ALA F 73 44.06 13.55 55.97
C ALA F 73 44.99 14.75 55.82
N ARG F 74 45.02 15.63 56.82
CA ARG F 74 45.93 16.76 56.79
C ARG F 74 47.39 16.33 56.85
N GLU F 75 47.71 15.39 57.75
CA GLU F 75 49.09 14.94 57.93
C GLU F 75 49.61 14.22 56.70
N ALA F 76 48.75 13.46 56.01
CA ALA F 76 49.15 12.80 54.78
C ALA F 76 49.34 13.80 53.63
N GLY F 77 48.82 15.01 53.77
CA GLY F 77 48.98 16.01 52.73
C GLY F 77 47.96 15.94 51.63
N VAL F 78 46.68 15.74 51.97
CA VAL F 78 45.64 15.60 50.96
C VAL F 78 45.43 16.93 50.23
N GLU F 79 45.49 18.04 50.97
CA GLU F 79 45.26 19.35 50.35
C GLU F 79 46.36 19.68 49.33
N GLN F 80 47.61 19.50 49.71
CA GLN F 80 48.71 19.78 48.80
C GLN F 80 48.72 18.81 47.62
N ALA F 81 48.36 17.54 47.87
CA ALA F 81 48.29 16.57 46.79
C ALA F 81 47.19 16.93 45.80
N ALA F 82 46.04 17.38 46.31
CA ALA F 82 44.96 17.83 45.43
C ALA F 82 45.38 19.05 44.63
N ARG F 83 46.11 19.97 45.26
CA ARG F 83 46.63 21.13 44.53
C ARG F 83 47.56 20.68 43.41
N ALA F 84 48.45 19.73 43.70
CA ALA F 84 49.38 19.24 42.69
C ALA F 84 48.65 18.55 41.54
N MET F 85 47.65 17.73 41.86
CA MET F 85 46.90 17.05 40.80
C MET F 85 46.11 18.03 39.95
N PHE F 86 45.44 19.00 40.59
CA PHE F 86 44.65 19.97 39.85
C PHE F 86 45.51 20.91 39.03
N ASP F 87 46.75 21.15 39.46
CA ASP F 87 47.61 22.12 38.82
C ASP F 87 48.44 21.54 37.69
N GLY F 88 48.39 20.24 37.45
CA GLY F 88 49.11 19.62 36.36
C GLY F 88 50.45 19.01 36.73
N GLU F 89 50.76 18.88 38.01
CA GLU F 89 51.99 18.22 38.41
C GLU F 89 51.93 16.73 38.06
N PRO F 90 53.06 16.12 37.73
CA PRO F 90 53.05 14.70 37.37
C PRO F 90 52.79 13.79 38.56
N VAL F 91 51.53 13.75 39.01
CA VAL F 91 51.17 12.93 40.17
C VAL F 91 51.22 11.45 39.85
N ASN F 92 51.13 11.08 38.58
CA ASN F 92 51.37 9.71 38.13
C ASN F 92 52.88 9.51 38.06
N ALA F 93 53.48 9.26 39.23
CA ALA F 93 54.93 9.21 39.33
C ALA F 93 55.51 8.05 38.52
N SER F 94 54.85 6.89 38.56
CA SER F 94 55.38 5.72 37.87
C SER F 94 55.45 5.95 36.37
N GLU F 95 54.41 6.55 35.78
CA GLU F 95 54.38 6.83 34.36
C GLU F 95 54.88 8.23 34.02
N ARG F 96 55.22 9.04 35.02
CA ARG F 96 55.73 10.39 34.81
C ARG F 96 54.74 11.24 34.03
N ARG F 97 53.47 11.17 34.39
CA ARG F 97 52.42 11.90 33.71
C ARG F 97 51.59 12.67 34.73
N PRO F 98 50.95 13.76 34.30
CA PRO F 98 49.91 14.37 35.12
C PRO F 98 48.60 13.61 35.00
N ALA F 99 47.75 13.81 35.99
CA ALA F 99 46.39 13.24 36.00
C ALA F 99 45.42 14.42 35.91
N LEU F 100 44.96 14.71 34.70
CA LEU F 100 44.21 15.92 34.45
C LEU F 100 42.81 15.62 33.91
N HIS F 101 42.11 14.67 34.54
CA HIS F 101 40.70 14.45 34.21
C HIS F 101 39.84 15.62 34.65
N THR F 102 40.25 16.33 35.71
CA THR F 102 39.52 17.50 36.14
C THR F 102 39.56 18.60 35.08
N ALA F 103 40.69 18.71 34.37
CA ALA F 103 40.81 19.70 33.32
C ALA F 103 39.74 19.53 32.25
N LEU F 104 39.26 18.30 32.03
CA LEU F 104 38.24 18.05 31.03
C LEU F 104 36.91 18.71 31.37
N ARG F 105 36.71 19.13 32.61
CA ARG F 105 35.46 19.74 33.04
C ARG F 105 35.58 21.24 33.27
N ARG F 106 36.78 21.79 33.12
CA ARG F 106 36.97 23.22 33.31
C ARG F 106 36.31 24.00 32.16
N PRO F 107 35.85 25.21 32.43
CA PRO F 107 35.26 26.03 31.38
C PRO F 107 36.35 26.74 30.55
N VAL F 108 35.88 27.43 29.50
CA VAL F 108 36.79 28.02 28.53
C VAL F 108 37.65 29.12 29.12
N GLY F 109 37.24 29.71 30.25
CA GLY F 109 38.05 30.75 30.86
C GLY F 109 39.22 30.27 31.67
N ASP F 110 39.35 28.95 31.84
CA ASP F 110 40.46 28.38 32.61
C ASP F 110 41.61 28.01 31.69
N SER F 111 42.83 28.27 32.15
CA SER F 111 44.03 27.97 31.39
C SER F 111 44.94 27.10 32.24
N LEU F 112 45.47 26.04 31.64
CA LEU F 112 46.38 25.12 32.32
C LEU F 112 47.57 24.89 31.41
N LEU F 113 48.75 25.29 31.86
CA LEU F 113 49.97 25.18 31.07
C LEU F 113 50.72 23.92 31.46
N ILE F 114 50.90 23.03 30.49
CA ILE F 114 51.67 21.80 30.66
C ILE F 114 52.82 21.87 29.67
N ASP F 115 54.05 21.96 30.18
CA ASP F 115 55.24 22.17 29.36
C ASP F 115 55.10 23.41 28.48
N GLY F 116 54.53 24.47 29.04
CA GLY F 116 54.37 25.72 28.32
C GLY F 116 53.24 25.74 27.32
N HIS F 117 52.42 24.70 27.27
CA HIS F 117 51.30 24.62 26.33
C HIS F 117 49.98 24.60 27.10
N ASN F 118 49.01 25.35 26.60
CA ASN F 118 47.69 25.44 27.24
C ASN F 118 46.85 24.26 26.77
N ILE F 119 46.71 23.25 27.63
CA ILE F 119 45.96 22.05 27.27
C ILE F 119 44.46 22.30 27.27
N MET F 120 44.01 23.40 27.89
CA MET F 120 42.59 23.72 27.85
C MET F 120 42.14 24.07 26.45
N ARG F 121 43.05 24.58 25.63
CA ARG F 121 42.74 24.77 24.22
C ARG F 121 42.43 23.44 23.54
N ASP F 122 43.21 22.40 23.83
CA ASP F 122 42.90 21.08 23.31
C ASP F 122 41.58 20.56 23.83
N VAL F 123 41.33 20.75 25.13
CA VAL F 123 40.08 20.29 25.74
C VAL F 123 38.88 20.90 25.01
N HIS F 124 38.91 22.21 24.81
CA HIS F 124 37.74 22.87 24.23
C HIS F 124 37.69 22.76 22.72
N ALA F 125 38.82 22.56 22.04
CA ALA F 125 38.77 22.19 20.63
C ALA F 125 38.10 20.83 20.45
N ALA F 126 38.43 19.88 21.31
CA ALA F 126 37.76 18.58 21.28
C ALA F 126 36.28 18.72 21.61
N LEU F 127 35.95 19.59 22.56
CA LEU F 127 34.54 19.82 22.89
C LEU F 127 33.78 20.42 21.71
N ALA F 128 34.38 21.37 21.01
CA ALA F 128 33.74 21.95 19.83
C ALA F 128 33.60 20.93 18.71
N GLN F 129 34.60 20.08 18.53
CA GLN F 129 34.49 19.00 17.55
C GLN F 129 33.33 18.06 17.92
N MET F 130 33.22 17.71 19.20
CA MET F 130 32.13 16.88 19.67
C MET F 130 30.79 17.55 19.40
N THR F 131 30.70 18.86 19.66
CA THR F 131 29.47 19.59 19.40
C THR F 131 29.11 19.54 17.93
N ASP F 132 30.10 19.72 17.05
CA ASP F 132 29.85 19.68 15.62
C ASP F 132 29.28 18.34 15.19
N ILE F 133 29.94 17.24 15.60
CA ILE F 133 29.47 15.93 15.18
C ILE F 133 28.11 15.60 15.79
N VAL F 134 27.89 15.97 17.06
CA VAL F 134 26.61 15.68 17.71
C VAL F 134 25.49 16.46 17.02
N GLY F 135 25.73 17.72 16.68
CA GLY F 135 24.74 18.48 15.95
C GLY F 135 24.47 17.93 14.56
N ARG F 136 25.52 17.46 13.88
CA ARG F 136 25.33 16.86 12.56
C ARG F 136 24.45 15.62 12.65
N ILE F 137 24.76 14.72 13.59
CA ILE F 137 24.04 13.46 13.68
C ILE F 137 22.61 13.68 14.19
N HIS F 138 22.44 14.55 15.18
CA HIS F 138 21.12 14.76 15.77
C HIS F 138 20.16 15.36 14.76
N ASN F 139 20.64 16.26 13.91
CA ASN F 139 19.81 16.91 12.91
C ASN F 139 19.63 16.07 11.65
N LYS F 140 20.01 14.78 11.70
CA LYS F 140 19.93 13.87 10.56
C LYS F 140 20.76 14.37 9.38
N LEU F 141 21.81 15.12 9.66
CA LEU F 141 22.71 15.63 8.63
C LEU F 141 23.90 14.71 8.39
N TRP F 142 23.98 13.60 9.09
CA TRP F 142 25.02 12.59 8.89
C TRP F 142 24.39 11.40 8.17
N ARG F 143 25.01 10.99 7.05
CA ARG F 143 24.46 9.95 6.21
C ARG F 143 25.52 8.91 5.90
N GLY F 144 25.08 7.68 5.68
CA GLY F 144 25.96 6.57 5.40
C GLY F 144 26.29 6.43 3.94
N TYR F 145 26.73 5.22 3.56
CA TYR F 145 27.11 4.96 2.18
C TYR F 145 25.91 4.85 1.26
N SER F 146 24.72 4.61 1.81
CA SER F 146 23.48 4.65 1.04
C SER F 146 22.84 6.03 1.09
N ASP F 147 23.52 7.01 1.69
CA ASP F 147 22.99 8.37 1.85
C ASP F 147 21.68 8.36 2.63
N ARG F 148 21.65 7.58 3.71
CA ARG F 148 20.54 7.56 4.65
C ARG F 148 21.03 7.99 6.02
N ALA F 149 20.15 8.68 6.76
CA ALA F 149 20.53 9.18 8.08
C ALA F 149 20.84 8.02 9.03
N ILE F 150 21.82 8.24 9.89
CA ILE F 150 22.24 7.24 10.86
C ILE F 150 21.44 7.43 12.14
N THR F 151 21.05 6.32 12.77
CA THR F 151 20.32 6.38 14.03
C THR F 151 20.84 5.35 15.04
N ASP F 152 21.98 4.72 14.77
CA ASP F 152 22.58 3.75 15.66
C ASP F 152 24.08 4.04 15.77
N VAL F 153 24.51 4.50 16.94
CA VAL F 153 25.91 4.77 17.22
C VAL F 153 26.43 3.66 18.12
N VAL F 154 27.45 2.96 17.65
CA VAL F 154 28.01 1.82 18.37
C VAL F 154 29.43 2.18 18.78
N ASN F 155 29.69 2.14 20.09
CA ASN F 155 31.00 2.45 20.64
C ASN F 155 31.77 1.15 20.82
N ILE F 156 32.82 0.96 20.02
CA ILE F 156 33.71 -0.18 20.13
C ILE F 156 34.86 0.24 21.05
N GLY F 157 34.79 -0.17 22.31
CA GLY F 157 35.82 0.15 23.26
C GLY F 157 35.62 -0.63 24.54
N ILE F 158 36.71 -0.76 25.30
CA ILE F 158 36.73 -1.56 26.52
C ILE F 158 37.27 -0.71 27.66
N GLY F 159 36.99 -1.16 28.87
CA GLY F 159 37.48 -0.49 30.07
C GLY F 159 36.91 0.91 30.23
N GLY F 160 37.80 1.90 30.32
CA GLY F 160 37.36 3.27 30.45
C GLY F 160 36.60 3.81 29.26
N SER F 161 36.79 3.19 28.09
CA SER F 161 36.04 3.56 26.89
C SER F 161 34.64 2.97 26.87
N TYR F 162 34.30 2.13 27.85
CA TYR F 162 33.02 1.44 27.87
C TYR F 162 32.18 1.75 29.09
N LEU F 163 32.77 1.73 30.28
CA LEU F 163 31.97 1.70 31.50
C LEU F 163 31.40 3.06 31.86
N GLY F 164 32.23 4.10 31.87
CA GLY F 164 31.77 5.43 32.19
C GLY F 164 30.76 5.99 31.21
N PRO F 165 31.08 5.93 29.91
CA PRO F 165 30.09 6.36 28.90
C PRO F 165 28.76 5.62 28.98
N GLU F 166 28.80 4.30 29.18
CA GLU F 166 27.57 3.53 29.27
C GLU F 166 26.78 3.89 30.52
N LEU F 167 27.50 4.11 31.64
CA LEU F 167 26.85 4.59 32.85
C LEU F 167 26.11 5.90 32.61
N VAL F 168 26.79 6.88 32.03
CA VAL F 168 26.15 8.18 31.87
C VAL F 168 25.01 8.09 30.87
N SER F 169 25.15 7.24 29.85
CA SER F 169 24.06 7.03 28.89
C SER F 169 22.83 6.43 29.55
N GLU F 170 23.02 5.44 30.43
CA GLU F 170 21.88 4.79 31.06
C GLU F 170 21.25 5.66 32.13
N ALA F 171 22.07 6.34 32.93
CA ALA F 171 21.54 7.15 34.03
C ALA F 171 20.77 8.36 33.52
N LEU F 172 21.23 8.94 32.41
CA LEU F 172 20.61 10.13 31.83
C LEU F 172 19.63 9.79 30.72
N LEU F 173 18.98 8.62 30.82
CA LEU F 173 17.99 8.24 29.83
C LEU F 173 16.82 9.21 29.72
N PRO F 174 16.24 9.74 30.80
CA PRO F 174 15.15 10.73 30.64
C PRO F 174 15.56 11.98 29.89
N TYR F 175 16.84 12.15 29.57
CA TYR F 175 17.34 13.31 28.84
C TYR F 175 17.83 12.91 27.44
N THR F 176 17.31 11.81 26.91
CA THR F 176 17.72 11.32 25.61
C THR F 176 16.68 11.62 24.54
N VAL F 180 18.66 8.92 18.32
CA VAL F 180 19.89 8.17 18.13
C VAL F 180 20.12 7.22 19.30
N ARG F 181 20.26 5.94 19.00
CA ARG F 181 20.44 4.90 20.01
C ARG F 181 21.92 4.55 20.11
N CYS F 182 22.43 4.51 21.33
CA CYS F 182 23.83 4.21 21.59
C CYS F 182 23.97 2.78 22.11
N HIS F 183 24.83 2.00 21.45
CA HIS F 183 25.17 0.66 21.85
C HIS F 183 26.66 0.59 22.15
N TYR F 184 27.04 -0.42 22.94
CA TYR F 184 28.42 -0.59 23.34
C TYR F 184 28.89 -1.99 23.03
N LEU F 185 30.13 -2.11 22.54
CA LEU F 185 30.72 -3.37 22.10
C LEU F 185 32.11 -3.46 22.72
N ALA F 186 32.19 -4.12 23.87
CA ALA F 186 33.44 -4.23 24.63
C ALA F 186 34.05 -5.63 24.59
N ASN F 187 33.25 -6.65 24.86
CA ASN F 187 33.78 -8.00 25.00
C ASN F 187 34.31 -8.53 23.68
N ILE F 188 35.46 -9.20 23.73
CA ILE F 188 35.96 -9.93 22.57
C ILE F 188 35.12 -11.14 22.25
N ASP F 189 34.25 -11.56 23.16
CA ASP F 189 33.28 -12.61 22.90
C ASP F 189 32.49 -12.30 21.64
N GLY F 190 32.63 -13.18 20.63
CA GLY F 190 31.93 -12.98 19.38
C GLY F 190 30.43 -13.02 19.52
N SER F 191 29.92 -13.63 20.57
CA SER F 191 28.47 -13.66 20.80
C SER F 191 27.93 -12.26 21.06
N GLU F 192 28.69 -11.42 21.77
CA GLU F 192 28.28 -10.04 21.97
C GLU F 192 28.23 -9.29 20.64
N PHE F 193 29.22 -9.48 19.79
CA PHE F 193 29.22 -8.83 18.48
C PHE F 193 28.05 -9.30 17.64
N HIS F 194 27.74 -10.60 17.67
CA HIS F 194 26.61 -11.13 16.93
C HIS F 194 25.30 -10.55 17.44
N GLU F 195 25.12 -10.50 18.76
CA GLU F 195 23.90 -9.95 19.32
C GLU F 195 23.75 -8.47 18.97
N LEU F 196 24.85 -7.74 18.98
CA LEU F 196 24.81 -6.32 18.65
C LEU F 196 24.45 -6.11 17.18
N THR F 197 25.16 -6.79 16.26
CA THR F 197 24.92 -6.60 14.84
C THR F 197 23.62 -7.24 14.37
N ALA F 198 22.97 -8.06 15.20
CA ALA F 198 21.64 -8.56 14.85
C ALA F 198 20.59 -7.46 14.87
N ARG F 199 20.90 -6.28 15.40
CA ARG F 199 19.97 -5.16 15.43
C ARG F 199 20.47 -3.96 14.63
N LEU F 200 21.52 -4.13 13.83
CA LEU F 200 22.18 -3.02 13.15
C LEU F 200 22.08 -3.18 11.64
N ASN F 201 21.93 -2.05 10.95
CA ASN F 201 22.03 -1.97 9.50
C ASN F 201 23.32 -1.26 9.15
N ALA F 202 24.09 -1.84 8.23
CA ALA F 202 25.38 -1.25 7.88
C ALA F 202 25.23 0.10 7.21
N GLU F 203 24.11 0.34 6.52
CA GLU F 203 23.84 1.64 5.94
C GLU F 203 23.52 2.69 6.99
N THR F 204 23.24 2.29 8.23
CA THR F 204 22.69 3.18 9.24
C THR F 204 23.56 3.27 10.49
N THR F 205 24.48 2.35 10.70
CA THR F 205 25.27 2.29 11.93
C THR F 205 26.58 3.04 11.79
N LEU F 206 26.89 3.87 12.78
CA LEU F 206 28.16 4.57 12.85
C LEU F 206 28.97 4.02 14.02
N PHE F 207 30.22 3.66 13.77
CA PHE F 207 31.06 3.02 14.77
C PHE F 207 32.10 4.01 15.27
N ILE F 208 32.20 4.14 16.59
CA ILE F 208 33.24 4.93 17.25
C ILE F 208 34.26 3.95 17.81
N ILE F 209 35.46 3.93 17.23
CA ILE F 209 36.54 3.09 17.73
C ILE F 209 37.28 3.89 18.81
N SER F 210 37.15 3.45 20.06
CA SER F 210 37.75 4.15 21.20
C SER F 210 38.92 3.33 21.72
N SER F 211 40.11 3.66 21.24
CA SER F 211 41.34 3.00 21.70
C SER F 211 42.46 4.03 21.76
N LYS F 212 43.14 4.10 22.90
CA LYS F 212 44.20 5.08 23.08
C LYS F 212 45.32 4.88 22.07
N THR F 213 46.00 3.74 22.14
CA THR F 213 47.09 3.42 21.23
C THR F 213 46.57 2.95 19.86
N PHE F 214 45.28 2.65 19.75
CA PHE F 214 44.71 2.01 18.57
C PHE F 214 45.37 0.66 18.30
N GLY F 215 45.73 -0.03 19.37
CA GLY F 215 46.39 -1.32 19.27
C GLY F 215 45.87 -2.31 20.31
N THR F 216 44.87 -1.90 21.08
CA THR F 216 44.28 -2.77 22.07
C THR F 216 43.69 -4.01 21.40
N LEU F 217 43.98 -5.18 21.96
CA LEU F 217 43.63 -6.44 21.30
C LEU F 217 42.13 -6.55 21.05
N GLU F 218 41.34 -6.53 22.12
CA GLU F 218 39.90 -6.75 21.98
C GLU F 218 39.25 -5.63 21.18
N THR F 219 39.63 -4.38 21.44
CA THR F 219 39.06 -3.26 20.70
C THR F 219 39.38 -3.35 19.21
N LEU F 220 40.63 -3.65 18.87
CA LEU F 220 40.99 -3.78 17.47
C LEU F 220 40.28 -4.96 16.81
N LYS F 221 40.18 -6.09 17.52
CA LYS F 221 39.49 -7.24 16.94
C LYS F 221 38.02 -6.92 16.66
N ASN F 222 37.35 -6.26 17.60
CA ASN F 222 35.97 -5.88 17.38
C ASN F 222 35.85 -4.83 16.28
N ALA F 223 36.82 -3.92 16.17
CA ALA F 223 36.80 -2.93 15.10
C ALA F 223 36.95 -3.57 13.73
N GLN F 224 37.89 -4.51 13.59
CA GLN F 224 38.05 -5.20 12.31
C GLN F 224 36.85 -6.09 12.02
N ALA F 225 36.24 -6.69 13.04
CA ALA F 225 35.00 -7.44 12.82
C ALA F 225 33.90 -6.53 12.30
N ALA F 226 33.77 -5.34 12.89
CA ALA F 226 32.76 -4.38 12.43
C ALA F 226 33.05 -3.91 11.01
N ARG F 227 34.32 -3.66 10.69
CA ARG F 227 34.68 -3.25 9.33
C ARG F 227 34.39 -4.34 8.33
N THR F 228 34.69 -5.59 8.67
CA THR F 228 34.38 -6.70 7.78
C THR F 228 32.87 -6.86 7.62
N TRP F 229 32.12 -6.68 8.70
CA TRP F 229 30.66 -6.74 8.63
C TRP F 229 30.11 -5.64 7.72
N TYR F 230 30.67 -4.44 7.82
CA TYR F 230 30.22 -3.33 6.98
C TYR F 230 30.56 -3.56 5.51
N LEU F 231 31.78 -4.04 5.24
CA LEU F 231 32.19 -4.31 3.86
C LEU F 231 31.36 -5.43 3.24
N ALA F 232 31.11 -6.49 4.01
CA ALA F 232 30.35 -7.63 3.51
C ALA F 232 28.85 -7.42 3.59
N SER F 233 28.39 -6.31 4.17
CA SER F 233 26.98 -5.97 4.18
C SER F 233 26.59 -5.03 3.05
N GLY F 234 27.51 -4.71 2.14
CA GLY F 234 27.24 -3.85 1.02
C GLY F 234 28.00 -2.55 1.00
N GLY F 235 28.65 -2.17 2.10
CA GLY F 235 29.38 -0.92 2.12
C GLY F 235 30.64 -0.98 1.30
N SER F 236 31.07 0.19 0.83
CA SER F 236 32.22 0.31 -0.05
C SER F 236 33.43 0.86 0.68
N GLU F 237 34.61 0.42 0.26
CA GLU F 237 35.84 0.78 0.96
C GLU F 237 36.13 2.28 0.87
N GLU F 238 35.93 2.88 -0.29
CA GLU F 238 36.23 4.29 -0.47
C GLU F 238 35.26 5.20 0.29
N ARG F 239 34.08 4.68 0.65
CA ARG F 239 33.05 5.46 1.33
C ARG F 239 32.94 5.07 2.80
N LEU F 240 33.88 4.26 3.30
CA LEU F 240 33.84 3.76 4.68
C LEU F 240 33.85 4.89 5.70
N TYR F 241 34.38 6.05 5.34
CA TYR F 241 34.60 7.14 6.31
C TYR F 241 33.32 7.60 7.00
N ARG F 242 32.15 7.38 6.40
CA ARG F 242 30.92 7.83 7.02
C ARG F 242 30.38 6.87 8.08
N HIS F 243 31.05 5.73 8.31
CA HIS F 243 30.59 4.78 9.30
C HIS F 243 31.60 4.49 10.39
N PHE F 244 32.75 5.14 10.37
CA PHE F 244 33.82 4.85 11.33
C PHE F 244 34.51 6.15 11.71
N ILE F 245 34.25 6.62 12.93
CA ILE F 245 35.05 7.66 13.55
C ILE F 245 35.85 7.02 14.67
N ALA F 246 36.88 7.72 15.11
CA ALA F 246 37.78 7.18 16.13
C ALA F 246 38.06 8.22 17.19
N VAL F 247 38.22 7.77 18.42
CA VAL F 247 38.77 8.56 19.51
C VAL F 247 40.09 7.91 19.88
N THR F 248 41.20 8.53 19.48
CA THR F 248 42.48 7.85 19.61
C THR F 248 43.62 8.86 19.64
N SER F 249 44.74 8.43 20.22
CA SER F 249 45.99 9.15 20.12
C SER F 249 46.84 8.71 18.93
N ASN F 250 46.41 7.67 18.21
CA ASN F 250 47.11 7.17 17.04
C ASN F 250 46.32 7.62 15.81
N ILE F 251 46.57 8.85 15.38
CA ILE F 251 45.95 9.36 14.16
C ILE F 251 46.33 8.53 12.93
N PRO F 252 47.61 8.18 12.70
CA PRO F 252 47.91 7.39 11.50
C PRO F 252 47.18 6.06 11.43
N ALA F 253 47.04 5.36 12.57
CA ALA F 253 46.37 4.06 12.55
C ALA F 253 44.91 4.21 12.13
N ALA F 254 44.22 5.20 12.68
CA ALA F 254 42.85 5.46 12.25
C ALA F 254 42.82 5.92 10.80
N ILE F 255 43.90 6.53 10.31
CA ILE F 255 43.96 6.94 8.92
C ILE F 255 43.99 5.73 8.00
N GLU F 256 44.87 4.76 8.29
CA GLU F 256 44.88 3.56 7.46
C GLU F 256 43.68 2.66 7.70
N PHE F 257 42.98 2.82 8.83
CA PHE F 257 41.70 2.13 8.96
C PHE F 257 40.68 2.65 7.95
N GLY F 258 40.83 3.90 7.52
CA GLY F 258 39.89 4.50 6.58
C GLY F 258 39.03 5.56 7.22
N ILE F 259 39.54 6.18 8.27
CA ILE F 259 38.82 7.22 9.02
C ILE F 259 39.40 8.57 8.66
N ARG F 260 38.54 9.54 8.40
CA ARG F 260 38.98 10.89 8.07
C ARG F 260 39.66 11.54 9.28
N GLU F 261 40.61 12.42 8.98
CA GLU F 261 41.32 13.13 10.05
C GLU F 261 40.38 14.02 10.84
N LYS F 262 39.36 14.59 10.19
CA LYS F 262 38.40 15.45 10.88
C LYS F 262 37.44 14.67 11.77
N ASN F 263 37.38 13.34 11.63
CA ASN F 263 36.57 12.50 12.49
C ASN F 263 37.40 11.75 13.53
N ILE F 264 38.66 12.12 13.70
CA ILE F 264 39.53 11.53 14.71
C ILE F 264 39.62 12.51 15.87
N PHE F 265 39.12 12.10 17.02
CA PHE F 265 39.10 12.85 18.27
C PHE F 265 40.35 12.55 19.07
N PRO F 266 40.92 13.56 19.74
CA PRO F 266 42.21 13.38 20.39
C PRO F 266 42.08 12.73 21.76
N MET F 267 43.04 11.85 22.05
CA MET F 267 43.18 11.22 23.36
C MET F 267 44.52 11.68 23.92
N TRP F 268 44.54 12.09 25.18
CA TRP F 268 45.73 12.66 25.77
C TRP F 268 46.27 11.75 26.87
N ASP F 269 47.58 11.80 27.07
CA ASP F 269 48.23 10.94 28.07
C ASP F 269 47.79 11.30 29.49
N TRP F 270 47.58 12.59 29.76
CA TRP F 270 47.24 13.01 31.10
C TRP F 270 45.82 12.62 31.50
N VAL F 271 45.02 12.10 30.57
CA VAL F 271 43.67 11.63 30.87
C VAL F 271 43.71 10.11 30.93
N GLY F 272 43.49 9.55 32.12
CA GLY F 272 43.41 8.11 32.24
C GLY F 272 42.12 7.56 31.66
N GLY F 273 42.17 6.28 31.29
CA GLY F 273 41.00 5.68 30.67
C GLY F 273 39.78 5.67 31.56
N ARG F 274 39.96 5.32 32.83
CA ARG F 274 38.85 5.26 33.78
C ARG F 274 38.42 6.64 34.27
N TYR F 275 39.08 7.70 33.82
CA TYR F 275 38.74 9.07 34.20
C TYR F 275 38.34 9.91 33.00
N SER F 276 37.89 9.29 31.91
CA SER F 276 37.84 9.95 30.61
C SER F 276 36.44 10.06 30.04
N LEU F 277 35.40 9.84 30.83
CA LEU F 277 34.04 10.03 30.32
C LEU F 277 33.75 11.49 30.05
N TRP F 278 34.54 12.41 30.60
CA TRP F 278 34.36 13.84 30.37
C TRP F 278 34.94 14.30 29.04
N SER F 279 35.86 13.53 28.46
CA SER F 279 36.52 13.87 27.21
C SER F 279 35.74 13.27 26.05
N ALA F 280 36.36 13.18 24.87
CA ALA F 280 35.70 12.65 23.69
C ALA F 280 35.30 11.20 23.82
N ILE F 281 35.82 10.48 24.82
CA ILE F 281 35.36 9.12 25.08
C ILE F 281 33.86 9.12 25.37
N GLY F 282 33.38 10.15 26.06
CA GLY F 282 31.95 10.29 26.30
C GLY F 282 31.18 10.77 25.09
N LEU F 283 31.79 10.61 23.92
CA LEU F 283 31.13 11.00 22.67
C LEU F 283 29.81 10.27 22.42
N PRO F 284 29.69 8.96 22.65
CA PRO F 284 28.35 8.34 22.52
C PRO F 284 27.33 8.95 23.46
N THR F 285 27.74 9.25 24.70
CA THR F 285 26.84 9.86 25.67
C THR F 285 26.32 11.20 25.16
N ALA F 286 27.24 12.05 24.68
CA ALA F 286 26.82 13.30 24.08
C ALA F 286 25.91 13.08 22.89
N LEU F 287 26.08 11.95 22.19
CA LEU F 287 25.21 11.65 21.05
C LEU F 287 23.84 11.18 21.48
N ALA F 288 23.66 10.81 22.75
CA ALA F 288 22.37 10.37 23.26
C ALA F 288 21.62 11.45 24.01
N ILE F 289 22.33 12.25 24.82
CA ILE F 289 21.68 13.26 25.65
C ILE F 289 21.80 14.67 25.08
N GLY F 290 22.62 14.87 24.06
CA GLY F 290 22.85 16.18 23.51
C GLY F 290 24.04 16.87 24.17
N MET F 291 24.53 17.91 23.49
CA MET F 291 25.70 18.62 24.00
C MET F 291 25.38 19.51 25.18
N ALA F 292 24.15 20.03 25.25
CA ALA F 292 23.76 20.83 26.40
C ALA F 292 23.76 20.01 27.69
N ASN F 293 23.22 18.79 27.62
CA ASN F 293 23.23 17.92 28.79
C ASN F 293 24.62 17.41 29.11
N PHE F 294 25.44 17.14 28.08
CA PHE F 294 26.83 16.76 28.32
C PHE F 294 27.59 17.87 29.03
N LYS F 295 27.36 19.12 28.60
CA LYS F 295 27.98 20.26 29.28
C LYS F 295 27.43 20.45 30.68
N ASP F 296 26.15 20.12 30.90
CA ASP F 296 25.60 20.14 32.26
C ASP F 296 26.29 19.13 33.15
N LEU F 297 26.56 17.93 32.62
CA LEU F 297 27.32 16.93 33.35
C LEU F 297 28.72 17.44 33.67
N LEU F 298 29.38 18.05 32.69
CA LEU F 298 30.70 18.64 32.92
C LEU F 298 30.64 19.74 33.98
N SER F 299 29.58 20.54 33.98
CA SER F 299 29.44 21.63 34.92
C SER F 299 29.21 21.10 36.34
N GLY F 300 28.43 20.04 36.48
CA GLY F 300 28.27 19.42 37.79
C GLY F 300 29.57 18.83 38.31
N ALA F 301 30.32 18.16 37.44
CA ALA F 301 31.63 17.64 37.84
C ALA F 301 32.57 18.77 38.23
N TYR F 302 32.53 19.88 37.50
CA TYR F 302 33.36 21.04 37.84
C TYR F 302 32.96 21.64 39.18
N ALA F 303 31.66 21.68 39.47
CA ALA F 303 31.20 22.17 40.77
C ALA F 303 31.68 21.28 41.89
N MET F 304 31.67 19.96 41.68
CA MET F 304 32.22 19.05 42.67
C MET F 304 33.73 19.25 42.84
N ASP F 305 34.44 19.50 41.73
CA ASP F 305 35.87 19.81 41.84
C ASP F 305 36.11 21.04 42.69
N CYS F 306 35.31 22.08 42.47
CA CYS F 306 35.44 23.30 43.26
C CYS F 306 35.14 23.05 44.72
N HIS F 307 34.11 22.25 45.01
CA HIS F 307 33.80 21.90 46.39
C HIS F 307 34.93 21.14 47.04
N PHE F 308 35.53 20.21 46.31
CA PHE F 308 36.66 19.44 46.82
C PHE F 308 37.86 20.35 47.11
N ARG F 309 38.13 21.30 46.22
CA ARG F 309 39.29 22.15 46.37
C ARG F 309 39.11 23.23 47.44
N ARG F 310 37.88 23.68 47.67
CA ARG F 310 37.65 24.85 48.52
C ARG F 310 37.19 24.50 49.93
N GLU F 311 36.57 23.35 50.15
CA GLU F 311 35.92 23.13 51.43
C GLU F 311 36.92 22.67 52.49
N PRO F 312 36.69 23.02 53.75
CA PRO F 312 37.46 22.41 54.84
C PRO F 312 37.15 20.93 54.93
N PHE F 313 38.13 20.16 55.42
CA PHE F 313 38.03 18.71 55.41
C PHE F 313 36.85 18.20 56.24
N GLU F 314 36.38 18.99 57.20
CA GLU F 314 35.23 18.58 58.00
C GLU F 314 33.93 18.66 57.22
N ASN F 315 33.88 19.45 56.15
CA ASN F 315 32.70 19.54 55.29
C ASN F 315 33.03 19.17 53.85
N ASN F 316 34.17 18.53 53.62
CA ASN F 316 34.60 18.11 52.30
C ASN F 316 34.05 16.71 52.05
N MET F 317 33.03 16.61 51.19
CA MET F 317 32.39 15.33 50.93
C MET F 317 33.36 14.27 50.38
N PRO F 318 34.17 14.54 49.36
CA PRO F 318 35.14 13.52 48.93
C PRO F 318 36.11 13.11 50.03
N VAL F 319 36.59 14.07 50.81
CA VAL F 319 37.54 13.77 51.86
C VAL F 319 36.86 12.97 52.98
N LEU F 320 35.62 13.32 53.31
CA LEU F 320 34.90 12.57 54.34
C LEU F 320 34.65 11.14 53.90
N LEU F 321 34.23 10.94 52.64
CA LEU F 321 34.00 9.58 52.15
C LEU F 321 35.30 8.78 52.12
N ALA F 322 36.38 9.39 51.63
CA ALA F 322 37.66 8.69 51.57
C ALA F 322 38.18 8.36 52.96
N MET F 323 38.01 9.27 53.91
CA MET F 323 38.49 9.03 55.26
C MET F 323 37.67 7.97 55.98
N LEU F 324 36.36 7.93 55.73
CA LEU F 324 35.54 6.84 56.26
C LEU F 324 35.97 5.51 55.67
N GLY F 325 36.26 5.49 54.37
CA GLY F 325 36.76 4.27 53.76
C GLY F 325 38.09 3.82 54.34
N VAL F 326 39.02 4.75 54.55
CA VAL F 326 40.30 4.43 55.17
C VAL F 326 40.08 3.92 56.59
N TRP F 327 39.20 4.58 57.34
CA TRP F 327 38.86 4.16 58.70
C TRP F 327 38.42 2.71 58.72
N TYR F 328 37.43 2.37 57.89
CA TYR F 328 36.86 1.02 57.93
C TYR F 328 37.80 -0.03 57.35
N GLY F 329 38.61 0.34 56.34
CA GLY F 329 39.48 -0.64 55.73
C GLY F 329 40.81 -0.85 56.44
N ASN F 330 41.25 0.12 57.23
CA ASN F 330 42.54 0.03 57.88
C ASN F 330 42.45 -0.14 59.38
N PHE F 331 41.30 0.10 59.99
CA PHE F 331 41.17 -0.04 61.43
C PHE F 331 40.05 -0.97 61.86
N TRP F 332 39.15 -1.36 60.95
CA TRP F 332 38.10 -2.31 61.26
C TRP F 332 38.16 -3.55 60.38
N GLY F 333 39.12 -3.62 59.47
CA GLY F 333 39.32 -4.81 58.65
C GLY F 333 38.23 -5.11 57.66
N ALA F 334 37.64 -4.08 57.06
CA ALA F 334 36.64 -4.27 56.03
C ALA F 334 37.33 -4.35 54.67
N GLN F 335 37.10 -5.45 53.96
CA GLN F 335 37.77 -5.69 52.68
C GLN F 335 36.88 -5.40 51.49
N SER F 336 35.63 -5.00 51.70
CA SER F 336 34.72 -4.70 50.60
C SER F 336 33.85 -3.52 50.99
N HIS F 337 33.30 -2.86 49.97
CA HIS F 337 32.45 -1.69 50.14
C HIS F 337 31.29 -1.79 49.17
N ALA F 338 30.07 -1.84 49.70
CA ALA F 338 28.88 -1.99 48.89
C ALA F 338 28.36 -0.62 48.43
N ILE F 339 27.97 -0.54 47.17
CA ILE F 339 27.36 0.65 46.59
C ILE F 339 25.96 0.26 46.16
N LEU F 340 24.96 0.93 46.75
CA LEU F 340 23.55 0.57 46.57
C LEU F 340 22.80 1.80 46.05
N PRO F 341 22.74 1.99 44.73
CA PRO F 341 21.96 3.10 44.18
C PRO F 341 20.50 2.71 44.03
N TYR F 342 19.62 3.41 44.73
CA TYR F 342 18.18 3.14 44.67
C TYR F 342 17.56 3.95 43.54
N ASP F 343 17.95 3.58 42.33
CA ASP F 343 17.45 4.22 41.12
C ASP F 343 17.72 3.27 39.96
N HIS F 344 16.68 2.94 39.21
CA HIS F 344 16.83 1.99 38.11
C HIS F 344 17.79 2.50 37.06
N TYR F 345 17.85 3.80 36.82
CA TYR F 345 18.77 4.36 35.85
C TYR F 345 20.22 4.28 36.31
N LEU F 346 20.45 4.24 37.62
CA LEU F 346 21.80 4.18 38.18
C LEU F 346 22.25 2.76 38.47
N ARG F 347 21.63 1.75 37.83
CA ARG F 347 21.97 0.37 38.15
C ARG F 347 23.39 0.02 37.73
N ASN F 348 23.91 0.66 36.69
CA ASN F 348 25.26 0.41 36.21
C ASN F 348 26.31 1.28 36.91
N PHE F 349 25.94 1.95 38.01
CA PHE F 349 26.89 2.79 38.72
C PHE F 349 28.00 1.96 39.34
N VAL F 350 27.66 0.76 39.81
CA VAL F 350 28.63 -0.08 40.50
C VAL F 350 29.73 -0.53 39.56
N LYS F 351 29.42 -0.77 38.28
CA LYS F 351 30.46 -1.22 37.34
C LYS F 351 31.52 -0.14 37.14
N HIS F 352 31.09 1.09 36.87
CA HIS F 352 32.04 2.18 36.70
C HIS F 352 32.79 2.46 37.99
N LEU F 353 32.10 2.40 39.14
CA LEU F 353 32.78 2.57 40.41
C LEU F 353 33.81 1.47 40.64
N GLN F 354 33.48 0.24 40.24
CA GLN F 354 34.42 -0.86 40.36
C GLN F 354 35.68 -0.58 39.57
N GLN F 355 35.53 -0.20 38.30
CA GLN F 355 36.73 0.13 37.52
C GLN F 355 37.51 1.26 38.18
N MET F 356 36.82 2.37 38.46
CA MET F 356 37.49 3.58 38.91
C MET F 356 38.22 3.36 40.22
N ASP F 357 37.60 2.65 41.17
CA ASP F 357 38.21 2.46 42.47
C ASP F 357 39.23 1.33 42.46
N MET F 358 38.86 0.17 41.90
CA MET F 358 39.70 -1.01 42.02
C MET F 358 40.92 -0.97 41.11
N GLU F 359 40.78 -0.41 39.89
CA GLU F 359 41.95 -0.29 39.03
C GLU F 359 42.91 0.78 39.52
N SER F 360 42.43 1.74 40.30
CA SER F 360 43.25 2.83 40.79
C SER F 360 43.93 2.50 42.12
N ASN F 361 43.15 2.07 43.11
CA ASN F 361 43.65 1.83 44.45
C ASN F 361 44.05 0.37 44.69
N GLY F 362 43.91 -0.49 43.69
CA GLY F 362 44.37 -1.86 43.82
C GLY F 362 45.86 -1.98 43.62
N LYS F 363 46.63 -1.41 44.54
CA LYS F 363 48.08 -1.35 44.43
C LYS F 363 48.71 -1.87 45.71
N SER F 364 49.96 -2.32 45.60
CA SER F 364 50.70 -2.81 46.75
C SER F 364 52.10 -2.23 46.85
N VAL F 365 52.41 -1.19 46.07
CA VAL F 365 53.64 -0.43 46.25
C VAL F 365 53.28 1.05 46.29
N ARG F 366 54.12 1.82 46.96
CA ARG F 366 53.89 3.26 47.11
C ARG F 366 54.32 3.97 45.83
N GLN F 367 54.27 5.31 45.85
CA GLN F 367 54.61 6.07 44.65
C GLN F 367 56.07 5.88 44.27
N ASP F 368 56.95 5.66 45.25
CA ASP F 368 58.37 5.47 44.99
C ASP F 368 58.73 4.01 44.74
N GLY F 369 57.79 3.08 44.91
CA GLY F 369 58.05 1.67 44.72
C GLY F 369 58.21 0.87 46.00
N SER F 370 58.23 1.52 47.16
CA SER F 370 58.32 0.79 48.41
C SER F 370 57.01 0.06 48.69
N PRO F 371 57.07 -1.10 49.34
CA PRO F 371 55.83 -1.81 49.65
C PRO F 371 54.95 -1.02 50.59
N VAL F 372 53.63 -1.16 50.40
CA VAL F 372 52.69 -0.47 51.27
C VAL F 372 52.72 -1.08 52.66
N SER F 373 52.29 -0.29 53.64
CA SER F 373 52.29 -0.71 55.04
C SER F 373 50.87 -0.89 55.57
N CYS F 374 49.88 -0.96 54.70
CA CYS F 374 48.49 -1.10 55.12
C CYS F 374 47.69 -1.71 53.97
N GLU F 375 46.41 -1.94 54.23
CA GLU F 375 45.49 -2.38 53.20
C GLU F 375 45.10 -1.20 52.32
N THR F 376 45.23 -1.37 51.01
CA THR F 376 44.97 -0.31 50.03
C THR F 376 43.98 -0.81 49.00
N GLY F 377 42.71 -0.41 49.13
CA GLY F 377 41.74 -0.64 48.09
C GLY F 377 40.89 -1.87 48.31
N PRO F 378 39.63 -1.67 48.69
CA PRO F 378 38.73 -2.79 48.92
C PRO F 378 38.10 -3.28 47.62
N VAL F 379 37.22 -4.24 47.75
CA VAL F 379 36.39 -4.71 46.64
C VAL F 379 35.15 -3.83 46.59
N ILE F 380 34.84 -3.29 45.42
CA ILE F 380 33.62 -2.52 45.20
C ILE F 380 32.59 -3.46 44.61
N TRP F 381 31.40 -3.47 45.20
CA TRP F 381 30.33 -4.33 44.74
C TRP F 381 29.01 -3.68 45.11
N GLY F 382 27.92 -4.30 44.69
CA GLY F 382 26.60 -3.78 44.98
C GLY F 382 25.63 -3.99 43.83
N GLY F 383 24.62 -3.13 43.75
CA GLY F 383 23.64 -3.27 42.70
C GLY F 383 22.48 -2.34 42.93
N VAL F 384 21.58 -2.32 41.96
CA VAL F 384 20.46 -1.39 41.98
C VAL F 384 19.59 -1.60 43.22
N GLY F 385 19.06 -0.51 43.75
CA GLY F 385 18.34 -0.58 45.00
C GLY F 385 16.96 -1.19 44.87
N CYS F 386 16.53 -1.79 45.99
CA CYS F 386 15.27 -2.51 46.16
C CYS F 386 15.32 -3.85 45.45
N ASN F 387 16.37 -4.09 44.67
CA ASN F 387 16.59 -5.40 44.07
C ASN F 387 17.55 -6.23 44.92
N GLY F 388 18.56 -5.60 45.49
CA GLY F 388 19.47 -6.27 46.39
C GLY F 388 18.92 -6.55 47.77
N GLN F 389 17.79 -5.95 48.12
CA GLN F 389 17.14 -6.25 49.38
C GLN F 389 16.73 -7.71 49.45
N HIS F 390 16.22 -8.23 48.35
CA HIS F 390 15.78 -9.62 48.24
C HIS F 390 16.88 -10.52 47.69
N ALA F 391 18.08 -9.99 47.48
CA ALA F 391 19.17 -10.76 46.92
C ALA F 391 20.31 -10.97 47.91
N TYR F 392 20.90 -9.89 48.44
CA TYR F 392 22.10 -10.03 49.25
C TYR F 392 22.11 -9.15 50.49
N HIS F 393 21.08 -8.32 50.71
CA HIS F 393 21.04 -7.52 51.93
C HIS F 393 20.91 -8.39 53.17
N GLN F 394 20.52 -9.66 53.00
CA GLN F 394 20.48 -10.58 54.13
C GLN F 394 21.86 -10.76 54.75
N LEU F 395 22.90 -10.86 53.91
CA LEU F 395 24.26 -10.93 54.41
C LEU F 395 24.69 -9.63 55.08
N LEU F 396 24.22 -8.50 54.56
CA LEU F 396 24.51 -7.22 55.19
C LEU F 396 23.90 -7.14 56.59
N HIS F 397 22.68 -7.64 56.74
CA HIS F 397 21.97 -7.53 58.01
C HIS F 397 22.44 -8.56 59.03
N GLN F 398 22.64 -9.82 58.62
CA GLN F 398 22.87 -10.89 59.57
C GLN F 398 24.16 -11.66 59.33
N GLY F 399 25.02 -11.22 58.42
CA GLY F 399 26.26 -11.90 58.16
C GLY F 399 27.31 -11.62 59.23
N THR F 400 28.50 -12.14 58.98
CA THR F 400 29.63 -11.97 59.89
C THR F 400 30.68 -11.00 59.36
N LEU F 401 30.37 -10.28 58.28
CA LEU F 401 31.31 -9.37 57.65
C LEU F 401 30.93 -7.93 57.92
N LEU F 402 31.95 -7.06 57.99
CA LEU F 402 31.75 -5.62 58.05
C LEU F 402 31.84 -5.07 56.63
N ILE F 403 30.71 -4.65 56.09
CA ILE F 403 30.65 -4.11 54.73
C ILE F 403 30.02 -2.73 54.78
N PRO F 404 30.81 -1.66 54.77
CA PRO F 404 30.21 -0.32 54.67
C PRO F 404 29.43 -0.17 53.38
N ALA F 405 28.25 0.46 53.48
CA ALA F 405 27.34 0.62 52.37
C ALA F 405 27.16 2.09 52.05
N ASP F 406 27.06 2.40 50.76
CA ASP F 406 26.80 3.74 50.26
C ASP F 406 25.45 3.71 49.56
N PHE F 407 24.40 4.18 50.24
CA PHE F 407 23.08 4.28 49.64
C PHE F 407 22.98 5.55 48.82
N ILE F 408 22.43 5.44 47.61
CA ILE F 408 22.23 6.58 46.72
C ILE F 408 20.78 6.57 46.27
N VAL F 409 20.07 7.66 46.50
CA VAL F 409 18.65 7.74 46.16
C VAL F 409 18.29 9.17 45.78
N PRO F 410 17.43 9.38 44.79
CA PRO F 410 16.86 10.70 44.55
C PRO F 410 15.52 10.88 45.26
N VAL F 411 15.15 12.14 45.43
CA VAL F 411 13.85 12.47 46.03
C VAL F 411 12.74 12.46 44.99
N VAL F 412 13.04 12.88 43.75
CA VAL F 412 12.04 13.01 42.69
C VAL F 412 12.32 11.97 41.62
N SER F 413 11.26 11.34 41.13
CA SER F 413 11.36 10.35 40.07
C SER F 413 10.94 10.95 38.74
N HIS F 414 11.68 10.60 37.68
CA HIS F 414 11.36 11.10 36.35
C HIS F 414 10.09 10.46 35.81
N ASN F 415 9.81 9.21 36.17
CA ASN F 415 8.64 8.47 35.70
C ASN F 415 7.88 7.97 36.92
N PRO F 416 7.12 8.84 37.58
CA PRO F 416 6.35 8.40 38.75
C PRO F 416 5.22 7.47 38.33
N VAL F 417 5.05 6.40 39.11
CA VAL F 417 4.00 5.41 38.89
C VAL F 417 3.32 5.22 40.25
N ALA F 418 2.20 5.91 40.46
CA ALA F 418 1.46 5.87 41.72
C ALA F 418 2.41 6.28 42.83
N ASP F 419 2.47 5.55 43.94
CA ASP F 419 3.37 5.87 45.06
C ASP F 419 4.62 5.00 45.05
N HIS F 420 5.11 4.62 43.87
CA HIS F 420 6.24 3.71 43.79
C HIS F 420 7.53 4.36 44.28
N HIS F 421 7.73 5.65 43.99
CA HIS F 421 8.98 6.29 44.40
C HIS F 421 8.99 6.60 45.89
N GLN F 422 7.84 6.91 46.49
CA GLN F 422 7.79 7.03 47.93
C GLN F 422 8.17 5.71 48.59
N TRP F 423 7.74 4.59 48.01
CA TRP F 423 8.11 3.28 48.53
C TRP F 423 9.59 2.99 48.31
N LEU F 424 10.15 3.41 47.17
CA LEU F 424 11.58 3.24 46.92
C LEU F 424 12.41 4.01 47.92
N TYR F 425 12.02 5.27 48.18
CA TYR F 425 12.71 6.09 49.16
C TYR F 425 12.59 5.50 50.56
N ALA F 426 11.39 5.01 50.91
CA ALA F 426 11.19 4.38 52.20
C ALA F 426 12.03 3.12 52.34
N ASN F 427 12.15 2.34 51.26
CA ASN F 427 12.96 1.14 51.30
C ASN F 427 14.43 1.46 51.50
N CYS F 428 14.94 2.47 50.81
CA CYS F 428 16.33 2.89 51.01
C CYS F 428 16.56 3.35 52.45
N LEU F 429 15.68 4.22 52.94
CA LEU F 429 15.84 4.76 54.29
C LEU F 429 15.72 3.66 55.34
N SER F 430 14.81 2.71 55.12
CA SER F 430 14.61 1.61 56.06
C SER F 430 15.78 0.64 56.03
N GLN F 431 16.38 0.41 54.87
CA GLN F 431 17.58 -0.43 54.82
C GLN F 431 18.71 0.20 55.61
N SER F 432 18.92 1.51 55.45
CA SER F 432 19.94 2.19 56.25
C SER F 432 19.62 2.12 57.74
N GLN F 433 18.36 2.34 58.10
CA GLN F 433 17.97 2.36 59.51
C GLN F 433 18.08 0.97 60.13
N ALA F 434 17.74 -0.07 59.37
CA ALA F 434 17.89 -1.44 59.86
C ALA F 434 19.36 -1.82 60.01
N LEU F 435 20.20 -1.34 59.09
CA LEU F 435 21.63 -1.57 59.23
C LEU F 435 22.16 -0.93 60.50
N MET F 436 21.74 0.29 60.79
CA MET F 436 22.25 1.00 61.97
C MET F 436 21.66 0.43 63.27
N LEU F 437 20.36 0.16 63.28
CA LEU F 437 19.68 -0.22 64.51
C LEU F 437 19.86 -1.70 64.82
N GLY F 438 19.36 -2.56 63.95
CA GLY F 438 19.29 -3.98 64.22
C GLY F 438 18.09 -4.30 65.11
N LYS F 439 17.98 -5.59 65.42
CA LYS F 439 16.91 -6.09 66.28
C LYS F 439 17.52 -7.01 67.32
N SER F 440 17.38 -6.62 68.59
CA SER F 440 18.00 -7.37 69.67
C SER F 440 17.18 -8.60 70.01
N ARG F 441 17.68 -9.41 70.95
CA ARG F 441 16.95 -10.57 71.42
C ARG F 441 15.64 -10.16 72.08
N GLU F 442 15.66 -9.08 72.86
CA GLU F 442 14.45 -8.63 73.56
C GLU F 442 13.37 -8.21 72.57
N GLU F 443 13.74 -7.45 71.52
CA GLU F 443 12.76 -7.03 70.54
C GLU F 443 12.16 -8.21 69.79
N ALA F 444 13.00 -9.16 69.39
CA ALA F 444 12.51 -10.33 68.68
C ALA F 444 11.58 -11.15 69.56
N GLU F 445 11.96 -11.35 70.82
CA GLU F 445 11.11 -12.09 71.75
C GLU F 445 9.79 -11.38 71.97
N ALA F 446 9.82 -10.05 72.10
CA ALA F 446 8.59 -9.28 72.30
C ALA F 446 7.67 -9.40 71.09
N GLU F 447 8.24 -9.33 69.88
CA GLU F 447 7.42 -9.48 68.68
C GLU F 447 6.83 -10.87 68.58
N LEU F 448 7.62 -11.90 68.91
CA LEU F 448 7.10 -13.26 68.88
C LEU F 448 5.99 -13.46 69.90
N ARG F 449 6.14 -12.87 71.10
CA ARG F 449 5.10 -12.93 72.10
C ARG F 449 3.84 -12.20 71.64
N ALA F 450 4.00 -11.04 71.03
CA ALA F 450 2.86 -10.31 70.48
C ALA F 450 2.17 -11.09 69.37
N LYS F 451 2.90 -11.95 68.66
CA LYS F 451 2.29 -12.84 67.69
C LYS F 451 1.58 -14.02 68.34
N GLY F 452 1.73 -14.20 69.66
CA GLY F 452 1.04 -15.24 70.38
C GLY F 452 1.72 -16.59 70.41
N LEU F 453 2.97 -16.68 69.98
CA LEU F 453 3.66 -17.96 69.95
C LEU F 453 3.94 -18.44 71.38
N PRO F 454 3.92 -19.76 71.60
CA PRO F 454 4.26 -20.29 72.93
C PRO F 454 5.68 -19.91 73.33
N GLU F 455 5.96 -20.09 74.62
CA GLU F 455 7.26 -19.71 75.17
C GLU F 455 8.39 -20.52 74.53
N ALA F 456 8.18 -21.83 74.37
CA ALA F 456 9.20 -22.67 73.75
C ALA F 456 9.45 -22.25 72.30
N GLU F 457 8.38 -21.98 71.55
CA GLU F 457 8.54 -21.49 70.19
C GLU F 457 9.23 -20.12 70.17
N VAL F 458 8.89 -19.27 71.13
CA VAL F 458 9.52 -17.95 71.20
C VAL F 458 11.02 -18.09 71.39
N LYS F 459 11.44 -18.93 72.34
CA LYS F 459 12.86 -19.09 72.61
C LYS F 459 13.57 -19.87 71.51
N ARG F 460 12.83 -20.68 70.73
CA ARG F 460 13.44 -21.35 69.59
C ARG F 460 13.66 -20.39 68.43
N LEU F 461 12.73 -19.48 68.19
CA LEU F 461 12.78 -18.62 67.02
C LEU F 461 13.52 -17.31 67.26
N ALA F 462 13.66 -16.86 68.50
CA ALA F 462 14.23 -15.55 68.75
C ALA F 462 15.68 -15.40 68.25
N PRO F 463 16.60 -16.33 68.51
CA PRO F 463 17.98 -16.11 68.05
C PRO F 463 18.12 -15.97 66.55
N HIS F 464 17.24 -16.61 65.77
CA HIS F 464 17.34 -16.56 64.33
C HIS F 464 16.88 -15.22 63.76
N LYS F 465 15.98 -14.53 64.46
CA LYS F 465 15.46 -13.25 64.01
C LYS F 465 16.32 -12.07 64.45
N VAL F 466 17.32 -12.30 65.29
CA VAL F 466 18.12 -11.20 65.82
C VAL F 466 19.03 -10.66 64.72
N ILE F 467 18.94 -9.36 64.49
CA ILE F 467 19.86 -8.65 63.60
C ILE F 467 20.84 -7.88 64.47
N PRO F 468 22.15 -8.11 64.32
CA PRO F 468 23.10 -7.43 65.22
C PRO F 468 23.03 -5.91 65.15
N GLY F 469 22.79 -5.35 63.97
CA GLY F 469 22.84 -3.92 63.80
C GLY F 469 24.27 -3.41 63.79
N ASN F 470 24.39 -2.10 63.96
CA ASN F 470 25.69 -1.41 64.01
C ASN F 470 26.46 -1.55 62.70
N ARG F 471 25.75 -1.65 61.58
CA ARG F 471 26.40 -1.72 60.28
C ARG F 471 26.51 -0.32 59.70
N PRO F 472 27.71 0.20 59.47
CA PRO F 472 27.84 1.56 58.97
C PRO F 472 27.29 1.73 57.55
N SER F 473 26.77 2.92 57.28
CA SER F 473 26.27 3.23 55.95
C SER F 473 26.37 4.73 55.71
N ASN F 474 26.48 5.09 54.44
CA ASN F 474 26.38 6.48 54.00
C ASN F 474 25.18 6.61 53.10
N THR F 475 24.50 7.74 53.16
CA THR F 475 23.38 8.03 52.27
C THR F 475 23.71 9.25 51.44
N LEU F 476 23.61 9.12 50.12
CA LEU F 476 23.74 10.24 49.21
C LEU F 476 22.38 10.51 48.59
N VAL F 477 21.82 11.68 48.88
CA VAL F 477 20.51 12.06 48.39
C VAL F 477 20.66 13.21 47.42
N MET F 478 19.75 13.28 46.46
CA MET F 478 19.63 14.40 45.55
C MET F 478 18.15 14.63 45.28
N GLU F 479 17.82 15.84 44.83
CA GLU F 479 16.45 16.13 44.45
C GLU F 479 16.05 15.30 43.24
N THR F 480 16.86 15.36 42.17
CA THR F 480 16.61 14.59 40.97
C THR F 480 17.96 14.17 40.40
N LEU F 481 17.95 13.10 39.61
CA LEU F 481 19.16 12.67 38.91
C LEU F 481 19.17 13.31 37.53
N ASN F 482 19.70 14.52 37.47
CA ASN F 482 19.91 15.25 36.23
C ASN F 482 21.38 15.15 35.83
N PRO F 483 21.74 15.62 34.62
CA PRO F 483 23.17 15.54 34.24
C PRO F 483 24.10 16.22 35.22
N SER F 484 23.70 17.36 35.78
CA SER F 484 24.58 18.10 36.68
C SER F 484 24.88 17.30 37.94
N ARG F 485 23.84 16.74 38.57
CA ARG F 485 24.05 16.02 39.82
C ARG F 485 24.73 14.67 39.59
N LEU F 486 24.48 14.04 38.43
CA LEU F 486 25.23 12.83 38.10
C LEU F 486 26.71 13.13 37.91
N GLY F 487 27.03 14.23 37.24
CA GLY F 487 28.42 14.64 37.11
C GLY F 487 29.06 14.91 38.45
N ALA F 488 28.32 15.58 39.34
CA ALA F 488 28.82 15.81 40.69
C ALA F 488 29.08 14.50 41.43
N LEU F 489 28.18 13.53 41.28
CA LEU F 489 28.34 12.24 41.95
C LEU F 489 29.58 11.51 41.45
N ILE F 490 29.77 11.46 40.12
CA ILE F 490 30.92 10.79 39.56
C ILE F 490 32.21 11.47 40.00
N ALA F 491 32.25 12.82 39.96
CA ALA F 491 33.44 13.53 40.36
C ALA F 491 33.72 13.35 41.85
N LEU F 492 32.68 13.28 42.67
CA LEU F 492 32.85 13.03 44.09
C LEU F 492 33.51 11.69 44.34
N TYR F 493 33.09 10.65 43.62
CA TYR F 493 33.72 9.35 43.81
C TYR F 493 35.14 9.32 43.25
N GLU F 494 35.40 10.03 42.15
CA GLU F 494 36.76 10.17 41.66
C GLU F 494 37.67 10.80 42.69
N HIS F 495 37.22 11.88 43.31
CA HIS F 495 38.04 12.56 44.32
C HIS F 495 38.20 11.72 45.58
N LYS F 496 37.17 10.95 45.94
CA LYS F 496 37.31 10.04 47.08
C LYS F 496 38.39 8.99 46.81
N VAL F 497 38.40 8.43 45.60
CA VAL F 497 39.44 7.48 45.22
C VAL F 497 40.81 8.13 45.28
N PHE F 498 40.92 9.36 44.77
CA PHE F 498 42.19 10.07 44.80
C PHE F 498 42.68 10.28 46.23
N VAL F 499 41.78 10.71 47.14
CA VAL F 499 42.18 10.98 48.51
C VAL F 499 42.62 9.69 49.20
N GLN F 500 41.90 8.59 48.96
CA GLN F 500 42.32 7.31 49.55
C GLN F 500 43.69 6.89 49.04
N GLY F 501 43.93 7.04 47.73
CA GLY F 501 45.24 6.72 47.19
C GLY F 501 46.34 7.59 47.75
N VAL F 502 46.04 8.86 48.02
CA VAL F 502 47.01 9.75 48.65
C VAL F 502 47.31 9.29 50.07
N ILE F 503 46.29 8.91 50.82
CA ILE F 503 46.48 8.45 52.20
C ILE F 503 47.35 7.20 52.21
N TRP F 504 47.07 6.25 51.32
CA TRP F 504 47.86 5.03 51.28
C TRP F 504 49.22 5.22 50.62
N GLY F 505 49.47 6.38 50.02
CA GLY F 505 50.75 6.65 49.42
C GLY F 505 50.99 5.98 48.09
N ILE F 506 49.93 5.58 47.40
CA ILE F 506 50.05 4.79 46.19
C ILE F 506 49.76 5.67 44.97
N ASN F 507 50.02 5.11 43.80
CA ASN F 507 49.71 5.76 42.53
C ASN F 507 48.33 5.30 42.06
N SER F 508 47.38 6.23 42.01
CA SER F 508 46.01 5.92 41.63
C SER F 508 45.78 6.04 40.14
N PHE F 509 46.80 6.31 39.34
CA PHE F 509 46.62 6.62 37.94
C PHE F 509 47.42 5.72 37.01
N ASP F 510 48.13 4.73 37.53
CA ASP F 510 48.81 3.73 36.73
C ASP F 510 48.11 2.39 36.87
N GLN F 511 48.25 1.55 35.84
CA GLN F 511 47.73 0.18 35.87
C GLN F 511 48.82 -0.72 35.30
N TRP F 512 49.73 -1.16 36.17
CA TRP F 512 50.81 -2.04 35.76
C TRP F 512 50.49 -3.51 35.99
N GLY F 513 49.38 -3.81 36.64
CA GLY F 513 48.97 -5.17 36.90
C GLY F 513 48.18 -5.83 35.78
N VAL F 514 48.16 -5.23 34.60
CA VAL F 514 47.41 -5.76 33.47
C VAL F 514 48.30 -6.16 32.31
N GLU F 515 49.62 -6.04 32.45
CA GLU F 515 50.53 -6.37 31.36
C GLU F 515 50.90 -7.85 31.33
N LEU F 516 51.11 -8.45 32.50
CA LEU F 516 51.47 -9.86 32.56
C LEU F 516 50.38 -10.73 31.97
N GLY F 517 49.12 -10.40 32.27
CA GLY F 517 48.02 -11.13 31.67
C GLY F 517 48.01 -11.03 30.15
N LYS F 518 48.39 -9.87 29.62
CA LYS F 518 48.45 -9.70 28.17
C LYS F 518 49.54 -10.58 27.55
N GLU F 519 50.74 -10.56 28.13
CA GLU F 519 51.82 -11.38 27.60
C GLU F 519 51.47 -12.86 27.67
N LEU F 520 50.93 -13.29 28.81
CA LEU F 520 50.52 -14.68 28.95
C LEU F 520 49.37 -15.01 28.00
N GLY F 521 48.53 -14.04 27.66
CA GLY F 521 47.48 -14.28 26.70
C GLY F 521 48.01 -14.54 25.32
N LYS F 522 49.01 -13.76 24.90
CA LYS F 522 49.66 -14.05 23.61
C LYS F 522 50.28 -15.44 23.62
N ASN F 523 50.97 -15.80 24.72
CA ASN F 523 51.58 -17.12 24.79
C ASN F 523 50.53 -18.23 24.72
N VAL F 524 49.44 -18.08 25.47
CA VAL F 524 48.41 -19.12 25.52
C VAL F 524 47.69 -19.22 24.17
N TYR F 525 47.46 -18.09 23.51
CA TYR F 525 46.84 -18.13 22.19
C TYR F 525 47.74 -18.86 21.18
N GLY F 526 49.03 -18.54 21.19
CA GLY F 526 49.95 -19.26 20.32
C GLY F 526 49.98 -20.74 20.61
N ARG F 527 49.88 -21.12 21.88
CA ARG F 527 49.79 -22.54 22.23
C ARG F 527 48.49 -23.18 21.76
N LEU F 528 47.38 -22.45 21.86
CA LEU F 528 46.09 -23.00 21.46
C LEU F 528 46.02 -23.24 19.95
N THR F 529 46.55 -22.30 19.17
CA THR F 529 46.34 -22.39 17.73
C THR F 529 47.39 -23.26 17.03
N SER F 530 48.66 -23.11 17.37
CA SER F 530 49.72 -23.82 16.68
C SER F 530 49.66 -25.32 16.98
N TYR F 531 50.22 -26.11 16.06
CA TYR F 531 50.19 -27.56 16.18
C TYR F 531 51.29 -28.07 17.10
N GLU F 532 52.55 -27.84 16.72
CA GLU F 532 53.69 -28.30 17.49
C GLU F 532 54.20 -27.13 18.33
N ALA F 533 53.60 -26.95 19.50
CA ALA F 533 53.96 -25.91 20.43
C ALA F 533 54.60 -26.50 21.68
N PRO F 534 55.51 -25.77 22.32
CA PRO F 534 56.14 -26.27 23.54
C PRO F 534 55.14 -26.35 24.67
N PRO F 535 55.43 -27.08 25.75
CA PRO F 535 54.53 -27.09 26.90
C PRO F 535 54.45 -25.71 27.54
N ALA F 536 53.31 -25.44 28.18
CA ALA F 536 53.12 -24.18 28.89
C ALA F 536 53.98 -24.14 30.14
N GLU F 537 54.00 -22.96 30.78
CA GLU F 537 54.84 -22.77 31.96
C GLU F 537 54.41 -23.69 33.10
N ASP F 538 53.11 -23.85 33.31
CA ASP F 538 52.60 -24.69 34.37
C ASP F 538 51.73 -25.80 33.77
N SER F 539 51.59 -26.88 34.55
CA SER F 539 50.79 -28.00 34.10
C SER F 539 49.31 -27.69 34.07
N SER F 540 48.84 -26.72 34.84
CA SER F 540 47.42 -26.36 34.83
C SER F 540 47.05 -25.66 33.53
N THR F 541 47.85 -24.68 33.12
CA THR F 541 47.60 -24.00 31.85
C THR F 541 47.76 -24.98 30.69
N GLN F 542 48.75 -25.87 30.77
CA GLN F 542 48.93 -26.88 29.73
C GLN F 542 47.73 -27.82 29.66
N GLY F 543 47.19 -28.21 30.82
CA GLY F 543 46.02 -29.07 30.83
C GLY F 543 44.79 -28.39 30.28
N LEU F 544 44.63 -27.09 30.57
CA LEU F 544 43.50 -26.35 30.00
C LEU F 544 43.66 -26.18 28.50
N ILE F 545 44.90 -25.97 28.04
CA ILE F 545 45.17 -25.91 26.60
C ILE F 545 44.82 -27.24 25.95
N ASP F 546 45.19 -28.36 26.59
CA ASP F 546 44.87 -29.67 26.04
C ASP F 546 43.37 -29.93 26.04
N TYR F 547 42.67 -29.49 27.09
CA TYR F 547 41.21 -29.61 27.11
C TYR F 547 40.58 -28.83 25.96
N PHE F 548 41.12 -27.65 25.66
CA PHE F 548 40.65 -26.90 24.50
C PHE F 548 40.94 -27.66 23.21
N ARG F 549 42.17 -28.18 23.08
CA ARG F 549 42.59 -28.81 21.82
C ARG F 549 41.89 -30.13 21.59
N GLY F 550 41.49 -30.82 22.66
CA GLY F 550 40.75 -32.05 22.53
C GLY F 550 39.28 -31.88 22.24
N ARG F 551 38.81 -30.64 22.12
CA ARG F 551 37.40 -30.38 21.86
C ARG F 551 37.15 -29.33 20.80
N HIS F 552 38.13 -28.56 20.37
CA HIS F 552 37.92 -27.48 19.42
C HIS F 552 38.04 -28.00 17.99
N ARG F 553 37.17 -27.50 17.12
CA ARG F 553 37.18 -27.89 15.72
C ARG F 553 37.01 -26.65 14.83
N TYR G 3 0.26 46.41 56.75
CA TYR G 3 0.38 47.34 55.64
C TYR G 3 -0.90 47.40 54.82
N TYR G 4 -1.69 46.34 54.90
CA TYR G 4 -2.97 46.26 54.21
C TYR G 4 -4.14 46.77 55.05
N GLN G 5 -3.89 47.12 56.31
CA GLN G 5 -4.92 47.68 57.19
C GLN G 5 -4.70 49.16 57.46
N GLN G 6 -3.51 49.53 57.91
CA GLN G 6 -3.16 50.93 58.15
C GLN G 6 -2.32 51.43 56.98
N ALA G 7 -2.85 52.37 56.22
CA ALA G 7 -2.18 52.93 55.06
C ALA G 7 -1.68 54.32 55.38
N PHE G 8 -0.40 54.57 55.12
CA PHE G 8 0.23 55.86 55.30
C PHE G 8 0.63 56.45 53.95
N ASP G 9 1.17 57.66 53.99
CA ASP G 9 1.65 58.32 52.79
C ASP G 9 3.15 58.05 52.67
N VAL G 10 3.54 57.29 51.64
CA VAL G 10 4.94 56.90 51.50
C VAL G 10 5.82 58.11 51.23
N THR G 11 5.28 59.16 50.62
CA THR G 11 6.07 60.35 50.33
C THR G 11 6.42 61.15 51.58
N SER G 12 5.74 60.88 52.70
CA SER G 12 6.04 61.54 53.96
C SER G 12 7.11 60.83 54.78
N LEU G 13 7.56 59.65 54.35
CA LEU G 13 8.60 58.94 55.08
C LEU G 13 9.90 59.72 55.01
N PRO G 14 10.70 59.70 56.08
CA PRO G 14 12.01 60.37 56.02
C PRO G 14 12.93 59.77 54.97
N SER G 15 12.81 58.47 54.71
CA SER G 15 13.60 57.85 53.66
C SER G 15 13.22 58.39 52.29
N TRP G 16 11.93 58.65 52.07
CA TRP G 16 11.49 59.24 50.81
C TRP G 16 12.10 60.62 50.61
N ARG G 17 12.08 61.46 51.64
CA ARG G 17 12.66 62.79 51.53
C ARG G 17 14.17 62.72 51.33
N ALA G 18 14.83 61.77 52.00
CA ALA G 18 16.26 61.57 51.77
C ALA G 18 16.52 61.15 50.33
N LEU G 19 15.61 60.35 49.76
CA LEU G 19 15.75 59.96 48.35
C LEU G 19 15.54 61.14 47.42
N GLN G 20 14.62 62.06 47.77
CA GLN G 20 14.48 63.28 46.98
C GLN G 20 15.76 64.11 47.00
N GLU G 21 16.34 64.28 48.18
CA GLU G 21 17.58 65.04 48.28
C GLU G 21 18.71 64.35 47.50
N HIS G 22 18.78 63.03 47.60
CA HIS G 22 19.80 62.29 46.86
C HIS G 22 19.56 62.38 45.36
N ARG G 23 18.31 62.40 44.91
CA ARG G 23 18.03 62.60 43.50
C ARG G 23 18.48 63.97 43.03
N LEU G 24 18.24 65.00 43.85
CA LEU G 24 18.75 66.33 43.54
C LEU G 24 20.27 66.30 43.41
N ALA G 25 20.95 65.59 44.31
CA ALA G 25 22.41 65.52 44.26
C ALA G 25 22.89 64.72 43.06
N MET G 26 22.18 63.66 42.69
CA MET G 26 22.57 62.75 41.63
C MET G 26 22.11 63.20 40.25
N GLN G 27 21.41 64.33 40.19
CA GLN G 27 21.04 64.94 38.90
C GLN G 27 22.13 64.86 37.85
N ASN G 28 23.38 65.16 38.22
CA ASN G 28 24.48 65.22 37.28
C ASN G 28 25.28 63.91 37.21
N PHE G 29 24.82 62.86 37.86
CA PHE G 29 25.55 61.59 37.88
C PHE G 29 25.59 60.96 36.50
N HIS G 30 26.76 60.44 36.13
CA HIS G 30 26.93 59.69 34.89
C HIS G 30 27.57 58.35 35.21
N MET G 31 26.98 57.27 34.68
CA MET G 31 27.47 55.92 34.96
C MET G 31 28.87 55.69 34.40
N ARG G 32 29.21 56.34 33.28
CA ARG G 32 30.55 56.17 32.73
C ARG G 32 31.62 56.66 33.70
N GLU G 33 31.43 57.86 34.26
CA GLU G 33 32.38 58.38 35.23
C GLU G 33 32.46 57.50 36.47
N ALA G 34 31.32 56.98 36.91
CA ALA G 34 31.31 56.06 38.06
C ALA G 34 32.04 54.77 37.74
N PHE G 35 32.10 54.38 36.46
CA PHE G 35 32.79 53.15 36.11
C PHE G 35 34.29 53.35 35.91
N LEU G 36 34.70 54.51 35.41
CA LEU G 36 36.15 54.77 35.34
C LEU G 36 36.72 55.10 36.72
N SER G 37 35.91 55.57 37.64
CA SER G 37 36.37 55.93 38.97
C SER G 37 36.13 54.86 40.01
N ASP G 38 35.73 53.65 39.60
CA ASP G 38 35.47 52.57 40.54
C ASP G 38 35.60 51.24 39.80
N PRO G 39 36.80 50.64 39.82
CA PRO G 39 36.98 49.33 39.18
C PRO G 39 36.19 48.21 39.85
N GLY G 40 35.76 48.39 41.09
CA GLY G 40 34.99 47.38 41.79
C GLY G 40 33.50 47.65 41.80
N ARG G 41 33.03 48.45 40.84
CA ARG G 41 31.60 48.78 40.78
C ARG G 41 30.76 47.54 40.47
N PHE G 42 31.23 46.68 39.56
CA PHE G 42 30.48 45.47 39.23
C PHE G 42 30.38 44.55 40.45
N ASP G 43 31.47 44.38 41.19
CA ASP G 43 31.45 43.53 42.37
C ASP G 43 30.50 44.08 43.43
N GLU G 44 30.51 45.40 43.62
CA GLU G 44 29.65 46.01 44.62
C GLU G 44 28.19 45.91 44.24
N PHE G 45 27.87 46.01 42.95
CA PHE G 45 26.49 46.10 42.51
C PHE G 45 26.08 44.89 41.68
N SER G 46 26.44 43.70 42.12
CA SER G 46 25.96 42.46 41.54
C SER G 46 25.67 41.48 42.65
N THR G 47 24.77 40.54 42.37
CA THR G 47 24.36 39.57 43.35
C THR G 47 23.95 38.28 42.64
N SER G 48 23.88 37.19 43.41
CA SER G 48 23.54 35.89 42.86
C SER G 48 22.51 35.22 43.78
N SER G 49 21.71 34.35 43.17
CA SER G 49 20.71 33.59 43.92
C SER G 49 20.30 32.41 43.07
N CYS G 50 20.58 31.21 43.57
CA CYS G 50 20.27 29.95 42.86
C CYS G 50 21.08 29.98 41.56
N GLY G 51 20.46 29.76 40.40
CA GLY G 51 21.15 29.89 39.14
C GLY G 51 21.06 31.25 38.50
N LEU G 52 20.47 32.24 39.19
CA LEU G 52 20.28 33.57 38.65
C LEU G 52 21.39 34.49 39.13
N PHE G 53 21.87 35.34 38.22
CA PHE G 53 22.86 36.35 38.55
C PHE G 53 22.34 37.70 38.10
N LEU G 54 22.23 38.65 39.02
CA LEU G 54 21.76 39.99 38.72
C LEU G 54 22.93 40.96 38.75
N ASP G 55 23.21 41.57 37.61
CA ASP G 55 24.14 42.68 37.52
C ASP G 55 23.30 43.96 37.42
N TYR G 56 23.39 44.79 38.45
CA TYR G 56 22.68 46.07 38.48
C TYR G 56 23.64 47.23 38.68
N SER G 57 24.87 47.10 38.18
CA SER G 57 25.86 48.16 38.29
C SER G 57 25.62 49.27 37.28
N LYS G 58 25.04 48.95 36.12
CA LYS G 58 24.74 49.96 35.10
C LYS G 58 23.44 50.69 35.44
N ASN G 59 23.42 51.25 36.64
CA ASN G 59 22.25 51.94 37.14
C ASN G 59 22.66 53.31 37.67
N LEU G 60 21.69 54.22 37.73
CA LEU G 60 21.90 55.56 38.27
C LEU G 60 21.89 55.48 39.79
N ILE G 61 22.87 54.76 40.32
CA ILE G 61 22.99 54.55 41.76
C ILE G 61 24.44 54.69 42.18
N THR G 62 24.62 55.00 43.45
CA THR G 62 25.89 54.93 44.17
C THR G 62 25.65 54.00 45.35
N PRO G 63 26.66 53.65 46.15
CA PRO G 63 26.36 52.92 47.39
C PRO G 63 25.38 53.66 48.29
N GLU G 64 25.45 54.99 48.31
CA GLU G 64 24.49 55.78 49.08
C GLU G 64 23.08 55.60 48.53
N THR G 65 22.94 55.54 47.21
CA THR G 65 21.62 55.33 46.62
C THR G 65 21.02 54.00 47.03
N ARG G 66 21.82 52.94 46.99
CA ARG G 66 21.34 51.62 47.41
C ARG G 66 21.00 51.63 48.90
N ASP G 67 21.81 52.31 49.70
CA ASP G 67 21.51 52.41 51.13
C ASP G 67 20.16 53.09 51.35
N LEU G 68 19.91 54.20 50.64
CA LEU G 68 18.66 54.92 50.82
C LEU G 68 17.46 54.14 50.30
N LEU G 69 17.63 53.44 49.17
CA LEU G 69 16.52 52.63 48.65
C LEU G 69 16.20 51.47 49.60
N VAL G 70 17.22 50.84 50.16
CA VAL G 70 16.99 49.79 51.15
C VAL G 70 16.32 50.37 52.39
N ASN G 71 16.70 51.59 52.77
CA ASN G 71 16.07 52.26 53.90
C ASN G 71 14.59 52.51 53.64
N LEU G 72 14.26 52.96 52.42
CA LEU G 72 12.85 53.17 52.08
C LEU G 72 12.08 51.85 52.08
N ALA G 73 12.69 50.79 51.57
CA ALA G 73 12.04 49.48 51.61
C ALA G 73 11.78 49.04 53.05
N ARG G 74 12.74 49.27 53.95
CA ARG G 74 12.55 48.93 55.35
C ARG G 74 11.45 49.78 56.00
N GLU G 75 11.47 51.10 55.73
CA GLU G 75 10.50 51.99 56.34
C GLU G 75 9.08 51.72 55.85
N ALA G 76 8.93 51.33 54.59
CA ALA G 76 7.62 50.96 54.08
C ALA G 76 7.13 49.64 54.64
N GLY G 77 8.02 48.85 55.25
CA GLY G 77 7.62 47.57 55.82
C GLY G 77 7.55 46.44 54.83
N VAL G 78 8.55 46.33 53.95
CA VAL G 78 8.53 45.26 52.94
C VAL G 78 8.71 43.90 53.58
N GLU G 79 9.56 43.81 54.61
CA GLU G 79 9.81 42.54 55.26
C GLU G 79 8.55 42.01 55.96
N GLN G 80 7.89 42.88 56.74
CA GLN G 80 6.68 42.46 57.43
C GLN G 80 5.55 42.16 56.45
N ALA G 81 5.47 42.94 55.36
CA ALA G 81 4.46 42.69 54.35
C ALA G 81 4.68 41.35 53.67
N ALA G 82 5.94 41.02 53.37
CA ALA G 82 6.25 39.72 52.78
C ALA G 82 5.92 38.59 53.76
N ARG G 83 6.20 38.79 55.04
CA ARG G 83 5.81 37.80 56.04
C ARG G 83 4.30 37.59 56.05
N ALA G 84 3.54 38.68 56.01
CA ALA G 84 2.09 38.59 56.01
C ALA G 84 1.57 37.87 54.77
N MET G 85 2.13 38.19 53.60
CA MET G 85 1.68 37.54 52.38
C MET G 85 2.03 36.06 52.38
N PHE G 86 3.26 35.71 52.79
CA PHE G 86 3.68 34.32 52.81
C PHE G 86 2.93 33.51 53.86
N ASP G 87 2.47 34.15 54.93
CA ASP G 87 1.85 33.45 56.04
C ASP G 87 0.35 33.28 55.89
N GLY G 88 -0.26 33.83 54.85
CA GLY G 88 -1.67 33.68 54.61
C GLY G 88 -2.56 34.80 55.11
N GLU G 89 -1.98 35.92 55.53
CA GLU G 89 -2.79 37.05 55.94
C GLU G 89 -3.53 37.64 54.74
N PRO G 90 -4.73 38.18 54.94
CA PRO G 90 -5.49 38.73 53.82
C PRO G 90 -4.90 40.01 53.28
N VAL G 91 -3.79 39.89 52.54
CA VAL G 91 -3.11 41.07 52.00
C VAL G 91 -3.91 41.70 50.87
N ASN G 92 -4.81 40.96 50.24
CA ASN G 92 -5.78 41.52 49.30
C ASN G 92 -6.90 42.15 50.11
N ALA G 93 -6.64 43.36 50.60
CA ALA G 93 -7.55 44.02 51.52
C ALA G 93 -8.89 44.31 50.86
N SER G 94 -8.88 44.77 49.61
CA SER G 94 -10.12 45.14 48.93
C SER G 94 -11.04 43.94 48.78
N GLU G 95 -10.51 42.78 48.41
CA GLU G 95 -11.30 41.58 48.26
C GLU G 95 -11.32 40.71 49.51
N ARG G 96 -10.60 41.10 50.56
CA ARG G 96 -10.55 40.37 51.83
C ARG G 96 -10.09 38.93 51.61
N ARG G 97 -9.04 38.76 50.82
CA ARG G 97 -8.50 37.45 50.51
C ARG G 97 -7.00 37.42 50.77
N PRO G 98 -6.44 36.25 51.06
CA PRO G 98 -4.99 36.10 51.02
C PRO G 98 -4.48 35.95 49.60
N ALA G 99 -3.20 36.24 49.42
CA ALA G 99 -2.52 36.05 48.14
C ALA G 99 -1.49 34.95 48.34
N LEU G 100 -1.85 33.73 47.97
CA LEU G 100 -1.04 32.56 48.30
C LEU G 100 -0.58 31.82 47.06
N HIS G 101 -0.08 32.56 46.07
CA HIS G 101 0.55 31.91 44.93
C HIS G 101 1.86 31.23 45.31
N THR G 102 2.54 31.75 46.34
CA THR G 102 3.75 31.11 46.82
C THR G 102 3.45 29.72 47.39
N ALA G 103 2.29 29.57 48.04
CA ALA G 103 1.89 28.28 48.57
C ALA G 103 1.85 27.19 47.50
N LEU G 104 1.56 27.57 46.26
CA LEU G 104 1.50 26.59 45.17
C LEU G 104 2.85 25.96 44.88
N ARG G 105 3.94 26.55 45.35
CA ARG G 105 5.28 26.02 45.09
C ARG G 105 5.92 25.39 46.31
N ARG G 106 5.24 25.41 47.45
CA ARG G 106 5.77 24.79 48.65
C ARG G 106 5.76 23.26 48.52
N PRO G 107 6.70 22.59 49.16
CA PRO G 107 6.73 21.13 49.13
C PRO G 107 5.74 20.53 50.14
N VAL G 108 5.62 19.20 50.10
CA VAL G 108 4.62 18.50 50.88
C VAL G 108 4.85 18.64 52.38
N GLY G 109 6.07 18.96 52.81
CA GLY G 109 6.33 19.11 54.22
C GLY G 109 5.89 20.41 54.83
N ASP G 110 5.41 21.34 54.00
CA ASP G 110 4.96 22.65 54.47
C ASP G 110 3.46 22.62 54.74
N SER G 111 3.05 23.26 55.82
CA SER G 111 1.64 23.35 56.20
C SER G 111 1.26 24.80 56.36
N LEU G 112 0.12 25.19 55.79
CA LEU G 112 -0.39 26.55 55.87
C LEU G 112 -1.86 26.48 56.26
N LEU G 113 -2.20 27.02 57.41
CA LEU G 113 -3.56 26.96 57.94
C LEU G 113 -4.28 28.25 57.60
N ILE G 114 -5.36 28.14 56.83
CA ILE G 114 -6.23 29.26 56.49
C ILE G 114 -7.61 28.94 57.04
N ASP G 115 -8.06 29.71 58.03
CA ASP G 115 -9.30 29.45 58.74
C ASP G 115 -9.31 28.04 59.34
N GLY G 116 -8.16 27.63 59.88
CA GLY G 116 -8.05 26.34 60.51
C GLY G 116 -7.94 25.16 59.56
N HIS G 117 -7.81 25.41 58.27
CA HIS G 117 -7.70 24.35 57.27
C HIS G 117 -6.35 24.43 56.57
N ASN G 118 -5.73 23.26 56.38
CA ASN G 118 -4.42 23.17 55.73
C ASN G 118 -4.62 23.19 54.22
N ILE G 119 -4.35 24.35 53.60
CA ILE G 119 -4.53 24.49 52.17
C ILE G 119 -3.45 23.78 51.38
N MET G 120 -2.33 23.43 52.04
CA MET G 120 -1.29 22.68 51.35
C MET G 120 -1.76 21.29 50.97
N ARG G 121 -2.70 20.74 51.74
CA ARG G 121 -3.35 19.50 51.34
C ARG G 121 -4.07 19.65 50.01
N ASP G 122 -4.79 20.76 49.83
CA ASP G 122 -5.44 21.02 48.55
C ASP G 122 -4.40 21.20 47.44
N VAL G 123 -3.33 21.93 47.73
CA VAL G 123 -2.29 22.17 46.73
C VAL G 123 -1.73 20.84 46.23
N HIS G 124 -1.38 19.95 47.15
CA HIS G 124 -0.73 18.71 46.74
C HIS G 124 -1.72 17.65 46.26
N ALA G 125 -2.98 17.71 46.68
CA ALA G 125 -4.00 16.88 46.04
C ALA G 125 -4.18 17.27 44.59
N ALA G 126 -4.21 18.57 44.31
CA ALA G 126 -4.28 19.03 42.93
C ALA G 126 -3.03 18.63 42.16
N LEU G 127 -1.87 18.70 42.80
CA LEU G 127 -0.63 18.28 42.13
C LEU G 127 -0.66 16.79 41.80
N ALA G 128 -1.16 15.96 42.72
CA ALA G 128 -1.28 14.53 42.44
C ALA G 128 -2.28 14.24 41.34
N GLN G 129 -3.39 14.97 41.32
CA GLN G 129 -4.35 14.85 40.23
C GLN G 129 -3.72 15.23 38.90
N MET G 130 -2.94 16.31 38.89
CA MET G 130 -2.23 16.72 37.68
C MET G 130 -1.26 15.63 37.24
N THR G 131 -0.54 15.03 38.19
CA THR G 131 0.39 13.96 37.86
C THR G 131 -0.34 12.78 37.25
N ASP G 132 -1.50 12.42 37.80
CA ASP G 132 -2.28 11.31 37.28
C ASP G 132 -2.69 11.55 35.83
N ILE G 133 -3.26 12.73 35.56
CA ILE G 133 -3.72 13.01 34.20
C ILE G 133 -2.54 13.14 33.23
N VAL G 134 -1.44 13.75 33.66
CA VAL G 134 -0.29 13.90 32.78
C VAL G 134 0.32 12.54 32.45
N GLY G 135 0.41 11.65 33.44
CA GLY G 135 0.90 10.31 33.17
C GLY G 135 -0.03 9.51 32.28
N ARG G 136 -1.35 9.69 32.46
CA ARG G 136 -2.30 9.01 31.58
C ARG G 136 -2.15 9.45 30.15
N ILE G 137 -2.07 10.77 29.91
CA ILE G 137 -2.02 11.27 28.55
C ILE G 137 -0.66 10.98 27.91
N HIS G 138 0.43 11.14 28.67
CA HIS G 138 1.76 10.95 28.10
C HIS G 138 1.97 9.50 27.68
N ASN G 139 1.44 8.55 28.44
CA ASN G 139 1.58 7.13 28.13
C ASN G 139 0.57 6.64 27.10
N LYS G 140 -0.13 7.56 26.43
CA LYS G 140 -1.17 7.23 25.45
C LYS G 140 -2.28 6.39 26.07
N LEU G 141 -2.52 6.56 27.36
CA LEU G 141 -3.58 5.87 28.08
C LEU G 141 -4.87 6.67 28.11
N TRP G 142 -4.90 7.85 27.50
CA TRP G 142 -6.11 8.67 27.40
C TRP G 142 -6.60 8.61 25.96
N ARG G 143 -7.87 8.26 25.79
CA ARG G 143 -8.45 8.03 24.48
C ARG G 143 -9.75 8.80 24.34
N GLY G 144 -10.06 9.18 23.11
CA GLY G 144 -11.25 9.96 22.80
C GLY G 144 -12.47 9.10 22.57
N TYR G 145 -13.46 9.70 21.90
CA TYR G 145 -14.70 8.98 21.63
C TYR G 145 -14.54 7.93 20.55
N SER G 146 -13.50 8.02 19.73
CA SER G 146 -13.15 6.97 18.78
C SER G 146 -12.16 5.98 19.37
N ASP G 147 -11.86 6.09 20.68
CA ASP G 147 -10.89 5.24 21.35
C ASP G 147 -9.51 5.31 20.68
N ARG G 148 -9.09 6.52 20.36
CA ARG G 148 -7.75 6.80 19.85
C ARG G 148 -7.03 7.74 20.80
N ALA G 149 -5.71 7.55 20.91
CA ALA G 149 -4.92 8.35 21.82
C ALA G 149 -4.95 9.82 21.42
N ILE G 150 -4.97 10.70 22.41
CA ILE G 150 -5.00 12.14 22.21
C ILE G 150 -3.57 12.65 22.14
N THR G 151 -3.32 13.58 21.22
CA THR G 151 -2.00 14.20 21.09
C THR G 151 -2.09 15.72 20.92
N ASP G 152 -3.26 16.32 21.14
CA ASP G 152 -3.45 17.75 21.03
C ASP G 152 -4.25 18.24 22.22
N VAL G 153 -3.61 18.97 23.13
CA VAL G 153 -4.26 19.55 24.29
C VAL G 153 -4.44 21.03 24.04
N VAL G 154 -5.69 21.49 24.08
CA VAL G 154 -6.03 22.88 23.78
C VAL G 154 -6.57 23.51 25.06
N ASN G 155 -5.91 24.57 25.51
CA ASN G 155 -6.31 25.29 26.72
C ASN G 155 -7.19 26.46 26.31
N ILE G 156 -8.48 26.39 26.65
CA ILE G 156 -9.43 27.47 26.43
C ILE G 156 -9.44 28.32 27.70
N GLY G 157 -8.74 29.45 27.65
CA GLY G 157 -8.68 30.34 28.79
C GLY G 157 -8.02 31.64 28.39
N ILE G 158 -8.31 32.68 29.18
CA ILE G 158 -7.83 34.03 28.90
C ILE G 158 -7.13 34.57 30.14
N GLY G 159 -6.33 35.61 29.93
CA GLY G 159 -5.63 36.27 31.01
C GLY G 159 -4.62 35.38 31.69
N GLY G 160 -4.77 35.20 33.01
CA GLY G 160 -3.88 34.34 33.75
C GLY G 160 -3.95 32.89 33.37
N SER G 161 -5.05 32.47 32.76
CA SER G 161 -5.20 31.11 32.26
C SER G 161 -4.50 30.90 30.92
N TYR G 162 -3.96 31.95 30.33
CA TYR G 162 -3.36 31.88 29.00
C TYR G 162 -1.90 32.28 28.98
N LEU G 163 -1.53 33.37 29.63
CA LEU G 163 -0.22 33.98 29.38
C LEU G 163 0.90 33.23 30.08
N GLY G 164 0.76 32.96 31.37
CA GLY G 164 1.77 32.25 32.12
C GLY G 164 2.01 30.83 31.65
N PRO G 165 0.94 30.05 31.50
CA PRO G 165 1.11 28.70 30.94
C PRO G 165 1.76 28.68 29.55
N GLU G 166 1.35 29.59 28.67
CA GLU G 166 1.95 29.64 27.33
C GLU G 166 3.41 30.04 27.39
N LEU G 167 3.74 30.99 28.27
CA LEU G 167 5.13 31.35 28.50
C LEU G 167 5.97 30.14 28.91
N VAL G 168 5.52 29.42 29.93
CA VAL G 168 6.33 28.31 30.41
C VAL G 168 6.41 27.20 29.37
N SER G 169 5.34 27.01 28.61
CA SER G 169 5.35 26.03 27.54
C SER G 169 6.38 26.38 26.46
N GLU G 170 6.43 27.66 26.08
CA GLU G 170 7.35 28.05 25.01
C GLU G 170 8.79 28.09 25.49
N ALA G 171 9.03 28.59 26.70
CA ALA G 171 10.39 28.73 27.20
C ALA G 171 11.03 27.37 27.46
N LEU G 172 10.22 26.40 27.91
CA LEU G 172 10.71 25.07 28.24
C LEU G 172 10.53 24.09 27.09
N LEU G 173 10.57 24.58 25.85
CA LEU G 173 10.45 23.71 24.69
C LEU G 173 11.52 22.62 24.62
N PRO G 174 12.81 22.88 24.89
CA PRO G 174 13.79 21.79 24.87
C PRO G 174 13.51 20.68 25.86
N TYR G 175 12.53 20.84 26.74
CA TYR G 175 12.16 19.83 27.72
C TYR G 175 10.78 19.23 27.42
N THR G 176 10.36 19.28 26.15
CA THR G 176 9.06 18.77 25.76
C THR G 176 9.18 17.43 25.05
N VAL G 180 2.82 15.22 22.89
CA VAL G 180 1.60 15.98 23.09
C VAL G 180 1.85 17.46 22.83
N ARG G 181 1.07 18.03 21.92
CA ARG G 181 1.22 19.43 21.52
C ARG G 181 0.16 20.27 22.24
N CYS G 182 0.60 21.37 22.84
CA CYS G 182 -0.27 22.26 23.59
C CYS G 182 -0.58 23.51 22.76
N HIS G 183 -1.86 23.81 22.61
CA HIS G 183 -2.34 24.99 21.93
C HIS G 183 -3.15 25.82 22.92
N TYR G 184 -3.29 27.11 22.62
CA TYR G 184 -4.01 28.02 23.49
C TYR G 184 -5.05 28.78 22.70
N LEU G 185 -6.23 28.96 23.30
CA LEU G 185 -7.38 29.59 22.65
C LEU G 185 -7.93 30.62 23.63
N ALA G 186 -7.50 31.87 23.48
CA ALA G 186 -7.88 32.95 24.38
C ALA G 186 -8.84 33.95 23.76
N ASN G 187 -8.52 34.44 22.57
CA ASN G 187 -9.29 35.53 21.97
C ASN G 187 -10.70 35.06 21.61
N ILE G 188 -11.68 35.92 21.87
CA ILE G 188 -13.04 35.69 21.40
C ILE G 188 -13.15 35.84 19.89
N ASP G 189 -12.13 36.40 19.25
CA ASP G 189 -12.06 36.45 17.80
C ASP G 189 -12.23 35.07 17.21
N GLY G 190 -13.31 34.89 16.43
CA GLY G 190 -13.57 33.60 15.82
C GLY G 190 -12.51 33.16 14.85
N SER G 191 -11.72 34.08 14.33
CA SER G 191 -10.62 33.71 13.43
C SER G 191 -9.57 32.89 14.16
N GLU G 192 -9.30 33.21 15.43
CA GLU G 192 -8.37 32.41 16.21
C GLU G 192 -8.90 30.99 16.40
N PHE G 193 -10.19 30.86 16.71
CA PHE G 193 -10.79 29.54 16.86
C PHE G 193 -10.73 28.75 15.57
N HIS G 194 -11.00 29.42 14.44
CA HIS G 194 -10.93 28.75 13.15
C HIS G 194 -9.51 28.28 12.84
N GLU G 195 -8.52 29.15 13.08
CA GLU G 195 -7.14 28.77 12.82
C GLU G 195 -6.71 27.62 13.71
N LEU G 196 -7.15 27.62 14.96
CA LEU G 196 -6.81 26.54 15.87
C LEU G 196 -7.44 25.22 15.45
N THR G 197 -8.75 25.22 15.19
CA THR G 197 -9.44 23.99 14.84
C THR G 197 -9.13 23.53 13.42
N ALA G 198 -8.47 24.35 12.61
CA ALA G 198 -8.00 23.89 11.31
C ALA G 198 -6.87 22.86 11.43
N ARG G 199 -6.30 22.69 12.62
CA ARG G 199 -5.24 21.71 12.84
C ARG G 199 -5.64 20.63 13.83
N LEU G 200 -6.91 20.55 14.20
CA LEU G 200 -7.36 19.66 15.26
C LEU G 200 -8.34 18.62 14.72
N ASN G 201 -8.24 17.41 15.27
CA ASN G 201 -9.20 16.35 15.05
C ASN G 201 -10.02 16.18 16.32
N ALA G 202 -11.35 16.15 16.17
CA ALA G 202 -12.21 16.04 17.35
C ALA G 202 -12.02 14.72 18.08
N GLU G 203 -11.64 13.66 17.36
CA GLU G 203 -11.35 12.39 17.99
C GLU G 203 -10.06 12.42 18.80
N THR G 204 -9.23 13.45 18.63
CA THR G 204 -7.88 13.46 19.16
C THR G 204 -7.61 14.65 20.09
N THR G 205 -8.44 15.67 20.07
CA THR G 205 -8.19 16.90 20.82
C THR G 205 -8.87 16.86 22.17
N LEU G 206 -8.12 17.22 23.21
CA LEU G 206 -8.66 17.35 24.56
C LEU G 206 -8.63 18.82 24.96
N PHE G 207 -9.77 19.31 25.45
CA PHE G 207 -9.92 20.73 25.77
C PHE G 207 -9.91 20.92 27.28
N ILE G 208 -9.07 21.84 27.75
CA ILE G 208 -9.04 22.25 29.15
C ILE G 208 -9.74 23.61 29.23
N ILE G 209 -10.91 23.65 29.86
CA ILE G 209 -11.61 24.91 30.07
C ILE G 209 -11.10 25.52 31.37
N SER G 210 -10.38 26.62 31.27
CA SER G 210 -9.77 27.27 32.43
C SER G 210 -10.53 28.56 32.72
N SER G 211 -11.51 28.48 33.62
CA SER G 211 -12.27 29.64 34.04
C SER G 211 -12.59 29.53 35.52
N LYS G 212 -12.28 30.58 36.29
CA LYS G 212 -12.50 30.55 37.73
C LYS G 212 -13.96 30.35 38.06
N THR G 213 -14.80 31.32 37.69
CA THR G 213 -16.23 31.25 37.94
C THR G 213 -16.95 30.33 36.95
N PHE G 214 -16.28 29.94 35.86
CA PHE G 214 -16.91 29.23 34.75
C PHE G 214 -18.02 30.06 34.13
N GLY G 215 -17.85 31.38 34.13
CA GLY G 215 -18.83 32.30 33.58
C GLY G 215 -18.19 33.42 32.80
N THR G 216 -16.87 33.36 32.62
CA THR G 216 -16.17 34.36 31.84
C THR G 216 -16.67 34.36 30.40
N LEU G 217 -16.95 35.55 29.87
CA LEU G 217 -17.62 35.66 28.58
C LEU G 217 -16.83 34.97 27.47
N GLU G 218 -15.60 35.44 27.23
CA GLU G 218 -14.83 34.92 26.11
C GLU G 218 -14.49 33.45 26.30
N THR G 219 -14.11 33.06 27.52
CA THR G 219 -13.77 31.67 27.78
C THR G 219 -14.98 30.76 27.57
N LEU G 220 -16.14 31.16 28.08
CA LEU G 220 -17.34 30.35 27.89
C LEU G 220 -17.73 30.29 26.41
N LYS G 221 -17.64 31.41 25.70
CA LYS G 221 -17.99 31.40 24.29
C LYS G 221 -17.09 30.45 23.51
N ASN G 222 -15.78 30.50 23.77
CA ASN G 222 -14.86 29.60 23.10
C ASN G 222 -15.10 28.15 23.52
N ALA G 223 -15.47 27.91 24.78
CA ALA G 223 -15.76 26.56 25.24
C ALA G 223 -16.99 25.99 24.54
N GLN G 224 -18.07 26.78 24.43
CA GLN G 224 -19.25 26.31 23.73
C GLN G 224 -18.98 26.16 22.24
N ALA G 225 -18.15 27.01 21.66
CA ALA G 225 -17.75 26.82 20.26
C ALA G 225 -17.01 25.51 20.08
N ALA G 226 -16.10 25.20 21.01
CA ALA G 226 -15.37 23.93 20.94
C ALA G 226 -16.29 22.74 21.13
N ARG G 227 -17.25 22.84 22.05
CA ARG G 227 -18.20 21.76 22.26
C ARG G 227 -19.07 21.55 21.04
N THR G 228 -19.53 22.63 20.41
CA THR G 228 -20.30 22.51 19.18
C THR G 228 -19.48 21.90 18.07
N TRP G 229 -18.22 22.30 17.96
CA TRP G 229 -17.31 21.73 16.96
C TRP G 229 -17.12 20.24 17.19
N TYR G 230 -16.97 19.82 18.45
CA TYR G 230 -16.80 18.41 18.76
C TYR G 230 -18.06 17.61 18.47
N LEU G 231 -19.22 18.14 18.84
CA LEU G 231 -20.49 17.46 18.58
C LEU G 231 -20.76 17.35 17.08
N ALA G 232 -20.50 18.41 16.33
CA ALA G 232 -20.74 18.42 14.89
C ALA G 232 -19.62 17.78 14.10
N SER G 233 -18.52 17.39 14.74
CA SER G 233 -17.44 16.67 14.08
C SER G 233 -17.57 15.16 14.25
N GLY G 234 -18.65 14.68 14.85
CA GLY G 234 -18.87 13.26 15.04
C GLY G 234 -18.89 12.79 16.48
N GLY G 235 -18.46 13.60 17.44
CA GLY G 235 -18.47 13.17 18.82
C GLY G 235 -19.86 13.08 19.39
N SER G 236 -20.00 12.24 20.41
CA SER G 236 -21.29 11.96 21.03
C SER G 236 -21.41 12.64 22.39
N GLU G 237 -22.63 13.04 22.73
CA GLU G 237 -22.86 13.81 23.96
C GLU G 237 -22.53 12.99 25.21
N GLU G 238 -22.93 11.72 25.23
CA GLU G 238 -22.70 10.89 26.41
C GLU G 238 -21.23 10.55 26.61
N ARG G 239 -20.41 10.67 25.56
CA ARG G 239 -19.00 10.33 25.62
C ARG G 239 -18.12 11.59 25.60
N LEU G 240 -18.73 12.77 25.73
CA LEU G 240 -18.01 14.03 25.69
C LEU G 240 -16.93 14.14 26.76
N TYR G 241 -17.06 13.39 27.85
CA TYR G 241 -16.19 13.56 29.02
C TYR G 241 -14.72 13.33 28.70
N ARG G 242 -14.40 12.56 27.66
CA ARG G 242 -12.99 12.31 27.35
C ARG G 242 -12.33 13.41 26.54
N HIS G 243 -13.07 14.47 26.19
CA HIS G 243 -12.48 15.57 25.44
C HIS G 243 -12.56 16.91 26.14
N PHE G 244 -13.10 16.96 27.35
CA PHE G 244 -13.29 18.22 28.05
C PHE G 244 -13.01 18.02 29.53
N ILE G 245 -11.87 18.53 29.99
CA ILE G 245 -11.60 18.68 31.41
C ILE G 245 -11.65 20.17 31.73
N ALA G 246 -11.79 20.49 33.01
CA ALA G 246 -11.93 21.86 33.44
C ALA G 246 -11.05 22.14 34.64
N VAL G 247 -10.50 23.35 34.69
CA VAL G 247 -9.87 23.89 35.89
C VAL G 247 -10.77 25.03 36.36
N THR G 248 -11.53 24.81 37.42
CA THR G 248 -12.54 25.78 37.79
C THR G 248 -12.89 25.65 39.26
N SER G 249 -13.43 26.75 39.80
CA SER G 249 -14.06 26.74 41.13
C SER G 249 -15.54 26.44 41.06
N ASN G 250 -16.12 26.36 39.87
CA ASN G 250 -17.54 26.06 39.68
C ASN G 250 -17.63 24.62 39.20
N ILE G 251 -17.62 23.68 40.16
CA ILE G 251 -17.80 22.27 39.84
C ILE G 251 -19.15 22.00 39.19
N PRO G 252 -20.28 22.52 39.69
CA PRO G 252 -21.56 22.22 39.03
C PRO G 252 -21.62 22.66 37.59
N ALA G 253 -21.06 23.83 37.26
CA ALA G 253 -21.11 24.31 35.87
C ALA G 253 -20.37 23.37 34.94
N ALA G 254 -19.17 22.94 35.34
CA ALA G 254 -18.45 21.95 34.55
C ALA G 254 -19.18 20.62 34.52
N ILE G 255 -19.99 20.34 35.54
CA ILE G 255 -20.77 19.10 35.55
C ILE G 255 -21.84 19.14 34.47
N GLU G 256 -22.60 20.25 34.40
CA GLU G 256 -23.61 20.34 33.35
C GLU G 256 -23.00 20.59 31.97
N PHE G 257 -21.74 21.04 31.89
CA PHE G 257 -21.07 21.05 30.60
C PHE G 257 -20.85 19.64 30.08
N GLY G 258 -20.74 18.66 30.99
CA GLY G 258 -20.51 17.28 30.59
C GLY G 258 -19.12 16.80 30.96
N ILE G 259 -18.54 17.40 31.98
CA ILE G 259 -17.20 17.08 32.45
C ILE G 259 -17.31 16.26 33.73
N ARG G 260 -16.53 15.19 33.81
CA ARG G 260 -16.52 14.34 34.99
C ARG G 260 -15.95 15.10 36.19
N GLU G 261 -16.44 14.74 37.38
CA GLU G 261 -15.95 15.37 38.60
C GLU G 261 -14.48 15.08 38.82
N LYS G 262 -14.01 13.89 38.42
CA LYS G 262 -12.60 13.54 38.60
C LYS G 262 -11.68 14.27 37.62
N ASN G 263 -12.24 14.91 36.59
CA ASN G 263 -11.46 15.71 35.66
C ASN G 263 -11.62 17.21 35.90
N ILE G 264 -12.22 17.59 37.03
CA ILE G 264 -12.37 18.99 37.40
C ILE G 264 -11.30 19.30 38.44
N PHE G 265 -10.39 20.19 38.09
CA PHE G 265 -9.28 20.66 38.92
C PHE G 265 -9.70 21.89 39.71
N PRO G 266 -9.27 22.00 40.96
CA PRO G 266 -9.77 23.07 41.82
C PRO G 266 -9.05 24.39 41.58
N MET G 267 -9.83 25.46 41.64
CA MET G 267 -9.32 26.83 41.60
C MET G 267 -9.67 27.48 42.92
N TRP G 268 -8.71 28.16 43.52
CA TRP G 268 -8.91 28.73 44.85
C TRP G 268 -8.90 30.25 44.79
N ASP G 269 -9.61 30.86 45.74
CA ASP G 269 -9.73 32.31 45.76
C ASP G 269 -8.39 32.97 46.09
N TRP G 270 -7.58 32.35 46.95
CA TRP G 270 -6.32 32.94 47.35
C TRP G 270 -5.27 32.91 46.25
N VAL G 271 -5.55 32.26 45.13
CA VAL G 271 -4.64 32.23 43.99
C VAL G 271 -5.20 33.16 42.93
N GLY G 272 -4.50 34.26 42.66
CA GLY G 272 -4.91 35.15 41.61
C GLY G 272 -4.63 34.57 40.24
N GLY G 273 -5.38 35.03 39.24
CA GLY G 273 -5.24 34.49 37.90
C GLY G 273 -3.86 34.69 37.33
N ARG G 274 -3.29 35.89 37.49
CA ARG G 274 -1.97 36.18 36.95
C ARG G 274 -0.85 35.59 37.79
N TYR G 275 -1.18 34.90 38.88
CA TYR G 275 -0.18 34.26 39.74
C TYR G 275 -0.37 32.76 39.80
N SER G 276 -1.01 32.16 38.81
CA SER G 276 -1.56 30.82 38.94
C SER G 276 -0.96 29.80 37.97
N LEU G 277 0.16 30.11 37.33
CA LEU G 277 0.80 29.12 36.49
C LEU G 277 1.37 27.96 37.28
N TRP G 278 1.52 28.12 38.60
CA TRP G 278 2.03 27.06 39.46
C TRP G 278 0.96 26.06 39.86
N SER G 279 -0.32 26.43 39.75
CA SER G 279 -1.44 25.59 40.11
C SER G 279 -1.88 24.79 38.90
N ALA G 280 -3.09 24.21 38.95
CA ALA G 280 -3.60 23.39 37.87
C ALA G 280 -3.79 24.17 36.57
N ILE G 281 -3.77 25.50 36.63
CA ILE G 281 -3.79 26.29 35.40
C ILE G 281 -2.59 25.96 34.52
N GLY G 282 -1.43 25.71 35.13
CA GLY G 282 -0.28 25.22 34.39
C GLY G 282 -0.40 23.79 33.92
N LEU G 283 -1.60 23.23 33.95
CA LEU G 283 -1.82 21.86 33.49
C LEU G 283 -1.38 21.62 32.04
N PRO G 284 -1.67 22.51 31.07
CA PRO G 284 -1.10 22.29 29.73
C PRO G 284 0.42 22.24 29.74
N THR G 285 1.07 23.11 30.51
CA THR G 285 2.52 23.09 30.59
C THR G 285 3.04 21.76 31.11
N ALA G 286 2.44 21.28 32.20
CA ALA G 286 2.79 19.96 32.70
C ALA G 286 2.54 18.87 31.66
N LEU G 287 1.55 19.07 30.79
CA LEU G 287 1.28 18.11 29.74
C LEU G 287 2.29 18.18 28.61
N ALA G 288 3.09 19.24 28.53
CA ALA G 288 4.10 19.39 27.50
C ALA G 288 5.49 19.01 27.99
N ILE G 289 5.86 19.41 29.20
CA ILE G 289 7.21 19.19 29.72
C ILE G 289 7.29 18.01 30.69
N GLY G 290 6.15 17.47 31.12
CA GLY G 290 6.16 16.41 32.10
C GLY G 290 6.04 16.93 33.52
N MET G 291 5.67 16.03 34.43
CA MET G 291 5.48 16.43 35.82
C MET G 291 6.81 16.65 36.54
N ALA G 292 7.86 15.94 36.14
CA ALA G 292 9.17 16.17 36.75
C ALA G 292 9.68 17.57 36.45
N ASN G 293 9.53 18.02 35.20
CA ASN G 293 9.97 19.37 34.86
C ASN G 293 9.05 20.42 35.46
N PHE G 294 7.75 20.14 35.57
CA PHE G 294 6.83 21.06 36.23
C PHE G 294 7.21 21.21 37.70
N LYS G 295 7.56 20.11 38.36
CA LYS G 295 8.02 20.17 39.74
C LYS G 295 9.35 20.88 39.85
N ASP G 296 10.22 20.74 38.84
CA ASP G 296 11.47 21.50 38.83
C ASP G 296 11.21 23.00 38.76
N LEU G 297 10.23 23.40 37.93
CA LEU G 297 9.83 24.80 37.87
C LEU G 297 9.29 25.27 39.22
N LEU G 298 8.45 24.45 39.86
CA LEU G 298 7.95 24.77 41.19
C LEU G 298 9.08 24.90 42.20
N SER G 299 10.09 24.03 42.10
CA SER G 299 11.21 24.04 43.02
C SER G 299 12.07 25.28 42.83
N GLY G 300 12.28 25.70 41.59
CA GLY G 300 13.00 26.95 41.36
C GLY G 300 12.25 28.16 41.88
N ALA G 301 10.93 28.19 41.67
CA ALA G 301 10.13 29.27 42.23
C ALA G 301 10.18 29.27 43.76
N TYR G 302 10.15 28.08 44.37
CA TYR G 302 10.26 27.97 45.82
C TYR G 302 11.62 28.45 46.32
N ALA G 303 12.68 28.14 45.58
CA ALA G 303 14.01 28.63 45.95
C ALA G 303 14.08 30.14 45.88
N MET G 304 13.46 30.74 44.86
CA MET G 304 13.40 32.19 44.79
C MET G 304 12.57 32.78 45.95
N ASP G 305 11.49 32.10 46.32
CA ASP G 305 10.72 32.54 47.50
C ASP G 305 11.57 32.53 48.76
N CYS G 306 12.36 31.47 48.93
CA CYS G 306 13.24 31.39 50.10
C CYS G 306 14.29 32.49 50.06
N HIS G 307 14.86 32.76 48.89
CA HIS G 307 15.83 33.84 48.77
C HIS G 307 15.21 35.19 49.10
N PHE G 308 13.98 35.42 48.63
CA PHE G 308 13.28 36.66 48.94
C PHE G 308 13.01 36.80 50.42
N ARG G 309 12.61 35.70 51.07
CA ARG G 309 12.26 35.77 52.49
C ARG G 309 13.48 35.86 53.40
N ARG G 310 14.62 35.30 52.99
CA ARG G 310 15.76 35.16 53.89
C ARG G 310 16.84 36.21 53.68
N GLU G 311 16.96 36.79 52.49
CA GLU G 311 18.13 37.60 52.23
C GLU G 311 17.98 39.01 52.79
N PRO G 312 19.08 39.64 53.20
CA PRO G 312 19.04 41.07 53.51
C PRO G 312 18.74 41.87 52.26
N PHE G 313 18.12 43.04 52.46
CA PHE G 313 17.63 43.82 51.33
C PHE G 313 18.75 44.27 50.40
N GLU G 314 19.99 44.35 50.89
CA GLU G 314 21.11 44.73 50.04
C GLU G 314 21.51 43.63 49.07
N ASN G 315 21.15 42.37 49.36
CA ASN G 315 21.40 41.25 48.46
C ASN G 315 20.12 40.54 48.06
N ASN G 316 18.97 41.18 48.29
CA ASN G 316 17.68 40.62 47.94
C ASN G 316 17.34 41.03 46.51
N MET G 317 17.43 40.08 45.58
CA MET G 317 17.20 40.39 44.17
C MET G 317 15.81 40.96 43.90
N PRO G 318 14.71 40.37 44.37
CA PRO G 318 13.40 41.02 44.15
C PRO G 318 13.31 42.41 44.74
N VAL G 319 13.86 42.61 45.94
CA VAL G 319 13.79 43.92 46.58
C VAL G 319 14.66 44.92 45.84
N LEU G 320 15.84 44.49 45.37
CA LEU G 320 16.69 45.40 44.60
C LEU G 320 16.03 45.81 43.30
N LEU G 321 15.43 44.85 42.58
CA LEU G 321 14.74 45.19 41.33
C LEU G 321 13.56 46.12 41.58
N ALA G 322 12.76 45.82 42.60
CA ALA G 322 11.61 46.66 42.91
C ALA G 322 12.03 48.06 43.34
N MET G 323 13.12 48.16 44.11
CA MET G 323 13.57 49.46 44.57
C MET G 323 14.17 50.28 43.45
N LEU G 324 14.88 49.63 42.51
CA LEU G 324 15.34 50.33 41.32
C LEU G 324 14.17 50.83 40.48
N GLY G 325 13.13 50.01 40.35
CA GLY G 325 11.95 50.45 39.64
C GLY G 325 11.27 51.63 40.30
N VAL G 326 11.14 51.60 41.64
CA VAL G 326 10.57 52.71 42.38
C VAL G 326 11.44 53.96 42.21
N TRP G 327 12.75 53.79 42.29
CA TRP G 327 13.69 54.89 42.09
C TRP G 327 13.46 55.58 40.76
N TYR G 328 13.44 54.79 39.68
CA TYR G 328 13.34 55.39 38.34
C TYR G 328 11.94 55.92 38.06
N GLY G 329 10.90 55.29 38.60
CA GLY G 329 9.55 55.73 38.32
C GLY G 329 9.06 56.87 39.18
N ASN G 330 9.63 57.05 40.36
CA ASN G 330 9.16 58.06 41.28
C ASN G 330 10.13 59.22 41.46
N PHE G 331 11.38 59.09 41.04
CA PHE G 331 12.34 60.16 41.19
C PHE G 331 13.02 60.58 39.90
N TRP G 332 12.88 59.81 38.82
CA TRP G 332 13.41 60.19 37.52
C TRP G 332 12.34 60.28 36.45
N GLY G 333 11.08 60.03 36.80
CA GLY G 333 9.97 60.19 35.88
C GLY G 333 9.94 59.23 34.71
N ALA G 334 10.33 57.98 34.94
CA ALA G 334 10.26 56.96 33.91
C ALA G 334 8.90 56.29 33.97
N GLN G 335 8.17 56.32 32.86
CA GLN G 335 6.81 55.78 32.81
C GLN G 335 6.75 54.41 32.17
N SER G 336 7.86 53.86 31.70
CA SER G 336 7.87 52.55 31.07
C SER G 336 9.15 51.82 31.45
N HIS G 337 9.10 50.49 31.33
CA HIS G 337 10.21 49.63 31.67
C HIS G 337 10.32 48.54 30.62
N ALA G 338 11.45 48.49 29.93
CA ALA G 338 11.66 47.54 28.85
C ALA G 338 12.23 46.22 29.40
N ILE G 339 11.70 45.11 28.91
CA ILE G 339 12.18 43.77 29.23
C ILE G 339 12.69 43.15 27.95
N LEU G 340 13.98 42.82 27.93
CA LEU G 340 14.67 42.36 26.72
C LEU G 340 15.29 40.99 27.00
N PRO G 341 14.55 39.91 26.79
CA PRO G 341 15.13 38.57 26.95
C PRO G 341 15.86 38.14 25.69
N TYR G 342 17.16 37.91 25.80
CA TYR G 342 17.97 37.48 24.66
C TYR G 342 17.96 35.96 24.58
N ASP G 343 16.78 35.44 24.27
CA ASP G 343 16.56 34.00 24.13
C ASP G 343 15.28 33.82 23.33
N HIS G 344 15.37 33.06 22.24
CA HIS G 344 14.20 32.87 21.39
C HIS G 344 13.07 32.18 22.13
N TYR G 345 13.38 31.28 23.06
CA TYR G 345 12.35 30.60 23.82
C TYR G 345 11.66 31.53 24.81
N LEU G 346 12.33 32.59 25.25
CA LEU G 346 11.77 33.54 26.20
C LEU G 346 11.12 34.74 25.53
N ARG G 347 10.75 34.62 24.25
CA ARG G 347 10.21 35.77 23.54
C ARG G 347 8.85 36.21 24.10
N ASN G 348 8.09 35.29 24.67
CA ASN G 348 6.79 35.60 25.24
C ASN G 348 6.87 35.99 26.71
N PHE G 349 8.07 36.27 27.22
CA PHE G 349 8.22 36.66 28.62
C PHE G 349 7.57 38.01 28.87
N VAL G 350 7.65 38.91 27.90
CA VAL G 350 7.13 40.26 28.08
C VAL G 350 5.62 40.25 28.24
N LYS G 351 4.91 39.35 27.56
CA LYS G 351 3.45 39.32 27.68
C LYS G 351 3.02 38.95 29.10
N HIS G 352 3.60 37.88 29.65
CA HIS G 352 3.27 37.49 31.01
C HIS G 352 3.71 38.56 32.00
N LEU G 353 4.89 39.17 31.78
CA LEU G 353 5.32 40.24 32.66
C LEU G 353 4.38 41.43 32.58
N GLN G 354 3.87 41.72 31.38
CA GLN G 354 2.90 42.80 31.22
C GLN G 354 1.67 42.53 32.05
N GLN G 355 1.08 41.34 31.92
CA GLN G 355 -0.09 41.04 32.75
C GLN G 355 0.25 41.16 34.23
N MET G 356 1.31 40.46 34.66
CA MET G 356 1.61 40.35 36.08
C MET G 356 1.89 41.71 36.70
N ASP G 357 2.65 42.56 36.01
CA ASP G 357 3.01 43.85 36.58
C ASP G 357 1.90 44.88 36.41
N MET G 358 1.34 45.00 35.20
CA MET G 358 0.42 46.09 34.91
C MET G 358 -0.96 45.86 35.51
N GLU G 359 -1.44 44.61 35.54
CA GLU G 359 -2.73 44.36 36.17
C GLU G 359 -2.65 44.45 37.69
N SER G 360 -1.46 44.29 38.26
CA SER G 360 -1.28 44.33 39.70
C SER G 360 -0.99 45.73 40.21
N ASN G 361 0.00 46.41 39.63
CA ASN G 361 0.44 47.71 40.11
C ASN G 361 -0.21 48.87 39.35
N GLY G 362 -1.10 48.59 38.41
CA GLY G 362 -1.84 49.65 37.74
C GLY G 362 -3.00 50.14 38.57
N LYS G 363 -2.70 50.77 39.70
CA LYS G 363 -3.71 51.20 40.66
C LYS G 363 -3.50 52.67 40.98
N SER G 364 -4.57 53.31 41.44
CA SER G 364 -4.50 54.71 41.83
C SER G 364 -5.15 54.98 43.18
N VAL G 365 -5.46 53.94 43.96
CA VAL G 365 -5.88 54.08 45.34
C VAL G 365 -5.05 53.13 46.20
N ARG G 366 -4.88 53.50 47.46
CA ARG G 366 -4.09 52.69 48.38
C ARG G 366 -4.93 51.51 48.87
N GLN G 367 -4.38 50.74 49.82
CA GLN G 367 -5.09 49.56 50.30
C GLN G 367 -6.38 49.94 51.02
N ASP G 368 -6.42 51.12 51.66
CA ASP G 368 -7.60 51.58 52.37
C ASP G 368 -8.55 52.37 51.49
N GLY G 369 -8.17 52.67 50.25
CA GLY G 369 -8.99 53.45 49.35
C GLY G 369 -8.58 54.89 49.18
N SER G 370 -7.60 55.37 49.94
CA SER G 370 -7.12 56.73 49.77
C SER G 370 -6.35 56.84 48.46
N PRO G 371 -6.41 58.01 47.81
CA PRO G 371 -5.66 58.18 46.56
C PRO G 371 -4.17 58.08 46.79
N VAL G 372 -3.47 57.51 45.79
CA VAL G 372 -2.03 57.39 45.90
C VAL G 372 -1.38 58.77 45.80
N SER G 373 -0.16 58.86 46.34
CA SER G 373 0.59 60.12 46.36
C SER G 373 1.80 60.07 45.44
N CYS G 374 1.87 59.10 44.54
CA CYS G 374 3.01 58.96 43.64
C CYS G 374 2.57 58.18 42.41
N GLU G 375 3.50 58.02 41.48
CA GLU G 375 3.28 57.17 40.32
C GLU G 375 3.41 55.71 40.72
N THR G 376 2.42 54.90 40.36
CA THR G 376 2.36 53.49 40.74
C THR G 376 2.16 52.66 39.49
N GLY G 377 3.23 52.03 38.99
CA GLY G 377 3.11 51.04 37.95
C GLY G 377 3.36 51.59 36.56
N PRO G 378 4.51 51.27 35.98
CA PRO G 378 4.84 51.75 34.64
C PRO G 378 4.24 50.84 33.57
N VAL G 379 4.54 51.17 32.33
CA VAL G 379 4.20 50.31 31.19
C VAL G 379 5.33 49.30 31.02
N ILE G 380 4.97 48.02 30.93
CA ILE G 380 5.93 46.96 30.65
C ILE G 380 5.87 46.68 29.17
N TRP G 381 7.04 46.66 28.53
CA TRP G 381 7.13 46.42 27.10
C TRP G 381 8.50 45.82 26.81
N GLY G 382 8.71 45.45 25.56
CA GLY G 382 9.97 44.87 25.15
C GLY G 382 9.79 43.79 24.10
N GLY G 383 10.73 42.85 24.05
CA GLY G 383 10.65 41.80 23.07
C GLY G 383 11.93 41.00 23.06
N VAL G 384 11.91 39.94 22.24
CA VAL G 384 13.02 39.00 22.21
C VAL G 384 14.30 39.70 21.78
N GLY G 385 15.41 39.24 22.36
CA GLY G 385 16.68 39.92 22.15
C GLY G 385 17.27 39.66 20.78
N CYS G 386 18.05 40.65 20.33
CA CYS G 386 18.74 40.70 19.04
C CYS G 386 17.73 40.98 17.92
N ASN G 387 16.44 40.96 18.24
CA ASN G 387 15.42 41.37 17.29
C ASN G 387 15.00 42.81 17.51
N GLY G 388 14.93 43.24 18.77
CA GLY G 388 14.65 44.63 19.08
C GLY G 388 15.81 45.58 18.85
N GLN G 389 17.01 45.05 18.63
CA GLN G 389 18.15 45.90 18.30
C GLN G 389 17.91 46.63 17.00
N HIS G 390 17.34 45.94 16.02
CA HIS G 390 17.05 46.49 14.71
C HIS G 390 15.63 47.03 14.62
N ALA G 391 14.89 47.03 15.74
CA ALA G 391 13.51 47.48 15.75
C ALA G 391 13.32 48.75 16.58
N TYR G 392 13.68 48.73 17.86
CA TYR G 392 13.35 49.85 18.73
C TYR G 392 14.48 50.25 19.68
N HIS G 393 15.62 49.55 19.67
CA HIS G 393 16.73 49.97 20.51
C HIS G 393 17.29 51.31 20.08
N GLN G 394 16.96 51.77 18.87
CA GLN G 394 17.38 53.11 18.44
C GLN G 394 16.78 54.17 19.34
N LEU G 395 15.52 54.01 19.74
CA LEU G 395 14.90 54.93 20.69
C LEU G 395 15.54 54.83 22.07
N LEU G 396 15.95 53.62 22.48
CA LEU G 396 16.65 53.45 23.75
C LEU G 396 17.98 54.19 23.74
N HIS G 397 18.69 54.14 22.62
CA HIS G 397 20.03 54.74 22.55
C HIS G 397 19.98 56.25 22.36
N GLN G 398 19.13 56.73 21.45
CA GLN G 398 19.17 58.14 21.05
C GLN G 398 17.87 58.88 21.27
N GLY G 399 16.89 58.29 21.94
CA GLY G 399 15.64 58.96 22.19
C GLY G 399 15.73 59.98 23.31
N THR G 400 14.59 60.55 23.65
CA THR G 400 14.49 61.54 24.72
C THR G 400 13.82 60.99 25.97
N LEU G 401 13.60 59.68 26.05
CA LEU G 401 12.91 59.06 27.16
C LEU G 401 13.88 58.28 28.02
N LEU G 402 13.58 58.22 29.32
CA LEU G 402 14.30 57.36 30.25
C LEU G 402 13.53 56.05 30.37
N ILE G 403 14.09 54.98 29.82
CA ILE G 403 13.45 53.67 29.85
C ILE G 403 14.43 52.67 30.45
N PRO G 404 14.30 52.34 31.74
CA PRO G 404 15.15 51.27 32.30
C PRO G 404 14.88 49.95 31.60
N ALA G 405 15.96 49.22 31.33
CA ALA G 405 15.91 47.98 30.58
C ALA G 405 16.39 46.83 31.45
N ASP G 406 15.73 45.68 31.31
CA ASP G 406 16.10 44.45 31.99
C ASP G 406 16.52 43.45 30.93
N PHE G 407 17.83 43.27 30.76
CA PHE G 407 18.36 42.28 29.83
C PHE G 407 18.38 40.92 30.50
N ILE G 408 17.92 39.90 29.77
CA ILE G 408 17.91 38.53 30.26
C ILE G 408 18.57 37.65 29.21
N VAL G 409 19.61 36.92 29.60
CA VAL G 409 20.36 36.09 28.66
C VAL G 409 20.90 34.86 29.37
N PRO G 410 20.91 33.70 28.73
CA PRO G 410 21.64 32.55 29.28
C PRO G 410 23.05 32.45 28.70
N VAL G 411 23.88 31.70 29.41
CA VAL G 411 25.25 31.46 28.96
C VAL G 411 25.31 30.28 27.99
N VAL G 412 24.47 29.27 28.18
CA VAL G 412 24.50 28.05 27.38
C VAL G 412 23.23 27.97 26.55
N SER G 413 23.38 27.58 25.29
CA SER G 413 22.26 27.42 24.38
C SER G 413 21.89 25.94 24.25
N HIS G 414 20.59 25.66 24.21
CA HIS G 414 20.14 24.29 24.05
C HIS G 414 20.39 23.78 22.64
N ASN G 415 20.33 24.65 21.64
CA ASN G 415 20.52 24.30 20.23
C ASN G 415 21.63 25.18 19.67
N PRO G 416 22.89 24.87 19.97
CA PRO G 416 23.99 25.68 19.43
C PRO G 416 24.12 25.49 17.92
N VAL G 417 24.33 26.60 17.22
CA VAL G 417 24.51 26.62 15.78
C VAL G 417 25.76 27.45 15.52
N ALA G 418 26.89 26.78 15.35
CA ALA G 418 28.19 27.44 15.14
C ALA G 418 28.43 28.38 16.32
N ASP G 419 28.83 29.63 16.09
CA ASP G 419 29.08 30.58 17.17
C ASP G 419 27.92 31.56 17.34
N HIS G 420 26.69 31.11 17.11
CA HIS G 420 25.54 32.00 17.15
C HIS G 420 25.25 32.47 18.58
N HIS G 421 25.41 31.59 19.57
CA HIS G 421 25.10 31.99 20.94
C HIS G 421 26.16 32.90 21.53
N GLN G 422 27.43 32.72 21.15
CA GLN G 422 28.44 33.68 21.54
C GLN G 422 28.11 35.06 21.00
N TRP G 423 27.61 35.12 19.77
CA TRP G 423 27.20 36.39 19.18
C TRP G 423 25.96 36.96 19.88
N LEU G 424 25.02 36.10 20.26
CA LEU G 424 23.84 36.56 21.00
C LEU G 424 24.24 37.16 22.35
N TYR G 425 25.13 36.47 23.06
CA TYR G 425 25.62 36.97 24.34
C TYR G 425 26.38 38.28 24.16
N ALA G 426 27.21 38.36 23.12
CA ALA G 426 27.94 39.59 22.85
C ALA G 426 27.00 40.73 22.50
N ASN G 427 25.93 40.44 21.76
CA ASN G 427 24.96 41.47 21.42
C ASN G 427 24.24 41.98 22.65
N CYS G 428 23.83 41.09 23.55
CA CYS G 428 23.20 41.53 24.79
C CYS G 428 24.15 42.39 25.62
N LEU G 429 25.38 41.91 25.80
CA LEU G 429 26.35 42.65 26.61
C LEU G 429 26.68 44.00 25.99
N SER G 430 26.79 44.04 24.66
CA SER G 430 27.10 45.28 23.97
C SER G 430 25.95 46.26 24.00
N GLN G 431 24.71 45.78 23.94
CA GLN G 431 23.58 46.67 24.11
C GLN G 431 23.58 47.31 25.49
N SER G 432 23.83 46.52 26.54
CA SER G 432 23.92 47.10 27.87
C SER G 432 25.07 48.10 27.97
N GLN G 433 26.23 47.75 27.40
CA GLN G 433 27.40 48.62 27.50
C GLN G 433 27.21 49.91 26.70
N ALA G 434 26.54 49.83 25.56
CA ALA G 434 26.25 51.02 24.77
C ALA G 434 25.23 51.89 25.47
N LEU G 435 24.26 51.28 26.15
CA LEU G 435 23.32 52.07 26.94
C LEU G 435 24.03 52.82 28.04
N MET G 436 24.97 52.18 28.74
CA MET G 436 25.65 52.84 29.84
C MET G 436 26.65 53.88 29.34
N LEU G 437 27.44 53.54 28.33
CA LEU G 437 28.55 54.40 27.90
C LEU G 437 28.06 55.53 27.01
N GLY G 438 27.49 55.19 25.85
CA GLY G 438 27.18 56.18 24.85
C GLY G 438 28.41 56.56 24.06
N LYS G 439 28.20 57.47 23.11
CA LYS G 439 29.27 57.98 22.27
C LYS G 439 29.21 59.49 22.25
N SER G 440 30.26 60.14 22.75
CA SER G 440 30.26 61.59 22.87
C SER G 440 30.57 62.24 21.53
N ARG G 441 30.53 63.56 21.50
CA ARG G 441 30.88 64.30 20.29
C ARG G 441 32.34 64.05 19.89
N GLU G 442 33.23 64.01 20.88
CA GLU G 442 34.65 63.78 20.60
C GLU G 442 34.88 62.42 19.97
N GLU G 443 34.25 61.37 20.51
CA GLU G 443 34.44 60.03 19.95
C GLU G 443 33.89 59.95 18.53
N ALA G 444 32.72 60.52 18.28
CA ALA G 444 32.14 60.50 16.94
C ALA G 444 33.01 61.25 15.96
N GLU G 445 33.50 62.43 16.36
CA GLU G 445 34.38 63.21 15.50
C GLU G 445 35.68 62.45 15.21
N ALA G 446 36.24 61.80 16.23
CA ALA G 446 37.47 61.04 16.04
C ALA G 446 37.25 59.87 15.08
N GLU G 447 36.13 59.17 15.21
CA GLU G 447 35.84 58.07 14.29
C GLU G 447 35.64 58.58 12.86
N LEU G 448 34.94 59.71 12.71
CA LEU G 448 34.75 60.27 11.37
C LEU G 448 36.07 60.70 10.76
N ARG G 449 36.96 61.29 11.56
CA ARG G 449 38.28 61.66 11.08
C ARG G 449 39.09 60.43 10.69
N ALA G 450 39.02 59.37 11.50
CA ALA G 450 39.72 58.13 11.16
C ALA G 450 39.18 57.52 9.88
N LYS G 451 37.90 57.77 9.58
CA LYS G 451 37.34 57.35 8.30
C LYS G 451 37.78 58.24 7.14
N GLY G 452 38.45 59.35 7.42
CA GLY G 452 39.00 60.22 6.39
C GLY G 452 38.05 61.27 5.85
N LEU G 453 36.90 61.48 6.49
CA LEU G 453 35.95 62.46 5.99
C LEU G 453 36.50 63.88 6.17
N PRO G 454 36.16 64.79 5.27
CA PRO G 454 36.59 66.19 5.41
C PRO G 454 36.04 66.81 6.69
N GLU G 455 36.64 67.95 7.06
CA GLU G 455 36.26 68.62 8.30
C GLU G 455 34.80 69.04 8.29
N ALA G 456 34.34 69.61 7.16
CA ALA G 456 32.94 70.01 7.06
C ALA G 456 32.00 68.82 7.19
N GLU G 457 32.33 67.72 6.52
CA GLU G 457 31.53 66.51 6.65
C GLU G 457 31.58 65.97 8.07
N VAL G 458 32.75 66.05 8.71
CA VAL G 458 32.87 65.58 10.09
C VAL G 458 31.95 66.36 11.00
N LYS G 459 31.96 67.69 10.89
CA LYS G 459 31.13 68.52 11.76
C LYS G 459 29.66 68.43 11.38
N ARG G 460 29.34 68.06 10.14
CA ARG G 460 27.95 67.85 9.77
C ARG G 460 27.41 66.54 10.33
N LEU G 461 28.22 65.48 10.34
CA LEU G 461 27.76 64.16 10.72
C LEU G 461 27.92 63.86 12.20
N ALA G 462 28.79 64.55 12.91
CA ALA G 462 29.07 64.20 14.31
C ALA G 462 27.85 64.30 15.21
N PRO G 463 27.04 65.37 15.19
CA PRO G 463 25.92 65.43 16.14
C PRO G 463 24.91 64.32 15.97
N HIS G 464 24.75 63.79 14.75
CA HIS G 464 23.77 62.75 14.51
C HIS G 464 24.22 61.40 15.05
N LYS G 465 25.53 61.17 15.13
CA LYS G 465 26.07 59.90 15.63
C LYS G 465 26.22 59.87 17.14
N VAL G 466 26.01 60.99 17.82
CA VAL G 466 26.24 61.04 19.26
C VAL G 466 25.14 60.29 19.98
N ILE G 467 25.54 59.33 20.82
CA ILE G 467 24.63 58.63 21.71
C ILE G 467 24.82 59.18 23.11
N PRO G 468 23.79 59.71 23.76
CA PRO G 468 23.98 60.31 25.09
C PRO G 468 24.57 59.36 26.12
N GLY G 469 24.18 58.09 26.09
CA GLY G 469 24.57 57.16 27.12
C GLY G 469 23.82 57.39 28.40
N ASN G 470 24.34 56.79 29.48
CA ASN G 470 23.78 56.92 30.82
C ASN G 470 22.37 56.35 30.91
N ARG G 471 22.07 55.34 30.11
CA ARG G 471 20.76 54.69 30.16
C ARG G 471 20.83 53.50 31.11
N PRO G 472 20.09 53.50 32.21
CA PRO G 472 20.19 52.40 33.17
C PRO G 472 19.70 51.08 32.59
N SER G 473 20.33 50.00 33.04
CA SER G 473 19.93 48.67 32.63
C SER G 473 20.27 47.67 33.72
N ASN G 474 19.52 46.58 33.76
CA ASN G 474 19.81 45.43 34.61
C ASN G 474 20.08 44.25 33.71
N THR G 475 21.00 43.38 34.10
CA THR G 475 21.28 42.15 33.38
C THR G 475 20.99 40.97 34.28
N LEU G 476 20.16 40.05 33.80
CA LEU G 476 19.91 38.79 34.49
C LEU G 476 20.51 37.67 33.65
N VAL G 477 21.51 37.00 34.21
CA VAL G 477 22.21 35.93 33.52
C VAL G 477 21.91 34.62 34.22
N MET G 478 21.92 33.54 33.45
CA MET G 478 21.84 32.19 33.97
C MET G 478 22.74 31.31 33.13
N GLU G 479 23.12 30.15 33.68
CA GLU G 479 23.90 29.20 32.91
C GLU G 479 23.06 28.64 31.76
N THR G 480 21.86 28.14 32.07
CA THR G 480 20.96 27.62 31.07
C THR G 480 19.54 27.95 31.50
N LEU G 481 18.62 27.99 30.53
CA LEU G 481 17.21 28.19 30.83
C LEU G 481 16.55 26.83 30.97
N ASN G 482 16.62 26.28 32.18
CA ASN G 482 15.96 25.05 32.55
C ASN G 482 14.69 25.37 33.33
N PRO G 483 13.84 24.36 33.62
CA PRO G 483 12.62 24.66 34.39
C PRO G 483 12.89 25.34 35.72
N SER G 484 13.96 24.94 36.42
CA SER G 484 14.23 25.50 37.74
C SER G 484 14.54 26.99 37.66
N ARG G 485 15.43 27.38 36.73
CA ARG G 485 15.82 28.77 36.63
C ARG G 485 14.71 29.64 36.04
N LEU G 486 13.89 29.08 35.15
CA LEU G 486 12.72 29.81 34.68
C LEU G 486 11.73 30.06 35.80
N GLY G 487 11.50 29.06 36.65
CA GLY G 487 10.65 29.26 37.81
C GLY G 487 11.20 30.31 38.74
N ALA G 488 12.51 30.30 38.96
CA ALA G 488 13.14 31.33 39.78
C ALA G 488 12.96 32.72 39.17
N LEU G 489 13.08 32.83 37.84
CA LEU G 489 12.92 34.12 37.18
C LEU G 489 11.50 34.65 37.33
N ILE G 490 10.50 33.78 37.10
CA ILE G 490 9.11 34.20 37.22
C ILE G 490 8.80 34.61 38.65
N ALA G 491 9.26 33.82 39.64
CA ALA G 491 9.00 34.15 41.03
C ALA G 491 9.71 35.44 41.43
N LEU G 492 10.90 35.68 40.90
CA LEU G 492 11.61 36.92 41.17
C LEU G 492 10.83 38.12 40.68
N TYR G 493 10.25 38.04 39.48
CA TYR G 493 9.46 39.16 39.00
C TYR G 493 8.15 39.31 39.76
N GLU G 494 7.54 38.20 40.18
CA GLU G 494 6.36 38.28 41.04
C GLU G 494 6.66 39.02 42.33
N HIS G 495 7.78 38.67 42.97
CA HIS G 495 8.14 39.32 44.23
C HIS G 495 8.53 40.77 44.03
N LYS G 496 9.16 41.10 42.90
CA LYS G 496 9.45 42.49 42.59
C LYS G 496 8.16 43.31 42.47
N VAL G 497 7.16 42.76 41.77
CA VAL G 497 5.87 43.43 41.66
C VAL G 497 5.25 43.60 43.04
N PHE G 498 5.32 42.58 43.88
CA PHE G 498 4.76 42.67 45.23
C PHE G 498 5.43 43.77 46.03
N VAL G 499 6.77 43.84 45.98
CA VAL G 499 7.49 44.84 46.76
C VAL G 499 7.17 46.25 46.27
N GLN G 500 7.07 46.44 44.95
CA GLN G 500 6.69 47.76 44.44
C GLN G 500 5.29 48.14 44.90
N GLY G 501 4.34 47.20 44.85
CA GLY G 501 3.01 47.49 45.33
C GLY G 501 2.97 47.81 46.81
N VAL G 502 3.82 47.16 47.60
CA VAL G 502 3.92 47.47 49.02
C VAL G 502 4.46 48.88 49.22
N ILE G 503 5.50 49.26 48.46
CA ILE G 503 6.07 50.59 48.58
C ILE G 503 5.03 51.65 48.24
N TRP G 504 4.28 51.45 47.16
CA TRP G 504 3.27 52.41 46.77
C TRP G 504 2.01 52.34 47.63
N GLY G 505 1.90 51.33 48.49
CA GLY G 505 0.77 51.23 49.37
C GLY G 505 -0.50 50.74 48.72
N ILE G 506 -0.40 50.07 47.58
CA ILE G 506 -1.56 49.69 46.80
C ILE G 506 -1.82 48.19 46.96
N ASN G 507 -2.97 47.76 46.44
CA ASN G 507 -3.33 46.35 46.41
C ASN G 507 -2.89 45.75 45.07
N SER G 508 -1.95 44.82 45.12
CA SER G 508 -1.40 44.20 43.92
C SER G 508 -2.16 42.97 43.50
N PHE G 509 -3.25 42.62 44.17
CA PHE G 509 -3.92 41.36 43.94
C PHE G 509 -5.39 41.50 43.58
N ASP G 510 -5.90 42.72 43.45
CA ASP G 510 -7.24 42.96 42.98
C ASP G 510 -7.20 43.57 41.58
N GLN G 511 -8.27 43.36 40.81
CA GLN G 511 -8.42 43.98 39.50
C GLN G 511 -9.86 44.50 39.41
N TRP G 512 -10.07 45.72 39.89
CA TRP G 512 -11.38 46.34 39.85
C TRP G 512 -11.58 47.23 38.63
N GLY G 513 -10.54 47.45 37.85
CA GLY G 513 -10.61 48.27 36.66
C GLY G 513 -11.06 47.54 35.41
N VAL G 514 -11.58 46.32 35.54
CA VAL G 514 -12.01 45.52 34.41
C VAL G 514 -13.50 45.25 34.42
N GLU G 515 -14.25 45.79 35.39
CA GLU G 515 -15.68 45.53 35.48
C GLU G 515 -16.50 46.49 34.63
N LEU G 516 -16.12 47.77 34.62
CA LEU G 516 -16.84 48.76 33.85
C LEU G 516 -16.84 48.42 32.37
N GLY G 517 -15.68 47.97 31.86
CA GLY G 517 -15.62 47.55 30.47
C GLY G 517 -16.55 46.38 30.20
N LYS G 518 -16.70 45.46 31.14
CA LYS G 518 -17.62 44.34 30.97
C LYS G 518 -19.07 44.81 30.88
N GLU G 519 -19.49 45.67 31.81
CA GLU G 519 -20.86 46.17 31.78
C GLU G 519 -21.14 46.94 30.49
N LEU G 520 -20.21 47.81 30.11
CA LEU G 520 -20.37 48.56 28.87
C LEU G 520 -20.35 47.63 27.66
N GLY G 521 -19.63 46.51 27.75
CA GLY G 521 -19.65 45.54 26.66
C GLY G 521 -21.00 44.88 26.49
N LYS G 522 -21.64 44.52 27.60
CA LYS G 522 -23.00 43.99 27.50
C LYS G 522 -23.94 45.04 26.90
N ASN G 523 -23.82 46.29 27.34
CA ASN G 523 -24.68 47.35 26.79
C ASN G 523 -24.45 47.53 25.29
N VAL G 524 -23.19 47.57 24.87
CA VAL G 524 -22.86 47.82 23.47
C VAL G 524 -23.30 46.63 22.61
N TYR G 525 -23.14 45.41 23.12
CA TYR G 525 -23.60 44.24 22.38
C TYR G 525 -25.12 44.27 22.19
N GLY G 526 -25.86 44.58 23.26
CA GLY G 526 -27.29 44.71 23.13
C GLY G 526 -27.69 45.78 22.13
N ARG G 527 -26.94 46.89 22.09
CA ARG G 527 -27.20 47.92 21.10
C ARG G 527 -26.88 47.46 19.68
N LEU G 528 -25.81 46.69 19.52
CA LEU G 528 -25.41 46.23 18.18
C LEU G 528 -26.43 45.25 17.61
N THR G 529 -26.94 44.34 18.44
CA THR G 529 -27.76 43.26 17.90
C THR G 529 -29.24 43.64 17.78
N SER G 530 -29.80 44.30 18.79
CA SER G 530 -31.22 44.60 18.80
C SER G 530 -31.56 45.67 17.75
N TYR G 531 -32.82 45.66 17.31
CA TYR G 531 -33.27 46.57 16.27
C TYR G 531 -33.61 47.95 16.83
N GLU G 532 -34.60 48.01 17.72
CA GLU G 532 -35.03 49.28 18.32
C GLU G 532 -34.38 49.40 19.69
N ALA G 533 -33.16 49.92 19.70
CA ALA G 533 -32.40 50.13 20.91
C ALA G 533 -32.25 51.62 21.19
N PRO G 534 -32.16 52.01 22.47
CA PRO G 534 -31.97 53.44 22.79
C PRO G 534 -30.60 53.91 22.36
N PRO G 535 -30.39 55.22 22.28
CA PRO G 535 -29.04 55.72 21.96
C PRO G 535 -28.06 55.37 23.07
N ALA G 536 -26.79 55.24 22.68
CA ALA G 536 -25.74 54.95 23.65
C ALA G 536 -25.48 56.16 24.53
N GLU G 537 -24.63 55.96 25.54
CA GLU G 537 -24.35 57.02 26.51
C GLU G 537 -23.68 58.22 25.84
N ASP G 538 -22.74 57.97 24.93
CA ASP G 538 -22.03 59.03 24.23
C ASP G 538 -22.26 58.90 22.74
N SER G 539 -22.08 60.03 22.04
CA SER G 539 -22.27 60.05 20.60
C SER G 539 -21.18 59.29 19.86
N SER G 540 -20.01 59.12 20.46
CA SER G 540 -18.94 58.37 19.79
C SER G 540 -19.26 56.88 19.75
N THR G 541 -19.69 56.32 20.89
CA THR G 541 -20.09 54.92 20.91
C THR G 541 -21.31 54.69 20.03
N GLN G 542 -22.25 55.64 20.05
CA GLN G 542 -23.42 55.54 19.17
C GLN G 542 -23.03 55.57 17.70
N GLY G 543 -22.07 56.43 17.35
CA GLY G 543 -21.61 56.49 15.97
C GLY G 543 -20.89 55.24 15.54
N LEU G 544 -20.11 54.64 16.45
CA LEU G 544 -19.45 53.38 16.12
C LEU G 544 -20.46 52.24 15.99
N ILE G 545 -21.50 52.26 16.83
CA ILE G 545 -22.59 51.28 16.71
C ILE G 545 -23.28 51.44 15.36
N ASP G 546 -23.53 52.69 14.94
CA ASP G 546 -24.17 52.93 13.65
C ASP G 546 -23.27 52.51 12.50
N TYR G 547 -21.97 52.75 12.62
CA TYR G 547 -21.03 52.28 11.59
C TYR G 547 -21.06 50.77 11.47
N PHE G 548 -21.16 50.07 12.61
CA PHE G 548 -21.33 48.62 12.58
C PHE G 548 -22.63 48.23 11.90
N ARG G 549 -23.73 48.90 12.29
CA ARG G 549 -25.06 48.51 11.80
C ARG G 549 -25.23 48.84 10.33
N GLY G 550 -24.55 49.86 9.84
CA GLY G 550 -24.60 50.19 8.42
C GLY G 550 -23.76 49.33 7.53
N ARG G 551 -23.05 48.35 8.10
CA ARG G 551 -22.19 47.47 7.32
C ARG G 551 -22.30 46.01 7.67
N HIS G 552 -22.94 45.62 8.76
CA HIS G 552 -23.01 44.23 9.18
C HIS G 552 -24.21 43.54 8.54
N ARG G 553 -24.00 42.29 8.12
CA ARG G 553 -25.06 41.50 7.52
C ARG G 553 -25.05 40.09 8.10
N TYR H 3 12.68 72.03 5.12
CA TYR H 3 12.61 71.68 6.54
C TYR H 3 13.81 70.83 6.96
N TYR H 4 14.42 70.18 5.97
CA TYR H 4 15.59 69.34 6.21
C TYR H 4 16.90 70.09 6.02
N GLN H 5 16.85 71.37 5.65
CA GLN H 5 18.03 72.21 5.52
C GLN H 5 18.11 73.27 6.60
N GLN H 6 17.07 74.08 6.73
CA GLN H 6 16.98 75.11 7.76
C GLN H 6 16.14 74.58 8.91
N ALA H 7 16.76 74.39 10.07
CA ALA H 7 16.08 73.86 11.24
C ALA H 7 15.83 75.00 12.24
N PHE H 8 14.59 75.12 12.67
CA PHE H 8 14.19 76.10 13.68
C PHE H 8 13.77 75.38 14.96
N ASP H 9 13.45 76.18 15.97
CA ASP H 9 12.98 75.67 17.25
C ASP H 9 11.46 75.68 17.24
N VAL H 10 10.85 74.49 17.24
CA VAL H 10 9.40 74.39 17.13
C VAL H 10 8.71 74.97 18.35
N THR H 11 9.39 74.97 19.51
CA THR H 11 8.79 75.52 20.72
C THR H 11 8.68 77.04 20.67
N SER H 12 9.39 77.69 19.76
CA SER H 12 9.33 79.13 19.60
C SER H 12 8.23 79.59 18.65
N LEU H 13 7.55 78.66 17.98
CA LEU H 13 6.47 79.04 17.08
C LEU H 13 5.32 79.64 17.87
N PRO H 14 4.64 80.65 17.33
CA PRO H 14 3.46 81.19 18.01
C PRO H 14 2.36 80.15 18.20
N SER H 15 2.22 79.22 17.27
CA SER H 15 1.25 78.15 17.43
C SER H 15 1.59 77.26 18.61
N TRP H 16 2.89 77.01 18.84
CA TRP H 16 3.29 76.22 20.00
C TRP H 16 2.92 76.92 21.30
N ARG H 17 3.17 78.24 21.39
CA ARG H 17 2.82 78.99 22.59
C ARG H 17 1.31 79.05 22.79
N ALA H 18 0.56 79.18 21.69
CA ALA H 18 -0.89 79.11 21.79
C ALA H 18 -1.35 77.76 22.29
N LEU H 19 -0.65 76.69 21.88
CA LEU H 19 -0.97 75.36 22.38
C LEU H 19 -0.65 75.21 23.86
N GLN H 20 0.43 75.85 24.32
CA GLN H 20 0.72 75.85 25.76
C GLN H 20 -0.38 76.55 26.54
N GLU H 21 -0.82 77.72 26.06
CA GLU H 21 -1.90 78.42 26.74
C GLU H 21 -3.19 77.61 26.72
N HIS H 22 -3.48 76.96 25.60
CA HIS H 22 -4.68 76.13 25.51
C HIS H 22 -4.57 74.92 26.42
N ARG H 23 -3.37 74.37 26.59
CA ARG H 23 -3.18 73.27 27.54
C ARG H 23 -3.44 73.73 28.96
N LEU H 24 -2.95 74.92 29.31
CA LEU H 24 -3.27 75.50 30.61
C LEU H 24 -4.77 75.63 30.80
N ALA H 25 -5.48 76.08 29.76
CA ALA H 25 -6.93 76.23 29.85
C ALA H 25 -7.64 74.89 29.94
N MET H 26 -7.16 73.89 29.22
CA MET H 26 -7.78 72.58 29.14
C MET H 26 -7.37 71.64 30.26
N GLN H 27 -6.49 72.11 31.15
CA GLN H 27 -6.13 71.35 32.35
C GLN H 27 -7.32 70.62 32.99
N ASN H 28 -8.45 71.30 33.13
CA ASN H 28 -9.61 70.75 33.82
C ASN H 28 -10.64 70.14 32.87
N PHE H 29 -10.30 69.98 31.59
CA PHE H 29 -11.24 69.43 30.62
C PHE H 29 -11.51 67.96 30.92
N HIS H 30 -12.79 67.57 30.81
CA HIS H 30 -13.20 66.18 30.94
C HIS H 30 -14.04 65.80 29.73
N MET H 31 -13.73 64.65 29.14
CA MET H 31 -14.40 64.24 27.92
C MET H 31 -15.86 63.89 28.15
N ARG H 32 -16.21 63.38 29.33
CA ARG H 32 -17.60 63.06 29.63
C ARG H 32 -18.47 64.30 29.56
N GLU H 33 -18.02 65.39 30.18
CA GLU H 33 -18.77 66.64 30.14
C GLU H 33 -18.87 67.16 28.71
N ALA H 34 -17.80 67.03 27.93
CA ALA H 34 -17.83 67.45 26.54
C ALA H 34 -18.80 66.60 25.72
N PHE H 35 -19.06 65.37 26.15
CA PHE H 35 -19.97 64.51 25.41
C PHE H 35 -21.42 64.71 25.81
N LEU H 36 -21.70 65.03 27.08
CA LEU H 36 -23.07 65.36 27.44
C LEU H 36 -23.46 66.75 26.98
N SER H 37 -22.48 67.63 26.74
CA SER H 37 -22.75 68.99 26.33
C SER H 37 -22.60 69.20 24.83
N ASP H 38 -22.43 68.12 24.06
CA ASP H 38 -22.28 68.24 22.60
C ASP H 38 -22.71 66.93 21.97
N PRO H 39 -23.99 66.82 21.58
CA PRO H 39 -24.43 65.60 20.89
C PRO H 39 -23.79 65.38 19.53
N GLY H 40 -23.22 66.42 18.92
CA GLY H 40 -22.59 66.29 17.63
C GLY H 40 -21.08 66.18 17.70
N ARG H 41 -20.56 65.77 18.86
CA ARG H 41 -19.12 65.65 19.04
C ARG H 41 -18.53 64.58 18.14
N PHE H 42 -19.21 63.43 18.01
CA PHE H 42 -18.72 62.38 17.14
C PHE H 42 -18.66 62.83 15.68
N ASP H 43 -19.69 63.53 15.22
CA ASP H 43 -19.71 64.03 13.85
C ASP H 43 -18.59 65.04 13.62
N GLU H 44 -18.35 65.92 14.59
CA GLU H 44 -17.31 66.93 14.44
C GLU H 44 -15.92 66.31 14.43
N PHE H 45 -15.72 65.26 15.23
CA PHE H 45 -14.38 64.71 15.43
C PHE H 45 -14.26 63.30 14.89
N SER H 46 -14.79 63.06 13.70
CA SER H 46 -14.57 61.81 12.98
C SER H 46 -14.35 62.13 11.51
N THR H 47 -13.65 61.22 10.84
CA THR H 47 -13.31 61.41 9.43
C THR H 47 -13.20 60.05 8.77
N SER H 48 -13.24 60.06 7.44
CA SER H 48 -13.17 58.84 6.66
C SER H 48 -12.21 59.03 5.50
N SER H 49 -11.63 57.92 5.06
CA SER H 49 -10.72 57.93 3.92
C SER H 49 -10.70 56.52 3.34
N CYS H 50 -11.29 56.36 2.16
CA CYS H 50 -11.37 55.06 1.47
C CYS H 50 -12.11 54.11 2.42
N GLY H 51 -11.54 52.96 2.78
CA GLY H 51 -12.19 52.07 3.70
C GLY H 51 -11.90 52.30 5.16
N LEU H 52 -11.12 53.32 5.50
CA LEU H 52 -10.75 53.59 6.87
C LEU H 52 -11.66 54.67 7.45
N PHE H 53 -12.06 54.48 8.71
CA PHE H 53 -12.83 55.46 9.44
C PHE H 53 -12.12 55.75 10.75
N LEU H 54 -11.78 57.01 10.98
CA LEU H 54 -11.11 57.43 12.21
C LEU H 54 -12.09 58.20 13.08
N ASP H 55 -12.38 57.64 14.26
CA ASP H 55 -13.11 58.36 15.30
C ASP H 55 -12.09 58.85 16.32
N TYR H 56 -11.92 60.16 16.41
CA TYR H 56 -11.02 60.77 17.37
C TYR H 56 -11.75 61.75 18.28
N SER H 57 -13.03 61.48 18.55
CA SER H 57 -13.80 62.31 19.45
C SER H 57 -13.47 62.04 20.91
N LYS H 58 -13.08 60.82 21.25
CA LYS H 58 -12.67 60.49 22.61
C LYS H 58 -11.22 60.92 22.85
N ASN H 59 -11.00 62.22 22.67
CA ASN H 59 -9.70 62.84 22.84
C ASN H 59 -9.84 64.09 23.68
N LEU H 60 -8.74 64.48 24.33
CA LEU H 60 -8.72 65.69 25.15
C LEU H 60 -8.57 66.92 24.26
N ILE H 61 -9.58 67.13 23.41
CA ILE H 61 -9.58 68.20 22.44
C ILE H 61 -10.95 68.88 22.42
N THR H 62 -10.96 70.12 21.99
CA THR H 62 -12.14 70.88 21.61
C THR H 62 -11.95 71.28 20.16
N PRO H 63 -12.94 71.90 19.51
CA PRO H 63 -12.65 72.44 18.17
C PRO H 63 -11.50 73.44 18.16
N GLU H 64 -11.34 74.22 19.24
CA GLU H 64 -10.19 75.11 19.35
C GLU H 64 -8.89 74.33 19.40
N THR H 65 -8.87 73.19 20.10
CA THR H 65 -7.67 72.38 20.16
C THR H 65 -7.28 71.87 18.76
N ARG H 66 -8.25 71.38 18.00
CA ARG H 66 -7.95 70.92 16.65
C ARG H 66 -7.48 72.07 15.77
N ASP H 67 -8.10 73.24 15.92
CA ASP H 67 -7.65 74.41 15.18
C ASP H 67 -6.20 74.74 15.48
N LEU H 68 -5.83 74.73 16.77
CA LEU H 68 -4.46 75.08 17.15
C LEU H 68 -3.47 74.00 16.71
N LEU H 69 -3.86 72.73 16.78
CA LEU H 69 -2.96 71.67 16.32
C LEU H 69 -2.74 71.74 14.82
N VAL H 70 -3.80 72.01 14.06
CA VAL H 70 -3.66 72.20 12.62
C VAL H 70 -2.80 73.42 12.33
N ASN H 71 -2.94 74.47 13.13
CA ASN H 71 -2.10 75.66 12.98
C ASN H 71 -0.62 75.32 13.21
N LEU H 72 -0.33 74.52 14.24
CA LEU H 72 1.05 74.12 14.49
C LEU H 72 1.59 73.27 13.35
N ALA H 73 0.76 72.37 12.82
CA ALA H 73 1.18 71.56 11.67
C ALA H 73 1.50 72.44 10.47
N ARG H 74 0.68 73.47 10.23
CA ARG H 74 0.93 74.38 9.12
C ARG H 74 2.20 75.21 9.35
N GLU H 75 2.39 75.70 10.58
CA GLU H 75 3.55 76.54 10.88
C GLU H 75 4.84 75.75 10.80
N ALA H 76 4.81 74.48 11.20
CA ALA H 76 5.99 73.63 11.08
C ALA H 76 6.30 73.28 9.64
N GLY H 77 5.34 73.46 8.72
CA GLY H 77 5.58 73.15 7.33
C GLY H 77 5.35 71.71 6.96
N VAL H 78 4.28 71.09 7.47
CA VAL H 78 4.02 69.68 7.19
C VAL H 78 3.67 69.49 5.72
N GLU H 79 2.92 70.42 5.13
CA GLU H 79 2.52 70.28 3.74
C GLU H 79 3.72 70.36 2.81
N GLN H 80 4.58 71.36 2.99
CA GLN H 80 5.77 71.49 2.14
C GLN H 80 6.73 70.34 2.37
N ALA H 81 6.86 69.87 3.62
CA ALA H 81 7.72 68.73 3.90
C ALA H 81 7.21 67.47 3.22
N ALA H 82 5.89 67.26 3.25
CA ALA H 82 5.31 66.11 2.56
C ALA H 82 5.52 66.21 1.06
N ARG H 83 5.38 67.42 0.50
CA ARG H 83 5.66 67.61 -0.92
C ARG H 83 7.12 67.24 -1.23
N ALA H 84 8.05 67.70 -0.40
CA ALA H 84 9.45 67.40 -0.63
C ALA H 84 9.74 65.92 -0.54
N MET H 85 9.15 65.23 0.45
CA MET H 85 9.43 63.81 0.60
C MET H 85 8.78 63.00 -0.52
N PHE H 86 7.57 63.37 -0.94
CA PHE H 86 6.93 62.67 -2.04
C PHE H 86 7.62 62.93 -3.37
N ASP H 87 8.24 64.09 -3.52
CA ASP H 87 8.83 64.50 -4.79
C ASP H 87 10.26 64.01 -4.98
N GLY H 88 10.87 63.39 -3.98
CA GLY H 88 12.21 62.87 -4.11
C GLY H 88 13.32 63.76 -3.57
N GLU H 89 12.98 64.83 -2.85
CA GLU H 89 14.00 65.65 -2.24
C GLU H 89 14.73 64.87 -1.14
N PRO H 90 16.01 65.14 -0.93
CA PRO H 90 16.76 64.41 0.10
C PRO H 90 16.34 64.79 1.51
N VAL H 91 15.18 64.29 1.94
CA VAL H 91 14.66 64.61 3.27
C VAL H 91 15.46 63.91 4.35
N ASN H 92 16.17 62.84 4.02
CA ASN H 92 17.12 62.21 4.94
C ASN H 92 18.41 63.03 4.89
N ALA H 93 18.38 64.16 5.61
CA ALA H 93 19.48 65.11 5.53
C ALA H 93 20.79 64.52 6.03
N SER H 94 20.74 63.75 7.12
CA SER H 94 21.95 63.20 7.70
C SER H 94 22.65 62.25 6.73
N GLU H 95 21.88 61.40 6.06
CA GLU H 95 22.44 60.46 5.09
C GLU H 95 22.42 60.99 3.66
N ARG H 96 21.87 62.19 3.44
CA ARG H 96 21.82 62.82 2.12
C ARG H 96 21.10 61.93 1.11
N ARG H 97 19.97 61.38 1.53
CA ARG H 97 19.20 60.48 0.69
C ARG H 97 17.75 60.92 0.64
N PRO H 98 17.03 60.58 -0.43
CA PRO H 98 15.57 60.72 -0.41
C PRO H 98 14.92 59.57 0.35
N ALA H 99 13.69 59.81 0.79
CA ALA H 99 12.87 58.79 1.44
C ALA H 99 11.69 58.51 0.52
N LEU H 100 11.81 57.47 -0.29
CA LEU H 100 10.85 57.23 -1.35
C LEU H 100 10.15 55.88 -1.20
N HIS H 101 9.70 55.57 0.02
CA HIS H 101 8.87 54.38 0.20
C HIS H 101 7.51 54.55 -0.47
N THR H 102 7.02 55.79 -0.57
CA THR H 102 5.76 56.03 -1.26
C THR H 102 5.86 55.67 -2.73
N ALA H 103 7.03 55.90 -3.34
CA ALA H 103 7.25 55.57 -4.74
C ALA H 103 7.01 54.09 -5.01
N LEU H 104 7.23 53.23 -4.01
CA LEU H 104 7.01 51.80 -4.20
C LEU H 104 5.55 51.45 -4.43
N ARG H 105 4.63 52.35 -4.11
CA ARG H 105 3.20 52.09 -4.25
C ARG H 105 2.59 52.80 -5.44
N ARG H 106 3.36 53.64 -6.13
CA ARG H 106 2.85 54.35 -7.28
C ARG H 106 2.61 53.39 -8.44
N PRO H 107 1.63 53.69 -9.29
CA PRO H 107 1.36 52.85 -10.46
C PRO H 107 2.31 53.17 -11.60
N VAL H 108 2.20 52.38 -12.67
CA VAL H 108 3.13 52.46 -13.79
C VAL H 108 3.06 53.79 -14.52
N GLY H 109 1.95 54.51 -14.39
CA GLY H 109 1.83 55.80 -15.05
C GLY H 109 2.55 56.94 -14.37
N ASP H 110 3.10 56.72 -13.19
CA ASP H 110 3.81 57.75 -12.45
C ASP H 110 5.30 57.69 -12.76
N SER H 111 5.90 58.86 -12.91
CA SER H 111 7.34 58.97 -13.18
C SER H 111 7.96 59.86 -12.13
N LEU H 112 9.09 59.42 -11.58
CA LEU H 112 9.82 60.17 -10.56
C LEU H 112 11.29 60.19 -10.96
N LEU H 113 11.83 61.38 -11.17
CA LEU H 113 13.20 61.54 -11.65
C LEU H 113 14.11 61.86 -10.47
N ILE H 114 15.09 61.00 -10.23
CA ILE H 114 16.10 61.20 -9.20
C ILE H 114 17.45 61.22 -9.91
N ASP H 115 18.12 62.37 -9.87
CA ASP H 115 19.36 62.59 -10.61
C ASP H 115 19.17 62.30 -12.11
N GLY H 116 18.04 62.72 -12.65
CA GLY H 116 17.75 62.53 -14.06
C GLY H 116 17.37 61.13 -14.46
N HIS H 117 17.15 60.23 -13.50
CA HIS H 117 16.78 58.85 -13.78
C HIS H 117 15.41 58.56 -13.22
N ASN H 118 14.60 57.83 -13.98
CA ASN H 118 13.24 57.48 -13.57
C ASN H 118 13.30 56.24 -12.70
N ILE H 119 13.17 56.41 -11.39
CA ILE H 119 13.26 55.29 -10.46
C ILE H 119 12.00 54.45 -10.49
N MET H 120 10.91 54.96 -11.05
CA MET H 120 9.69 54.16 -11.16
C MET H 120 9.89 53.00 -12.13
N ARG H 121 10.79 53.15 -13.09
CA ARG H 121 11.17 52.03 -13.94
C ARG H 121 11.78 50.91 -13.11
N ASP H 122 12.67 51.26 -12.16
CA ASP H 122 13.23 50.26 -11.27
C ASP H 122 12.14 49.64 -10.40
N VAL H 123 11.24 50.46 -9.87
CA VAL H 123 10.17 49.96 -9.02
C VAL H 123 9.35 48.90 -9.76
N HIS H 124 8.94 49.21 -10.99
CA HIS H 124 8.06 48.30 -11.70
C HIS H 124 8.79 47.16 -12.38
N ALA H 125 10.08 47.32 -12.68
CA ALA H 125 10.88 46.16 -13.09
C ALA H 125 11.00 45.16 -11.94
N ALA H 126 11.24 45.66 -10.73
CA ALA H 126 11.26 44.78 -9.56
C ALA H 126 9.89 44.14 -9.33
N LEU H 127 8.82 44.90 -9.54
CA LEU H 127 7.48 44.34 -9.40
C LEU H 127 7.22 43.23 -10.41
N ALA H 128 7.65 43.43 -11.67
CA ALA H 128 7.48 42.40 -12.68
C ALA H 128 8.33 41.17 -12.37
N GLN H 129 9.55 41.37 -11.87
CA GLN H 129 10.37 40.24 -11.44
C GLN H 129 9.70 39.48 -10.31
N MET H 130 9.12 40.20 -9.35
CA MET H 130 8.37 39.56 -8.27
C MET H 130 7.20 38.77 -8.81
N THR H 131 6.48 39.35 -9.77
CA THR H 131 5.35 38.64 -10.37
C THR H 131 5.80 37.36 -11.05
N ASP H 132 6.91 37.41 -11.77
CA ASP H 132 7.42 36.23 -12.45
C ASP H 132 7.76 35.13 -11.45
N ILE H 133 8.50 35.48 -10.39
CA ILE H 133 8.90 34.47 -9.41
C ILE H 133 7.68 33.93 -8.65
N VAL H 134 6.73 34.79 -8.30
CA VAL H 134 5.55 34.35 -7.57
C VAL H 134 4.70 33.43 -8.43
N GLY H 135 4.54 33.76 -9.72
CA GLY H 135 3.81 32.88 -10.60
C GLY H 135 4.51 31.56 -10.83
N ARG H 136 5.84 31.57 -10.91
CA ARG H 136 6.59 30.33 -11.04
C ARG H 136 6.38 29.42 -9.83
N ILE H 137 6.52 29.98 -8.63
CA ILE H 137 6.44 29.16 -7.42
C ILE H 137 5.01 28.71 -7.16
N HIS H 138 4.04 29.60 -7.37
CA HIS H 138 2.64 29.26 -7.08
C HIS H 138 2.14 28.14 -7.99
N ASN H 139 2.54 28.16 -9.24
CA ASN H 139 2.13 27.14 -10.21
C ASN H 139 2.95 25.86 -10.11
N LYS H 140 3.73 25.70 -9.03
CA LYS H 140 4.58 24.52 -8.83
C LYS H 140 5.60 24.36 -9.95
N LEU H 141 5.99 25.48 -10.57
CA LEU H 141 6.96 25.48 -11.64
C LEU H 141 8.38 25.73 -11.16
N TRP H 142 8.58 25.87 -9.85
CA TRP H 142 9.89 26.06 -9.26
C TRP H 142 10.27 24.78 -8.51
N ARG H 143 11.45 24.26 -8.81
CA ARG H 143 11.89 22.98 -8.28
C ARG H 143 13.31 23.10 -7.74
N GLY H 144 13.61 22.27 -6.73
CA GLY H 144 14.91 22.24 -6.11
C GLY H 144 15.87 21.29 -6.82
N TYR H 145 16.90 20.87 -6.09
CA TYR H 145 17.87 19.94 -6.65
C TYR H 145 17.33 18.53 -6.82
N SER H 146 16.25 18.17 -6.11
CA SER H 146 15.59 16.90 -6.29
C SER H 146 14.51 16.95 -7.34
N ASP H 147 14.36 18.09 -8.02
CA ASP H 147 13.32 18.30 -9.03
C ASP H 147 11.94 18.08 -8.43
N ARG H 148 11.72 18.60 -7.22
CA ARG H 148 10.42 18.59 -6.58
C ARG H 148 9.99 20.03 -6.29
N ALA H 149 8.68 20.26 -6.36
CA ALA H 149 8.15 21.60 -6.15
C ALA H 149 8.43 22.08 -4.74
N ILE H 150 8.64 23.38 -4.59
CA ILE H 150 8.91 24.00 -3.30
C ILE H 150 7.60 24.51 -2.71
N THR H 151 7.39 24.25 -1.42
CA THR H 151 6.21 24.76 -0.73
C THR H 151 6.56 25.41 0.60
N ASP H 152 7.83 25.74 0.83
CA ASP H 152 8.26 26.40 2.06
C ASP H 152 9.25 27.49 1.69
N VAL H 153 8.82 28.75 1.82
CA VAL H 153 9.66 29.91 1.56
C VAL H 153 10.06 30.50 2.90
N VAL H 154 11.37 30.58 3.14
CA VAL H 154 11.91 31.06 4.40
C VAL H 154 12.66 32.36 4.14
N ASN H 155 12.23 33.44 4.79
CA ASN H 155 12.85 34.74 4.65
C ASN H 155 13.88 34.90 5.76
N ILE H 156 15.16 34.93 5.38
CA ILE H 156 16.25 35.18 6.32
C ILE H 156 16.52 36.68 6.28
N GLY H 157 16.02 37.39 7.28
CA GLY H 157 16.23 38.82 7.38
C GLY H 157 15.78 39.33 8.72
N ILE H 158 16.31 40.50 9.08
CA ILE H 158 16.04 41.11 10.38
C ILE H 158 15.55 42.53 10.17
N GLY H 159 14.92 43.07 11.21
CA GLY H 159 14.43 44.43 11.18
C GLY H 159 13.36 44.66 10.14
N GLY H 160 13.60 45.61 9.23
CA GLY H 160 12.64 45.89 8.20
C GLY H 160 12.43 44.76 7.21
N SER H 161 13.38 43.83 7.12
CA SER H 161 13.24 42.66 6.29
C SER H 161 12.40 41.57 6.96
N TYR H 162 12.00 41.77 8.21
CA TYR H 162 11.30 40.75 8.97
C TYR H 162 9.92 41.19 9.43
N LEU H 163 9.80 42.40 10.00
CA LEU H 163 8.60 42.75 10.74
C LEU H 163 7.43 43.10 9.82
N GLY H 164 7.67 43.95 8.83
CA GLY H 164 6.63 44.34 7.92
C GLY H 164 6.09 43.20 7.07
N PRO H 165 6.98 42.44 6.42
CA PRO H 165 6.51 41.28 5.67
C PRO H 165 5.76 40.26 6.51
N GLU H 166 6.23 40.00 7.74
CA GLU H 166 5.54 39.03 8.59
C GLU H 166 4.19 39.57 9.03
N LEU H 167 4.11 40.86 9.33
CA LEU H 167 2.82 41.47 9.65
C LEU H 167 1.83 41.31 8.51
N VAL H 168 2.24 41.64 7.29
CA VAL H 168 1.30 41.57 6.18
C VAL H 168 0.94 40.12 5.88
N SER H 169 1.88 39.20 6.05
CA SER H 169 1.59 37.79 5.84
C SER H 169 0.56 37.28 6.84
N GLU H 170 0.70 37.67 8.11
CA GLU H 170 -0.24 37.18 9.12
C GLU H 170 -1.60 37.85 9.01
N ALA H 171 -1.63 39.16 8.75
CA ALA H 171 -2.88 39.88 8.68
C ALA H 171 -3.71 39.44 7.47
N LEU H 172 -3.05 39.17 6.34
CA LEU H 172 -3.72 38.77 5.11
C LEU H 172 -3.81 37.27 4.96
N LEU H 173 -3.87 36.54 6.06
CA LEU H 173 -3.98 35.08 6.00
C LEU H 173 -5.23 34.60 5.27
N PRO H 174 -6.43 35.16 5.48
CA PRO H 174 -7.59 34.70 4.70
C PRO H 174 -7.43 34.84 3.20
N TYR H 175 -6.35 35.47 2.72
CA TYR H 175 -6.09 35.64 1.30
C TYR H 175 -4.88 34.82 0.85
N THR H 176 -4.54 33.78 1.59
CA THR H 176 -3.38 32.96 1.28
C THR H 176 -3.77 31.66 0.59
N VAL H 180 1.84 27.65 -0.56
CA VAL H 180 3.20 27.98 -0.14
C VAL H 180 3.19 28.62 1.23
N ARG H 181 3.93 28.02 2.16
CA ARG H 181 4.01 28.48 3.54
C ARG H 181 5.24 29.35 3.72
N CYS H 182 5.06 30.52 4.32
CA CYS H 182 6.14 31.48 4.54
C CYS H 182 6.57 31.46 6.00
N HIS H 183 7.88 31.31 6.22
CA HIS H 183 8.49 31.36 7.53
C HIS H 183 9.52 32.49 7.56
N TYR H 184 9.84 32.94 8.77
CA TYR H 184 10.78 34.04 8.94
C TYR H 184 11.87 33.63 9.92
N LEU H 185 13.11 33.99 9.61
CA LEU H 185 14.28 33.63 10.39
C LEU H 185 15.08 34.91 10.62
N ALA H 186 14.85 35.54 11.77
CA ALA H 186 15.48 36.82 12.09
C ALA H 186 16.54 36.71 13.18
N ASN H 187 16.21 36.06 14.30
CA ASN H 187 17.10 36.05 15.45
C ASN H 187 18.37 35.27 15.15
N ILE H 188 19.51 35.79 15.62
CA ILE H 188 20.76 35.04 15.58
C ILE H 188 20.76 33.88 16.55
N ASP H 189 19.81 33.85 17.49
CA ASP H 189 19.62 32.70 18.37
C ASP H 189 19.49 31.42 17.55
N GLY H 190 20.43 30.50 17.76
CA GLY H 190 20.40 29.24 17.03
C GLY H 190 19.20 28.39 17.33
N SER H 191 18.54 28.63 18.45
CA SER H 191 17.32 27.89 18.77
C SER H 191 16.22 28.20 17.76
N GLU H 192 16.12 29.45 17.32
CA GLU H 192 15.15 29.79 16.28
C GLU H 192 15.45 29.07 14.98
N PHE H 193 16.73 29.03 14.60
CA PHE H 193 17.12 28.31 13.39
C PHE H 193 16.79 26.83 13.50
N HIS H 194 17.06 26.22 14.65
CA HIS H 194 16.75 24.81 14.87
C HIS H 194 15.26 24.55 14.78
N GLU H 195 14.45 25.40 15.44
CA GLU H 195 13.01 25.23 15.41
C GLU H 195 12.46 25.39 13.99
N LEU H 196 13.04 26.32 13.23
CA LEU H 196 12.60 26.53 11.85
C LEU H 196 12.93 25.32 10.98
N THR H 197 14.19 24.87 11.01
CA THR H 197 14.59 23.77 10.15
C THR H 197 14.09 22.42 10.64
N ALA H 198 13.52 22.34 11.84
CA ALA H 198 12.85 21.11 12.26
C ALA H 198 11.59 20.83 11.45
N ARG H 199 11.11 21.79 10.67
CA ARG H 199 9.93 21.62 9.84
C ARG H 199 10.24 21.76 8.35
N LEU H 200 11.52 21.83 7.97
CA LEU H 200 11.91 22.13 6.60
C LEU H 200 12.64 20.93 5.98
N ASN H 201 12.38 20.71 4.69
CA ASN H 201 13.12 19.77 3.88
C ASN H 201 14.01 20.56 2.93
N ALA H 202 15.29 20.19 2.86
CA ALA H 202 16.22 20.92 2.00
C ALA H 202 15.86 20.76 0.53
N GLU H 203 15.18 19.67 0.15
CA GLU H 203 14.71 19.50 -1.22
C GLU H 203 13.55 20.42 -1.56
N THR H 204 12.93 21.05 -0.56
CA THR H 204 11.66 21.75 -0.74
C THR H 204 11.70 23.20 -0.28
N THR H 205 12.71 23.62 0.45
CA THR H 205 12.76 24.95 1.05
C THR H 205 13.54 25.91 0.16
N LEU H 206 12.95 27.09 -0.06
CA LEU H 206 13.62 28.17 -0.77
C LEU H 206 13.90 29.32 0.21
N PHE H 207 15.14 29.79 0.24
CA PHE H 207 15.57 30.81 1.18
C PHE H 207 15.73 32.14 0.47
N ILE H 208 15.09 33.17 1.01
CA ILE H 208 15.26 34.55 0.55
C ILE H 208 16.17 35.25 1.55
N ILE H 209 17.38 35.59 1.12
CA ILE H 209 18.31 36.34 1.96
C ILE H 209 18.02 37.82 1.74
N SER H 210 17.52 38.49 2.77
CA SER H 210 17.14 39.90 2.68
C SER H 210 18.14 40.72 3.51
N SER H 211 19.14 41.28 2.83
CA SER H 211 20.13 42.12 3.47
C SER H 211 20.54 43.22 2.51
N LYS H 212 20.52 44.46 2.98
CA LYS H 212 20.87 45.60 2.12
C LYS H 212 22.30 45.49 1.62
N THR H 213 23.26 45.56 2.54
CA THR H 213 24.68 45.47 2.20
C THR H 213 25.11 44.04 1.94
N PHE H 214 24.28 43.06 2.31
CA PHE H 214 24.67 41.64 2.32
C PHE H 214 25.84 41.40 3.25
N GLY H 215 25.90 42.17 4.34
CA GLY H 215 26.97 42.06 5.30
C GLY H 215 26.47 42.16 6.73
N THR H 216 25.14 42.22 6.89
CA THR H 216 24.55 42.26 8.22
C THR H 216 24.91 41.00 8.99
N LEU H 217 25.33 41.19 10.25
CA LEU H 217 25.89 40.09 11.03
C LEU H 217 24.91 38.94 11.17
N GLU H 218 23.76 39.20 11.80
CA GLU H 218 22.81 38.13 12.09
C GLU H 218 22.24 37.55 10.81
N THR H 219 21.90 38.39 9.83
CA THR H 219 21.37 37.88 8.58
C THR H 219 22.37 37.00 7.86
N LEU H 220 23.63 37.45 7.78
CA LEU H 220 24.65 36.62 7.13
C LEU H 220 24.89 35.33 7.88
N LYS H 221 24.93 35.38 9.22
CA LYS H 221 25.14 34.15 9.99
C LYS H 221 24.02 33.16 9.75
N ASN H 222 22.78 33.63 9.75
CA ASN H 222 21.65 32.74 9.48
C ASN H 222 21.67 32.23 8.04
N ALA H 223 22.10 33.06 7.09
CA ALA H 223 22.20 32.62 5.71
C ALA H 223 23.26 31.54 5.54
N GLN H 224 24.44 31.71 6.14
CA GLN H 224 25.46 30.69 6.07
C GLN H 224 25.04 29.42 6.81
N ALA H 225 24.32 29.56 7.93
CA ALA H 225 23.77 28.38 8.59
C ALA H 225 22.81 27.64 7.69
N ALA H 226 21.94 28.37 6.99
CA ALA H 226 21.00 27.74 6.06
C ALA H 226 21.72 27.07 4.90
N ARG H 227 22.77 27.72 4.37
CA ARG H 227 23.54 27.13 3.29
C ARG H 227 24.25 25.86 3.73
N THR H 228 24.82 25.88 4.94
CA THR H 228 25.45 24.68 5.49
C THR H 228 24.43 23.57 5.70
N TRP H 229 23.25 23.94 6.18
CA TRP H 229 22.18 22.96 6.36
C TRP H 229 21.76 22.35 5.03
N TYR H 230 21.66 23.17 3.99
CA TYR H 230 21.32 22.66 2.66
C TYR H 230 22.40 21.74 2.12
N LEU H 231 23.68 22.14 2.25
CA LEU H 231 24.77 21.32 1.74
C LEU H 231 24.89 20.01 2.50
N ALA H 232 24.73 20.04 3.82
CA ALA H 232 24.84 18.84 4.64
C ALA H 232 23.56 18.03 4.68
N SER H 233 22.48 18.53 4.07
CA SER H 233 21.26 17.76 3.93
C SER H 233 21.17 17.03 2.59
N GLY H 234 22.23 17.08 1.79
CA GLY H 234 22.28 16.43 0.49
C GLY H 234 22.38 17.37 -0.68
N GLY H 235 22.21 18.67 -0.47
CA GLY H 235 22.23 19.60 -1.59
C GLY H 235 23.61 19.73 -2.20
N SER H 236 23.63 20.07 -3.49
CA SER H 236 24.86 20.18 -4.26
C SER H 236 25.20 21.64 -4.51
N GLU H 237 26.50 21.94 -4.50
CA GLU H 237 26.97 23.32 -4.59
C GLU H 237 26.62 23.93 -5.95
N GLU H 238 26.79 23.17 -7.03
CA GLU H 238 26.53 23.71 -8.37
C GLU H 238 25.05 23.94 -8.63
N ARG H 239 24.17 23.34 -7.82
CA ARG H 239 22.74 23.42 -8.03
C ARG H 239 22.07 24.24 -6.91
N LEU H 240 22.88 24.90 -6.08
CA LEU H 240 22.35 25.65 -4.94
C LEU H 240 21.40 26.76 -5.36
N TYR H 241 21.51 27.23 -6.60
CA TYR H 241 20.78 28.41 -7.05
C TYR H 241 19.27 28.25 -6.95
N ARG H 242 18.75 27.02 -6.94
CA ARG H 242 17.30 26.85 -6.87
C ARG H 242 16.76 26.93 -5.46
N HIS H 243 17.60 27.14 -4.45
CA HIS H 243 17.13 27.22 -3.08
C HIS H 243 17.50 28.53 -2.39
N PHE H 244 18.16 29.46 -3.09
CA PHE H 244 18.62 30.70 -2.47
C PHE H 244 18.44 31.83 -3.46
N ILE H 245 17.46 32.69 -3.20
CA ILE H 245 17.35 33.98 -3.87
C ILE H 245 17.68 35.06 -2.85
N ALA H 246 17.97 36.26 -3.35
CA ALA H 246 18.39 37.36 -2.50
C ALA H 246 17.64 38.62 -2.88
N VAL H 247 17.39 39.45 -1.88
CA VAL H 247 16.91 40.83 -2.07
C VAL H 247 18.00 41.72 -1.50
N THR H 248 18.84 42.28 -2.37
CA THR H 248 20.02 42.96 -1.87
C THR H 248 20.49 44.03 -2.85
N SER H 249 21.25 44.99 -2.32
CA SER H 249 21.99 45.94 -3.13
C SER H 249 23.39 45.45 -3.47
N ASN H 250 23.82 44.33 -2.89
CA ASN H 250 25.15 43.77 -3.17
C ASN H 250 24.96 42.56 -4.08
N ILE H 251 24.87 42.84 -5.38
CA ILE H 251 24.78 41.76 -6.37
C ILE H 251 26.01 40.85 -6.34
N PRO H 252 27.25 41.37 -6.30
CA PRO H 252 28.40 40.45 -6.28
C PRO H 252 28.40 39.50 -5.09
N ALA H 253 28.03 39.98 -3.90
CA ALA H 253 28.04 39.11 -2.73
C ALA H 253 27.06 37.96 -2.88
N ALA H 254 25.86 38.26 -3.35
CA ALA H 254 24.90 37.19 -3.64
C ALA H 254 25.39 36.29 -4.77
N ILE H 255 26.24 36.83 -5.65
CA ILE H 255 26.80 36.03 -6.73
C ILE H 255 27.77 34.98 -6.17
N GLU H 256 28.68 35.41 -5.29
CA GLU H 256 29.59 34.42 -4.70
C GLU H 256 28.90 33.53 -3.68
N PHE H 257 27.74 33.94 -3.15
CA PHE H 257 26.96 33.01 -2.34
C PHE H 257 26.45 31.85 -3.17
N GLY H 258 26.27 32.05 -4.48
CA GLY H 258 25.76 31.02 -5.35
C GLY H 258 24.36 31.28 -5.83
N ILE H 259 23.98 32.56 -5.87
CA ILE H 259 22.64 32.99 -6.29
C ILE H 259 22.73 33.56 -7.70
N ARG H 260 21.79 33.16 -8.55
CA ARG H 260 21.75 33.66 -9.92
C ARG H 260 21.44 35.15 -9.94
N GLU H 261 21.97 35.83 -10.96
CA GLU H 261 21.69 37.26 -11.11
C GLU H 261 20.21 37.53 -11.33
N LYS H 262 19.52 36.62 -12.02
CA LYS H 262 18.10 36.81 -12.28
C LYS H 262 17.25 36.59 -11.04
N ASN H 263 17.80 36.01 -9.98
CA ASN H 263 17.10 35.83 -8.72
C ASN H 263 17.53 36.82 -7.66
N ILE H 264 18.30 37.84 -8.04
CA ILE H 264 18.70 38.90 -7.12
C ILE H 264 17.80 40.10 -7.37
N PHE H 265 17.02 40.46 -6.37
CA PHE H 265 16.06 41.56 -6.39
C PHE H 265 16.73 42.85 -5.91
N PRO H 266 16.44 43.95 -6.57
CA PRO H 266 17.15 45.21 -6.26
C PRO H 266 16.71 45.80 -4.93
N MET H 267 17.65 46.52 -4.33
CA MET H 267 17.45 47.20 -3.06
C MET H 267 18.03 48.59 -3.20
N TRP H 268 17.24 49.61 -2.89
CA TRP H 268 17.62 50.98 -3.20
C TRP H 268 17.88 51.77 -1.92
N ASP H 269 18.74 52.78 -2.05
CA ASP H 269 19.08 53.61 -0.89
C ASP H 269 17.90 54.45 -0.43
N TRP H 270 17.08 54.92 -1.36
CA TRP H 270 15.96 55.78 -0.99
C TRP H 270 14.84 55.02 -0.27
N VAL H 271 14.91 53.70 -0.19
CA VAL H 271 13.94 52.91 0.55
C VAL H 271 14.57 52.51 1.87
N GLY H 272 14.04 53.03 2.97
CA GLY H 272 14.49 52.60 4.28
C GLY H 272 14.01 51.20 4.60
N GLY H 273 14.74 50.52 5.48
CA GLY H 273 14.40 49.15 5.81
C GLY H 273 13.02 49.01 6.42
N ARG H 274 12.67 49.90 7.35
CA ARG H 274 11.38 49.85 8.02
C ARG H 274 10.24 50.38 7.16
N TYR H 275 10.54 50.84 5.95
CA TYR H 275 9.52 51.36 5.04
C TYR H 275 9.43 50.55 3.74
N SER H 276 9.91 49.30 3.76
CA SER H 276 10.21 48.60 2.52
C SER H 276 9.38 47.32 2.33
N LEU H 277 8.27 47.16 3.04
CA LEU H 277 7.41 46.02 2.78
C LEU H 277 6.72 46.11 1.43
N TRP H 278 6.69 47.31 0.83
CA TRP H 278 6.09 47.51 -0.48
C TRP H 278 7.04 47.11 -1.62
N SER H 279 8.32 47.00 -1.34
CA SER H 279 9.34 46.65 -2.33
C SER H 279 9.52 45.13 -2.33
N ALA H 280 10.62 44.66 -2.92
CA ALA H 280 10.88 43.23 -3.03
C ALA H 280 11.09 42.56 -1.67
N ILE H 281 11.29 43.36 -0.61
CA ILE H 281 11.32 42.78 0.74
C ILE H 281 10.02 42.06 1.05
N GLY H 282 8.90 42.59 0.58
CA GLY H 282 7.62 41.93 0.74
C GLY H 282 7.44 40.75 -0.19
N LEU H 283 8.55 40.25 -0.74
CA LEU H 283 8.50 39.08 -1.60
C LEU H 283 7.90 37.85 -0.94
N PRO H 284 8.22 37.49 0.31
CA PRO H 284 7.49 36.37 0.94
C PRO H 284 6.01 36.62 1.03
N THR H 285 5.60 37.85 1.35
CA THR H 285 4.18 38.17 1.43
C THR H 285 3.50 37.96 0.09
N ALA H 286 4.11 38.47 -0.98
CA ALA H 286 3.58 38.22 -2.31
C ALA H 286 3.55 36.73 -2.63
N LEU H 287 4.46 35.96 -2.05
CA LEU H 287 4.47 34.52 -2.25
C LEU H 287 3.39 33.80 -1.47
N ALA H 288 2.79 34.46 -0.48
CA ALA H 288 1.72 33.86 0.32
C ALA H 288 0.33 34.28 -0.14
N ILE H 289 0.14 35.56 -0.47
CA ILE H 289 -1.17 36.07 -0.83
C ILE H 289 -1.36 36.21 -2.33
N GLY H 290 -0.31 36.08 -3.12
CA GLY H 290 -0.39 36.29 -4.55
C GLY H 290 -0.07 37.72 -4.94
N MET H 291 0.22 37.90 -6.23
CA MET H 291 0.60 39.22 -6.72
C MET H 291 -0.60 40.16 -6.83
N ALA H 292 -1.79 39.62 -7.09
CA ALA H 292 -2.98 40.46 -7.14
C ALA H 292 -3.28 41.08 -5.79
N ASN H 293 -3.17 40.30 -4.71
CA ASN H 293 -3.38 40.83 -3.37
C ASN H 293 -2.26 41.75 -2.95
N PHE H 294 -1.02 41.47 -3.36
CA PHE H 294 0.09 42.37 -3.09
C PHE H 294 -0.12 43.72 -3.77
N LYS H 295 -0.61 43.69 -5.01
CA LYS H 295 -0.92 44.93 -5.71
C LYS H 295 -2.12 45.64 -5.09
N ASP H 296 -3.08 44.89 -4.53
CA ASP H 296 -4.18 45.50 -3.79
C ASP H 296 -3.67 46.24 -2.56
N LEU H 297 -2.71 45.63 -1.85
CA LEU H 297 -2.07 46.29 -0.71
C LEU H 297 -1.35 47.56 -1.16
N LEU H 298 -0.63 47.48 -2.28
CA LEU H 298 0.03 48.66 -2.82
C LEU H 298 -0.98 49.74 -3.20
N SER H 299 -2.13 49.34 -3.74
CA SER H 299 -3.15 50.30 -4.14
C SER H 299 -3.77 50.99 -2.93
N GLY H 300 -4.01 50.23 -1.86
CA GLY H 300 -4.50 50.85 -0.63
C GLY H 300 -3.51 51.83 -0.04
N ALA H 301 -2.22 51.45 -0.04
CA ALA H 301 -1.20 52.38 0.44
C ALA H 301 -1.12 53.62 -0.43
N TYR H 302 -1.26 53.46 -1.75
CA TYR H 302 -1.26 54.58 -2.66
C TYR H 302 -2.46 55.49 -2.44
N ALA H 303 -3.63 54.90 -2.18
CA ALA H 303 -4.82 55.70 -1.87
C ALA H 303 -4.63 56.50 -0.59
N MET H 304 -4.00 55.89 0.42
CA MET H 304 -3.69 56.64 1.63
C MET H 304 -2.69 57.75 1.37
N ASP H 305 -1.71 57.50 0.50
CA ASP H 305 -0.78 58.56 0.12
C ASP H 305 -1.51 59.73 -0.53
N CYS H 306 -2.45 59.43 -1.42
CA CYS H 306 -3.22 60.48 -2.07
C CYS H 306 -4.08 61.23 -1.06
N HIS H 307 -4.67 60.52 -0.11
CA HIS H 307 -5.45 61.19 0.93
C HIS H 307 -4.57 62.10 1.78
N PHE H 308 -3.37 61.64 2.12
CA PHE H 308 -2.43 62.46 2.89
C PHE H 308 -2.03 63.70 2.12
N ARG H 309 -1.77 63.56 0.82
CA ARG H 309 -1.31 64.69 0.02
C ARG H 309 -2.40 65.69 -0.30
N ARG H 310 -3.65 65.23 -0.45
CA ARG H 310 -4.71 66.09 -0.96
C ARG H 310 -5.61 66.69 0.11
N GLU H 311 -5.73 66.05 1.27
CA GLU H 311 -6.77 66.48 2.19
C GLU H 311 -6.33 67.69 3.01
N PRO H 312 -7.27 68.56 3.38
CA PRO H 312 -6.96 69.61 4.36
C PRO H 312 -6.63 68.99 5.70
N PHE H 313 -5.81 69.70 6.47
CA PHE H 313 -5.30 69.15 7.73
C PHE H 313 -6.40 68.84 8.72
N GLU H 314 -7.57 69.48 8.61
CA GLU H 314 -8.67 69.19 9.51
C GLU H 314 -9.34 67.86 9.20
N ASN H 315 -9.15 67.33 7.99
CA ASN H 315 -9.68 66.02 7.61
C ASN H 315 -8.58 65.08 7.14
N ASN H 316 -7.33 65.40 7.46
CA ASN H 316 -6.18 64.59 7.07
C ASN H 316 -5.91 63.60 8.20
N MET H 317 -6.24 62.33 7.97
CA MET H 317 -6.09 61.32 9.01
C MET H 317 -4.65 61.17 9.51
N PRO H 318 -3.63 61.05 8.65
CA PRO H 318 -2.25 61.00 9.19
C PRO H 318 -1.89 62.25 9.97
N VAL H 319 -2.28 63.43 9.49
CA VAL H 319 -1.95 64.67 10.17
C VAL H 319 -2.69 64.76 11.50
N LEU H 320 -3.96 64.35 11.53
CA LEU H 320 -4.71 64.37 12.78
C LEU H 320 -4.10 63.42 13.81
N LEU H 321 -3.74 62.21 13.39
CA LEU H 321 -3.12 61.27 14.32
C LEU H 321 -1.79 61.79 14.83
N ALA H 322 -0.96 62.31 13.94
CA ALA H 322 0.33 62.85 14.35
C ALA H 322 0.18 64.05 15.26
N MET H 323 -0.80 64.90 15.01
CA MET H 323 -0.98 66.09 15.83
C MET H 323 -1.53 65.73 17.20
N LEU H 324 -2.41 64.73 17.27
CA LEU H 324 -2.85 64.23 18.57
C LEU H 324 -1.68 63.62 19.34
N GLY H 325 -0.81 62.89 18.66
CA GLY H 325 0.37 62.36 19.32
C GLY H 325 1.29 63.44 19.84
N VAL H 326 1.54 64.48 19.03
CA VAL H 326 2.35 65.60 19.48
C VAL H 326 1.69 66.30 20.66
N TRP H 327 0.38 66.50 20.59
CA TRP H 327 -0.37 67.10 21.68
C TRP H 327 -0.15 66.36 22.99
N TYR H 328 -0.37 65.04 22.97
CA TYR H 328 -0.29 64.27 24.21
C TYR H 328 1.15 64.08 24.69
N GLY H 329 2.11 63.98 23.78
CA GLY H 329 3.48 63.76 24.19
C GLY H 329 4.24 65.01 24.57
N ASN H 330 3.82 66.17 24.08
CA ASN H 330 4.54 67.41 24.32
C ASN H 330 3.81 68.37 25.24
N PHE H 331 2.52 68.17 25.48
CA PHE H 331 1.78 69.05 26.37
C PHE H 331 1.09 68.35 27.51
N TRP H 332 0.98 67.03 27.49
CA TRP H 332 0.41 66.27 28.58
C TRP H 332 1.39 65.28 29.19
N GLY H 333 2.61 65.21 28.67
CA GLY H 333 3.64 64.35 29.22
C GLY H 333 3.38 62.87 29.10
N ALA H 334 2.85 62.42 27.98
CA ALA H 334 2.62 61.00 27.73
C ALA H 334 3.85 60.43 27.04
N GLN H 335 4.48 59.43 27.65
CA GLN H 335 5.70 58.85 27.13
C GLN H 335 5.49 57.54 26.37
N SER H 336 4.25 57.06 26.30
CA SER H 336 3.96 55.82 25.58
C SER H 336 2.62 55.95 24.88
N HIS H 337 2.43 55.10 23.87
CA HIS H 337 1.22 55.10 23.07
C HIS H 337 0.83 53.66 22.79
N ALA H 338 -0.34 53.24 23.28
CA ALA H 338 -0.81 51.88 23.12
C ALA H 338 -1.52 51.69 21.80
N ILE H 339 -1.25 50.58 21.12
CA ILE H 339 -1.92 50.20 19.90
C ILE H 339 -2.64 48.89 20.16
N LEU H 340 -3.96 48.90 20.02
CA LEU H 340 -4.83 47.79 20.40
C LEU H 340 -5.64 47.36 19.19
N PRO H 341 -5.12 46.46 18.35
CA PRO H 341 -5.90 45.94 17.22
C PRO H 341 -6.80 44.80 17.68
N TYR H 342 -8.11 44.98 17.53
CA TYR H 342 -9.07 43.95 17.91
C TYR H 342 -9.33 43.02 16.72
N ASP H 343 -8.28 42.30 16.37
CA ASP H 343 -8.33 41.33 15.28
C ASP H 343 -7.17 40.37 15.47
N HIS H 344 -7.47 39.06 15.49
CA HIS H 344 -6.44 38.06 15.72
C HIS H 344 -5.38 38.10 14.62
N TYR H 345 -5.76 38.44 13.39
CA TYR H 345 -4.79 38.51 12.31
C TYR H 345 -3.87 39.71 12.43
N LEU H 346 -4.32 40.77 13.09
CA LEU H 346 -3.53 41.98 13.27
C LEU H 346 -2.74 41.99 14.57
N ARG H 347 -2.50 40.82 15.17
CA ARG H 347 -1.82 40.78 16.47
C ARG H 347 -0.37 41.24 16.37
N ASN H 348 0.27 41.05 15.22
CA ASN H 348 1.65 41.46 15.01
C ASN H 348 1.76 42.89 14.49
N PHE H 349 0.67 43.64 14.49
CA PHE H 349 0.72 45.03 14.03
C PHE H 349 1.60 45.88 14.93
N VAL H 350 1.56 45.62 16.24
CA VAL H 350 2.29 46.43 17.19
C VAL H 350 3.79 46.32 16.98
N LYS H 351 4.30 45.15 16.60
CA LYS H 351 5.74 44.99 16.39
C LYS H 351 6.23 45.86 15.24
N HIS H 352 5.53 45.82 14.11
CA HIS H 352 5.90 46.65 12.97
C HIS H 352 5.74 48.13 13.30
N LEU H 353 4.68 48.49 14.03
CA LEU H 353 4.51 49.88 14.44
C LEU H 353 5.63 50.30 15.39
N GLN H 354 6.10 49.39 16.24
CA GLN H 354 7.21 49.68 17.13
C GLN H 354 8.45 50.02 16.34
N GLN H 355 8.82 49.16 15.39
CA GLN H 355 9.98 49.47 14.55
C GLN H 355 9.77 50.79 13.82
N MET H 356 8.65 50.92 13.11
CA MET H 356 8.37 52.08 12.28
C MET H 356 8.47 53.38 13.06
N ASP H 357 7.85 53.42 14.25
CA ASP H 357 7.77 54.67 15.00
C ASP H 357 9.03 54.92 15.81
N MET H 358 9.50 53.93 16.58
CA MET H 358 10.61 54.20 17.49
C MET H 358 11.95 54.25 16.79
N GLU H 359 12.18 53.45 15.74
CA GLU H 359 13.44 53.59 15.02
C GLU H 359 13.52 54.90 14.24
N SER H 360 12.38 55.49 13.92
CA SER H 360 12.33 56.72 13.13
C SER H 360 12.34 57.96 14.01
N ASN H 361 11.44 58.03 14.99
CA ASN H 361 11.28 59.22 15.82
C ASN H 361 12.04 59.13 17.13
N GLY H 362 12.78 58.05 17.36
CA GLY H 362 13.63 57.96 18.54
C GLY H 362 14.93 58.73 18.34
N LYS H 363 14.82 60.04 18.25
CA LYS H 363 15.96 60.91 17.95
C LYS H 363 16.02 62.03 18.98
N SER H 364 17.22 62.59 19.14
CA SER H 364 17.42 63.70 20.07
C SER H 364 18.21 64.83 19.46
N VAL H 365 18.42 64.83 18.14
CA VAL H 365 18.99 65.96 17.43
C VAL H 365 18.09 66.25 16.24
N ARG H 366 18.09 67.52 15.82
CA ARG H 366 17.28 67.94 14.69
C ARG H 366 17.96 67.55 13.38
N GLN H 367 17.37 67.98 12.26
CA GLN H 367 17.91 67.61 10.96
C GLN H 367 19.30 68.20 10.74
N ASP H 368 19.58 69.36 11.33
CA ASP H 368 20.87 70.00 11.19
C ASP H 368 21.87 69.57 12.26
N GLY H 369 21.44 68.80 13.25
CA GLY H 369 22.30 68.35 14.32
C GLY H 369 22.12 69.08 15.64
N SER H 370 21.30 70.13 15.67
CA SER H 370 21.05 70.83 16.92
C SER H 370 20.20 69.96 17.84
N PRO H 371 20.39 70.07 19.15
CA PRO H 371 19.58 69.29 20.09
C PRO H 371 18.11 69.66 19.99
N VAL H 372 17.25 68.66 20.17
CA VAL H 372 15.81 68.92 20.14
C VAL H 372 15.41 69.72 21.37
N SER H 373 14.27 70.42 21.25
CA SER H 373 13.76 71.25 22.33
C SER H 373 12.49 70.69 22.94
N CYS H 374 12.17 69.43 22.67
CA CYS H 374 10.95 68.82 23.18
C CYS H 374 11.14 67.31 23.21
N GLU H 375 10.13 66.61 23.71
CA GLU H 375 10.10 65.16 23.66
C GLU H 375 9.75 64.71 22.25
N THR H 376 10.53 63.78 21.70
CA THR H 376 10.35 63.30 20.34
C THR H 376 10.31 61.78 20.36
N GLY H 377 9.12 61.21 20.23
CA GLY H 377 8.97 59.79 20.01
C GLY H 377 8.71 59.00 21.27
N PRO H 378 7.48 58.54 21.44
CA PRO H 378 7.12 57.76 22.62
C PRO H 378 7.47 56.28 22.44
N VAL H 379 7.12 55.50 23.44
CA VAL H 379 7.20 54.05 23.36
C VAL H 379 5.91 53.53 22.74
N ILE H 380 6.03 52.71 21.71
CA ILE H 380 4.89 52.05 21.10
C ILE H 380 4.76 50.67 21.71
N TRP H 381 3.57 50.36 22.22
CA TRP H 381 3.30 49.08 22.84
C TRP H 381 1.84 48.73 22.63
N GLY H 382 1.46 47.56 23.09
CA GLY H 382 0.08 47.12 22.95
C GLY H 382 -0.02 45.63 22.66
N GLY H 383 -1.09 45.23 22.00
CA GLY H 383 -1.29 43.83 21.70
C GLY H 383 -2.68 43.59 21.18
N VAL H 384 -2.91 42.33 20.79
CA VAL H 384 -4.16 41.97 20.13
C VAL H 384 -5.34 42.23 21.05
N GLY H 385 -6.46 42.62 20.46
CA GLY H 385 -7.62 43.03 21.22
C GLY H 385 -8.37 41.87 21.83
N CYS H 386 -9.04 42.17 22.95
CA CYS H 386 -9.81 41.25 23.78
C CYS H 386 -8.87 40.35 24.58
N ASN H 387 -7.59 40.39 24.29
CA ASN H 387 -6.59 39.71 25.10
C ASN H 387 -5.92 40.64 26.09
N GLY H 388 -5.74 41.92 25.73
CA GLY H 388 -5.16 42.88 26.65
C GLY H 388 -6.13 43.40 27.69
N GLN H 389 -7.43 43.17 27.51
CA GLN H 389 -8.39 43.56 28.53
C GLN H 389 -8.14 42.82 29.84
N HIS H 390 -7.80 41.55 29.74
CA HIS H 390 -7.51 40.72 30.89
C HIS H 390 -6.03 40.69 31.23
N ALA H 391 -5.21 41.48 30.54
CA ALA H 391 -3.78 41.50 30.78
C ALA H 391 -3.31 42.85 31.32
N TYR H 392 -3.53 43.94 30.60
CA TYR H 392 -2.95 45.21 30.98
C TYR H 392 -3.90 46.40 30.87
N HIS H 393 -5.14 46.20 30.41
CA HIS H 393 -6.09 47.30 30.36
C HIS H 393 -6.45 47.80 31.75
N GLN H 394 -6.16 47.02 32.79
CA GLN H 394 -6.37 47.48 34.16
C GLN H 394 -5.54 48.72 34.44
N LEU H 395 -4.28 48.74 33.97
CA LEU H 395 -3.44 49.91 34.12
C LEU H 395 -3.97 51.10 33.31
N LEU H 396 -4.54 50.81 32.14
CA LEU H 396 -5.14 51.87 31.34
C LEU H 396 -6.33 52.50 32.06
N HIS H 397 -7.14 51.67 32.71
CA HIS H 397 -8.36 52.16 33.35
C HIS H 397 -8.09 52.83 34.69
N GLN H 398 -7.23 52.24 35.52
CA GLN H 398 -7.08 52.71 36.90
C GLN H 398 -5.64 53.10 37.27
N GLY H 399 -4.72 53.11 36.33
CA GLY H 399 -3.34 53.47 36.62
C GLY H 399 -3.19 54.97 36.80
N THR H 400 -1.93 55.38 36.95
CA THR H 400 -1.58 56.78 37.13
C THR H 400 -0.90 57.38 35.91
N LEU H 401 -0.89 56.68 34.78
CA LEU H 401 -0.21 57.12 33.57
C LEU H 401 -1.23 57.57 32.53
N LEU H 402 -0.82 58.54 31.71
CA LEU H 402 -1.60 58.94 30.55
C LEU H 402 -1.07 58.19 29.33
N ILE H 403 -1.83 57.22 28.85
CA ILE H 403 -1.43 56.41 27.70
C ILE H 403 -2.50 56.52 26.64
N PRO H 404 -2.32 57.36 25.62
CA PRO H 404 -3.28 57.37 24.50
C PRO H 404 -3.31 56.02 23.81
N ALA H 405 -4.52 55.59 23.45
CA ALA H 405 -4.74 54.28 22.87
C ALA H 405 -5.34 54.41 21.47
N ASP H 406 -4.89 53.55 20.56
CA ASP H 406 -5.40 53.48 19.21
C ASP H 406 -6.08 52.13 19.04
N PHE H 407 -7.41 52.13 19.12
CA PHE H 407 -8.19 50.91 18.90
C PHE H 407 -8.38 50.69 17.40
N ILE H 408 -8.17 49.45 16.96
CA ILE H 408 -8.35 49.09 15.55
C ILE H 408 -9.24 47.86 15.50
N VAL H 409 -10.34 47.94 14.76
CA VAL H 409 -11.30 46.83 14.70
C VAL H 409 -12.00 46.84 13.35
N PRO H 410 -12.26 45.67 12.75
CA PRO H 410 -13.12 45.61 11.58
C PRO H 410 -14.57 45.32 11.94
N VAL H 411 -15.46 45.63 11.00
CA VAL H 411 -16.87 45.35 11.18
C VAL H 411 -17.22 43.91 10.78
N VAL H 412 -16.56 43.37 9.76
CA VAL H 412 -16.86 42.04 9.23
C VAL H 412 -15.70 41.12 9.54
N SER H 413 -16.02 39.90 9.96
CA SER H 413 -15.03 38.88 10.26
C SER H 413 -14.93 37.88 9.10
N HIS H 414 -13.70 37.48 8.77
CA HIS H 414 -13.51 36.48 7.73
C HIS H 414 -13.95 35.10 8.18
N ASN H 415 -13.86 34.81 9.48
CA ASN H 415 -14.22 33.51 10.03
C ASN H 415 -15.24 33.73 11.14
N PRO H 416 -16.50 33.97 10.79
CA PRO H 416 -17.53 34.17 11.82
C PRO H 416 -17.81 32.87 12.56
N VAL H 417 -17.85 32.95 13.88
CA VAL H 417 -18.14 31.82 14.75
C VAL H 417 -19.24 32.28 15.69
N ALA H 418 -20.50 31.96 15.36
CA ALA H 418 -21.66 32.37 16.15
C ALA H 418 -21.64 33.89 16.24
N ASP H 419 -21.83 34.48 17.42
CA ASP H 419 -21.81 35.93 17.60
C ASP H 419 -20.49 36.42 18.19
N HIS H 420 -19.38 35.75 17.85
CA HIS H 420 -18.10 36.09 18.45
C HIS H 420 -17.61 37.45 17.98
N HIS H 421 -17.81 37.79 16.71
CA HIS H 421 -17.32 39.08 16.22
C HIS H 421 -18.17 40.23 16.72
N GLN H 422 -19.47 40.01 16.92
CA GLN H 422 -20.29 41.02 17.57
C GLN H 422 -19.75 41.32 18.97
N TRP H 423 -19.35 40.28 19.70
CA TRP H 423 -18.78 40.47 21.02
C TRP H 423 -17.41 41.13 20.96
N LEU H 424 -16.61 40.81 19.96
CA LEU H 424 -15.31 41.47 19.79
C LEU H 424 -15.49 42.95 19.54
N TYR H 425 -16.41 43.31 18.63
CA TYR H 425 -16.69 44.71 18.35
C TYR H 425 -17.24 45.41 19.59
N ALA H 426 -18.12 44.75 20.33
CA ALA H 426 -18.67 45.33 21.54
C ALA H 426 -17.58 45.54 22.60
N ASN H 427 -16.65 44.60 22.70
CA ASN H 427 -15.55 44.73 23.65
C ASN H 427 -14.64 45.90 23.30
N CYS H 428 -14.32 46.06 22.00
CA CYS H 428 -13.51 47.20 21.59
C CYS H 428 -14.22 48.52 21.91
N LEU H 429 -15.50 48.62 21.52
CA LEU H 429 -16.26 49.84 21.75
C LEU H 429 -16.40 50.14 23.23
N SER H 430 -16.63 49.10 24.04
CA SER H 430 -16.79 49.28 25.47
C SER H 430 -15.48 49.66 26.14
N GLN H 431 -14.35 49.13 25.67
CA GLN H 431 -13.07 49.56 26.21
C GLN H 431 -12.84 51.03 25.94
N SER H 432 -13.12 51.49 24.71
CA SER H 432 -12.99 52.92 24.42
C SER H 432 -13.94 53.75 25.28
N GLN H 433 -15.18 53.30 25.43
CA GLN H 433 -16.18 54.06 26.18
C GLN H 433 -15.85 54.10 27.66
N ALA H 434 -15.31 53.00 28.20
CA ALA H 434 -14.89 52.99 29.60
C ALA H 434 -13.68 53.87 29.81
N LEU H 435 -12.76 53.92 28.84
CA LEU H 435 -11.64 54.82 28.93
C LEU H 435 -12.11 56.27 28.97
N MET H 436 -13.08 56.63 28.13
CA MET H 436 -13.53 58.01 28.08
C MET H 436 -14.40 58.37 29.28
N LEU H 437 -15.31 57.48 29.68
CA LEU H 437 -16.28 57.81 30.72
C LEU H 437 -15.70 57.63 32.12
N GLY H 438 -15.29 56.42 32.45
CA GLY H 438 -14.92 56.10 33.82
C GLY H 438 -16.13 55.87 34.69
N LYS H 439 -15.86 55.59 35.96
CA LYS H 439 -16.90 55.35 36.95
C LYS H 439 -16.58 56.17 38.19
N SER H 440 -17.45 57.10 38.53
CA SER H 440 -17.20 58.01 39.65
C SER H 440 -17.51 57.31 40.97
N ARG H 441 -17.25 58.02 42.07
CA ARG H 441 -17.57 57.50 43.39
C ARG H 441 -19.07 57.28 43.54
N GLU H 442 -19.88 58.22 43.03
CA GLU H 442 -21.33 58.11 43.14
C GLU H 442 -21.85 56.88 42.41
N GLU H 443 -21.36 56.63 41.20
CA GLU H 443 -21.82 55.48 40.44
C GLU H 443 -21.43 54.17 41.13
N ALA H 444 -20.20 54.08 41.63
CA ALA H 444 -19.77 52.88 42.32
C ALA H 444 -20.58 52.65 43.59
N GLU H 445 -20.83 53.72 44.36
CA GLU H 445 -21.64 53.59 45.57
C GLU H 445 -23.05 53.16 45.23
N ALA H 446 -23.64 53.73 44.16
CA ALA H 446 -24.98 53.36 43.76
C ALA H 446 -25.05 51.89 43.35
N GLU H 447 -24.06 51.41 42.60
CA GLU H 447 -24.03 50.01 42.22
C GLU H 447 -23.89 49.09 43.42
N LEU H 448 -23.03 49.48 44.38
CA LEU H 448 -22.87 48.67 45.58
C LEU H 448 -24.15 48.64 46.41
N ARG H 449 -24.85 49.77 46.49
CA ARG H 449 -26.12 49.81 47.20
C ARG H 449 -27.17 48.95 46.49
N ALA H 450 -27.20 49.00 45.16
CA ALA H 450 -28.11 48.15 44.40
C ALA H 450 -27.80 46.68 44.60
N LYS H 451 -26.53 46.35 44.85
CA LYS H 451 -26.17 44.99 45.19
C LYS H 451 -26.56 44.62 46.62
N GLY H 452 -26.99 45.59 47.43
CA GLY H 452 -27.47 45.32 48.76
C GLY H 452 -26.42 45.31 49.85
N LEU H 453 -25.19 45.74 49.55
CA LEU H 453 -24.15 45.72 50.56
C LEU H 453 -24.42 46.74 51.66
N PRO H 454 -24.02 46.45 52.90
CA PRO H 454 -24.18 47.42 53.99
C PRO H 454 -23.44 48.71 53.70
N GLU H 455 -23.78 49.74 54.48
CA GLU H 455 -23.19 51.06 54.27
C GLU H 455 -21.69 51.04 54.50
N ALA H 456 -21.24 50.37 55.56
CA ALA H 456 -19.81 50.28 55.83
C ALA H 456 -19.08 49.56 54.70
N GLU H 457 -19.64 48.45 54.22
CA GLU H 457 -19.05 47.75 53.09
C GLU H 457 -19.07 48.61 51.84
N VAL H 458 -20.14 49.38 51.64
CA VAL H 458 -20.23 50.26 50.47
C VAL H 458 -19.10 51.28 50.50
N LYS H 459 -18.91 51.94 51.64
CA LYS H 459 -17.86 52.96 51.73
C LYS H 459 -16.46 52.34 51.77
N ARG H 460 -16.33 51.08 52.15
CA ARG H 460 -15.04 50.42 52.07
C ARG H 460 -14.68 50.06 50.64
N LEU H 461 -15.66 49.61 49.85
CA LEU H 461 -15.39 49.09 48.52
C LEU H 461 -15.46 50.15 47.43
N ALA H 462 -16.15 51.27 47.66
CA ALA H 462 -16.35 52.25 46.59
C ALA H 462 -15.05 52.84 46.04
N PRO H 463 -14.09 53.29 46.86
CA PRO H 463 -12.89 53.91 46.27
C PRO H 463 -12.09 52.98 45.37
N HIS H 464 -12.14 51.67 45.61
CA HIS H 464 -11.37 50.73 44.81
C HIS H 464 -12.00 50.50 43.44
N LYS H 465 -13.31 50.66 43.32
CA LYS H 465 -14.01 50.46 42.06
C LYS H 465 -14.04 51.69 41.18
N VAL H 466 -13.57 52.84 41.69
CA VAL H 466 -13.66 54.08 40.93
C VAL H 466 -12.64 54.05 39.79
N ILE H 467 -13.13 54.26 38.57
CA ILE H 467 -12.28 54.44 37.41
C ILE H 467 -12.25 55.93 37.08
N PRO H 468 -11.07 56.57 37.05
CA PRO H 468 -11.05 58.02 36.81
C PRO H 468 -11.68 58.44 35.49
N GLY H 469 -11.51 57.65 34.45
CA GLY H 469 -11.96 58.04 33.14
C GLY H 469 -11.07 59.10 32.52
N ASN H 470 -11.59 59.73 31.47
CA ASN H 470 -10.91 60.80 30.75
C ASN H 470 -9.61 60.32 30.09
N ARG H 471 -9.57 59.05 29.71
CA ARG H 471 -8.40 58.51 29.02
C ARG H 471 -8.60 58.63 27.51
N PRO H 472 -7.76 59.40 26.81
CA PRO H 472 -7.98 59.58 25.37
C PRO H 472 -7.79 58.29 24.58
N SER H 473 -8.53 58.17 23.49
CA SER H 473 -8.40 57.01 22.61
C SER H 473 -8.81 57.41 21.21
N ASN H 474 -8.24 56.70 20.23
CA ASN H 474 -8.65 56.80 18.84
C ASN H 474 -9.19 55.44 18.42
N THR H 475 -10.21 55.45 17.56
CA THR H 475 -10.75 54.21 17.02
C THR H 475 -10.60 54.24 15.50
N LEU H 476 -9.97 53.20 14.96
CA LEU H 476 -9.88 53.01 13.52
C LEU H 476 -10.74 51.81 13.16
N VAL H 477 -11.77 52.06 12.34
CA VAL H 477 -12.70 51.03 11.93
C VAL H 477 -12.56 50.82 10.43
N MET H 478 -12.81 49.58 10.01
CA MET H 478 -12.90 49.23 8.60
C MET H 478 -14.03 48.22 8.45
N GLU H 479 -14.54 48.12 7.23
CA GLU H 479 -15.55 47.09 6.97
C GLU H 479 -14.95 45.70 7.08
N THR H 480 -13.83 45.46 6.40
CA THR H 480 -13.12 44.19 6.48
C THR H 480 -11.63 44.48 6.38
N LEU H 481 -10.81 43.56 6.89
CA LEU H 481 -9.36 43.68 6.76
C LEU H 481 -8.93 42.93 5.52
N ASN H 482 -8.97 43.62 4.39
CA ASN H 482 -8.50 43.12 3.11
C ASN H 482 -7.14 43.73 2.79
N PRO H 483 -6.45 43.26 1.75
CA PRO H 483 -5.14 43.85 1.43
C PRO H 483 -5.17 45.35 1.23
N SER H 484 -6.22 45.88 0.60
CA SER H 484 -6.29 47.30 0.32
C SER H 484 -6.35 48.12 1.60
N ARG H 485 -7.23 47.73 2.53
CA ARG H 485 -7.38 48.50 3.76
C ARG H 485 -6.20 48.30 4.70
N LEU H 486 -5.56 47.14 4.68
CA LEU H 486 -4.34 46.95 5.45
C LEU H 486 -3.22 47.84 4.91
N GLY H 487 -3.09 47.93 3.59
CA GLY H 487 -2.12 48.84 3.02
C GLY H 487 -2.40 50.28 3.39
N ALA H 488 -3.67 50.67 3.38
CA ALA H 488 -4.04 52.02 3.80
C ALA H 488 -3.67 52.26 5.25
N LEU H 489 -3.90 51.26 6.12
CA LEU H 489 -3.57 51.41 7.54
C LEU H 489 -2.07 51.59 7.75
N ILE H 490 -1.27 50.74 7.10
CA ILE H 490 0.18 50.84 7.24
C ILE H 490 0.69 52.19 6.72
N ALA H 491 0.19 52.62 5.56
CA ALA H 491 0.62 53.90 5.01
C ALA H 491 0.19 55.06 5.89
N LEU H 492 -0.99 54.96 6.50
CA LEU H 492 -1.46 55.99 7.42
C LEU H 492 -0.52 56.13 8.60
N TYR H 493 -0.08 55.01 9.17
CA TYR H 493 0.85 55.10 10.29
C TYR H 493 2.23 55.59 9.86
N GLU H 494 2.68 55.21 8.66
CA GLU H 494 3.92 55.75 8.12
C GLU H 494 3.85 57.27 8.01
N HIS H 495 2.76 57.79 7.46
CA HIS H 495 2.63 59.23 7.29
C HIS H 495 2.47 59.94 8.62
N LYS H 496 1.81 59.30 9.61
CA LYS H 496 1.73 59.88 10.93
C LYS H 496 3.12 60.02 11.55
N VAL H 497 3.95 58.98 11.41
CA VAL H 497 5.33 59.04 11.92
C VAL H 497 6.09 60.16 11.21
N PHE H 498 5.91 60.28 9.89
CA PHE H 498 6.60 61.33 9.15
C PHE H 498 6.19 62.72 9.63
N VAL H 499 4.88 62.94 9.84
CA VAL H 499 4.41 64.25 10.27
C VAL H 499 4.93 64.58 11.66
N GLN H 500 4.94 63.60 12.57
CA GLN H 500 5.49 63.84 13.90
C GLN H 500 6.97 64.20 13.83
N GLY H 501 7.74 63.48 13.01
CA GLY H 501 9.14 63.81 12.84
C GLY H 501 9.36 65.18 12.25
N VAL H 502 8.48 65.61 11.34
CA VAL H 502 8.56 66.95 10.78
C VAL H 502 8.29 68.00 11.85
N ILE H 503 7.27 67.76 12.68
CA ILE H 503 6.95 68.70 13.75
C ILE H 503 8.12 68.83 14.72
N TRP H 504 8.72 67.71 15.11
CA TRP H 504 9.84 67.74 16.03
C TRP H 504 11.13 68.21 15.38
N GLY H 505 11.16 68.35 14.06
CA GLY H 505 12.35 68.81 13.38
C GLY H 505 13.45 67.79 13.23
N ILE H 506 13.12 66.51 13.35
CA ILE H 506 14.13 65.45 13.41
C ILE H 506 14.14 64.71 12.07
N ASN H 507 15.14 63.85 11.91
CA ASN H 507 15.26 62.99 10.75
C ASN H 507 14.62 61.64 11.08
N SER H 508 13.54 61.32 10.38
CA SER H 508 12.79 60.10 10.61
C SER H 508 13.28 58.92 9.77
N PHE H 509 14.37 59.10 9.02
CA PHE H 509 14.79 58.10 8.06
C PHE H 509 16.22 57.63 8.25
N ASP H 510 16.93 58.12 9.26
CA ASP H 510 18.25 57.64 9.61
C ASP H 510 18.18 56.84 10.91
N GLN H 511 19.12 55.92 11.08
CA GLN H 511 19.26 55.14 12.31
C GLN H 511 20.75 55.12 12.67
N TRP H 512 21.20 56.15 13.38
CA TRP H 512 22.59 56.24 13.79
C TRP H 512 22.84 55.70 15.19
N GLY H 513 21.78 55.35 15.92
CA GLY H 513 21.88 54.82 17.26
C GLY H 513 22.08 53.33 17.34
N VAL H 514 22.40 52.67 16.22
CA VAL H 514 22.58 51.23 16.19
C VAL H 514 24.01 50.84 15.82
N GLU H 515 24.91 51.82 15.65
CA GLU H 515 26.28 51.51 15.25
C GLU H 515 27.18 51.22 16.45
N LEU H 516 27.01 51.99 17.54
CA LEU H 516 27.83 51.77 18.73
C LEU H 516 27.62 50.38 19.30
N GLY H 517 26.37 49.92 19.31
CA GLY H 517 26.11 48.56 19.76
C GLY H 517 26.81 47.52 18.90
N LYS H 518 26.90 47.77 17.59
CA LYS H 518 27.59 46.85 16.70
C LYS H 518 29.08 46.79 17.00
N GLU H 519 29.72 47.96 17.14
CA GLU H 519 31.15 47.98 17.45
C GLU H 519 31.43 47.31 18.79
N LEU H 520 30.63 47.63 19.81
CA LEU H 520 30.81 47.01 21.10
C LEU H 520 30.52 45.52 21.05
N GLY H 521 29.63 45.09 20.15
CA GLY H 521 29.39 43.66 19.99
C GLY H 521 30.59 42.93 19.43
N LYS H 522 31.26 43.53 18.44
CA LYS H 522 32.50 42.94 17.95
C LYS H 522 33.54 42.86 19.05
N ASN H 523 33.68 43.93 19.84
CA ASN H 523 34.65 43.93 20.93
C ASN H 523 34.33 42.85 21.96
N VAL H 524 33.05 42.74 22.35
CA VAL H 524 32.65 41.79 23.38
C VAL H 524 32.80 40.37 22.88
N TYR H 525 32.49 40.12 21.60
CA TYR H 525 32.68 38.79 21.03
C TYR H 525 34.15 38.40 21.04
N GLY H 526 35.02 39.33 20.63
CA GLY H 526 36.45 39.05 20.69
C GLY H 526 36.92 38.76 22.10
N ARG H 527 36.36 39.46 23.08
CA ARG H 527 36.71 39.20 24.48
C ARG H 527 36.19 37.83 24.93
N LEU H 528 35.00 37.44 24.48
CA LEU H 528 34.41 36.17 24.89
C LEU H 528 35.19 34.99 24.34
N THR H 529 35.62 35.08 23.07
CA THR H 529 36.19 33.90 22.42
C THR H 529 37.69 33.75 22.68
N SER H 530 38.44 34.84 22.59
CA SER H 530 39.89 34.77 22.70
C SER H 530 40.31 34.45 24.15
N TYR H 531 41.50 33.87 24.27
CA TYR H 531 42.00 33.46 25.58
C TYR H 531 42.62 34.63 26.34
N GLU H 532 43.68 35.21 25.80
CA GLU H 532 44.37 36.32 26.45
C GLU H 532 43.87 37.61 25.81
N ALA H 533 42.76 38.12 26.33
CA ALA H 533 42.15 39.35 25.87
C ALA H 533 42.29 40.45 26.92
N PRO H 534 42.39 41.70 26.50
CA PRO H 534 42.47 42.80 27.47
C PRO H 534 41.16 42.96 28.22
N PRO H 535 41.17 43.62 29.38
CA PRO H 535 39.91 43.86 30.10
C PRO H 535 38.99 44.76 29.29
N ALA H 536 37.69 44.60 29.53
CA ALA H 536 36.70 45.44 28.87
C ALA H 536 36.76 46.86 29.42
N GLU H 537 36.05 47.76 28.75
CA GLU H 537 36.10 49.17 29.12
C GLU H 537 35.51 49.40 30.51
N ASP H 538 34.45 48.69 30.84
CA ASP H 538 33.80 48.80 32.14
C ASP H 538 33.89 47.48 32.88
N SER H 539 33.83 47.57 34.21
CA SER H 539 33.89 46.37 35.04
C SER H 539 32.63 45.53 34.93
N SER H 540 31.50 46.12 34.54
CA SER H 540 30.26 45.35 34.41
C SER H 540 30.32 44.42 33.20
N THR H 541 30.74 44.94 32.05
CA THR H 541 30.89 44.11 30.87
C THR H 541 31.99 43.07 31.08
N GLN H 542 33.07 43.45 31.76
CA GLN H 542 34.12 42.50 32.08
C GLN H 542 33.61 41.39 32.99
N GLY H 543 32.79 41.73 33.98
CA GLY H 543 32.23 40.73 34.86
C GLY H 543 31.28 39.80 34.15
N LEU H 544 30.49 40.33 33.22
CA LEU H 544 29.60 39.49 32.44
C LEU H 544 30.37 38.58 31.50
N ILE H 545 31.47 39.08 30.93
CA ILE H 545 32.36 38.25 30.12
C ILE H 545 32.96 37.13 30.96
N ASP H 546 33.38 37.45 32.18
CA ASP H 546 33.93 36.42 33.06
C ASP H 546 32.88 35.39 33.47
N TYR H 547 31.65 35.84 33.71
CA TYR H 547 30.56 34.92 34.00
C TYR H 547 30.31 33.98 32.84
N PHE H 548 30.39 34.50 31.60
CA PHE H 548 30.29 33.64 30.43
C PHE H 548 31.46 32.65 30.39
N ARG H 549 32.68 33.14 30.58
CA ARG H 549 33.87 32.30 30.44
C ARG H 549 33.96 31.26 31.54
N GLY H 550 33.45 31.56 32.72
CA GLY H 550 33.42 30.60 33.80
C GLY H 550 32.36 29.54 33.69
N ARG H 551 31.57 29.57 32.62
CA ARG H 551 30.50 28.60 32.45
C ARG H 551 30.40 28.02 31.04
N HIS H 552 31.06 28.60 30.05
CA HIS H 552 30.92 28.14 28.67
C HIS H 552 31.93 27.05 28.37
N ARG H 553 31.48 26.05 27.61
CA ARG H 553 32.32 24.94 27.21
C ARG H 553 32.13 24.61 25.73
N TYR I 3 -46.36 55.81 -10.53
CA TYR I 3 -46.10 55.44 -11.92
C TYR I 3 -46.71 54.08 -12.23
N TYR I 4 -46.93 53.28 -11.19
CA TYR I 4 -47.54 51.96 -11.35
C TYR I 4 -49.05 52.00 -11.21
N GLN I 5 -49.63 53.16 -10.88
CA GLN I 5 -51.08 53.32 -10.79
C GLN I 5 -51.65 54.14 -11.93
N GLN I 6 -51.10 55.33 -12.18
CA GLN I 6 -51.51 56.18 -13.27
C GLN I 6 -50.49 56.04 -14.41
N ALA I 7 -50.94 55.50 -15.54
CA ALA I 7 -50.08 55.28 -16.70
C ALA I 7 -50.39 56.32 -17.76
N PHE I 8 -49.35 56.98 -18.24
CA PHE I 8 -49.44 57.97 -19.31
C PHE I 8 -48.72 57.45 -20.54
N ASP I 9 -48.84 58.19 -21.64
CA ASP I 9 -48.16 57.87 -22.88
C ASP I 9 -46.83 58.64 -22.91
N VAL I 10 -45.72 57.91 -22.80
CA VAL I 10 -44.42 58.54 -22.70
C VAL I 10 -44.07 59.29 -23.99
N THR I 11 -44.62 58.86 -25.12
CA THR I 11 -44.34 59.54 -26.39
C THR I 11 -45.00 60.90 -26.47
N SER I 12 -45.96 61.20 -25.60
CA SER I 12 -46.62 62.49 -25.57
C SER I 12 -45.91 63.51 -24.69
N LEU I 13 -44.88 63.09 -23.95
CA LEU I 13 -44.15 64.02 -23.10
C LEU I 13 -43.42 65.05 -23.97
N PRO I 14 -43.34 66.30 -23.52
CA PRO I 14 -42.55 67.30 -24.27
C PRO I 14 -41.10 66.92 -24.40
N SER I 15 -40.54 66.24 -23.40
CA SER I 15 -39.16 65.78 -23.49
C SER I 15 -38.99 64.75 -24.61
N TRP I 16 -39.99 63.88 -24.78
CA TRP I 16 -39.95 62.91 -25.88
C TRP I 16 -39.94 63.60 -27.24
N ARG I 17 -40.79 64.63 -27.41
CA ARG I 17 -40.82 65.36 -28.67
C ARG I 17 -39.54 66.13 -28.90
N ALA I 18 -38.97 66.70 -27.83
CA ALA I 18 -37.67 67.35 -27.95
C ALA I 18 -36.59 66.35 -28.36
N LEU I 19 -36.69 65.12 -27.85
CA LEU I 19 -35.74 64.08 -28.25
C LEU I 19 -35.93 63.68 -29.71
N GLN I 20 -37.17 63.67 -30.20
CA GLN I 20 -37.40 63.42 -31.62
C GLN I 20 -36.76 64.50 -32.47
N GLU I 21 -36.96 65.77 -32.10
CA GLU I 21 -36.34 66.86 -32.85
C GLU I 21 -34.82 66.78 -32.80
N HIS I 22 -34.27 66.45 -31.64
CA HIS I 22 -32.83 66.31 -31.52
C HIS I 22 -32.31 65.13 -32.32
N ARG I 23 -33.08 64.05 -32.43
CA ARG I 23 -32.69 62.93 -33.28
C ARG I 23 -32.65 63.34 -34.74
N LEU I 24 -33.66 64.11 -35.18
CA LEU I 24 -33.61 64.66 -36.53
C LEU I 24 -32.37 65.51 -36.74
N ALA I 25 -32.02 66.33 -35.75
CA ALA I 25 -30.84 67.18 -35.87
C ALA I 25 -29.55 66.36 -35.87
N MET I 26 -29.49 65.30 -35.08
CA MET I 26 -28.30 64.49 -34.90
C MET I 26 -28.18 63.38 -35.94
N GLN I 27 -29.14 63.27 -36.84
CA GLN I 27 -29.05 62.35 -37.98
C GLN I 27 -27.65 62.27 -38.58
N ASN I 28 -27.00 63.40 -38.80
CA ASN I 28 -25.71 63.46 -39.47
C ASN I 28 -24.53 63.45 -38.49
N PHE I 29 -24.78 63.30 -37.20
CA PHE I 29 -23.72 63.33 -36.20
C PHE I 29 -22.76 62.17 -36.39
N HIS I 30 -21.46 62.46 -36.31
CA HIS I 30 -20.42 61.45 -36.33
C HIS I 30 -19.53 61.62 -35.12
N MET I 31 -19.25 60.51 -34.43
CA MET I 31 -18.49 60.58 -33.18
C MET I 31 -17.04 60.99 -33.42
N ARG I 32 -16.47 60.62 -34.56
CA ARG I 32 -15.09 60.99 -34.86
C ARG I 32 -14.94 62.51 -34.90
N GLU I 33 -15.85 63.19 -35.59
CA GLU I 33 -15.81 64.65 -35.67
C GLU I 33 -16.01 65.26 -34.29
N ALA I 34 -16.90 64.68 -33.48
CA ALA I 34 -17.10 65.17 -32.12
C ALA I 34 -15.85 64.97 -31.26
N PHE I 35 -15.02 63.99 -31.60
CA PHE I 35 -13.82 63.76 -30.81
C PHE I 35 -12.65 64.62 -31.26
N LEU I 36 -12.53 64.92 -32.56
CA LEU I 36 -11.49 65.85 -32.97
C LEU I 36 -11.85 67.29 -32.63
N SER I 37 -13.14 67.59 -32.44
CA SER I 37 -13.58 68.94 -32.15
C SER I 37 -13.84 69.16 -30.67
N ASP I 38 -13.47 68.22 -29.81
CA ASP I 38 -13.68 68.37 -28.37
C ASP I 38 -12.70 67.49 -27.63
N PRO I 39 -11.53 68.04 -27.26
CA PRO I 39 -10.57 67.25 -26.48
C PRO I 39 -11.05 66.86 -25.10
N GLY I 40 -12.07 67.54 -24.57
CA GLY I 40 -12.58 67.22 -23.25
C GLY I 40 -13.84 66.39 -23.29
N ARG I 41 -14.05 65.66 -24.40
CA ARG I 41 -15.25 64.84 -24.53
C ARG I 41 -15.25 63.68 -23.54
N PHE I 42 -14.10 63.05 -23.33
CA PHE I 42 -14.02 61.96 -22.36
C PHE I 42 -14.33 62.44 -20.95
N ASP I 43 -13.79 63.59 -20.57
CA ASP I 43 -14.05 64.14 -19.24
C ASP I 43 -15.53 64.47 -19.06
N GLU I 44 -16.15 65.05 -20.09
CA GLU I 44 -17.55 65.42 -20.00
C GLU I 44 -18.45 64.20 -19.93
N PHE I 45 -18.10 63.14 -20.64
CA PHE I 45 -18.99 61.99 -20.77
C PHE I 45 -18.41 60.73 -20.12
N SER I 46 -17.87 60.88 -18.92
CA SER I 46 -17.46 59.74 -18.12
C SER I 46 -17.84 60.01 -16.67
N THR I 47 -18.02 58.95 -15.91
CA THR I 47 -18.42 59.06 -14.51
C THR I 47 -17.86 57.87 -13.74
N SER I 48 -17.84 58.01 -12.42
CA SER I 48 -17.31 56.98 -11.54
C SER I 48 -18.27 56.77 -10.38
N SER I 49 -18.24 55.56 -9.82
CA SER I 49 -19.06 55.23 -8.67
C SER I 49 -18.43 54.03 -7.99
N CYS I 50 -17.87 54.24 -6.80
CA CYS I 50 -17.20 53.19 -6.02
C CYS I 50 -16.04 52.69 -6.89
N GLY I 51 -15.94 51.39 -7.16
CA GLY I 51 -14.89 50.88 -8.01
C GLY I 51 -15.24 50.81 -9.49
N LEU I 52 -16.41 51.28 -9.88
CA LEU I 52 -16.85 51.22 -11.27
C LEU I 52 -16.58 52.54 -11.96
N PHE I 53 -16.11 52.47 -13.20
CA PHE I 53 -15.91 53.65 -14.02
C PHE I 53 -16.63 53.45 -15.35
N LEU I 54 -17.55 54.35 -15.67
CA LEU I 54 -18.32 54.30 -16.91
C LEU I 54 -17.81 55.37 -17.85
N ASP I 55 -17.27 54.94 -18.99
CA ASP I 55 -16.96 55.83 -20.10
C ASP I 55 -18.07 55.68 -21.14
N TYR I 56 -18.86 56.74 -21.32
CA TYR I 56 -19.94 56.75 -22.30
C TYR I 56 -19.75 57.88 -23.31
N SER I 57 -18.51 58.26 -23.59
CA SER I 57 -18.23 59.29 -24.57
C SER I 57 -18.36 58.79 -26.00
N LYS I 58 -18.10 57.50 -26.23
CA LYS I 58 -18.26 56.91 -27.56
C LYS I 58 -19.74 56.57 -27.81
N ASN I 59 -20.57 57.59 -27.71
CA ASN I 59 -22.01 57.46 -27.91
C ASN I 59 -22.47 58.56 -28.85
N LEU I 60 -23.61 58.31 -29.50
CA LEU I 60 -24.21 59.29 -30.41
C LEU I 60 -24.96 60.33 -29.60
N ILE I 61 -24.19 61.09 -28.82
CA ILE I 61 -24.73 62.10 -27.92
C ILE I 61 -23.87 63.36 -27.99
N THR I 62 -24.49 64.47 -27.66
CA THR I 62 -23.84 65.75 -27.37
C THR I 62 -24.23 66.11 -25.95
N PRO I 63 -23.69 67.17 -25.36
CA PRO I 63 -24.22 67.63 -24.07
C PRO I 63 -25.71 67.92 -24.11
N GLU I 64 -26.21 68.43 -25.24
CA GLU I 64 -27.65 68.63 -25.40
C GLU I 64 -28.40 67.32 -25.35
N THR I 65 -27.84 66.27 -25.96
CA THR I 65 -28.50 64.96 -25.93
C THR I 65 -28.61 64.44 -24.51
N ARG I 66 -27.53 64.55 -23.73
CA ARG I 66 -27.60 64.09 -22.34
C ARG I 66 -28.59 64.93 -21.54
N ASP I 67 -28.63 66.24 -21.80
CA ASP I 67 -29.61 67.10 -21.13
C ASP I 67 -31.03 66.65 -21.43
N LEU I 68 -31.31 66.35 -22.70
CA LEU I 68 -32.66 65.94 -23.09
C LEU I 68 -33.02 64.57 -22.54
N LEU I 69 -32.05 63.64 -22.52
CA LEU I 69 -32.32 62.32 -21.96
C LEU I 69 -32.58 62.40 -20.46
N VAL I 70 -31.80 63.23 -19.75
CA VAL I 70 -32.05 63.44 -18.32
C VAL I 70 -33.40 64.09 -18.11
N ASN I 71 -33.79 65.01 -18.99
CA ASN I 71 -35.11 65.63 -18.91
C ASN I 71 -36.21 64.59 -19.09
N LEU I 72 -36.05 63.67 -20.04
CA LEU I 72 -37.02 62.62 -20.24
C LEU I 72 -37.11 61.71 -19.03
N ALA I 73 -35.95 61.37 -18.43
CA ALA I 73 -35.96 60.56 -17.22
C ALA I 73 -36.70 61.27 -16.08
N ARG I 74 -36.49 62.57 -15.94
CA ARG I 74 -37.19 63.34 -14.92
C ARG I 74 -38.69 63.39 -15.18
N GLU I 75 -39.08 63.64 -16.44
CA GLU I 75 -40.50 63.75 -16.78
C GLU I 75 -41.23 62.43 -16.63
N ALA I 76 -40.55 61.31 -16.91
CA ALA I 76 -41.15 60.00 -16.71
C ALA I 76 -41.29 59.66 -15.23
N GLY I 77 -40.58 60.36 -14.35
CA GLY I 77 -40.68 60.12 -12.93
C GLY I 77 -39.79 59.00 -12.43
N VAL I 78 -38.55 58.97 -12.93
CA VAL I 78 -37.63 57.90 -12.55
C VAL I 78 -37.25 58.00 -11.07
N GLU I 79 -37.07 59.23 -10.57
CA GLU I 79 -36.68 59.42 -9.18
C GLU I 79 -37.78 58.96 -8.23
N GLN I 80 -39.02 59.38 -8.48
CA GLN I 80 -40.13 58.98 -7.64
C GLN I 80 -40.39 57.48 -7.74
N ALA I 81 -40.25 56.91 -8.95
CA ALA I 81 -40.42 55.48 -9.13
C ALA I 81 -39.36 54.69 -8.37
N ALA I 82 -38.12 55.17 -8.38
CA ALA I 82 -37.06 54.52 -7.62
C ALA I 82 -37.34 54.62 -6.13
N ARG I 83 -37.82 55.77 -5.66
CA ARG I 83 -38.20 55.90 -4.27
C ARG I 83 -39.29 54.90 -3.90
N ALA I 84 -40.31 54.76 -4.75
CA ALA I 84 -41.39 53.83 -4.49
C ALA I 84 -40.89 52.39 -4.45
N MET I 85 -40.03 52.01 -5.39
CA MET I 85 -39.52 50.64 -5.43
C MET I 85 -38.63 50.35 -4.22
N PHE I 86 -37.77 51.31 -3.84
CA PHE I 86 -36.89 51.10 -2.71
C PHE I 86 -37.65 51.11 -1.39
N ASP I 87 -38.78 51.81 -1.33
CA ASP I 87 -39.53 51.97 -0.09
C ASP I 87 -40.54 50.87 0.17
N GLY I 88 -40.72 49.94 -0.76
CA GLY I 88 -41.64 48.85 -0.56
C GLY I 88 -43.02 49.02 -1.16
N GLU I 89 -43.23 50.05 -1.97
CA GLU I 89 -44.52 50.22 -2.64
C GLU I 89 -44.73 49.10 -3.66
N PRO I 90 -45.98 48.67 -3.85
CA PRO I 90 -46.24 47.59 -4.81
C PRO I 90 -46.04 48.01 -6.25
N VAL I 91 -44.77 48.15 -6.66
CA VAL I 91 -44.46 48.58 -8.02
C VAL I 91 -44.79 47.50 -9.03
N ASN I 92 -44.87 46.24 -8.61
CA ASN I 92 -45.37 45.15 -9.46
C ASN I 92 -46.90 45.24 -9.45
N ALA I 93 -47.42 46.15 -10.27
CA ALA I 93 -48.84 46.45 -10.24
C ALA I 93 -49.68 45.25 -10.66
N SER I 94 -49.23 44.52 -11.68
CA SER I 94 -50.02 43.40 -12.19
C SER I 94 -50.18 42.32 -11.13
N GLU I 95 -49.11 41.98 -10.41
CA GLU I 95 -49.16 40.99 -9.36
C GLU I 95 -49.43 41.58 -7.99
N ARG I 96 -49.54 42.90 -7.88
CA ARG I 96 -49.83 43.58 -6.62
C ARG I 96 -48.80 43.24 -5.54
N ARG I 97 -47.53 43.26 -5.93
CA ARG I 97 -46.43 42.94 -5.02
C ARG I 97 -45.39 44.04 -5.05
N PRO I 98 -44.63 44.20 -3.97
CA PRO I 98 -43.43 45.03 -4.03
C PRO I 98 -42.29 44.30 -4.72
N ALA I 99 -41.34 45.08 -5.20
CA ALA I 99 -40.11 44.55 -5.80
C ALA I 99 -38.95 44.96 -4.89
N LEU I 100 -38.57 44.07 -3.99
CA LEU I 100 -37.63 44.42 -2.93
C LEU I 100 -36.36 43.56 -2.99
N HIS I 101 -35.78 43.42 -4.19
CA HIS I 101 -34.48 42.78 -4.29
C HIS I 101 -33.39 43.64 -3.67
N THR I 102 -33.57 44.96 -3.67
CA THR I 102 -32.60 45.85 -3.05
C THR I 102 -32.54 45.61 -1.54
N ALA I 103 -33.69 45.29 -0.93
CA ALA I 103 -33.73 45.00 0.50
C ALA I 103 -32.79 43.85 0.87
N LEU I 104 -32.54 42.93 -0.04
CA LEU I 104 -31.67 41.81 0.26
C LEU I 104 -30.22 42.23 0.49
N ARG I 105 -29.86 43.45 0.09
CA ARG I 105 -28.48 43.93 0.23
C ARG I 105 -28.34 44.96 1.34
N ARG I 106 -29.43 45.35 1.98
CA ARG I 106 -29.35 46.32 3.06
C ARG I 106 -28.69 45.70 4.29
N PRO I 107 -28.00 46.49 5.09
CA PRO I 107 -27.38 45.98 6.31
C PRO I 107 -28.38 45.87 7.45
N VAL I 108 -27.92 45.35 8.58
CA VAL I 108 -28.81 45.04 9.69
C VAL I 108 -29.41 46.30 10.32
N GLY I 109 -28.80 47.47 10.11
CA GLY I 109 -29.34 48.68 10.68
C GLY I 109 -30.51 49.26 9.93
N ASP I 110 -30.85 48.71 8.76
CA ASP I 110 -31.96 49.18 7.96
C ASP I 110 -33.23 48.42 8.32
N SER I 111 -34.35 49.15 8.35
CA SER I 111 -35.64 48.57 8.64
C SER I 111 -36.62 48.95 7.52
N LEU I 112 -37.38 47.97 7.06
CA LEU I 112 -38.36 48.18 6.00
C LEU I 112 -39.66 47.52 6.41
N LEU I 113 -40.72 48.31 6.55
CA LEU I 113 -42.00 47.82 7.04
C LEU I 113 -42.92 47.55 5.86
N ILE I 114 -43.35 46.29 5.73
CA ILE I 114 -44.30 45.88 4.71
C ILE I 114 -45.50 45.29 5.44
N ASP I 115 -46.65 45.96 5.32
CA ASP I 115 -47.86 45.59 6.06
C ASP I 115 -47.59 45.56 7.57
N GLY I 116 -46.81 46.51 8.05
CA GLY I 116 -46.49 46.60 9.46
C GLY I 116 -45.46 45.61 9.96
N HIS I 117 -44.84 44.85 9.08
CA HIS I 117 -43.84 43.86 9.46
C HIS I 117 -42.49 44.24 8.89
N ASN I 118 -41.45 44.08 9.69
CA ASN I 118 -40.08 44.41 9.29
C ASN I 118 -39.49 43.23 8.53
N ILE I 119 -39.46 43.34 7.20
CA ILE I 119 -38.93 42.26 6.36
C ILE I 119 -37.41 42.16 6.42
N MET I 120 -36.74 43.19 6.93
CA MET I 120 -35.30 43.10 7.12
C MET I 120 -34.93 42.05 8.15
N ARG I 121 -35.82 41.81 9.12
CA ARG I 121 -35.62 40.71 10.05
C ARG I 121 -35.59 39.38 9.30
N ASP I 122 -36.51 39.18 8.36
CA ASP I 122 -36.48 37.97 7.54
C ASP I 122 -35.21 37.89 6.72
N VAL I 123 -34.82 39.02 6.11
CA VAL I 123 -33.61 39.04 5.28
C VAL I 123 -32.40 38.58 6.08
N HIS I 124 -32.23 39.15 7.27
CA HIS I 124 -31.02 38.86 8.04
C HIS I 124 -31.11 37.55 8.83
N ALA I 125 -32.32 37.08 9.15
CA ALA I 125 -32.46 35.72 9.66
C ALA I 125 -32.05 34.70 8.61
N ALA I 126 -32.48 34.93 7.35
CA ALA I 126 -32.06 34.06 6.27
C ALA I 126 -30.54 34.16 6.06
N LEU I 127 -29.98 35.35 6.19
CA LEU I 127 -28.54 35.51 6.05
C LEU I 127 -27.79 34.76 7.15
N ALA I 128 -28.29 34.81 8.38
CA ALA I 128 -27.66 34.08 9.48
C ALA I 128 -27.77 32.57 9.29
N GLN I 129 -28.93 32.10 8.82
CA GLN I 129 -29.08 30.68 8.50
C GLN I 129 -28.11 30.26 7.41
N MET I 130 -27.97 31.11 6.39
CA MET I 130 -27.03 30.85 5.30
C MET I 130 -25.61 30.78 5.83
N THR I 131 -25.25 31.70 6.73
CA THR I 131 -23.92 31.70 7.33
C THR I 131 -23.68 30.43 8.13
N ASP I 132 -24.69 29.99 8.90
CA ASP I 132 -24.54 28.78 9.69
C ASP I 132 -24.28 27.57 8.79
N ILE I 133 -25.08 27.43 7.72
CA ILE I 133 -24.91 26.29 6.83
C ILE I 133 -23.57 26.35 6.11
N VAL I 134 -23.16 27.55 5.65
CA VAL I 134 -21.91 27.67 4.93
C VAL I 134 -20.73 27.36 5.85
N GLY I 135 -20.78 27.83 7.10
CA GLY I 135 -19.72 27.50 8.04
C GLY I 135 -19.69 26.02 8.39
N ARG I 136 -20.86 25.39 8.50
CA ARG I 136 -20.91 23.96 8.75
C ARG I 136 -20.25 23.18 7.62
N ILE I 137 -20.62 23.49 6.38
CA ILE I 137 -20.11 22.72 5.24
C ILE I 137 -18.63 23.01 4.99
N HIS I 138 -18.23 24.28 5.12
CA HIS I 138 -16.84 24.64 4.83
C HIS I 138 -15.87 23.98 5.81
N ASN I 139 -16.25 23.89 7.07
CA ASN I 139 -15.42 23.28 8.10
C ASN I 139 -15.50 21.76 8.12
N LYS I 140 -16.08 21.16 7.07
CA LYS I 140 -16.25 19.72 6.97
C LYS I 140 -17.08 19.16 8.12
N LEU I 141 -17.96 19.98 8.67
CA LEU I 141 -18.84 19.60 9.77
C LEU I 141 -20.18 19.06 9.28
N TRP I 142 -20.40 19.03 7.98
CA TRP I 142 -21.61 18.48 7.38
C TRP I 142 -21.27 17.13 6.76
N ARG I 143 -22.04 16.11 7.12
CA ARG I 143 -21.75 14.74 6.72
C ARG I 143 -23.01 14.09 6.16
N GLY I 144 -22.80 13.14 5.24
CA GLY I 144 -23.88 12.45 4.59
C GLY I 144 -24.37 11.25 5.35
N TYR I 145 -25.06 10.35 4.64
CA TYR I 145 -25.59 9.15 5.27
C TYR I 145 -24.51 8.13 5.58
N SER I 146 -23.36 8.23 4.94
CA SER I 146 -22.19 7.43 5.30
C SER I 146 -21.31 8.13 6.31
N ASP I 147 -21.75 9.27 6.84
CA ASP I 147 -20.98 10.07 7.79
C ASP I 147 -19.63 10.48 7.21
N ARG I 148 -19.63 10.92 5.96
CA ARG I 148 -18.46 11.47 5.31
C ARG I 148 -18.73 12.91 4.91
N ALA I 149 -17.70 13.74 4.95
CA ALA I 149 -17.83 15.15 4.64
C ALA I 149 -18.27 15.34 3.19
N ILE I 150 -19.12 16.35 2.98
CA ILE I 150 -19.62 16.68 1.66
C ILE I 150 -18.71 17.71 1.00
N THR I 151 -18.44 17.51 -0.29
CA THR I 151 -17.63 18.46 -1.05
C THR I 151 -18.21 18.74 -2.43
N ASP I 152 -19.49 18.42 -2.65
CA ASP I 152 -20.14 18.67 -3.93
C ASP I 152 -21.55 19.18 -3.66
N VAL I 153 -21.78 20.47 -3.86
CA VAL I 153 -23.09 21.07 -3.69
C VAL I 153 -23.70 21.28 -5.06
N VAL I 154 -24.86 20.68 -5.29
CA VAL I 154 -25.55 20.73 -6.59
C VAL I 154 -26.84 21.50 -6.40
N ASN I 155 -26.99 22.58 -7.15
CA ASN I 155 -28.17 23.42 -7.10
C ASN I 155 -29.13 22.98 -8.20
N ILE I 156 -30.26 22.40 -7.80
CA ILE I 156 -31.32 22.01 -8.73
C ILE I 156 -32.29 23.18 -8.80
N GLY I 157 -32.17 23.97 -9.86
CA GLY I 157 -33.05 25.10 -10.05
C GLY I 157 -32.89 25.67 -11.45
N ILE I 158 -33.91 26.39 -11.90
CA ILE I 158 -33.96 26.94 -13.24
C ILE I 158 -34.25 28.43 -13.15
N GLY I 159 -33.93 29.13 -14.24
CA GLY I 159 -34.20 30.55 -14.34
C GLY I 159 -33.39 31.37 -13.36
N GLY I 160 -34.08 32.14 -12.52
CA GLY I 160 -33.40 32.95 -11.52
C GLY I 160 -32.69 32.14 -10.47
N SER I 161 -33.06 30.88 -10.28
CA SER I 161 -32.37 29.99 -9.37
C SER I 161 -31.10 29.41 -9.96
N TYR I 162 -30.82 29.68 -11.23
CA TYR I 162 -29.69 29.08 -11.91
C TYR I 162 -28.71 30.11 -12.44
N LEU I 163 -29.18 31.17 -13.08
CA LEU I 163 -28.31 32.01 -13.88
C LEU I 163 -27.47 32.95 -13.03
N GLY I 164 -28.10 33.69 -12.12
CA GLY I 164 -27.40 34.61 -11.26
C GLY I 164 -26.39 33.95 -10.34
N PRO I 165 -26.82 32.92 -9.61
CA PRO I 165 -25.86 32.18 -8.76
C PRO I 165 -24.69 31.61 -9.53
N GLU I 166 -24.94 31.04 -10.72
CA GLU I 166 -23.85 30.47 -11.51
C GLU I 166 -22.92 31.56 -12.02
N LEU I 167 -23.48 32.70 -12.42
CA LEU I 167 -22.65 33.83 -12.84
C LEU I 167 -21.73 34.26 -11.71
N VAL I 168 -22.27 34.44 -10.51
CA VAL I 168 -21.44 34.93 -9.41
C VAL I 168 -20.42 33.87 -9.01
N SER I 169 -20.80 32.60 -9.08
CA SER I 169 -19.86 31.52 -8.76
C SER I 169 -18.68 31.51 -9.74
N GLU I 170 -18.97 31.70 -11.03
CA GLU I 170 -17.89 31.65 -12.02
C GLU I 170 -17.03 32.90 -11.98
N ALA I 171 -17.65 34.07 -11.82
CA ALA I 171 -16.90 35.32 -11.83
C ALA I 171 -15.99 35.43 -10.61
N LEU I 172 -16.45 34.96 -9.46
CA LEU I 172 -15.70 35.06 -8.21
C LEU I 172 -14.89 33.80 -7.93
N LEU I 173 -14.45 33.11 -8.99
CA LEU I 173 -13.64 31.91 -8.82
C LEU I 173 -12.32 32.16 -8.08
N PRO I 174 -11.55 33.23 -8.35
CA PRO I 174 -10.33 33.46 -7.56
C PRO I 174 -10.58 33.62 -6.07
N TYR I 175 -11.84 33.71 -5.63
CA TYR I 175 -12.19 33.81 -4.22
C TYR I 175 -12.85 32.54 -3.71
N THR I 176 -12.61 31.41 -4.36
CA THR I 176 -13.21 30.14 -3.97
C THR I 176 -12.20 29.26 -3.23
N VAL I 180 -15.16 23.11 -1.59
CA VAL I 180 -16.50 22.70 -1.99
C VAL I 180 -16.79 23.13 -3.42
N ARG I 181 -17.14 22.17 -4.27
CA ARG I 181 -17.41 22.41 -5.68
C ARG I 181 -18.91 22.56 -5.90
N CYS I 182 -19.30 23.62 -6.61
CA CYS I 182 -20.70 23.91 -6.87
C CYS I 182 -21.04 23.57 -8.31
N HIS I 183 -22.12 22.80 -8.48
CA HIS I 183 -22.65 22.42 -9.78
C HIS I 183 -24.10 22.89 -9.88
N TYR I 184 -24.58 23.02 -11.11
CA TYR I 184 -25.93 23.50 -11.36
C TYR I 184 -26.65 22.54 -12.28
N LEU I 185 -27.92 22.28 -11.98
CA LEU I 185 -28.75 21.33 -12.70
C LEU I 185 -30.08 22.02 -13.01
N ALA I 186 -30.17 22.60 -14.21
CA ALA I 186 -31.34 23.37 -14.62
C ALA I 186 -32.17 22.67 -15.68
N ASN I 187 -31.56 22.20 -16.76
CA ASN I 187 -32.30 21.65 -17.88
C ASN I 187 -33.02 20.37 -17.50
N ILE I 188 -34.27 20.23 -17.96
CA ILE I 188 -34.98 18.95 -17.84
C ILE I 188 -34.39 17.88 -18.73
N ASP I 189 -33.52 18.26 -19.67
CA ASP I 189 -32.78 17.30 -20.46
C ASP I 189 -32.07 16.30 -19.57
N GLY I 190 -32.43 15.03 -19.69
CA GLY I 190 -31.82 14.00 -18.87
C GLY I 190 -30.34 13.82 -19.12
N SER I 191 -29.86 14.27 -20.27
CA SER I 191 -28.42 14.19 -20.55
C SER I 191 -27.63 15.08 -19.59
N GLU I 192 -28.16 16.25 -19.26
CA GLU I 192 -27.51 17.10 -18.27
C GLU I 192 -27.45 16.43 -16.91
N PHE I 193 -28.54 15.79 -16.49
CA PHE I 193 -28.56 15.08 -15.22
C PHE I 193 -27.55 13.94 -15.21
N HIS I 194 -27.47 13.19 -16.32
CA HIS I 194 -26.52 12.09 -16.41
C HIS I 194 -25.08 12.61 -16.35
N GLU I 195 -24.78 13.68 -17.09
CA GLU I 195 -23.44 14.24 -17.08
C GLU I 195 -23.07 14.75 -15.70
N LEU I 196 -24.03 15.37 -15.00
CA LEU I 196 -23.76 15.86 -13.66
C LEU I 196 -23.51 14.72 -12.69
N THR I 197 -24.40 13.73 -12.65
CA THR I 197 -24.25 12.64 -11.69
C THR I 197 -23.14 11.67 -12.05
N ALA I 198 -22.56 11.77 -13.26
CA ALA I 198 -21.38 10.99 -13.57
C ALA I 198 -20.16 11.43 -12.77
N ARG I 199 -20.22 12.59 -12.11
CA ARG I 199 -19.11 13.08 -11.29
C ARG I 199 -19.47 13.16 -9.81
N LEU I 200 -20.60 12.61 -9.41
CA LEU I 200 -21.12 12.78 -8.05
C LEU I 200 -21.19 11.46 -7.32
N ASN I 201 -20.89 11.50 -6.02
CA ASN I 201 -21.09 10.39 -5.11
C ASN I 201 -22.28 10.71 -4.23
N ALA I 202 -23.21 9.76 -4.10
CA ALA I 202 -24.41 10.01 -3.32
C ALA I 202 -24.09 10.22 -1.84
N GLU I 203 -23.04 9.58 -1.34
CA GLU I 203 -22.61 9.79 0.04
C GLU I 203 -22.04 11.19 0.25
N THR I 204 -21.66 11.87 -0.82
CA THR I 204 -20.92 13.12 -0.73
C THR I 204 -21.69 14.33 -1.26
N THR I 205 -22.66 14.14 -2.14
CA THR I 205 -23.33 15.25 -2.79
C THR I 205 -24.49 15.76 -1.94
N LEU I 206 -24.60 17.09 -1.84
CA LEU I 206 -25.72 17.75 -1.18
C LEU I 206 -26.49 18.55 -2.22
N PHE I 207 -27.81 18.37 -2.26
CA PHE I 207 -28.66 18.99 -3.27
C PHE I 207 -29.47 20.12 -2.66
N ILE I 208 -29.42 21.28 -3.30
CA ILE I 208 -30.26 22.41 -2.94
C ILE I 208 -31.37 22.50 -3.98
N ILE I 209 -32.61 22.22 -3.55
CA ILE I 209 -33.76 22.36 -4.43
C ILE I 209 -34.25 23.80 -4.34
N SER I 210 -34.11 24.54 -5.43
CA SER I 210 -34.48 25.96 -5.47
C SER I 210 -35.72 26.12 -6.33
N SER I 211 -36.89 26.12 -5.68
CA SER I 211 -38.16 26.31 -6.37
C SER I 211 -39.08 27.13 -5.47
N LYS I 212 -39.67 28.19 -6.04
CA LYS I 212 -40.53 29.07 -5.25
C LYS I 212 -41.75 28.32 -4.72
N THR I 213 -42.60 27.86 -5.62
CA THR I 213 -43.80 27.12 -5.25
C THR I 213 -43.48 25.68 -4.87
N PHE I 214 -42.27 25.21 -5.17
CA PHE I 214 -41.90 23.80 -5.06
C PHE I 214 -42.79 22.94 -5.95
N GLY I 215 -43.20 23.49 -7.09
CA GLY I 215 -44.04 22.80 -8.03
C GLY I 215 -43.63 23.03 -9.46
N THR I 216 -42.50 23.71 -9.65
CA THR I 216 -41.97 23.94 -10.99
C THR I 216 -41.65 22.61 -11.66
N LEU I 217 -42.09 22.45 -12.91
CA LEU I 217 -42.02 21.16 -13.58
C LEU I 217 -40.59 20.64 -13.67
N GLU I 218 -39.72 21.40 -14.33
CA GLU I 218 -38.35 20.92 -14.56
C GLU I 218 -37.59 20.77 -13.26
N THR I 219 -37.74 21.74 -12.35
CA THR I 219 -37.05 21.64 -11.07
C THR I 219 -37.52 20.44 -10.25
N LEU I 220 -38.83 20.21 -10.21
CA LEU I 220 -39.35 19.06 -9.47
C LEU I 220 -38.92 17.75 -10.11
N LYS I 221 -38.93 17.68 -11.45
CA LYS I 221 -38.49 16.45 -12.10
C LYS I 221 -37.02 16.17 -11.81
N ASN I 222 -36.18 17.20 -11.87
CA ASN I 222 -34.76 16.99 -11.59
C ASN I 222 -34.53 16.65 -10.12
N ALA I 223 -35.30 17.24 -9.22
CA ALA I 223 -35.18 16.91 -7.80
C ALA I 223 -35.62 15.48 -7.52
N GLN I 224 -36.72 15.04 -8.14
CA GLN I 224 -37.17 13.66 -7.98
C GLN I 224 -36.16 12.69 -8.57
N ALA I 225 -35.56 13.04 -9.71
CA ALA I 225 -34.51 12.21 -10.28
C ALA I 225 -33.32 12.13 -9.35
N ALA I 226 -32.93 13.24 -8.74
CA ALA I 226 -31.82 13.24 -7.79
C ALA I 226 -32.13 12.40 -6.56
N ARG I 227 -33.36 12.49 -6.05
CA ARG I 227 -33.75 11.68 -4.90
C ARG I 227 -33.74 10.20 -5.26
N THR I 228 -34.24 9.85 -6.45
CA THR I 228 -34.20 8.46 -6.89
C THR I 228 -32.76 7.97 -7.03
N TRP I 229 -31.88 8.82 -7.58
CA TRP I 229 -30.47 8.48 -7.71
C TRP I 229 -29.84 8.26 -6.34
N TYR I 230 -30.17 9.11 -5.38
CA TYR I 230 -29.64 8.97 -4.02
C TYR I 230 -30.13 7.69 -3.36
N LEU I 231 -31.42 7.39 -3.49
CA LEU I 231 -31.97 6.18 -2.88
C LEU I 231 -31.42 4.93 -3.55
N ALA I 232 -31.26 4.94 -4.87
CA ALA I 232 -30.75 3.78 -5.59
C ALA I 232 -29.24 3.69 -5.56
N SER I 233 -28.54 4.70 -5.02
CA SER I 233 -27.10 4.64 -4.87
C SER I 233 -26.69 4.18 -3.48
N GLY I 234 -27.63 3.79 -2.63
CA GLY I 234 -27.33 3.30 -1.30
C GLY I 234 -27.86 4.16 -0.17
N GLY I 235 -28.31 5.38 -0.45
CA GLY I 235 -28.81 6.23 0.61
C GLY I 235 -30.14 5.73 1.16
N SER I 236 -30.37 6.03 2.44
CA SER I 236 -31.55 5.58 3.15
C SER I 236 -32.57 6.70 3.28
N GLU I 237 -33.85 6.31 3.26
CA GLU I 237 -34.94 7.28 3.25
C GLU I 237 -34.97 8.09 4.54
N GLU I 238 -34.77 7.44 5.69
CA GLU I 238 -34.83 8.15 6.97
C GLU I 238 -33.65 9.09 7.16
N ARG I 239 -32.57 8.91 6.41
CA ARG I 239 -31.37 9.72 6.56
C ARG I 239 -31.19 10.67 5.37
N LEU I 240 -32.23 10.84 4.55
CA LEU I 240 -32.16 11.67 3.36
C LEU I 240 -31.88 13.14 3.69
N TYR I 241 -32.20 13.57 4.91
CA TYR I 241 -32.16 14.99 5.27
C TYR I 241 -30.78 15.60 5.13
N ARG I 242 -29.71 14.81 5.20
CA ARG I 242 -28.38 15.39 5.08
C ARG I 242 -27.91 15.56 3.65
N HIS I 243 -28.74 15.22 2.66
CA HIS I 243 -28.37 15.40 1.27
C HIS I 243 -29.32 16.29 0.49
N PHE I 244 -30.33 16.86 1.14
CA PHE I 244 -31.34 17.65 0.45
C PHE I 244 -31.76 18.80 1.34
N ILE I 245 -31.32 20.01 1.00
CA ILE I 245 -31.88 21.23 1.57
C ILE I 245 -32.67 21.91 0.46
N ALA I 246 -33.53 22.84 0.86
CA ALA I 246 -34.41 23.51 -0.09
C ALA I 246 -34.46 25.00 0.20
N VAL I 247 -34.49 25.79 -0.87
CA VAL I 247 -34.85 27.20 -0.80
C VAL I 247 -36.23 27.32 -1.42
N THR I 248 -37.24 27.58 -0.60
CA THR I 248 -38.61 27.54 -1.11
C THR I 248 -39.53 28.32 -0.20
N SER I 249 -40.65 28.75 -0.78
CA SER I 249 -41.77 29.29 -0.03
C SER I 249 -42.78 28.22 0.38
N ASN I 250 -42.61 26.99 -0.10
CA ASN I 250 -43.49 25.88 0.24
C ASN I 250 -42.76 24.99 1.24
N ILE I 251 -42.85 25.36 2.52
CA ILE I 251 -42.25 24.54 3.56
C ILE I 251 -42.87 23.15 3.63
N PRO I 252 -44.20 22.98 3.59
CA PRO I 252 -44.75 21.61 3.66
C PRO I 252 -44.26 20.69 2.56
N ALA I 253 -44.13 21.20 1.32
CA ALA I 253 -43.69 20.36 0.22
C ALA I 253 -42.27 19.85 0.45
N ALA I 254 -41.37 20.73 0.87
CA ALA I 254 -40.03 20.29 1.22
C ALA I 254 -40.05 19.36 2.43
N ILE I 255 -41.06 19.51 3.30
CA ILE I 255 -41.17 18.62 4.45
C ILE I 255 -41.49 17.19 4.00
N GLU I 256 -42.48 17.03 3.11
CA GLU I 256 -42.76 15.67 2.64
C GLU I 256 -41.73 15.18 1.65
N PHE I 257 -40.91 16.05 1.07
CA PHE I 257 -39.76 15.57 0.31
C PHE I 257 -38.75 14.87 1.22
N GLY I 258 -38.73 15.22 2.50
CA GLY I 258 -37.80 14.62 3.43
C GLY I 258 -36.71 15.59 3.86
N ILE I 259 -37.01 16.88 3.79
CA ILE I 259 -36.06 17.94 4.14
C ILE I 259 -36.44 18.51 5.50
N ARG I 260 -35.45 18.69 6.37
CA ARG I 260 -35.69 19.25 7.69
C ARG I 260 -36.13 20.71 7.58
N GLU I 261 -36.96 21.14 8.53
CA GLU I 261 -37.41 22.52 8.55
C GLU I 261 -36.27 23.49 8.77
N LYS I 262 -35.24 23.08 9.52
CA LYS I 262 -34.09 23.96 9.74
C LYS I 262 -33.22 24.10 8.50
N ASN I 263 -33.38 23.23 7.51
CA ASN I 263 -32.64 23.32 6.25
C ASN I 263 -33.49 23.90 5.13
N ILE I 264 -34.66 24.44 5.44
CA ILE I 264 -35.52 25.09 4.45
C ILE I 264 -35.33 26.58 4.59
N PHE I 265 -34.77 27.21 3.56
CA PHE I 265 -34.53 28.63 3.44
C PHE I 265 -35.74 29.32 2.83
N PRO I 266 -36.07 30.52 3.30
CA PRO I 266 -37.33 31.15 2.90
C PRO I 266 -37.21 31.95 1.62
N MET I 267 -38.27 31.87 0.82
CA MET I 267 -38.41 32.67 -0.39
C MET I 267 -39.59 33.60 -0.18
N TRP I 268 -39.47 34.83 -0.68
CA TRP I 268 -40.49 35.83 -0.44
C TRP I 268 -41.07 36.32 -1.76
N ASP I 269 -42.33 36.75 -1.70
CA ASP I 269 -43.03 37.22 -2.89
C ASP I 269 -42.40 38.48 -3.46
N TRP I 270 -41.90 39.37 -2.60
CA TRP I 270 -41.33 40.62 -3.08
C TRP I 270 -39.97 40.44 -3.75
N VAL I 271 -39.41 39.24 -3.74
CA VAL I 271 -38.16 38.95 -4.43
C VAL I 271 -38.49 38.19 -5.71
N GLY I 272 -38.25 38.82 -6.85
CA GLY I 272 -38.39 38.11 -8.11
C GLY I 272 -37.25 37.13 -8.31
N GLY I 273 -37.53 36.10 -9.12
CA GLY I 273 -36.53 35.06 -9.34
C GLY I 273 -35.26 35.59 -9.97
N ARG I 274 -35.39 36.44 -10.98
CA ARG I 274 -34.24 37.00 -11.68
C ARG I 274 -33.53 38.09 -10.88
N TYR I 275 -34.03 38.44 -9.70
CA TYR I 275 -33.43 39.45 -8.85
C TYR I 275 -33.00 38.88 -7.50
N SER I 276 -32.85 37.56 -7.39
CA SER I 276 -32.80 36.90 -6.09
C SER I 276 -31.43 36.30 -5.76
N LEU I 277 -30.40 36.57 -6.55
CA LEU I 277 -29.08 36.03 -6.23
C LEU I 277 -28.53 36.57 -4.91
N TRP I 278 -29.09 37.67 -4.41
CA TRP I 278 -28.68 38.24 -3.14
C TRP I 278 -29.30 37.52 -1.95
N SER I 279 -30.38 36.77 -2.17
CA SER I 279 -31.08 36.04 -1.13
C SER I 279 -30.48 34.62 -1.05
N ALA I 280 -31.19 33.70 -0.38
CA ALA I 280 -30.72 32.34 -0.22
C ALA I 280 -30.56 31.60 -1.55
N ILE I 281 -31.05 32.17 -2.66
CA ILE I 281 -30.75 31.62 -3.98
C ILE I 281 -29.26 31.54 -4.20
N GLY I 282 -28.52 32.56 -3.76
CA GLY I 282 -27.07 32.55 -3.86
C GLY I 282 -26.42 31.68 -2.83
N LEU I 283 -27.19 30.76 -2.23
CA LEU I 283 -26.63 29.81 -1.28
C LEU I 283 -25.49 28.98 -1.85
N PRO I 284 -25.58 28.42 -3.07
CA PRO I 284 -24.38 27.77 -3.63
C PRO I 284 -23.21 28.70 -3.77
N THR I 285 -23.46 29.95 -4.17
CA THR I 285 -22.37 30.91 -4.36
C THR I 285 -21.62 31.14 -3.06
N ALA I 286 -22.36 31.41 -1.96
CA ALA I 286 -21.71 31.54 -0.66
C ALA I 286 -21.02 30.26 -0.25
N LEU I 287 -21.51 29.11 -0.71
CA LEU I 287 -20.85 27.85 -0.40
C LEU I 287 -19.54 27.68 -1.16
N ALA I 288 -19.30 28.49 -2.19
CA ALA I 288 -18.06 28.45 -2.95
C ALA I 288 -17.09 29.55 -2.57
N ILE I 289 -17.59 30.76 -2.33
CA ILE I 289 -16.72 31.90 -2.05
C ILE I 289 -16.66 32.26 -0.58
N GLY I 290 -17.52 31.69 0.25
CA GLY I 290 -17.57 32.04 1.65
C GLY I 290 -18.57 33.14 1.95
N MET I 291 -18.95 33.23 3.22
CA MET I 291 -19.94 34.23 3.62
C MET I 291 -19.36 35.64 3.65
N ALA I 292 -18.06 35.78 3.92
CA ALA I 292 -17.44 37.10 3.89
C ALA I 292 -17.47 37.68 2.49
N ASN I 293 -17.13 36.87 1.48
CA ASN I 293 -17.19 37.34 0.10
C ASN I 293 -18.62 37.55 -0.37
N PHE I 294 -19.56 36.72 0.09
CA PHE I 294 -20.96 36.93 -0.25
C PHE I 294 -21.46 38.25 0.34
N LYS I 295 -21.07 38.56 1.56
CA LYS I 295 -21.42 39.84 2.16
C LYS I 295 -20.72 40.99 1.46
N ASP I 296 -19.51 40.78 0.95
CA ASP I 296 -18.84 41.79 0.14
C ASP I 296 -19.60 42.08 -1.14
N LEU I 297 -20.11 41.04 -1.79
CA LEU I 297 -20.96 41.20 -2.96
C LEU I 297 -22.23 41.97 -2.61
N LEU I 298 -22.86 41.62 -1.49
CA LEU I 298 -24.03 42.37 -1.03
C LEU I 298 -23.70 43.83 -0.75
N SER I 299 -22.52 44.08 -0.19
CA SER I 299 -22.12 45.45 0.13
C SER I 299 -21.86 46.27 -1.12
N GLY I 300 -21.26 45.66 -2.14
CA GLY I 300 -21.09 46.35 -3.41
C GLY I 300 -22.42 46.66 -4.08
N ALA I 301 -23.36 45.71 -4.04
CA ALA I 301 -24.69 45.96 -4.57
C ALA I 301 -25.39 47.07 -3.80
N TYR I 302 -25.22 47.09 -2.48
CA TYR I 302 -25.80 48.15 -1.65
C TYR I 302 -25.19 49.51 -1.97
N ALA I 303 -23.88 49.55 -2.22
CA ALA I 303 -23.22 50.79 -2.61
C ALA I 303 -23.76 51.29 -3.95
N MET I 304 -23.99 50.38 -4.88
CA MET I 304 -24.60 50.77 -6.15
C MET I 304 -26.03 51.27 -5.95
N ASP I 305 -26.78 50.65 -5.04
CA ASP I 305 -28.11 51.15 -4.73
C ASP I 305 -28.07 52.57 -4.19
N CYS I 306 -27.12 52.84 -3.29
CA CYS I 306 -26.97 54.17 -2.74
C CYS I 306 -26.59 55.18 -3.82
N HIS I 307 -25.69 54.78 -4.72
CA HIS I 307 -25.31 55.66 -5.83
C HIS I 307 -26.51 55.96 -6.72
N PHE I 308 -27.32 54.94 -7.01
CA PHE I 308 -28.51 55.13 -7.82
C PHE I 308 -29.50 56.08 -7.15
N ARG I 309 -29.68 55.92 -5.84
CA ARG I 309 -30.67 56.73 -5.13
C ARG I 309 -30.21 58.16 -4.90
N ARG I 310 -28.90 58.39 -4.75
CA ARG I 310 -28.41 59.70 -4.33
C ARG I 310 -27.90 60.57 -5.46
N GLU I 311 -27.48 59.99 -6.57
CA GLU I 311 -26.76 60.80 -7.55
C GLU I 311 -27.73 61.57 -8.45
N PRO I 312 -27.33 62.76 -8.91
CA PRO I 312 -28.09 63.44 -9.95
C PRO I 312 -28.04 62.64 -11.24
N PHE I 313 -29.09 62.79 -12.05
CA PHE I 313 -29.24 61.96 -13.24
C PHE I 313 -28.11 62.15 -14.23
N GLU I 314 -27.42 63.30 -14.21
CA GLU I 314 -26.30 63.53 -15.11
C GLU I 314 -25.06 62.73 -14.71
N ASN I 315 -24.99 62.30 -13.45
CA ASN I 315 -23.89 61.44 -12.99
C ASN I 315 -24.42 60.12 -12.44
N ASN I 316 -25.66 59.77 -12.71
CA ASN I 316 -26.27 58.53 -12.23
C ASN I 316 -25.99 57.44 -13.28
N MET I 317 -25.09 56.51 -12.93
CA MET I 317 -24.69 55.48 -13.89
C MET I 317 -25.85 54.62 -14.37
N PRO I 318 -26.70 54.05 -13.50
CA PRO I 318 -27.85 53.29 -14.03
C PRO I 318 -28.77 54.13 -14.89
N VAL I 319 -29.01 55.38 -14.50
CA VAL I 319 -29.89 56.25 -15.27
C VAL I 319 -29.26 56.59 -16.61
N LEU I 320 -27.94 56.83 -16.63
CA LEU I 320 -27.27 57.12 -17.90
C LEU I 320 -27.32 55.92 -18.84
N LEU I 321 -27.07 54.73 -18.31
CA LEU I 321 -27.14 53.54 -19.16
C LEU I 321 -28.55 53.31 -19.69
N ALA I 322 -29.55 53.49 -18.84
CA ALA I 322 -30.94 53.32 -19.28
C ALA I 322 -31.33 54.38 -20.30
N MET I 323 -30.87 55.63 -20.11
CA MET I 323 -31.15 56.68 -21.08
C MET I 323 -30.51 56.38 -22.42
N LEU I 324 -29.27 55.91 -22.42
CA LEU I 324 -28.63 55.55 -23.68
C LEU I 324 -29.37 54.41 -24.36
N GLY I 325 -29.82 53.42 -23.58
CA GLY I 325 -30.59 52.33 -24.16
C GLY I 325 -31.90 52.79 -24.76
N VAL I 326 -32.63 53.65 -24.04
CA VAL I 326 -33.89 54.18 -24.54
C VAL I 326 -33.64 55.02 -25.79
N TRP I 327 -32.60 55.84 -25.77
CA TRP I 327 -32.22 56.65 -26.91
C TRP I 327 -32.02 55.80 -28.16
N TYR I 328 -31.18 54.76 -28.04
CA TYR I 328 -30.85 53.96 -29.21
C TYR I 328 -32.00 53.05 -29.63
N GLY I 329 -32.83 52.58 -28.70
CA GLY I 329 -33.90 51.68 -29.05
C GLY I 329 -35.17 52.35 -29.51
N ASN I 330 -35.38 53.61 -29.14
CA ASN I 330 -36.60 54.32 -29.46
C ASN I 330 -36.42 55.44 -30.47
N PHE I 331 -35.18 55.88 -30.72
CA PHE I 331 -34.96 56.94 -31.68
C PHE I 331 -33.97 56.58 -32.78
N TRP I 332 -33.22 55.50 -32.64
CA TRP I 332 -32.32 55.04 -33.68
C TRP I 332 -32.67 53.64 -34.18
N GLY I 333 -33.71 53.03 -33.63
CA GLY I 333 -34.18 51.75 -34.11
C GLY I 333 -33.23 50.58 -33.88
N ALA I 334 -32.57 50.54 -32.73
CA ALA I 334 -31.69 49.43 -32.38
C ALA I 334 -32.50 48.39 -31.61
N GLN I 335 -32.55 47.17 -32.13
CA GLN I 335 -33.33 46.11 -31.54
C GLN I 335 -32.53 45.14 -30.70
N SER I 336 -31.21 45.33 -30.61
CA SER I 336 -30.38 44.45 -29.81
C SER I 336 -29.28 45.27 -29.15
N HIS I 337 -28.72 44.70 -28.08
CA HIS I 337 -27.68 45.36 -27.30
C HIS I 337 -26.63 44.32 -26.94
N ALA I 338 -25.41 44.50 -27.40
CA ALA I 338 -24.32 43.56 -27.15
C ALA I 338 -23.64 43.86 -25.82
N ILE I 339 -23.36 42.81 -25.06
CA ILE I 339 -22.61 42.90 -23.81
C ILE I 339 -21.33 42.10 -24.00
N LEU I 340 -20.19 42.78 -23.88
CA LEU I 340 -18.88 42.21 -24.19
C LEU I 340 -17.98 42.34 -22.97
N PRO I 341 -18.01 41.36 -22.06
CA PRO I 341 -17.10 41.39 -20.91
C PRO I 341 -15.74 40.80 -21.29
N TYR I 342 -14.70 41.61 -21.19
CA TYR I 342 -13.34 41.16 -21.50
C TYR I 342 -12.69 40.58 -20.25
N ASP I 343 -13.25 39.46 -19.82
CA ASP I 343 -12.75 38.75 -18.66
C ASP I 343 -13.28 37.32 -18.73
N HIS I 344 -12.37 36.34 -18.67
CA HIS I 344 -12.79 34.94 -18.79
C HIS I 344 -13.74 34.54 -17.68
N TYR I 345 -13.61 35.11 -16.49
CA TYR I 345 -14.50 34.77 -15.39
C TYR I 345 -15.89 35.35 -15.58
N LEU I 346 -16.02 36.43 -16.36
CA LEU I 346 -17.31 37.08 -16.60
C LEU I 346 -17.97 36.60 -17.88
N ARG I 347 -17.61 35.42 -18.38
CA ARG I 347 -18.16 34.95 -19.65
C ARG I 347 -19.64 34.65 -19.55
N ASN I 348 -20.12 34.26 -18.37
CA ASN I 348 -21.54 33.96 -18.17
C ASN I 348 -22.35 35.18 -17.76
N PHE I 349 -21.76 36.37 -17.84
CA PHE I 349 -22.49 37.59 -17.47
C PHE I 349 -23.65 37.82 -18.43
N VAL I 350 -23.46 37.51 -19.71
CA VAL I 350 -24.48 37.80 -20.71
C VAL I 350 -25.73 36.97 -20.48
N LYS I 351 -25.59 35.74 -19.99
CA LYS I 351 -26.77 34.91 -19.74
C LYS I 351 -27.66 35.51 -18.65
N HIS I 352 -27.04 35.91 -17.53
CA HIS I 352 -27.80 36.54 -16.45
C HIS I 352 -28.39 37.86 -16.90
N LEU I 353 -27.63 38.65 -17.67
CA LEU I 353 -28.18 39.89 -18.19
C LEU I 353 -29.32 39.63 -19.16
N GLN I 354 -29.25 38.55 -19.94
CA GLN I 354 -30.34 38.18 -20.82
C GLN I 354 -31.61 37.92 -20.03
N GLN I 355 -31.52 37.08 -19.00
CA GLN I 355 -32.70 36.85 -18.18
C GLN I 355 -33.19 38.16 -17.58
N MET I 356 -32.30 38.88 -16.89
CA MET I 356 -32.66 40.10 -16.18
C MET I 356 -33.37 41.10 -17.07
N ASP I 357 -32.78 41.43 -18.22
CA ASP I 357 -33.33 42.47 -19.08
C ASP I 357 -34.51 41.96 -19.89
N MET I 358 -34.37 40.78 -20.52
CA MET I 358 -35.38 40.34 -21.48
C MET I 358 -36.65 39.86 -20.78
N GLU I 359 -36.53 39.15 -19.65
CA GLU I 359 -37.74 38.72 -18.95
C GLU I 359 -38.46 39.88 -18.28
N SER I 360 -37.75 40.97 -17.98
CA SER I 360 -38.34 42.10 -17.29
C SER I 360 -38.94 43.12 -18.26
N ASN I 361 -38.16 43.54 -19.27
CA ASN I 361 -38.59 44.57 -20.19
C ASN I 361 -39.20 44.03 -21.47
N GLY I 362 -39.31 42.71 -21.61
CA GLY I 362 -39.98 42.13 -22.76
C GLY I 362 -41.49 42.16 -22.60
N LYS I 363 -42.05 43.37 -22.62
CA LYS I 363 -43.47 43.57 -22.36
C LYS I 363 -44.05 44.42 -23.48
N SER I 364 -45.38 44.31 -23.65
CA SER I 364 -46.09 45.09 -24.65
C SER I 364 -47.35 45.74 -24.10
N VAL I 365 -47.54 45.74 -22.79
CA VAL I 365 -48.61 46.50 -22.14
C VAL I 365 -48.00 47.30 -21.01
N ARG I 366 -48.64 48.42 -20.68
CA ARG I 366 -48.17 49.29 -19.62
C ARG I 366 -48.57 48.71 -18.26
N GLN I 367 -48.31 49.45 -17.19
CA GLN I 367 -48.62 48.96 -15.85
C GLN I 367 -50.12 48.80 -15.66
N ASP I 368 -50.93 49.62 -16.33
CA ASP I 368 -52.38 49.53 -16.22
C ASP I 368 -53.01 48.59 -17.24
N GLY I 369 -52.22 48.06 -18.17
CA GLY I 369 -52.72 47.16 -19.19
C GLY I 369 -52.90 47.79 -20.56
N SER I 370 -52.71 49.10 -20.68
CA SER I 370 -52.82 49.72 -21.99
C SER I 370 -51.63 49.33 -22.86
N PRO I 371 -51.82 49.23 -24.17
CA PRO I 371 -50.71 48.88 -25.06
C PRO I 371 -49.62 49.93 -25.02
N VAL I 372 -48.37 49.48 -25.16
CA VAL I 372 -47.25 50.40 -25.17
C VAL I 372 -47.26 51.20 -26.47
N SER I 373 -46.61 52.36 -26.44
CA SER I 373 -46.55 53.26 -27.58
C SER I 373 -45.14 53.35 -28.17
N CYS I 374 -44.25 52.43 -27.80
CA CYS I 374 -42.88 52.47 -28.27
C CYS I 374 -42.30 51.06 -28.17
N GLU I 375 -41.07 50.91 -28.65
CA GLU I 375 -40.34 49.67 -28.48
C GLU I 375 -39.83 49.57 -27.04
N THR I 376 -40.08 48.41 -26.42
CA THR I 376 -39.73 48.17 -25.02
C THR I 376 -38.93 46.87 -24.92
N GLY I 377 -37.61 46.99 -24.78
CA GLY I 377 -36.78 45.85 -24.46
C GLY I 377 -36.14 45.20 -25.66
N PRO I 378 -34.84 45.40 -25.82
CA PRO I 378 -34.12 44.82 -26.95
C PRO I 378 -33.69 43.37 -26.65
N VAL I 379 -33.01 42.78 -27.62
CA VAL I 379 -32.36 41.49 -27.40
C VAL I 379 -31.00 41.74 -26.77
N ILE I 380 -30.73 41.06 -25.67
CA ILE I 380 -29.43 41.09 -25.02
C ILE I 380 -28.62 39.91 -25.54
N TRP I 381 -27.41 40.18 -25.98
CA TRP I 381 -26.54 39.13 -26.52
C TRP I 381 -25.10 39.57 -26.34
N GLY I 382 -24.18 38.70 -26.71
CA GLY I 382 -22.77 39.00 -26.60
C GLY I 382 -21.96 37.80 -26.20
N GLY I 383 -20.85 38.02 -25.51
CA GLY I 383 -20.00 36.92 -25.11
C GLY I 383 -18.67 37.44 -24.58
N VAL I 384 -17.87 36.49 -24.10
CA VAL I 384 -16.62 36.85 -23.43
C VAL I 384 -15.69 37.59 -24.40
N GLY I 385 -14.95 38.54 -23.86
CA GLY I 385 -14.14 39.40 -24.67
C GLY I 385 -12.90 38.73 -25.22
N CYS I 386 -12.46 39.23 -26.37
CA CYS I 386 -11.31 38.76 -27.15
C CYS I 386 -11.63 37.44 -27.84
N ASN I 387 -12.78 36.86 -27.54
CA ASN I 387 -13.28 35.71 -28.27
C ASN I 387 -14.30 36.09 -29.32
N GLY I 388 -15.11 37.12 -29.07
CA GLY I 388 -16.05 37.61 -30.05
C GLY I 388 -15.43 38.47 -31.13
N GLN I 389 -14.19 38.92 -30.96
CA GLN I 389 -13.52 39.66 -32.02
C GLN I 389 -13.35 38.80 -33.26
N HIS I 390 -13.02 37.53 -33.07
CA HIS I 390 -12.85 36.57 -34.15
C HIS I 390 -14.12 35.80 -34.46
N ALA I 391 -15.22 36.13 -33.79
CA ALA I 391 -16.48 35.43 -34.01
C ALA I 391 -17.55 36.32 -34.65
N TYR I 392 -17.90 37.44 -34.02
CA TYR I 392 -19.02 38.23 -34.49
C TYR I 392 -18.78 39.74 -34.50
N HIS I 393 -17.61 40.20 -34.04
CA HIS I 393 -17.33 41.63 -34.10
C HIS I 393 -17.24 42.13 -35.53
N GLN I 394 -17.08 41.23 -36.50
CA GLN I 394 -17.10 41.62 -37.90
C GLN I 394 -18.43 42.27 -38.27
N LEU I 395 -19.54 41.72 -37.78
CA LEU I 395 -20.84 42.31 -38.02
C LEU I 395 -20.97 43.66 -37.32
N LEU I 396 -20.38 43.79 -36.12
CA LEU I 396 -20.38 45.07 -35.43
C LEU I 396 -19.64 46.13 -36.22
N HIS I 397 -18.51 45.77 -36.82
CA HIS I 397 -17.69 46.74 -37.52
C HIS I 397 -18.22 47.07 -38.91
N GLN I 398 -18.67 46.07 -39.68
CA GLN I 398 -19.00 46.28 -41.08
C GLN I 398 -20.42 45.90 -41.45
N GLY I 399 -21.26 45.52 -40.49
CA GLY I 399 -22.62 45.14 -40.78
C GLY I 399 -23.50 46.35 -41.07
N THR I 400 -24.79 46.07 -41.24
CA THR I 400 -25.78 47.10 -41.51
C THR I 400 -26.69 47.39 -40.32
N LEU I 401 -26.37 46.86 -39.15
CA LEU I 401 -27.20 47.01 -37.96
C LEU I 401 -26.55 47.98 -36.99
N LEU I 402 -27.40 48.68 -36.23
CA LEU I 402 -26.94 49.49 -35.12
C LEU I 402 -27.08 48.67 -33.84
N ILE I 403 -25.94 48.24 -33.30
CA ILE I 403 -25.92 47.43 -32.09
C ILE I 403 -25.06 48.14 -31.05
N PRO I 404 -25.65 48.85 -30.10
CA PRO I 404 -24.85 49.42 -29.01
C PRO I 404 -24.17 48.33 -28.20
N ALA I 405 -22.92 48.57 -27.86
CA ALA I 405 -22.08 47.59 -27.17
C ALA I 405 -21.67 48.11 -25.81
N ASP I 406 -21.65 47.22 -24.83
CA ASP I 406 -21.20 47.52 -23.47
C ASP I 406 -19.95 46.70 -23.21
N PHE I 407 -18.79 47.34 -23.31
CA PHE I 407 -17.52 46.68 -23.00
C PHE I 407 -17.27 46.71 -21.50
N ILE I 408 -16.86 45.58 -20.95
CA ILE I 408 -16.54 45.45 -19.53
C ILE I 408 -15.17 44.83 -19.41
N VAL I 409 -14.27 45.49 -18.69
CA VAL I 409 -12.89 45.02 -18.56
C VAL I 409 -12.31 45.47 -17.22
N PRO I 410 -11.53 44.64 -16.54
CA PRO I 410 -10.77 45.11 -15.39
C PRO I 410 -9.36 45.54 -15.76
N VAL I 411 -8.76 46.32 -14.87
CA VAL I 411 -7.39 46.76 -15.07
C VAL I 411 -6.38 45.73 -14.55
N VAL I 412 -6.72 44.99 -13.50
CA VAL I 412 -5.81 44.04 -12.87
C VAL I 412 -6.35 42.63 -13.06
N SER I 413 -5.46 41.70 -13.40
CA SER I 413 -5.81 40.31 -13.59
C SER I 413 -5.43 39.48 -12.37
N HIS I 414 -6.32 38.55 -11.98
CA HIS I 414 -6.02 37.68 -10.85
C HIS I 414 -4.94 36.67 -11.19
N ASN I 415 -4.86 36.24 -12.45
CA ASN I 415 -3.89 35.24 -12.89
C ASN I 415 -3.09 35.84 -14.05
N PRO I 416 -2.13 36.71 -13.76
CA PRO I 416 -1.33 37.30 -14.85
C PRO I 416 -0.42 36.25 -15.48
N VAL I 417 -0.39 36.25 -16.81
CA VAL I 417 0.45 35.35 -17.58
C VAL I 417 1.21 36.22 -18.57
N ALA I 418 2.43 36.59 -18.23
CA ALA I 418 3.28 37.47 -19.06
C ALA I 418 2.49 38.77 -19.29
N ASP I 419 2.41 39.28 -20.51
CA ASP I 419 1.67 40.51 -20.80
C ASP I 419 0.30 40.23 -21.41
N HIS I 420 -0.34 39.14 -21.00
CA HIS I 420 -1.62 38.75 -21.60
C HIS I 420 -2.73 39.73 -21.23
N HIS I 421 -2.75 40.23 -19.99
CA HIS I 421 -3.81 41.14 -19.60
C HIS I 421 -3.63 42.52 -20.21
N GLN I 422 -2.38 42.93 -20.43
CA GLN I 422 -2.15 44.17 -21.17
C GLN I 422 -2.73 44.05 -22.58
N TRP I 423 -2.56 42.90 -23.21
CA TRP I 423 -3.13 42.67 -24.54
C TRP I 423 -4.65 42.59 -24.49
N LEU I 424 -5.21 41.98 -23.44
CA LEU I 424 -6.66 41.93 -23.29
C LEU I 424 -7.24 43.33 -23.16
N TYR I 425 -6.64 44.16 -22.31
CA TYR I 425 -7.07 45.54 -22.15
C TYR I 425 -6.93 46.32 -23.45
N ALA I 426 -5.81 46.13 -24.15
CA ALA I 426 -5.60 46.81 -25.42
C ALA I 426 -6.63 46.37 -26.46
N ASN I 427 -6.98 45.09 -26.48
CA ASN I 427 -7.97 44.59 -27.42
C ASN I 427 -9.35 45.17 -27.13
N CYS I 428 -9.73 45.26 -25.85
CA CYS I 428 -11.01 45.88 -25.51
C CYS I 428 -11.04 47.35 -25.94
N LEU I 429 -9.97 48.09 -25.59
CA LEU I 429 -9.91 49.52 -25.93
C LEU I 429 -9.90 49.73 -27.43
N SER I 430 -9.18 48.88 -28.16
CA SER I 430 -9.10 48.99 -29.60
C SER I 430 -10.41 48.62 -30.28
N GLN I 431 -11.14 47.65 -29.74
CA GLN I 431 -12.45 47.34 -30.29
C GLN I 431 -13.39 48.54 -30.14
N SER I 432 -13.39 49.16 -28.95
CA SER I 432 -14.21 50.37 -28.77
C SER I 432 -13.77 51.48 -29.70
N GLN I 433 -12.46 51.69 -29.85
CA GLN I 433 -11.96 52.79 -30.68
C GLN I 433 -12.23 52.53 -32.16
N ALA I 434 -12.15 51.27 -32.60
CA ALA I 434 -12.48 50.94 -33.98
C ALA I 434 -13.98 51.10 -34.24
N LEU I 435 -14.80 50.76 -33.25
CA LEU I 435 -16.24 50.99 -33.40
C LEU I 435 -16.54 52.47 -33.57
N MET I 436 -15.88 53.31 -32.76
CA MET I 436 -16.16 54.75 -32.83
C MET I 436 -15.58 55.39 -34.09
N LEU I 437 -14.33 55.04 -34.43
CA LEU I 437 -13.63 55.72 -35.50
C LEU I 437 -14.02 55.17 -36.87
N GLY I 438 -13.75 53.90 -37.10
CA GLY I 438 -13.90 53.33 -38.43
C GLY I 438 -12.71 53.66 -39.31
N LYS I 439 -12.77 53.16 -40.54
CA LYS I 439 -11.73 53.39 -41.53
C LYS I 439 -12.39 53.84 -42.82
N SER I 440 -12.09 55.06 -43.25
CA SER I 440 -12.72 55.63 -44.42
C SER I 440 -12.09 55.08 -45.70
N ARG I 441 -12.65 55.49 -46.84
CA ARG I 441 -12.08 55.09 -48.13
C ARG I 441 -10.68 55.63 -48.30
N GLU I 442 -10.45 56.88 -47.87
CA GLU I 442 -9.13 57.49 -48.01
C GLU I 442 -8.08 56.74 -47.20
N GLU I 443 -8.42 56.37 -45.96
CA GLU I 443 -7.45 55.64 -45.12
C GLU I 443 -7.13 54.27 -45.71
N ALA I 444 -8.16 53.56 -46.18
CA ALA I 444 -7.92 52.24 -46.76
C ALA I 444 -7.08 52.35 -48.02
N GLU I 445 -7.38 53.32 -48.87
CA GLU I 445 -6.58 53.53 -50.08
C GLU I 445 -5.14 53.89 -49.75
N ALA I 446 -4.94 54.73 -48.73
CA ALA I 446 -3.59 55.10 -48.33
C ALA I 446 -2.82 53.91 -47.81
N GLU I 447 -3.47 53.06 -47.01
CA GLU I 447 -2.80 51.86 -46.50
C GLU I 447 -2.45 50.90 -47.64
N LEU I 448 -3.38 50.73 -48.60
CA LEU I 448 -3.10 49.86 -49.73
C LEU I 448 -1.95 50.40 -50.58
N ARG I 449 -1.90 51.72 -50.77
CA ARG I 449 -0.79 52.33 -51.50
C ARG I 449 0.52 52.15 -50.76
N ALA I 450 0.51 52.34 -49.43
CA ALA I 450 1.70 52.10 -48.63
C ALA I 450 2.15 50.65 -48.69
N LYS I 451 1.23 49.72 -48.91
CA LYS I 451 1.60 48.32 -49.14
C LYS I 451 2.15 48.09 -50.53
N GLY I 452 2.06 49.08 -51.42
CA GLY I 452 2.63 48.97 -52.75
C GLY I 452 1.75 48.35 -53.81
N LEU I 453 0.46 48.16 -53.52
CA LEU I 453 -0.43 47.54 -54.49
C LEU I 453 -0.66 48.49 -55.68
N PRO I 454 -0.84 47.94 -56.88
CA PRO I 454 -1.15 48.76 -58.04
C PRO I 454 -2.44 49.55 -57.85
N GLU I 455 -2.63 50.55 -58.70
CA GLU I 455 -3.80 51.42 -58.58
C GLU I 455 -5.09 50.64 -58.79
N ALA I 456 -5.13 49.75 -59.79
CA ALA I 456 -6.32 48.96 -60.02
C ALA I 456 -6.63 48.06 -58.82
N GLU I 457 -5.60 47.42 -58.26
CA GLU I 457 -5.79 46.60 -57.07
C GLU I 457 -6.24 47.46 -55.89
N VAL I 458 -5.69 48.67 -55.77
CA VAL I 458 -6.07 49.56 -54.68
C VAL I 458 -7.55 49.90 -54.77
N LYS I 459 -8.01 50.27 -55.97
CA LYS I 459 -9.41 50.65 -56.13
C LYS I 459 -10.34 49.43 -56.08
N ARG I 460 -9.83 48.24 -56.36
CA ARG I 460 -10.64 47.03 -56.21
C ARG I 460 -10.82 46.67 -54.73
N LEU I 461 -9.75 46.80 -53.94
CA LEU I 461 -9.78 46.32 -52.57
C LEU I 461 -10.22 47.36 -51.56
N ALA I 462 -10.17 48.65 -51.89
CA ALA I 462 -10.50 49.68 -50.91
C ALA I 462 -11.92 49.61 -50.37
N PRO I 463 -12.97 49.46 -51.19
CA PRO I 463 -14.33 49.47 -50.61
C PRO I 463 -14.59 48.34 -49.63
N HIS I 464 -13.91 47.21 -49.78
CA HIS I 464 -14.12 46.08 -48.89
C HIS I 464 -13.49 46.28 -47.52
N LYS I 465 -12.42 47.08 -47.44
CA LYS I 465 -11.74 47.34 -46.18
C LYS I 465 -12.35 48.49 -45.40
N VAL I 466 -13.31 49.22 -45.99
CA VAL I 466 -13.87 50.40 -45.34
C VAL I 466 -14.75 49.97 -44.18
N ILE I 467 -14.47 50.49 -42.99
CA ILE I 467 -15.31 50.31 -41.83
C ILE I 467 -16.08 51.61 -41.62
N PRO I 468 -17.41 51.60 -41.60
CA PRO I 468 -18.15 52.87 -41.48
C PRO I 468 -17.83 53.64 -40.21
N GLY I 469 -17.61 52.95 -39.10
CA GLY I 469 -17.44 53.62 -37.83
C GLY I 469 -18.75 54.13 -37.28
N ASN I 470 -18.62 55.03 -36.29
CA ASN I 470 -19.77 55.67 -35.65
C ASN I 470 -20.67 54.66 -34.94
N ARG I 471 -20.09 53.57 -34.44
CA ARG I 471 -20.85 52.57 -33.70
C ARG I 471 -20.78 52.89 -32.21
N PRO I 472 -21.88 53.20 -31.55
CA PRO I 472 -21.82 53.58 -30.13
C PRO I 472 -21.38 52.43 -29.25
N SER I 473 -20.69 52.77 -28.17
CA SER I 473 -20.27 51.78 -27.19
C SER I 473 -20.12 52.43 -25.83
N ASN I 474 -20.27 51.63 -24.79
CA ASN I 474 -20.00 52.02 -23.42
C ASN I 474 -18.86 51.14 -22.90
N THR I 475 -18.00 51.71 -22.06
CA THR I 475 -16.93 50.96 -21.43
C THR I 475 -17.11 51.01 -19.92
N LEU I 476 -17.11 49.84 -19.29
CA LEU I 476 -17.15 49.75 -17.84
C LEU I 476 -15.82 49.17 -17.38
N VAL I 477 -15.06 49.97 -16.63
CA VAL I 477 -13.76 49.56 -16.13
C VAL I 477 -13.84 49.40 -14.62
N MET I 478 -13.05 48.45 -14.12
CA MET I 478 -12.82 48.29 -12.70
C MET I 478 -11.33 48.07 -12.50
N GLU I 479 -10.86 48.32 -11.27
CA GLU I 479 -9.49 47.96 -10.95
C GLU I 479 -9.31 46.44 -10.95
N THR I 480 -10.19 45.74 -10.25
CA THR I 480 -10.17 44.29 -10.19
C THR I 480 -11.61 43.80 -10.07
N LEU I 481 -11.87 42.57 -10.51
CA LEU I 481 -13.19 41.98 -10.36
C LEU I 481 -13.22 41.21 -9.04
N ASN I 482 -13.53 41.92 -7.97
CA ASN I 482 -13.73 41.35 -6.64
C ASN I 482 -15.22 41.23 -6.37
N PRO I 483 -15.61 40.56 -5.27
CA PRO I 483 -17.04 40.45 -4.97
C PRO I 483 -17.77 41.78 -4.89
N SER I 484 -17.13 42.80 -4.33
CA SER I 484 -17.77 44.09 -4.16
C SER I 484 -18.10 44.74 -5.51
N ARG I 485 -17.12 44.75 -6.42
CA ARG I 485 -17.34 45.39 -7.71
C ARG I 485 -18.26 44.58 -8.61
N LEU I 486 -18.23 43.25 -8.49
CA LEU I 486 -19.19 42.43 -9.21
C LEU I 486 -20.61 42.69 -8.72
N GLY I 487 -20.79 42.80 -7.41
CA GLY I 487 -22.11 43.16 -6.89
C GLY I 487 -22.57 44.52 -7.38
N ALA I 488 -21.65 45.49 -7.42
CA ALA I 488 -21.98 46.80 -7.95
C ALA I 488 -22.39 46.72 -9.41
N LEU I 489 -21.69 45.92 -10.20
CA LEU I 489 -22.01 45.76 -11.62
C LEU I 489 -23.40 45.16 -11.81
N ILE I 490 -23.70 44.08 -11.08
CA ILE I 490 -25.00 43.45 -11.21
C ILE I 490 -26.11 44.39 -10.79
N ALA I 491 -25.92 45.11 -9.67
CA ALA I 491 -26.94 46.04 -9.22
C ALA I 491 -27.12 47.19 -10.19
N LEU I 492 -26.03 47.64 -10.83
CA LEU I 492 -26.11 48.69 -11.83
C LEU I 492 -26.98 48.26 -13.00
N TYR I 493 -26.79 47.03 -13.47
CA TYR I 493 -27.63 46.57 -14.58
C TYR I 493 -29.07 46.34 -14.15
N GLU I 494 -29.30 45.88 -12.91
CA GLU I 494 -30.65 45.78 -12.39
C GLU I 494 -31.35 47.14 -12.40
N HIS I 495 -30.66 48.18 -11.92
CA HIS I 495 -31.27 49.50 -11.87
C HIS I 495 -31.46 50.09 -13.26
N LYS I 496 -30.55 49.79 -14.19
CA LYS I 496 -30.75 50.23 -15.57
C LYS I 496 -32.01 49.62 -16.17
N VAL I 497 -32.21 48.31 -15.94
CA VAL I 497 -33.42 47.66 -16.40
C VAL I 497 -34.65 48.30 -15.77
N PHE I 498 -34.58 48.59 -14.48
CA PHE I 498 -35.71 49.22 -13.79
C PHE I 498 -36.04 50.58 -14.40
N VAL I 499 -35.02 51.40 -14.66
CA VAL I 499 -35.26 52.74 -15.21
C VAL I 499 -35.86 52.64 -16.60
N GLN I 500 -35.35 51.73 -17.43
CA GLN I 500 -35.93 51.56 -18.77
C GLN I 500 -37.38 51.13 -18.69
N GLY I 501 -37.70 50.18 -17.80
CA GLY I 501 -39.08 49.76 -17.64
C GLY I 501 -39.97 50.87 -17.13
N VAL I 502 -39.44 51.73 -16.26
CA VAL I 502 -40.21 52.87 -15.76
C VAL I 502 -40.53 53.83 -16.90
N ILE I 503 -39.54 54.10 -17.75
CA ILE I 503 -39.74 55.06 -18.83
C ILE I 503 -40.71 54.51 -19.87
N TRP I 504 -40.61 53.21 -20.18
CA TRP I 504 -41.56 52.61 -21.10
C TRP I 504 -42.94 52.43 -20.48
N GLY I 505 -43.08 52.63 -19.18
CA GLY I 505 -44.36 52.51 -18.51
C GLY I 505 -44.80 51.10 -18.24
N ILE I 506 -43.88 50.14 -18.28
CA ILE I 506 -44.23 48.73 -18.22
C ILE I 506 -43.89 48.18 -16.83
N ASN I 507 -44.33 46.96 -16.58
CA ASN I 507 -44.02 46.24 -15.35
C ASN I 507 -42.79 45.37 -15.58
N SER I 508 -41.71 45.68 -14.88
CA SER I 508 -40.44 44.97 -15.03
C SER I 508 -40.32 43.79 -14.07
N PHE I 509 -41.37 43.46 -13.33
CA PHE I 509 -41.26 42.45 -12.29
C PHE I 509 -42.29 41.33 -12.42
N ASP I 510 -43.12 41.35 -13.44
CA ASP I 510 -44.03 40.25 -13.73
C ASP I 510 -43.54 39.49 -14.97
N GLN I 511 -43.91 38.21 -15.04
CA GLN I 511 -43.62 37.39 -16.21
C GLN I 511 -44.91 36.60 -16.53
N TRP I 512 -45.78 37.22 -17.32
CA TRP I 512 -47.03 36.58 -17.70
C TRP I 512 -46.95 35.89 -19.05
N GLY I 513 -45.85 36.05 -19.77
CA GLY I 513 -45.66 35.41 -21.06
C GLY I 513 -45.10 34.02 -21.02
N VAL I 514 -45.08 33.39 -19.85
CA VAL I 514 -44.52 32.06 -19.69
C VAL I 514 -45.57 31.04 -19.27
N GLU I 515 -46.83 31.45 -19.14
CA GLU I 515 -47.88 30.54 -18.71
C GLU I 515 -48.49 29.75 -19.86
N LEU I 516 -48.71 30.41 -21.00
CA LEU I 516 -49.29 29.74 -22.16
C LEU I 516 -48.42 28.58 -22.62
N GLY I 517 -47.10 28.79 -22.63
CA GLY I 517 -46.21 27.71 -22.97
C GLY I 517 -46.31 26.53 -22.02
N LYS I 518 -46.54 26.81 -20.73
CA LYS I 518 -46.71 25.73 -19.76
C LYS I 518 -47.98 24.93 -20.02
N GLU I 519 -49.10 25.62 -20.25
CA GLU I 519 -50.35 24.91 -20.52
C GLU I 519 -50.25 24.08 -21.80
N LEU I 520 -49.68 24.69 -22.86
CA LEU I 520 -49.51 23.96 -24.10
C LEU I 520 -48.52 22.81 -23.94
N GLY I 521 -47.56 22.93 -23.03
CA GLY I 521 -46.65 21.83 -22.78
C GLY I 521 -47.33 20.66 -22.13
N LYS I 522 -48.24 20.93 -21.18
CA LYS I 522 -49.03 19.85 -20.61
C LYS I 522 -49.88 19.17 -21.68
N ASN I 523 -50.52 19.96 -22.54
CA ASN I 523 -51.34 19.39 -23.60
C ASN I 523 -50.50 18.54 -24.56
N VAL I 524 -49.34 19.05 -24.97
CA VAL I 524 -48.50 18.34 -25.93
C VAL I 524 -47.93 17.08 -25.31
N TYR I 525 -47.57 17.12 -24.03
CA TYR I 525 -47.10 15.91 -23.36
C TYR I 525 -48.20 14.86 -23.29
N GLY I 526 -49.42 15.27 -22.96
CA GLY I 526 -50.53 14.33 -22.96
C GLY I 526 -50.75 13.69 -24.31
N ARG I 527 -50.61 14.49 -25.38
CA ARG I 527 -50.76 13.93 -26.72
C ARG I 527 -49.59 13.01 -27.08
N LEU I 528 -48.37 13.33 -26.64
CA LEU I 528 -47.22 12.50 -26.95
C LEU I 528 -47.33 11.14 -26.28
N THR I 529 -47.77 11.10 -25.03
CA THR I 529 -47.71 9.85 -24.28
C THR I 529 -48.93 8.96 -24.50
N SER I 530 -50.13 9.53 -24.46
CA SER I 530 -51.34 8.72 -24.53
C SER I 530 -51.53 8.15 -25.93
N TYR I 531 -52.29 7.05 -26.01
CA TYR I 531 -52.50 6.36 -27.27
C TYR I 531 -53.59 7.02 -28.11
N GLU I 532 -54.81 7.03 -27.60
CA GLU I 532 -55.95 7.63 -28.30
C GLU I 532 -56.14 9.04 -27.77
N ALA I 533 -55.41 9.98 -28.35
CA ALA I 533 -55.47 11.38 -27.97
C ALA I 533 -56.10 12.21 -29.07
N PRO I 534 -56.82 13.28 -28.72
CA PRO I 534 -57.40 14.15 -29.74
C PRO I 534 -56.31 14.88 -30.51
N PRO I 535 -56.61 15.33 -31.73
CA PRO I 535 -55.61 16.08 -32.50
C PRO I 535 -55.27 17.40 -31.81
N ALA I 536 -54.05 17.88 -32.07
CA ALA I 536 -53.60 19.13 -31.50
C ALA I 536 -54.35 20.30 -32.14
N GLU I 537 -54.15 21.49 -31.57
CA GLU I 537 -54.85 22.68 -32.04
C GLU I 537 -54.49 23.01 -33.47
N ASP I 538 -53.22 22.88 -33.83
CA ASP I 538 -52.75 23.18 -35.18
C ASP I 538 -52.15 21.93 -35.81
N SER I 539 -52.13 21.92 -37.14
CA SER I 539 -51.58 20.79 -37.87
C SER I 539 -50.07 20.69 -37.73
N SER I 540 -49.38 21.78 -37.42
CA SER I 540 -47.93 21.73 -37.25
C SER I 540 -47.56 21.00 -35.97
N THR I 541 -48.21 21.35 -34.86
CA THR I 541 -47.97 20.64 -33.61
C THR I 541 -48.39 19.19 -33.70
N GLN I 542 -49.51 18.92 -34.39
CA GLN I 542 -49.94 17.55 -34.60
C GLN I 542 -48.93 16.77 -35.44
N GLY I 543 -48.37 17.40 -36.47
CA GLY I 543 -47.36 16.73 -37.27
C GLY I 543 -46.08 16.45 -36.51
N LEU I 544 -45.69 17.38 -35.64
CA LEU I 544 -44.51 17.14 -34.81
C LEU I 544 -44.78 16.05 -33.79
N ILE I 545 -46.00 15.99 -33.25
CA ILE I 545 -46.37 14.90 -32.36
C ILE I 545 -46.32 13.56 -33.09
N ASP I 546 -46.81 13.53 -34.33
CA ASP I 546 -46.77 12.30 -35.11
C ASP I 546 -45.34 11.90 -35.45
N TYR I 547 -44.49 12.88 -35.76
CA TYR I 547 -43.08 12.59 -36.00
C TYR I 547 -42.43 11.98 -34.77
N PHE I 548 -42.78 12.49 -33.58
CA PHE I 548 -42.30 11.88 -32.35
C PHE I 548 -42.82 10.45 -32.20
N ARG I 549 -44.12 10.27 -32.43
CA ARG I 549 -44.75 8.97 -32.20
C ARG I 549 -44.30 7.93 -33.21
N GLY I 550 -43.95 8.35 -34.41
CA GLY I 550 -43.44 7.44 -35.40
C GLY I 550 -42.00 7.04 -35.23
N ARG I 551 -41.34 7.54 -34.20
CA ARG I 551 -39.93 7.25 -33.97
C ARG I 551 -39.58 6.92 -32.52
N HIS I 552 -40.46 7.17 -31.56
CA HIS I 552 -40.15 6.96 -30.15
C HIS I 552 -40.50 5.53 -29.73
N ARG I 553 -39.64 4.96 -28.91
CA ARG I 553 -39.83 3.61 -28.42
C ARG I 553 -39.54 3.54 -26.91
N TYR J 3 -21.88 35.68 -60.22
CA TYR J 3 -22.47 36.51 -59.16
C TYR J 3 -21.38 37.24 -58.38
N TYR J 4 -20.18 36.69 -58.39
CA TYR J 4 -19.03 37.29 -57.73
C TYR J 4 -18.28 38.26 -58.62
N GLN J 5 -18.63 38.35 -59.90
CA GLN J 5 -17.98 39.26 -60.84
C GLN J 5 -18.88 40.43 -61.23
N GLN J 6 -20.10 40.14 -61.68
CA GLN J 6 -21.08 41.16 -62.02
C GLN J 6 -22.07 41.27 -60.87
N ALA J 7 -22.08 42.42 -60.21
CA ALA J 7 -22.97 42.65 -59.08
C ALA J 7 -24.10 43.57 -59.50
N PHE J 8 -25.33 43.16 -59.22
CA PHE J 8 -26.52 43.94 -59.50
C PHE J 8 -27.18 44.36 -58.19
N ASP J 9 -28.22 45.17 -58.31
CA ASP J 9 -29.01 45.60 -57.17
C ASP J 9 -30.18 44.65 -57.00
N VAL J 10 -30.18 43.88 -55.90
CA VAL J 10 -31.20 42.87 -55.70
C VAL J 10 -32.57 43.50 -55.51
N THR J 11 -32.61 44.72 -54.97
CA THR J 11 -33.90 45.39 -54.75
C THR J 11 -34.56 45.81 -56.05
N SER J 12 -33.83 45.82 -57.17
CA SER J 12 -34.39 46.18 -58.47
C SER J 12 -34.95 44.98 -59.22
N LEU J 13 -34.77 43.77 -58.69
CA LEU J 13 -35.31 42.58 -59.35
C LEU J 13 -36.83 42.61 -59.31
N PRO J 14 -37.51 42.14 -60.36
CA PRO J 14 -38.98 42.08 -60.32
C PRO J 14 -39.49 41.19 -59.22
N SER J 15 -38.75 40.13 -58.87
CA SER J 15 -39.15 39.28 -57.75
C SER J 15 -39.12 40.04 -56.43
N TRP J 16 -38.13 40.92 -56.26
CA TRP J 16 -38.07 41.73 -55.05
C TRP J 16 -39.28 42.65 -54.95
N ARG J 17 -39.66 43.30 -56.06
CA ARG J 17 -40.83 44.18 -56.03
C ARG J 17 -42.11 43.39 -55.80
N ALA J 18 -42.20 42.20 -56.37
CA ALA J 18 -43.34 41.33 -56.10
C ALA J 18 -43.39 40.95 -54.63
N LEU J 19 -42.23 40.73 -54.02
CA LEU J 19 -42.19 40.43 -52.59
C LEU J 19 -42.60 41.64 -51.75
N GLN J 20 -42.24 42.86 -52.19
CA GLN J 20 -42.71 44.06 -51.51
C GLN J 20 -44.23 44.15 -51.55
N GLU J 21 -44.81 43.92 -52.74
CA GLU J 21 -46.27 43.97 -52.86
C GLU J 21 -46.93 42.88 -52.02
N HIS J 22 -46.34 41.69 -52.01
CA HIS J 22 -46.89 40.61 -51.21
C HIS J 22 -46.77 40.91 -49.72
N ARG J 23 -45.69 41.58 -49.30
CA ARG J 23 -45.57 42.01 -47.91
C ARG J 23 -46.65 43.00 -47.55
N LEU J 24 -46.91 43.96 -48.45
CA LEU J 24 -48.02 44.90 -48.24
C LEU J 24 -49.34 44.15 -48.08
N ALA J 25 -49.57 43.13 -48.91
CA ALA J 25 -50.82 42.38 -48.82
C ALA J 25 -50.88 41.53 -47.56
N MET J 26 -49.75 40.98 -47.13
CA MET J 26 -49.68 40.06 -46.01
C MET J 26 -49.51 40.76 -44.68
N GLN J 27 -49.43 42.09 -44.69
CA GLN J 27 -49.43 42.88 -43.45
C GLN J 27 -50.37 42.35 -42.38
N ASN J 28 -51.60 42.01 -42.74
CA ASN J 28 -52.62 41.60 -41.78
C ASN J 28 -52.67 40.08 -41.58
N PHE J 29 -51.75 39.33 -42.18
CA PHE J 29 -51.77 37.88 -42.08
C PHE J 29 -51.53 37.42 -40.64
N HIS J 30 -52.30 36.44 -40.21
CA HIS J 30 -52.12 35.81 -38.91
C HIS J 30 -52.01 34.30 -39.10
N MET J 31 -51.00 33.69 -38.48
CA MET J 31 -50.76 32.27 -38.66
C MET J 31 -51.86 31.42 -38.07
N ARG J 32 -52.49 31.88 -36.99
CA ARG J 32 -53.58 31.12 -36.38
C ARG J 32 -54.73 30.94 -37.37
N GLU J 33 -55.13 32.02 -38.04
CA GLU J 33 -56.20 31.94 -39.03
C GLU J 33 -55.79 31.03 -40.19
N ALA J 34 -54.53 31.10 -40.61
CA ALA J 34 -54.04 30.23 -41.66
C ALA J 34 -54.06 28.77 -41.24
N PHE J 35 -53.96 28.50 -39.94
CA PHE J 35 -53.95 27.12 -39.48
C PHE J 35 -55.36 26.56 -39.27
N LEU J 36 -56.30 27.39 -38.82
CA LEU J 36 -57.68 26.91 -38.77
C LEU J 36 -58.33 26.84 -40.15
N SER J 37 -57.80 27.56 -41.14
CA SER J 37 -58.36 27.57 -42.48
C SER J 37 -57.60 26.66 -43.45
N ASP J 38 -56.67 25.85 -42.95
CA ASP J 38 -55.89 24.95 -43.81
C ASP J 38 -55.37 23.80 -42.97
N PRO J 39 -56.12 22.69 -42.91
CA PRO J 39 -55.63 21.51 -42.18
C PRO J 39 -54.39 20.89 -42.78
N GLY J 40 -54.08 21.16 -44.05
CA GLY J 40 -52.92 20.58 -44.69
C GLY J 40 -51.73 21.54 -44.72
N ARG J 41 -51.73 22.53 -43.85
CA ARG J 41 -50.66 23.52 -43.83
C ARG J 41 -49.32 22.90 -43.45
N PHE J 42 -49.33 21.99 -42.47
CA PHE J 42 -48.09 21.32 -42.07
C PHE J 42 -47.51 20.50 -43.20
N ASP J 43 -48.36 19.75 -43.91
CA ASP J 43 -47.88 18.94 -45.03
C ASP J 43 -47.32 19.82 -46.14
N GLU J 44 -47.97 20.94 -46.43
CA GLU J 44 -47.51 21.82 -47.49
C GLU J 44 -46.19 22.49 -47.13
N PHE J 45 -46.00 22.83 -45.86
CA PHE J 45 -44.85 23.62 -45.44
C PHE J 45 -43.92 22.85 -44.53
N SER J 46 -43.63 21.60 -44.88
CA SER J 46 -42.62 20.81 -44.20
C SER J 46 -41.85 20.01 -45.24
N THR J 47 -40.62 19.66 -44.89
CA THR J 47 -39.75 18.94 -45.81
C THR J 47 -38.79 18.08 -45.01
N SER J 48 -38.19 17.11 -45.69
CA SER J 48 -37.27 16.18 -45.05
C SER J 48 -36.04 16.01 -45.93
N SER J 49 -34.92 15.69 -45.29
CA SER J 49 -33.67 15.45 -46.00
C SER J 49 -32.76 14.66 -45.09
N CYS J 50 -32.45 13.43 -45.47
CA CYS J 50 -31.58 12.53 -44.69
C CYS J 50 -32.29 12.32 -43.35
N GLY J 51 -31.63 12.54 -42.22
CA GLY J 51 -32.27 12.43 -40.94
C GLY J 51 -32.88 13.71 -40.42
N LEU J 52 -32.83 14.80 -41.19
CA LEU J 52 -33.34 16.08 -40.76
C LEU J 52 -34.76 16.29 -41.28
N PHE J 53 -35.60 16.88 -40.44
CA PHE J 53 -36.96 17.24 -40.82
C PHE J 53 -37.18 18.70 -40.47
N LEU J 54 -37.54 19.51 -41.47
CA LEU J 54 -37.78 20.92 -41.28
C LEU J 54 -39.28 21.19 -41.36
N ASP J 55 -39.85 21.67 -40.27
CA ASP J 55 -41.21 22.18 -40.23
C ASP J 55 -41.12 23.71 -40.26
N TYR J 56 -41.57 24.31 -41.35
CA TYR J 56 -41.58 25.76 -41.50
C TYR J 56 -42.99 26.28 -41.77
N SER J 57 -44.00 25.58 -41.25
CA SER J 57 -45.39 26.02 -41.42
C SER J 57 -45.74 27.16 -40.50
N LYS J 58 -45.11 27.25 -39.32
CA LYS J 58 -45.34 28.36 -38.40
C LYS J 58 -44.52 29.58 -38.82
N ASN J 59 -44.76 30.01 -40.07
CA ASN J 59 -44.08 31.14 -40.64
C ASN J 59 -45.11 32.08 -41.26
N LEU J 60 -44.73 33.35 -41.40
CA LEU J 60 -45.61 34.35 -42.02
C LEU J 60 -45.51 34.20 -43.54
N ILE J 61 -46.02 33.07 -44.01
CA ILE J 61 -45.97 32.73 -45.43
C ILE J 61 -47.29 32.10 -45.84
N THR J 62 -47.62 32.24 -47.12
CA THR J 62 -48.66 31.49 -47.80
C THR J 62 -47.95 30.71 -48.89
N PRO J 63 -48.63 29.82 -49.63
CA PRO J 63 -47.98 29.24 -50.81
C PRO J 63 -47.49 30.28 -51.80
N GLU J 64 -48.20 31.39 -51.93
CA GLU J 64 -47.73 32.48 -52.78
C GLU J 64 -46.43 33.07 -52.26
N THR J 65 -46.30 33.19 -50.94
CA THR J 65 -45.05 33.71 -50.37
C THR J 65 -43.87 32.80 -50.68
N ARG J 66 -44.06 31.49 -50.54
CA ARG J 66 -42.98 30.56 -50.87
C ARG J 66 -42.66 30.61 -52.36
N ASP J 67 -43.68 30.73 -53.20
CA ASP J 67 -43.44 30.87 -54.64
C ASP J 67 -42.60 32.10 -54.94
N LEU J 68 -42.94 33.23 -54.32
CA LEU J 68 -42.21 34.48 -54.58
C LEU J 68 -40.79 34.43 -54.02
N LEU J 69 -40.61 33.81 -52.85
CA LEU J 69 -39.26 33.70 -52.29
C LEU J 69 -38.39 32.79 -53.14
N VAL J 70 -38.95 31.68 -53.63
CA VAL J 70 -38.21 30.81 -54.54
C VAL J 70 -37.90 31.54 -55.84
N ASN J 71 -38.82 32.39 -56.31
CA ASN J 71 -38.58 33.19 -57.51
C ASN J 71 -37.41 34.15 -57.28
N LEU J 72 -37.37 34.79 -56.12
CA LEU J 72 -36.25 35.69 -55.81
C LEU J 72 -34.94 34.93 -55.74
N ALA J 73 -34.96 33.73 -55.14
CA ALA J 73 -33.75 32.92 -55.09
C ALA J 73 -33.27 32.56 -56.50
N ARG J 74 -34.21 32.22 -57.39
CA ARG J 74 -33.85 31.91 -58.77
C ARG J 74 -33.30 33.14 -59.50
N GLU J 75 -33.96 34.29 -59.32
CA GLU J 75 -33.54 35.51 -60.02
C GLU J 75 -32.19 36.00 -59.54
N ALA J 76 -31.88 35.82 -58.25
CA ALA J 76 -30.57 36.20 -57.74
C ALA J 76 -29.48 35.25 -58.21
N GLY J 77 -29.84 34.08 -58.72
CA GLY J 77 -28.85 33.13 -59.19
C GLY J 77 -28.26 32.24 -58.13
N VAL J 78 -29.10 31.74 -57.22
CA VAL J 78 -28.60 30.90 -56.13
C VAL J 78 -28.07 29.58 -56.67
N GLU J 79 -28.74 29.00 -57.67
CA GLU J 79 -28.31 27.73 -58.22
C GLU J 79 -26.95 27.84 -58.91
N GLN J 80 -26.80 28.86 -59.76
CA GLN J 80 -25.53 29.07 -60.44
C GLN J 80 -24.41 29.42 -59.46
N ALA J 81 -24.73 30.22 -58.44
CA ALA J 81 -23.73 30.57 -57.43
C ALA J 81 -23.30 29.35 -56.64
N ALA J 82 -24.24 28.46 -56.30
CA ALA J 82 -23.89 27.23 -55.62
C ALA J 82 -23.03 26.34 -56.50
N ARG J 83 -23.35 26.27 -57.80
CA ARG J 83 -22.52 25.51 -58.72
C ARG J 83 -21.09 26.07 -58.75
N ALA J 84 -20.97 27.40 -58.81
CA ALA J 84 -19.65 28.02 -58.85
C ALA J 84 -18.87 27.76 -57.58
N MET J 85 -19.52 27.86 -56.42
CA MET J 85 -18.82 27.63 -55.15
C MET J 85 -18.42 26.17 -54.98
N PHE J 86 -19.31 25.24 -55.36
CA PHE J 86 -18.99 23.82 -55.26
C PHE J 86 -17.93 23.41 -56.26
N ASP J 87 -17.83 24.10 -57.39
CA ASP J 87 -16.92 23.70 -58.45
C ASP J 87 -15.52 24.28 -58.30
N GLY J 88 -15.29 25.16 -57.33
CA GLY J 88 -13.98 25.73 -57.12
C GLY J 88 -13.75 27.11 -57.70
N GLU J 89 -14.79 27.77 -58.21
CA GLU J 89 -14.63 29.11 -58.72
C GLU J 89 -14.29 30.07 -57.58
N PRO J 90 -13.50 31.12 -57.86
CA PRO J 90 -13.13 32.05 -56.79
C PRO J 90 -14.30 32.91 -56.33
N VAL J 91 -15.22 32.32 -55.58
CA VAL J 91 -16.40 33.05 -55.12
C VAL J 91 -16.03 34.09 -54.06
N ASN J 92 -14.89 33.95 -53.40
CA ASN J 92 -14.36 34.97 -52.52
C ASN J 92 -13.68 36.01 -53.39
N ALA J 93 -14.49 36.91 -53.96
CA ALA J 93 -13.99 37.86 -54.95
C ALA J 93 -12.99 38.82 -54.35
N SER J 94 -13.25 39.30 -53.12
CA SER J 94 -12.35 40.28 -52.51
C SER J 94 -10.96 39.70 -52.29
N GLU J 95 -10.88 38.46 -51.81
CA GLU J 95 -9.60 37.82 -51.58
C GLU J 95 -9.14 36.98 -52.76
N ARG J 96 -9.95 36.88 -53.82
CA ARG J 96 -9.59 36.13 -55.03
C ARG J 96 -9.30 34.67 -54.71
N ARG J 97 -10.13 34.05 -53.89
CA ARG J 97 -9.96 32.68 -53.46
C ARG J 97 -11.24 31.90 -53.69
N PRO J 98 -11.14 30.58 -53.86
CA PRO J 98 -12.33 29.74 -53.80
C PRO J 98 -12.73 29.48 -52.35
N ALA J 99 -13.99 29.12 -52.17
CA ALA J 99 -14.53 28.73 -50.87
C ALA J 99 -14.89 27.25 -50.96
N LEU J 100 -13.98 26.40 -50.51
CA LEU J 100 -14.12 24.96 -50.73
C LEU J 100 -14.17 24.18 -49.43
N HIS J 101 -14.99 24.65 -48.48
CA HIS J 101 -15.24 23.87 -47.28
C HIS J 101 -16.03 22.62 -47.59
N THR J 102 -16.85 22.65 -48.63
CA THR J 102 -17.60 21.46 -49.05
C THR J 102 -16.66 20.36 -49.51
N ALA J 103 -15.55 20.74 -50.16
CA ALA J 103 -14.55 19.77 -50.60
C ALA J 103 -14.01 18.95 -49.45
N LEU J 104 -13.98 19.52 -48.23
CA LEU J 104 -13.48 18.79 -47.09
C LEU J 104 -14.34 17.59 -46.71
N ARG J 105 -15.58 17.53 -47.22
CA ARG J 105 -16.50 16.46 -46.88
C ARG J 105 -16.68 15.48 -48.03
N ARG J 106 -16.09 15.73 -49.19
CA ARG J 106 -16.23 14.83 -50.32
C ARG J 106 -15.46 13.53 -50.06
N PRO J 107 -15.92 12.43 -50.64
CA PRO J 107 -15.22 11.15 -50.49
C PRO J 107 -14.04 11.04 -51.46
N VAL J 108 -13.29 9.95 -51.31
CA VAL J 108 -12.06 9.77 -52.06
C VAL J 108 -12.30 9.63 -53.56
N GLY J 109 -13.51 9.29 -53.99
CA GLY J 109 -13.79 9.17 -55.40
C GLY J 109 -14.03 10.47 -56.12
N ASP J 110 -14.10 11.58 -55.39
CA ASP J 110 -14.32 12.89 -55.99
C ASP J 110 -13.00 13.57 -56.28
N SER J 111 -12.93 14.26 -57.41
CA SER J 111 -11.75 15.01 -57.81
C SER J 111 -12.14 16.44 -58.11
N LEU J 112 -11.34 17.38 -57.60
CA LEU J 112 -11.59 18.81 -57.79
C LEU J 112 -10.27 19.44 -58.21
N LEU J 113 -10.24 20.03 -59.41
CA LEU J 113 -9.02 20.60 -59.96
C LEU J 113 -9.01 22.10 -59.72
N ILE J 114 -8.01 22.59 -58.99
CA ILE J 114 -7.80 24.00 -58.75
C ILE J 114 -6.42 24.35 -59.29
N ASP J 115 -6.39 25.18 -60.34
CA ASP J 115 -5.15 25.50 -61.05
C ASP J 115 -4.45 24.24 -61.55
N GLY J 116 -5.25 23.29 -62.04
CA GLY J 116 -4.70 22.06 -62.56
C GLY J 116 -4.24 21.06 -61.52
N HIS J 117 -4.50 21.30 -60.24
CA HIS J 117 -4.10 20.41 -59.17
C HIS J 117 -5.32 19.86 -58.47
N ASN J 118 -5.28 18.57 -58.14
CA ASN J 118 -6.38 17.90 -57.47
C ASN J 118 -6.26 18.12 -55.96
N ILE J 119 -7.06 19.05 -55.44
CA ILE J 119 -7.01 19.38 -54.02
C ILE J 119 -7.63 18.28 -53.17
N MET J 120 -8.41 17.39 -53.77
CA MET J 120 -8.97 16.27 -53.02
C MET J 120 -7.88 15.34 -52.52
N ARG J 121 -6.76 15.26 -53.26
CA ARG J 121 -5.60 14.52 -52.77
C ARG J 121 -5.08 15.13 -51.47
N ASP J 122 -5.00 16.46 -51.40
CA ASP J 122 -4.60 17.11 -50.16
C ASP J 122 -5.61 16.83 -49.05
N VAL J 123 -6.91 16.92 -49.37
CA VAL J 123 -7.95 16.68 -48.37
C VAL J 123 -7.79 15.29 -47.75
N HIS J 124 -7.62 14.28 -48.60
CA HIS J 124 -7.59 12.92 -48.08
C HIS J 124 -6.22 12.51 -47.54
N ALA J 125 -5.14 13.16 -47.99
CA ALA J 125 -3.87 12.99 -47.32
C ALA J 125 -3.92 13.53 -45.89
N ALA J 126 -4.54 14.71 -45.73
CA ALA J 126 -4.74 15.25 -44.39
C ALA J 126 -5.64 14.36 -43.56
N LEU J 127 -6.68 13.78 -44.18
CA LEU J 127 -7.55 12.87 -43.45
C LEU J 127 -6.81 11.61 -43.01
N ALA J 128 -5.94 11.07 -43.87
CA ALA J 128 -5.16 9.90 -43.49
C ALA J 128 -4.16 10.22 -42.38
N GLN J 129 -3.53 11.40 -42.45
CA GLN J 129 -2.65 11.85 -41.37
C GLN J 129 -3.43 11.98 -40.05
N MET J 130 -4.63 12.55 -40.13
CA MET J 130 -5.49 12.65 -38.96
C MET J 130 -5.82 11.28 -38.40
N THR J 131 -6.14 10.32 -39.27
CA THR J 131 -6.43 8.96 -38.83
C THR J 131 -5.23 8.33 -38.15
N ASP J 132 -4.04 8.55 -38.70
CA ASP J 132 -2.83 7.98 -38.10
C ASP J 132 -2.61 8.52 -36.70
N ILE J 133 -2.69 9.85 -36.53
CA ILE J 133 -2.46 10.43 -35.21
C ILE J 133 -3.56 10.02 -34.23
N VAL J 134 -4.81 9.99 -34.68
CA VAL J 134 -5.91 9.63 -33.79
C VAL J 134 -5.77 8.18 -33.34
N GLY J 135 -5.41 7.29 -34.25
CA GLY J 135 -5.18 5.89 -33.87
C GLY J 135 -3.99 5.72 -32.94
N ARG J 136 -2.93 6.51 -33.17
CA ARG J 136 -1.78 6.46 -32.27
C ARG J 136 -2.18 6.88 -30.85
N ILE J 137 -2.87 8.00 -30.72
CA ILE J 137 -3.19 8.53 -29.40
C ILE J 137 -4.24 7.66 -28.71
N HIS J 138 -5.25 7.19 -29.46
CA HIS J 138 -6.33 6.42 -28.85
C HIS J 138 -5.82 5.10 -28.31
N ASN J 139 -4.88 4.46 -29.01
CA ASN J 139 -4.32 3.19 -28.59
C ASN J 139 -3.21 3.34 -27.55
N LYS J 140 -3.09 4.52 -26.94
CA LYS J 140 -2.05 4.81 -25.94
C LYS J 140 -0.66 4.60 -26.51
N LEU J 141 -0.51 4.78 -27.81
CA LEU J 141 0.77 4.63 -28.50
C LEU J 141 1.52 5.94 -28.63
N TRP J 142 0.97 7.04 -28.12
CA TRP J 142 1.62 8.35 -28.11
C TRP J 142 2.06 8.65 -26.69
N ARG J 143 3.34 8.99 -26.53
CA ARG J 143 3.93 9.19 -25.21
C ARG J 143 4.68 10.51 -25.17
N GLY J 144 4.73 11.10 -23.98
CA GLY J 144 5.38 12.37 -23.76
C GLY J 144 6.86 12.24 -23.48
N TYR J 145 7.42 13.28 -22.86
CA TYR J 145 8.84 13.29 -22.55
C TYR J 145 9.19 12.38 -21.37
N SER J 146 8.21 12.03 -20.55
CA SER J 146 8.39 11.01 -19.52
C SER J 146 8.04 9.61 -20.02
N ASP J 147 7.75 9.48 -21.31
CA ASP J 147 7.34 8.20 -21.90
C ASP J 147 6.09 7.64 -21.23
N ARG J 148 5.13 8.52 -20.97
CA ARG J 148 3.82 8.13 -20.46
C ARG J 148 2.75 8.53 -21.47
N ALA J 149 1.68 7.73 -21.52
CA ALA J 149 0.62 7.97 -22.48
C ALA J 149 -0.08 9.30 -22.21
N ILE J 150 -0.54 9.93 -23.28
CA ILE J 150 -1.21 11.22 -23.20
C ILE J 150 -2.71 10.98 -23.18
N THR J 151 -3.41 11.70 -22.30
CA THR J 151 -4.86 11.64 -22.22
C THR J 151 -5.50 13.02 -22.12
N ASP J 152 -4.78 14.07 -22.47
CA ASP J 152 -5.30 15.44 -22.44
C ASP J 152 -4.81 16.17 -23.67
N VAL J 153 -5.71 16.39 -24.62
CA VAL J 153 -5.41 17.12 -25.85
C VAL J 153 -5.98 18.52 -25.71
N VAL J 154 -5.13 19.53 -25.81
CA VAL J 154 -5.51 20.92 -25.64
C VAL J 154 -5.33 21.63 -26.96
N ASN J 155 -6.41 22.20 -27.48
CA ASN J 155 -6.39 22.93 -28.75
C ASN J 155 -6.21 24.41 -28.45
N ILE J 156 -5.04 24.95 -28.81
CA ILE J 156 -4.77 26.38 -28.69
C ILE J 156 -5.14 27.01 -30.02
N GLY J 157 -6.31 27.64 -30.06
CA GLY J 157 -6.77 28.32 -31.26
C GLY J 157 -7.99 29.15 -30.95
N ILE J 158 -8.23 30.12 -31.82
CA ILE J 158 -9.32 31.08 -31.64
C ILE J 158 -10.17 31.12 -32.90
N GLY J 159 -11.39 31.64 -32.74
CA GLY J 159 -12.27 31.81 -33.88
C GLY J 159 -12.70 30.47 -34.45
N GLY J 160 -12.46 30.28 -35.75
CA GLY J 160 -12.82 29.04 -36.41
C GLY J 160 -12.04 27.84 -35.92
N SER J 161 -10.88 28.06 -35.30
CA SER J 161 -10.11 26.98 -34.71
C SER J 161 -10.64 26.57 -33.35
N TYR J 162 -11.64 27.26 -32.83
CA TYR J 162 -12.15 27.01 -31.49
C TYR J 162 -13.61 26.64 -31.47
N LEU J 163 -14.47 27.38 -32.19
CA LEU J 163 -15.91 27.28 -31.96
C LEU J 163 -16.50 26.03 -32.58
N GLY J 164 -16.20 25.75 -33.85
CA GLY J 164 -16.72 24.59 -34.52
C GLY J 164 -16.26 23.28 -33.92
N PRO J 165 -14.94 23.12 -33.74
CA PRO J 165 -14.45 21.91 -33.06
C PRO J 165 -15.03 21.70 -31.68
N GLU J 166 -15.16 22.75 -30.88
CA GLU J 166 -15.71 22.61 -29.54
C GLU J 166 -17.19 22.24 -29.60
N LEU J 167 -17.93 22.84 -30.54
CA LEU J 167 -19.32 22.47 -30.73
C LEU J 167 -19.46 20.99 -31.05
N VAL J 168 -18.69 20.50 -32.01
CA VAL J 168 -18.84 19.10 -32.39
C VAL J 168 -18.38 18.18 -31.26
N SER J 169 -17.35 18.59 -30.51
CA SER J 169 -16.90 17.79 -29.38
C SER J 169 -17.98 17.68 -28.30
N GLU J 170 -18.67 18.79 -28.02
CA GLU J 170 -19.68 18.77 -26.97
C GLU J 170 -20.95 18.06 -27.42
N ALA J 171 -21.37 18.29 -28.66
CA ALA J 171 -22.60 17.69 -29.15
C ALA J 171 -22.47 16.18 -29.29
N LEU J 172 -21.31 15.69 -29.70
CA LEU J 172 -21.07 14.27 -29.91
C LEU J 172 -20.44 13.60 -28.69
N LEU J 173 -20.73 14.10 -27.49
CA LEU J 173 -20.21 13.49 -26.28
C LEU J 173 -20.63 12.03 -26.09
N PRO J 174 -21.88 11.62 -26.34
CA PRO J 174 -22.21 10.19 -26.21
C PRO J 174 -21.40 9.28 -27.12
N TYR J 175 -20.61 9.83 -28.03
CA TYR J 175 -19.76 9.06 -28.93
C TYR J 175 -18.28 9.23 -28.61
N THR J 176 -17.96 9.59 -27.38
CA THR J 176 -16.58 9.83 -26.98
C THR J 176 -16.01 8.63 -26.23
N VAL J 180 -9.49 10.01 -24.05
CA VAL J 180 -8.77 11.26 -24.27
C VAL J 180 -9.71 12.44 -24.11
N ARG J 181 -9.35 13.36 -23.23
CA ARG J 181 -10.15 14.54 -22.93
C ARG J 181 -9.64 15.73 -23.73
N CYS J 182 -10.56 16.43 -24.39
CA CYS J 182 -10.23 17.56 -25.23
C CYS J 182 -10.59 18.86 -24.52
N HIS J 183 -9.62 19.78 -24.44
CA HIS J 183 -9.80 21.10 -23.87
C HIS J 183 -9.48 22.14 -24.94
N TYR J 184 -10.00 23.34 -24.74
CA TYR J 184 -9.80 24.43 -25.71
C TYR J 184 -9.28 25.66 -24.99
N LEU J 185 -8.33 26.34 -25.62
CA LEU J 185 -7.66 27.51 -25.06
C LEU J 185 -7.67 28.60 -26.13
N ALA J 186 -8.65 29.48 -26.06
CA ALA J 186 -8.84 30.53 -27.05
C ALA J 186 -8.52 31.92 -26.53
N ASN J 187 -9.06 32.29 -25.38
CA ASN J 187 -8.93 33.65 -24.88
C ASN J 187 -7.48 33.97 -24.52
N ILE J 188 -7.05 35.18 -24.87
CA ILE J 188 -5.75 35.67 -24.41
C ILE J 188 -5.77 35.98 -22.92
N ASP J 189 -6.94 36.03 -22.31
CA ASP J 189 -7.06 36.17 -20.86
C ASP J 189 -6.25 35.08 -20.18
N GLY J 190 -5.24 35.50 -19.41
CA GLY J 190 -4.38 34.55 -18.72
C GLY J 190 -5.11 33.72 -17.69
N SER J 191 -6.27 34.18 -17.23
CA SER J 191 -7.05 33.39 -16.28
C SER J 191 -7.53 32.10 -16.91
N GLU J 192 -7.92 32.15 -18.19
CA GLU J 192 -8.32 30.93 -18.89
C GLU J 192 -7.15 29.94 -18.99
N PHE J 193 -5.96 30.44 -19.30
CA PHE J 193 -4.78 29.59 -19.37
C PHE J 193 -4.48 28.98 -18.00
N HIS J 194 -4.61 29.77 -16.94
CA HIS J 194 -4.37 29.27 -15.59
C HIS J 194 -5.36 28.17 -15.22
N GLU J 195 -6.65 28.40 -15.49
CA GLU J 195 -7.65 27.39 -15.16
C GLU J 195 -7.45 26.13 -15.99
N LEU J 196 -7.02 26.28 -17.24
CA LEU J 196 -6.78 25.11 -18.08
C LEU J 196 -5.59 24.30 -17.55
N THR J 197 -4.46 24.97 -17.31
CA THR J 197 -3.27 24.25 -16.86
C THR J 197 -3.35 23.82 -15.41
N ALA J 198 -4.35 24.27 -14.65
CA ALA J 198 -4.55 23.75 -13.32
C ALA J 198 -5.02 22.30 -13.32
N ARG J 199 -5.42 21.76 -14.47
CA ARG J 199 -5.85 20.38 -14.59
C ARG J 199 -4.94 19.56 -15.49
N LEU J 200 -3.80 20.11 -15.91
CA LEU J 200 -2.95 19.48 -16.91
C LEU J 200 -1.61 19.09 -16.31
N ASN J 201 -1.09 17.95 -16.75
CA ASN J 201 0.27 17.51 -16.46
C ASN J 201 1.09 17.66 -17.73
N ALA J 202 2.26 18.29 -17.62
CA ALA J 202 3.08 18.54 -18.79
C ALA J 202 3.59 17.24 -19.41
N GLU J 203 3.76 16.19 -18.60
CA GLU J 203 4.14 14.88 -19.13
C GLU J 203 3.02 14.23 -19.92
N THR J 204 1.79 14.73 -19.78
CA THR J 204 0.61 14.06 -20.30
C THR J 204 -0.15 14.87 -21.33
N THR J 205 0.03 16.19 -21.36
CA THR J 205 -0.77 17.06 -22.21
C THR J 205 -0.11 17.22 -23.58
N LEU J 206 -0.92 17.11 -24.63
CA LEU J 206 -0.49 17.38 -26.00
C LEU J 206 -1.21 18.61 -26.51
N PHE J 207 -0.47 19.57 -27.06
CA PHE J 207 -1.02 20.84 -27.51
C PHE J 207 -1.08 20.88 -29.02
N ILE J 208 -2.24 21.23 -29.55
CA ILE J 208 -2.44 21.46 -30.97
C ILE J 208 -2.52 22.97 -31.18
N ILE J 209 -1.51 23.53 -31.83
CA ILE J 209 -1.51 24.96 -32.16
C ILE J 209 -2.24 25.12 -33.49
N SER J 210 -3.41 25.74 -33.47
CA SER J 210 -4.24 25.90 -34.67
C SER J 210 -4.21 27.37 -35.07
N SER J 211 -3.30 27.70 -35.99
CA SER J 211 -3.20 29.06 -36.51
C SER J 211 -2.84 29.00 -37.98
N LYS J 212 -3.60 29.71 -38.81
CA LYS J 212 -3.36 29.68 -40.25
C LYS J 212 -1.98 30.20 -40.60
N THR J 213 -1.73 31.49 -40.32
CA THR J 213 -0.44 32.11 -40.59
C THR J 213 0.61 31.73 -39.56
N PHE J 214 0.19 31.15 -38.43
CA PHE J 214 1.07 30.92 -37.28
C PHE J 214 1.62 32.24 -36.74
N GLY J 215 0.82 33.30 -36.85
CA GLY J 215 1.22 34.62 -36.40
C GLY J 215 0.09 35.35 -35.69
N THR J 216 -1.03 34.66 -35.49
CA THR J 216 -2.16 35.23 -34.78
C THR J 216 -1.74 35.59 -33.35
N LEU J 217 -2.10 36.81 -32.93
CA LEU J 217 -1.60 37.34 -31.67
C LEU J 217 -1.97 36.44 -30.49
N GLU J 218 -3.27 36.26 -30.25
CA GLU J 218 -3.71 35.52 -29.08
C GLU J 218 -3.28 34.05 -29.15
N THR J 219 -3.40 33.44 -30.33
CA THR J 219 -3.00 32.05 -30.47
C THR J 219 -1.51 31.87 -30.22
N LEU J 220 -0.67 32.75 -30.77
CA LEU J 220 0.76 32.66 -30.54
C LEU J 220 1.10 32.92 -29.07
N LYS J 221 0.44 33.90 -28.44
CA LYS J 221 0.73 34.17 -27.04
C LYS J 221 0.39 32.97 -26.18
N ASN J 222 -0.77 32.35 -26.41
CA ASN J 222 -1.13 31.16 -25.65
C ASN J 222 -0.22 29.99 -25.95
N ALA J 223 0.25 29.87 -27.20
CA ALA J 223 1.17 28.79 -27.55
C ALA J 223 2.53 28.97 -26.86
N GLN J 224 3.06 30.20 -26.84
CA GLN J 224 4.31 30.44 -26.12
C GLN J 224 4.13 30.27 -24.62
N ALA J 225 2.97 30.65 -24.08
CA ALA J 225 2.70 30.39 -22.67
C ALA J 225 2.69 28.90 -22.38
N ALA J 226 2.07 28.10 -23.26
CA ALA J 226 2.06 26.65 -23.08
C ALA J 226 3.46 26.07 -23.20
N ARG J 227 4.26 26.58 -24.15
CA ARG J 227 5.64 26.10 -24.30
C ARG J 227 6.46 26.42 -23.05
N THR J 228 6.31 27.64 -22.52
CA THR J 228 7.01 27.99 -21.29
C THR J 228 6.56 27.14 -20.12
N TRP J 229 5.26 26.86 -20.04
CA TRP J 229 4.73 26.00 -18.99
C TRP J 229 5.31 24.59 -19.10
N TYR J 230 5.41 24.07 -20.32
CA TYR J 230 5.98 22.75 -20.52
C TYR J 230 7.46 22.71 -20.18
N LEU J 231 8.21 23.72 -20.60
CA LEU J 231 9.65 23.76 -20.31
C LEU J 231 9.90 23.92 -18.81
N ALA J 232 9.13 24.76 -18.14
CA ALA J 232 9.31 25.00 -16.72
C ALA J 232 8.63 23.95 -15.85
N SER J 233 7.88 23.03 -16.45
CA SER J 233 7.29 21.93 -15.71
C SER J 233 8.14 20.67 -15.76
N GLY J 234 9.33 20.73 -16.34
CA GLY J 234 10.23 19.60 -16.41
C GLY J 234 10.52 19.09 -17.80
N GLY J 235 9.75 19.50 -18.81
CA GLY J 235 9.99 19.03 -20.15
C GLY J 235 11.25 19.60 -20.76
N SER J 236 11.83 18.83 -21.68
CA SER J 236 13.10 19.19 -22.29
C SER J 236 12.89 19.72 -23.71
N GLU J 237 13.77 20.63 -24.12
CA GLU J 237 13.60 21.32 -25.40
C GLU J 237 13.73 20.36 -26.57
N GLU J 238 14.70 19.44 -26.52
CA GLU J 238 14.91 18.51 -27.63
C GLU J 238 13.79 17.49 -27.75
N ARG J 239 13.00 17.30 -26.70
CA ARG J 239 11.93 16.32 -26.67
C ARG J 239 10.56 16.98 -26.76
N LEU J 240 10.52 18.28 -27.01
CA LEU J 240 9.26 19.03 -27.06
C LEU J 240 8.31 18.50 -28.12
N TYR J 241 8.83 17.84 -29.17
CA TYR J 241 8.02 17.44 -30.31
C TYR J 241 6.87 16.52 -29.95
N ARG J 242 6.96 15.79 -28.83
CA ARG J 242 5.87 14.89 -28.46
C ARG J 242 4.72 15.59 -27.75
N HIS J 243 4.79 16.90 -27.53
CA HIS J 243 3.73 17.61 -26.85
C HIS J 243 3.14 18.74 -27.66
N PHE J 244 3.67 19.04 -28.84
CA PHE J 244 3.18 20.16 -29.65
C PHE J 244 3.07 19.71 -31.10
N ILE J 245 1.85 19.57 -31.58
CA ILE J 245 1.57 19.45 -32.99
C ILE J 245 0.89 20.73 -33.44
N ALA J 246 0.88 20.96 -34.74
CA ALA J 246 0.34 22.20 -35.28
C ALA J 246 -0.55 21.90 -36.49
N VAL J 247 -1.62 22.68 -36.62
CA VAL J 247 -2.42 22.74 -37.84
C VAL J 247 -2.18 24.13 -38.41
N THR J 248 -1.39 24.23 -39.47
CA THR J 248 -0.97 25.54 -39.94
C THR J 248 -0.57 25.49 -41.40
N SER J 249 -0.63 26.66 -42.04
CA SER J 249 -0.05 26.85 -43.36
C SER J 249 1.39 27.33 -43.30
N ASN J 250 1.90 27.65 -42.11
CA ASN J 250 3.28 28.09 -41.95
C ASN J 250 4.08 26.93 -41.35
N ILE J 251 4.54 26.05 -42.25
CA ILE J 251 5.39 24.93 -41.81
C ILE J 251 6.69 25.41 -41.18
N PRO J 252 7.42 26.38 -41.74
CA PRO J 252 8.67 26.80 -41.08
C PRO J 252 8.47 27.34 -39.68
N ALA J 253 7.41 28.09 -39.43
CA ALA J 253 7.18 28.64 -38.10
C ALA J 253 6.96 27.53 -37.08
N ALA J 254 6.14 26.53 -37.43
CA ALA J 254 5.97 25.38 -36.55
C ALA J 254 7.26 24.60 -36.41
N ILE J 255 8.13 24.63 -37.43
CA ILE J 255 9.42 23.95 -37.34
C ILE J 255 10.30 24.61 -36.30
N GLU J 256 10.42 25.94 -36.35
CA GLU J 256 11.23 26.62 -35.34
C GLU J 256 10.56 26.64 -33.97
N PHE J 257 9.25 26.42 -33.90
CA PHE J 257 8.64 26.20 -32.59
C PHE J 257 9.12 24.90 -31.96
N GLY J 258 9.53 23.94 -32.77
CA GLY J 258 9.99 22.66 -32.27
C GLY J 258 9.03 21.53 -32.58
N ILE J 259 8.24 21.69 -33.64
CA ILE J 259 7.24 20.71 -34.04
C ILE J 259 7.76 19.96 -35.26
N ARG J 260 7.62 18.64 -35.25
CA ARG J 260 8.05 17.82 -36.37
C ARG J 260 7.21 18.10 -37.61
N GLU J 261 7.84 17.92 -38.78
CA GLU J 261 7.13 18.13 -40.03
C GLU J 261 5.97 17.14 -40.20
N LYS J 262 6.15 15.91 -39.71
CA LYS J 262 5.09 14.91 -39.82
C LYS J 262 3.92 15.18 -38.90
N ASN J 263 4.08 16.07 -37.93
CA ASN J 263 3.00 16.46 -37.03
C ASN J 263 2.41 17.83 -37.39
N ILE J 264 2.76 18.37 -38.55
CA ILE J 264 2.21 19.62 -39.03
C ILE J 264 1.15 19.29 -40.06
N PHE J 265 -0.10 19.61 -39.76
CA PHE J 265 -1.27 19.41 -40.59
C PHE J 265 -1.51 20.63 -41.47
N PRO J 266 -1.91 20.42 -42.72
CA PRO J 266 -1.99 21.52 -43.68
C PRO J 266 -3.25 22.33 -43.53
N MET J 267 -3.12 23.64 -43.71
CA MET J 267 -4.22 24.58 -43.75
C MET J 267 -4.21 25.22 -45.14
N TRP J 268 -5.37 25.27 -45.78
CA TRP J 268 -5.44 25.75 -47.15
C TRP J 268 -6.20 27.07 -47.21
N ASP J 269 -5.86 27.87 -48.23
CA ASP J 269 -6.48 29.18 -48.40
C ASP J 269 -7.96 29.07 -48.75
N TRP J 270 -8.33 28.06 -49.52
CA TRP J 270 -9.73 27.91 -49.94
C TRP J 270 -10.65 27.47 -48.81
N VAL J 271 -10.10 27.14 -47.64
CA VAL J 271 -10.90 26.76 -46.49
C VAL J 271 -10.90 27.93 -45.51
N GLY J 272 -12.06 28.55 -45.33
CA GLY J 272 -12.17 29.61 -44.35
C GLY J 272 -12.15 29.07 -42.94
N GLY J 273 -11.74 29.93 -42.00
CA GLY J 273 -11.61 29.49 -40.62
C GLY J 273 -12.92 29.04 -40.02
N ARG J 274 -14.00 29.78 -40.26
CA ARG J 274 -15.30 29.42 -39.71
C ARG J 274 -15.96 28.28 -40.46
N TYR J 275 -15.34 27.78 -41.54
CA TYR J 275 -15.88 26.68 -42.31
C TYR J 275 -14.97 25.45 -42.26
N SER J 276 -14.14 25.33 -41.23
CA SER J 276 -13.00 24.42 -41.27
C SER J 276 -13.03 23.32 -40.22
N LEU J 277 -14.17 23.10 -39.56
CA LEU J 277 -14.24 21.98 -38.62
C LEU J 277 -14.16 20.63 -39.33
N TRP J 278 -14.37 20.60 -40.64
CA TRP J 278 -14.27 19.37 -41.41
C TRP J 278 -12.83 19.00 -41.75
N SER J 279 -11.91 19.96 -41.70
CA SER J 279 -10.51 19.75 -42.02
C SER J 279 -9.76 19.37 -40.75
N ALA J 280 -8.43 19.46 -40.79
CA ALA J 280 -7.60 19.07 -39.64
C ALA J 280 -7.83 19.95 -38.43
N ILE J 281 -8.51 21.09 -38.58
CA ILE J 281 -8.90 21.89 -37.43
C ILE J 281 -9.80 21.08 -36.50
N GLY J 282 -10.67 20.24 -37.05
CA GLY J 282 -11.45 19.32 -36.24
C GLY J 282 -10.64 18.17 -35.67
N LEU J 283 -9.31 18.28 -35.67
CA LEU J 283 -8.47 17.23 -35.12
C LEU J 283 -8.76 16.92 -33.65
N PRO J 284 -8.98 17.89 -32.75
CA PRO J 284 -9.40 17.53 -31.39
C PRO J 284 -10.69 16.73 -31.37
N THR J 285 -11.66 17.10 -32.21
CA THR J 285 -12.93 16.38 -32.25
C THR J 285 -12.72 14.93 -32.64
N ALA J 286 -11.94 14.70 -33.71
CA ALA J 286 -11.60 13.34 -34.09
C ALA J 286 -10.86 12.61 -32.98
N LEU J 287 -10.11 13.35 -32.16
CA LEU J 287 -9.40 12.73 -31.04
C LEU J 287 -10.34 12.38 -29.88
N ALA J 288 -11.55 12.92 -29.88
CA ALA J 288 -12.53 12.62 -28.83
C ALA J 288 -13.55 11.57 -29.26
N ILE J 289 -14.04 11.65 -30.50
CA ILE J 289 -15.09 10.75 -30.98
C ILE J 289 -14.57 9.63 -31.85
N GLY J 290 -13.32 9.69 -32.27
CA GLY J 290 -12.77 8.69 -33.16
C GLY J 290 -12.90 9.08 -34.62
N MET J 291 -12.11 8.42 -35.46
CA MET J 291 -12.11 8.75 -36.88
C MET J 291 -13.35 8.23 -37.60
N ALA J 292 -13.94 7.12 -37.12
CA ALA J 292 -15.16 6.62 -37.71
C ALA J 292 -16.30 7.61 -37.51
N ASN J 293 -16.44 8.17 -36.31
CA ASN J 293 -17.48 9.15 -36.07
C ASN J 293 -17.18 10.47 -36.77
N PHE J 294 -15.91 10.85 -36.87
CA PHE J 294 -15.55 12.05 -37.64
C PHE J 294 -15.92 11.89 -39.11
N LYS J 295 -15.67 10.70 -39.67
CA LYS J 295 -16.07 10.43 -41.04
C LYS J 295 -17.58 10.37 -41.17
N ASP J 296 -18.30 9.91 -40.14
CA ASP J 296 -19.75 9.95 -40.15
C ASP J 296 -20.27 11.38 -40.20
N LEU J 297 -19.63 12.28 -39.43
CA LEU J 297 -19.97 13.69 -39.49
C LEU J 297 -19.70 14.27 -40.88
N LEU J 298 -18.56 13.92 -41.47
CA LEU J 298 -18.26 14.35 -42.82
C LEU J 298 -19.27 13.82 -43.82
N SER J 299 -19.73 12.58 -43.62
CA SER J 299 -20.70 11.97 -44.53
C SER J 299 -22.06 12.63 -44.42
N GLY J 300 -22.48 12.99 -43.21
CA GLY J 300 -23.71 13.75 -43.06
C GLY J 300 -23.64 15.12 -43.69
N ALA J 301 -22.51 15.80 -43.53
CA ALA J 301 -22.33 17.09 -44.19
C ALA J 301 -22.34 16.93 -45.70
N TYR J 302 -21.72 15.86 -46.21
CA TYR J 302 -21.74 15.60 -47.65
C TYR J 302 -23.16 15.32 -48.15
N ALA J 303 -23.95 14.59 -47.35
CA ALA J 303 -25.34 14.34 -47.72
C ALA J 303 -26.14 15.64 -47.78
N MET J 304 -25.89 16.55 -46.83
CA MET J 304 -26.52 17.86 -46.90
C MET J 304 -26.06 18.64 -48.13
N ASP J 305 -24.78 18.55 -48.49
CA ASP J 305 -24.31 19.20 -49.70
C ASP J 305 -25.04 18.67 -50.93
N CYS J 306 -25.21 17.36 -51.00
CA CYS J 306 -25.92 16.77 -52.12
C CYS J 306 -27.38 17.20 -52.15
N HIS J 307 -28.02 17.27 -50.98
CA HIS J 307 -29.40 17.74 -50.93
C HIS J 307 -29.51 19.20 -51.38
N PHE J 308 -28.57 20.03 -50.97
CA PHE J 308 -28.56 21.43 -51.38
C PHE J 308 -28.36 21.55 -52.89
N ARG J 309 -27.48 20.74 -53.46
CA ARG J 309 -27.18 20.84 -54.88
C ARG J 309 -28.28 20.26 -55.76
N ARG J 310 -28.99 19.23 -55.30
CA ARG J 310 -29.90 18.49 -56.15
C ARG J 310 -31.36 18.89 -56.01
N GLU J 311 -31.76 19.43 -54.86
CA GLU J 311 -33.19 19.57 -54.63
C GLU J 311 -33.74 20.83 -55.29
N PRO J 312 -35.00 20.81 -55.72
CA PRO J 312 -35.66 22.04 -56.15
C PRO J 312 -35.82 22.99 -54.98
N PHE J 313 -35.85 24.29 -55.28
CA PHE J 313 -35.83 25.29 -54.24
C PHE J 313 -37.06 25.22 -53.33
N GLU J 314 -38.15 24.63 -53.79
CA GLU J 314 -39.33 24.48 -52.95
C GLU J 314 -39.17 23.39 -51.91
N ASN J 315 -38.22 22.47 -52.09
CA ASN J 315 -37.92 21.44 -51.11
C ASN J 315 -36.45 21.49 -50.68
N ASN J 316 -35.77 22.60 -50.96
CA ASN J 316 -34.37 22.77 -50.60
C ASN J 316 -34.31 23.40 -49.21
N MET J 317 -33.95 22.61 -48.21
CA MET J 317 -33.92 23.10 -46.83
C MET J 317 -33.01 24.30 -46.64
N PRO J 318 -31.75 24.29 -47.09
CA PRO J 318 -30.93 25.51 -46.95
C PRO J 318 -31.52 26.71 -47.64
N VAL J 319 -32.06 26.52 -48.84
CA VAL J 319 -32.64 27.64 -49.58
C VAL J 319 -33.91 28.14 -48.91
N LEU J 320 -34.72 27.23 -48.38
CA LEU J 320 -35.93 27.65 -47.67
C LEU J 320 -35.58 28.44 -46.42
N LEU J 321 -34.60 27.96 -45.64
CA LEU J 321 -34.20 28.70 -44.44
C LEU J 321 -33.63 30.07 -44.79
N ALA J 322 -32.78 30.12 -45.81
CA ALA J 322 -32.19 31.40 -46.22
C ALA J 322 -33.25 32.36 -46.74
N MET J 323 -34.22 31.85 -47.49
CA MET J 323 -35.25 32.71 -48.04
C MET J 323 -36.19 33.22 -46.95
N LEU J 324 -36.48 32.38 -45.95
CA LEU J 324 -37.26 32.86 -44.81
C LEU J 324 -36.49 33.93 -44.05
N GLY J 325 -35.18 33.75 -43.89
CA GLY J 325 -34.38 34.77 -43.24
C GLY J 325 -34.36 36.07 -44.00
N VAL J 326 -34.20 36.00 -45.33
CA VAL J 326 -34.24 37.19 -46.17
C VAL J 326 -35.60 37.86 -46.06
N TRP J 327 -36.67 37.06 -46.11
CA TRP J 327 -38.03 37.57 -45.99
C TRP J 327 -38.20 38.38 -44.71
N TYR J 328 -37.82 37.79 -43.57
CA TYR J 328 -38.06 38.45 -42.28
C TYR J 328 -37.10 39.62 -42.07
N GLY J 329 -35.87 39.54 -42.56
CA GLY J 329 -34.92 40.61 -42.34
C GLY J 329 -35.03 41.78 -43.30
N ASN J 330 -35.60 41.57 -44.49
CA ASN J 330 -35.67 42.60 -45.49
C ASN J 330 -37.07 43.12 -45.75
N PHE J 331 -38.11 42.41 -45.30
CA PHE J 331 -39.47 42.87 -45.52
C PHE J 331 -40.29 43.01 -44.25
N TRP J 332 -39.81 42.49 -43.13
CA TRP J 332 -40.48 42.66 -41.85
C TRP J 332 -39.62 43.36 -40.81
N GLY J 333 -38.39 43.74 -41.16
CA GLY J 333 -37.53 44.49 -40.28
C GLY J 333 -37.06 43.75 -39.04
N ALA J 334 -36.77 42.45 -39.18
CA ALA J 334 -36.24 41.67 -38.07
C ALA J 334 -34.72 41.74 -38.11
N GLN J 335 -34.13 42.23 -37.01
CA GLN J 335 -32.69 42.42 -36.95
C GLN J 335 -31.96 41.32 -36.20
N SER J 336 -32.67 40.36 -35.65
CA SER J 336 -32.05 39.26 -34.92
C SER J 336 -32.78 37.96 -35.22
N HIS J 337 -32.09 36.85 -35.01
CA HIS J 337 -32.62 35.52 -35.25
C HIS J 337 -32.21 34.62 -34.10
N ALA J 338 -33.18 34.07 -33.39
CA ALA J 338 -32.92 33.21 -32.25
C ALA J 338 -32.76 31.76 -32.69
N ILE J 339 -31.77 31.09 -32.12
CA ILE J 339 -31.52 29.68 -32.33
C ILE J 339 -31.69 28.98 -30.99
N LEU J 340 -32.65 28.05 -30.91
CA LEU J 340 -33.04 27.41 -29.66
C LEU J 340 -32.90 25.90 -29.83
N PRO J 341 -31.73 25.34 -29.54
CA PRO J 341 -31.57 23.88 -29.59
C PRO J 341 -32.01 23.25 -28.28
N TYR J 342 -33.05 22.40 -28.35
CA TYR J 342 -33.57 21.73 -27.16
C TYR J 342 -32.81 20.41 -26.95
N ASP J 343 -31.53 20.57 -26.63
CA ASP J 343 -30.64 19.45 -26.37
C ASP J 343 -29.44 19.98 -25.61
N HIS J 344 -29.17 19.37 -24.45
CA HIS J 344 -28.08 19.84 -23.61
C HIS J 344 -26.73 19.74 -24.32
N TYR J 345 -26.56 18.74 -25.18
CA TYR J 345 -25.30 18.59 -25.89
C TYR J 345 -25.12 19.65 -26.96
N LEU J 346 -26.22 20.19 -27.48
CA LEU J 346 -26.20 21.22 -28.51
C LEU J 346 -26.22 22.63 -27.94
N ARG J 347 -25.86 22.81 -26.67
CA ARG J 347 -25.97 24.13 -26.05
C ARG J 347 -24.99 25.12 -26.68
N ASN J 348 -23.86 24.65 -27.18
CA ASN J 348 -22.86 25.52 -27.80
C ASN J 348 -23.08 25.69 -29.30
N PHE J 349 -24.23 25.26 -29.82
CA PHE J 349 -24.52 25.42 -31.23
C PHE J 349 -24.62 26.89 -31.61
N VAL J 350 -25.18 27.71 -30.72
CA VAL J 350 -25.41 29.11 -31.02
C VAL J 350 -24.11 29.86 -31.20
N LYS J 351 -23.05 29.50 -30.46
CA LYS J 351 -21.77 30.20 -30.61
C LYS J 351 -21.17 29.99 -32.00
N HIS J 352 -21.12 28.73 -32.44
CA HIS J 352 -20.62 28.45 -33.78
C HIS J 352 -21.51 29.07 -34.84
N LEU J 353 -22.83 29.03 -34.64
CA LEU J 353 -23.73 29.67 -35.59
C LEU J 353 -23.51 31.18 -35.62
N GLN J 354 -23.24 31.78 -34.47
CA GLN J 354 -22.92 33.19 -34.41
C GLN J 354 -21.71 33.52 -35.25
N GLN J 355 -20.61 32.78 -35.03
CA GLN J 355 -19.43 33.03 -35.86
C GLN J 355 -19.76 32.85 -37.33
N MET J 356 -20.32 31.70 -37.69
CA MET J 356 -20.52 31.33 -39.08
C MET J 356 -21.41 32.34 -39.81
N ASP J 357 -22.52 32.74 -39.19
CA ASP J 357 -23.45 33.65 -39.85
C ASP J 357 -22.99 35.10 -39.76
N MET J 358 -22.58 35.54 -38.57
CA MET J 358 -22.34 36.95 -38.33
C MET J 358 -21.03 37.41 -38.95
N GLU J 359 -19.98 36.58 -38.92
CA GLU J 359 -18.73 36.97 -39.57
C GLU J 359 -18.82 36.91 -41.08
N SER J 360 -19.73 36.11 -41.62
CA SER J 360 -19.87 35.95 -43.06
C SER J 360 -20.80 36.99 -43.67
N ASN J 361 -22.01 37.14 -43.12
CA ASN J 361 -23.02 38.02 -43.68
C ASN J 361 -23.02 39.40 -43.05
N GLY J 362 -22.14 39.67 -42.10
CA GLY J 362 -22.01 41.00 -41.54
C GLY J 362 -21.22 41.92 -42.44
N LYS J 363 -21.80 42.25 -43.60
CA LYS J 363 -21.12 43.03 -44.62
C LYS J 363 -22.03 44.18 -45.05
N SER J 364 -21.41 45.22 -45.61
CA SER J 364 -22.15 46.36 -46.12
C SER J 364 -21.67 46.80 -47.50
N VAL J 365 -20.87 45.99 -48.18
CA VAL J 365 -20.54 46.22 -49.58
C VAL J 365 -20.77 44.92 -50.34
N ARG J 366 -21.05 45.05 -51.63
CA ARG J 366 -21.32 43.90 -52.48
C ARG J 366 -19.99 43.24 -52.87
N GLN J 367 -20.07 42.22 -53.73
CA GLN J 367 -18.85 41.53 -54.16
C GLN J 367 -17.91 42.44 -54.92
N ASP J 368 -18.45 43.43 -55.63
CA ASP J 368 -17.64 44.37 -56.40
C ASP J 368 -17.22 45.59 -55.61
N GLY J 369 -17.74 45.77 -54.38
CA GLY J 369 -17.41 46.91 -53.55
C GLY J 369 -18.49 47.96 -53.48
N SER J 370 -19.55 47.84 -54.27
CA SER J 370 -20.64 48.80 -54.20
C SER J 370 -21.41 48.63 -52.89
N PRO J 371 -21.95 49.72 -52.34
CA PRO J 371 -22.72 49.59 -51.09
C PRO J 371 -23.96 48.74 -51.29
N VAL J 372 -24.32 48.00 -50.25
CA VAL J 372 -25.51 47.17 -50.32
C VAL J 372 -26.75 48.05 -50.32
N SER J 373 -27.86 47.48 -50.81
CA SER J 373 -29.12 48.21 -50.91
C SER J 373 -30.18 47.64 -49.97
N CYS J 374 -29.78 46.85 -48.98
CA CYS J 374 -30.71 46.22 -48.06
C CYS J 374 -29.96 45.85 -46.79
N GLU J 375 -30.72 45.36 -45.81
CA GLU J 375 -30.13 44.82 -44.60
C GLU J 375 -29.52 43.45 -44.88
N THR J 376 -28.26 43.27 -44.48
CA THR J 376 -27.52 42.03 -44.74
C THR J 376 -26.97 41.51 -43.43
N GLY J 377 -27.59 40.47 -42.87
CA GLY J 377 -27.02 39.74 -41.77
C GLY J 377 -27.53 40.20 -40.42
N PRO J 378 -28.39 39.41 -39.80
CA PRO J 378 -28.94 39.75 -38.50
C PRO J 378 -27.99 39.35 -37.38
N VAL J 379 -28.44 39.58 -36.15
CA VAL J 379 -27.75 39.09 -34.97
C VAL J 379 -28.23 37.67 -34.69
N ILE J 380 -27.29 36.76 -34.53
CA ILE J 380 -27.61 35.39 -34.13
C ILE J 380 -27.47 35.30 -32.63
N TRP J 381 -28.49 34.77 -31.96
CA TRP J 381 -28.47 34.63 -30.52
C TRP J 381 -29.36 33.45 -30.15
N GLY J 382 -29.41 33.14 -28.86
CA GLY J 382 -30.23 32.05 -28.38
C GLY J 382 -29.57 31.28 -27.27
N GLY J 383 -29.92 30.01 -27.12
CA GLY J 383 -29.36 29.20 -26.06
C GLY J 383 -30.08 27.88 -25.96
N VAL J 384 -29.55 27.04 -25.06
CA VAL J 384 -30.04 25.67 -24.94
C VAL J 384 -31.53 25.67 -24.54
N GLY J 385 -32.24 24.67 -25.04
CA GLY J 385 -33.68 24.64 -24.86
C GLY J 385 -34.09 24.23 -23.46
N CYS J 386 -35.26 24.72 -23.07
CA CYS J 386 -35.90 24.53 -21.78
C CYS J 386 -35.21 25.37 -20.72
N ASN J 387 -34.07 25.97 -21.06
CA ASN J 387 -33.43 26.93 -20.18
C ASN J 387 -33.78 28.36 -20.54
N GLY J 388 -34.01 28.63 -21.83
CA GLY J 388 -34.41 29.96 -22.27
C GLY J 388 -35.86 30.29 -22.05
N GLN J 389 -36.70 29.28 -21.78
CA GLN J 389 -38.10 29.55 -21.46
C GLN J 389 -38.22 30.37 -20.19
N HIS J 390 -37.40 30.06 -19.20
CA HIS J 390 -37.38 30.77 -17.94
C HIS J 390 -36.40 31.93 -17.94
N ALA J 391 -35.75 32.20 -19.06
CA ALA J 391 -34.76 33.27 -19.15
C ALA J 391 -35.21 34.40 -20.06
N TYR J 392 -35.49 34.11 -21.33
CA TYR J 392 -35.74 35.18 -22.30
C TYR J 392 -36.89 34.91 -23.24
N HIS J 393 -37.54 33.74 -23.17
CA HIS J 393 -38.70 33.49 -24.02
C HIS J 393 -39.85 34.42 -23.70
N GLN J 394 -39.83 35.06 -22.53
CA GLN J 394 -40.85 36.05 -22.20
C GLN J 394 -40.84 37.20 -23.21
N LEU J 395 -39.66 37.64 -23.62
CA LEU J 395 -39.56 38.69 -24.63
C LEU J 395 -40.05 38.18 -25.98
N LEU J 396 -39.79 36.91 -26.29
CA LEU J 396 -40.31 36.34 -27.53
C LEU J 396 -41.83 36.31 -27.54
N HIS J 397 -42.44 35.97 -26.41
CA HIS J 397 -43.89 35.83 -26.35
C HIS J 397 -44.60 37.18 -26.27
N GLN J 398 -44.11 38.11 -25.46
CA GLN J 398 -44.84 39.33 -25.16
C GLN J 398 -44.08 40.62 -25.47
N GLY J 399 -42.91 40.53 -26.09
CA GLY J 399 -42.14 41.71 -26.42
C GLY J 399 -42.71 42.45 -27.62
N THR J 400 -41.98 43.48 -28.04
CA THR J 400 -42.36 44.30 -29.17
C THR J 400 -41.49 44.05 -30.39
N LEU J 401 -40.64 43.03 -30.36
CA LEU J 401 -39.71 42.74 -31.44
C LEU J 401 -40.16 41.52 -32.22
N LEU J 402 -39.83 41.50 -33.51
CA LEU J 402 -40.03 40.33 -34.35
C LEU J 402 -38.71 39.56 -34.41
N ILE J 403 -38.67 38.42 -33.73
CA ILE J 403 -37.48 37.59 -33.68
C ILE J 403 -37.82 36.19 -34.18
N PRO J 404 -37.53 35.87 -35.44
CA PRO J 404 -37.72 34.49 -35.90
C PRO J 404 -36.86 33.52 -35.11
N ALA J 405 -37.46 32.39 -34.75
CA ALA J 405 -36.81 31.39 -33.92
C ALA J 405 -36.65 30.08 -34.68
N ASP J 406 -35.52 29.43 -34.47
CA ASP J 406 -35.22 28.12 -35.05
C ASP J 406 -35.12 27.13 -33.90
N PHE J 407 -36.17 26.34 -33.70
CA PHE J 407 -36.15 25.29 -32.69
C PHE J 407 -35.48 24.04 -33.24
N ILE J 408 -34.60 23.44 -32.45
CA ILE J 408 -33.92 22.22 -32.83
C ILE J 408 -34.08 21.22 -31.69
N VAL J 409 -34.60 20.04 -32.00
CA VAL J 409 -34.87 19.03 -30.98
C VAL J 409 -34.74 17.64 -31.59
N PRO J 410 -34.18 16.67 -30.87
CA PRO J 410 -34.24 15.28 -31.30
C PRO J 410 -35.44 14.54 -30.70
N VAL J 411 -35.78 13.43 -31.34
CA VAL J 411 -36.86 12.59 -30.83
C VAL J 411 -36.36 11.61 -29.77
N VAL J 412 -35.13 11.12 -29.90
CA VAL J 412 -34.57 10.12 -29.01
C VAL J 412 -33.44 10.74 -28.20
N SER J 413 -33.40 10.43 -26.91
CA SER J 413 -32.36 10.92 -26.01
C SER J 413 -31.33 9.82 -25.76
N HIS J 414 -30.06 10.22 -25.75
CA HIS J 414 -28.98 9.26 -25.48
C HIS J 414 -28.99 8.80 -24.02
N ASN J 415 -29.39 9.67 -23.09
CA ASN J 415 -29.41 9.37 -21.67
C ASN J 415 -30.82 9.63 -21.15
N PRO J 416 -31.76 8.71 -21.39
CA PRO J 416 -33.13 8.91 -20.89
C PRO J 416 -33.18 8.81 -19.38
N VAL J 417 -33.90 9.75 -18.76
CA VAL J 417 -34.09 9.78 -17.32
C VAL J 417 -35.59 9.92 -17.10
N ALA J 418 -36.25 8.79 -16.85
CA ALA J 418 -37.71 8.73 -16.66
C ALA J 418 -38.36 9.33 -17.91
N ASP J 419 -39.31 10.26 -17.78
CA ASP J 419 -39.97 10.88 -18.92
C ASP J 419 -39.45 12.28 -19.19
N HIS J 420 -38.16 12.52 -18.94
CA HIS J 420 -37.60 13.86 -19.08
C HIS J 420 -37.55 14.29 -20.54
N HIS J 421 -37.22 13.37 -21.46
CA HIS J 421 -37.14 13.76 -22.86
C HIS J 421 -38.51 13.96 -23.48
N GLN J 422 -39.52 13.22 -23.03
CA GLN J 422 -40.88 13.53 -23.46
C GLN J 422 -41.27 14.94 -23.06
N TRP J 423 -40.88 15.36 -21.85
CA TRP J 423 -41.18 16.71 -21.41
C TRP J 423 -40.36 17.74 -22.16
N LEU J 424 -39.10 17.42 -22.50
CA LEU J 424 -38.29 18.33 -23.30
C LEU J 424 -38.90 18.54 -24.68
N TYR J 425 -39.31 17.46 -25.33
CA TYR J 425 -39.96 17.54 -26.63
C TYR J 425 -41.27 18.32 -26.54
N ALA J 426 -42.05 18.07 -25.49
CA ALA J 426 -43.30 18.79 -25.29
C ALA J 426 -43.05 20.27 -25.07
N ASN J 427 -42.01 20.61 -24.33
CA ASN J 427 -41.68 22.01 -24.09
C ASN J 427 -41.28 22.71 -25.37
N CYS J 428 -40.46 22.06 -26.20
CA CYS J 428 -40.10 22.65 -27.49
C CYS J 428 -41.33 22.87 -28.37
N LEU J 429 -42.17 21.84 -28.49
CA LEU J 429 -43.36 21.93 -29.33
C LEU J 429 -44.31 22.99 -28.81
N SER J 430 -44.47 23.07 -27.49
CA SER J 430 -45.37 24.05 -26.89
C SER J 430 -44.84 25.46 -27.03
N GLN J 431 -43.52 25.65 -26.95
CA GLN J 431 -42.97 26.98 -27.20
C GLN J 431 -43.25 27.43 -28.63
N SER J 432 -43.06 26.53 -29.60
CA SER J 432 -43.39 26.88 -30.98
C SER J 432 -44.88 27.17 -31.14
N GLN J 433 -45.74 26.36 -30.52
CA GLN J 433 -47.18 26.53 -30.67
C GLN J 433 -47.66 27.79 -29.97
N ALA J 434 -47.07 28.14 -28.84
CA ALA J 434 -47.42 29.38 -28.16
C ALA J 434 -46.95 30.59 -28.95
N LEU J 435 -45.78 30.49 -29.59
CA LEU J 435 -45.32 31.57 -30.46
C LEU J 435 -46.29 31.79 -31.61
N MET J 436 -46.77 30.70 -32.22
CA MET J 436 -47.65 30.84 -33.36
C MET J 436 -49.06 31.28 -32.95
N LEU J 437 -49.60 30.70 -31.88
CA LEU J 437 -50.98 30.93 -31.51
C LEU J 437 -51.16 32.23 -30.72
N GLY J 438 -50.51 32.31 -29.56
CA GLY J 438 -50.76 33.40 -28.65
C GLY J 438 -52.03 33.18 -27.85
N LYS J 439 -52.34 34.15 -27.00
CA LYS J 439 -53.53 34.12 -26.16
C LYS J 439 -54.22 35.47 -26.26
N SER J 440 -55.44 35.49 -26.79
CA SER J 440 -56.16 36.73 -27.01
C SER J 440 -56.76 37.24 -25.71
N ARG J 441 -57.39 38.41 -25.78
CA ARG J 441 -58.07 38.97 -24.61
C ARG J 441 -59.22 38.08 -24.18
N GLU J 442 -59.96 37.52 -25.14
CA GLU J 442 -61.09 36.66 -24.82
C GLU J 442 -60.64 35.40 -24.08
N GLU J 443 -59.57 34.77 -24.55
CA GLU J 443 -59.08 33.56 -23.89
C GLU J 443 -58.60 33.85 -22.47
N ALA J 444 -57.87 34.95 -22.30
CA ALA J 444 -57.38 35.30 -20.97
C ALA J 444 -58.53 35.61 -20.03
N GLU J 445 -59.53 36.36 -20.51
CA GLU J 445 -60.69 36.67 -19.69
C GLU J 445 -61.45 35.41 -19.33
N ALA J 446 -61.60 34.48 -20.27
CA ALA J 446 -62.30 33.23 -20.00
C ALA J 446 -61.56 32.41 -18.96
N GLU J 447 -60.23 32.35 -19.06
CA GLU J 447 -59.46 31.60 -18.06
C GLU J 447 -59.57 32.26 -16.69
N LEU J 448 -59.53 33.59 -16.64
CA LEU J 448 -59.66 34.27 -15.35
C LEU J 448 -61.04 34.05 -14.75
N ARG J 449 -62.08 34.05 -15.58
CA ARG J 449 -63.42 33.76 -15.10
C ARG J 449 -63.53 32.32 -14.59
N ALA J 450 -62.94 31.38 -15.33
CA ALA J 450 -62.93 29.99 -14.88
C ALA J 450 -62.18 29.84 -13.56
N LYS J 451 -61.20 30.72 -13.30
CA LYS J 451 -60.55 30.73 -12.00
C LYS J 451 -61.39 31.38 -10.92
N GLY J 452 -62.53 31.98 -11.28
CA GLY J 452 -63.44 32.54 -10.31
C GLY J 452 -63.15 33.96 -9.87
N LEU J 453 -62.22 34.65 -10.54
CA LEU J 453 -61.89 36.01 -10.14
C LEU J 453 -63.06 36.95 -10.42
N PRO J 454 -63.23 37.97 -9.58
CA PRO J 454 -64.29 38.97 -9.83
C PRO J 454 -64.10 39.67 -11.17
N GLU J 455 -65.16 40.34 -11.61
CA GLU J 455 -65.13 41.01 -12.90
C GLU J 455 -64.08 42.10 -12.95
N ALA J 456 -63.97 42.91 -11.89
CA ALA J 456 -62.97 43.97 -11.86
C ALA J 456 -61.57 43.39 -11.91
N GLU J 457 -61.32 42.33 -11.15
CA GLU J 457 -60.02 41.65 -11.20
C GLU J 457 -59.77 41.06 -12.58
N VAL J 458 -60.81 40.50 -13.21
CA VAL J 458 -60.66 39.93 -14.54
C VAL J 458 -60.22 40.99 -15.53
N LYS J 459 -60.90 42.14 -15.53
CA LYS J 459 -60.54 43.20 -16.46
C LYS J 459 -59.23 43.89 -16.10
N ARG J 460 -58.81 43.81 -14.84
CA ARG J 460 -57.50 44.35 -14.48
C ARG J 460 -56.37 43.43 -14.95
N LEU J 461 -56.56 42.12 -14.85
CA LEU J 461 -55.49 41.17 -15.12
C LEU J 461 -55.44 40.70 -16.56
N ALA J 462 -56.54 40.81 -17.32
CA ALA J 462 -56.56 40.25 -18.67
C ALA J 462 -55.54 40.86 -19.61
N PRO J 463 -55.37 42.19 -19.71
CA PRO J 463 -54.41 42.73 -20.68
C PRO J 463 -52.98 42.27 -20.45
N HIS J 464 -52.61 41.99 -19.19
CA HIS J 464 -51.24 41.57 -18.90
C HIS J 464 -50.96 40.14 -19.31
N LYS J 465 -51.98 39.30 -19.35
CA LYS J 465 -51.81 37.90 -19.73
C LYS J 465 -51.91 37.67 -21.23
N VAL J 466 -52.26 38.69 -22.01
CA VAL J 466 -52.45 38.52 -23.45
C VAL J 466 -51.10 38.34 -24.12
N ILE J 467 -50.96 37.25 -24.86
CA ILE J 467 -49.80 37.00 -25.72
C ILE J 467 -50.23 37.29 -27.15
N PRO J 468 -49.57 38.21 -27.85
CA PRO J 468 -50.02 38.55 -29.22
C PRO J 468 -50.03 37.37 -30.17
N GLY J 469 -49.06 36.47 -30.06
CA GLY J 469 -48.93 35.40 -31.01
C GLY J 469 -48.37 35.89 -32.33
N ASN J 470 -48.51 35.03 -33.34
CA ASN J 470 -48.06 35.31 -34.71
C ASN J 470 -46.55 35.49 -34.78
N ARG J 471 -45.81 34.81 -33.91
CA ARG J 471 -44.36 34.87 -33.94
C ARG J 471 -43.82 33.71 -34.78
N PRO J 472 -43.15 33.99 -35.90
CA PRO J 472 -42.68 32.90 -36.76
C PRO J 472 -41.62 32.04 -36.10
N SER J 473 -41.61 30.76 -36.46
CA SER J 473 -40.60 29.84 -35.95
C SER J 473 -40.39 28.72 -36.96
N ASN J 474 -39.21 28.13 -36.89
CA ASN J 474 -38.87 26.92 -37.63
C ASN J 474 -38.54 25.84 -36.64
N THR J 475 -38.90 24.60 -36.96
CA THR J 475 -38.55 23.46 -36.13
C THR J 475 -37.69 22.50 -36.94
N LEU J 476 -36.54 22.14 -36.41
CA LEU J 476 -35.68 21.12 -36.99
C LEU J 476 -35.68 19.92 -36.07
N VAL J 477 -36.23 18.80 -36.56
CA VAL J 477 -36.31 17.58 -35.78
C VAL J 477 -35.38 16.54 -36.39
N MET J 478 -34.91 15.64 -35.55
CA MET J 478 -34.14 14.48 -35.96
C MET J 478 -34.50 13.33 -35.03
N GLU J 479 -34.25 12.11 -35.48
CA GLU J 479 -34.47 10.96 -34.62
C GLU J 479 -33.51 10.97 -33.45
N THR J 480 -32.21 11.12 -33.74
CA THR J 480 -31.18 11.18 -32.72
C THR J 480 -30.10 12.14 -33.20
N LEU J 481 -29.36 12.72 -32.25
CA LEU J 481 -28.23 13.57 -32.60
C LEU J 481 -26.98 12.70 -32.65
N ASN J 482 -26.73 12.11 -33.80
CA ASN J 482 -25.54 11.33 -34.08
C ASN J 482 -24.56 12.17 -34.90
N PRO J 483 -23.33 11.69 -35.13
CA PRO J 483 -22.41 12.47 -35.96
C PRO J 483 -22.94 12.83 -37.33
N SER J 484 -23.66 11.91 -37.97
CA SER J 484 -24.16 12.15 -39.32
C SER J 484 -25.17 13.28 -39.36
N ARG J 485 -26.14 13.26 -38.45
CA ARG J 485 -27.17 14.29 -38.46
C ARG J 485 -26.64 15.63 -37.95
N LEU J 486 -25.67 15.62 -37.04
CA LEU J 486 -25.02 16.86 -36.65
C LEU J 486 -24.26 17.48 -37.81
N GLY J 487 -23.54 16.66 -38.59
CA GLY J 487 -22.87 17.17 -39.77
C GLY J 487 -23.86 17.73 -40.78
N ALA J 488 -24.99 17.05 -40.96
CA ALA J 488 -26.02 17.57 -41.84
C ALA J 488 -26.55 18.92 -41.35
N LEU J 489 -26.76 19.06 -40.04
CA LEU J 489 -27.25 20.31 -39.48
C LEU J 489 -26.27 21.45 -39.70
N ILE J 490 -24.99 21.21 -39.42
CA ILE J 490 -23.98 22.25 -39.60
C ILE J 490 -23.89 22.65 -41.07
N ALA J 491 -23.87 21.67 -41.97
CA ALA J 491 -23.77 21.97 -43.39
C ALA J 491 -25.01 22.71 -43.88
N LEU J 492 -26.19 22.37 -43.34
CA LEU J 492 -27.41 23.07 -43.69
C LEU J 492 -27.33 24.54 -43.32
N TYR J 493 -26.82 24.85 -42.14
CA TYR J 493 -26.69 26.25 -41.76
C TYR J 493 -25.60 26.97 -42.56
N GLU J 494 -24.52 26.26 -42.90
CA GLU J 494 -23.51 26.84 -43.78
C GLU J 494 -24.12 27.23 -45.13
N HIS J 495 -24.90 26.33 -45.72
CA HIS J 495 -25.50 26.61 -47.00
C HIS J 495 -26.56 27.70 -46.91
N LYS J 496 -27.29 27.77 -45.79
CA LYS J 496 -28.24 28.86 -45.60
C LYS J 496 -27.52 30.20 -45.56
N VAL J 497 -26.40 30.27 -44.86
CA VAL J 497 -25.60 31.51 -44.82
C VAL J 497 -25.12 31.86 -46.22
N PHE J 498 -24.65 30.86 -46.98
CA PHE J 498 -24.19 31.11 -48.33
C PHE J 498 -25.31 31.67 -49.22
N VAL J 499 -26.50 31.07 -49.13
CA VAL J 499 -27.60 31.52 -49.98
C VAL J 499 -28.03 32.94 -49.61
N GLN J 500 -28.06 33.25 -48.31
CA GLN J 500 -28.38 34.62 -47.90
C GLN J 500 -27.35 35.61 -48.43
N GLY J 501 -26.07 35.27 -48.32
CA GLY J 501 -25.04 36.14 -48.86
C GLY J 501 -25.12 36.31 -50.35
N VAL J 502 -25.53 35.27 -51.07
CA VAL J 502 -25.74 35.38 -52.51
C VAL J 502 -26.91 36.32 -52.81
N ILE J 503 -28.00 36.20 -52.05
CA ILE J 503 -29.16 37.06 -52.28
C ILE J 503 -28.78 38.52 -52.04
N TRP J 504 -28.05 38.79 -50.96
CA TRP J 504 -27.64 40.15 -50.67
C TRP J 504 -26.51 40.65 -51.55
N GLY J 505 -25.89 39.77 -52.34
CA GLY J 505 -24.83 40.17 -53.23
C GLY J 505 -23.50 40.42 -52.55
N ILE J 506 -23.28 39.87 -51.37
CA ILE J 506 -22.11 40.18 -50.57
C ILE J 506 -21.14 39.01 -50.62
N ASN J 507 -19.94 39.23 -50.09
CA ASN J 507 -18.94 38.19 -49.97
C ASN J 507 -19.05 37.57 -48.58
N SER J 508 -19.41 36.29 -48.53
CA SER J 508 -19.61 35.57 -47.27
C SER J 508 -18.35 34.90 -46.77
N PHE J 509 -17.21 35.10 -47.44
CA PHE J 509 -16.01 34.36 -47.12
C PHE J 509 -14.81 35.23 -46.80
N ASP J 510 -14.96 36.55 -46.80
CA ASP J 510 -13.92 37.46 -46.37
C ASP J 510 -14.28 38.07 -45.03
N GLN J 511 -13.26 38.46 -44.26
CA GLN J 511 -13.46 39.16 -43.00
C GLN J 511 -12.47 40.33 -42.98
N TRP J 512 -12.90 41.46 -43.54
CA TRP J 512 -12.06 42.66 -43.59
C TRP J 512 -12.34 43.62 -42.44
N GLY J 513 -13.37 43.35 -41.65
CA GLY J 513 -13.73 44.18 -40.52
C GLY J 513 -13.01 43.86 -39.23
N VAL J 514 -11.95 43.06 -39.29
CA VAL J 514 -11.20 42.66 -38.11
C VAL J 514 -9.76 43.15 -38.13
N GLU J 515 -9.36 43.91 -39.16
CA GLU J 515 -7.98 44.39 -39.25
C GLU J 515 -7.76 45.69 -38.51
N LEU J 516 -8.73 46.62 -38.58
CA LEU J 516 -8.60 47.90 -37.90
C LEU J 516 -8.47 47.71 -36.40
N GLY J 517 -9.26 46.78 -35.84
CA GLY J 517 -9.13 46.49 -34.42
C GLY J 517 -7.75 45.98 -34.07
N LYS J 518 -7.14 45.18 -34.95
CA LYS J 518 -5.80 44.68 -34.71
C LYS J 518 -4.77 45.81 -34.68
N GLU J 519 -4.82 46.69 -35.68
CA GLU J 519 -3.87 47.80 -35.72
C GLU J 519 -4.05 48.71 -34.51
N LEU J 520 -5.30 49.03 -34.17
CA LEU J 520 -5.54 49.87 -33.00
C LEU J 520 -5.14 49.15 -31.72
N GLY J 521 -5.20 47.82 -31.70
CA GLY J 521 -4.74 47.09 -30.53
C GLY J 521 -3.24 47.19 -30.34
N LYS J 522 -2.48 47.11 -31.44
CA LYS J 522 -1.04 47.33 -31.34
C LYS J 522 -0.75 48.74 -30.84
N ASN J 523 -1.46 49.74 -31.36
CA ASN J 523 -1.24 51.12 -30.92
C ASN J 523 -1.56 51.29 -29.42
N VAL J 524 -2.70 50.73 -28.99
CA VAL J 524 -3.13 50.89 -27.61
C VAL J 524 -2.19 50.14 -26.67
N TYR J 525 -1.71 48.97 -27.08
CA TYR J 525 -0.73 48.25 -26.25
C TYR J 525 0.57 49.05 -26.12
N GLY J 526 1.02 49.63 -27.22
CA GLY J 526 2.21 50.47 -27.15
C GLY J 526 2.05 51.63 -26.20
N ARG J 527 0.87 52.26 -26.21
CA ARG J 527 0.62 53.35 -25.26
C ARG J 527 0.47 52.85 -23.83
N LEU J 528 -0.08 51.65 -23.64
CA LEU J 528 -0.24 51.12 -22.29
C LEU J 528 1.10 50.81 -21.65
N THR J 529 2.03 50.24 -22.41
CA THR J 529 3.26 49.75 -21.80
C THR J 529 4.35 50.81 -21.73
N SER J 530 4.56 51.57 -22.81
CA SER J 530 5.67 52.52 -22.85
C SER J 530 5.40 53.70 -21.92
N TYR J 531 6.49 54.35 -21.50
CA TYR J 531 6.40 55.45 -20.55
C TYR J 531 6.02 56.76 -21.24
N GLU J 532 6.87 57.24 -22.13
CA GLU J 532 6.64 58.50 -22.85
C GLU J 532 6.04 58.15 -24.21
N ALA J 533 4.72 57.98 -24.23
CA ALA J 533 3.99 57.65 -25.45
C ALA J 533 3.12 58.82 -25.88
N PRO J 534 2.92 59.00 -27.18
CA PRO J 534 2.05 60.07 -27.67
C PRO J 534 0.60 59.81 -27.27
N PRO J 535 -0.22 60.85 -27.20
CA PRO J 535 -1.63 60.65 -26.86
C PRO J 535 -2.34 59.82 -27.93
N ALA J 536 -3.39 59.12 -27.51
CA ALA J 536 -4.18 58.32 -28.43
C ALA J 536 -4.96 59.22 -29.39
N GLU J 537 -5.58 58.58 -30.38
CA GLU J 537 -6.31 59.31 -31.41
C GLU J 537 -7.48 60.09 -30.81
N ASP J 538 -8.20 59.47 -29.88
CA ASP J 538 -9.35 60.11 -29.25
C ASP J 538 -9.12 60.23 -27.75
N SER J 539 -9.83 61.19 -27.15
CA SER J 539 -9.71 61.40 -25.71
C SER J 539 -10.30 60.26 -24.90
N SER J 540 -11.24 59.49 -25.46
CA SER J 540 -11.81 58.37 -24.72
C SER J 540 -10.79 57.23 -24.56
N THR J 541 -10.12 56.87 -25.65
CA THR J 541 -9.08 55.85 -25.57
C THR J 541 -7.93 56.33 -24.70
N GLN J 542 -7.57 57.61 -24.81
CA GLN J 542 -6.52 58.16 -23.96
C GLN J 542 -6.91 58.12 -22.49
N GLY J 543 -8.18 58.43 -22.18
CA GLY J 543 -8.62 58.37 -20.80
C GLY J 543 -8.64 56.95 -20.26
N LEU J 544 -9.01 55.98 -21.10
CA LEU J 544 -8.97 54.59 -20.66
C LEU J 544 -7.54 54.11 -20.46
N ILE J 545 -6.63 54.58 -21.32
CA ILE J 545 -5.20 54.28 -21.13
C ILE J 545 -4.70 54.86 -19.83
N ASP J 546 -5.10 56.10 -19.52
CA ASP J 546 -4.69 56.72 -18.26
C ASP J 546 -5.29 56.02 -17.06
N TYR J 547 -6.54 55.57 -17.16
CA TYR J 547 -7.15 54.80 -16.09
C TYR J 547 -6.39 53.50 -15.85
N PHE J 548 -5.94 52.85 -16.93
CA PHE J 548 -5.09 51.68 -16.77
C PHE J 548 -3.77 52.04 -16.10
N ARG J 549 -3.12 53.10 -16.57
CA ARG J 549 -1.79 53.46 -16.07
C ARG J 549 -1.83 53.96 -14.64
N GLY J 550 -2.95 54.52 -14.21
CA GLY J 550 -3.11 54.96 -12.85
C GLY J 550 -3.43 53.86 -11.87
N ARG J 551 -3.54 52.62 -12.34
CA ARG J 551 -3.88 51.50 -11.48
C ARG J 551 -3.04 50.25 -11.70
N HIS J 552 -2.27 50.16 -12.79
CA HIS J 552 -1.52 48.96 -13.10
C HIS J 552 -0.16 48.99 -12.43
N ARG J 553 0.27 47.84 -11.92
CA ARG J 553 1.57 47.71 -11.27
C ARG J 553 2.26 46.43 -11.73
#